data_6FRK
#
_entry.id   6FRK
#
_cell.length_a   1
_cell.length_b   1
_cell.length_c   1
_cell.angle_alpha   90
_cell.angle_beta   90
_cell.angle_gamma   90
#
_symmetry.space_group_name_H-M   'P 1'
#
loop_
_entity.id
_entity.type
_entity.pdbx_description
1 polymer 'Canis lupus familiaris RNA, 7SL, cytoplasmic 1 (RN7SL1), SRP RNA'
2 polymer tRNA
3 polymer 'Ribosomal protein eL28'
4 polymer 'Ribosomal protein L12'
5 polymer '28S ribosomal RNA'
6 polymer '60S acidic ribosomal protein P0'
7 polymer '5S ribosomal RNA'
8 polymer '5.8S ribosomal RNA'
9 polymer 'Ribosomal protein L8'
10 polymer 'Ribosomal protein uL3'
11 polymer 'Ribosomal protein uL4'
12 polymer 'Ribosomal protein uL18'
13 polymer 'Ribosomal protein eL6'
14 polymer 'Ribosomal protein uL30'
15 polymer 'Ribosomal protein eL8'
16 polymer 'Ribosomal protein uL6'
17 polymer 'Ribosomal protein uL16'
18 polymer 'Ribosomal protein uL5'
19 polymer 'Ribosomal protein eL13'
20 polymer 'Ribosomal protein eL14'
21 polymer 'Ribosomal protein L15'
22 polymer 'Ribosomal protein uL13'
23 polymer 'Ribosomal protein uL22'
24 polymer 'Ribosomal protein eL18'
25 polymer 'Ribosomal protein eL19'
26 polymer 'Ribosomal protein eL20'
27 polymer 'Ribosomal protein eL21'
28 polymer 'Ribosomal protein eL22'
29 polymer 'Ribosomal protein L23'
30 polymer 'Ribosomal protein eL24'
31 polymer 'Ribosomal protein uL23'
32 polymer 'Ribosomal protein uL24'
33 polymer '60S ribosomal protein L27'
34 polymer 'Ribosomal protein uL15'
35 polymer '60S ribosomal protein L29'
36 polymer 'Ribosomal protein eL30'
37 polymer 'Ribosomal protein eL31'
38 polymer 'Ribosomal protein eL32'
39 polymer 'Ribosomal protein eL33'
40 polymer 'Ribosomal protein eL34'
41 polymer 'Ribosomal protein uL29'
42 polymer 'Ribosomal protein eL36'
43 polymer 'Ribosomal protein L37'
44 polymer 'Ribosomal protein eL38'
45 polymer 'Ribosomal protein eL39'
46 polymer 'Ribosomal protein eL40'
47 polymer 'Ribosomal protein eL41'
48 polymer 'Ribosomal protein eL42'
49 polymer 'Ribosomal protein eL43'
50 polymer 'Signal recognition particle subunit SRP19'
51 polymer 'Signal recognition particle subunit SRP72,Signal recognition particle subunit SRP72,Signal recognition particle subunit SRP72'
52 polymer 'Signal sequence'
53 polymer 'Signal recognition particle subunit SRP68'
54 polymer 'SRP receptor beta subunit'
55 polymer 'Signal recognition particle 9 kDa protein'
56 polymer 'Signal recognition particle 54 kDa protein'
57 polymer 'SRP receptor alpha subunit'
58 polymer 'Signal recognition particle 14 kDa protein'
59 non-polymer 'MAGNESIUM ION'
60 non-polymer 'ZINC ION'
61 non-polymer "GUANOSINE-5'-TRIPHOSPHATE"
62 non-polymer 'PHOSPHOAMINOPHOSPHONIC ACID-GUANYLATE ESTER'
#
loop_
_entity_poly.entity_id
_entity_poly.type
_entity_poly.pdbx_seq_one_letter_code
_entity_poly.pdbx_strand_id
1 'polyribonucleotide'
;GCCGGGCGCGGUGGCGCGCGCCUGUAGUCCCAGCUACUCGGGAGGCUGAGGCAGGAGGAUCGCUUGAGCCCAGGAGUUCU
GGGCUGCAGUGCGCUAUGCCGAUCGGGUGUCCGCACUAAGUUCGGCAUCAAUAUGGUGACCUCCCGGGAGCGGGGGACCA
CCAGGUUGCCUAAGGAGGGGUGAACCGGCCCAGGUCGGAAACGGAGCAGGUCAAAACUCCCGUGCUGAUCAGUAGUGGGA
UCGCGCCUGUGAAUAGCCACUGCACUCCAGCCUGGGCAACAUAGCGAGACCCCGUCUCU
;
1
2 'polyribonucleotide' GUUUCCGUAGUGUAGUGGUUAUCACGUUCGCCUAACACGCGAAAGGUCCCCGGUUCGAAACCGGGCGGAAACACCA 2
3 'polypeptide(L)'
;SAHLQWMVVRNCSSFLIKRNKQTYSTEPNNLKARNSFRYNGLIHHKTVGVEPAADGKGVVVVIKRRSGQRKPATSYVRTT
INKNARATLSSIRHMIRKNKYRPDLRMAAIRRASAILRSQKPVMV
;
3
4 'polypeptide(L)'
;MPPKFDPNEIKVVYLRCTGGEVGATSALAPKIGPLGLSPKKVGDDIAKATGDWKGLRITVKLTIQNRQAQIEVVPSASAL
IIKALKEPPRDRKKQKNIKHSGNITFDEIVNIARQMRHRSLARELSGTIKEILGTAQSVGCNVDGRHPHDIIDDINSGAV
ECP
;
4
5 'polyribonucleotide'
;CGCGACCUCAGAUCAGACGUGGCGACCCGCUGAAUUUAAGCAUAUUAGUCAGCGGAGGAGAAGAAACUAACCAGGAUUCC
CUCAGUAACGGCGAGUGAACAGGGAAGAGCCCAGCGCCGAAUCCCCGCCCCGCGGCGGGGCGCGGGACAUGUGGCGUACG
GAAGACCCGCUCCCCGGCGCCGCUCGUGGGGGGCCCAAGUCCUUCUGAUCGAGGCCCAGCCCGUGGACGGUGUGAGGCCG
GUAGCGGCCCCCGGCGCGCCGGGCCCGGGUCUUCCCGGAGUCGGGUUGCUUGGGAAUGCAGCCCAAAGCGGGUGGUAAAC
UCCAUCUAAGGCUAAAUACCGGCACGAGACCGAUAGUCAACAAGUACCGUAAGGGAAAGUUGAAAAGAACUUUGAAGAGA
GAGUUCAAGAGGGCGUGAAACCGUUAAGAGGUAAACGGGUGGGGUCCGCGCAGUCCGCCCGGAGGAUUCAACCCGGCGGC
GGGUCCGGCCGUGUCGGCGGCCCGGCGGAUCUUUCCCGCGCGGGGGACCGUCCCCCGACCGGCGACCGGCCGCCGCCGGG
CGCAUUUCCACCGCGGCGGUGCGCCGCGACCGGCUCCGGGACGGCUGGGAAGGCCCGGCGGGGAAGGUGGCUCGGCCGAG
UGUUACAGCCCCCCCGGCAGCAGCACUCGCCGAAUCCCGGGGCCGAGGGAGCGAGACCCGUCGCCGCGCUCUCCCCCCUC
CCGGCGCCGCCGGGGGGGGCCGGGCCACCCCUCCCACGGCGCGACCGCUCGGGGCGGACUGUCCCCAGUGCGCCCCGGGC
GGGUCGCGCCGUCGGGCCCGGGGGAGGGGCCACGCGCGCGUCCCCCGAAGAGGGGGACGGCGGAGCGAGCGCACGGGGUC
GGCGGCGACGUCGGCUACCCACCCGACCCGUCUUGAAACACGGACCAAGGAGUCUAACACGUGCGCGAGUCGGGGGCUCG
CACGAAAGCCGCCGUGGCGCAAUGAAGGUGAAGGCCGGCGCGCUCGCCGGCCGAGGUGGGAUCCCGAGGCCUCUCCAGUC
CGCCGAGGGCGCACCACCGGCCCGUCUCGCCCGCCGCGCCGGGGAGGUGGAGCACGAGCGCACGUGUUAGGACCCGAAAG
AUGGUGAACUAUGCCUGGGCAGGGCGAAGCCAGAGGAAACUCUGGUGGAGGUCCGUAGCGGUCCUGACGUGCAAAUCGGU
CGUCCGACCUGGGUAUAGGGGCGAAAGACUAAUCGAACCAUCUAGUAGCUGGUUCCCUCCGAAGUUUCCCUCAGGAUAGC
UGGCGCUCUCGCACACGCAGUUUUAUCCGGUAAAGCGAAUGAUUAGAGGUCUUGGGGCCGAAACGAUCUCAACCUAUUCU
CAAACUUUAAAUGGGUAAGAAGCCCGGCUCGCUGGCGUGAGCCGGGCGUGGAAUGGAGUGCCUAGUGGGCCACUUUUGGU
AAGCAGAACUGGCGCUGCGGGAUGAACCGAACGCCGGGUUAAGGCGCCCGAUGCCGACGCUCAUCAGACCCCAGAAAAGG
UGUUGGUUGAUAUAGACAGCAGGACGGUGGCCAUGGAAGUCGGAAUCCGCUAAGGAGUGUGUAACAACUCACCUGCCGAA
UCAACUAGCCCUGAAAAUGGAUGGCGCUGGAGCGUCGGGCCCAUACCCGGCCGUCGCCGGCAGUCGAGAGUGGACGGGAG
CGGCGGGGGCGGCGCGCGCGCGCGCCCGCCCCCGGAGCCCCGCGGACGCUACGCCGCGACGAGUAGGAGGGCCGCUGCGG
UGAGCCUUGAAGCCUAGGGCGCGGGCCCGGGUGGAGCCGCCGCAGGUGCAGAUCUUGGUGGUAGUAGCAAAUAUUCAAAC
GAGAACUUUGAAGGCCGAAGUGGAGAAGGGUUCCAUGUGAACAGCAGUUGAACAUGGGUCAGUCGGUCCUGAGAGAUGGG
CGAGCGCCGUUCCGAAGGGACGGGCGAUGGCCUCCGUUGCCCUCGGCCGAUCGAAAGGGAGUCGGGUUCAGAUCCCCGAA
UCCGGAGUGGCGGAGAUGGGCGCCGCGAGGCGUCCAGUGCGGUAACGCGACCGAUCCCGGAGAAGCCGGCGGGAGCCCCG
GGGAGAGUUCUCUUUUCUUUGUGAAGGGCAGGGCGCCCUGGAAUGGGUUCGCCCCGAGAGAGGGGCCCGUGCCUUGGAAA
GCGUCGCGGUUCCGGCGGCGUCCGGUGAGCUCUCGCUGGCCCUUGAAAAUCCGGGGGAGAGGGUGUAAAUCUCGCGCCGG
GCCGUACCCAUAUCCGCAGCAGGUCUCCAAGGUGAACAGCCUCUGGCAUGUUGGAACAAUGUAGGUAAGGGAAGUCGGCA
AGCCGGAUCCGUAACUUCGGGAUAAGGAUUGGCUCUAAGGGCUGGGUCGGUCGUCGGCCGGCGCCUAGCAGCCGACUUAG
AACUGGUGCGGACCAGGGGAAUCCGACUGUUUAAUUAAAACAAAGCAUCGCGAAGGCCCGCGGCGGGUGUUGACGCGAUG
UGAUUUCUGCCCAGUGCUCUGAAUGUCAAAGUGAAGAAAUUCAAUGAAGCGCGGGUAAACGGCGGGAGUAACUAUGACUC
UCUUAAGGUAGCCAAAUGCCUCGUCAUCUAAUUAGUGACGCGCAUGAAUGGAUGAACGAGAUUCCCACUGUCCCUACCUA
CUAUCCAGCGAAACCACAGCCAAGGGAACGGGCUUGGCGGAAUCAGCGGGGAAAGAAGACCCUGUUGAGCUUGACUCUAG
UCUGGCACGGUGAAGAGACAUGUUUUUUCACUGACCCGGUGAGGCGGGGGGGCGAGCCCCGAGGGGCUCUCGCUUCUGGC
GCCAAGCGCCCGGCCGCGCGCCGGCCGGGCGCGACCCGCUCCGGGGACAGUGCCAGGUGGGGAGUUUGACUGGGGCGGUA
CACCUGUCAAACGGUAACGCAGGUGUCCUAAGGCGAGCUCAGGGAGGACAGAAACCUCCCGUGGAGCAGAAGGGCAAAAG
CUCGCUUGAUCUUGAUUUUCAGUACGAAUACAGACCGUGAAAGCGGGGCCUCACGAUCCUUCUGACCUUUUGGGUUUUAA
GCAGGAGGUGUCAGAAAAGUUACCACAGGGAUAACUGGCUUGUGGCGGCCAAGCGUUCAUAGCGACGUCGCUUUUUGAUC
CUUCGAUGUCGGCUCUUCCUAUCAUUGUGAAGCAGAAUUCACCAAGCGUUGGAUUGUUCACCCACUAAUAGGGAACGUGA
GCUGGGUUUAGACCGUCGUGAGACAGGUUAGUUUUACCCUACUGAUGAUGUGUUGUUGCCAUGGUAAUCCUGCUCAGUAC
GAGAGGAACCGCAGGUUCAGACAUUUGGUGUAUGUGCUUGGCUGAGGAGCCAAUGGGGCGAAGCUACCAUCUGUGGGAUU
AUGACUGAACGCCUCUAAGUCAGAAUCCCGCCCAGGCGGAACGAUACGGCAGCGCCGCGGAGCCUCGGUUGGCCUCGGAU
AGCCGGUCCCCCGCGGGGUCCGGUGCGGAGUGCCCUUCGUCCUGGGAAACGGGGCGCGGCCGGAGAGGCGGCCGCCCCCU
CGCCCGUCACGCACGCCGUUCGUGGGGAACCUGGCGCUAAACCAUUCGUAGACGACCUGCUUCUGGGUCGGGGUUUCGUA
CGUAGCAGAGCAGCUCGCUGCGAUCUAUUGAAAGUCAGCCCUCGACACAAGGGUUUGU
;
5
6 'polypeptide(L)'
;DRATWKSNYFLKIIQLLDDYPKCFIVGADNVGSKQMQQIRMSLRGKAVVLMGKNTMMRKAIRGHLENNPALEKLLPHIRG
NVGFVFTKEDLTEIRDMLRANKVPAAARAGAIAPCEVTVPAQNTGLGPEKTSFFQALGITTKISRGTIEILSDVQLIKTG
DKVGASEATLLNMLNISPFSFGLVIQQVFDNGSIYNPEVLDI
;
6
7 'polyribonucleotide'
;GUCUACGGCCAUACCACCCUGAACGCGCCCGAUCUCGUCUGAUCUCGGAAGCUAAGCAGGGUCGGGCCUGGUUAGUACUU
GGAUGGGAGACCGCCUGGGAAUACCGGGUGCUGUAGGCUU
;
7
8 'polyribonucleotide'
;CGACUCUUAGCGGUGGAUCACUCGGCUCGUGCGUCGAUGAAGAACGCAGCUAGCUGCGAGAAUUAAUGUGAAUUGCAGGA
CACAUUGAUCAUCGACACUUCGAACGCACUUGCGGCCCCGGGUUCCUCCCGGGGCUACGCCUGUCUGAGCGUCGCU
;
8
9 'polypeptide(L)'
;GRVIRGQRKGAGSVFRAHVKHRKGAARLRAVDFAERHGYIKGIVKDIIHDPGRGAPLAKVVFRDPYRFKKRTELFIAAEG
IHTGQFVYCGKKAQLNIGNVLPVGTMPEGTIVCCLEEKPGDRGKLARASGNYATVISHNPETKKTRVKLPSGSKKVISSA
NRAVVGVVAGGGRIDKPILKAGRAYHKYKAKRNCWPRVRGVAMNPVEHPFGGGNHQHIGKPSTIRRDAPAGRKVGLIAAR
RTGR
;
A
10 'polypeptide(L)'
;SHRKFSAPRHGSLGFLPRKRSSRHRGKVKSFPKDDSSKPVHLTAFLGYKAGMTHIVREVDRPGSKVNKKEVVEAVTIVET
PPMIVVGIVGYVETPRGLRTFKTIFAEHISDECKRRFYKNWHKSKKKAFTKYCKKWQDAAGAAALAADFSSMKAYCQVIR
VIAHTQMRLLPLRQKKAHLMEIQVNGGTVAEKLDWARERLEQQVPVNQVFGQDEMIDVIGVTKGKGYKGVTSRWHTKKLP
RKTHRGLRKVACIGAWHPARVAFSVARAGQKGYHHRTEINKKIYKIGQGYLIKDGKLIKNNASTDYDLSDKSINPLGGFV
HYGEVTNDFVMLKGCVVGTKKRVLTLRKSLLVQTKRRALEKIDLKFIDTTSKFGHGRFQTVEEKKAFMGPLKKD
;
B
11 'polypeptide(L)'
;ACARPLISVYSEKGESSGKNVTLPAVFKAPIRPDIVNFVHTNLRKNNRQPYAVSELAGHQTSAESWGTGRAVARIPRVRG
GGTHRSGQGAFGNMCRGGRMFAPTKTWRRWHRRVNTTQKRYAICSALAASALPALVMSKGHRIEEVPELPLVVEDKVESY
KKTKEAVLLLKKLKAWNDIKKVYASQRMRAGKGKMRNRRRIQRRGPCIIYNEDNGIIKAFRNIPGITLLNVSKLNILKLA
PGGHVGRFCIWTESAFRKLDELYGTWRKAATLKSNYNLPMHKMLNTDLSRILKSPEIQRALRAPRKKIHRRVLKKNPLKN
LRIMLKLNPYAKTMRRNTILRQARNHKIRMDKAAAAAAALKAKSGEK
;
C
12 'polypeptide(L)'
;FVKVVKNKAYFKRYQVKFRRRREGKTDYYARKRLVIQDKNKYNTPKYRMIVRVTNRDIICQIAYARIEGDMIVCAAYAHE
LPKYGVKVGLTNYAAAYCTGLLLARRLLNRFGMDKIYEGQVEVTGDEYNVESIDGQPGAFTCYLDAGLARTTTGNKVFGA
LKGAVDGGLSIPHSTKRFPGYDSESKEFNAEVHRKHILGQNVADYMRYLIEEDEDAYKKQFSQYIKNNVTPDMMEEMYKK
AHAAIRENPVYEKKPKKEVKKKRWNRPKMSLAQKKDRVAQKKASFLRAQERA
;
D
13 'polypeptide(L)'
;PHCSRNPVLVRGIGRYSRSAMYSRMAMYKRKYSAAVLATVTKPVGGDKNGGTRVVKLRKMPRYYPTEDVPRKLLSHGKKP
FSKHVRKLRASITPGTILIILTGRHRGKRVIFLKQLSSGLLLVTGPLVLNRVPLRRTHQKFVIATSTKIDISGVKIPKHL
TDAYFKKKKLRKPRHQEGEIFDTEKEKYEISEQRKVDQKAVDSQILRRIKAVPQLQGYLRSVFALTNGIYPHKLVF
;
E
14 'polypeptide(L)'
;NFAELKIKRLRKKFAQKMLRKARRKLIYEKAKHYHKEYRQMYRTEIRMARMARKAGNFYVPAEPKLAFVIRIRGINGVSP
KVRKVLQLLRLRQIFNGTFVKLNKASINMLRIVEPYIAWGYPNLKSVNELIYKRGYGKINKKRIALTDNALIARSLGKYG
IICMEDLIHEIYTVGKRFKEANNFLWPFKLSSPRGGMKKKTTHFVEGGDAGNREDQINRLIRRMN
;
F
15 'polypeptide(L)'
;KVVNLLFEKRPKNFGIGQDIQPKRDLTRFVKWPRYIRLQRQRAILYKRLKVPPTINQFTQALDRQTATQLLKLTHKYRPE
TKQEKKQRLLARAEKKAAGKGDVPTKRPPVLRAGVNTVTTLVENKKAQLVVIAHDVDPIELVVFLPALCRKMGVPYCIIK
GKARLGRLVHRKTCTTVAFTQVNSEDKGALAKLVEAIRTNYNDRYNEIRRHWGGNVLGPKSVARITKLEKAKAKELAT
;
G
16 'polypeptide(L)'
;MKTILSNQTVDIPENVDITLKGRTVIVKGPRGTLRRDFNHINVELSLLGKKKKRLRVDKWWGNRKELATVRTICSHVQNM
IKGVTLGFRYKMRSVYAHFPINVVIQENGSLVEIRNFLGEKYIRRVRMRPGVACSVSQAQKDELILEGNDIELVSNSAAL
IQQATTVKNKDIRKFLDGIYVSEKGTVQQA
;
H
17 'polypeptide(L)'
;GRRPARCYRYCKNKPYPKSRFCRGVPDAKIRIFDLGRKKAKVDEFPLGGHMVSDEYEQLSSEALEAARICANKYMVKSCG
RDGFHMRVRLHPFHVIRINKMLSCAGADRLQTGMRGAFGKPQGTVARVHIGQVIMSIRTKLQNEEHVIEALRRAKFKFPG
RQKIHISKKWGFTKFNADEFENMVAKKCLIPDGCGVKYVPNHGPLDKWRVLHS
;
I
18 'polypeptide(L)'
;ENPMRELRIRKLCLNICVGESGDRLTRAAKVLEQLTGQTPVFSKARYTVRSFGIRRNEKIAVHCTVRGAKAEEILEKGLK
VREYELRKNNFSDTGNFGFGIQEHIDLGIKYDPSIGIYGLDFYVVLGRPGFSIADKKRRTGCIGAKHRISKEEAMRWFQQ
KHDGIILPGN
;
J
19 'polypeptide(L)'
;APSRNGMILKPHFHKDWQRRVATWFNQPARKIRRRKARQAKARRIAPRPASGPLRPVVRCPTVRYHTKVRAGRGFSLEEL
RVAGIHKKVARTIGISVDPRRRNKCTESLQANVQRLKEYRSKLILFPRKPSAPKKGDSSAEELKLATQLTGPVMPIRNVY
KREKARVITDEEKNFKAFASLRMARANARLFGIRAKRAKEAAEQDVEKKK
;
L
20 'polypeptide(L)'
;VFRRFVEVGRVAYVSFGPHAGKLVAIVDVIDQNRALVDGPCTQVRRQAMPFKCMQLTDFILKFPHSARQKYVRKAWEKAD
INAKWAATRWAKKIEAREKKAKMTDFDRYKVMKARKMRNRLIKLEVKKLQKAALLKAS
;
M
21 'polypeptide(L)'
;GAYKYIQELWRKKQSDVMRFLLRVRCWQYRQLSALHRAPRPTRPDKARRLGYKAKQGYVIYRIRVRRGGRKRPVPKGATY
GKPVHHGVNQLKFARSLQSVAEERAGRHCGALRVLNSYWVGEDSTYKFFEVILIDPFHKAIRRNPDTQWITKPVHKHREM
RGLTSAGRKSRGLGKGHKFHHTIGGSRRAAWRRRNTLQLHRYR
;
N
22 'polypeptide(L)'
;EGQVLVLDGRGHLLGRLAAIVAKQVLLGRKVVVVRCEGINISGNFYRNKLKYLAFLRKRMNTNPSRGPYHFRAPSRIFWR
TVRGMLPHKTKRGQAALDRLKVFDGIPPPYDKKKRMVVPAALKVVRLKPTRKFAYLGRLAHEVGWKYQAVTATLEEKRKE
KAKIHYRKKKQLMRLRKQAEKNVEKKIDRFTEVLKTHGFLV
;
O
23 'polypeptide(L)'
;VRYSLDPENPTKSCKSRGSNLRVHFKNTRETAQAIKGMHIRKATKYLKDVTLQKQCVPFRRYNGGVGRCAQAKQWGWTQG
RWPKKSAEFLLHMLKNAESNAELKGLDVDSLVIEHIQVNKAPKMRRRTYRAHGRINPYMSSPCHIEMILTEKE
;
P
24 'polypeptide(L)'
;GVDIRHNKDRKVRRKEPKSQDIYLRLLVKLYRFLARRTNSTFNQVVLKRLFMSRTNRPPLSLSRMIRKMKLPGREGKTAV
VVGTITDDVRVQEVPKLKVCALRVSSRARSRILKAGGKILTFDQLALDSPKGCGTVLLSGPRKGREVYRHFGKAPGTPHS
HTKPYVRSKGRKFERARGRRASRGYKN
;
Q
25 'polypeptide(L)'
;SMLRLQKRLASSVLRCGKKKVWLDPNETNEIANANSRQQIRKLIKDGLIIRKPVTVHSRARCRKNTLARRKGRHMGIGKR
KGTANARMPEKVTWMRRMRILRRLLRRYRESKKIDRHMYHSLYLKVKGNVFKNKRILMEHIHKLKADKARKKLLADQAEA
RRSKTKEARKRREERLQAKK
;
R
26 'polypeptide(L)'
;KASGTLREYKVVGRCLPTPKCRTPPLYRMRIFAPNHVVAKSRFWYFVSQLKKMKKSSGEIVYCGQVFEKSPLRVKNFGIW
LRYDSRSGTHNMYREYRDLTTAGAVTQCYRDMGARHRARAHSIQIMKVEEIAASKCRRPAVKQFHDSKIKFPLPHRVLRR
QHKPRFTTKRPNTFF
;
S
27 'polypeptide(L)'
;TNTKGKRRGTRYMFSRPFRKHGVVPLATYMRIYKKGDIVDIKGMGTVQKGMPHKCYHGKTGRVYNVTQHAVGIVVNKQVK
GKILAKRINVRIEHIKHSKSRDSFLKRVKENDQKKKEAKEKGTWVQLKRQPAPPREAHFVRTNGKEPELLEPIPYEFMA
;
T
28 'polypeptide(L)'
;QVLKFTLDCTHPVEDGIMDAANFEQFLQERIKVNGKAGNLGGGVVTIERSKSKITVTSEVPFSKRYLKYLTKKYLKKNNL
RDWLRVVANSKESYELRYF
;
U
29 'polypeptide(L)'
;SGAKFRISLGLPVGAVINCADNTGAKNLYIISVKGIKGRLNRLPAAGVGDMVMATVKKGKPELRKKVHPAVVIRQRKSYR
RKDGVFLYFEDNAGVIVNNKGEMKGSAITGPVAKECADLWPRIASNAGSIA
;
V
30 'polypeptide(L)' MKVELCSFSGYKIYPGHGRRYARTDGKVFQFLNAKCESAFLSKRNPRQINWTVLYRRKHKKGQ W
31 'polypeptide(L)'
;KKIRTSPTFRRPKTLRLRRQPKYPRKSAPRRNKLDHYAIIKFPLTTESAMKKIEDNNTLVFIVDVKANKHQIKQAVKKLY
DIDVAKVNTLIRPDGEKKAYVRLAPDYDALDVANKIGII
;
X
32 'polypeptide(L)'
;MKFNPFVTSDRSKNRKRHFNAPSHIRRKIMSSPLSKELRQKYNVRSMPIRKDDEVQVVRGHYKGQQIGKVVQVYRKKYVI
YIERVQREKANGTTVHVGIHPSKVVITRLKLDKDRKKILERKAKSRQVGKEKGK
;
Y
33 'polypeptide(L)'
;GKFMKPGKVVLVLAGRYSGRKAVIVKNIDDGTSDRPYSHALVAGIDRYPRKVTAAMGKKKIAKRSKIKSFVKVYNYNHLM
PTRYSVDIPLDKTVVNKDVFRDPALKRKARREAKVKFEERYKTGKNKWFFQKLRF
;
Z
34 'polypeptide(L)'
;PSRLRKTRKLRGHVSHGHGRIGKHRKHPGGRGNAGGMHHHRINFDKYHPGYFGKVGMRHYHLKRNQSFCPTVNLDKLWTL
VSEQTRINAAKNKTGAAPIIDVVRSGYYKVLGKGKLPKQPVIVKAKFFSRRAEEKIKGVGGACVLVA
;
a
35 'polypeptide(L)' AKSKNHTTHNQSRKWHRNGIKKPRSQRYESLKGVDPKFLRNMRFAKKHNKKGLKKMQANNAKAMSARAEAIKALV b
36 'polypeptide(L)'
;SINSRLQLVMKSGKYVLGYKQTLKMIRQGKAKLVILANNCPALRKSEIEYYAMLAKTGVHHYSGNNIELGTACGKYYRVC
TLAIIDPGDSDIIR
;
c
37 'polypeptide(L)'
;NEVVTREYTINIHKRIHGVGFKKRAPRALKEIRKFAMKEMGTPDVRIDTRLNKAVWAKGIRNVPYRIRVRLSRKRNEDED
SPNKLYTLVTYVPVTTFKNLQTVNVDE
;
d
38 'polypeptide(L)'
;AALRPLVKPKIVKKRTKKFIRHQSDRYVKIKRNWRKPRGIDNRVRRRFKGQILMPNIGYGSNKKTKHMLPSGFRKFLVHN
VKELEVLLMCNKSYCAEIAHNVSSKNRKAIVERAAQLAIRVTNPNARL
;
e
39 'polypeptide(L)'
;SGRLWSKAIFAGYKRGLRNQREHTALLKIEGVYARDETEFYLGKRCAYVYKAKNNTVTPGGKPNKTRVIWGKVTRAHGNS
GMVRAKFRSNLPAKAIGHRIRVMLYPSRI
;
f
40 'polypeptide(L)'
;VQRLTYRRRLSYNTASNKTRLSRTPGNRIVYLYTKKVGKAPKSACGVCPGRLRGVRAVRPKVLMRLSKTKKHVSRAYGGS
MCAKCVRDRIKRAFLIEEQKIVVKVLKAQAQSQK
;
g
41 'polypeptide(L)'
;AKIKARDLRGKKKEELLKQLEDLKVELSQLRVAKVTGGAASKLSKIRVVRKSIARVLTVINQTQKENLRKFYKGKKYKPL
DLRPKKTRAMRRRLNKHEENLKTKKQQRKERLYPLRKFAVKA
;
h
42 'polypeptide(L)'
;ALRYPMAVGLNKGHKVTKNVSKPRHSRRRGRLTKHTKFVRDMIREVCGFAPYERRAMELLKVSKDKRALKFIKKRVGTHI
RAKRKREELSNVLAAMRKAAAK
;
i
43 'polypeptide(L)'
;TKGTSSFGKRRNKTHTLCRRCGSKAYHLQKSTCGKCGYPAKRKRKYNWSAKAKRRNTTGTGRMRHLKIVYRRFRHGFREG
ITPKPK
;
j
44 'polypeptide(L)' PRKIEEIKDFLLTARRKDAKSVKIKKNKDNVKFKVRCSRYLYTLVITDKEKAEKLKQSLPPGLAVKELK k
45 'polypeptide(L)' SSHKTFRIKRFLAKKQKQNRPIPQWIRMKTGNKIRYNSKRRHWRRTKLGL l
46 'polypeptide(L)' IIEPSLRQLAQKYNCDKMICRKCYARLHPRAVNCRKKKCGHTNNLRPKKKVK m
47 'polypeptide(L)' RAKWRKKRMRRLKRKRRKMRQRS n
48 'polypeptide(L)'
;VNVPKTRRTFCKKCGKHQPHKVTQYKKGKDSLYAQGKRRYDRKQSGYGGQTKPIFRKKAKTTKKIVLRLECVEPNCRSKR
MLAIKRCKHFELGGDKKRKGQVIQ
;
o
49 'polypeptide(L)'
;AKRTKKVGIVGKYGTRYGASLRKMVKKIEISQHAKYTCSFCGKTKMKRRAVGIWHCGSCMKTVAGGAWTYNTTSAVTVKS
AIRRLKELKDQ
;
p
50 'polypeptide(L)'
;DRFICIYPAYLNNKKTIAEGRRIPISKAVENPTATEIQDVCSAVGLNVFLEKNKMYSREWNRDVQYRGRVRVQLKQEDGS
LCLVQFPSRKSVMLYAAEMIPKLKT
;
q
51 'polypeptide(L)'
;MASGGSGGVSVPALWSEVNRYGQNGDFTRALKTVNKILQINKDDVTALHCKVVCLIQNGSFKEALNVINTHTKVLANNSL
SFEKAYCEYRLNRIENALKTIESANQQTDKLKELYGQVLYRLERYDECLAVYRDLVRNSQDDYDEERKTNLSAVVAAQSN
WEKVVPENLGLQEGTHELCYNAACALIGQGQLSQAMKILQKAEDLCRRSLSEDSDGTEEDPQAELAIIHGQMAYILQLQG
RTEEALQLYNQIIKLKPTDVGLLAVIANNIITINKDQNVFDSKKKVKLTNAEGVEFKLSKKQLQAIEFNKALLAMYTNQA
EQCRKISASLQSQSPEHLLPVLIQAAQLCREKQHTKAIELLQEFSDQHPENAAEIKLTMAQLKISQGNISKACLILRSIE
ELKHKPGMVSALVTMYSHEEDIDSAIEVFTQAIQWYQNHQPKSSAHLSLIREAANFKLKYGRKKEAISDLEQLWKQNPKD
IHTLAQLISAYSLVDPEKAKALSKHLPSSDSMSLKVDVEALENSPGATYIRKKGGKVAGDSQPKEQGQGDLKKKKKKKKG
KLPKNYDPKVTPDPERWLPMR(UNK)(UNK)(UNK)(UNK)(UNK)(UNK)(UNK)(UNK)(UNK)(UNK)(UNK)
(UNK)(UNK)(UNK)(UNK)(UNK)(UNK)(UNK)(UNK)(UNK)(UNK)(UNK)(UNK)(UNK)
;
r
52 'polypeptide(L)' LLLLLLLLLLL t
53 'polypeptide(L)'
;LSLEILQIIKESQQQHGLRHGDFQRYRGYCSRRQRRLRKTLNFKMGNRHKFTGKKVTEDLLTDNRYLLLVLMDAERAWSY
AMQLKQEANTEPRKRFHLLSRLRKAVKHAEELERLCESNRVDAKTKLEAQAYTAYLSGMLRFEHQEWKAAIEAFNKCKTI
YEKLASAFTEEQAVLYNQRVEEISPNIRYCAYNIGDQSAINELMQMRLRSGGTEGLLAEKLEALITQTRAKQAATMSEVE
WRGRTVPVKIDKVRIFLLGLADNEAAIAQAESEETKERLFESMLSECRDAIQAVREELKPDQKQRDYTLDGESGKVSNLQ
YLHSYLTYIKLSTAIRRNENMAKGLQKALQQQPEDESKRSPRPQDLIRLYDIILQNLVELLQLPGLEEDRAFQKEIGLKT
LVFKAYRCFFIAQSYVLVKKWSEALVLYDRVLKYANEVNSDAGAFRNSLKDLPDVQELITQVRSEKCSLQAAAILDASDS
HQPETSSQVKDNKPLVERFETFCLDPSLVTKQANLVHFPPGFQPIPCKPLFFDLALNHVAFPPLEDKLEQKTKSGLTGYI
KGIFGFRS
;
u
54 'polypeptide(L)'
;MRRSSQRAVLLLGLCDSGKTLLFVRLLTGHYRDTQTSITDSSATYRVNNNRGNSLTLIDLPGHESLRLQFLERFKTSARA
VVFVVDSAAFQREVKDVAEFLYQVLIDSMSLKNTPSFLIACNKQDIAMAKSAKLIQQQLEKELNTLRVTRSAAPSTLDSS
STAPAQLGKKGKEFEFSQLPLKVEFLECSAKGGRGDPGSADIQDLEKWLAKIA
;
v
55 'polypeptide(L)' AQYQTWEEFSRAAEKLYLADPMKARVVLKYRHSDGSLCIKVTDDLVCLVYRTDQAQDVKKIEKFHSQLMRLMVA w
56 'polypeptide(L)'
;MVLADLGRKITSALRSLSNATIINEEVLNAMLKEVCTALLEADVNIKLVKQLRENVKSAIDLEEMASGLNKRKMIQHAVF
KELVKLVDPGVKAWTPTKGKQNVIMFVGLQGSGKTTTCSKLAYYYQRKGWKTCLICADTFRAGAFDQLKQNATKARIPFY
GSYTEMDPVIIASEGVEKFKNENFEIIIVDTSGRHKQEDSLFEEMLQVANAIQPDNIVYVMDASIGQACEAQAKAFKDKV
DVASVIVTKLDGHAKGGGALSAVAATKSPIIFIGTGEHIDDFEPFKTQPFISKLLGMGDIEGLIDKVNELKLDDNEALIE
KLKHGQFTLRDMYEQFQNIMKMGPFSQILGMIPGFGTDFMSKGNEQESMARLKKLMTIMDSMNDQELDSTDGAKVFSKQP
GRIQRVARGSGVSTRDVQELLTQYTKFAQMVKKMGGIKGLFKGGDMSKNVSQSQMAKLNQQMAKMMDPRVLHHMGGMAGL
QSMMRQFQQGAAGNMKGMMGFNNM
;
x
57 'polypeptide(L)'
;HHHHHHDYDIPTTENLYFQGMLDFFTIFSKGGLVLWCFQGVSDSCTGPVNALIRSVLLQERGGNNSFTHEALTLKYKLDN
QFELVFVVGFQKILTLTYVDKLIDDVHRLFRDKYRTEIQQQSALSLLNGTFDFQNDFLRLLREAEESSKIRAPTTMKKFE
DSEKAKKPVRSMIETRGEKPKEKAKNSKKKGAKKEGSDGPLATSKAVPAEKSGLPVGPENGVELSKEELIRRKREEFIQK
HGRGLEKSSKSKSEAPKEKGKKAPRVWELGGCANKEVLDYSTPTTNGAPEAALSEDINLIRGTGPGGQLQDLDCSSSDDE
GAAQNSTKPSSTKGTLGGMFGMLKGLVGSKSLSREDMESVLDKMRDHLIAKNVAADIAVQLCESVANKLEGKVMGTFSTV
TSTVKQALQESLVQILQPQRRVDMLRDIMDAQRRQRPYVVTFCGVNGVGKSTNLAKISFWLLENGFSVLIAACDTFRAGA
VEQLRTHTRRLSALHPPEKHGGRTMVQLFEKGYGKDAAGIAMEAIAFARNQGFDVVLVDTAGRMQDNAPLMTALAKLITV
NTPDLVLFVGEALVGNEAVDQLVKFNRALADHSMAQTPRLIDGIVLTKFDTIDDKVGAAISMTYITSKPIVFVGTGQTYC
DLRSLNAKAVVAALMKA
;
y
58 'polypeptide(L)'
;MVLLESEQFLTELTRLFQKCRLSGSVFITLKKYDGRTKPIPRKGSVEGFEPSDNKCLLRATDGKKKISTVVSSKEVNKFQ
MAYSNLLRANMDGLKKRDKKSKSKKSKPAQ
;
z
#
# COMPACT_ATOMS: atom_id res chain seq x y z
N SER C 1 -52.30 -0.56 63.01
CA SER C 1 -51.36 0.26 63.77
C SER C 1 -50.57 1.10 62.81
N ALA C 2 -50.07 2.23 63.30
CA ALA C 2 -49.33 3.14 62.43
C ALA C 2 -48.07 2.45 61.88
N HIS C 3 -47.28 1.85 62.76
CA HIS C 3 -46.04 1.22 62.32
C HIS C 3 -46.29 0.13 61.29
N LEU C 4 -47.48 -0.48 61.32
CA LEU C 4 -47.80 -1.46 60.30
C LEU C 4 -47.91 -0.80 58.93
N GLN C 5 -48.82 0.19 58.80
CA GLN C 5 -49.03 0.83 57.51
C GLN C 5 -47.72 1.34 56.94
N TRP C 6 -46.93 2.03 57.76
CA TRP C 6 -45.70 2.65 57.27
C TRP C 6 -44.81 1.63 56.58
N MET C 7 -44.93 0.36 56.91
CA MET C 7 -44.19 -0.67 56.21
C MET C 7 -44.86 -1.10 54.93
N VAL C 8 -46.13 -0.77 54.72
CA VAL C 8 -46.75 -0.97 53.42
C VAL C 8 -46.62 0.26 52.54
N VAL C 9 -46.32 1.43 53.12
CA VAL C 9 -46.40 2.68 52.38
C VAL C 9 -45.06 3.36 52.22
N ARG C 10 -43.99 2.85 52.85
CA ARG C 10 -42.69 3.48 52.76
C ARG C 10 -42.28 3.74 51.31
N ASN C 11 -42.19 2.68 50.51
CA ASN C 11 -42.35 2.79 49.06
C ASN C 11 -43.76 2.36 48.72
N CYS C 12 -44.10 2.32 47.43
CA CYS C 12 -45.39 1.81 46.97
C CYS C 12 -46.55 2.61 47.56
N SER C 13 -46.60 3.89 47.18
CA SER C 13 -47.68 4.76 47.58
C SER C 13 -48.08 5.64 46.41
N SER C 14 -49.35 5.94 46.28
CA SER C 14 -49.75 6.81 45.18
C SER C 14 -49.42 8.27 45.42
N PHE C 15 -48.95 8.62 46.60
CA PHE C 15 -48.57 9.99 46.89
C PHE C 15 -47.06 10.16 46.94
N LEU C 16 -46.31 9.10 46.75
CA LEU C 16 -44.86 9.17 46.81
C LEU C 16 -44.32 9.55 45.44
N ILE C 17 -43.41 10.52 45.42
CA ILE C 17 -42.83 11.01 44.17
C ILE C 17 -41.32 11.08 44.36
N LYS C 18 -40.59 10.29 43.58
CA LYS C 18 -39.14 10.16 43.71
C LYS C 18 -38.49 10.55 42.39
N ARG C 19 -37.85 11.71 42.36
CA ARG C 19 -37.12 12.12 41.17
C ARG C 19 -36.03 13.08 41.62
N ASN C 20 -35.04 13.23 40.75
CA ASN C 20 -34.02 14.25 40.92
C ASN C 20 -33.26 14.11 42.25
N LYS C 21 -33.11 12.88 42.73
CA LYS C 21 -32.37 12.51 43.93
C LYS C 21 -33.01 12.99 45.22
N GLN C 22 -34.26 13.40 45.19
CA GLN C 22 -35.03 13.61 46.41
C GLN C 22 -36.21 12.66 46.41
N THR C 23 -36.92 12.65 47.53
CA THR C 23 -38.22 12.01 47.62
C THR C 23 -39.20 12.96 48.30
N TYR C 24 -40.48 12.75 48.04
CA TYR C 24 -41.51 13.68 48.47
C TYR C 24 -42.84 12.95 48.55
N SER C 25 -43.78 13.56 49.26
CA SER C 25 -45.10 12.97 49.42
C SER C 25 -46.15 14.06 49.26
N THR C 26 -47.01 13.90 48.25
CA THR C 26 -48.05 14.87 47.97
C THR C 26 -49.36 14.55 48.67
N GLU C 27 -49.31 13.71 49.70
CA GLU C 27 -50.53 13.31 50.39
C GLU C 27 -51.15 14.51 51.09
N PRO C 28 -52.45 14.44 51.33
CA PRO C 28 -53.11 15.55 52.01
C PRO C 28 -52.63 15.72 53.44
N ASN C 29 -52.60 17.00 53.86
CA ASN C 29 -52.36 17.45 55.24
C ASN C 29 -51.17 16.75 55.90
N ASN C 30 -50.06 16.74 55.17
CA ASN C 30 -48.75 16.45 55.75
C ASN C 30 -47.89 17.69 55.54
N LEU C 31 -47.14 18.05 56.57
CA LEU C 31 -46.41 19.29 56.58
C LEU C 31 -45.05 19.05 55.96
N LYS C 32 -44.72 19.83 54.95
CA LYS C 32 -43.41 19.85 54.29
C LYS C 32 -43.18 18.59 53.42
N ALA C 33 -44.23 17.85 53.12
CA ALA C 33 -44.25 16.86 52.03
C ALA C 33 -43.22 15.77 52.22
N ARG C 34 -42.81 15.51 53.45
CA ARG C 34 -41.73 14.57 53.69
C ARG C 34 -42.27 13.15 53.62
N ASN C 35 -41.67 12.32 52.78
CA ASN C 35 -42.02 10.91 52.84
C ASN C 35 -41.41 10.40 54.13
N SER C 36 -42.18 10.43 55.21
CA SER C 36 -41.60 10.21 56.52
C SER C 36 -42.55 9.35 57.34
N PHE C 37 -42.24 9.21 58.62
CA PHE C 37 -43.16 8.61 59.56
C PHE C 37 -43.86 9.68 60.39
N ARG C 38 -43.09 10.51 61.09
CA ARG C 38 -43.67 11.64 61.80
C ARG C 38 -44.59 12.41 60.86
N TYR C 39 -44.04 12.88 59.75
CA TYR C 39 -44.73 13.82 58.88
C TYR C 39 -45.50 13.07 57.80
N ASN C 40 -46.51 12.32 58.25
CA ASN C 40 -47.36 11.61 57.31
C ASN C 40 -48.81 11.79 57.73
N GLY C 41 -49.70 11.78 56.73
CA GLY C 41 -51.07 12.16 56.97
C GLY C 41 -51.99 11.01 57.26
N LEU C 42 -51.88 9.95 56.45
CA LEU C 42 -52.82 8.85 56.56
C LEU C 42 -52.43 7.87 57.66
N ILE C 43 -51.14 7.52 57.70
CA ILE C 43 -50.65 6.42 58.53
C ILE C 43 -51.08 6.61 59.97
N HIS C 44 -51.05 7.84 60.45
CA HIS C 44 -51.24 8.12 61.85
C HIS C 44 -52.70 8.11 62.24
N HIS C 45 -52.93 8.32 63.53
CA HIS C 45 -54.28 8.45 64.04
C HIS C 45 -54.53 9.77 64.74
N LYS C 46 -53.55 10.65 64.81
CA LYS C 46 -53.74 12.05 65.20
C LYS C 46 -52.86 12.90 64.30
N THR C 47 -53.46 13.66 63.39
CA THR C 47 -52.69 14.41 62.41
C THR C 47 -53.15 15.85 62.37
N VAL C 48 -52.19 16.76 62.20
CA VAL C 48 -52.45 18.18 62.05
C VAL C 48 -52.11 18.59 60.63
N GLY C 49 -53.02 19.31 59.99
CA GLY C 49 -52.80 19.80 58.65
C GLY C 49 -53.03 21.30 58.60
N VAL C 50 -52.36 21.94 57.65
CA VAL C 50 -52.48 23.37 57.47
C VAL C 50 -52.38 23.65 55.99
N GLU C 51 -53.45 24.16 55.40
CA GLU C 51 -53.47 24.49 53.99
C GLU C 51 -54.21 25.80 53.82
N PRO C 52 -54.00 26.50 52.70
CA PRO C 52 -54.69 27.78 52.53
C PRO C 52 -56.19 27.59 52.53
N ALA C 53 -56.89 28.65 52.92
CA ALA C 53 -58.34 28.69 52.78
C ALA C 53 -58.70 28.85 51.31
N ALA C 54 -59.82 28.25 50.92
CA ALA C 54 -60.23 28.26 49.52
C ALA C 54 -60.60 29.65 49.01
N ASP C 55 -60.79 30.62 49.91
CA ASP C 55 -61.16 31.97 49.51
C ASP C 55 -60.03 32.74 48.89
N GLY C 56 -58.78 32.41 49.28
CA GLY C 56 -57.61 33.17 48.94
C GLY C 56 -56.92 33.77 50.14
N LYS C 57 -57.69 34.11 51.18
CA LYS C 57 -57.18 34.67 52.43
C LYS C 57 -57.53 33.74 53.58
N GLY C 58 -56.57 33.52 54.48
CA GLY C 58 -56.79 32.75 55.67
C GLY C 58 -55.97 31.46 55.69
N VAL C 59 -56.24 30.68 56.74
CA VAL C 59 -55.53 29.42 57.00
C VAL C 59 -56.53 28.46 57.65
N VAL C 60 -56.64 27.25 57.09
CA VAL C 60 -57.52 26.22 57.64
C VAL C 60 -56.69 25.12 58.28
N VAL C 61 -57.18 24.62 59.41
CA VAL C 61 -56.42 23.75 60.30
C VAL C 61 -57.15 22.43 60.38
N VAL C 62 -56.63 21.41 59.70
CA VAL C 62 -57.22 20.07 59.75
C VAL C 62 -56.72 19.37 61.00
N ILE C 63 -57.64 18.83 61.79
CA ILE C 63 -57.28 17.97 62.91
C ILE C 63 -58.05 16.66 62.75
N LYS C 64 -57.35 15.53 62.82
CA LYS C 64 -58.04 14.25 62.86
C LYS C 64 -58.69 14.07 64.22
N ARG C 65 -59.91 13.54 64.23
CA ARG C 65 -60.67 13.56 65.47
C ARG C 65 -60.32 12.40 66.40
N ARG C 66 -59.92 11.25 65.85
CA ARG C 66 -59.55 10.02 66.54
C ARG C 66 -60.72 9.40 67.32
N SER C 67 -61.88 10.05 67.37
CA SER C 67 -63.06 9.46 67.99
C SER C 67 -63.37 8.12 67.34
N GLY C 68 -63.61 8.12 66.04
CA GLY C 68 -63.61 6.89 65.30
C GLY C 68 -62.96 7.07 63.95
N GLN C 69 -61.88 6.35 63.67
CA GLN C 69 -61.30 6.33 62.34
C GLN C 69 -62.00 5.24 61.54
N ARG C 70 -61.48 4.87 60.38
CA ARG C 70 -62.25 4.16 59.35
C ARG C 70 -63.66 4.73 59.27
N LYS C 71 -63.72 6.06 59.26
CA LYS C 71 -64.93 6.85 59.08
C LYS C 71 -64.57 8.10 58.29
N PRO C 72 -63.91 7.94 57.13
CA PRO C 72 -63.21 9.09 56.54
C PRO C 72 -64.09 10.29 56.26
N ALA C 73 -65.41 10.12 56.29
CA ALA C 73 -66.30 11.24 55.99
C ALA C 73 -66.29 12.25 57.12
N THR C 74 -66.21 11.79 58.35
CA THR C 74 -66.26 12.69 59.49
C THR C 74 -65.05 12.53 60.41
N SER C 75 -64.15 11.62 60.13
CA SER C 75 -63.03 11.25 61.00
C SER C 75 -62.03 12.38 61.12
N TYR C 76 -62.41 13.51 60.59
CA TYR C 76 -61.44 14.40 59.99
C TYR C 76 -62.09 15.79 59.96
N VAL C 77 -61.76 16.63 60.94
CA VAL C 77 -62.46 17.91 61.12
C VAL C 77 -61.53 19.05 60.77
N ARG C 78 -62.09 20.09 60.14
CA ARG C 78 -61.36 21.28 59.73
C ARG C 78 -61.86 22.49 60.53
N THR C 79 -61.20 23.62 60.31
CA THR C 79 -61.57 24.91 60.90
C THR C 79 -60.83 26.00 60.13
N THR C 80 -61.32 27.23 60.24
CA THR C 80 -60.78 28.37 59.52
C THR C 80 -60.27 29.41 60.49
N ILE C 81 -59.23 30.12 60.07
CA ILE C 81 -58.65 31.20 60.87
C ILE C 81 -58.21 32.30 59.91
N ASN C 82 -58.89 33.44 59.97
CA ASN C 82 -58.53 34.62 59.18
C ASN C 82 -58.20 35.74 60.15
N LYS C 83 -56.91 35.94 60.44
CA LYS C 83 -56.47 36.87 61.47
C LYS C 83 -55.13 37.47 61.05
N ASN C 84 -54.38 37.98 62.03
CA ASN C 84 -53.33 38.96 61.77
C ASN C 84 -51.93 38.39 61.86
N ALA C 85 -51.72 37.12 61.47
CA ALA C 85 -50.40 36.58 61.23
C ALA C 85 -49.56 36.52 62.50
N ARG C 86 -50.07 37.05 63.58
CA ARG C 86 -49.43 36.85 64.87
C ARG C 86 -50.34 36.13 65.82
N ALA C 87 -51.63 36.43 65.79
CA ALA C 87 -52.61 35.57 66.44
C ALA C 87 -52.86 34.31 65.62
N THR C 88 -52.83 34.43 64.29
CA THR C 88 -52.93 33.26 63.42
C THR C 88 -51.92 32.21 63.83
N LEU C 89 -50.66 32.62 63.98
CA LEU C 89 -49.62 31.69 64.42
C LEU C 89 -49.89 31.18 65.82
N SER C 90 -50.30 32.07 66.73
CA SER C 90 -50.53 31.68 68.11
C SER C 90 -51.84 30.94 68.30
N SER C 91 -52.62 30.75 67.23
CA SER C 91 -53.79 29.90 67.31
C SER C 91 -53.42 28.45 67.04
N ILE C 92 -52.68 28.19 65.96
CA ILE C 92 -52.14 26.86 65.71
C ILE C 92 -51.15 26.48 66.80
N ARG C 93 -50.50 27.48 67.41
CA ARG C 93 -49.61 27.22 68.53
C ARG C 93 -50.38 26.66 69.72
N HIS C 94 -51.41 27.39 70.16
CA HIS C 94 -52.20 26.94 71.29
C HIS C 94 -53.07 25.74 70.95
N MET C 95 -53.29 25.47 69.67
CA MET C 95 -54.16 24.37 69.27
C MET C 95 -53.39 23.05 69.25
N ILE C 96 -52.13 23.07 68.82
CA ILE C 96 -51.31 21.87 68.85
C ILE C 96 -50.80 21.60 70.26
N ARG C 97 -50.09 22.56 70.84
CA ARG C 97 -49.60 22.41 72.20
C ARG C 97 -50.67 22.87 73.18
N LYS C 98 -50.47 22.49 74.44
CA LYS C 98 -51.46 22.61 75.52
C LYS C 98 -52.80 22.00 75.11
N ASN C 99 -52.73 21.18 74.06
CA ASN C 99 -53.73 20.19 73.75
C ASN C 99 -53.11 18.80 73.70
N LYS C 100 -51.79 18.71 73.82
CA LYS C 100 -51.03 17.48 73.67
C LYS C 100 -51.50 16.72 72.44
N TYR C 101 -51.59 17.43 71.33
CA TYR C 101 -52.00 16.85 70.07
C TYR C 101 -50.78 16.87 69.16
N ARG C 102 -50.09 15.73 69.07
CA ARG C 102 -48.91 15.52 68.23
C ARG C 102 -47.95 16.69 68.30
N PRO C 103 -47.30 16.95 69.42
CA PRO C 103 -46.36 18.08 69.47
C PRO C 103 -45.04 17.72 68.82
N ASP C 104 -45.10 17.01 67.70
CA ASP C 104 -44.03 16.89 66.72
C ASP C 104 -44.25 17.90 65.61
N LEU C 105 -45.47 17.90 65.07
CA LEU C 105 -45.84 18.89 64.08
C LEU C 105 -45.81 20.30 64.62
N ARG C 106 -45.72 20.48 65.95
CA ARG C 106 -45.90 21.78 66.58
C ARG C 106 -45.17 22.91 65.84
N MET C 107 -43.88 22.72 65.53
CA MET C 107 -43.20 23.79 64.82
C MET C 107 -43.41 23.70 63.33
N ALA C 108 -43.36 22.49 62.78
CA ALA C 108 -43.56 22.34 61.35
C ALA C 108 -44.93 22.85 60.92
N ALA C 109 -45.91 22.82 61.83
CA ALA C 109 -47.21 23.38 61.52
C ALA C 109 -47.14 24.90 61.41
N ILE C 110 -46.36 25.54 62.27
CA ILE C 110 -46.26 26.99 62.25
C ILE C 110 -45.50 27.45 61.02
N ARG C 111 -44.32 26.89 60.79
CA ARG C 111 -43.58 27.25 59.60
C ARG C 111 -44.37 27.00 58.33
N ARG C 112 -45.35 26.11 58.35
CA ARG C 112 -46.23 26.00 57.19
C ARG C 112 -47.32 27.06 57.21
N ALA C 113 -47.80 27.44 58.40
CA ALA C 113 -48.75 28.55 58.48
C ALA C 113 -48.14 29.83 57.95
N SER C 114 -47.01 30.24 58.52
CA SER C 114 -46.33 31.45 58.08
C SER C 114 -46.10 31.44 56.57
N ALA C 115 -45.59 30.33 56.05
CA ALA C 115 -45.32 30.26 54.62
C ALA C 115 -46.59 30.26 53.78
N ILE C 116 -47.75 30.02 54.39
CA ILE C 116 -49.01 30.17 53.65
C ILE C 116 -49.36 31.63 53.50
N LEU C 117 -49.22 32.40 54.59
CA LEU C 117 -49.60 33.81 54.56
C LEU C 117 -48.68 34.61 53.66
N ARG C 118 -47.36 34.36 53.72
CA ARG C 118 -46.44 35.01 52.80
C ARG C 118 -46.86 34.85 51.35
N SER C 119 -47.68 33.83 51.04
CA SER C 119 -48.13 33.57 49.69
C SER C 119 -49.43 34.26 49.33
N GLN C 120 -50.07 34.99 50.25
CA GLN C 120 -51.28 35.76 49.96
C GLN C 120 -51.07 37.19 50.46
N LYS C 121 -50.47 38.00 49.61
CA LYS C 121 -50.21 39.43 49.77
C LYS C 121 -49.57 39.95 48.48
N PRO C 122 -49.42 41.27 48.29
CA PRO C 122 -48.86 41.79 47.04
C PRO C 122 -47.58 41.07 46.59
N VAL C 123 -47.59 40.60 45.35
CA VAL C 123 -46.67 39.54 44.95
C VAL C 123 -45.28 40.09 44.64
N MET C 124 -45.17 41.13 43.80
CA MET C 124 -43.87 41.51 43.28
C MET C 124 -43.93 42.94 42.76
N VAL C 125 -42.75 43.47 42.41
CA VAL C 125 -42.61 44.80 41.81
C VAL C 125 -42.68 44.70 40.28
N MET D 1 118.93 -6.14 5.94
CA MET D 1 117.52 -5.87 5.68
C MET D 1 117.06 -4.40 5.46
N PRO D 2 117.68 -3.42 6.12
CA PRO D 2 116.96 -2.14 6.38
C PRO D 2 116.55 -1.41 5.11
N PRO D 3 117.48 -0.90 4.24
CA PRO D 3 117.00 -0.04 3.15
C PRO D 3 116.74 -0.73 1.82
N LYS D 4 117.57 -1.72 1.44
CA LYS D 4 117.62 -2.16 0.05
C LYS D 4 117.88 -3.64 -0.11
N PHE D 5 117.39 -4.50 0.80
CA PHE D 5 117.60 -5.94 0.74
C PHE D 5 119.10 -6.28 0.86
N ASP D 6 119.62 -6.02 2.06
CA ASP D 6 121.00 -6.38 2.42
C ASP D 6 121.00 -7.39 3.58
N PRO D 7 121.38 -8.67 3.35
CA PRO D 7 121.26 -9.68 4.41
C PRO D 7 122.19 -9.52 5.61
N ASN D 8 123.50 -9.49 5.38
CA ASN D 8 124.49 -9.30 6.45
C ASN D 8 124.42 -10.35 7.57
N GLU D 9 124.99 -11.55 7.31
CA GLU D 9 125.38 -12.57 8.29
C GLU D 9 124.26 -13.49 8.79
N ILE D 10 123.25 -13.76 7.96
CA ILE D 10 121.90 -14.07 8.46
C ILE D 10 121.89 -14.89 9.74
N LYS D 11 121.24 -14.37 10.78
CA LYS D 11 120.96 -15.04 12.06
C LYS D 11 119.59 -14.50 12.49
N VAL D 12 118.53 -15.22 12.10
CA VAL D 12 117.16 -14.80 12.33
C VAL D 12 116.39 -15.97 12.94
N VAL D 13 115.47 -15.66 13.86
CA VAL D 13 114.77 -16.65 14.65
C VAL D 13 113.36 -16.83 14.07
N TYR D 14 112.89 -18.07 14.06
CA TYR D 14 111.48 -18.37 13.77
C TYR D 14 111.12 -19.61 14.58
N LEU D 15 109.93 -19.59 15.18
CA LEU D 15 109.49 -20.61 16.11
C LEU D 15 108.32 -21.39 15.53
N ARG D 16 108.20 -22.67 15.92
CA ARG D 16 107.13 -23.52 15.42
C ARG D 16 106.82 -24.62 16.42
N CYS D 17 105.62 -25.20 16.29
CA CYS D 17 105.14 -26.26 17.17
C CYS D 17 104.62 -27.45 16.37
N THR D 18 103.93 -28.37 17.05
CA THR D 18 103.20 -29.49 16.43
C THR D 18 104.15 -30.40 15.65
N GLY D 19 105.02 -31.05 16.41
CA GLY D 19 105.90 -32.05 15.82
C GLY D 19 105.35 -33.47 15.84
N GLY D 20 105.09 -34.03 14.66
CA GLY D 20 104.72 -35.43 14.54
C GLY D 20 106.00 -36.23 14.45
N GLU D 21 106.24 -36.88 13.30
CA GLU D 21 107.62 -37.30 13.02
C GLU D 21 108.40 -36.10 12.51
N VAL D 22 108.04 -35.61 11.33
CA VAL D 22 108.34 -34.23 10.95
C VAL D 22 107.11 -33.57 10.37
N GLY D 23 106.53 -34.19 9.35
CA GLY D 23 105.56 -33.52 8.49
C GLY D 23 105.61 -34.07 7.09
N ALA D 24 105.84 -33.20 6.09
CA ALA D 24 106.12 -33.55 4.69
C ALA D 24 104.89 -33.98 3.88
N THR D 25 103.69 -33.58 4.29
CA THR D 25 102.49 -33.73 3.47
C THR D 25 102.33 -32.51 2.55
N SER D 26 103.35 -32.30 1.72
CA SER D 26 103.50 -31.07 0.94
C SER D 26 103.38 -29.83 1.82
N ALA D 27 103.88 -29.94 3.06
CA ALA D 27 103.69 -28.90 4.06
C ALA D 27 104.86 -28.88 5.04
N LEU D 28 105.37 -27.68 5.28
CA LEU D 28 106.42 -27.40 6.26
C LEU D 28 106.23 -25.96 6.71
N ALA D 29 107.31 -25.30 7.11
CA ALA D 29 107.45 -23.87 7.38
C ALA D 29 106.73 -22.86 6.48
N PRO D 30 106.68 -23.02 5.09
CA PRO D 30 106.55 -21.85 4.20
C PRO D 30 105.58 -20.73 4.52
N LYS D 31 105.81 -19.62 3.81
CA LYS D 31 105.51 -18.21 4.07
C LYS D 31 106.58 -17.54 4.91
N ILE D 32 107.56 -18.26 5.43
CA ILE D 32 108.67 -17.68 6.16
C ILE D 32 109.99 -18.19 5.61
N GLY D 33 110.06 -19.51 5.39
CA GLY D 33 111.26 -20.16 4.95
C GLY D 33 111.47 -20.38 3.46
N PRO D 34 110.43 -20.19 2.58
CA PRO D 34 110.75 -20.24 1.14
C PRO D 34 111.62 -19.06 0.75
N LEU D 35 111.17 -17.85 1.10
CA LEU D 35 111.98 -16.65 0.96
C LEU D 35 112.95 -16.60 2.13
N GLY D 36 114.24 -16.80 1.86
CA GLY D 36 115.23 -16.92 2.91
C GLY D 36 116.19 -18.07 2.70
N LEU D 37 116.16 -18.65 1.49
CA LEU D 37 117.08 -19.67 1.01
C LEU D 37 116.92 -21.02 1.71
N SER D 38 115.82 -21.20 2.52
CA SER D 38 115.64 -22.50 3.14
C SER D 38 114.77 -23.39 2.27
N PRO D 39 114.93 -24.70 2.38
CA PRO D 39 114.11 -25.60 1.56
C PRO D 39 112.80 -25.99 2.23
N LYS D 40 112.06 -26.89 1.59
CA LYS D 40 110.85 -27.48 2.17
C LYS D 40 111.02 -28.96 2.51
N LYS D 41 112.07 -29.62 2.03
CA LYS D 41 112.30 -31.04 2.27
C LYS D 41 113.58 -31.33 3.04
N VAL D 42 114.72 -30.79 2.60
CA VAL D 42 116.00 -31.14 3.22
C VAL D 42 116.08 -30.56 4.64
N GLY D 43 115.86 -29.25 4.78
CA GLY D 43 115.78 -28.63 6.08
C GLY D 43 114.61 -29.11 6.92
N ASP D 44 113.69 -29.87 6.33
CA ASP D 44 112.61 -30.54 7.05
C ASP D 44 113.05 -31.91 7.57
N ASP D 45 113.67 -32.73 6.73
CA ASP D 45 114.13 -34.05 7.17
C ASP D 45 115.30 -33.95 8.14
N ILE D 46 116.04 -32.83 8.15
CA ILE D 46 117.05 -32.61 9.17
C ILE D 46 116.43 -32.15 10.48
N ALA D 47 115.25 -31.54 10.44
CA ALA D 47 114.50 -31.26 11.66
C ALA D 47 114.07 -32.54 12.37
N LYS D 48 114.04 -33.67 11.66
CA LYS D 48 113.77 -34.96 12.29
C LYS D 48 114.90 -35.34 13.25
N ALA D 49 116.11 -35.51 12.72
CA ALA D 49 117.21 -36.12 13.50
C ALA D 49 117.46 -35.42 14.83
N THR D 50 117.28 -34.10 14.89
CA THR D 50 117.45 -33.38 16.15
C THR D 50 116.18 -33.39 17.01
N GLY D 51 115.02 -33.25 16.38
CA GLY D 51 113.75 -33.37 17.09
C GLY D 51 113.23 -34.79 17.05
N ASP D 52 114.07 -35.74 17.44
CA ASP D 52 113.77 -37.17 17.41
C ASP D 52 114.49 -37.83 18.59
N TRP D 53 114.65 -39.15 18.54
CA TRP D 53 115.13 -39.95 19.65
C TRP D 53 114.28 -39.65 20.89
N LYS D 54 113.02 -40.08 20.81
CA LYS D 54 111.95 -39.77 21.76
C LYS D 54 111.55 -38.30 21.82
N GLY D 55 111.35 -37.67 20.68
CA GLY D 55 110.43 -36.54 20.63
C GLY D 55 109.33 -36.86 19.61
N LEU D 56 108.10 -37.16 20.06
CA LEU D 56 107.00 -37.56 19.16
C LEU D 56 105.62 -37.16 19.70
N ARG D 57 105.59 -36.49 20.85
CA ARG D 57 104.40 -35.83 21.38
C ARG D 57 104.65 -34.33 21.29
N ILE D 58 103.59 -33.58 20.98
CA ILE D 58 103.68 -32.24 20.38
C ILE D 58 104.77 -31.40 21.03
N THR D 59 105.67 -30.87 20.22
CA THR D 59 106.87 -30.16 20.67
C THR D 59 106.79 -28.67 20.28
N VAL D 60 107.75 -27.91 20.80
CA VAL D 60 108.02 -26.55 20.34
C VAL D 60 109.37 -26.57 19.64
N LYS D 61 109.48 -25.79 18.56
CA LYS D 61 110.64 -25.89 17.66
C LYS D 61 111.11 -24.48 17.31
N LEU D 62 112.30 -24.10 17.80
CA LEU D 62 113.00 -22.91 17.31
C LEU D 62 114.05 -23.35 16.29
N THR D 63 114.08 -22.68 15.15
CA THR D 63 115.02 -23.01 14.08
C THR D 63 115.81 -21.75 13.72
N ILE D 64 117.11 -21.77 14.02
CA ILE D 64 117.98 -20.62 13.77
C ILE D 64 118.42 -20.62 12.32
N GLN D 65 118.30 -19.47 11.67
CA GLN D 65 118.59 -19.34 10.25
C GLN D 65 120.00 -18.79 10.06
N ASN D 66 120.92 -19.66 9.66
CA ASN D 66 122.15 -19.26 8.99
C ASN D 66 121.92 -19.41 7.49
N ARG D 67 122.92 -19.00 6.69
CA ARG D 67 122.72 -18.64 5.28
C ARG D 67 121.68 -19.50 4.57
N GLN D 68 121.85 -20.83 4.66
CA GLN D 68 120.77 -21.75 4.31
C GLN D 68 120.69 -22.92 5.28
N ALA D 69 121.26 -22.78 6.48
CA ALA D 69 121.23 -23.82 7.50
C ALA D 69 120.15 -23.53 8.53
N GLN D 70 119.42 -24.57 8.94
CA GLN D 70 118.34 -24.45 9.91
C GLN D 70 118.72 -25.25 11.15
N ILE D 71 119.07 -24.55 12.22
CA ILE D 71 119.48 -25.20 13.48
C ILE D 71 118.21 -25.58 14.24
N GLU D 72 117.91 -26.88 14.26
CA GLU D 72 116.63 -27.37 14.81
C GLU D 72 116.84 -27.80 16.26
N VAL D 73 116.70 -26.86 17.18
CA VAL D 73 116.75 -27.14 18.61
C VAL D 73 115.34 -27.38 19.11
N VAL D 74 115.21 -28.12 20.21
CA VAL D 74 113.91 -28.37 20.82
C VAL D 74 113.84 -27.62 22.15
N PRO D 75 113.33 -26.38 22.16
CA PRO D 75 113.15 -25.66 23.43
C PRO D 75 111.97 -26.22 24.22
N SER D 76 112.23 -26.62 25.46
CA SER D 76 111.22 -27.27 26.27
C SER D 76 110.21 -26.25 26.79
N ALA D 77 108.92 -26.56 26.62
CA ALA D 77 107.84 -25.75 27.15
C ALA D 77 107.43 -26.25 28.52
N SER D 78 106.64 -25.42 29.24
CA SER D 78 106.32 -25.72 30.63
C SER D 78 105.44 -26.96 30.76
N ALA D 79 104.44 -27.10 29.91
CA ALA D 79 103.51 -28.22 29.98
C ALA D 79 103.86 -29.35 29.00
N LEU D 80 104.89 -29.19 28.18
CA LEU D 80 105.33 -30.26 27.29
C LEU D 80 106.27 -31.24 27.99
N ILE D 81 107.10 -30.76 28.93
CA ILE D 81 107.93 -31.66 29.71
C ILE D 81 107.07 -32.40 30.74
N ILE D 82 106.06 -31.73 31.31
CA ILE D 82 105.14 -32.40 32.23
C ILE D 82 104.34 -33.48 31.49
N LYS D 83 104.12 -33.29 30.19
CA LYS D 83 103.62 -34.38 29.35
C LYS D 83 104.72 -35.40 29.05
N ALA D 84 105.99 -34.97 29.07
CA ALA D 84 107.13 -35.87 28.93
C ALA D 84 107.57 -36.45 30.28
N LEU D 85 107.21 -35.80 31.39
CA LEU D 85 107.36 -36.43 32.71
C LEU D 85 106.31 -37.49 32.96
N LYS D 86 105.52 -37.85 31.94
CA LYS D 86 104.50 -38.87 32.05
C LYS D 86 105.12 -40.26 32.19
N GLU D 87 104.27 -41.23 32.48
CA GLU D 87 104.68 -42.62 32.42
C GLU D 87 104.99 -42.89 30.96
N PRO D 88 106.24 -43.17 30.59
CA PRO D 88 106.76 -42.75 29.28
C PRO D 88 106.10 -43.48 28.12
N PRO D 89 106.52 -43.21 26.88
CA PRO D 89 105.54 -42.93 25.81
C PRO D 89 104.82 -44.17 25.29
N ARG D 90 103.49 -44.07 25.25
CA ARG D 90 102.67 -44.69 24.21
C ARG D 90 102.44 -43.60 23.16
N ASP D 91 102.84 -43.87 21.92
CA ASP D 91 103.11 -42.78 20.98
C ASP D 91 101.89 -42.37 20.15
N ARG D 92 101.40 -43.28 19.32
CA ARG D 92 100.31 -43.01 18.38
C ARG D 92 99.82 -44.37 17.91
N LYS D 93 98.65 -44.38 17.25
CA LYS D 93 98.08 -45.65 16.80
C LYS D 93 97.84 -46.59 17.97
N LYS D 94 96.74 -46.45 18.74
CA LYS D 94 96.62 -47.23 19.97
C LYS D 94 97.54 -46.68 21.06
N GLN D 95 96.94 -46.09 22.11
CA GLN D 95 97.01 -44.78 22.75
C GLN D 95 95.70 -44.03 22.57
N LYS D 96 94.84 -44.39 21.61
CA LYS D 96 93.48 -44.93 21.77
C LYS D 96 92.74 -44.70 23.10
N ASN D 97 93.37 -44.04 24.05
CA ASN D 97 92.83 -43.78 25.39
C ASN D 97 93.54 -42.48 25.78
N ILE D 98 92.91 -41.39 25.45
CA ILE D 98 93.58 -40.43 24.59
C ILE D 98 94.78 -39.74 25.21
N LYS D 99 94.56 -38.87 26.21
CA LYS D 99 95.67 -38.06 26.71
C LYS D 99 95.47 -37.60 28.15
N HIS D 100 94.47 -38.15 28.87
CA HIS D 100 94.14 -37.77 30.23
C HIS D 100 94.37 -38.90 31.23
N SER D 101 95.39 -39.72 30.98
CA SER D 101 95.66 -40.88 31.85
C SER D 101 96.06 -40.45 33.25
N GLY D 102 97.23 -39.82 33.39
CA GLY D 102 97.54 -38.98 34.53
C GLY D 102 97.86 -39.46 35.94
N ASN D 103 98.98 -40.18 36.14
CA ASN D 103 99.53 -40.40 37.48
C ASN D 103 101.04 -40.60 37.33
N ILE D 104 101.84 -39.53 37.53
CA ILE D 104 103.27 -39.68 37.29
C ILE D 104 104.19 -39.11 38.37
N THR D 105 103.63 -38.36 39.30
CA THR D 105 104.24 -38.04 40.60
C THR D 105 105.42 -37.06 40.60
N PHE D 106 106.15 -36.91 39.49
CA PHE D 106 107.09 -35.81 39.24
C PHE D 106 107.60 -35.09 40.49
N ASP D 107 108.06 -35.82 41.51
CA ASP D 107 108.28 -35.22 42.83
C ASP D 107 109.42 -34.21 42.79
N GLU D 108 110.63 -34.67 42.51
CA GLU D 108 111.78 -33.79 42.31
C GLU D 108 112.02 -33.53 40.83
N ILE D 109 111.20 -34.07 39.95
CA ILE D 109 111.36 -33.85 38.52
C ILE D 109 110.66 -32.58 38.06
N VAL D 110 109.63 -32.13 38.78
CA VAL D 110 109.17 -30.76 38.59
C VAL D 110 110.22 -29.78 39.11
N ASN D 111 110.91 -30.14 40.21
CA ASN D 111 112.05 -29.36 40.67
C ASN D 111 113.07 -29.17 39.55
N ILE D 112 113.41 -30.26 38.86
CA ILE D 112 114.25 -30.15 37.67
C ILE D 112 113.50 -29.43 36.56
N ALA D 113 112.17 -29.55 36.52
CA ALA D 113 111.40 -28.85 35.50
C ALA D 113 111.42 -27.33 35.73
N ARG D 114 111.20 -26.90 36.97
CA ARG D 114 111.28 -25.46 37.27
C ARG D 114 112.72 -24.97 37.43
N GLN D 115 113.71 -25.82 37.21
CA GLN D 115 115.10 -25.39 37.05
C GLN D 115 115.40 -25.05 35.59
N MET D 116 114.99 -25.91 34.67
CA MET D 116 115.24 -25.72 33.24
C MET D 116 114.24 -24.78 32.57
N ARG D 117 113.43 -24.07 33.34
CA ARG D 117 112.60 -22.98 32.81
C ARG D 117 113.50 -21.76 32.72
N HIS D 118 114.17 -21.62 31.58
CA HIS D 118 115.22 -20.62 31.41
C HIS D 118 114.61 -19.23 31.28
N ARG D 119 114.81 -18.41 32.31
CA ARG D 119 114.59 -16.97 32.21
C ARG D 119 113.14 -16.57 31.94
N SER D 120 112.22 -17.53 31.85
CA SER D 120 110.89 -17.24 31.32
C SER D 120 109.95 -16.67 32.37
N LEU D 121 110.14 -16.99 33.64
CA LEU D 121 109.14 -16.73 34.67
C LEU D 121 109.28 -15.38 35.36
N ALA D 122 110.40 -14.69 35.21
CA ALA D 122 110.68 -13.45 35.95
C ALA D 122 110.38 -13.68 37.43
N ARG D 123 111.18 -14.59 37.98
CA ARG D 123 110.74 -15.50 39.02
C ARG D 123 111.06 -15.01 40.42
N GLU D 124 110.07 -15.17 41.31
CA GLU D 124 110.38 -15.43 42.71
C GLU D 124 111.11 -16.76 42.81
N LEU D 125 111.98 -16.87 43.81
CA LEU D 125 113.01 -17.91 43.82
C LEU D 125 112.39 -19.25 44.22
N SER D 126 111.55 -19.76 43.32
CA SER D 126 110.97 -21.11 43.29
C SER D 126 109.99 -21.38 44.42
N GLY D 127 109.80 -20.43 45.35
CA GLY D 127 108.74 -20.61 46.34
C GLY D 127 107.35 -20.49 45.75
N THR D 128 107.25 -19.92 44.55
CA THR D 128 105.98 -19.75 43.83
C THR D 128 105.93 -20.52 42.53
N ILE D 129 107.05 -20.72 41.83
CA ILE D 129 107.02 -21.50 40.59
C ILE D 129 106.70 -22.96 40.88
N LYS D 130 107.18 -23.48 42.02
CA LYS D 130 106.80 -24.83 42.45
C LYS D 130 105.28 -24.96 42.57
N GLU D 131 104.57 -23.84 42.65
CA GLU D 131 103.12 -23.82 42.57
C GLU D 131 102.59 -23.32 41.22
N ILE D 132 103.34 -22.45 40.52
CA ILE D 132 102.92 -22.01 39.19
C ILE D 132 102.78 -23.20 38.25
N LEU D 133 103.87 -23.93 38.04
CA LEU D 133 103.86 -25.12 37.18
C LEU D 133 103.30 -26.36 37.87
N GLY D 134 103.02 -26.28 39.18
CA GLY D 134 102.34 -27.34 39.88
C GLY D 134 100.83 -27.22 39.82
N THR D 135 100.34 -26.01 39.54
CA THR D 135 98.92 -25.75 39.35
C THR D 135 98.50 -25.76 37.88
N ALA D 136 99.45 -25.88 36.94
CA ALA D 136 99.15 -26.03 35.53
C ALA D 136 98.92 -27.47 35.13
N GLN D 137 98.50 -28.31 36.06
CA GLN D 137 98.36 -29.74 35.85
C GLN D 137 96.92 -30.11 35.49
N SER D 138 96.78 -30.92 34.45
CA SER D 138 95.56 -31.68 34.20
C SER D 138 95.80 -33.18 34.09
N VAL D 139 97.05 -33.62 33.88
CA VAL D 139 97.37 -35.02 33.71
C VAL D 139 97.89 -35.60 35.03
N GLY D 140 99.06 -35.15 35.45
CA GLY D 140 99.80 -35.83 36.51
C GLY D 140 99.09 -35.92 37.85
N CYS D 141 98.89 -34.77 38.50
CA CYS D 141 98.04 -34.52 39.67
C CYS D 141 98.58 -34.94 41.04
N ASN D 142 99.80 -35.48 41.19
CA ASN D 142 100.75 -35.06 42.22
C ASN D 142 101.86 -36.07 42.44
N VAL D 143 102.81 -35.71 43.33
CA VAL D 143 103.71 -36.62 44.02
C VAL D 143 102.92 -37.84 44.51
N ASP D 144 103.62 -38.98 44.63
CA ASP D 144 103.06 -40.34 44.52
C ASP D 144 101.64 -40.51 45.05
N GLY D 145 101.40 -40.11 46.29
CA GLY D 145 100.09 -40.34 46.88
C GLY D 145 99.34 -39.10 47.35
N ARG D 146 99.37 -38.01 46.57
CA ARG D 146 98.69 -36.77 46.94
C ARG D 146 97.95 -36.23 45.73
N HIS D 147 97.44 -35.00 45.86
CA HIS D 147 96.79 -34.16 44.85
C HIS D 147 97.55 -32.84 44.75
N PRO D 148 97.50 -32.14 43.60
CA PRO D 148 98.13 -30.81 43.56
C PRO D 148 97.31 -29.76 44.26
N HIS D 149 96.13 -30.14 44.76
CA HIS D 149 95.25 -29.22 45.45
C HIS D 149 95.85 -28.78 46.78
N ASP D 150 96.70 -29.60 47.39
CA ASP D 150 97.26 -29.34 48.72
C ASP D 150 98.75 -29.06 48.70
N ILE D 151 99.40 -29.05 47.53
CA ILE D 151 100.78 -28.55 47.43
C ILE D 151 100.79 -27.03 47.27
N ILE D 152 99.72 -26.45 46.71
CA ILE D 152 99.61 -25.00 46.59
C ILE D 152 99.80 -24.31 47.94
N ASP D 153 99.57 -25.04 49.06
CA ASP D 153 99.41 -24.35 50.36
C ASP D 153 100.75 -24.16 51.08
N ASP D 154 101.53 -25.24 51.13
CA ASP D 154 102.80 -25.39 51.74
C ASP D 154 103.85 -25.11 50.61
N ILE D 155 105.15 -25.31 50.88
CA ILE D 155 106.06 -26.18 50.17
C ILE D 155 107.32 -26.19 51.05
N ASN D 156 107.95 -27.35 51.23
CA ASN D 156 108.93 -27.40 52.30
C ASN D 156 110.31 -27.75 51.76
N SER D 157 110.64 -27.24 50.57
CA SER D 157 111.92 -27.58 49.94
C SER D 157 112.27 -26.53 48.90
N GLY D 158 113.57 -26.41 48.64
CA GLY D 158 114.08 -25.67 47.49
C GLY D 158 114.11 -24.17 47.63
N ALA D 159 113.48 -23.59 48.65
CA ALA D 159 113.31 -22.14 48.71
C ALA D 159 114.65 -21.42 48.81
N VAL D 160 115.53 -21.88 49.72
CA VAL D 160 116.79 -21.19 49.97
C VAL D 160 117.97 -21.87 49.27
N GLU D 161 117.70 -22.83 48.38
CA GLU D 161 118.77 -23.48 47.62
C GLU D 161 118.86 -23.00 46.18
N CYS D 162 117.76 -22.48 45.63
CA CYS D 162 117.69 -21.94 44.28
C CYS D 162 118.32 -20.56 44.10
N PRO D 163 118.19 -19.61 45.06
CA PRO D 163 118.76 -18.27 44.81
C PRO D 163 120.25 -18.26 44.48
N ASP F 1 84.94 -9.45 48.45
CA ASP F 1 86.10 -8.62 48.16
C ASP F 1 85.88 -7.17 48.61
N ARG F 2 86.94 -6.55 49.13
CA ARG F 2 86.98 -5.11 49.42
C ARG F 2 86.07 -4.72 50.59
N ALA F 3 86.03 -5.56 51.61
CA ALA F 3 85.62 -5.17 52.96
C ALA F 3 86.66 -5.58 53.99
N THR F 4 87.30 -6.72 53.78
CA THR F 4 88.48 -7.15 54.51
C THR F 4 89.76 -6.94 53.73
N TRP F 5 89.73 -7.10 52.40
CA TRP F 5 90.92 -6.86 51.59
C TRP F 5 91.30 -5.39 51.57
N LYS F 6 90.29 -4.50 51.58
CA LYS F 6 90.56 -3.08 51.68
C LYS F 6 91.30 -2.76 52.97
N SER F 7 90.83 -3.31 54.10
CA SER F 7 91.52 -3.18 55.36
C SER F 7 92.86 -3.93 55.40
N ASN F 8 93.13 -4.78 54.40
CA ASN F 8 94.45 -5.41 54.30
C ASN F 8 95.47 -4.47 53.65
N TYR F 9 95.07 -3.80 52.56
CA TYR F 9 96.00 -2.89 51.88
C TYR F 9 96.39 -1.72 52.76
N PHE F 10 95.53 -1.34 53.72
CA PHE F 10 95.90 -0.28 54.65
C PHE F 10 97.07 -0.69 55.53
N LEU F 11 97.21 -1.99 55.82
CA LEU F 11 98.28 -2.48 56.68
C LEU F 11 99.60 -2.64 55.94
N LYS F 12 99.58 -2.77 54.61
CA LYS F 12 100.80 -2.89 53.84
C LYS F 12 101.42 -1.54 53.50
N ILE F 13 100.61 -0.48 53.44
CA ILE F 13 101.15 0.85 53.17
C ILE F 13 101.69 1.47 54.46
N ILE F 14 100.99 1.28 55.58
CA ILE F 14 101.45 1.81 56.86
C ILE F 14 102.76 1.18 57.29
N GLN F 15 103.05 -0.04 56.82
CA GLN F 15 104.30 -0.70 57.16
C GLN F 15 105.49 -0.10 56.41
N LEU F 16 105.31 0.16 55.11
CA LEU F 16 106.37 0.76 54.31
C LEU F 16 106.54 2.25 54.57
N LEU F 17 105.62 2.88 55.29
CA LEU F 17 105.80 4.28 55.68
C LEU F 17 106.67 4.43 56.91
N ASP F 18 106.69 3.42 57.78
CA ASP F 18 107.51 3.44 58.98
C ASP F 18 108.85 2.74 58.77
N ASP F 19 108.82 1.54 58.16
CA ASP F 19 110.03 0.73 58.02
C ASP F 19 111.03 1.39 57.08
N TYR F 20 110.57 1.97 55.98
CA TYR F 20 111.46 2.54 54.97
C TYR F 20 111.30 4.05 54.95
N PRO F 21 112.30 4.82 55.41
CA PRO F 21 112.18 6.27 55.42
C PRO F 21 112.47 6.93 54.08
N LYS F 22 112.89 6.18 53.07
CA LYS F 22 113.23 6.73 51.76
C LYS F 22 112.10 6.42 50.77
N CYS F 23 111.46 7.47 50.27
CA CYS F 23 110.29 7.36 49.41
C CYS F 23 110.57 7.99 48.05
N PHE F 24 110.24 7.26 46.98
CA PHE F 24 110.41 7.74 45.61
C PHE F 24 109.04 7.79 44.95
N ILE F 25 108.58 8.99 44.61
CA ILE F 25 107.28 9.20 43.98
C ILE F 25 107.48 9.16 42.46
N VAL F 26 106.99 8.10 41.82
CA VAL F 26 107.11 7.92 40.37
C VAL F 26 105.76 8.15 39.71
N GLY F 27 105.80 8.59 38.46
CA GLY F 27 104.59 8.74 37.66
C GLY F 27 104.61 7.81 36.47
N ALA F 28 103.54 7.05 36.28
CA ALA F 28 103.53 6.00 35.26
C ALA F 28 102.45 6.23 34.22
N ASP F 29 102.40 7.46 33.66
CA ASP F 29 101.30 7.83 32.76
C ASP F 29 101.16 6.87 31.59
N ASN F 30 102.27 6.34 31.09
CA ASN F 30 102.26 5.31 30.05
C ASN F 30 103.08 4.13 30.53
N VAL F 31 102.47 2.95 30.55
CA VAL F 31 103.10 1.75 31.10
C VAL F 31 102.37 0.53 30.57
N GLY F 32 103.05 -0.62 30.59
CA GLY F 32 102.44 -1.88 30.26
C GLY F 32 102.63 -2.87 31.40
N SER F 33 101.78 -3.90 31.40
CA SER F 33 101.83 -4.89 32.49
C SER F 33 103.06 -5.79 32.38
N LYS F 34 103.54 -6.04 31.16
CA LYS F 34 104.82 -6.73 30.98
C LYS F 34 106.00 -5.80 31.23
N GLN F 35 105.80 -4.48 31.09
CA GLN F 35 106.89 -3.53 31.33
C GLN F 35 107.29 -3.51 32.80
N MET F 36 106.32 -3.57 33.71
CA MET F 36 106.65 -3.56 35.13
C MET F 36 107.14 -4.93 35.62
N GLN F 37 106.73 -6.02 34.95
CA GLN F 37 107.29 -7.33 35.29
C GLN F 37 108.80 -7.36 35.15
N GLN F 38 109.36 -6.51 34.28
CA GLN F 38 110.80 -6.41 34.09
C GLN F 38 111.45 -5.35 34.97
N ILE F 39 110.75 -4.25 35.28
CA ILE F 39 111.32 -3.21 36.14
C ILE F 39 111.44 -3.70 37.58
N ARG F 40 110.49 -4.54 38.04
CA ARG F 40 110.59 -5.11 39.39
C ARG F 40 111.70 -6.15 39.48
N MET F 41 112.00 -6.85 38.38
CA MET F 41 113.07 -7.85 38.39
C MET F 41 114.42 -7.29 37.95
N SER F 42 114.45 -6.11 37.31
CA SER F 42 115.71 -5.41 37.07
C SER F 42 116.12 -4.55 38.26
N LEU F 43 115.23 -4.36 39.24
CA LEU F 43 115.54 -3.67 40.50
C LEU F 43 115.13 -4.49 41.71
N ARG F 44 115.06 -5.83 41.57
CA ARG F 44 114.60 -6.71 42.65
C ARG F 44 115.57 -6.71 43.82
N GLY F 45 116.87 -6.61 43.55
CA GLY F 45 117.83 -6.56 44.62
C GLY F 45 117.77 -5.30 45.46
N LYS F 46 117.14 -4.25 44.95
CA LYS F 46 117.15 -2.94 45.61
C LYS F 46 115.78 -2.46 46.07
N ALA F 47 114.81 -2.32 45.16
CA ALA F 47 113.64 -1.50 45.40
C ALA F 47 112.36 -2.34 45.50
N VAL F 48 111.30 -1.68 45.98
CA VAL F 48 109.97 -2.28 46.13
C VAL F 48 108.97 -1.25 45.61
N VAL F 49 108.42 -1.47 44.42
CA VAL F 49 107.45 -0.56 43.83
C VAL F 49 106.06 -0.86 44.39
N LEU F 50 105.38 0.16 44.89
CA LEU F 50 104.06 0.02 45.49
C LEU F 50 103.10 0.93 44.72
N MET F 51 102.13 0.32 44.05
CA MET F 51 101.13 1.03 43.28
C MET F 51 99.78 0.91 43.96
N GLY F 52 99.09 2.04 44.10
CA GLY F 52 97.79 2.08 44.74
C GLY F 52 96.81 2.84 43.89
N LYS F 53 95.96 3.62 44.55
CA LYS F 53 94.91 4.40 43.91
C LYS F 53 94.66 5.64 44.75
N ASN F 54 93.47 6.24 44.57
CA ASN F 54 93.02 7.39 45.36
C ASN F 54 93.31 7.23 46.85
N THR F 55 93.20 6.00 47.36
CA THR F 55 93.45 5.70 48.77
C THR F 55 94.85 6.08 49.22
N MET F 56 95.77 6.35 48.30
CA MET F 56 97.09 6.83 48.68
C MET F 56 97.01 8.09 49.54
N MET F 57 95.86 8.75 49.58
CA MET F 57 95.62 9.82 50.53
C MET F 57 95.25 9.23 51.89
N ARG F 58 96.06 8.27 52.36
CA ARG F 58 95.89 7.66 53.68
C ARG F 58 97.07 7.96 54.59
N LYS F 59 98.07 8.70 54.11
CA LYS F 59 99.16 9.15 54.97
C LYS F 59 98.64 9.92 56.18
N ALA F 60 97.44 10.50 56.08
CA ALA F 60 96.82 11.12 57.24
C ALA F 60 96.62 10.10 58.35
N ILE F 61 96.15 8.91 58.01
CA ILE F 61 95.83 7.91 59.03
C ILE F 61 97.09 7.29 59.65
N ARG F 62 98.22 7.32 58.93
CA ARG F 62 99.50 7.03 59.58
C ARG F 62 100.01 8.25 60.35
N GLY F 63 99.73 9.46 59.88
CA GLY F 63 99.99 10.65 60.66
C GLY F 63 99.03 10.84 61.82
N HIS F 64 97.83 10.26 61.72
CA HIS F 64 96.86 10.23 62.82
C HIS F 64 97.32 9.32 63.96
N LEU F 65 98.46 8.63 63.81
CA LEU F 65 98.98 7.69 64.79
C LEU F 65 99.63 8.39 65.97
N GLU F 66 99.39 9.69 66.11
CA GLU F 66 99.91 10.55 67.17
C GLU F 66 101.43 10.65 67.14
N ASN F 67 102.07 10.26 66.03
CA ASN F 67 103.52 10.13 65.98
C ASN F 67 104.17 11.11 65.00
N ASN F 68 103.78 11.08 63.73
CA ASN F 68 104.61 11.68 62.69
C ASN F 68 104.04 12.99 62.19
N PRO F 69 104.71 14.12 62.44
CA PRO F 69 104.22 15.41 61.92
C PRO F 69 104.55 15.69 60.45
N ALA F 70 105.77 15.33 60.02
CA ALA F 70 106.32 15.80 58.75
C ALA F 70 105.63 15.23 57.51
N LEU F 71 104.63 14.36 57.68
CA LEU F 71 103.91 13.79 56.55
C LEU F 71 102.90 14.74 55.93
N GLU F 72 102.82 15.99 56.41
CA GLU F 72 101.92 16.98 55.81
C GLU F 72 102.47 17.55 54.50
N LYS F 73 103.78 17.52 54.30
CA LYS F 73 104.35 17.93 53.02
C LYS F 73 104.16 16.88 51.94
N LEU F 74 103.75 15.66 52.29
CA LEU F 74 103.35 14.65 51.31
C LEU F 74 101.89 14.80 50.87
N LEU F 75 101.18 15.81 51.39
CA LEU F 75 99.78 16.00 51.00
C LEU F 75 99.63 16.51 49.57
N PRO F 76 100.27 17.59 49.14
CA PRO F 76 99.97 18.14 47.81
C PRO F 76 100.45 17.29 46.64
N HIS F 77 101.14 16.17 46.88
CA HIS F 77 101.68 15.36 45.79
C HIS F 77 100.90 14.07 45.53
N ILE F 78 99.86 13.79 46.31
CA ILE F 78 99.01 12.60 46.07
C ILE F 78 97.89 13.06 45.15
N ARG F 79 98.21 13.11 43.85
CA ARG F 79 97.27 13.46 42.80
C ARG F 79 97.91 13.17 41.45
N GLY F 80 97.09 12.78 40.49
CA GLY F 80 97.55 12.51 39.15
C GLY F 80 98.53 11.36 39.01
N ASN F 81 98.05 10.14 39.26
CA ASN F 81 98.78 8.90 38.96
C ASN F 81 100.13 8.86 39.69
N VAL F 82 100.03 8.74 41.01
CA VAL F 82 101.20 8.74 41.90
C VAL F 82 101.27 7.40 42.63
N GLY F 83 102.43 6.74 42.51
CA GLY F 83 102.72 5.56 43.30
C GLY F 83 104.13 5.66 43.84
N PHE F 84 104.42 4.83 44.84
CA PHE F 84 105.66 4.98 45.61
C PHE F 84 106.60 3.80 45.37
N VAL F 85 107.89 4.08 45.53
CA VAL F 85 108.95 3.07 45.40
C VAL F 85 109.88 3.23 46.61
N PHE F 86 109.69 2.39 47.62
CA PHE F 86 110.51 2.42 48.83
C PHE F 86 111.68 1.47 48.70
N THR F 87 112.87 1.94 49.08
CA THR F 87 114.08 1.14 49.01
C THR F 87 114.91 1.36 50.26
N LYS F 88 115.67 0.33 50.64
CA LYS F 88 116.50 0.36 51.85
C LYS F 88 117.93 0.83 51.57
N GLU F 89 118.53 0.35 50.48
CA GLU F 89 119.96 0.55 50.24
C GLU F 89 120.27 1.85 49.51
N ASP F 90 119.27 2.57 49.00
CA ASP F 90 119.52 3.76 48.20
C ASP F 90 120.43 4.75 48.91
N LEU F 91 121.65 4.92 48.41
CA LEU F 91 122.60 5.82 49.03
C LEU F 91 122.35 7.26 48.59
N THR F 92 122.32 7.47 47.28
CA THR F 92 122.04 8.77 46.68
C THR F 92 121.56 8.51 45.25
N GLU F 93 121.63 9.55 44.42
CA GLU F 93 121.33 9.51 43.00
C GLU F 93 121.88 8.29 42.28
N ILE F 94 123.03 7.77 42.74
CA ILE F 94 123.77 6.74 42.02
C ILE F 94 122.89 5.57 41.59
N ARG F 95 121.80 5.31 42.31
CA ARG F 95 120.81 4.36 41.84
C ARG F 95 119.73 5.02 40.98
N ASP F 96 119.28 6.22 41.38
CA ASP F 96 118.22 6.93 40.65
C ASP F 96 118.62 7.20 39.21
N MET F 97 119.91 7.35 38.94
CA MET F 97 120.36 7.60 37.58
C MET F 97 120.28 6.33 36.71
N LEU F 98 120.64 5.18 37.27
CA LEU F 98 120.62 3.91 36.53
C LEU F 98 119.21 3.40 36.26
N ARG F 99 118.17 4.07 36.76
CA ARG F 99 116.81 3.65 36.46
C ARG F 99 116.29 4.23 35.14
N ALA F 100 116.79 5.41 34.73
CA ALA F 100 116.26 6.10 33.56
C ALA F 100 116.61 5.31 32.30
N ASN F 101 115.63 4.59 31.78
CA ASN F 101 115.80 3.71 30.63
C ASN F 101 115.24 4.40 29.39
N LYS F 102 115.12 3.66 28.30
CA LYS F 102 114.52 4.18 27.07
C LYS F 102 113.03 4.35 27.28
N VAL F 103 112.58 5.60 27.31
CA VAL F 103 111.23 5.98 27.75
C VAL F 103 110.81 7.17 26.90
N PRO F 104 109.60 7.78 27.10
CA PRO F 104 109.14 8.84 26.22
C PRO F 104 110.16 9.82 25.65
N ALA F 105 110.35 9.70 24.35
CA ALA F 105 110.14 10.74 23.35
C ALA F 105 108.65 10.79 23.02
N ALA F 106 108.38 11.18 21.78
CA ALA F 106 107.07 11.20 21.15
C ALA F 106 106.34 12.51 21.38
N ALA F 107 107.01 13.48 21.98
CA ALA F 107 106.88 14.88 21.57
C ALA F 107 105.49 15.30 21.06
N ARG F 108 104.44 15.19 21.89
CA ARG F 108 103.12 15.57 21.43
C ARG F 108 103.00 17.10 21.32
N ALA F 109 102.15 17.54 20.40
CA ALA F 109 101.86 18.97 20.25
C ALA F 109 101.02 19.46 21.43
N GLY F 110 101.27 20.70 21.83
CA GLY F 110 100.65 21.27 23.02
C GLY F 110 101.50 21.20 24.27
N ALA F 111 102.71 20.67 24.18
CA ALA F 111 103.62 20.56 25.32
C ALA F 111 104.54 21.78 25.37
N ILE F 112 105.30 21.87 26.47
CA ILE F 112 106.03 23.10 26.77
C ILE F 112 107.51 22.88 27.11
N ALA F 113 107.79 21.95 28.02
CA ALA F 113 108.81 22.12 29.06
C ALA F 113 110.28 22.19 28.68
N PRO F 114 110.89 21.08 28.20
CA PRO F 114 112.27 20.76 28.64
C PRO F 114 113.34 21.83 28.47
N CYS F 115 113.65 22.25 27.24
CA CYS F 115 114.80 23.12 27.00
C CYS F 115 114.77 23.56 25.55
N GLU F 116 115.76 24.37 25.18
CA GLU F 116 115.89 24.86 23.80
C GLU F 116 116.24 23.70 22.88
N VAL F 117 115.25 23.25 22.10
CA VAL F 117 115.43 22.10 21.22
C VAL F 117 116.18 22.55 19.97
N THR F 118 117.24 21.81 19.63
CA THR F 118 118.05 22.10 18.46
C THR F 118 118.05 20.91 17.52
N VAL F 119 118.19 21.19 16.23
CA VAL F 119 118.32 20.16 15.20
C VAL F 119 119.65 20.41 14.49
N PRO F 120 120.76 19.80 14.93
CA PRO F 120 122.06 20.08 14.29
C PRO F 120 122.01 19.89 12.78
N ALA F 121 122.76 20.73 12.07
CA ALA F 121 122.69 20.81 10.62
C ALA F 121 123.28 19.54 10.01
N GLN F 122 122.51 18.46 10.08
CA GLN F 122 122.93 17.14 9.62
C GLN F 122 122.00 16.67 8.51
N ASN F 123 122.51 15.76 7.69
CA ASN F 123 121.73 15.18 6.61
C ASN F 123 120.56 14.38 7.16
N THR F 124 119.34 14.72 6.72
CA THR F 124 118.16 14.06 7.25
C THR F 124 118.13 12.58 6.86
N GLY F 125 118.13 12.29 5.56
CA GLY F 125 118.10 10.92 5.08
C GLY F 125 116.73 10.44 4.62
N LEU F 126 115.70 11.28 4.72
CA LEU F 126 114.37 10.92 4.23
C LEU F 126 114.39 10.81 2.70
N GLY F 127 113.25 10.46 2.12
CA GLY F 127 113.15 10.30 0.69
C GLY F 127 113.36 11.60 -0.06
N PRO F 128 113.08 11.57 -1.37
CA PRO F 128 113.18 12.80 -2.18
C PRO F 128 112.20 13.87 -1.72
N GLU F 129 112.05 14.95 -2.50
CA GLU F 129 112.00 16.32 -1.98
C GLU F 129 111.51 16.46 -0.54
N LYS F 130 110.32 15.95 -0.22
CA LYS F 130 109.81 15.88 1.15
C LYS F 130 110.10 17.15 1.96
N THR F 131 110.04 18.32 1.31
CA THR F 131 110.42 19.58 1.94
C THR F 131 109.21 20.39 2.39
N SER F 132 108.01 19.82 2.31
CA SER F 132 106.82 20.56 2.70
C SER F 132 106.81 20.90 4.19
N PHE F 133 107.51 20.10 5.01
CA PHE F 133 107.63 20.40 6.43
C PHE F 133 108.76 21.37 6.73
N PHE F 134 109.74 21.51 5.82
CA PHE F 134 110.77 22.53 5.90
C PHE F 134 110.29 23.85 5.29
N GLN F 135 109.54 23.79 4.18
CA GLN F 135 109.09 24.99 3.49
C GLN F 135 107.93 25.69 4.21
N ALA F 136 107.12 24.95 4.96
CA ALA F 136 106.01 25.56 5.68
C ALA F 136 106.50 26.47 6.80
N LEU F 137 107.66 26.15 7.39
CA LEU F 137 108.27 26.94 8.46
C LEU F 137 109.37 27.85 7.93
N GLY F 138 110.31 27.26 7.18
CA GLY F 138 111.36 28.01 6.51
C GLY F 138 112.74 27.74 7.08
N ILE F 139 113.48 26.83 6.43
CA ILE F 139 114.90 26.57 6.72
C ILE F 139 115.57 26.29 5.38
N THR F 140 116.77 26.81 5.20
CA THR F 140 117.50 26.63 3.93
C THR F 140 117.88 25.16 3.76
N THR F 141 117.23 24.48 2.81
CA THR F 141 117.51 23.09 2.50
C THR F 141 117.98 22.96 1.06
N LYS F 142 118.77 21.91 0.80
CA LYS F 142 119.29 21.64 -0.54
C LYS F 142 119.27 20.14 -0.78
N ILE F 143 119.15 19.77 -2.05
CA ILE F 143 119.17 18.37 -2.46
C ILE F 143 120.59 18.08 -2.93
N SER F 144 121.42 17.59 -2.01
CA SER F 144 122.59 16.84 -2.40
C SER F 144 122.14 15.52 -3.03
N ARG F 145 123.09 14.79 -3.61
CA ARG F 145 122.73 13.59 -4.37
C ARG F 145 121.83 12.66 -3.56
N GLY F 146 120.59 12.50 -4.02
CA GLY F 146 119.62 11.65 -3.36
C GLY F 146 118.86 12.28 -2.20
N THR F 147 119.52 12.40 -1.04
CA THR F 147 118.86 12.77 0.19
C THR F 147 118.86 14.29 0.41
N ILE F 148 118.13 14.72 1.44
CA ILE F 148 117.95 16.14 1.77
C ILE F 148 118.93 16.52 2.87
N GLU F 149 119.33 17.79 2.88
CA GLU F 149 120.24 18.32 3.89
C GLU F 149 119.70 19.64 4.42
N ILE F 150 120.27 20.10 5.52
CA ILE F 150 119.99 21.41 6.10
C ILE F 150 121.32 22.16 6.16
N LEU F 151 121.47 23.20 5.32
CA LEU F 151 122.70 23.95 5.20
C LEU F 151 122.75 25.17 6.11
N SER F 152 122.01 25.12 7.22
CA SER F 152 122.03 26.16 8.25
C SER F 152 121.40 25.57 9.49
N ASP F 153 121.35 26.36 10.57
CA ASP F 153 120.77 25.85 11.80
C ASP F 153 120.44 26.98 12.75
N VAL F 154 119.27 26.88 13.40
CA VAL F 154 118.89 27.73 14.52
C VAL F 154 117.91 26.94 15.38
N GLN F 155 117.71 27.40 16.61
CA GLN F 155 116.76 26.74 17.51
C GLN F 155 115.34 26.89 16.98
N LEU F 156 114.63 25.75 16.92
CA LEU F 156 113.27 25.78 16.40
C LEU F 156 112.31 26.44 17.38
N ILE F 157 112.20 25.88 18.59
CA ILE F 157 111.25 26.35 19.59
C ILE F 157 111.99 26.48 20.92
N LYS F 158 111.75 27.59 21.61
CA LYS F 158 112.46 27.93 22.84
C LYS F 158 111.65 27.51 24.07
N THR F 159 112.20 27.78 25.25
CA THR F 159 111.59 27.34 26.50
C THR F 159 110.36 28.16 26.82
N GLY F 160 109.25 27.48 27.14
CA GLY F 160 108.02 28.12 27.50
C GLY F 160 107.06 28.35 26.36
N ASP F 161 107.51 28.20 25.12
CA ASP F 161 106.67 28.42 23.95
C ASP F 161 106.01 27.11 23.51
N LYS F 162 104.79 27.23 22.98
CA LYS F 162 104.05 26.06 22.55
C LYS F 162 104.64 25.48 21.26
N VAL F 163 104.50 24.18 21.10
CA VAL F 163 104.95 23.46 19.92
C VAL F 163 103.73 23.13 19.06
N GLY F 164 103.70 23.66 17.84
CA GLY F 164 102.58 23.42 16.95
C GLY F 164 102.51 21.96 16.51
N ALA F 165 101.49 21.68 15.70
CA ALA F 165 101.28 20.31 15.23
C ALA F 165 102.23 19.96 14.09
N SER F 166 102.55 20.92 13.22
CA SER F 166 103.43 20.63 12.09
C SER F 166 104.90 20.58 12.51
N GLU F 167 105.31 21.43 13.45
CA GLU F 167 106.67 21.41 13.98
C GLU F 167 106.90 20.30 14.99
N ALA F 168 105.84 19.61 15.43
CA ALA F 168 105.98 18.42 16.27
C ALA F 168 106.05 17.14 15.46
N THR F 169 105.26 17.04 14.38
CA THR F 169 105.32 15.86 13.53
C THR F 169 106.64 15.79 12.74
N LEU F 170 107.26 16.94 12.47
CA LEU F 170 108.53 16.94 11.75
C LEU F 170 109.69 16.54 12.66
N LEU F 171 109.61 16.87 13.96
CA LEU F 171 110.66 16.45 14.88
C LEU F 171 110.62 14.94 15.13
N ASN F 172 109.43 14.33 15.04
CA ASN F 172 109.31 12.89 15.20
C ASN F 172 109.71 12.12 13.95
N MET F 173 109.66 12.76 12.78
CA MET F 173 110.14 12.12 11.55
C MET F 173 111.66 12.21 11.41
N LEU F 174 112.28 13.21 12.03
CA LEU F 174 113.74 13.35 12.04
C LEU F 174 114.40 12.48 13.10
N ASN F 175 113.63 11.74 13.90
CA ASN F 175 114.05 10.91 15.02
C ASN F 175 114.57 11.73 16.21
N ILE F 176 114.52 13.06 16.16
CA ILE F 176 114.86 13.88 17.32
C ILE F 176 113.76 13.72 18.36
N SER F 177 114.16 13.50 19.62
CA SER F 177 113.30 12.86 20.61
C SER F 177 113.21 13.66 21.91
N PRO F 178 112.73 14.92 21.86
CA PRO F 178 112.65 15.73 23.08
C PRO F 178 111.28 15.69 23.76
N PHE F 179 111.07 16.63 24.69
CA PHE F 179 109.78 16.89 25.33
C PHE F 179 109.22 15.71 26.11
N SER F 180 109.91 15.26 27.16
CA SER F 180 109.38 14.19 28.01
C SER F 180 110.03 14.02 29.38
N PHE F 181 109.24 13.88 30.44
CA PHE F 181 109.73 13.48 31.76
C PHE F 181 108.74 12.53 32.41
N GLY F 182 108.42 11.47 31.70
CA GLY F 182 107.33 10.57 32.02
C GLY F 182 107.73 9.55 33.04
N LEU F 183 107.71 8.26 32.69
CA LEU F 183 107.91 7.21 33.70
C LEU F 183 109.36 7.18 34.17
N VAL F 184 109.78 8.24 34.86
CA VAL F 184 111.08 8.26 35.52
C VAL F 184 110.94 8.64 37.00
N ILE F 185 110.46 9.86 37.28
CA ILE F 185 110.45 10.40 38.64
C ILE F 185 109.65 11.70 38.69
N GLN F 186 109.03 11.97 39.85
CA GLN F 186 108.27 13.20 40.06
C GLN F 186 108.78 14.03 41.23
N GLN F 187 108.89 13.45 42.44
CA GLN F 187 109.23 14.21 43.64
C GLN F 187 109.73 13.25 44.72
N VAL F 188 110.93 13.49 45.25
CA VAL F 188 111.56 12.57 46.20
C VAL F 188 111.28 13.03 47.62
N PHE F 189 111.20 12.06 48.54
CA PHE F 189 111.05 12.30 49.97
C PHE F 189 112.14 11.54 50.71
N ASP F 190 112.86 12.23 51.60
CA ASP F 190 113.90 11.59 52.41
C ASP F 190 114.03 12.37 53.71
N ASN F 191 113.44 11.84 54.79
CA ASN F 191 113.49 12.45 56.12
C ASN F 191 112.93 13.87 56.12
N GLY F 192 111.64 13.97 55.77
CA GLY F 192 110.96 15.25 55.80
C GLY F 192 111.48 16.29 54.85
N SER F 193 112.23 15.89 53.83
CA SER F 193 112.84 16.83 52.90
C SER F 193 111.94 17.07 51.69
N ILE F 194 112.20 18.17 51.00
CA ILE F 194 111.42 18.59 49.84
C ILE F 194 112.41 18.72 48.68
N TYR F 195 112.59 17.64 47.92
CA TYR F 195 113.41 17.69 46.73
C TYR F 195 112.61 18.32 45.57
N ASN F 196 113.32 18.72 44.52
CA ASN F 196 112.67 19.44 43.43
C ASN F 196 113.43 19.16 42.13
N PRO F 197 112.84 18.48 41.15
CA PRO F 197 113.60 18.16 39.92
C PRO F 197 113.81 19.35 38.99
N GLU F 198 114.22 20.48 39.57
CA GLU F 198 114.95 21.55 38.90
C GLU F 198 116.38 21.44 39.43
N VAL F 199 117.36 21.35 38.51
CA VAL F 199 118.44 20.41 38.73
C VAL F 199 119.37 20.83 39.86
N LEU F 200 119.11 20.28 41.05
CA LEU F 200 120.08 20.06 42.10
C LEU F 200 119.92 18.69 42.75
N ASP F 201 118.75 18.09 42.64
CA ASP F 201 118.37 16.92 43.44
C ASP F 201 118.56 15.64 42.63
N ILE F 202 119.83 15.35 42.35
CA ILE F 202 120.25 14.08 41.78
C ILE F 202 121.77 14.04 41.82
N GLY I 1 -10.42 -49.37 -7.16
CA GLY I 1 -11.55 -48.50 -6.92
C GLY I 1 -12.54 -48.38 -8.07
N ARG I 2 -12.02 -48.36 -9.29
CA ARG I 2 -12.84 -48.24 -10.48
C ARG I 2 -13.30 -49.61 -10.96
N VAL I 3 -14.01 -49.61 -12.07
CA VAL I 3 -14.52 -50.83 -12.67
C VAL I 3 -13.71 -51.09 -13.93
N ILE I 4 -12.96 -52.19 -13.92
CA ILE I 4 -11.90 -52.34 -14.90
C ILE I 4 -12.48 -52.72 -16.25
N ARG I 5 -11.85 -52.22 -17.31
CA ARG I 5 -12.22 -52.63 -18.65
C ARG I 5 -12.12 -54.13 -18.79
N GLY I 6 -13.18 -54.76 -19.26
CA GLY I 6 -13.24 -56.20 -19.19
C GLY I 6 -14.39 -56.53 -18.28
N GLN I 7 -14.50 -55.81 -17.16
CA GLN I 7 -15.77 -55.85 -16.46
C GLN I 7 -16.84 -55.15 -17.27
N ARG I 8 -16.44 -54.22 -18.13
CA ARG I 8 -17.41 -53.40 -18.83
C ARG I 8 -17.91 -54.01 -20.12
N LYS I 9 -17.26 -55.05 -20.64
CA LYS I 9 -17.64 -55.62 -21.93
C LYS I 9 -18.98 -56.34 -21.80
N GLY I 10 -19.53 -56.36 -20.60
CA GLY I 10 -20.74 -57.11 -20.30
C GLY I 10 -21.96 -56.25 -20.44
N ALA I 11 -21.93 -55.04 -19.86
CA ALA I 11 -23.08 -54.16 -20.00
C ALA I 11 -23.37 -53.82 -21.46
N GLY I 12 -22.39 -54.01 -22.35
CA GLY I 12 -22.56 -53.70 -23.77
C GLY I 12 -22.53 -52.21 -24.02
N SER I 13 -23.35 -51.78 -24.98
CA SER I 13 -23.72 -50.39 -25.21
C SER I 13 -22.58 -49.53 -25.77
N VAL I 14 -21.36 -50.01 -25.67
CA VAL I 14 -20.29 -49.54 -26.53
C VAL I 14 -19.59 -50.78 -27.01
N PHE I 15 -19.26 -51.64 -26.05
CA PHE I 15 -18.65 -52.93 -26.32
C PHE I 15 -19.71 -53.89 -26.82
N ARG I 16 -20.42 -53.48 -27.87
CA ARG I 16 -21.51 -54.26 -28.42
C ARG I 16 -21.31 -54.37 -29.93
N ALA I 17 -21.84 -55.44 -30.51
CA ALA I 17 -21.28 -55.96 -31.76
C ALA I 17 -21.94 -55.39 -33.01
N HIS I 18 -21.62 -54.14 -33.35
CA HIS I 18 -21.27 -53.78 -34.72
C HIS I 18 -21.94 -54.54 -35.87
N VAL I 19 -23.27 -54.60 -35.96
CA VAL I 19 -23.86 -55.56 -36.89
C VAL I 19 -24.89 -54.98 -37.87
N LYS I 20 -24.74 -53.75 -38.31
CA LYS I 20 -25.70 -53.23 -39.29
C LYS I 20 -25.61 -54.00 -40.60
N HIS I 21 -24.43 -53.96 -41.25
CA HIS I 21 -24.28 -54.48 -42.62
C HIS I 21 -24.13 -55.98 -42.71
N ARG I 22 -24.39 -56.74 -41.64
CA ARG I 22 -24.16 -58.17 -41.71
C ARG I 22 -25.32 -58.86 -42.42
N LYS I 23 -24.99 -59.77 -43.34
CA LYS I 23 -25.94 -60.36 -44.28
C LYS I 23 -26.98 -61.24 -43.60
N GLY I 24 -26.82 -61.58 -42.35
CA GLY I 24 -27.77 -62.47 -41.72
C GLY I 24 -27.08 -63.71 -41.22
N ALA I 25 -27.74 -64.43 -40.32
CA ALA I 25 -27.12 -65.58 -39.68
C ALA I 25 -26.73 -66.63 -40.73
N ALA I 26 -25.65 -67.35 -40.44
CA ALA I 26 -25.15 -68.41 -41.32
C ALA I 26 -25.68 -69.73 -40.78
N ARG I 27 -26.82 -70.17 -41.30
CA ARG I 27 -27.54 -71.28 -40.71
C ARG I 27 -27.50 -72.47 -41.66
N LEU I 28 -28.30 -73.49 -41.34
CA LEU I 28 -28.19 -74.76 -42.02
C LEU I 28 -29.54 -75.43 -42.30
N ARG I 29 -30.59 -74.65 -42.57
CA ARG I 29 -31.78 -75.24 -43.18
C ARG I 29 -32.48 -76.35 -42.37
N ALA I 30 -33.23 -76.01 -41.33
CA ALA I 30 -33.84 -77.00 -40.41
C ALA I 30 -34.61 -78.14 -41.09
N VAL I 31 -34.96 -79.17 -40.31
CA VAL I 31 -35.24 -80.51 -40.82
C VAL I 31 -36.73 -80.72 -41.09
N ASP I 32 -37.02 -81.72 -41.91
CA ASP I 32 -38.36 -82.11 -42.35
C ASP I 32 -38.26 -83.51 -42.96
N PHE I 33 -39.32 -83.94 -43.66
CA PHE I 33 -39.21 -85.13 -44.50
C PHE I 33 -37.92 -85.14 -45.29
N ALA I 34 -37.69 -84.04 -46.03
CA ALA I 34 -36.58 -83.98 -46.96
C ALA I 34 -35.25 -84.32 -46.30
N GLU I 35 -35.03 -83.80 -45.10
CA GLU I 35 -33.76 -84.10 -44.44
C GLU I 35 -33.80 -85.48 -43.81
N ARG I 36 -34.90 -85.85 -43.17
CA ARG I 36 -34.91 -87.06 -42.37
C ARG I 36 -35.12 -88.33 -43.18
N HIS I 37 -35.68 -88.23 -44.39
CA HIS I 37 -35.82 -89.45 -45.20
C HIS I 37 -35.23 -89.35 -46.58
N GLY I 38 -35.32 -88.19 -47.23
CA GLY I 38 -34.95 -88.03 -48.63
C GLY I 38 -33.71 -87.19 -48.87
N TYR I 39 -33.65 -86.56 -50.05
CA TYR I 39 -32.48 -85.82 -50.49
C TYR I 39 -32.87 -84.54 -51.23
N ILE I 40 -33.54 -83.61 -50.55
CA ILE I 40 -33.98 -82.35 -51.15
C ILE I 40 -32.86 -81.66 -51.93
N LYS I 41 -33.24 -80.92 -52.96
CA LYS I 41 -32.32 -80.31 -53.92
C LYS I 41 -32.24 -78.80 -53.68
N GLY I 42 -31.38 -78.15 -54.46
CA GLY I 42 -31.21 -76.71 -54.42
C GLY I 42 -29.98 -76.24 -55.15
N ILE I 43 -30.01 -75.00 -55.63
CA ILE I 43 -28.92 -74.45 -56.42
C ILE I 43 -28.36 -73.20 -55.77
N VAL I 44 -27.10 -72.92 -56.07
CA VAL I 44 -26.38 -71.80 -55.48
C VAL I 44 -26.65 -70.55 -56.30
N LYS I 45 -26.98 -69.46 -55.62
CA LYS I 45 -27.21 -68.21 -56.31
C LYS I 45 -25.97 -67.33 -56.35
N ASP I 46 -25.29 -67.15 -55.23
CA ASP I 46 -24.19 -66.20 -55.17
C ASP I 46 -23.31 -66.50 -53.97
N ILE I 47 -22.14 -65.87 -53.95
CA ILE I 47 -21.17 -66.12 -52.91
C ILE I 47 -20.83 -64.81 -52.20
N ILE I 48 -21.85 -63.96 -51.99
CA ILE I 48 -21.65 -62.70 -51.28
C ILE I 48 -20.95 -62.93 -49.96
N HIS I 49 -20.05 -62.00 -49.62
CA HIS I 49 -19.31 -62.06 -48.37
C HIS I 49 -19.84 -61.02 -47.39
N ASP I 50 -19.88 -61.42 -46.09
CA ASP I 50 -20.37 -60.62 -44.98
C ASP I 50 -19.21 -59.95 -44.24
N PRO I 51 -19.43 -58.74 -43.74
CA PRO I 51 -18.39 -58.10 -42.91
C PRO I 51 -18.22 -58.82 -41.58
N GLY I 52 -17.02 -58.72 -41.03
CA GLY I 52 -16.72 -59.32 -39.75
C GLY I 52 -16.51 -60.82 -39.75
N ARG I 53 -16.50 -61.46 -40.93
CA ARG I 53 -16.26 -62.89 -41.03
C ARG I 53 -15.32 -63.18 -42.18
N GLY I 54 -14.35 -64.05 -41.94
CA GLY I 54 -13.42 -64.45 -42.99
C GLY I 54 -14.00 -65.40 -44.01
N ALA I 55 -15.05 -66.15 -43.65
CA ALA I 55 -15.65 -67.10 -44.59
C ALA I 55 -16.69 -66.40 -45.47
N PRO I 56 -16.77 -66.76 -46.74
CA PRO I 56 -17.87 -66.26 -47.57
C PRO I 56 -19.12 -67.09 -47.39
N LEU I 57 -20.26 -66.41 -47.46
CA LEU I 57 -21.57 -67.03 -47.39
C LEU I 57 -22.09 -67.32 -48.79
N ALA I 58 -23.15 -68.12 -48.87
CA ALA I 58 -23.73 -68.54 -50.14
C ALA I 58 -25.24 -68.59 -50.03
N LYS I 59 -25.93 -67.80 -50.87
CA LYS I 59 -27.39 -67.81 -50.90
C LYS I 59 -27.87 -68.99 -51.72
N VAL I 60 -28.35 -70.03 -51.05
CA VAL I 60 -28.71 -71.28 -51.70
C VAL I 60 -30.22 -71.37 -51.73
N VAL I 61 -30.77 -71.55 -52.91
CA VAL I 61 -32.21 -71.50 -53.13
C VAL I 61 -32.72 -72.93 -53.27
N PHE I 62 -33.44 -73.41 -52.26
CA PHE I 62 -34.27 -74.58 -52.42
C PHE I 62 -35.66 -74.13 -52.83
N ARG I 63 -36.63 -75.04 -52.79
CA ARG I 63 -38.02 -74.67 -52.96
C ARG I 63 -38.86 -75.46 -51.97
N ASP I 64 -39.70 -74.76 -51.20
CA ASP I 64 -40.36 -75.37 -50.05
C ASP I 64 -41.30 -76.48 -50.51
N PRO I 65 -41.08 -77.73 -50.10
CA PRO I 65 -41.94 -78.79 -50.61
C PRO I 65 -43.22 -78.91 -49.82
N TYR I 66 -43.79 -77.80 -49.49
CA TYR I 66 -45.14 -77.84 -48.93
C TYR I 66 -46.06 -76.79 -49.52
N ARG I 67 -45.54 -75.59 -49.78
CA ARG I 67 -46.28 -74.48 -50.34
C ARG I 67 -45.49 -73.92 -51.50
N PHE I 68 -46.18 -73.53 -52.56
CA PHE I 68 -45.51 -73.02 -53.73
C PHE I 68 -44.77 -71.74 -53.37
N LYS I 69 -43.45 -71.83 -53.27
CA LYS I 69 -42.63 -70.71 -52.81
C LYS I 69 -41.18 -71.10 -53.06
N LYS I 70 -40.25 -70.29 -52.56
CA LYS I 70 -38.83 -70.56 -52.73
C LYS I 70 -38.08 -70.14 -51.47
N ARG I 71 -37.80 -71.09 -50.60
CA ARG I 71 -36.96 -70.80 -49.44
C ARG I 71 -35.53 -70.51 -49.89
N THR I 72 -34.90 -69.52 -49.26
CA THR I 72 -33.51 -69.16 -49.53
C THR I 72 -32.72 -69.11 -48.22
N GLU I 73 -31.53 -69.71 -48.21
CA GLU I 73 -30.71 -69.87 -47.01
C GLU I 73 -29.39 -69.12 -47.14
N LEU I 74 -28.51 -69.31 -46.16
CA LEU I 74 -27.17 -68.73 -46.17
C LEU I 74 -26.25 -69.78 -45.56
N PHE I 75 -25.63 -70.59 -46.42
CA PHE I 75 -24.68 -71.59 -45.94
C PHE I 75 -23.27 -71.01 -45.95
N ILE I 76 -22.52 -71.36 -44.91
CA ILE I 76 -21.10 -71.07 -44.89
C ILE I 76 -20.47 -71.90 -46.00
N ALA I 77 -19.96 -71.23 -47.03
CA ALA I 77 -19.62 -71.89 -48.28
C ALA I 77 -18.41 -72.80 -48.09
N ALA I 78 -18.56 -74.07 -48.45
CA ALA I 78 -17.42 -74.96 -48.46
C ALA I 78 -16.51 -74.62 -49.63
N GLU I 79 -15.19 -74.75 -49.43
CA GLU I 79 -14.21 -74.39 -50.45
C GLU I 79 -14.35 -75.32 -51.65
N GLY I 80 -14.59 -74.72 -52.82
CA GLY I 80 -14.93 -75.45 -54.02
C GLY I 80 -16.30 -75.10 -54.56
N ILE I 81 -17.23 -74.73 -53.67
CA ILE I 81 -18.57 -74.33 -54.09
C ILE I 81 -18.46 -73.20 -55.09
N HIS I 82 -19.21 -73.32 -56.17
CA HIS I 82 -19.25 -72.24 -57.14
C HIS I 82 -20.70 -71.87 -57.41
N THR I 83 -20.90 -70.78 -58.12
CA THR I 83 -22.25 -70.38 -58.51
C THR I 83 -22.80 -71.35 -59.53
N GLY I 84 -24.07 -71.71 -59.37
CA GLY I 84 -24.73 -72.62 -60.27
C GLY I 84 -24.65 -74.07 -59.88
N GLN I 85 -23.76 -74.44 -58.95
CA GLN I 85 -23.69 -75.79 -58.45
C GLN I 85 -25.02 -76.20 -57.83
N PHE I 86 -25.30 -77.49 -57.87
CA PHE I 86 -26.47 -78.04 -57.20
C PHE I 86 -26.03 -78.60 -55.86
N VAL I 87 -26.57 -78.04 -54.80
CA VAL I 87 -26.29 -78.52 -53.45
C VAL I 87 -27.45 -79.44 -53.07
N TYR I 88 -27.15 -80.69 -52.73
CA TYR I 88 -28.16 -81.61 -52.27
C TYR I 88 -28.05 -81.83 -50.77
N CYS I 89 -29.19 -82.03 -50.13
CA CYS I 89 -29.27 -82.10 -48.68
C CYS I 89 -30.04 -83.33 -48.23
N GLY I 90 -29.66 -83.85 -47.09
CA GLY I 90 -30.50 -84.81 -46.42
C GLY I 90 -29.79 -86.13 -46.21
N LYS I 91 -30.59 -87.13 -45.84
CA LYS I 91 -30.06 -88.45 -45.51
C LYS I 91 -29.60 -89.20 -46.75
N LYS I 92 -30.37 -89.12 -47.83
CA LYS I 92 -30.07 -89.88 -49.04
C LYS I 92 -29.10 -89.17 -49.96
N ALA I 93 -28.61 -87.99 -49.58
CA ALA I 93 -27.65 -87.29 -50.39
C ALA I 93 -26.37 -88.10 -50.55
N GLN I 94 -25.64 -87.81 -51.62
CA GLN I 94 -24.38 -88.48 -51.92
C GLN I 94 -23.21 -87.63 -51.44
N LEU I 95 -22.09 -88.29 -51.17
CA LEU I 95 -20.94 -87.68 -50.48
C LEU I 95 -20.04 -86.94 -51.48
N ASN I 96 -20.26 -85.64 -51.64
CA ASN I 96 -19.30 -84.78 -52.33
C ASN I 96 -19.40 -83.37 -51.79
N ILE I 97 -18.49 -82.50 -52.25
CA ILE I 97 -18.30 -81.21 -51.61
C ILE I 97 -19.58 -80.39 -51.70
N GLY I 98 -20.00 -79.84 -50.56
CA GLY I 98 -21.14 -78.94 -50.51
C GLY I 98 -22.47 -79.59 -50.26
N ASN I 99 -22.52 -80.91 -50.13
CA ASN I 99 -23.75 -81.62 -49.82
C ASN I 99 -23.84 -81.83 -48.31
N VAL I 100 -24.94 -81.42 -47.71
CA VAL I 100 -25.12 -81.66 -46.29
C VAL I 100 -25.75 -83.04 -46.09
N LEU I 101 -25.13 -83.82 -45.21
CA LEU I 101 -25.53 -85.16 -44.85
C LEU I 101 -25.63 -85.26 -43.34
N PRO I 102 -26.27 -86.31 -42.83
CA PRO I 102 -26.08 -86.65 -41.41
C PRO I 102 -24.77 -87.39 -41.22
N VAL I 103 -24.00 -86.98 -40.21
CA VAL I 103 -22.68 -87.57 -39.98
C VAL I 103 -22.78 -89.07 -39.79
N GLY I 104 -23.93 -89.58 -39.35
CA GLY I 104 -24.10 -91.01 -39.22
C GLY I 104 -23.90 -91.77 -40.52
N THR I 105 -24.18 -91.12 -41.65
CA THR I 105 -24.16 -91.83 -42.93
C THR I 105 -22.76 -91.94 -43.51
N MET I 106 -22.05 -90.81 -43.60
CA MET I 106 -20.77 -90.78 -44.28
C MET I 106 -19.73 -91.60 -43.53
N PRO I 107 -18.72 -92.13 -44.24
CA PRO I 107 -17.74 -92.99 -43.58
C PRO I 107 -16.83 -92.22 -42.64
N GLU I 108 -15.92 -92.91 -41.99
CA GLU I 108 -14.92 -92.26 -41.16
C GLU I 108 -14.02 -91.35 -42.02
N GLY I 109 -13.17 -90.56 -41.35
CA GLY I 109 -12.19 -89.74 -42.05
C GLY I 109 -12.76 -88.66 -42.95
N THR I 110 -14.06 -88.66 -43.20
CA THR I 110 -14.67 -87.62 -44.02
C THR I 110 -14.39 -86.25 -43.41
N ILE I 111 -14.20 -85.27 -44.27
CA ILE I 111 -13.82 -83.93 -43.83
C ILE I 111 -15.04 -83.02 -44.00
N VAL I 112 -15.62 -82.59 -42.88
CA VAL I 112 -16.88 -81.87 -42.87
C VAL I 112 -16.70 -80.55 -42.14
N CYS I 113 -17.67 -79.66 -42.32
CA CYS I 113 -17.68 -78.40 -41.59
C CYS I 113 -19.13 -77.97 -41.40
N CYS I 114 -19.29 -76.87 -40.65
CA CYS I 114 -20.60 -76.34 -40.29
C CYS I 114 -21.45 -77.40 -39.58
N LEU I 115 -20.80 -78.22 -38.75
CA LEU I 115 -21.41 -79.33 -38.04
C LEU I 115 -22.32 -78.82 -36.92
N GLU I 116 -23.29 -79.67 -36.53
CA GLU I 116 -24.19 -79.39 -35.40
C GLU I 116 -23.76 -80.18 -34.17
N GLU I 117 -23.81 -79.54 -32.99
CA GLU I 117 -23.42 -80.26 -31.78
C GLU I 117 -24.58 -81.01 -31.13
N LYS I 118 -25.80 -80.51 -31.27
CA LYS I 118 -27.02 -81.23 -30.96
C LYS I 118 -27.88 -81.27 -32.21
N PRO I 119 -28.64 -82.33 -32.41
CA PRO I 119 -29.45 -82.44 -33.64
C PRO I 119 -30.43 -81.30 -33.78
N GLY I 120 -30.37 -80.62 -34.93
CA GLY I 120 -31.35 -79.62 -35.29
C GLY I 120 -30.93 -78.18 -35.06
N ASP I 121 -29.81 -77.94 -34.39
CA ASP I 121 -29.41 -76.57 -34.08
C ASP I 121 -28.86 -75.81 -35.29
N ARG I 122 -28.93 -76.37 -36.49
CA ARG I 122 -28.65 -75.61 -37.71
C ARG I 122 -27.21 -75.09 -37.76
N GLY I 123 -26.26 -75.89 -37.30
CA GLY I 123 -24.87 -75.70 -37.65
C GLY I 123 -24.11 -74.86 -36.65
N LYS I 124 -23.18 -75.46 -35.94
CA LYS I 124 -22.52 -74.70 -34.90
C LYS I 124 -21.00 -74.83 -34.92
N LEU I 125 -20.49 -76.02 -35.24
CA LEU I 125 -19.08 -76.33 -35.05
C LEU I 125 -18.30 -76.20 -36.35
N ALA I 126 -17.04 -75.78 -36.21
CA ALA I 126 -16.05 -75.88 -37.28
C ALA I 126 -16.50 -75.12 -38.53
N ARG I 127 -16.66 -73.80 -38.40
CA ARG I 127 -17.17 -73.01 -39.50
C ARG I 127 -16.46 -71.69 -39.65
N ALA I 128 -15.18 -71.59 -39.29
CA ALA I 128 -14.64 -70.25 -39.17
C ALA I 128 -14.20 -69.62 -40.48
N SER I 129 -13.05 -70.01 -41.03
CA SER I 129 -12.75 -69.59 -42.39
C SER I 129 -11.99 -70.68 -43.11
N GLY I 130 -11.31 -71.53 -42.37
CA GLY I 130 -10.45 -72.47 -43.03
C GLY I 130 -10.42 -73.76 -42.26
N ASN I 131 -11.40 -73.91 -41.38
CA ASN I 131 -11.42 -75.05 -40.46
C ASN I 131 -12.32 -76.15 -40.96
N TYR I 132 -12.07 -77.34 -40.46
CA TYR I 132 -12.87 -78.49 -40.80
C TYR I 132 -12.92 -79.40 -39.59
N ALA I 133 -13.76 -80.41 -39.67
CA ALA I 133 -13.87 -81.37 -38.60
C ALA I 133 -13.91 -82.75 -39.22
N THR I 134 -12.97 -83.60 -38.82
CA THR I 134 -12.86 -84.94 -39.37
C THR I 134 -13.70 -85.90 -38.56
N VAL I 135 -14.50 -86.69 -39.25
CA VAL I 135 -15.25 -87.77 -38.62
C VAL I 135 -14.29 -88.92 -38.32
N ILE I 136 -14.41 -89.48 -37.13
CA ILE I 136 -13.43 -90.46 -36.65
C ILE I 136 -13.96 -91.88 -36.76
N SER I 137 -15.02 -92.17 -36.02
CA SER I 137 -15.49 -93.54 -35.97
C SER I 137 -16.94 -93.53 -35.51
N HIS I 138 -17.67 -94.56 -35.90
CA HIS I 138 -19.09 -94.66 -35.60
C HIS I 138 -19.35 -95.57 -34.42
N ASN I 139 -20.60 -95.60 -34.03
CA ASN I 139 -21.09 -96.57 -33.05
C ASN I 139 -22.55 -96.77 -33.40
N PRO I 140 -22.88 -97.88 -34.08
CA PRO I 140 -24.22 -98.04 -34.66
C PRO I 140 -25.34 -97.93 -33.63
N GLU I 141 -25.35 -98.80 -32.63
CA GLU I 141 -26.27 -98.62 -31.52
C GLU I 141 -25.76 -97.50 -30.61
N THR I 142 -26.68 -96.93 -29.82
CA THR I 142 -26.48 -95.72 -29.03
C THR I 142 -26.36 -94.51 -29.96
N LYS I 143 -26.34 -94.79 -31.26
CA LYS I 143 -26.41 -93.77 -32.31
C LYS I 143 -25.49 -92.59 -32.02
N LYS I 144 -24.22 -92.88 -31.75
CA LYS I 144 -23.27 -91.82 -31.47
C LYS I 144 -22.07 -91.93 -32.40
N THR I 145 -21.34 -90.82 -32.52
CA THR I 145 -20.20 -90.73 -33.41
C THR I 145 -19.14 -89.83 -32.81
N ARG I 146 -17.87 -90.19 -33.00
CA ARG I 146 -16.75 -89.43 -32.47
C ARG I 146 -16.18 -88.53 -33.56
N VAL I 147 -15.95 -87.26 -33.23
CA VAL I 147 -15.62 -86.23 -34.21
C VAL I 147 -14.47 -85.39 -33.66
N LYS I 148 -13.46 -85.12 -34.49
CA LYS I 148 -12.34 -84.28 -34.11
C LYS I 148 -12.57 -82.85 -34.60
N LEU I 149 -12.49 -81.89 -33.67
CA LEU I 149 -12.70 -80.49 -33.97
C LEU I 149 -11.36 -79.81 -34.25
N PRO I 150 -11.40 -78.58 -34.78
CA PRO I 150 -10.14 -77.89 -35.10
C PRO I 150 -9.25 -77.64 -33.90
N SER I 151 -9.83 -77.55 -32.71
CA SER I 151 -9.01 -77.44 -31.50
C SER I 151 -8.23 -78.70 -31.21
N GLY I 152 -8.53 -79.79 -31.90
CA GLY I 152 -7.90 -81.06 -31.65
C GLY I 152 -8.58 -81.91 -30.61
N SER I 153 -9.52 -81.35 -29.87
CA SER I 153 -10.33 -82.14 -28.96
C SER I 153 -11.29 -83.03 -29.73
N LYS I 154 -11.60 -84.17 -29.15
CA LYS I 154 -12.51 -85.14 -29.76
C LYS I 154 -13.78 -85.22 -28.93
N LYS I 155 -14.92 -85.16 -29.61
CA LYS I 155 -16.22 -85.03 -28.99
C LYS I 155 -17.14 -86.12 -29.50
N VAL I 156 -17.88 -86.73 -28.60
CA VAL I 156 -18.90 -87.72 -28.95
C VAL I 156 -20.18 -86.98 -29.28
N ILE I 157 -20.70 -87.20 -30.48
CA ILE I 157 -21.86 -86.51 -31.01
C ILE I 157 -22.90 -87.54 -31.40
N SER I 158 -24.18 -87.21 -31.22
CA SER I 158 -25.25 -88.11 -31.65
C SER I 158 -25.29 -88.19 -33.17
N SER I 159 -25.43 -89.41 -33.70
CA SER I 159 -25.25 -89.64 -35.13
C SER I 159 -26.27 -88.92 -35.99
N ALA I 160 -27.30 -88.34 -35.39
CA ALA I 160 -28.37 -87.76 -36.18
C ALA I 160 -27.92 -86.49 -36.88
N ASN I 161 -27.21 -85.61 -36.16
CA ASN I 161 -27.05 -84.24 -36.61
C ASN I 161 -26.21 -84.15 -37.88
N ARG I 162 -26.43 -83.08 -38.62
CA ARG I 162 -25.96 -82.92 -39.99
C ARG I 162 -24.74 -82.01 -40.04
N ALA I 163 -24.06 -82.04 -41.18
CA ALA I 163 -22.85 -81.27 -41.42
C ALA I 163 -22.51 -81.26 -42.91
N VAL I 164 -22.21 -80.09 -43.47
CA VAL I 164 -21.86 -80.02 -44.90
C VAL I 164 -20.47 -80.61 -45.10
N VAL I 165 -20.25 -81.16 -46.28
CA VAL I 165 -19.00 -81.84 -46.59
C VAL I 165 -18.03 -80.85 -47.22
N GLY I 166 -16.76 -80.97 -46.85
CA GLY I 166 -15.72 -80.10 -47.34
C GLY I 166 -15.19 -79.17 -46.26
N VAL I 167 -14.28 -78.31 -46.68
CA VAL I 167 -13.64 -77.37 -45.78
C VAL I 167 -14.24 -75.98 -46.01
N VAL I 168 -14.15 -75.14 -44.98
CA VAL I 168 -14.67 -73.79 -45.07
C VAL I 168 -13.79 -72.96 -45.99
N ALA I 169 -14.41 -72.20 -46.89
CA ALA I 169 -13.67 -71.44 -47.89
C ALA I 169 -13.01 -70.22 -47.29
N GLY I 170 -11.80 -69.92 -47.75
CA GLY I 170 -11.08 -68.76 -47.27
C GLY I 170 -9.95 -69.13 -46.34
N GLY I 171 -9.27 -70.23 -46.67
CA GLY I 171 -8.22 -70.74 -45.82
C GLY I 171 -6.93 -69.92 -45.93
N GLY I 172 -6.26 -69.77 -44.80
CA GLY I 172 -5.03 -69.03 -44.75
C GLY I 172 -5.19 -67.55 -44.49
N ARG I 173 -6.37 -67.11 -44.06
CA ARG I 173 -6.58 -65.70 -43.76
C ARG I 173 -5.61 -65.18 -42.71
N ILE I 174 -5.05 -66.06 -41.88
CA ILE I 174 -4.10 -65.62 -40.87
C ILE I 174 -2.68 -65.55 -41.39
N ASP I 175 -2.45 -65.87 -42.66
CA ASP I 175 -1.10 -66.08 -43.14
C ASP I 175 -0.43 -64.78 -43.56
N LYS I 176 -1.19 -63.83 -44.09
CA LYS I 176 -0.64 -62.55 -44.50
C LYS I 176 -0.60 -61.59 -43.32
N PRO I 177 0.56 -61.02 -42.99
CA PRO I 177 0.63 -60.13 -41.83
C PRO I 177 -0.25 -58.90 -42.02
N ILE I 178 -0.99 -58.53 -40.96
CA ILE I 178 -1.80 -57.32 -40.98
C ILE I 178 -0.96 -56.14 -41.46
N LEU I 179 0.24 -55.99 -40.92
CA LEU I 179 1.35 -55.19 -41.43
C LEU I 179 1.23 -53.70 -41.17
N LYS I 180 0.09 -53.18 -40.71
CA LYS I 180 0.09 -51.78 -40.31
C LYS I 180 -1.13 -51.49 -39.48
N ALA I 181 -0.96 -50.62 -38.48
CA ALA I 181 -2.01 -50.41 -37.50
C ALA I 181 -3.31 -49.98 -38.16
N GLY I 182 -3.24 -49.34 -39.31
CA GLY I 182 -4.46 -49.00 -40.03
C GLY I 182 -5.27 -50.23 -40.38
N ARG I 183 -4.63 -51.25 -40.93
CA ARG I 183 -5.38 -52.42 -41.35
C ARG I 183 -6.00 -53.14 -40.19
N ALA I 184 -5.59 -52.86 -38.96
CA ALA I 184 -6.23 -53.50 -37.83
C ALA I 184 -7.48 -52.74 -37.42
N TYR I 185 -7.35 -51.42 -37.19
CA TYR I 185 -8.51 -50.60 -36.90
C TYR I 185 -9.56 -50.79 -37.97
N HIS I 186 -9.12 -50.77 -39.22
CA HIS I 186 -10.00 -50.94 -40.35
C HIS I 186 -10.62 -52.34 -40.39
N LYS I 187 -10.06 -53.30 -39.64
CA LYS I 187 -10.55 -54.67 -39.60
C LYS I 187 -11.56 -54.90 -38.49
N TYR I 188 -11.24 -54.45 -37.28
CA TYR I 188 -12.20 -54.56 -36.19
C TYR I 188 -13.34 -53.55 -36.32
N LYS I 189 -13.26 -52.61 -37.27
CA LYS I 189 -14.35 -51.66 -37.44
C LYS I 189 -15.49 -52.27 -38.08
N ALA I 190 -15.45 -53.58 -38.17
CA ALA I 190 -16.55 -54.39 -38.66
C ALA I 190 -16.95 -55.46 -37.67
N LYS I 191 -16.27 -55.59 -36.54
CA LYS I 191 -16.60 -56.64 -35.59
C LYS I 191 -17.18 -56.11 -34.28
N ARG I 192 -16.45 -55.26 -33.56
CA ARG I 192 -16.89 -54.67 -32.29
C ARG I 192 -15.75 -53.80 -31.79
N ASN I 193 -16.04 -53.03 -30.74
CA ASN I 193 -15.03 -52.13 -30.19
C ASN I 193 -14.15 -52.89 -29.21
N CYS I 194 -13.22 -53.66 -29.76
CA CYS I 194 -12.13 -54.23 -28.99
C CYS I 194 -10.87 -53.95 -29.79
N TRP I 195 -10.39 -52.76 -29.66
CA TRP I 195 -9.13 -52.39 -30.28
C TRP I 195 -8.55 -51.29 -29.44
N PRO I 196 -7.54 -50.59 -29.93
CA PRO I 196 -6.22 -50.72 -29.32
C PRO I 196 -6.32 -51.05 -27.86
N ARG I 197 -5.79 -52.22 -27.52
CA ARG I 197 -5.89 -52.74 -26.18
C ARG I 197 -4.72 -52.22 -25.36
N VAL I 198 -5.03 -51.49 -24.32
CA VAL I 198 -3.99 -50.91 -23.46
C VAL I 198 -3.55 -51.95 -22.45
N ARG I 199 -2.24 -52.13 -22.30
CA ARG I 199 -1.78 -53.08 -21.30
C ARG I 199 -2.01 -52.52 -19.90
N GLY I 200 -2.29 -53.44 -18.98
CA GLY I 200 -2.66 -53.03 -17.64
C GLY I 200 -1.55 -52.32 -16.90
N VAL I 201 -0.29 -52.67 -17.20
CA VAL I 201 0.81 -52.06 -16.49
C VAL I 201 0.88 -50.56 -16.73
N ALA I 202 0.20 -50.06 -17.77
CA ALA I 202 0.23 -48.63 -18.05
C ALA I 202 -0.90 -47.86 -17.36
N MET I 203 -1.85 -48.54 -16.75
CA MET I 203 -2.95 -47.87 -16.09
C MET I 203 -2.64 -47.68 -14.60
N ASN I 204 -3.31 -46.70 -14.00
CA ASN I 204 -3.14 -46.46 -12.57
C ASN I 204 -3.86 -47.54 -11.78
N PRO I 205 -3.37 -47.86 -10.58
CA PRO I 205 -3.90 -49.01 -9.85
C PRO I 205 -5.38 -48.96 -9.53
N VAL I 206 -6.06 -47.85 -9.82
CA VAL I 206 -7.49 -47.81 -9.60
C VAL I 206 -8.26 -48.44 -10.74
N GLU I 207 -7.62 -48.57 -11.90
CA GLU I 207 -8.29 -49.05 -13.10
C GLU I 207 -7.97 -50.49 -13.43
N HIS I 208 -6.85 -51.00 -12.97
CA HIS I 208 -6.51 -52.35 -13.36
C HIS I 208 -5.48 -52.93 -12.40
N PRO I 209 -5.69 -54.16 -11.90
CA PRO I 209 -4.88 -54.62 -10.76
C PRO I 209 -3.39 -54.71 -11.04
N PHE I 210 -2.96 -54.66 -12.30
CA PHE I 210 -1.54 -54.72 -12.62
C PHE I 210 -0.90 -53.35 -12.75
N GLY I 211 -1.47 -52.36 -12.08
CA GLY I 211 -1.13 -50.97 -12.32
C GLY I 211 -0.04 -50.44 -11.42
N GLY I 212 0.05 -49.13 -11.38
CA GLY I 212 0.94 -48.41 -10.48
C GLY I 212 2.41 -48.73 -10.60
N GLY I 213 3.19 -48.11 -9.74
CA GLY I 213 4.60 -48.39 -9.58
C GLY I 213 5.47 -47.30 -10.18
N ASN I 214 6.65 -47.13 -9.60
CA ASN I 214 7.61 -46.21 -10.21
C ASN I 214 8.42 -46.87 -11.31
N HIS I 215 8.25 -48.18 -11.53
CA HIS I 215 8.50 -48.79 -12.82
C HIS I 215 7.26 -49.52 -13.28
N GLN I 216 7.17 -49.66 -14.60
CA GLN I 216 6.08 -50.37 -15.25
C GLN I 216 6.35 -51.87 -15.08
N HIS I 217 6.07 -52.36 -13.89
CA HIS I 217 6.16 -53.78 -13.58
C HIS I 217 4.80 -54.28 -13.10
N ILE I 218 4.66 -55.60 -13.07
CA ILE I 218 3.38 -56.18 -12.70
C ILE I 218 3.20 -56.17 -11.19
N GLY I 219 4.11 -56.83 -10.46
CA GLY I 219 4.05 -56.76 -9.03
C GLY I 219 3.61 -58.04 -8.33
N LYS I 220 2.57 -58.71 -8.83
CA LYS I 220 2.18 -59.97 -8.23
C LYS I 220 2.02 -61.00 -9.34
N PRO I 221 2.16 -62.29 -9.01
CA PRO I 221 2.07 -63.34 -10.04
C PRO I 221 0.88 -63.16 -10.98
N SER I 222 1.17 -63.22 -12.28
CA SER I 222 0.16 -62.99 -13.32
C SER I 222 -0.77 -64.16 -13.54
N THR I 223 -0.46 -65.33 -13.00
CA THR I 223 -1.40 -66.43 -12.97
C THR I 223 -2.40 -66.21 -11.84
N ILE I 224 -3.67 -66.59 -12.06
CA ILE I 224 -4.73 -66.22 -11.15
C ILE I 224 -5.72 -67.37 -11.00
N ARG I 225 -6.34 -67.45 -9.82
CA ARG I 225 -7.33 -68.51 -9.56
C ARG I 225 -8.48 -68.44 -10.54
N ARG I 226 -8.95 -69.62 -10.96
CA ARG I 226 -10.21 -69.66 -11.70
C ARG I 226 -11.37 -69.24 -10.82
N ASP I 227 -11.26 -69.47 -9.51
CA ASP I 227 -12.24 -69.02 -8.54
C ASP I 227 -11.96 -67.58 -8.16
N ALA I 228 -11.82 -66.79 -9.10
CA ALA I 228 -11.54 -65.41 -8.73
C ALA I 228 -12.79 -64.56 -8.81
N PRO I 229 -12.82 -63.48 -8.05
CA PRO I 229 -13.84 -62.46 -8.28
C PRO I 229 -13.57 -61.71 -9.58
N ALA I 230 -14.66 -61.27 -10.22
CA ALA I 230 -14.55 -60.47 -11.44
C ALA I 230 -13.83 -59.16 -11.15
N GLY I 231 -12.77 -58.90 -11.91
CA GLY I 231 -11.98 -57.72 -11.64
C GLY I 231 -10.57 -58.10 -11.24
N ARG I 232 -10.42 -59.10 -10.38
CA ARG I 232 -9.10 -59.67 -10.22
C ARG I 232 -8.77 -60.63 -11.33
N LYS I 233 -9.79 -61.29 -11.88
CA LYS I 233 -9.59 -62.41 -12.80
C LYS I 233 -9.09 -61.85 -14.12
N VAL I 234 -7.78 -61.56 -14.13
CA VAL I 234 -7.09 -60.86 -15.22
C VAL I 234 -5.68 -61.42 -15.31
N GLY I 235 -5.16 -61.50 -16.54
CA GLY I 235 -3.85 -62.11 -16.74
C GLY I 235 -3.98 -63.54 -17.21
N LEU I 236 -3.17 -64.47 -16.71
CA LEU I 236 -3.25 -65.86 -17.15
C LEU I 236 -4.30 -66.57 -16.29
N ILE I 237 -5.47 -66.82 -16.87
CA ILE I 237 -6.61 -67.34 -16.12
C ILE I 237 -6.42 -68.84 -15.93
N ALA I 238 -6.20 -69.27 -14.70
CA ALA I 238 -6.17 -70.69 -14.38
C ALA I 238 -5.16 -71.43 -15.26
N ALA I 239 -4.01 -70.80 -15.50
CA ALA I 239 -2.96 -71.40 -16.33
C ALA I 239 -2.46 -72.70 -15.72
N ARG I 240 -2.33 -73.74 -16.56
CA ARG I 240 -1.77 -75.00 -16.09
C ARG I 240 -0.25 -75.04 -16.22
N ARG I 241 0.26 -74.50 -17.31
CA ARG I 241 1.67 -74.17 -17.43
C ARG I 241 1.75 -72.68 -17.72
N THR I 242 2.95 -72.18 -17.91
CA THR I 242 3.11 -70.81 -18.39
C THR I 242 4.53 -70.68 -18.94
N GLY I 243 4.66 -70.76 -20.25
CA GLY I 243 5.97 -70.63 -20.88
C GLY I 243 6.01 -71.49 -22.13
N ARG I 244 6.89 -71.10 -23.05
CA ARG I 244 6.88 -71.66 -24.40
C ARG I 244 7.20 -73.17 -24.49
N SER J 1 26.67 -10.03 -0.40
CA SER J 1 27.97 -10.46 -0.88
C SER J 1 28.62 -9.38 -1.71
N HIS J 2 29.87 -9.62 -2.06
CA HIS J 2 30.60 -8.63 -2.83
C HIS J 2 30.31 -8.76 -4.32
N ARG J 3 30.79 -7.79 -5.07
CA ARG J 3 30.76 -7.84 -6.52
C ARG J 3 31.76 -8.89 -7.02
N LYS J 4 31.34 -9.77 -7.94
CA LYS J 4 32.23 -10.85 -8.37
C LYS J 4 33.45 -10.29 -9.08
N PHE J 5 33.24 -9.56 -10.17
CA PHE J 5 34.32 -8.96 -10.94
C PHE J 5 34.19 -7.45 -10.86
N SER J 6 35.17 -6.81 -10.24
CA SER J 6 35.11 -5.37 -10.03
C SER J 6 35.22 -4.64 -11.35
N ALA J 7 34.76 -3.39 -11.34
CA ALA J 7 34.77 -2.54 -12.52
C ALA J 7 34.64 -1.10 -12.05
N PRO J 8 35.10 -0.13 -12.86
CA PRO J 8 34.94 1.27 -12.48
C PRO J 8 33.46 1.65 -12.41
N ARG J 9 33.24 2.88 -11.96
CA ARG J 9 31.90 3.43 -11.93
C ARG J 9 31.64 4.21 -13.22
N HIS J 10 30.37 4.36 -13.55
CA HIS J 10 29.97 5.06 -14.76
C HIS J 10 29.69 6.52 -14.45
N GLY J 11 30.54 7.40 -14.98
CA GLY J 11 30.21 8.82 -14.99
C GLY J 11 30.57 9.52 -13.70
N SER J 12 31.25 10.65 -13.78
CA SER J 12 31.81 11.22 -12.55
C SER J 12 30.73 11.91 -11.72
N LEU J 13 30.78 11.65 -10.40
CA LEU J 13 29.94 12.41 -9.45
C LEU J 13 30.34 13.86 -9.38
N GLY J 14 31.52 14.23 -9.88
CA GLY J 14 32.01 15.59 -9.79
C GLY J 14 31.27 16.52 -10.71
N PHE J 15 30.12 16.09 -11.17
CA PHE J 15 29.34 16.89 -12.10
C PHE J 15 27.85 16.79 -11.82
N LEU J 16 27.43 16.34 -10.66
CA LEU J 16 26.17 15.62 -10.79
C LEU J 16 24.98 16.20 -10.02
N PRO J 17 24.73 17.45 -10.08
CA PRO J 17 23.34 17.89 -10.09
C PRO J 17 22.92 18.14 -11.53
N ARG J 18 23.00 17.10 -12.35
CA ARG J 18 23.05 17.17 -13.82
C ARG J 18 21.69 17.65 -14.29
N LYS J 19 21.53 18.96 -14.21
CA LYS J 19 20.28 19.63 -14.49
C LYS J 19 20.48 20.56 -15.67
N ARG J 20 19.37 20.92 -16.29
CA ARG J 20 19.37 22.01 -17.24
C ARG J 20 19.99 23.23 -16.59
N SER J 21 21.02 23.79 -17.24
CA SER J 21 21.74 24.92 -16.66
C SER J 21 20.82 26.11 -16.45
N SER J 22 21.03 26.83 -15.35
CA SER J 22 20.16 27.95 -15.00
C SER J 22 20.48 29.23 -15.74
N ARG J 23 21.68 29.35 -16.31
CA ARG J 23 22.09 30.49 -17.13
C ARG J 23 22.28 30.03 -18.57
N HIS J 24 22.46 31.01 -19.46
CA HIS J 24 22.70 30.70 -20.86
C HIS J 24 24.08 31.11 -21.34
N ARG J 25 24.46 32.38 -21.17
CA ARG J 25 25.83 32.77 -21.42
C ARG J 25 26.72 32.14 -20.35
N GLY J 26 27.82 31.53 -20.79
CA GLY J 26 28.76 30.91 -19.86
C GLY J 26 29.29 31.83 -18.78
N LYS J 27 28.99 31.53 -17.52
CA LYS J 27 29.42 32.37 -16.42
C LYS J 27 30.80 31.94 -15.94
N VAL J 28 31.71 32.90 -15.83
CA VAL J 28 33.04 32.62 -15.30
C VAL J 28 32.93 32.47 -13.79
N LYS J 29 33.34 31.33 -13.27
CA LYS J 29 33.19 31.09 -11.85
C LYS J 29 34.42 31.50 -11.06
N SER J 30 35.55 31.75 -11.72
CA SER J 30 36.77 32.17 -11.04
C SER J 30 37.67 32.86 -12.05
N PHE J 31 38.04 34.03 -11.77
CA PHE J 31 38.97 34.75 -12.62
C PHE J 31 40.40 34.57 -12.12
N PRO J 32 41.39 34.73 -12.99
CA PRO J 32 42.78 34.48 -12.58
C PRO J 32 43.23 35.41 -11.47
N LYS J 33 44.13 34.90 -10.62
CA LYS J 33 44.64 35.69 -9.50
C LYS J 33 45.46 36.85 -10.04
N ASP J 34 45.07 38.06 -9.64
CA ASP J 34 45.63 39.29 -10.23
C ASP J 34 47.00 39.59 -9.60
N ASP J 35 48.05 39.29 -10.34
CA ASP J 35 49.39 39.70 -9.93
C ASP J 35 49.55 41.18 -10.16
N SER J 36 49.74 41.93 -9.08
CA SER J 36 49.73 43.40 -9.18
C SER J 36 51.09 43.96 -9.54
N SER J 37 51.72 43.39 -10.55
CA SER J 37 52.92 43.98 -11.12
C SER J 37 52.85 44.11 -12.62
N LYS J 38 52.24 43.14 -13.30
CA LYS J 38 52.10 43.19 -14.75
C LYS J 38 51.05 44.23 -15.13
N PRO J 39 51.09 44.73 -16.38
CA PRO J 39 50.18 45.82 -16.78
C PRO J 39 48.72 45.41 -16.78
N VAL J 40 47.82 46.34 -17.09
CA VAL J 40 46.39 46.07 -17.02
C VAL J 40 45.91 45.43 -18.32
N HIS J 41 44.99 44.49 -18.20
CA HIS J 41 44.43 43.78 -19.32
C HIS J 41 43.08 43.20 -18.91
N LEU J 42 42.34 42.71 -19.89
CA LEU J 42 41.12 41.97 -19.62
C LEU J 42 41.44 40.48 -19.58
N THR J 43 40.65 39.74 -18.81
CA THR J 43 40.88 38.30 -18.64
C THR J 43 39.91 37.44 -19.43
N ALA J 44 38.80 37.99 -19.89
CA ALA J 44 37.78 37.19 -20.54
C ALA J 44 37.27 37.90 -21.78
N PHE J 45 36.54 37.16 -22.60
CA PHE J 45 35.92 37.69 -23.80
C PHE J 45 34.62 36.93 -24.05
N LEU J 46 33.99 37.18 -25.20
CA LEU J 46 32.65 36.68 -25.47
C LEU J 46 32.51 36.46 -26.98
N GLY J 47 32.61 35.20 -27.41
CA GLY J 47 32.52 34.89 -28.83
C GLY J 47 31.33 34.04 -29.20
N TYR J 48 31.24 33.62 -30.47
CA TYR J 48 30.10 32.81 -30.94
C TYR J 48 30.60 31.63 -31.76
N LYS J 49 30.27 30.41 -31.32
CA LYS J 49 30.71 29.24 -32.06
C LYS J 49 30.05 29.20 -33.43
N ALA J 50 30.86 29.01 -34.47
CA ALA J 50 30.42 29.10 -35.86
C ALA J 50 30.42 27.76 -36.58
N GLY J 51 31.51 27.01 -36.53
CA GLY J 51 31.57 25.75 -37.22
C GLY J 51 32.90 25.10 -36.94
N MET J 52 33.39 24.24 -37.84
CA MET J 52 34.73 23.71 -37.70
C MET J 52 35.33 23.54 -39.09
N THR J 53 36.60 23.10 -39.13
CA THR J 53 37.31 22.91 -40.39
C THR J 53 38.66 22.23 -40.13
N HIS J 54 39.34 21.85 -41.23
CA HIS J 54 40.68 21.28 -41.18
C HIS J 54 41.75 22.34 -41.16
N ILE J 55 42.81 22.06 -40.44
CA ILE J 55 44.02 22.87 -40.48
C ILE J 55 45.16 21.98 -40.92
N VAL J 56 46.14 22.58 -41.59
CA VAL J 56 47.36 21.86 -41.91
C VAL J 56 48.53 22.66 -41.37
N ARG J 57 49.38 21.99 -40.59
CA ARG J 57 50.49 22.69 -39.97
C ARG J 57 51.69 21.76 -39.82
N GLU J 58 52.85 22.36 -39.64
CA GLU J 58 54.08 21.65 -39.33
C GLU J 58 54.23 21.53 -37.83
N VAL J 59 54.78 20.41 -37.39
CA VAL J 59 54.92 20.10 -35.98
C VAL J 59 56.39 20.22 -35.58
N ASP J 60 56.62 20.77 -34.39
CA ASP J 60 57.96 20.85 -33.80
C ASP J 60 57.90 20.36 -32.36
N ARG J 61 58.04 19.05 -32.18
CA ARG J 61 58.23 18.47 -30.86
C ARG J 61 59.27 17.38 -31.04
N PRO J 62 60.56 17.75 -30.99
CA PRO J 62 61.62 16.80 -31.34
C PRO J 62 61.59 15.57 -30.45
N GLY J 63 61.91 14.42 -31.04
CA GLY J 63 61.82 13.15 -30.35
C GLY J 63 60.54 12.39 -30.61
N SER J 64 59.55 13.02 -31.24
CA SER J 64 58.30 12.36 -31.58
C SER J 64 58.34 11.84 -33.01
N LYS J 65 57.42 10.93 -33.31
CA LYS J 65 57.36 10.35 -34.65
C LYS J 65 56.95 11.38 -35.70
N VAL J 66 56.33 12.47 -35.28
CA VAL J 66 55.71 13.39 -36.20
C VAL J 66 56.42 14.74 -36.12
N ASN J 67 57.72 14.69 -35.87
CA ASN J 67 58.50 15.91 -35.89
C ASN J 67 58.86 16.26 -37.33
N LYS J 68 58.52 17.49 -37.74
CA LYS J 68 58.73 17.97 -39.10
C LYS J 68 57.92 17.15 -40.11
N LYS J 69 56.72 16.76 -39.71
CA LYS J 69 55.73 16.18 -40.61
C LYS J 69 54.51 17.09 -40.61
N GLU J 70 53.63 16.90 -41.57
CA GLU J 70 52.42 17.69 -41.65
C GLU J 70 51.26 16.90 -41.05
N VAL J 71 50.50 17.54 -40.18
CA VAL J 71 49.31 16.92 -39.62
C VAL J 71 48.10 17.76 -40.00
N VAL J 72 46.92 17.16 -39.82
CA VAL J 72 45.67 17.89 -39.91
C VAL J 72 45.07 17.98 -38.52
N GLU J 73 44.55 19.16 -38.19
CA GLU J 73 43.90 19.42 -36.92
C GLU J 73 42.54 20.02 -37.19
N ALA J 74 41.51 19.46 -36.56
CA ALA J 74 40.19 20.06 -36.62
C ALA J 74 40.16 21.27 -35.70
N VAL J 75 39.64 22.39 -36.20
CA VAL J 75 39.61 23.62 -35.43
C VAL J 75 38.21 24.22 -35.49
N THR J 76 37.72 24.68 -34.34
CA THR J 76 36.55 25.53 -34.34
C THR J 76 36.96 26.96 -34.69
N ILE J 77 35.98 27.76 -35.09
CA ILE J 77 36.17 29.19 -35.32
C ILE J 77 35.11 29.92 -34.54
N VAL J 78 35.53 30.80 -33.65
CA VAL J 78 34.65 31.52 -32.74
C VAL J 78 34.57 32.95 -33.27
N GLU J 79 33.48 33.30 -33.94
CA GLU J 79 33.33 34.66 -34.42
C GLU J 79 33.19 35.61 -33.23
N THR J 80 34.07 36.61 -33.19
CA THR J 80 34.28 37.43 -31.99
C THR J 80 34.45 38.90 -32.38
N PRO J 81 33.34 39.60 -32.62
CA PRO J 81 33.42 41.04 -32.91
C PRO J 81 33.89 41.80 -31.69
N PRO J 82 34.38 43.02 -31.85
CA PRO J 82 34.87 43.79 -30.69
C PRO J 82 33.75 44.09 -29.71
N MET J 83 34.04 43.90 -28.43
CA MET J 83 33.10 44.18 -27.36
C MET J 83 33.20 45.65 -26.93
N ILE J 84 32.10 46.15 -26.37
CA ILE J 84 32.00 47.53 -25.96
C ILE J 84 31.91 47.59 -24.44
N VAL J 85 32.67 48.49 -23.84
CA VAL J 85 32.59 48.73 -22.41
C VAL J 85 31.50 49.75 -22.13
N VAL J 86 30.65 49.46 -21.14
CA VAL J 86 29.58 50.35 -20.75
C VAL J 86 29.69 50.80 -19.30
N GLY J 87 30.07 49.91 -18.39
CA GLY J 87 30.14 50.28 -16.99
C GLY J 87 31.26 49.57 -16.28
N ILE J 88 31.59 50.06 -15.09
CA ILE J 88 32.54 49.42 -14.20
C ILE J 88 31.86 49.18 -12.86
N VAL J 89 32.34 48.16 -12.16
CA VAL J 89 31.74 47.72 -10.90
C VAL J 89 32.87 47.42 -9.92
N GLY J 90 32.66 47.78 -8.66
CA GLY J 90 33.64 47.58 -7.62
C GLY J 90 33.23 46.48 -6.67
N TYR J 91 34.22 45.80 -6.10
CA TYR J 91 34.01 44.73 -5.14
C TYR J 91 34.92 44.96 -3.95
N VAL J 92 34.45 44.65 -2.76
CA VAL J 92 35.24 44.83 -1.56
C VAL J 92 35.23 43.53 -0.76
N GLU J 93 36.37 43.21 -0.14
CA GLU J 93 36.55 41.92 0.52
C GLU J 93 36.01 41.94 1.95
N THR J 94 35.16 40.98 2.26
CA THR J 94 34.49 40.83 3.54
C THR J 94 34.79 39.45 4.12
N PRO J 95 34.67 39.28 5.44
CA PRO J 95 34.67 37.93 5.99
C PRO J 95 33.58 37.07 5.37
N ARG J 96 32.37 37.63 5.26
CA ARG J 96 31.24 36.89 4.74
C ARG J 96 31.35 36.59 3.25
N GLY J 97 32.35 37.13 2.55
CA GLY J 97 32.51 36.84 1.14
C GLY J 97 33.25 37.90 0.35
N LEU J 98 32.67 38.32 -0.78
CA LEU J 98 33.25 39.31 -1.70
C LEU J 98 32.10 40.14 -2.28
N ARG J 99 31.76 41.23 -1.59
CA ARG J 99 30.57 42.00 -1.91
C ARG J 99 30.84 43.02 -3.00
N THR J 100 29.76 43.55 -3.56
CA THR J 100 29.84 44.51 -4.66
C THR J 100 29.58 45.92 -4.14
N PHE J 101 30.47 46.84 -4.52
CA PHE J 101 30.42 48.22 -4.02
C PHE J 101 29.46 49.09 -4.82
N LYS J 102 29.77 49.29 -6.09
CA LYS J 102 29.32 50.49 -6.80
C LYS J 102 29.38 50.21 -8.30
N THR J 103 28.23 50.14 -8.94
CA THR J 103 28.17 50.03 -10.39
C THR J 103 27.90 51.42 -10.96
N ILE J 104 28.69 51.81 -11.96
CA ILE J 104 28.63 53.14 -12.54
C ILE J 104 28.62 52.98 -14.05
N PHE J 105 27.46 53.18 -14.66
CA PHE J 105 27.38 53.03 -16.11
C PHE J 105 27.71 54.35 -16.79
N ALA J 106 28.06 54.25 -18.07
CA ALA J 106 28.51 55.41 -18.81
C ALA J 106 27.35 56.36 -19.09
N GLU J 107 27.65 57.43 -19.83
CA GLU J 107 26.62 58.41 -20.16
C GLU J 107 25.65 57.88 -21.21
N HIS J 108 26.14 57.61 -22.42
CA HIS J 108 25.38 56.80 -23.35
C HIS J 108 25.35 55.36 -22.87
N ILE J 109 24.50 54.55 -23.48
CA ILE J 109 24.59 53.14 -23.13
C ILE J 109 24.78 52.30 -24.39
N SER J 110 23.72 52.17 -25.20
CA SER J 110 23.73 51.49 -26.48
C SER J 110 22.30 51.44 -26.96
N ASP J 111 22.05 50.74 -28.07
CA ASP J 111 20.73 50.18 -28.25
C ASP J 111 20.67 48.70 -27.92
N GLU J 112 21.61 47.91 -28.45
CA GLU J 112 21.62 46.48 -28.17
C GLU J 112 21.72 46.20 -26.69
N CYS J 113 22.37 47.08 -25.93
CA CYS J 113 22.53 46.80 -24.52
C CYS J 113 21.21 46.96 -23.78
N LYS J 114 20.30 47.80 -24.31
CA LYS J 114 19.02 48.00 -23.64
C LYS J 114 18.15 46.74 -23.71
N ARG J 115 18.17 46.07 -24.86
CA ARG J 115 17.49 44.81 -25.09
C ARG J 115 17.65 43.86 -23.90
N ARG J 116 18.89 43.72 -23.42
CA ARG J 116 19.16 42.81 -22.31
C ARG J 116 18.49 43.26 -21.02
N PHE J 117 17.73 44.35 -21.02
CA PHE J 117 17.11 44.79 -19.78
C PHE J 117 15.64 44.41 -19.65
N TYR J 118 14.88 44.34 -20.72
CA TYR J 118 13.49 43.92 -20.61
C TYR J 118 13.20 42.70 -21.45
N LYS J 119 12.37 41.82 -20.89
CA LYS J 119 11.92 40.63 -21.60
C LYS J 119 11.21 40.99 -22.89
N ASN J 120 10.07 41.68 -22.80
CA ASN J 120 9.38 42.15 -23.99
C ASN J 120 9.79 43.58 -24.26
N TRP J 121 10.27 43.84 -25.47
CA TRP J 121 10.80 45.16 -25.81
C TRP J 121 9.78 46.02 -26.53
N HIS J 122 9.28 45.54 -27.67
CA HIS J 122 8.44 46.38 -28.51
C HIS J 122 7.16 46.79 -27.82
N LYS J 123 6.82 46.12 -26.71
CA LYS J 123 5.68 46.56 -25.93
C LYS J 123 6.06 47.69 -24.98
N SER J 124 7.33 47.80 -24.63
CA SER J 124 7.75 48.78 -23.63
C SER J 124 8.08 50.11 -24.28
N LYS J 125 8.40 51.10 -23.44
CA LYS J 125 8.68 52.46 -23.86
C LYS J 125 10.16 52.77 -23.94
N LYS J 126 11.03 51.80 -23.61
CA LYS J 126 12.48 51.97 -23.64
C LYS J 126 12.91 53.13 -22.74
N LYS J 127 12.63 52.97 -21.44
CA LYS J 127 12.95 54.00 -20.47
C LYS J 127 14.17 53.66 -19.62
N ALA J 128 14.77 52.48 -19.79
CA ALA J 128 15.88 52.10 -18.94
C ALA J 128 17.04 53.08 -19.09
N PHE J 129 17.69 53.39 -17.97
CA PHE J 129 18.91 54.22 -17.97
C PHE J 129 18.67 55.57 -18.61
N THR J 130 17.47 56.11 -18.48
CA THR J 130 17.15 57.41 -19.03
C THR J 130 17.26 58.54 -18.01
N LYS J 131 17.34 58.22 -16.73
CA LYS J 131 17.65 59.24 -15.73
C LYS J 131 19.01 59.04 -15.09
N TYR J 132 19.59 57.84 -15.18
CA TYR J 132 20.98 57.69 -14.79
C TYR J 132 21.89 58.41 -15.76
N CYS J 133 21.53 58.37 -17.04
CA CYS J 133 22.27 59.13 -18.03
C CYS J 133 22.18 60.63 -17.77
N LYS J 134 21.16 61.07 -17.04
CA LYS J 134 21.06 62.50 -16.72
C LYS J 134 22.15 62.94 -15.76
N LYS J 135 22.63 62.04 -14.90
CA LYS J 135 23.68 62.39 -13.95
C LYS J 135 24.94 62.87 -14.66
N TRP J 136 25.21 62.37 -15.86
CA TRP J 136 26.48 62.64 -16.51
C TRP J 136 26.59 64.04 -17.11
N GLN J 137 25.64 64.94 -16.86
CA GLN J 137 25.92 66.35 -17.17
C GLN J 137 25.13 67.24 -16.21
N ASP J 138 25.74 67.53 -15.04
CA ASP J 138 25.28 68.54 -14.09
C ASP J 138 26.21 68.67 -12.89
N ALA J 139 25.81 69.45 -11.88
CA ALA J 139 26.55 69.52 -10.62
C ALA J 139 26.67 68.14 -9.97
N ALA J 140 25.55 67.42 -9.86
CA ALA J 140 25.60 66.04 -9.36
C ALA J 140 26.40 65.12 -10.27
N GLY J 141 26.92 65.62 -11.39
CA GLY J 141 27.82 64.90 -12.26
C GLY J 141 29.21 64.88 -11.68
N ALA J 142 29.30 65.33 -10.45
CA ALA J 142 30.52 65.22 -9.69
C ALA J 142 30.32 64.53 -8.36
N ALA J 143 29.09 64.47 -7.86
CA ALA J 143 28.86 63.85 -6.57
C ALA J 143 28.76 62.35 -6.71
N ALA J 144 27.77 61.89 -7.45
CA ALA J 144 27.48 60.47 -7.53
C ALA J 144 28.47 59.73 -8.42
N LEU J 145 29.25 60.44 -9.25
CA LEU J 145 30.26 59.72 -10.03
C LEU J 145 31.55 60.51 -10.13
N ALA J 146 31.90 61.24 -9.11
CA ALA J 146 33.31 61.55 -8.96
C ALA J 146 33.78 61.25 -7.56
N ALA J 147 32.94 61.51 -6.55
CA ALA J 147 33.23 60.98 -5.23
C ALA J 147 33.09 59.47 -5.19
N ASP J 148 32.40 58.88 -6.17
CA ASP J 148 32.25 57.42 -6.21
C ASP J 148 33.52 56.76 -6.68
N PHE J 149 34.14 57.27 -7.75
CA PHE J 149 35.42 56.71 -8.18
C PHE J 149 36.47 56.87 -7.10
N SER J 150 36.39 57.95 -6.32
CA SER J 150 37.27 58.10 -5.18
C SER J 150 36.91 57.12 -4.06
N SER J 151 35.63 56.81 -3.91
CA SER J 151 35.23 55.77 -2.97
C SER J 151 35.75 54.40 -3.42
N MET J 152 35.45 54.03 -4.67
CA MET J 152 35.96 52.79 -5.24
C MET J 152 37.48 52.77 -5.31
N LYS J 153 38.11 53.92 -5.17
CA LYS J 153 39.57 53.96 -5.11
C LYS J 153 40.06 53.69 -3.70
N ALA J 154 39.34 54.19 -2.70
CA ALA J 154 39.76 53.99 -1.32
C ALA J 154 39.55 52.55 -0.88
N TYR J 155 38.31 52.06 -0.97
CA TYR J 155 37.95 50.84 -0.26
C TYR J 155 37.82 49.62 -1.15
N CYS J 156 38.03 49.74 -2.46
CA CYS J 156 37.83 48.59 -3.33
C CYS J 156 39.11 47.84 -3.57
N GLN J 157 38.97 46.54 -3.83
CA GLN J 157 40.11 45.68 -4.10
C GLN J 157 40.08 45.11 -5.50
N VAL J 158 38.94 44.58 -5.93
CA VAL J 158 38.80 43.92 -7.22
C VAL J 158 37.83 44.71 -8.06
N ILE J 159 38.22 44.99 -9.31
CA ILE J 159 37.39 45.81 -10.17
C ILE J 159 37.18 45.10 -11.50
N ARG J 160 35.92 44.76 -11.80
CA ARG J 160 35.50 44.21 -13.07
C ARG J 160 34.91 45.33 -13.93
N VAL J 161 34.74 45.01 -15.22
CA VAL J 161 34.21 45.94 -16.21
C VAL J 161 33.01 45.28 -16.88
N ILE J 162 31.86 45.93 -16.82
CA ILE J 162 30.67 45.41 -17.50
C ILE J 162 30.77 45.77 -18.98
N ALA J 163 30.70 44.76 -19.84
CA ALA J 163 30.89 44.95 -21.25
C ALA J 163 29.91 44.09 -22.01
N HIS J 164 29.32 44.64 -23.06
CA HIS J 164 28.29 43.95 -23.81
C HIS J 164 28.75 43.67 -25.23
N THR J 165 28.21 42.61 -25.80
CA THR J 165 28.50 42.28 -27.19
C THR J 165 27.82 43.28 -28.12
N GLN J 166 28.21 43.23 -29.38
CA GLN J 166 27.49 43.91 -30.45
C GLN J 166 26.73 42.84 -31.22
N MET J 167 25.42 42.77 -30.99
CA MET J 167 24.61 41.74 -31.63
C MET J 167 24.22 42.11 -33.05
N ARG J 168 24.50 43.34 -33.48
CA ARG J 168 24.09 43.77 -34.80
C ARG J 168 25.11 43.43 -35.89
N LEU J 169 26.32 43.04 -35.53
CA LEU J 169 27.34 42.69 -36.53
C LEU J 169 27.32 41.21 -36.89
N LEU J 170 26.51 40.41 -36.22
CA LEU J 170 26.49 38.98 -36.44
C LEU J 170 25.39 38.61 -37.42
N PRO J 171 25.52 37.44 -38.07
CA PRO J 171 24.41 36.91 -38.88
C PRO J 171 23.21 36.48 -38.07
N LEU J 172 23.29 36.53 -36.75
CA LEU J 172 22.27 35.92 -35.91
C LEU J 172 20.98 36.72 -35.92
N ARG J 173 19.87 36.02 -35.66
CA ARG J 173 18.56 36.64 -35.55
C ARG J 173 18.38 37.37 -34.22
N GLN J 174 19.28 37.18 -33.26
CA GLN J 174 19.24 37.85 -31.97
C GLN J 174 19.67 39.31 -32.09
N LYS J 175 19.14 40.15 -31.19
CA LYS J 175 19.63 41.52 -31.01
C LYS J 175 19.87 41.88 -29.56
N LYS J 176 19.46 41.03 -28.61
CA LYS J 176 19.73 41.24 -27.19
C LYS J 176 21.21 41.01 -26.94
N ALA J 177 21.97 42.10 -26.82
CA ALA J 177 23.37 42.03 -26.50
C ALA J 177 23.58 41.21 -25.23
N HIS J 178 24.79 40.68 -25.09
CA HIS J 178 25.19 39.89 -23.93
C HIS J 178 26.16 40.70 -23.10
N LEU J 179 25.73 41.09 -21.91
CA LEU J 179 26.62 41.73 -20.96
C LEU J 179 27.40 40.70 -20.18
N MET J 180 28.58 41.10 -19.73
CA MET J 180 29.32 40.27 -18.80
C MET J 180 30.39 41.10 -18.08
N GLU J 181 30.61 40.77 -16.81
CA GLU J 181 31.66 41.39 -16.01
C GLU J 181 32.99 40.69 -16.29
N ILE J 182 33.97 41.46 -16.73
CA ILE J 182 35.29 40.95 -17.09
C ILE J 182 36.30 41.60 -16.16
N GLN J 183 36.78 40.84 -15.19
CA GLN J 183 37.70 41.38 -14.19
C GLN J 183 38.96 41.89 -14.86
N VAL J 184 39.53 42.95 -14.27
CA VAL J 184 40.72 43.60 -14.80
C VAL J 184 41.91 43.11 -13.97
N ASN J 185 42.67 42.18 -14.50
CA ASN J 185 43.80 41.64 -13.73
C ASN J 185 45.05 42.48 -13.92
N GLY J 186 44.93 43.78 -13.71
CA GLY J 186 46.08 44.66 -13.74
C GLY J 186 46.75 44.71 -12.39
N GLY J 187 47.43 45.81 -12.12
CA GLY J 187 47.98 46.06 -10.81
C GLY J 187 47.56 47.42 -10.30
N THR J 188 47.48 47.53 -8.97
CA THR J 188 47.28 48.83 -8.33
C THR J 188 45.97 49.51 -8.72
N VAL J 189 44.88 49.07 -8.12
CA VAL J 189 43.63 49.81 -8.14
C VAL J 189 43.92 51.30 -8.08
N ALA J 190 43.16 52.09 -8.84
CA ALA J 190 43.39 53.47 -9.26
C ALA J 190 44.33 53.53 -10.44
N GLU J 191 44.97 52.45 -10.80
CA GLU J 191 45.48 52.29 -12.14
C GLU J 191 44.64 51.27 -12.87
N LYS J 192 44.24 50.21 -12.14
CA LYS J 192 43.18 49.30 -12.54
C LYS J 192 41.88 50.03 -12.82
N LEU J 193 41.73 51.23 -12.28
CA LEU J 193 40.51 52.00 -12.39
C LEU J 193 40.65 53.21 -13.28
N ASP J 194 41.77 53.93 -13.24
CA ASP J 194 41.92 55.00 -14.22
C ASP J 194 42.48 54.46 -15.52
N TRP J 195 41.92 53.37 -15.96
CA TRP J 195 42.10 52.82 -17.28
C TRP J 195 40.75 52.45 -17.86
N ALA J 196 39.85 51.96 -17.01
CA ALA J 196 38.51 51.67 -17.45
C ALA J 196 37.63 52.91 -17.41
N ARG J 197 37.97 53.88 -16.55
CA ARG J 197 37.32 55.18 -16.63
C ARG J 197 37.53 55.79 -18.00
N GLU J 198 38.66 55.47 -18.63
CA GLU J 198 38.98 55.96 -19.95
C GLU J 198 38.22 55.19 -21.02
N ARG J 199 38.22 53.87 -20.93
CA ARG J 199 37.63 53.05 -21.99
C ARG J 199 36.12 52.98 -21.91
N LEU J 200 35.46 53.82 -21.12
CA LEU J 200 34.01 53.86 -21.17
C LEU J 200 33.58 54.28 -22.58
N GLU J 201 32.51 53.63 -23.07
CA GLU J 201 31.98 53.90 -24.41
C GLU J 201 32.98 53.55 -25.50
N GLN J 202 33.82 52.56 -25.27
CA GLN J 202 34.94 52.30 -26.16
C GLN J 202 34.90 50.86 -26.65
N GLN J 203 35.49 50.63 -27.82
CA GLN J 203 35.63 49.30 -28.38
C GLN J 203 36.81 48.58 -27.76
N VAL J 204 36.71 47.25 -27.68
CA VAL J 204 37.83 46.41 -27.25
C VAL J 204 37.92 45.20 -28.18
N PRO J 205 38.90 45.14 -29.06
CA PRO J 205 39.02 44.01 -29.98
C PRO J 205 39.74 42.83 -29.34
N VAL J 206 39.67 41.69 -30.02
CA VAL J 206 40.14 40.44 -29.43
C VAL J 206 41.64 40.42 -29.23
N ASN J 207 42.38 41.16 -30.07
CA ASN J 207 43.82 41.18 -29.96
C ASN J 207 44.31 41.92 -28.73
N GLN J 208 43.42 42.53 -27.95
CA GLN J 208 43.82 43.12 -26.70
C GLN J 208 43.75 42.11 -25.56
N VAL J 209 42.76 41.24 -25.60
CA VAL J 209 42.60 40.26 -24.53
C VAL J 209 43.53 39.08 -24.75
N PHE J 210 43.58 38.59 -25.98
CA PHE J 210 44.24 37.34 -26.31
C PHE J 210 45.34 37.56 -27.33
N GLY J 211 46.40 36.76 -27.20
CA GLY J 211 47.45 36.69 -28.19
C GLY J 211 47.47 35.31 -28.83
N GLN J 212 48.23 35.22 -29.91
CA GLN J 212 48.34 33.97 -30.64
C GLN J 212 49.01 32.90 -29.79
N ASP J 213 48.65 31.64 -30.10
CA ASP J 213 49.04 30.41 -29.37
C ASP J 213 49.11 30.63 -27.86
N GLU J 214 47.97 31.06 -27.31
CA GLU J 214 47.80 31.23 -25.88
C GLU J 214 46.78 30.23 -25.36
N MET J 215 47.11 29.56 -24.27
CA MET J 215 46.20 28.62 -23.64
C MET J 215 45.09 29.39 -22.95
N ILE J 216 43.86 29.20 -23.41
CA ILE J 216 42.70 29.84 -22.80
C ILE J 216 41.78 28.74 -22.28
N ASP J 217 40.66 29.15 -21.69
CA ASP J 217 39.60 28.23 -21.29
C ASP J 217 38.31 28.67 -21.92
N VAL J 218 37.51 27.70 -22.36
CA VAL J 218 36.23 27.95 -23.00
C VAL J 218 35.12 27.55 -22.03
N ILE J 219 34.15 28.44 -21.87
CA ILE J 219 33.17 28.34 -20.80
C ILE J 219 31.81 28.58 -21.44
N GLY J 220 31.11 27.50 -21.78
CA GLY J 220 29.83 27.65 -22.44
C GLY J 220 28.79 26.71 -21.89
N VAL J 221 27.75 26.43 -22.66
CA VAL J 221 26.71 25.50 -22.25
C VAL J 221 26.67 24.34 -23.22
N THR J 222 26.64 23.12 -22.67
CA THR J 222 26.59 21.91 -23.49
C THR J 222 25.42 21.98 -24.48
N LYS J 223 25.55 21.25 -25.58
CA LYS J 223 24.44 21.10 -26.51
C LYS J 223 23.31 20.32 -25.85
N GLY J 224 22.06 20.75 -26.08
CA GLY J 224 20.93 20.14 -25.40
C GLY J 224 20.43 18.87 -26.08
N LYS J 225 19.97 17.91 -25.25
CA LYS J 225 19.47 16.63 -25.78
C LYS J 225 18.21 16.10 -25.12
N GLY J 226 17.66 16.80 -24.09
CA GLY J 226 16.37 16.45 -23.54
C GLY J 226 16.43 15.35 -22.49
N TYR J 227 15.26 14.77 -22.23
CA TYR J 227 15.15 13.62 -21.35
C TYR J 227 15.84 12.43 -21.99
N LYS J 228 16.66 11.71 -21.22
CA LYS J 228 17.40 10.58 -21.77
C LYS J 228 17.43 9.42 -20.79
N GLY J 229 17.52 8.23 -21.37
CA GLY J 229 17.54 7.03 -20.59
C GLY J 229 18.85 6.86 -19.86
N VAL J 230 18.82 5.93 -18.90
CA VAL J 230 20.03 5.68 -18.13
C VAL J 230 21.18 5.27 -19.03
N THR J 231 20.86 4.71 -20.20
CA THR J 231 21.88 4.19 -21.11
C THR J 231 22.57 5.31 -21.87
N SER J 232 21.84 6.35 -22.22
CA SER J 232 22.47 7.47 -22.90
C SER J 232 23.08 8.44 -21.89
N ARG J 233 22.39 8.67 -20.78
CA ARG J 233 22.82 9.67 -19.81
C ARG J 233 24.09 9.24 -19.11
N TRP J 234 24.02 8.12 -18.39
CA TRP J 234 25.16 7.65 -17.61
C TRP J 234 25.97 6.58 -18.33
N HIS J 235 25.63 6.23 -19.57
CA HIS J 235 26.43 5.32 -20.40
C HIS J 235 26.58 3.95 -19.78
N THR J 236 25.49 3.43 -19.23
CA THR J 236 25.53 2.12 -18.60
C THR J 236 25.58 1.02 -19.66
N LYS J 237 25.50 -0.22 -19.19
CA LYS J 237 25.36 -1.37 -20.06
C LYS J 237 23.90 -1.51 -20.50
N LYS J 238 23.70 -2.21 -21.62
CA LYS J 238 22.39 -2.68 -21.99
C LYS J 238 22.20 -4.09 -21.47
N LEU J 239 21.03 -4.36 -20.92
CA LEU J 239 20.72 -5.70 -20.46
C LEU J 239 20.56 -6.62 -21.66
N PRO J 240 20.57 -7.92 -21.44
CA PRO J 240 20.46 -8.87 -22.56
C PRO J 240 19.11 -8.79 -23.25
N ARG J 241 19.03 -9.51 -24.37
CA ARG J 241 17.86 -9.42 -25.25
C ARG J 241 16.58 -9.90 -24.58
N LYS J 242 16.69 -10.80 -23.58
CA LYS J 242 15.52 -11.50 -23.07
C LYS J 242 14.76 -10.75 -21.98
N THR J 243 15.28 -9.60 -21.51
CA THR J 243 14.76 -8.98 -20.29
C THR J 243 13.32 -8.53 -20.46
N HIS J 244 12.45 -8.96 -19.54
CA HIS J 244 11.02 -8.79 -19.75
C HIS J 244 10.62 -7.32 -19.78
N ARG J 245 11.05 -6.56 -18.79
CA ARG J 245 10.61 -5.17 -18.66
C ARG J 245 11.80 -4.28 -19.03
N GLY J 246 11.97 -4.03 -20.32
CA GLY J 246 13.01 -3.10 -20.73
C GLY J 246 14.45 -3.53 -20.57
N LEU J 247 15.29 -3.15 -21.53
CA LEU J 247 16.70 -3.54 -21.55
C LEU J 247 17.63 -2.35 -21.62
N ARG J 248 17.12 -1.14 -21.47
CA ARG J 248 17.92 0.07 -21.44
C ARG J 248 17.90 0.68 -20.04
N LYS J 249 17.97 -0.17 -19.02
CA LYS J 249 17.87 0.35 -17.68
C LYS J 249 19.07 -0.10 -16.86
N VAL J 250 19.01 0.11 -15.55
CA VAL J 250 19.97 -0.45 -14.59
C VAL J 250 19.23 -1.50 -13.79
N ALA J 251 19.69 -2.75 -13.87
CA ALA J 251 18.91 -3.84 -13.29
C ALA J 251 18.69 -3.62 -11.80
N CYS J 252 19.77 -3.36 -11.06
CA CYS J 252 19.68 -3.21 -9.61
C CYS J 252 20.00 -1.78 -9.23
N ILE J 253 19.05 -1.11 -8.59
CA ILE J 253 19.32 0.24 -8.11
C ILE J 253 20.24 0.18 -6.90
N GLY J 254 19.77 -0.44 -5.82
CA GLY J 254 20.54 -0.49 -4.59
C GLY J 254 20.35 -1.74 -3.78
N ALA J 255 20.89 -1.76 -2.57
CA ALA J 255 20.76 -2.92 -1.71
C ALA J 255 19.59 -2.73 -0.74
N TRP J 256 19.19 -3.83 -0.10
CA TRP J 256 17.99 -3.78 0.73
C TRP J 256 18.23 -2.99 2.01
N HIS J 257 19.40 -3.05 2.59
CA HIS J 257 19.35 -2.42 3.89
C HIS J 257 19.47 -0.90 3.90
N PRO J 258 20.34 -0.25 3.10
CA PRO J 258 20.15 1.21 2.98
C PRO J 258 18.87 1.43 2.21
N ALA J 259 17.81 1.78 2.92
CA ALA J 259 16.46 1.68 2.39
C ALA J 259 16.11 2.81 1.52
N ARG J 260 17.08 3.64 1.23
CA ARG J 260 16.92 4.73 0.29
C ARG J 260 17.73 4.39 -0.94
N VAL J 261 17.24 4.74 -2.11
CA VAL J 261 18.12 4.65 -3.27
C VAL J 261 19.17 5.74 -3.18
N ALA J 262 20.39 5.41 -3.56
CA ALA J 262 21.53 6.26 -3.26
C ALA J 262 21.63 7.44 -4.20
N PHE J 263 22.24 8.50 -3.70
CA PHE J 263 22.66 9.72 -4.39
C PHE J 263 23.36 9.43 -5.70
N SER J 264 24.13 8.35 -5.73
CA SER J 264 25.06 8.07 -6.79
C SER J 264 24.59 7.01 -7.77
N VAL J 265 23.40 6.45 -7.59
CA VAL J 265 22.89 5.49 -8.56
C VAL J 265 22.55 6.21 -9.85
N ALA J 266 22.70 5.51 -10.96
CA ALA J 266 22.39 6.06 -12.27
C ALA J 266 20.88 6.16 -12.47
N ARG J 267 20.44 7.28 -13.03
CA ARG J 267 19.01 7.53 -13.23
C ARG J 267 18.77 8.19 -14.56
N ALA J 268 17.55 8.03 -15.07
CA ALA J 268 17.16 8.79 -16.25
C ALA J 268 16.89 10.24 -15.88
N GLY J 269 17.19 11.13 -16.79
CA GLY J 269 17.09 12.55 -16.50
C GLY J 269 17.42 13.38 -17.72
N GLN J 270 17.38 14.69 -17.52
CA GLN J 270 17.89 15.59 -18.53
C GLN J 270 19.33 15.26 -18.89
N LYS J 271 19.67 15.35 -20.17
CA LYS J 271 21.03 15.13 -20.65
C LYS J 271 21.38 16.23 -21.64
N GLY J 272 22.55 16.82 -21.46
CA GLY J 272 22.93 17.97 -22.25
C GLY J 272 22.44 19.26 -21.62
N TYR J 273 22.87 20.36 -22.23
CA TYR J 273 22.57 21.71 -21.74
C TYR J 273 23.03 21.91 -20.30
N HIS J 274 24.09 21.22 -19.91
CA HIS J 274 24.76 21.54 -18.65
C HIS J 274 25.81 22.61 -18.92
N HIS J 275 26.21 23.30 -17.85
CA HIS J 275 27.28 24.26 -17.96
C HIS J 275 28.61 23.54 -17.75
N ARG J 276 29.56 23.72 -18.66
CA ARG J 276 30.87 23.09 -18.53
C ARG J 276 31.97 24.09 -18.83
N THR J 277 33.09 23.93 -18.14
CA THR J 277 34.27 24.78 -18.26
C THR J 277 35.41 23.95 -18.84
N GLU J 278 35.59 24.02 -20.14
CA GLU J 278 36.71 23.33 -20.77
C GLU J 278 37.98 24.15 -20.57
N ILE J 279 39.08 23.47 -20.23
CA ILE J 279 40.31 24.18 -19.92
C ILE J 279 41.41 23.76 -20.88
N ASN J 280 42.37 24.67 -21.04
CA ASN J 280 43.58 24.40 -21.80
C ASN J 280 43.28 24.06 -23.27
N LYS J 281 42.56 24.96 -23.92
CA LYS J 281 42.40 24.96 -25.37
C LYS J 281 43.39 25.94 -25.98
N LYS J 282 43.95 25.59 -27.12
CA LYS J 282 44.97 26.43 -27.74
C LYS J 282 44.39 27.26 -28.89
N ILE J 283 44.97 28.44 -29.07
CA ILE J 283 44.60 29.34 -30.15
C ILE J 283 45.55 29.11 -31.32
N TYR J 284 45.01 28.73 -32.47
CA TYR J 284 45.86 28.58 -33.65
C TYR J 284 45.97 29.85 -34.46
N LYS J 285 45.00 30.76 -34.37
CA LYS J 285 45.06 31.98 -35.16
C LYS J 285 44.04 32.99 -34.69
N ILE J 286 44.46 34.24 -34.48
CA ILE J 286 43.51 35.33 -34.26
C ILE J 286 43.22 35.97 -35.60
N GLY J 287 41.94 36.06 -35.94
CA GLY J 287 41.52 36.46 -37.26
C GLY J 287 41.40 37.96 -37.41
N GLN J 288 40.77 38.35 -38.51
CA GLN J 288 40.50 39.76 -38.76
C GLN J 288 39.41 39.85 -39.81
N GLY J 289 38.31 40.51 -39.47
CA GLY J 289 37.15 40.52 -40.34
C GLY J 289 37.39 41.29 -41.62
N TYR J 290 36.64 40.95 -42.67
CA TYR J 290 36.91 41.57 -43.97
C TYR J 290 36.50 43.03 -43.88
N LEU J 291 37.48 43.88 -43.67
CA LEU J 291 37.29 45.31 -43.65
C LEU J 291 37.56 45.89 -45.04
N ILE J 292 37.30 47.19 -45.17
CA ILE J 292 37.37 47.89 -46.45
C ILE J 292 38.38 49.01 -46.34
N LYS J 293 39.35 49.04 -47.27
CA LYS J 293 40.15 50.22 -47.57
C LYS J 293 39.94 50.70 -49.00
N ASP J 294 39.79 49.78 -49.94
CA ASP J 294 39.16 50.01 -51.23
C ASP J 294 37.97 49.08 -51.41
N GLY J 295 38.17 47.79 -51.26
CA GLY J 295 37.03 46.92 -51.04
C GLY J 295 37.33 45.51 -50.57
N LYS J 296 36.65 45.07 -49.50
CA LYS J 296 36.43 43.66 -49.20
C LYS J 296 37.75 42.87 -49.09
N LEU J 297 38.49 43.18 -48.03
CA LEU J 297 39.64 42.36 -47.71
C LEU J 297 39.20 41.00 -47.15
N ILE J 298 38.53 40.20 -47.98
CA ILE J 298 38.17 38.85 -47.57
C ILE J 298 39.40 37.96 -47.48
N LYS J 299 40.47 38.33 -48.21
CA LYS J 299 41.70 37.55 -48.25
C LYS J 299 42.20 37.22 -46.86
N ASN J 300 42.29 38.23 -46.00
CA ASN J 300 42.97 38.13 -44.71
C ASN J 300 42.10 37.39 -43.72
N ASN J 301 41.51 36.27 -44.14
CA ASN J 301 40.86 35.41 -43.19
C ASN J 301 41.51 34.04 -43.16
N ALA J 302 41.63 33.40 -44.32
CA ALA J 302 42.17 32.06 -44.38
C ALA J 302 43.38 31.98 -45.28
N SER J 303 43.94 33.12 -45.65
CA SER J 303 45.09 33.14 -46.53
C SER J 303 46.33 33.05 -45.66
N THR J 304 46.69 31.81 -45.32
CA THR J 304 47.99 31.58 -44.74
C THR J 304 49.07 31.80 -45.80
N ASP J 305 50.28 32.13 -45.32
CA ASP J 305 51.38 32.53 -46.20
C ASP J 305 51.82 31.41 -47.13
N TYR J 306 51.54 30.17 -46.77
CA TYR J 306 52.05 29.02 -47.52
C TYR J 306 51.18 28.61 -48.69
N ASP J 307 49.96 29.17 -48.82
CA ASP J 307 49.11 28.84 -49.96
C ASP J 307 48.64 30.11 -50.68
N LEU J 308 48.57 31.22 -49.96
CA LEU J 308 48.24 32.55 -50.48
C LEU J 308 47.18 32.52 -51.58
N SER J 309 46.06 31.86 -51.27
CA SER J 309 44.83 32.09 -52.01
C SER J 309 44.20 33.36 -51.44
N ASP J 310 42.92 33.61 -51.71
CA ASP J 310 42.22 34.71 -51.05
C ASP J 310 40.92 34.21 -50.41
N LYS J 311 41.00 33.09 -49.69
CA LYS J 311 39.82 32.57 -49.02
C LYS J 311 39.46 33.41 -47.80
N SER J 312 38.17 33.48 -47.50
CA SER J 312 37.69 33.78 -46.15
C SER J 312 37.43 32.45 -45.45
N ILE J 313 37.56 32.45 -44.13
CA ILE J 313 37.29 31.20 -43.41
C ILE J 313 35.87 30.71 -43.68
N ASN J 314 34.99 31.58 -44.17
CA ASN J 314 33.68 31.13 -44.61
C ASN J 314 33.81 30.12 -45.73
N PRO J 315 33.38 28.88 -45.53
CA PRO J 315 33.39 27.91 -46.64
C PRO J 315 32.33 28.27 -47.67
N LEU J 316 32.17 27.48 -48.73
CA LEU J 316 31.13 27.78 -49.71
C LEU J 316 29.77 27.57 -49.08
N GLY J 317 28.88 28.54 -49.23
CA GLY J 317 27.60 28.47 -48.57
C GLY J 317 27.68 28.74 -47.07
N GLY J 318 28.66 29.53 -46.64
CA GLY J 318 28.79 29.93 -45.23
C GLY J 318 28.97 28.76 -44.29
N PHE J 319 29.04 29.04 -43.00
CA PHE J 319 29.05 27.94 -42.03
C PHE J 319 27.63 27.43 -41.86
N VAL J 320 27.44 26.16 -42.22
CA VAL J 320 26.11 25.56 -42.22
C VAL J 320 25.43 25.82 -40.91
N HIS J 321 24.15 26.16 -40.98
CA HIS J 321 23.23 26.33 -39.88
C HIS J 321 23.42 27.66 -39.16
N TYR J 322 24.43 28.44 -39.49
CA TYR J 322 24.66 29.66 -38.73
C TYR J 322 24.82 30.92 -39.57
N GLY J 323 25.54 30.87 -40.68
CA GLY J 323 25.79 32.08 -41.45
C GLY J 323 27.26 32.30 -41.73
N GLU J 324 27.59 33.49 -42.22
CA GLU J 324 28.95 33.85 -42.60
C GLU J 324 29.60 34.69 -41.53
N VAL J 325 30.83 34.36 -41.17
CA VAL J 325 31.54 35.13 -40.17
C VAL J 325 32.25 36.28 -40.85
N THR J 326 32.02 37.49 -40.34
CA THR J 326 32.39 38.72 -41.01
C THR J 326 33.28 39.65 -40.21
N ASN J 327 33.58 39.32 -38.95
CA ASN J 327 34.51 40.13 -38.16
C ASN J 327 35.58 39.22 -37.57
N ASP J 328 36.32 39.74 -36.60
CA ASP J 328 37.43 39.00 -36.03
C ASP J 328 36.96 37.66 -35.50
N PHE J 329 37.89 36.72 -35.42
CA PHE J 329 37.59 35.42 -34.85
C PHE J 329 38.84 34.88 -34.18
N VAL J 330 38.64 33.86 -33.37
CA VAL J 330 39.76 33.11 -32.81
C VAL J 330 39.59 31.66 -33.23
N MET J 331 40.66 31.06 -33.74
CA MET J 331 40.64 29.68 -34.18
C MET J 331 41.17 28.79 -33.07
N LEU J 332 40.36 27.83 -32.65
CA LEU J 332 40.68 27.03 -31.47
C LEU J 332 40.91 25.57 -31.85
N LYS J 333 41.90 24.94 -31.21
CA LYS J 333 42.19 23.54 -31.47
C LYS J 333 41.06 22.66 -30.95
N GLY J 334 40.63 21.71 -31.77
CA GLY J 334 39.67 20.75 -31.27
C GLY J 334 38.26 21.32 -31.16
N CYS J 335 37.43 20.61 -30.39
CA CYS J 335 36.03 20.98 -30.26
C CYS J 335 35.81 21.81 -29.01
N VAL J 336 34.89 22.77 -29.12
CA VAL J 336 34.47 23.56 -27.98
C VAL J 336 33.07 23.13 -27.61
N VAL J 337 32.74 23.34 -26.34
CA VAL J 337 31.39 23.05 -25.90
C VAL J 337 30.40 23.89 -26.70
N GLY J 338 29.17 23.41 -26.77
CA GLY J 338 28.08 24.18 -27.29
C GLY J 338 27.74 23.81 -28.72
N THR J 339 26.56 24.24 -29.14
CA THR J 339 26.12 24.06 -30.51
C THR J 339 26.55 25.27 -31.34
N LYS J 340 26.11 25.34 -32.59
CA LYS J 340 26.32 26.55 -33.38
C LYS J 340 25.57 27.72 -32.74
N LYS J 341 26.05 28.93 -33.04
CA LYS J 341 25.49 30.20 -32.58
C LYS J 341 25.55 30.41 -31.06
N ARG J 342 26.12 29.49 -30.30
CA ARG J 342 26.04 29.63 -28.85
C ARG J 342 27.01 30.68 -28.34
N VAL J 343 26.55 31.44 -27.35
CA VAL J 343 27.40 32.43 -26.68
C VAL J 343 28.50 31.70 -25.91
N LEU J 344 29.75 31.98 -26.25
CA LEU J 344 30.90 31.32 -25.68
C LEU J 344 31.70 32.35 -24.90
N THR J 345 32.10 31.98 -23.68
CA THR J 345 32.96 32.83 -22.88
C THR J 345 34.39 32.30 -22.94
N LEU J 346 35.34 33.22 -23.12
CA LEU J 346 36.75 32.87 -23.35
C LEU J 346 37.60 33.48 -22.26
N ARG J 347 38.11 32.64 -21.36
CA ARG J 347 38.89 33.09 -20.21
C ARG J 347 40.37 32.74 -20.40
N LYS J 348 41.25 33.58 -19.86
CA LYS J 348 42.68 33.29 -19.85
C LYS J 348 42.99 32.22 -18.81
N SER J 349 44.15 31.59 -18.96
CA SER J 349 44.45 30.40 -18.16
C SER J 349 44.74 30.76 -16.71
N LEU J 350 44.13 30.02 -15.78
CA LEU J 350 44.48 30.12 -14.36
C LEU J 350 45.78 29.41 -14.05
N LEU J 351 46.18 28.47 -14.90
CA LEU J 351 47.39 27.72 -14.70
C LEU J 351 48.58 28.49 -15.25
N VAL J 352 49.73 28.36 -14.58
CA VAL J 352 51.00 28.81 -15.13
C VAL J 352 51.47 27.75 -16.12
N GLN J 353 51.28 28.03 -17.41
CA GLN J 353 51.46 27.02 -18.45
C GLN J 353 52.92 27.01 -18.90
N THR J 354 53.60 25.88 -18.65
CA THR J 354 55.02 25.75 -18.98
C THR J 354 55.35 24.36 -19.53
N LYS J 355 54.37 23.64 -20.07
CA LYS J 355 54.64 22.31 -20.61
C LYS J 355 55.28 22.41 -21.99
N ARG J 356 55.64 21.25 -22.54
CA ARG J 356 56.26 21.19 -23.85
C ARG J 356 55.24 21.28 -24.98
N ARG J 357 54.08 20.62 -24.81
CA ARG J 357 53.05 20.67 -25.85
C ARG J 357 52.46 22.07 -25.95
N ALA J 358 52.28 22.74 -24.81
CA ALA J 358 51.99 24.16 -24.82
C ALA J 358 53.27 24.93 -25.13
N LEU J 359 53.14 26.24 -25.23
CA LEU J 359 54.23 27.13 -25.61
C LEU J 359 54.74 26.84 -27.01
N GLU J 360 54.07 25.96 -27.75
CA GLU J 360 54.51 25.51 -29.05
C GLU J 360 54.00 26.48 -30.11
N LYS J 361 54.90 27.28 -30.68
CA LYS J 361 54.47 28.27 -31.65
C LYS J 361 54.02 27.58 -32.95
N ILE J 362 52.95 28.11 -33.54
CA ILE J 362 52.20 27.44 -34.59
C ILE J 362 52.35 28.17 -35.92
N ASP J 363 52.50 27.41 -37.00
CA ASP J 363 52.55 27.93 -38.36
C ASP J 363 51.52 27.20 -39.21
N LEU J 364 50.47 27.90 -39.60
CA LEU J 364 49.46 27.33 -40.48
C LEU J 364 50.00 27.24 -41.90
N LYS J 365 49.74 26.11 -42.56
CA LYS J 365 50.17 25.95 -43.95
C LYS J 365 49.01 25.89 -44.93
N PHE J 366 47.80 25.62 -44.46
CA PHE J 366 46.65 25.54 -45.33
C PHE J 366 45.41 25.41 -44.46
N ILE J 367 44.38 26.18 -44.80
CA ILE J 367 43.10 26.16 -44.10
C ILE J 367 42.05 25.68 -45.09
N ASP J 368 41.42 24.54 -44.77
CA ASP J 368 40.38 23.97 -45.62
C ASP J 368 39.14 24.82 -45.56
N THR J 369 38.55 25.11 -46.73
CA THR J 369 37.34 25.90 -46.80
C THR J 369 36.29 25.28 -47.72
N THR J 370 36.41 23.99 -48.02
CA THR J 370 35.39 23.38 -48.85
C THR J 370 34.09 23.24 -48.06
N SER J 371 32.98 23.14 -48.79
CA SER J 371 31.66 23.22 -48.15
C SER J 371 31.45 22.10 -47.15
N LYS J 372 30.77 22.45 -46.05
CA LYS J 372 30.35 21.49 -45.05
C LYS J 372 28.90 21.07 -45.25
N PHE J 373 28.23 21.61 -46.25
CA PHE J 373 26.87 21.23 -46.61
C PHE J 373 26.94 20.06 -47.59
N GLY J 374 27.40 18.94 -47.07
CA GLY J 374 27.65 17.75 -47.85
C GLY J 374 29.13 17.45 -47.93
N HIS J 375 29.49 16.68 -48.94
CA HIS J 375 30.89 16.37 -49.21
C HIS J 375 31.40 17.38 -50.22
N GLY J 376 31.88 18.52 -49.72
CA GLY J 376 32.55 19.46 -50.59
C GLY J 376 33.81 18.86 -51.19
N ARG J 377 34.09 19.25 -52.43
CA ARG J 377 35.23 18.69 -53.13
C ARG J 377 36.27 19.71 -53.54
N PHE J 378 35.93 21.00 -53.57
CA PHE J 378 36.91 21.98 -54.01
C PHE J 378 36.62 23.33 -53.38
N GLN J 379 37.70 24.08 -53.13
CA GLN J 379 37.71 25.06 -52.07
C GLN J 379 36.89 26.30 -52.42
N THR J 380 37.34 27.06 -53.41
CA THR J 380 36.78 28.37 -53.65
C THR J 380 35.99 28.39 -54.95
N VAL J 381 35.08 29.36 -55.05
CA VAL J 381 34.12 29.37 -56.15
C VAL J 381 34.80 29.56 -57.49
N GLU J 382 35.89 30.34 -57.56
CA GLU J 382 36.56 30.49 -58.85
C GLU J 382 37.25 29.20 -59.27
N GLU J 383 37.69 28.39 -58.31
CA GLU J 383 38.28 27.10 -58.64
C GLU J 383 37.22 26.15 -59.21
N LYS J 384 35.97 26.33 -58.81
CA LYS J 384 34.87 25.56 -59.38
C LYS J 384 34.78 25.78 -60.89
N LYS J 385 34.93 27.02 -61.35
CA LYS J 385 34.98 27.27 -62.78
C LYS J 385 36.40 27.21 -63.31
N ALA J 386 37.13 26.16 -62.94
CA ALA J 386 38.45 25.85 -63.46
C ALA J 386 38.37 24.38 -63.81
N PHE J 387 37.61 23.69 -62.97
CA PHE J 387 36.95 22.45 -63.29
C PHE J 387 35.78 22.81 -64.17
N MET J 388 34.70 22.04 -64.07
CA MET J 388 33.61 21.94 -65.03
C MET J 388 33.48 23.14 -65.96
N GLY J 389 33.61 24.37 -65.44
CA GLY J 389 33.76 25.53 -66.29
C GLY J 389 32.44 26.19 -66.61
N PRO J 390 32.11 26.29 -67.90
CA PRO J 390 30.85 26.92 -68.31
C PRO J 390 29.68 25.95 -68.16
N LEU J 391 28.80 26.24 -67.21
CA LEU J 391 27.61 25.42 -67.02
C LEU J 391 26.51 25.82 -68.01
N LYS J 392 25.38 25.14 -67.95
CA LYS J 392 24.29 25.48 -68.85
C LYS J 392 23.64 26.80 -68.46
N LYS J 393 23.58 27.12 -67.17
CA LYS J 393 22.91 28.34 -66.71
C LYS J 393 23.80 29.55 -66.98
N ASP J 394 23.93 29.86 -68.27
CA ASP J 394 24.75 30.99 -68.72
C ASP J 394 24.10 31.65 -69.94
N ALA K 1 -56.01 -12.91 67.03
CA ALA K 1 -57.36 -12.96 67.58
C ALA K 1 -57.78 -11.62 68.22
N CYS K 2 -57.90 -10.56 67.41
CA CYS K 2 -58.15 -9.20 67.90
C CYS K 2 -59.64 -8.99 68.20
N ALA K 3 -60.00 -7.77 68.63
CA ALA K 3 -61.38 -7.38 68.89
C ALA K 3 -62.04 -6.88 67.60
N ARG K 4 -63.31 -7.22 67.43
CA ARG K 4 -64.00 -7.01 66.15
C ARG K 4 -65.18 -6.06 66.31
N PRO K 5 -65.18 -4.88 65.66
CA PRO K 5 -66.23 -3.89 65.89
C PRO K 5 -67.49 -4.18 65.08
N LEU K 6 -68.44 -3.24 65.12
CA LEU K 6 -69.76 -3.42 64.52
C LEU K 6 -69.90 -2.48 63.33
N ILE K 7 -69.89 -3.07 62.12
CA ILE K 7 -69.95 -2.32 60.88
C ILE K 7 -71.41 -2.08 60.51
N SER K 8 -71.77 -0.83 60.26
CA SER K 8 -73.16 -0.46 60.01
C SER K 8 -73.50 -0.62 58.53
N VAL K 9 -74.70 -1.11 58.26
CA VAL K 9 -75.21 -1.22 56.90
C VAL K 9 -75.88 0.09 56.53
N TYR K 10 -75.57 0.58 55.33
CA TYR K 10 -76.17 1.80 54.83
C TYR K 10 -77.32 1.47 53.88
N SER K 11 -78.38 2.28 53.95
CA SER K 11 -79.51 2.13 53.05
C SER K 11 -79.11 2.52 51.64
N GLU K 12 -80.02 2.27 50.69
CA GLU K 12 -79.68 2.46 49.29
C GLU K 12 -79.49 3.92 48.92
N LYS K 13 -79.73 4.85 49.84
CA LYS K 13 -79.68 6.27 49.56
C LYS K 13 -78.87 7.01 50.61
N GLY K 14 -77.68 6.50 50.93
CA GLY K 14 -76.83 7.21 51.86
C GLY K 14 -76.90 6.77 53.31
N GLU K 15 -77.79 7.42 54.06
CA GLU K 15 -77.78 7.37 55.51
C GLU K 15 -77.86 5.95 56.07
N SER K 16 -77.64 5.84 57.37
CA SER K 16 -77.39 4.57 58.05
C SER K 16 -78.71 3.89 58.44
N SER K 17 -78.99 2.74 57.82
CA SER K 17 -80.05 1.83 58.26
C SER K 17 -79.69 1.25 59.63
N GLY K 18 -80.73 0.74 60.32
CA GLY K 18 -80.55 0.20 61.66
C GLY K 18 -79.68 -1.04 61.73
N LYS K 19 -79.58 -1.78 60.62
CA LYS K 19 -78.86 -3.05 60.62
C LYS K 19 -77.37 -2.83 60.86
N ASN K 20 -76.75 -3.78 61.56
CA ASN K 20 -75.38 -3.61 62.03
C ASN K 20 -74.75 -4.99 62.14
N VAL K 21 -73.72 -5.28 61.33
CA VAL K 21 -73.35 -6.69 61.16
C VAL K 21 -72.33 -7.14 62.20
N THR K 22 -71.05 -6.92 61.91
CA THR K 22 -69.88 -7.17 62.75
C THR K 22 -68.73 -7.03 61.78
N LEU K 23 -67.50 -6.92 62.24
CA LEU K 23 -66.39 -7.06 61.32
C LEU K 23 -66.02 -8.54 61.26
N PRO K 24 -66.16 -9.22 60.11
CA PRO K 24 -65.81 -10.63 60.07
C PRO K 24 -64.31 -10.81 60.18
N ALA K 25 -63.90 -11.85 60.91
CA ALA K 25 -62.52 -11.92 61.40
C ALA K 25 -61.49 -11.85 60.28
N VAL K 26 -61.90 -12.01 59.01
CA VAL K 26 -60.94 -11.88 57.91
C VAL K 26 -60.24 -10.54 57.98
N PHE K 27 -60.97 -9.48 58.33
CA PHE K 27 -60.41 -8.14 58.27
C PHE K 27 -59.47 -7.84 59.41
N LYS K 28 -59.17 -8.81 60.24
CA LYS K 28 -58.09 -8.70 61.19
C LYS K 28 -56.90 -9.56 60.79
N ALA K 29 -56.99 -10.26 59.66
CA ALA K 29 -55.89 -11.09 59.19
C ALA K 29 -54.63 -10.26 58.98
N PRO K 30 -53.46 -10.88 59.05
CA PRO K 30 -52.23 -10.16 58.79
C PRO K 30 -52.19 -9.65 57.35
N ILE K 31 -51.98 -8.34 57.21
CA ILE K 31 -51.51 -7.78 55.97
C ILE K 31 -50.14 -8.33 55.68
N ARG K 32 -49.88 -8.72 54.42
CA ARG K 32 -48.53 -9.10 54.03
C ARG K 32 -48.36 -8.82 52.56
N PRO K 33 -47.83 -7.64 52.23
CA PRO K 33 -47.67 -7.29 50.81
C PRO K 33 -46.66 -8.17 50.12
N ASP K 34 -45.68 -8.68 50.88
CA ASP K 34 -44.67 -9.58 50.32
C ASP K 34 -45.30 -10.83 49.74
N ILE K 35 -46.49 -11.19 50.23
CA ILE K 35 -47.19 -12.38 49.78
C ILE K 35 -48.24 -12.04 48.74
N VAL K 36 -48.94 -10.93 48.93
CA VAL K 36 -49.82 -10.44 47.88
C VAL K 36 -49.05 -10.26 46.59
N ASN K 37 -47.95 -9.52 46.64
CA ASN K 37 -47.14 -9.31 45.45
C ASN K 37 -46.70 -10.63 44.84
N PHE K 38 -46.07 -11.48 45.63
CA PHE K 38 -45.56 -12.75 45.11
C PHE K 38 -46.66 -13.58 44.46
N VAL K 39 -47.78 -13.75 45.15
CA VAL K 39 -48.85 -14.58 44.61
C VAL K 39 -49.44 -13.92 43.36
N HIS K 40 -49.52 -12.61 43.37
CA HIS K 40 -50.05 -11.91 42.20
C HIS K 40 -49.20 -12.17 40.96
N THR K 41 -47.88 -12.02 41.08
CA THR K 41 -47.04 -12.21 39.89
C THR K 41 -47.09 -13.65 39.40
N ASN K 42 -47.09 -14.61 40.31
CA ASN K 42 -47.14 -15.97 39.83
C ASN K 42 -48.53 -16.41 39.41
N LEU K 43 -49.54 -15.54 39.50
CA LEU K 43 -50.84 -15.91 38.96
C LEU K 43 -51.15 -15.14 37.69
N ARG K 44 -50.77 -13.88 37.62
CA ARG K 44 -50.99 -13.12 36.41
C ARG K 44 -50.23 -13.68 35.22
N LYS K 45 -49.28 -14.58 35.44
CA LYS K 45 -48.63 -15.19 34.29
C LYS K 45 -49.56 -16.14 33.57
N ASN K 46 -50.60 -16.66 34.24
CA ASN K 46 -51.31 -17.81 33.70
C ASN K 46 -52.29 -17.45 32.59
N ASN K 47 -52.75 -16.21 32.56
CA ASN K 47 -53.74 -15.78 31.57
C ASN K 47 -53.00 -15.17 30.37
N ARG K 48 -52.30 -16.04 29.64
CA ARG K 48 -51.35 -15.51 28.67
C ARG K 48 -51.06 -16.58 27.62
N GLN K 49 -50.99 -16.14 26.33
CA GLN K 49 -50.85 -17.02 25.18
C GLN K 49 -49.41 -17.08 24.72
N PRO K 50 -49.03 -18.25 24.20
CA PRO K 50 -47.64 -18.46 23.78
C PRO K 50 -47.31 -17.64 22.55
N TYR K 51 -46.24 -16.85 22.63
CA TYR K 51 -45.69 -16.18 21.46
C TYR K 51 -44.40 -16.88 21.07
N ALA K 52 -44.25 -17.13 19.78
CA ALA K 52 -43.13 -17.91 19.32
C ALA K 52 -42.83 -17.51 17.89
N VAL K 53 -41.74 -18.06 17.37
CA VAL K 53 -41.27 -17.74 16.02
C VAL K 53 -41.15 -19.03 15.24
N SER K 54 -41.52 -18.99 13.96
CA SER K 54 -41.62 -20.20 13.15
C SER K 54 -40.35 -21.03 13.24
N GLU K 55 -40.52 -22.35 13.10
CA GLU K 55 -39.37 -23.26 13.06
C GLU K 55 -38.55 -23.10 11.78
N LEU K 56 -39.03 -22.33 10.82
CA LEU K 56 -38.40 -22.25 9.52
C LEU K 56 -37.80 -20.87 9.26
N ALA K 57 -37.68 -20.05 10.29
CA ALA K 57 -37.12 -18.71 10.09
C ALA K 57 -35.68 -18.81 9.61
N GLY K 58 -35.42 -18.19 8.48
CA GLY K 58 -34.09 -18.11 7.90
C GLY K 58 -33.41 -19.45 7.85
N HIS K 59 -34.21 -20.50 7.70
CA HIS K 59 -33.68 -21.85 7.65
C HIS K 59 -34.26 -22.62 6.48
N GLN K 60 -34.51 -21.93 5.37
CA GLN K 60 -34.91 -22.56 4.11
C GLN K 60 -34.12 -21.98 2.95
N THR K 61 -32.80 -21.93 3.08
CA THR K 61 -32.00 -21.16 2.14
C THR K 61 -31.05 -22.00 1.29
N SER K 62 -30.47 -23.08 1.83
CA SER K 62 -29.48 -23.87 1.10
C SER K 62 -28.26 -22.99 0.75
N ALA K 63 -27.57 -22.57 1.80
CA ALA K 63 -26.33 -21.82 1.65
C ALA K 63 -25.16 -22.66 2.15
N GLU K 64 -24.01 -22.53 1.49
CA GLU K 64 -22.93 -23.49 1.69
C GLU K 64 -21.75 -22.96 2.50
N SER K 65 -21.46 -21.66 2.44
CA SER K 65 -20.22 -21.11 2.98
C SER K 65 -18.98 -21.63 2.26
N TRP K 66 -18.91 -21.34 0.96
CA TRP K 66 -17.60 -21.38 0.32
C TRP K 66 -16.67 -20.52 1.14
N GLY K 67 -15.55 -21.07 1.59
CA GLY K 67 -14.78 -20.40 2.62
C GLY K 67 -13.29 -20.45 2.39
N THR K 68 -12.62 -19.65 3.23
CA THR K 68 -11.20 -19.74 3.55
C THR K 68 -10.36 -19.87 2.29
N GLY K 69 -10.28 -18.76 1.57
CA GLY K 69 -9.46 -18.69 0.38
C GLY K 69 -10.09 -17.78 -0.66
N ARG K 70 -11.32 -17.33 -0.40
CA ARG K 70 -11.96 -16.38 -1.31
C ARG K 70 -12.09 -15.01 -0.68
N ALA K 71 -11.42 -14.80 0.45
CA ALA K 71 -11.23 -13.53 1.12
C ALA K 71 -12.49 -12.95 1.74
N VAL K 72 -13.55 -13.74 1.93
CA VAL K 72 -14.77 -13.03 2.31
C VAL K 72 -15.23 -13.17 3.77
N ALA K 73 -15.78 -14.32 4.16
CA ALA K 73 -16.23 -14.30 5.56
C ALA K 73 -16.23 -15.64 6.29
N ARG K 74 -16.40 -16.76 5.58
CA ARG K 74 -16.77 -18.06 6.14
C ARG K 74 -18.21 -18.15 6.62
N ILE K 75 -19.10 -17.26 6.16
CA ILE K 75 -20.50 -17.32 6.57
C ILE K 75 -21.27 -18.10 5.50
N PRO K 76 -22.23 -18.97 5.87
CA PRO K 76 -22.99 -19.67 4.83
C PRO K 76 -23.62 -18.70 3.85
N ARG K 77 -23.19 -18.72 2.61
CA ARG K 77 -23.67 -17.74 1.64
C ARG K 77 -24.58 -18.40 0.62
N VAL K 78 -25.52 -17.62 0.11
CA VAL K 78 -26.59 -18.17 -0.71
C VAL K 78 -26.08 -18.61 -2.06
N ARG K 79 -26.56 -19.77 -2.51
CA ARG K 79 -25.99 -20.43 -3.67
C ARG K 79 -26.40 -19.75 -4.98
N GLY K 80 -25.50 -19.84 -5.96
CA GLY K 80 -25.72 -19.43 -7.35
C GLY K 80 -26.46 -18.13 -7.57
N GLY K 81 -27.38 -18.14 -8.53
CA GLY K 81 -28.33 -17.07 -8.69
C GLY K 81 -27.88 -15.94 -9.59
N GLY K 82 -28.85 -15.11 -9.93
CA GLY K 82 -28.61 -13.88 -10.64
C GLY K 82 -29.39 -12.75 -10.00
N THR K 83 -29.52 -12.78 -8.69
CA THR K 83 -30.26 -11.78 -7.93
C THR K 83 -29.31 -11.04 -7.00
N HIS K 84 -29.89 -10.20 -6.13
CA HIS K 84 -29.12 -9.72 -4.99
C HIS K 84 -28.89 -10.82 -3.98
N ARG K 85 -29.91 -11.59 -3.65
CA ARG K 85 -29.77 -12.63 -2.65
C ARG K 85 -28.94 -13.79 -3.18
N SER K 86 -27.67 -13.52 -3.47
CA SER K 86 -26.75 -14.55 -3.93
C SER K 86 -25.38 -14.21 -3.35
N GLY K 87 -24.82 -15.12 -2.57
CA GLY K 87 -23.67 -14.75 -1.77
C GLY K 87 -24.02 -13.65 -0.77
N GLN K 88 -24.95 -13.93 0.14
CA GLN K 88 -25.40 -12.94 1.10
C GLN K 88 -25.09 -13.35 2.54
N GLY K 89 -25.42 -14.58 2.93
CA GLY K 89 -25.27 -14.96 4.31
C GLY K 89 -26.61 -15.33 4.90
N ALA K 90 -26.81 -16.61 5.18
CA ALA K 90 -27.99 -17.07 5.84
C ALA K 90 -27.57 -17.92 7.03
N PHE K 91 -28.57 -18.46 7.73
CA PHE K 91 -28.40 -19.13 9.01
C PHE K 91 -27.35 -18.42 9.86
N GLY K 92 -27.55 -17.13 10.04
CA GLY K 92 -26.68 -16.45 10.98
C GLY K 92 -27.48 -15.52 11.85
N ASN K 93 -27.23 -15.51 13.16
CA ASN K 93 -27.86 -14.49 13.96
C ASN K 93 -27.37 -13.11 13.56
N MET K 94 -26.15 -13.02 13.02
CA MET K 94 -25.63 -11.70 12.68
C MET K 94 -26.32 -11.12 11.46
N CYS K 95 -26.57 -11.97 10.46
CA CYS K 95 -26.84 -11.49 9.12
C CYS K 95 -28.33 -11.26 8.86
N ARG K 96 -28.61 -10.28 8.01
CA ARG K 96 -29.92 -10.07 7.41
C ARG K 96 -30.49 -11.39 6.93
N GLY K 97 -31.80 -11.58 7.14
CA GLY K 97 -32.34 -12.91 6.98
C GLY K 97 -32.02 -13.75 8.20
N GLY K 98 -31.34 -14.89 8.04
CA GLY K 98 -30.93 -15.74 9.14
C GLY K 98 -32.03 -16.07 10.13
N ARG K 99 -31.69 -16.50 11.36
CA ARG K 99 -32.66 -16.59 12.43
C ARG K 99 -32.11 -15.91 13.67
N MET K 100 -32.92 -15.86 14.71
CA MET K 100 -32.46 -15.21 15.92
C MET K 100 -31.56 -16.16 16.70
N PHE K 101 -31.13 -15.71 17.87
CA PHE K 101 -30.51 -16.59 18.84
C PHE K 101 -31.60 -17.34 19.58
N ALA K 102 -31.57 -18.68 19.46
CA ALA K 102 -32.48 -19.56 20.17
C ALA K 102 -33.91 -19.11 19.89
N PRO K 103 -34.44 -19.43 18.71
CA PRO K 103 -35.80 -19.00 18.35
C PRO K 103 -36.78 -19.23 19.49
N THR K 104 -37.56 -18.20 19.86
CA THR K 104 -38.50 -18.35 20.96
C THR K 104 -39.38 -19.57 20.70
N LYS K 105 -39.24 -20.62 21.52
CA LYS K 105 -40.03 -21.81 21.25
C LYS K 105 -41.32 -21.78 22.06
N THR K 106 -42.28 -22.60 21.61
CA THR K 106 -43.62 -22.56 22.15
C THR K 106 -43.70 -23.18 23.54
N TRP K 107 -42.83 -24.15 23.84
CA TRP K 107 -42.93 -24.85 25.10
C TRP K 107 -42.14 -24.15 26.20
N ARG K 108 -41.98 -22.84 26.12
CA ARG K 108 -41.54 -22.08 27.29
C ARG K 108 -42.53 -22.29 28.43
N ARG K 109 -42.02 -22.41 29.65
CA ARG K 109 -42.91 -22.65 30.79
C ARG K 109 -43.71 -21.37 31.06
N TRP K 110 -44.82 -21.22 30.32
CA TRP K 110 -45.60 -19.99 30.36
C TRP K 110 -46.25 -19.81 31.73
N HIS K 111 -46.88 -20.85 32.22
CA HIS K 111 -47.76 -20.77 33.37
C HIS K 111 -46.99 -21.08 34.64
N ARG K 112 -47.52 -20.56 35.74
CA ARG K 112 -46.90 -20.69 37.03
C ARG K 112 -47.84 -21.35 38.00
N ARG K 113 -47.44 -21.39 39.26
CA ARG K 113 -48.07 -22.22 40.26
C ARG K 113 -48.07 -21.47 41.57
N VAL K 114 -49.04 -21.76 42.42
CA VAL K 114 -48.94 -21.34 43.81
C VAL K 114 -49.54 -22.44 44.67
N ASN K 115 -49.04 -22.55 45.89
CA ASN K 115 -49.71 -23.39 46.85
C ASN K 115 -51.14 -22.91 47.07
N THR K 116 -52.00 -23.85 47.46
CA THR K 116 -53.39 -23.50 47.70
C THR K 116 -53.52 -22.51 48.86
N THR K 117 -52.92 -22.84 50.01
CA THR K 117 -53.03 -21.95 51.16
C THR K 117 -52.34 -20.62 50.91
N GLN K 118 -51.25 -20.62 50.13
CA GLN K 118 -50.59 -19.35 49.84
C GLN K 118 -51.54 -18.39 49.13
N LYS K 119 -52.18 -18.84 48.05
CA LYS K 119 -53.09 -17.98 47.32
C LYS K 119 -54.45 -17.84 47.99
N ARG K 120 -54.66 -18.48 49.15
CA ARG K 120 -55.82 -18.16 49.98
C ARG K 120 -55.50 -17.02 50.93
N TYR K 121 -54.35 -17.11 51.56
CA TYR K 121 -53.87 -16.12 52.48
C TYR K 121 -53.33 -14.89 51.77
N ALA K 122 -53.22 -14.93 50.44
CA ALA K 122 -53.06 -13.69 49.70
C ALA K 122 -54.37 -12.94 49.61
N ILE K 123 -55.48 -13.61 49.83
CA ILE K 123 -56.76 -12.92 49.81
C ILE K 123 -57.10 -12.34 51.16
N CYS K 124 -56.70 -13.00 52.25
CA CYS K 124 -56.91 -12.41 53.56
C CYS K 124 -56.22 -11.05 53.65
N SER K 125 -54.91 -11.02 53.38
CA SER K 125 -54.22 -9.74 53.46
C SER K 125 -54.75 -8.75 52.45
N ALA K 126 -55.24 -9.24 51.30
CA ALA K 126 -55.86 -8.33 50.35
C ALA K 126 -57.11 -7.71 50.95
N LEU K 127 -57.91 -8.51 51.64
CA LEU K 127 -59.17 -7.99 52.19
C LEU K 127 -58.90 -7.13 53.41
N ALA K 128 -58.04 -7.60 54.31
CA ALA K 128 -57.80 -6.88 55.55
C ALA K 128 -57.26 -5.48 55.29
N ALA K 129 -56.58 -5.32 54.17
CA ALA K 129 -56.12 -3.99 53.77
C ALA K 129 -57.17 -3.23 52.99
N SER K 130 -58.29 -3.85 52.62
CA SER K 130 -59.37 -3.07 52.03
C SER K 130 -60.08 -2.23 53.08
N ALA K 131 -59.90 -2.56 54.37
CA ALA K 131 -60.21 -1.64 55.46
C ALA K 131 -59.00 -0.73 55.65
N LEU K 132 -58.90 -0.01 56.76
CA LEU K 132 -57.71 0.78 57.02
C LEU K 132 -57.52 1.86 55.95
N PRO K 133 -58.32 2.94 55.98
CA PRO K 133 -58.30 3.94 54.90
C PRO K 133 -56.93 4.45 54.48
N ALA K 134 -55.94 4.46 55.39
CA ALA K 134 -54.58 4.81 55.00
C ALA K 134 -54.13 3.97 53.82
N LEU K 135 -54.16 2.64 53.97
CA LEU K 135 -53.77 1.75 52.88
C LEU K 135 -54.65 1.95 51.66
N VAL K 136 -55.95 2.18 51.87
CA VAL K 136 -56.85 2.31 50.73
C VAL K 136 -56.59 3.58 49.98
N MET K 137 -56.57 4.71 50.67
CA MET K 137 -56.31 5.96 49.98
C MET K 137 -54.92 5.97 49.37
N SER K 138 -53.95 5.37 50.05
CA SER K 138 -52.59 5.33 49.54
C SER K 138 -52.50 4.61 48.20
N LYS K 139 -53.57 3.93 47.77
CA LYS K 139 -53.67 3.46 46.41
C LYS K 139 -54.40 4.44 45.51
N GLY K 140 -54.63 5.66 46.00
CA GLY K 140 -55.24 6.69 45.19
C GLY K 140 -56.65 6.32 44.79
N HIS K 141 -57.47 5.95 45.78
CA HIS K 141 -58.87 5.59 45.56
C HIS K 141 -59.84 6.60 46.13
N ARG K 142 -59.42 7.87 46.21
CA ARG K 142 -60.30 9.03 46.35
C ARG K 142 -61.46 8.79 47.32
N ILE K 143 -61.12 8.25 48.49
CA ILE K 143 -62.08 8.01 49.55
C ILE K 143 -61.84 9.12 50.58
N GLU K 144 -62.54 10.21 50.42
CA GLU K 144 -62.45 11.30 51.38
C GLU K 144 -63.81 11.68 51.92
N GLU K 145 -64.88 11.23 51.28
CA GLU K 145 -66.22 11.54 51.69
C GLU K 145 -67.02 10.28 51.97
N VAL K 146 -66.42 9.11 51.79
CA VAL K 146 -67.14 7.85 52.01
C VAL K 146 -67.48 7.72 53.50
N PRO K 147 -68.72 7.40 53.85
CA PRO K 147 -69.10 7.39 55.27
C PRO K 147 -68.32 6.41 56.13
N GLU K 148 -68.04 5.20 55.65
CA GLU K 148 -67.19 4.31 56.43
C GLU K 148 -66.46 3.36 55.50
N LEU K 149 -65.32 2.86 55.95
CA LEU K 149 -64.42 2.24 55.00
C LEU K 149 -64.84 0.80 54.70
N PRO K 150 -65.14 -0.04 55.68
CA PRO K 150 -65.78 -1.30 55.32
C PRO K 150 -67.23 -1.03 54.94
N LEU K 151 -67.39 -0.40 53.77
CA LEU K 151 -68.67 0.13 53.33
C LEU K 151 -69.62 -1.01 53.01
N VAL K 152 -70.67 -1.15 53.79
CA VAL K 152 -71.71 -2.14 53.53
C VAL K 152 -72.94 -1.44 52.97
N VAL K 153 -73.57 -2.06 51.98
CA VAL K 153 -74.76 -1.53 51.35
C VAL K 153 -75.91 -2.51 51.55
N GLU K 154 -77.12 -2.01 51.37
CA GLU K 154 -78.29 -2.87 51.43
C GLU K 154 -78.28 -3.90 50.31
N ASP K 155 -79.09 -4.95 50.47
CA ASP K 155 -79.23 -5.97 49.43
C ASP K 155 -80.35 -5.64 48.44
N LYS K 156 -80.81 -4.39 48.40
CA LYS K 156 -81.56 -3.91 47.25
C LYS K 156 -80.69 -3.87 46.00
N VAL K 157 -79.39 -3.60 46.19
CA VAL K 157 -78.49 -3.37 45.08
C VAL K 157 -78.38 -4.60 44.18
N GLU K 158 -78.56 -5.80 44.74
CA GLU K 158 -78.49 -6.99 43.92
C GLU K 158 -79.57 -7.02 42.86
N SER K 159 -80.61 -6.21 42.99
CA SER K 159 -81.76 -6.29 42.10
C SER K 159 -81.92 -5.07 41.21
N TYR K 160 -80.98 -4.13 41.23
CA TYR K 160 -81.01 -3.04 40.27
C TYR K 160 -80.85 -3.57 38.86
N LYS K 161 -81.54 -2.92 37.92
CA LYS K 161 -81.39 -3.38 36.53
C LYS K 161 -81.30 -2.24 35.55
N LYS K 162 -80.87 -1.05 36.00
CA LYS K 162 -80.65 0.07 35.11
C LYS K 162 -79.43 0.83 35.59
N THR K 163 -78.47 1.09 34.69
CA THR K 163 -77.27 1.81 35.09
C THR K 163 -77.59 3.13 35.77
N LYS K 164 -78.79 3.67 35.55
CA LYS K 164 -79.14 4.93 36.21
C LYS K 164 -79.14 4.77 37.72
N GLU K 165 -79.70 3.67 38.21
CA GLU K 165 -79.75 3.47 39.66
C GLU K 165 -78.36 3.21 40.22
N ALA K 166 -77.57 2.38 39.54
CA ALA K 166 -76.21 2.10 39.99
C ALA K 166 -75.39 3.38 40.06
N VAL K 167 -75.59 4.27 39.09
CA VAL K 167 -74.94 5.58 39.15
C VAL K 167 -75.48 6.39 40.31
N LEU K 168 -76.77 6.24 40.62
CA LEU K 168 -77.35 7.00 41.73
C LEU K 168 -76.83 6.49 43.07
N LEU K 169 -76.61 5.18 43.18
CA LEU K 169 -76.08 4.63 44.41
C LEU K 169 -74.68 5.19 44.70
N LEU K 170 -73.80 5.18 43.69
CA LEU K 170 -72.43 5.64 43.87
C LEU K 170 -72.32 7.13 44.13
N LYS K 171 -73.43 7.89 44.12
CA LYS K 171 -73.43 9.27 44.57
C LYS K 171 -73.76 9.38 46.04
N LYS K 172 -74.80 8.67 46.47
CA LYS K 172 -75.23 8.76 47.87
C LYS K 172 -74.19 8.18 48.81
N LEU K 173 -73.43 7.20 48.36
CA LEU K 173 -72.31 6.71 49.14
C LEU K 173 -71.08 7.58 48.97
N LYS K 174 -71.17 8.66 48.19
CA LYS K 174 -70.04 9.51 47.84
C LYS K 174 -68.89 8.71 47.26
N ALA K 175 -69.21 7.74 46.41
CA ALA K 175 -68.22 6.97 45.69
C ALA K 175 -67.99 7.47 44.28
N TRP K 176 -68.71 8.51 43.86
CA TRP K 176 -68.55 9.01 42.50
C TRP K 176 -67.10 9.35 42.23
N ASN K 177 -66.48 10.03 43.19
CA ASN K 177 -65.16 10.61 42.94
C ASN K 177 -64.14 9.59 42.48
N ASP K 178 -64.35 8.30 42.75
CA ASP K 178 -63.42 7.32 42.21
C ASP K 178 -63.65 7.13 40.73
N ILE K 179 -64.89 6.98 40.31
CA ILE K 179 -65.16 6.91 38.88
C ILE K 179 -64.82 8.22 38.22
N LYS K 180 -65.12 9.33 38.90
CA LYS K 180 -64.68 10.64 38.46
C LYS K 180 -63.19 10.62 38.15
N LYS K 181 -62.37 10.17 39.11
CA LYS K 181 -60.95 10.00 38.88
C LYS K 181 -60.69 9.08 37.68
N VAL K 182 -61.29 7.90 37.71
CA VAL K 182 -61.16 6.97 36.60
C VAL K 182 -61.54 7.63 35.29
N TYR K 183 -62.64 8.38 35.29
CA TYR K 183 -63.06 9.06 34.07
C TYR K 183 -61.97 9.97 33.54
N ALA K 184 -61.16 10.55 34.42
CA ALA K 184 -60.15 11.49 33.97
C ALA K 184 -58.88 10.81 33.50
N SER K 185 -58.66 9.56 33.88
CA SER K 185 -57.42 8.89 33.58
C SER K 185 -57.44 8.21 32.22
N GLN K 186 -58.31 8.63 31.32
CA GLN K 186 -58.40 7.97 30.03
C GLN K 186 -57.41 8.61 29.08
N ARG K 187 -56.68 7.77 28.34
CA ARG K 187 -55.71 8.28 27.38
C ARG K 187 -55.18 7.10 26.56
N MET K 188 -54.29 7.39 25.61
CA MET K 188 -53.66 6.35 24.82
C MET K 188 -52.48 5.76 25.56
N ARG K 189 -52.34 4.44 25.48
CA ARG K 189 -51.15 3.80 26.02
C ARG K 189 -49.92 4.37 25.33
N ALA K 190 -48.77 4.24 26.00
CA ALA K 190 -47.55 4.87 25.49
C ALA K 190 -47.04 4.17 24.23
N GLY K 191 -46.82 2.86 24.30
CA GLY K 191 -45.97 2.17 23.36
C GLY K 191 -46.64 1.59 22.14
N LYS K 192 -45.94 0.64 21.52
CA LYS K 192 -46.45 -0.16 20.42
C LYS K 192 -47.69 -0.94 20.79
N GLY K 193 -48.08 -0.97 22.06
CA GLY K 193 -49.32 -1.61 22.45
C GLY K 193 -50.55 -1.01 21.80
N LYS K 194 -50.43 0.18 21.19
CA LYS K 194 -51.59 0.77 20.53
C LYS K 194 -52.05 -0.08 19.36
N MET K 195 -51.14 -0.47 18.48
CA MET K 195 -51.57 -1.26 17.34
C MET K 195 -51.74 -2.72 17.68
N ARG K 196 -51.82 -3.10 18.95
CA ARG K 196 -52.34 -4.42 19.30
C ARG K 196 -53.43 -4.23 20.35
N ASN K 197 -54.61 -3.77 19.92
CA ASN K 197 -55.87 -3.91 20.64
C ASN K 197 -55.79 -3.58 22.13
N ARG K 198 -54.74 -2.88 22.57
CA ARG K 198 -54.62 -2.47 23.97
C ARG K 198 -54.46 -0.96 23.95
N ARG K 199 -55.35 -0.30 23.22
CA ARG K 199 -55.16 1.11 22.92
C ARG K 199 -55.34 1.98 24.15
N ARG K 200 -56.52 1.95 24.75
CA ARG K 200 -56.87 2.86 25.82
C ARG K 200 -56.62 2.24 27.18
N ILE K 201 -56.32 3.10 28.16
CA ILE K 201 -56.04 2.69 29.53
C ILE K 201 -56.72 3.66 30.47
N GLN K 202 -56.96 3.19 31.70
CA GLN K 202 -57.59 4.00 32.74
C GLN K 202 -57.22 3.41 34.10
N ARG K 203 -57.63 4.10 35.17
CA ARG K 203 -57.40 3.59 36.51
C ARG K 203 -58.30 2.38 36.78
N ARG K 204 -58.23 1.87 38.00
CA ARG K 204 -59.24 0.96 38.49
C ARG K 204 -60.20 1.71 39.38
N GLY K 205 -61.46 1.28 39.36
CA GLY K 205 -62.47 1.91 40.16
C GLY K 205 -62.76 1.11 41.40
N PRO K 206 -63.83 1.47 42.11
CA PRO K 206 -64.24 0.68 43.26
C PRO K 206 -64.74 -0.68 42.84
N CYS K 207 -64.29 -1.71 43.52
CA CYS K 207 -64.83 -3.04 43.33
C CYS K 207 -66.12 -3.18 44.12
N ILE K 208 -67.05 -3.98 43.57
CA ILE K 208 -68.34 -4.23 44.21
C ILE K 208 -68.51 -5.73 44.35
N ILE K 209 -68.81 -6.17 45.56
CA ILE K 209 -68.96 -7.59 45.85
C ILE K 209 -70.43 -7.88 46.15
N TYR K 210 -70.88 -9.04 45.71
CA TYR K 210 -72.29 -9.40 45.74
C TYR K 210 -72.39 -10.90 45.93
N ASN K 211 -73.44 -11.33 46.63
CA ASN K 211 -73.56 -12.74 46.94
C ASN K 211 -74.28 -13.53 45.85
N GLU K 212 -75.15 -12.89 45.08
CA GLU K 212 -75.84 -13.58 43.98
C GLU K 212 -76.09 -12.58 42.86
N ASP K 213 -75.89 -13.02 41.62
CA ASP K 213 -76.15 -12.18 40.46
C ASP K 213 -77.65 -12.17 40.24
N ASN K 214 -78.30 -11.18 40.84
CA ASN K 214 -79.73 -10.98 40.70
C ASN K 214 -80.05 -9.84 39.74
N GLY K 215 -79.11 -9.52 38.84
CA GLY K 215 -79.23 -8.41 37.93
C GLY K 215 -78.26 -7.29 38.17
N ILE K 216 -77.49 -7.34 39.26
CA ILE K 216 -76.63 -6.22 39.61
C ILE K 216 -75.52 -6.04 38.60
N ILE K 217 -74.93 -7.14 38.13
CA ILE K 217 -73.82 -7.03 37.19
C ILE K 217 -74.28 -6.42 35.88
N LYS K 218 -75.59 -6.46 35.59
CA LYS K 218 -76.11 -5.74 34.45
C LYS K 218 -76.11 -4.23 34.70
N ALA K 219 -76.47 -3.81 35.92
CA ALA K 219 -76.46 -2.41 36.26
C ALA K 219 -75.05 -1.83 36.22
N PHE K 220 -74.17 -2.32 37.08
CA PHE K 220 -72.84 -1.72 37.16
C PHE K 220 -71.94 -2.27 36.06
N ARG K 221 -72.41 -2.24 34.82
CA ARG K 221 -71.61 -2.80 33.75
C ARG K 221 -70.99 -1.72 32.89
N ASN K 222 -71.72 -0.64 32.67
CA ASN K 222 -71.23 0.42 31.82
C ASN K 222 -70.30 1.37 32.56
N ILE K 223 -70.51 1.55 33.85
CA ILE K 223 -69.71 2.49 34.61
C ILE K 223 -68.25 2.07 34.59
N PRO K 224 -67.35 2.90 34.06
CA PRO K 224 -65.96 2.45 33.87
C PRO K 224 -65.21 2.36 35.19
N GLY K 225 -64.28 1.40 35.23
CA GLY K 225 -63.49 1.14 36.41
C GLY K 225 -64.11 0.15 37.36
N ILE K 226 -65.45 0.06 37.38
CA ILE K 226 -66.12 -0.85 38.29
C ILE K 226 -65.92 -2.28 37.82
N THR K 227 -65.50 -3.14 38.73
CA THR K 227 -65.47 -4.57 38.49
C THR K 227 -66.38 -5.25 39.49
N LEU K 228 -66.97 -6.37 39.08
CA LEU K 228 -67.88 -7.14 39.93
C LEU K 228 -67.20 -8.43 40.35
N LEU K 229 -67.21 -8.71 41.65
CA LEU K 229 -66.59 -9.90 42.18
C LEU K 229 -67.58 -10.60 43.09
N ASN K 230 -67.98 -11.81 42.71
CA ASN K 230 -68.80 -12.64 43.58
C ASN K 230 -67.99 -13.06 44.80
N VAL K 231 -68.66 -13.20 45.95
CA VAL K 231 -67.92 -13.55 47.16
C VAL K 231 -67.32 -14.93 47.04
N SER K 232 -68.15 -15.92 46.75
CA SER K 232 -67.64 -17.27 46.68
C SER K 232 -66.53 -17.44 45.63
N LYS K 233 -66.24 -16.43 44.82
CA LYS K 233 -65.25 -16.55 43.74
C LYS K 233 -64.30 -15.34 43.72
N LEU K 234 -63.71 -15.02 44.87
CA LEU K 234 -62.84 -13.86 44.98
C LEU K 234 -61.57 -14.08 44.17
N ASN K 235 -60.81 -13.01 43.98
CA ASN K 235 -59.79 -13.02 42.94
C ASN K 235 -58.71 -12.02 43.32
N ILE K 236 -57.50 -12.52 43.57
CA ILE K 236 -56.41 -11.63 43.98
C ILE K 236 -56.07 -10.66 42.86
N LEU K 237 -56.16 -11.14 41.62
CA LEU K 237 -55.81 -10.30 40.47
C LEU K 237 -56.74 -9.09 40.33
N LYS K 238 -57.89 -9.10 41.00
CA LYS K 238 -58.80 -7.98 40.94
C LYS K 238 -59.01 -7.28 42.28
N LEU K 239 -58.71 -7.94 43.39
CA LEU K 239 -58.77 -7.24 44.67
C LEU K 239 -57.52 -6.42 44.93
N ALA K 240 -56.38 -6.83 44.40
CA ALA K 240 -55.12 -6.13 44.66
C ALA K 240 -54.37 -6.00 43.34
N PRO K 241 -54.84 -5.14 42.45
CA PRO K 241 -54.23 -5.05 41.11
C PRO K 241 -52.80 -4.54 41.19
N GLY K 242 -51.94 -5.17 40.39
CA GLY K 242 -50.55 -4.76 40.33
C GLY K 242 -49.70 -5.26 41.47
N GLY K 243 -50.16 -6.25 42.22
CA GLY K 243 -49.40 -6.69 43.37
C GLY K 243 -49.29 -5.67 44.48
N HIS K 244 -49.94 -4.52 44.34
CA HIS K 244 -50.11 -3.59 45.45
C HIS K 244 -51.39 -3.94 46.19
N VAL K 245 -51.46 -3.46 47.41
CA VAL K 245 -52.50 -3.87 48.32
C VAL K 245 -53.58 -2.80 48.40
N GLY K 246 -54.74 -3.21 48.89
CA GLY K 246 -55.72 -2.26 49.38
C GLY K 246 -56.46 -1.48 48.32
N ARG K 247 -57.35 -2.16 47.60
CA ARG K 247 -58.25 -1.49 46.67
C ARG K 247 -59.61 -1.28 47.33
N PHE K 248 -60.28 -0.20 46.94
CA PHE K 248 -61.63 0.05 47.39
C PHE K 248 -62.55 -1.12 47.08
N CYS K 249 -63.39 -1.48 48.04
CA CYS K 249 -64.42 -2.49 47.87
C CYS K 249 -65.75 -1.97 48.42
N ILE K 250 -66.84 -2.42 47.80
CA ILE K 250 -68.19 -2.06 48.21
C ILE K 250 -68.96 -3.37 48.41
N TRP K 251 -69.09 -3.79 49.66
CA TRP K 251 -69.78 -5.02 49.98
C TRP K 251 -71.28 -4.77 50.10
N THR K 252 -72.05 -5.73 49.61
CA THR K 252 -73.47 -5.78 49.92
C THR K 252 -73.69 -6.68 51.13
N GLU K 253 -74.79 -6.45 51.83
CA GLU K 253 -75.00 -7.05 53.14
C GLU K 253 -74.95 -8.57 53.07
N SER K 254 -75.63 -9.15 52.09
CA SER K 254 -75.64 -10.61 51.98
C SER K 254 -74.24 -11.17 51.85
N ALA K 255 -73.37 -10.50 51.07
CA ALA K 255 -72.00 -10.98 50.91
C ALA K 255 -71.16 -10.73 52.15
N PHE K 256 -71.46 -9.64 52.88
CA PHE K 256 -70.67 -9.32 54.06
C PHE K 256 -70.87 -10.35 55.17
N ARG K 257 -72.05 -10.97 55.24
CA ARG K 257 -72.28 -12.04 56.20
C ARG K 257 -71.45 -13.27 55.86
N LYS K 258 -71.56 -13.72 54.62
CA LYS K 258 -70.94 -14.96 54.21
C LYS K 258 -69.42 -14.95 54.39
N LEU K 259 -68.81 -13.77 54.59
CA LEU K 259 -67.36 -13.68 54.53
C LEU K 259 -66.69 -14.51 55.61
N ASP K 260 -67.24 -14.50 56.83
CA ASP K 260 -66.66 -15.33 57.87
C ASP K 260 -66.97 -16.81 57.64
N GLU K 261 -68.11 -17.12 57.05
CA GLU K 261 -68.40 -18.49 56.68
C GLU K 261 -67.72 -18.91 55.38
N LEU K 262 -67.24 -17.95 54.59
CA LEU K 262 -66.55 -18.31 53.37
C LEU K 262 -65.18 -18.87 53.68
N TYR K 263 -64.33 -18.08 54.33
CA TYR K 263 -63.04 -18.62 54.76
C TYR K 263 -62.72 -18.17 56.16
N GLY K 264 -63.69 -18.38 57.05
CA GLY K 264 -63.40 -18.69 58.44
C GLY K 264 -63.11 -17.53 59.35
N THR K 265 -63.55 -17.65 60.61
CA THR K 265 -63.07 -16.80 61.68
C THR K 265 -61.88 -17.47 62.34
N TRP K 266 -61.48 -16.99 63.52
CA TRP K 266 -60.26 -17.53 64.08
C TRP K 266 -60.51 -18.81 64.83
N ARG K 267 -61.40 -18.78 65.82
CA ARG K 267 -61.66 -20.00 66.57
C ARG K 267 -62.91 -20.70 66.05
N LYS K 268 -62.86 -21.00 64.75
CA LYS K 268 -63.88 -21.80 64.08
C LYS K 268 -63.42 -22.09 62.66
N ALA K 269 -63.81 -23.25 62.15
CA ALA K 269 -63.37 -23.64 60.82
C ALA K 269 -63.99 -22.72 59.78
N ALA K 270 -63.63 -22.97 58.52
CA ALA K 270 -64.21 -22.22 57.42
C ALA K 270 -65.69 -22.60 57.22
N THR K 271 -65.97 -23.91 57.19
CA THR K 271 -67.29 -24.51 56.96
C THR K 271 -67.83 -24.25 55.56
N LEU K 272 -67.03 -23.70 54.67
CA LEU K 272 -67.30 -23.70 53.23
C LEU K 272 -66.10 -24.15 52.42
N LYS K 273 -64.90 -24.02 52.95
CA LYS K 273 -63.71 -24.68 52.46
C LYS K 273 -63.45 -25.91 53.31
N SER K 274 -62.77 -26.88 52.70
CA SER K 274 -62.61 -28.19 53.35
C SER K 274 -61.95 -28.05 54.72
N ASN K 275 -60.70 -27.59 54.74
CA ASN K 275 -59.95 -27.44 55.98
C ASN K 275 -59.12 -26.19 55.82
N TYR K 276 -59.50 -25.13 56.54
CA TYR K 276 -58.83 -23.86 56.38
C TYR K 276 -59.24 -22.93 57.51
N ASN K 277 -58.27 -22.19 58.03
CA ASN K 277 -58.53 -21.17 59.03
C ASN K 277 -57.61 -19.99 58.78
N LEU K 278 -57.97 -18.86 59.36
CA LEU K 278 -57.17 -17.67 59.13
C LEU K 278 -55.75 -17.89 59.61
N PRO K 279 -54.79 -17.22 58.98
CA PRO K 279 -53.40 -17.30 59.43
C PRO K 279 -53.21 -16.60 60.76
N MET K 280 -52.28 -17.14 61.55
CA MET K 280 -51.99 -16.53 62.84
C MET K 280 -51.00 -15.38 62.67
N HIS K 281 -50.71 -14.69 63.76
CA HIS K 281 -49.83 -13.53 63.70
C HIS K 281 -48.45 -13.83 64.22
N LYS K 282 -47.43 -13.39 63.46
CA LYS K 282 -46.07 -13.44 63.98
C LYS K 282 -45.92 -12.52 65.19
N MET K 283 -46.80 -11.53 65.35
CA MET K 283 -46.83 -10.66 66.51
C MET K 283 -48.19 -9.98 66.57
N LEU K 284 -48.65 -9.72 67.79
CA LEU K 284 -49.99 -9.17 67.99
C LEU K 284 -50.01 -7.65 67.98
N ASN K 285 -49.30 -7.03 68.92
CA ASN K 285 -49.29 -5.58 69.04
C ASN K 285 -48.40 -5.01 67.94
N THR K 286 -48.98 -4.94 66.74
CA THR K 286 -48.21 -4.53 65.57
C THR K 286 -47.66 -3.12 65.71
N ASP K 287 -48.18 -2.34 66.65
CA ASP K 287 -47.59 -1.06 67.00
C ASP K 287 -46.51 -1.24 68.05
N LEU K 288 -45.38 -0.58 67.83
CA LEU K 288 -44.29 -0.60 68.78
C LEU K 288 -44.01 0.76 69.38
N SER K 289 -44.73 1.81 68.96
CA SER K 289 -44.57 3.10 69.60
C SER K 289 -45.09 3.04 71.03
N ARG K 290 -46.15 2.27 71.26
CA ARG K 290 -46.68 2.09 72.61
C ARG K 290 -45.85 1.11 73.41
N ILE K 291 -45.36 0.04 72.75
CA ILE K 291 -44.48 -0.90 73.43
C ILE K 291 -43.23 -0.20 73.95
N LEU K 292 -42.65 0.68 73.14
CA LEU K 292 -41.37 1.28 73.49
C LEU K 292 -41.47 2.37 74.54
N LYS K 293 -42.66 2.82 74.91
CA LYS K 293 -42.78 3.75 76.03
C LYS K 293 -43.80 3.27 77.02
N SER K 294 -43.87 1.96 77.21
CA SER K 294 -44.56 1.42 78.35
C SER K 294 -43.61 1.41 79.54
N PRO K 295 -44.15 1.41 80.76
CA PRO K 295 -43.28 1.43 81.95
C PRO K 295 -42.44 0.17 82.11
N GLU K 296 -42.90 -0.97 81.59
CA GLU K 296 -42.12 -2.20 81.71
C GLU K 296 -40.79 -2.05 80.98
N ILE K 297 -40.83 -1.57 79.74
CA ILE K 297 -39.61 -1.44 78.96
C ILE K 297 -38.79 -0.26 79.45
N GLN K 298 -39.43 0.90 79.63
CA GLN K 298 -38.69 2.11 80.02
C GLN K 298 -37.88 1.89 81.28
N ARG K 299 -38.41 1.10 82.21
CA ARG K 299 -37.74 0.94 83.50
C ARG K 299 -36.41 0.20 83.36
N ALA K 300 -36.31 -0.75 82.44
CA ALA K 300 -35.15 -1.64 82.40
C ALA K 300 -34.13 -1.24 81.35
N LEU K 301 -33.92 0.06 81.13
CA LEU K 301 -33.10 0.54 80.02
C LEU K 301 -31.87 1.28 80.53
N ARG K 302 -30.72 0.96 79.95
CA ARG K 302 -29.55 1.80 80.15
C ARG K 302 -29.86 3.21 79.67
N ALA K 303 -29.44 4.20 80.44
CA ALA K 303 -29.64 5.59 80.04
C ALA K 303 -28.87 5.87 78.76
N PRO K 304 -29.39 6.75 77.91
CA PRO K 304 -28.81 7.03 76.59
C PRO K 304 -27.40 7.62 76.58
N ARG K 305 -26.89 7.86 75.39
CA ARG K 305 -25.56 8.46 75.22
C ARG K 305 -25.65 9.39 74.01
N LYS K 306 -25.87 10.68 74.24
CA LYS K 306 -26.12 11.59 73.14
C LYS K 306 -25.31 12.88 73.30
N LYS K 307 -24.01 12.72 73.48
CA LYS K 307 -23.10 13.86 73.57
C LYS K 307 -22.11 13.78 72.43
N ILE K 308 -22.62 13.72 71.20
CA ILE K 308 -21.85 13.42 70.00
C ILE K 308 -20.47 14.05 70.09
N HIS K 309 -19.44 13.20 69.98
CA HIS K 309 -18.08 13.58 70.32
C HIS K 309 -17.32 13.88 69.05
N ARG K 310 -17.45 15.12 68.60
CA ARG K 310 -16.62 15.62 67.51
C ARG K 310 -15.16 15.33 67.85
N ARG K 311 -14.42 14.90 66.83
CA ARG K 311 -13.04 14.50 67.07
C ARG K 311 -12.19 15.69 67.48
N VAL K 312 -11.24 15.45 68.35
CA VAL K 312 -10.41 16.51 68.90
C VAL K 312 -9.19 16.70 68.01
N LEU K 313 -8.93 17.95 67.62
CA LEU K 313 -7.69 18.28 66.94
C LEU K 313 -6.53 18.21 67.94
N LYS K 314 -5.47 17.51 67.55
CA LYS K 314 -4.32 17.37 68.42
C LYS K 314 -3.38 18.57 68.24
N LYS K 315 -3.36 19.45 69.23
CA LYS K 315 -2.29 20.42 69.36
C LYS K 315 -1.19 19.77 70.18
N ASN K 316 0.04 19.79 69.67
CA ASN K 316 1.10 19.14 70.42
C ASN K 316 1.49 19.98 71.62
N PRO K 317 1.93 19.36 72.71
CA PRO K 317 2.67 20.11 73.72
C PRO K 317 4.00 20.56 73.14
N LEU K 318 4.87 21.09 73.98
CA LEU K 318 6.17 21.57 73.54
C LEU K 318 6.02 22.76 72.60
N LYS K 319 4.78 23.08 72.22
CA LYS K 319 4.45 24.33 71.54
C LYS K 319 3.31 25.02 72.24
N ASN K 320 2.44 24.23 72.83
CA ASN K 320 1.22 24.68 73.50
C ASN K 320 1.44 24.52 75.00
N LEU K 321 1.75 25.63 75.66
CA LEU K 321 1.96 25.60 77.11
C LEU K 321 0.76 25.01 77.84
N ARG K 322 -0.45 25.42 77.45
CA ARG K 322 -1.62 25.01 78.21
C ARG K 322 -2.00 23.57 77.93
N ILE K 323 -1.90 23.14 76.66
CA ILE K 323 -2.03 21.73 76.36
C ILE K 323 -1.02 20.90 77.14
N MET K 324 0.18 21.46 77.36
CA MET K 324 1.17 20.76 78.18
C MET K 324 0.71 20.65 79.62
N LEU K 325 0.05 21.68 80.13
CA LEU K 325 -0.39 21.61 81.52
C LEU K 325 -1.60 20.69 81.67
N LYS K 326 -2.48 20.66 80.68
CA LYS K 326 -3.60 19.74 80.71
C LYS K 326 -3.14 18.29 80.75
N LEU K 327 -1.92 18.00 80.30
CA LEU K 327 -1.39 16.64 80.42
C LEU K 327 -0.57 16.46 81.69
N ASN K 328 0.30 17.44 81.99
CA ASN K 328 1.33 17.29 83.01
C ASN K 328 1.52 18.63 83.71
N PRO K 329 0.93 18.82 84.89
CA PRO K 329 0.92 20.16 85.49
C PRO K 329 2.27 20.61 85.98
N TYR K 330 3.16 19.67 86.26
CA TYR K 330 4.46 20.05 86.82
C TYR K 330 5.19 20.98 85.89
N ALA K 331 4.97 20.83 84.58
CA ALA K 331 5.73 21.58 83.60
C ALA K 331 5.68 23.07 83.88
N LYS K 332 4.70 23.54 84.65
CA LYS K 332 4.68 24.94 85.08
C LYS K 332 5.89 25.27 85.92
N THR K 333 6.09 24.52 87.01
CA THR K 333 7.25 24.75 87.87
C THR K 333 8.56 24.45 87.15
N MET K 334 8.54 23.53 86.19
CA MET K 334 9.75 23.27 85.44
C MET K 334 10.13 24.44 84.56
N ARG K 335 9.16 25.23 84.11
CA ARG K 335 9.45 26.40 83.32
C ARG K 335 9.43 27.69 84.12
N ARG K 336 9.08 27.64 85.40
CA ARG K 336 9.39 28.79 86.26
C ARG K 336 10.88 28.75 86.59
N ASN K 337 11.35 27.64 87.14
CA ASN K 337 12.77 27.35 87.08
C ASN K 337 13.18 27.16 85.62
N THR K 338 14.49 27.06 85.41
CA THR K 338 15.10 27.09 84.07
C THR K 338 14.73 28.39 83.35
N ILE K 339 13.97 29.25 84.02
CA ILE K 339 13.82 30.63 83.61
C ILE K 339 14.44 31.57 84.63
N LEU K 340 14.11 31.38 85.91
CA LEU K 340 14.88 32.04 86.95
C LEU K 340 16.27 31.45 87.07
N ARG K 341 16.37 30.13 86.84
CA ARG K 341 17.67 29.46 86.79
C ARG K 341 18.62 30.14 85.81
N GLN K 342 18.08 30.68 84.73
CA GLN K 342 18.92 31.38 83.76
C GLN K 342 19.07 32.85 84.06
N ALA K 343 18.05 33.50 84.63
CA ALA K 343 18.17 34.90 85.00
C ALA K 343 19.30 35.10 86.01
N ARG K 344 19.50 34.14 86.92
CA ARG K 344 20.63 34.23 87.84
C ARG K 344 21.94 34.08 87.09
N ASN K 345 22.10 32.99 86.35
CA ASN K 345 23.39 32.72 85.72
C ASN K 345 23.74 33.74 84.65
N HIS K 346 22.75 34.45 84.09
CA HIS K 346 23.07 35.55 83.18
C HIS K 346 23.44 36.82 83.93
N LYS K 347 23.01 36.94 85.19
CA LYS K 347 23.47 38.04 86.03
C LYS K 347 24.85 37.78 86.61
N ILE K 348 25.20 36.52 86.85
CA ILE K 348 26.54 36.21 87.33
C ILE K 348 27.56 36.21 86.21
N ARG K 349 27.12 36.05 84.95
CA ARG K 349 28.04 36.22 83.83
C ARG K 349 28.46 37.68 83.69
N MET K 350 27.51 38.61 83.80
CA MET K 350 27.85 40.02 83.80
C MET K 350 28.51 40.46 85.10
N ASP K 351 28.57 39.58 86.09
CA ASP K 351 29.31 39.87 87.30
C ASP K 351 30.81 39.75 87.07
N LYS K 352 31.23 38.68 86.41
CA LYS K 352 32.63 38.58 86.00
C LYS K 352 32.92 39.40 84.75
N ALA K 353 31.91 39.62 83.91
CA ALA K 353 32.11 40.51 82.77
C ALA K 353 32.40 41.93 83.22
N ALA K 354 31.76 42.37 84.30
CA ALA K 354 32.10 43.66 84.89
C ALA K 354 33.38 43.59 85.70
N ALA K 355 33.67 42.44 86.31
CA ALA K 355 34.90 42.24 87.07
C ALA K 355 36.11 41.93 86.19
N ALA K 356 35.91 41.59 84.91
CA ALA K 356 37.02 41.44 83.96
C ALA K 356 37.35 42.75 83.24
N ALA K 357 36.34 43.59 82.97
CA ALA K 357 36.63 44.96 82.59
C ALA K 357 37.22 45.73 83.77
N ALA K 358 36.85 45.37 85.01
CA ALA K 358 37.45 45.95 86.20
C ALA K 358 38.78 45.32 86.57
N ALA K 359 39.05 44.10 86.09
CA ALA K 359 40.38 43.50 86.22
C ALA K 359 41.31 43.91 85.09
N LEU K 360 40.78 44.37 83.96
CA LEU K 360 41.62 44.94 82.91
C LEU K 360 41.94 46.40 83.17
N LYS K 361 41.03 47.14 83.82
CA LYS K 361 41.31 48.52 84.21
C LYS K 361 42.25 48.58 85.42
N ALA K 362 42.14 47.62 86.34
CA ALA K 362 43.11 47.51 87.43
C ALA K 362 44.46 46.99 86.92
N LYS K 363 44.47 46.24 85.81
CA LYS K 363 45.70 45.78 85.20
C LYS K 363 46.28 46.81 84.23
N SER K 364 45.43 47.58 83.54
CA SER K 364 45.92 48.68 82.72
C SER K 364 46.32 49.87 83.55
N GLY K 365 45.67 50.08 84.70
CA GLY K 365 46.09 51.11 85.64
C GLY K 365 47.46 50.84 86.26
N GLU K 366 47.91 49.58 86.23
CA GLU K 366 49.25 49.26 86.72
C GLU K 366 50.33 49.84 85.81
N LYS K 367 50.03 50.00 84.52
CA LYS K 367 50.97 50.58 83.56
C LYS K 367 50.67 52.05 83.32
N PHE L 1 59.52 -62.41 56.23
CA PHE L 1 58.49 -61.56 56.82
C PHE L 1 57.12 -61.84 56.20
N VAL L 2 56.12 -61.06 56.63
CA VAL L 2 54.79 -61.06 56.05
C VAL L 2 54.24 -59.64 56.13
N LYS L 3 53.01 -59.44 55.67
CA LYS L 3 52.29 -58.23 56.05
C LYS L 3 51.86 -58.34 57.50
N VAL L 4 52.12 -57.31 58.29
CA VAL L 4 51.68 -57.28 59.68
C VAL L 4 50.16 -57.18 59.68
N VAL L 5 49.50 -58.26 60.09
CA VAL L 5 48.04 -58.24 60.20
C VAL L 5 47.59 -57.15 61.15
N LYS L 6 48.06 -57.22 62.40
CA LYS L 6 47.69 -56.26 63.42
C LYS L 6 48.46 -54.96 63.18
N ASN L 7 47.95 -54.18 62.24
CA ASN L 7 48.47 -52.87 61.91
C ASN L 7 48.05 -51.84 62.95
N LYS L 8 48.53 -50.61 62.79
CA LYS L 8 47.90 -49.50 63.49
C LYS L 8 46.45 -49.39 63.09
N ALA L 9 46.17 -49.65 61.80
CA ALA L 9 44.81 -49.55 61.30
C ALA L 9 43.92 -50.68 61.80
N TYR L 10 44.50 -51.84 62.09
CA TYR L 10 43.70 -52.92 62.66
C TYR L 10 43.04 -52.45 63.95
N PHE L 11 43.81 -51.84 64.84
CA PHE L 11 43.25 -51.45 66.13
C PHE L 11 42.40 -50.18 66.05
N LYS L 12 42.61 -49.35 65.03
CA LYS L 12 41.76 -48.17 64.89
C LYS L 12 40.36 -48.55 64.44
N ARG L 13 40.25 -49.54 63.57
CA ARG L 13 38.96 -49.99 63.10
C ARG L 13 38.37 -51.10 63.95
N TYR L 14 39.14 -51.67 64.88
CA TYR L 14 38.66 -52.81 65.65
C TYR L 14 37.65 -52.37 66.70
N GLN L 15 36.43 -52.90 66.61
CA GLN L 15 35.41 -52.71 67.62
C GLN L 15 35.37 -53.93 68.52
N VAL L 16 35.54 -53.70 69.82
CA VAL L 16 35.54 -54.81 70.75
C VAL L 16 34.15 -55.40 70.84
N LYS L 17 34.08 -56.59 71.40
CA LYS L 17 32.81 -57.22 71.70
C LYS L 17 32.24 -56.63 72.99
N PHE L 18 30.98 -56.95 73.25
CA PHE L 18 30.42 -56.75 74.57
C PHE L 18 31.26 -57.52 75.59
N ARG L 19 31.54 -56.88 76.73
CA ARG L 19 32.52 -57.43 77.67
C ARG L 19 32.17 -58.85 78.10
N ARG L 20 30.96 -59.05 78.62
CA ARG L 20 30.58 -60.37 79.09
C ARG L 20 30.70 -61.45 78.01
N ARG L 21 30.91 -61.09 76.75
CA ARG L 21 31.23 -62.08 75.74
C ARG L 21 32.73 -62.23 75.52
N ARG L 22 33.51 -61.21 75.88
CA ARG L 22 34.95 -61.40 75.97
C ARG L 22 35.29 -62.53 76.94
N GLU L 23 34.71 -62.47 78.14
CA GLU L 23 34.91 -63.54 79.11
C GLU L 23 34.20 -64.83 78.73
N GLY L 24 33.36 -64.79 77.70
CA GLY L 24 32.62 -65.95 77.25
C GLY L 24 31.69 -66.44 78.32
N LYS L 25 30.71 -65.62 78.71
CA LYS L 25 29.79 -65.98 79.77
C LYS L 25 28.32 -65.85 79.42
N THR L 26 27.94 -65.07 78.41
CA THR L 26 26.57 -64.60 78.30
C THR L 26 26.10 -64.71 76.86
N ASP L 27 24.99 -65.41 76.67
CA ASP L 27 24.41 -65.60 75.34
C ASP L 27 23.36 -64.53 75.09
N TYR L 28 23.79 -63.30 74.80
CA TYR L 28 22.74 -62.30 74.64
C TYR L 28 22.38 -62.03 73.19
N TYR L 29 22.29 -63.10 72.43
CA TYR L 29 21.01 -63.52 71.90
C TYR L 29 20.80 -64.89 72.52
N ALA L 30 19.57 -65.15 72.94
CA ALA L 30 19.15 -66.10 73.98
C ALA L 30 19.29 -65.48 75.36
N ARG L 31 19.73 -64.24 75.48
CA ARG L 31 19.41 -63.46 76.65
C ARG L 31 18.39 -62.39 76.35
N LYS L 32 18.53 -61.75 75.19
CA LYS L 32 17.45 -60.94 74.66
C LYS L 32 16.16 -61.76 74.57
N ARG L 33 16.27 -63.00 74.08
CA ARG L 33 15.08 -63.85 73.98
C ARG L 33 14.52 -64.18 75.37
N LEU L 34 15.40 -64.38 76.35
CA LEU L 34 15.02 -64.92 77.65
C LEU L 34 14.48 -63.87 78.61
N VAL L 35 14.97 -62.63 78.53
CA VAL L 35 14.90 -61.71 79.66
C VAL L 35 13.90 -60.59 79.43
N ILE L 36 13.87 -60.00 78.24
CA ILE L 36 13.05 -58.81 78.04
C ILE L 36 11.58 -59.17 78.17
N GLN L 37 10.83 -58.31 78.84
CA GLN L 37 9.42 -58.53 79.06
C GLN L 37 8.58 -57.83 78.00
N ASP L 38 7.47 -58.46 77.63
CA ASP L 38 6.56 -57.87 76.65
C ASP L 38 6.05 -56.53 77.16
N LYS L 39 5.88 -55.57 76.26
CA LYS L 39 5.33 -54.29 76.68
C LYS L 39 3.81 -54.29 76.58
N ASN L 40 3.19 -55.34 77.11
CA ASN L 40 1.82 -55.27 77.58
C ASN L 40 1.79 -55.37 79.09
N LYS L 41 2.97 -55.37 79.71
CA LYS L 41 3.17 -55.56 81.13
C LYS L 41 3.80 -54.33 81.77
N TYR L 42 4.89 -53.86 81.18
CA TYR L 42 5.54 -52.57 81.41
C TYR L 42 6.25 -52.47 82.75
N ASN L 43 5.93 -53.32 83.69
CA ASN L 43 6.74 -53.33 84.89
C ASN L 43 6.90 -54.70 85.51
N THR L 44 5.96 -55.62 85.32
CA THR L 44 5.98 -56.85 86.06
C THR L 44 7.16 -57.69 85.60
N PRO L 45 8.01 -58.13 86.51
CA PRO L 45 9.26 -58.77 86.11
C PRO L 45 9.03 -60.13 85.46
N LYS L 46 10.10 -60.62 84.85
CA LYS L 46 10.14 -61.91 84.19
C LYS L 46 11.24 -62.72 84.88
N TYR L 47 10.85 -63.57 85.81
CA TYR L 47 11.82 -64.30 86.61
C TYR L 47 12.46 -65.43 85.82
N ARG L 48 13.75 -65.65 86.08
CA ARG L 48 14.48 -66.78 85.53
C ARG L 48 15.14 -67.54 86.66
N MET L 49 15.18 -68.87 86.53
CA MET L 49 15.95 -69.71 87.43
C MET L 49 17.30 -69.97 86.79
N ILE L 50 18.36 -69.47 87.43
CA ILE L 50 19.71 -69.58 86.90
C ILE L 50 20.40 -70.76 87.57
N VAL L 51 21.02 -71.62 86.77
CA VAL L 51 21.80 -72.75 87.27
C VAL L 51 23.12 -72.77 86.52
N ARG L 52 24.22 -72.64 87.27
CA ARG L 52 25.57 -72.71 86.70
C ARG L 52 26.36 -73.70 87.55
N VAL L 53 26.36 -74.96 87.15
CA VAL L 53 27.21 -75.98 87.76
C VAL L 53 28.65 -75.59 87.46
N THR L 54 29.41 -75.26 88.50
CA THR L 54 30.65 -74.54 88.23
C THR L 54 31.85 -75.41 87.90
N ASN L 55 32.51 -75.95 88.93
CA ASN L 55 33.51 -76.98 88.73
C ASN L 55 33.43 -77.87 89.95
N ARG L 56 33.01 -77.25 91.06
CA ARG L 56 33.01 -77.87 92.37
C ARG L 56 31.73 -77.62 93.13
N ASP L 57 30.84 -76.80 92.60
CA ASP L 57 29.68 -76.37 93.36
C ASP L 57 28.63 -75.88 92.38
N ILE L 58 27.38 -76.11 92.72
CA ILE L 58 26.24 -75.78 91.85
C ILE L 58 25.53 -74.58 92.44
N ILE L 59 25.55 -73.48 91.70
CA ILE L 59 24.90 -72.25 92.12
C ILE L 59 23.49 -72.24 91.56
N CYS L 60 22.53 -71.90 92.40
CA CYS L 60 21.16 -71.66 91.95
C CYS L 60 20.71 -70.30 92.42
N GLN L 61 19.99 -69.59 91.56
CA GLN L 61 19.54 -68.27 91.96
C GLN L 61 18.46 -67.80 91.00
N ILE L 62 17.47 -67.09 91.55
CA ILE L 62 16.36 -66.55 90.78
C ILE L 62 16.56 -65.06 90.62
N ALA L 63 16.40 -64.58 89.39
CA ALA L 63 16.66 -63.19 89.08
C ALA L 63 15.62 -62.64 88.11
N TYR L 64 15.21 -61.39 88.33
CA TYR L 64 14.57 -60.62 87.30
C TYR L 64 15.54 -59.58 86.78
N ALA L 65 15.23 -58.99 85.64
CA ALA L 65 16.16 -58.09 84.96
C ALA L 65 15.68 -56.64 85.11
N ARG L 66 16.54 -55.80 85.66
CA ARG L 66 16.35 -54.36 85.69
C ARG L 66 17.39 -53.69 84.79
N ILE L 67 17.25 -52.38 84.61
CA ILE L 67 18.13 -51.67 83.68
C ILE L 67 19.50 -51.37 84.30
N GLU L 68 19.61 -51.34 85.64
CA GLU L 68 20.90 -51.16 86.30
C GLU L 68 21.73 -52.43 86.33
N GLY L 69 21.08 -53.57 86.16
CA GLY L 69 21.73 -54.85 86.31
C GLY L 69 20.83 -55.77 87.11
N ASP L 70 20.56 -56.95 86.57
CA ASP L 70 19.54 -57.83 87.13
C ASP L 70 19.80 -58.07 88.61
N MET L 71 18.73 -57.92 89.40
CA MET L 71 18.78 -58.11 90.84
C MET L 71 18.41 -59.54 91.19
N ILE L 72 18.99 -60.02 92.28
CA ILE L 72 18.87 -61.41 92.69
C ILE L 72 17.94 -61.49 93.89
N VAL L 73 16.79 -62.13 93.71
CA VAL L 73 15.84 -62.22 94.79
C VAL L 73 16.22 -63.33 95.76
N CYS L 74 16.77 -64.43 95.24
CA CYS L 74 17.07 -65.57 96.10
C CYS L 74 18.18 -66.39 95.46
N ALA L 75 19.21 -66.71 96.25
CA ALA L 75 20.32 -67.54 95.80
C ALA L 75 20.53 -68.69 96.78
N ALA L 76 20.78 -69.87 96.25
CA ALA L 76 21.05 -71.05 97.05
C ALA L 76 22.18 -71.83 96.39
N TYR L 77 23.24 -72.09 97.14
CA TYR L 77 24.45 -72.73 96.62
C TYR L 77 24.46 -74.20 96.99
N ALA L 78 25.43 -74.91 96.42
CA ALA L 78 25.62 -76.31 96.77
C ALA L 78 26.59 -76.50 97.92
N HIS L 79 27.36 -75.48 98.27
CA HIS L 79 28.31 -75.60 99.37
C HIS L 79 27.67 -75.30 100.71
N GLU L 80 26.37 -75.06 100.74
CA GLU L 80 25.65 -74.98 102.00
C GLU L 80 24.97 -76.29 102.36
N LEU L 81 24.95 -77.27 101.45
CA LEU L 81 24.29 -78.54 101.71
C LEU L 81 24.86 -79.34 102.89
N PRO L 82 26.11 -79.18 103.32
CA PRO L 82 26.55 -79.93 104.52
C PRO L 82 25.71 -79.62 105.75
N LYS L 83 25.10 -78.44 105.83
CA LYS L 83 24.17 -78.15 106.91
C LYS L 83 23.03 -79.14 106.97
N TYR L 84 22.67 -79.75 105.83
CA TYR L 84 21.59 -80.70 105.76
C TYR L 84 22.10 -82.12 105.55
N GLY L 85 23.35 -82.39 105.94
CA GLY L 85 23.86 -83.74 105.94
C GLY L 85 24.34 -84.29 104.63
N VAL L 86 24.73 -83.44 103.68
CA VAL L 86 25.35 -83.88 102.43
C VAL L 86 26.77 -83.33 102.43
N LYS L 87 27.75 -84.23 102.62
CA LYS L 87 29.14 -83.82 102.79
C LYS L 87 29.90 -83.72 101.49
N VAL L 88 29.58 -84.53 100.49
CA VAL L 88 30.46 -84.76 99.37
C VAL L 88 29.64 -84.87 98.08
N GLY L 89 30.35 -84.97 96.97
CA GLY L 89 29.69 -85.18 95.67
C GLY L 89 28.71 -84.10 95.33
N LEU L 90 29.00 -82.86 95.72
CA LEU L 90 28.08 -81.75 95.55
C LEU L 90 28.33 -80.97 94.27
N THR L 91 28.88 -81.63 93.25
CA THR L 91 28.72 -81.18 91.88
C THR L 91 28.02 -82.23 91.04
N ASN L 92 27.44 -83.23 91.68
CA ASN L 92 26.85 -84.38 91.02
C ASN L 92 25.36 -84.17 90.85
N TYR L 93 24.78 -84.89 89.88
CA TYR L 93 23.39 -84.67 89.51
C TYR L 93 22.44 -84.83 90.68
N ALA L 94 22.77 -85.70 91.63
CA ALA L 94 21.93 -85.87 92.80
C ALA L 94 21.90 -84.59 93.62
N ALA L 95 23.02 -83.89 93.70
CA ALA L 95 23.09 -82.71 94.55
C ALA L 95 22.45 -81.50 93.91
N ALA L 96 22.42 -81.46 92.57
CA ALA L 96 21.72 -80.38 91.89
C ALA L 96 20.24 -80.39 92.21
N TYR L 97 19.69 -81.58 92.50
CA TYR L 97 18.34 -81.64 93.04
C TYR L 97 18.24 -80.81 94.32
N CYS L 98 18.99 -81.19 95.36
CA CYS L 98 18.85 -80.54 96.66
C CYS L 98 19.11 -79.04 96.56
N THR L 99 20.05 -78.64 95.71
CA THR L 99 20.27 -77.22 95.49
C THR L 99 19.00 -76.57 94.98
N GLY L 100 18.41 -77.15 93.93
CA GLY L 100 17.20 -76.58 93.35
C GLY L 100 15.99 -76.74 94.25
N LEU L 101 15.99 -77.77 95.09
CA LEU L 101 14.94 -77.91 96.08
C LEU L 101 15.06 -76.84 97.16
N LEU L 102 16.28 -76.65 97.67
CA LEU L 102 16.54 -75.57 98.61
C LEU L 102 16.11 -74.22 98.04
N LEU L 103 16.60 -73.90 96.84
CA LEU L 103 16.26 -72.65 96.18
C LEU L 103 14.75 -72.44 96.13
N ALA L 104 14.02 -73.48 95.77
CA ALA L 104 12.57 -73.34 95.68
C ALA L 104 11.96 -73.07 97.06
N ARG L 105 12.44 -73.75 98.10
CA ARG L 105 11.81 -73.56 99.39
C ARG L 105 12.25 -72.26 100.04
N ARG L 106 13.51 -71.88 99.87
CA ARG L 106 13.93 -70.60 100.40
C ARG L 106 13.25 -69.44 99.70
N LEU L 107 12.75 -69.64 98.49
CA LEU L 107 11.99 -68.58 97.84
C LEU L 107 10.56 -68.56 98.31
N LEU L 108 9.98 -69.72 98.57
CA LEU L 108 8.57 -69.79 98.88
C LEU L 108 8.24 -69.50 100.33
N ASN L 109 9.25 -69.36 101.21
CA ASN L 109 8.93 -68.97 102.58
C ASN L 109 8.78 -67.46 102.72
N ARG L 110 9.51 -66.69 101.92
CA ARG L 110 9.09 -65.32 101.66
C ARG L 110 7.88 -65.36 100.74
N PHE L 111 7.20 -64.22 100.63
CA PHE L 111 5.87 -64.16 100.02
C PHE L 111 4.88 -65.14 100.68
N GLY L 112 5.25 -65.67 101.85
CA GLY L 112 4.40 -66.54 102.64
C GLY L 112 3.64 -67.62 101.90
N MET L 113 4.37 -68.48 101.19
CA MET L 113 3.71 -69.52 100.43
C MET L 113 4.28 -70.90 100.70
N ASP L 114 5.07 -71.05 101.77
CA ASP L 114 5.64 -72.37 102.05
C ASP L 114 4.58 -73.36 102.55
N LYS L 115 3.35 -72.92 102.77
CA LYS L 115 2.28 -73.82 103.23
C LYS L 115 1.37 -74.26 102.10
N ILE L 116 1.70 -73.90 100.86
CA ILE L 116 0.91 -74.30 99.71
C ILE L 116 1.85 -74.54 98.55
N TYR L 117 1.41 -75.40 97.63
CA TYR L 117 2.22 -75.85 96.48
C TYR L 117 3.59 -76.36 96.93
N GLU L 118 3.58 -77.49 97.65
CA GLU L 118 4.81 -78.19 97.97
C GLU L 118 5.26 -79.11 96.85
N GLY L 119 4.44 -79.28 95.83
CA GLY L 119 4.78 -80.16 94.75
C GLY L 119 4.89 -81.61 95.21
N GLN L 120 5.51 -82.41 94.37
CA GLN L 120 5.74 -83.81 94.69
C GLN L 120 6.54 -83.91 95.98
N VAL L 121 6.17 -84.87 96.82
CA VAL L 121 6.74 -84.96 98.16
C VAL L 121 7.74 -86.10 98.25
N GLU L 122 7.29 -87.34 98.01
CA GLU L 122 8.22 -88.44 98.28
C GLU L 122 9.41 -88.40 97.34
N VAL L 123 9.24 -88.93 96.13
CA VAL L 123 9.84 -88.50 94.87
C VAL L 123 9.38 -89.52 93.85
N THR L 124 9.10 -89.11 92.62
CA THR L 124 8.88 -90.10 91.58
C THR L 124 9.88 -89.99 90.45
N GLY L 125 10.18 -88.77 90.00
CA GLY L 125 10.86 -88.57 88.74
C GLY L 125 9.93 -88.52 87.55
N ASP L 126 8.67 -88.19 87.76
CA ASP L 126 7.65 -88.20 86.72
C ASP L 126 7.29 -86.78 86.31
N GLU L 127 6.27 -86.69 85.47
CA GLU L 127 5.68 -85.41 85.12
C GLU L 127 4.98 -84.89 86.36
N TYR L 128 5.59 -83.91 87.01
CA TYR L 128 4.87 -83.08 87.95
C TYR L 128 4.91 -81.65 87.45
N ASN L 129 3.81 -80.94 87.67
CA ASN L 129 3.65 -79.57 87.23
C ASN L 129 2.67 -78.90 88.19
N VAL L 130 3.17 -77.98 89.01
CA VAL L 130 2.31 -77.35 90.02
C VAL L 130 1.14 -76.65 89.34
N GLU L 131 -0.03 -76.79 89.92
CA GLU L 131 -1.23 -76.16 89.41
C GLU L 131 -1.70 -75.14 90.44
N SER L 132 -1.66 -73.85 90.08
CA SER L 132 -1.98 -72.80 91.03
C SER L 132 -3.37 -72.99 91.60
N ILE L 133 -3.53 -72.56 92.84
CA ILE L 133 -4.73 -72.83 93.63
C ILE L 133 -5.70 -71.65 93.51
N ASP L 134 -6.97 -71.97 93.28
CA ASP L 134 -8.00 -70.94 93.23
C ASP L 134 -8.27 -70.41 94.63
N GLY L 135 -8.51 -69.10 94.71
CA GLY L 135 -8.71 -68.43 95.99
C GLY L 135 -7.46 -68.14 96.77
N GLN L 136 -6.33 -68.69 96.37
CA GLN L 136 -5.02 -68.49 96.97
C GLN L 136 -4.13 -67.66 96.06
N PRO L 137 -2.99 -67.20 96.55
CA PRO L 137 -2.00 -66.60 95.66
C PRO L 137 -1.60 -67.56 94.54
N GLY L 138 -1.43 -67.00 93.34
CA GLY L 138 -1.02 -67.83 92.22
C GLY L 138 0.37 -68.40 92.40
N ALA L 139 0.59 -69.58 91.85
CA ALA L 139 1.90 -70.21 91.99
C ALA L 139 2.98 -69.35 91.36
N PHE L 140 4.20 -69.50 91.88
CA PHE L 140 5.35 -68.77 91.36
C PHE L 140 5.81 -69.41 90.05
N THR L 141 6.21 -68.57 89.08
CA THR L 141 6.64 -69.02 87.77
C THR L 141 7.98 -68.40 87.41
N CYS L 142 8.83 -69.20 86.78
CA CYS L 142 10.06 -68.70 86.21
C CYS L 142 10.45 -69.64 85.08
N TYR L 143 11.46 -69.22 84.32
CA TYR L 143 11.89 -69.97 83.15
C TYR L 143 13.36 -70.33 83.33
N LEU L 144 13.65 -71.61 83.17
CA LEU L 144 15.01 -72.10 83.37
C LEU L 144 15.99 -71.40 82.43
N ASP L 145 17.15 -71.03 82.98
CA ASP L 145 18.26 -70.41 82.24
C ASP L 145 19.43 -71.37 82.24
N ALA L 146 19.73 -71.96 81.09
CA ALA L 146 20.81 -72.92 81.02
C ALA L 146 22.18 -72.26 80.86
N GLY L 147 22.24 -71.02 80.38
CA GLY L 147 23.50 -70.36 80.18
C GLY L 147 24.21 -70.89 78.97
N LEU L 148 25.30 -71.63 79.17
CA LEU L 148 26.09 -72.14 78.05
C LEU L 148 26.22 -73.65 78.08
N ALA L 149 25.35 -74.35 78.82
CA ALA L 149 25.43 -75.81 78.94
C ALA L 149 24.75 -76.47 77.75
N ARG L 150 25.48 -77.31 77.03
CA ARG L 150 24.86 -78.06 75.94
C ARG L 150 23.84 -79.01 76.57
N THR L 151 22.56 -78.71 76.38
CA THR L 151 21.51 -79.34 77.18
C THR L 151 21.03 -80.65 76.56
N THR L 152 21.97 -81.57 76.42
CA THR L 152 21.59 -82.92 76.08
C THR L 152 20.91 -83.58 77.29
N THR L 153 20.38 -84.77 77.06
CA THR L 153 19.71 -85.50 78.12
C THR L 153 20.67 -85.73 79.29
N GLY L 154 20.12 -85.61 80.51
CA GLY L 154 20.85 -85.93 81.71
C GLY L 154 21.61 -84.79 82.32
N ASN L 155 21.95 -83.77 81.53
CA ASN L 155 22.70 -82.63 82.03
C ASN L 155 22.03 -82.03 83.27
N LYS L 156 22.85 -81.70 84.26
CA LYS L 156 22.35 -81.33 85.59
C LYS L 156 21.59 -80.02 85.60
N VAL L 157 21.82 -79.14 84.63
CA VAL L 157 21.24 -77.81 84.69
C VAL L 157 19.73 -77.91 84.78
N PHE L 158 19.09 -78.50 83.77
CA PHE L 158 17.66 -78.77 83.89
C PHE L 158 17.40 -80.01 84.74
N GLY L 159 18.43 -80.59 85.33
CA GLY L 159 18.23 -81.56 86.37
C GLY L 159 18.02 -80.90 87.72
N ALA L 160 18.67 -79.75 87.93
CA ALA L 160 18.36 -78.92 89.09
C ALA L 160 16.99 -78.28 88.98
N LEU L 161 16.50 -78.13 87.75
CA LEU L 161 15.13 -77.67 87.53
C LEU L 161 14.13 -78.62 88.14
N LYS L 162 14.36 -79.93 88.01
CA LYS L 162 13.49 -80.92 88.65
C LYS L 162 13.42 -80.71 90.14
N GLY L 163 14.49 -80.17 90.73
CA GLY L 163 14.44 -79.82 92.14
C GLY L 163 13.49 -78.66 92.40
N ALA L 164 13.55 -77.63 91.55
CA ALA L 164 12.66 -76.49 91.77
C ALA L 164 11.21 -76.86 91.49
N VAL L 165 10.97 -77.66 90.44
CA VAL L 165 9.61 -78.09 90.10
C VAL L 165 9.03 -78.93 91.22
N ASP L 166 9.84 -79.82 91.81
CA ASP L 166 9.44 -80.54 93.01
C ASP L 166 9.29 -79.63 94.22
N GLY L 167 9.91 -78.45 94.21
CA GLY L 167 9.81 -77.54 95.33
C GLY L 167 8.56 -76.67 95.32
N GLY L 168 7.95 -76.47 94.16
CA GLY L 168 6.72 -75.71 94.10
C GLY L 168 6.72 -74.55 93.13
N LEU L 169 7.63 -74.58 92.17
CA LEU L 169 7.73 -73.53 91.17
C LEU L 169 7.19 -74.04 89.84
N SER L 170 6.36 -73.24 89.18
CA SER L 170 5.71 -73.64 87.93
C SER L 170 6.58 -73.22 86.77
N ILE L 171 7.56 -74.04 86.46
CA ILE L 171 8.49 -73.79 85.37
C ILE L 171 8.09 -74.66 84.18
N PRO L 172 7.85 -74.09 83.02
CA PRO L 172 7.53 -74.93 81.87
C PRO L 172 8.73 -75.78 81.50
N HIS L 173 8.60 -77.06 81.74
CA HIS L 173 9.65 -78.03 81.46
C HIS L 173 9.02 -79.22 80.76
N SER L 174 9.72 -79.75 79.76
CA SER L 174 9.36 -81.04 79.24
C SER L 174 10.15 -82.09 80.01
N THR L 175 9.97 -83.34 79.63
CA THR L 175 10.78 -84.42 80.17
C THR L 175 11.69 -85.03 79.12
N LYS L 176 11.74 -84.44 77.92
CA LYS L 176 12.46 -85.03 76.81
C LYS L 176 13.93 -85.23 77.11
N ARG L 177 14.49 -84.53 78.11
CA ARG L 177 15.91 -84.67 78.40
C ARG L 177 16.24 -84.99 79.85
N PHE L 178 15.25 -85.16 80.72
CA PHE L 178 15.50 -85.75 82.03
C PHE L 178 16.21 -87.08 81.87
N PRO L 179 17.19 -87.40 82.75
CA PRO L 179 17.85 -88.72 82.65
C PRO L 179 16.85 -89.86 82.77
N GLY L 180 16.67 -90.61 81.69
CA GLY L 180 15.63 -91.62 81.67
C GLY L 180 14.91 -91.65 80.35
N TYR L 181 14.97 -90.54 79.62
CA TYR L 181 14.35 -90.50 78.31
C TYR L 181 15.12 -91.38 77.33
N ASP L 182 14.39 -92.29 76.68
CA ASP L 182 14.98 -93.25 75.75
C ASP L 182 14.97 -92.64 74.34
N SER L 183 16.13 -92.19 73.89
CA SER L 183 16.21 -91.46 72.61
C SER L 183 15.97 -92.36 71.37
N GLU L 184 15.54 -93.62 71.52
CA GLU L 184 15.22 -94.49 70.39
C GLU L 184 13.80 -95.02 70.46
N SER L 185 13.05 -94.67 71.49
CA SER L 185 11.64 -95.04 71.55
C SER L 185 10.74 -93.89 71.98
N LYS L 186 11.31 -92.76 72.43
CA LYS L 186 10.55 -91.54 72.75
C LYS L 186 9.53 -91.77 73.87
N GLU L 187 10.02 -92.29 75.00
CA GLU L 187 9.19 -92.40 76.20
C GLU L 187 10.08 -92.27 77.43
N PHE L 188 9.53 -92.66 78.58
CA PHE L 188 10.18 -92.52 79.88
C PHE L 188 10.30 -93.87 80.56
N ASN L 189 11.39 -94.06 81.32
CA ASN L 189 11.45 -95.17 82.25
C ASN L 189 10.94 -94.76 83.62
N ALA L 190 11.36 -93.56 84.05
CA ALA L 190 10.83 -92.86 85.22
C ALA L 190 11.27 -93.52 86.50
N GLU L 191 11.91 -94.67 86.38
CA GLU L 191 12.65 -95.28 87.47
C GLU L 191 14.14 -95.15 87.27
N VAL L 192 14.55 -94.67 86.10
CA VAL L 192 15.92 -94.21 85.95
C VAL L 192 16.09 -92.86 86.63
N HIS L 193 15.08 -92.00 86.56
CA HIS L 193 15.09 -90.76 87.33
C HIS L 193 15.02 -91.05 88.82
N ARG L 194 14.43 -92.18 89.20
CA ARG L 194 14.50 -92.65 90.57
C ARG L 194 15.95 -92.70 91.04
N LYS L 195 16.78 -93.46 90.32
CA LYS L 195 18.16 -93.66 90.73
C LYS L 195 18.94 -92.36 90.68
N HIS L 196 19.02 -91.76 89.48
CA HIS L 196 19.85 -90.57 89.29
C HIS L 196 19.53 -89.47 90.29
N ILE L 197 18.28 -89.43 90.78
CA ILE L 197 17.89 -88.37 91.71
C ILE L 197 18.49 -88.62 93.10
N LEU L 198 18.69 -89.88 93.46
CA LEU L 198 19.17 -90.22 94.80
C LEU L 198 20.59 -90.76 94.83
N GLY L 199 21.25 -90.86 93.68
CA GLY L 199 22.67 -91.16 93.66
C GLY L 199 23.05 -92.60 93.43
N GLN L 200 22.17 -93.40 92.84
CA GLN L 200 22.55 -94.78 92.57
C GLN L 200 23.40 -94.92 91.30
N ASN L 201 23.43 -93.90 90.45
CA ASN L 201 24.45 -93.87 89.40
C ASN L 201 25.84 -93.76 90.02
N VAL L 202 25.93 -93.15 91.19
CA VAL L 202 27.18 -93.08 91.92
C VAL L 202 27.34 -94.26 92.85
N ALA L 203 26.24 -94.83 93.33
CA ALA L 203 26.35 -96.03 94.15
C ALA L 203 26.82 -97.21 93.31
N ASP L 204 26.21 -97.42 92.14
CA ASP L 204 26.60 -98.57 91.33
C ASP L 204 27.97 -98.39 90.69
N TYR L 205 28.44 -97.15 90.53
CA TYR L 205 29.84 -96.94 90.23
C TYR L 205 30.70 -97.26 91.45
N MET L 206 30.20 -96.91 92.64
CA MET L 206 30.88 -97.24 93.89
C MET L 206 30.86 -98.73 94.18
N ARG L 207 30.08 -99.50 93.42
CA ARG L 207 30.04 -100.94 93.60
C ARG L 207 30.67 -101.73 92.48
N TYR L 208 30.80 -101.16 91.27
CA TYR L 208 31.64 -101.82 90.29
C TYR L 208 33.11 -101.56 90.59
N LEU L 209 33.44 -100.36 91.05
CA LEU L 209 34.83 -100.00 91.31
C LEU L 209 35.24 -100.29 92.73
N ILE L 210 34.67 -101.35 93.31
CA ILE L 210 35.18 -101.91 94.54
C ILE L 210 35.60 -103.37 94.34
N GLU L 211 34.76 -104.16 93.67
CA GLU L 211 35.06 -105.57 93.48
C GLU L 211 36.11 -105.79 92.41
N GLU L 212 36.16 -104.91 91.40
CA GLU L 212 37.09 -105.14 90.29
C GLU L 212 38.52 -104.90 90.71
N ASP L 213 38.78 -103.80 91.41
CA ASP L 213 40.12 -103.52 91.93
C ASP L 213 40.04 -102.48 93.05
N GLU L 214 41.01 -102.56 93.96
CA GLU L 214 41.24 -101.50 94.93
C GLU L 214 42.27 -100.53 94.40
N ASP L 215 42.45 -99.43 95.13
CA ASP L 215 43.38 -98.35 94.81
C ASP L 215 42.92 -97.62 93.56
N ALA L 216 41.86 -98.11 92.93
CA ALA L 216 41.08 -97.27 92.02
C ALA L 216 39.92 -96.66 92.78
N TYR L 217 39.20 -97.50 93.53
CA TYR L 217 38.65 -97.05 94.80
C TYR L 217 39.75 -96.34 95.59
N LYS L 218 39.36 -95.29 96.29
CA LYS L 218 40.22 -94.44 97.12
C LYS L 218 41.04 -93.47 96.27
N LYS L 219 41.03 -93.60 94.95
CA LYS L 219 41.54 -92.56 94.07
C LYS L 219 40.43 -91.93 93.27
N GLN L 220 39.42 -92.72 92.89
CA GLN L 220 38.24 -92.15 92.24
C GLN L 220 37.37 -91.40 93.25
N PHE L 221 37.25 -91.92 94.47
CA PHE L 221 36.58 -91.16 95.53
C PHE L 221 37.21 -91.54 96.85
N SER L 222 38.09 -90.66 97.33
CA SER L 222 38.64 -90.81 98.67
C SER L 222 37.71 -90.22 99.71
N GLN L 223 37.21 -89.01 99.45
CA GLN L 223 36.32 -88.33 100.38
C GLN L 223 34.94 -88.98 100.47
N TYR L 224 34.65 -89.94 99.59
CA TYR L 224 33.49 -90.79 99.80
C TYR L 224 33.83 -92.01 100.65
N ILE L 225 35.10 -92.43 100.68
CA ILE L 225 35.55 -93.45 101.64
C ILE L 225 35.83 -92.83 102.99
N LYS L 226 36.62 -91.76 103.01
CA LYS L 226 36.64 -90.85 104.15
C LYS L 226 35.24 -90.27 104.34
N ASN L 227 35.00 -89.73 105.54
CA ASN L 227 33.71 -89.23 105.99
C ASN L 227 32.70 -90.36 106.17
N ASN L 228 33.07 -91.61 105.88
CA ASN L 228 32.27 -92.80 106.21
C ASN L 228 30.95 -92.85 105.45
N VAL L 229 30.97 -92.39 104.21
CA VAL L 229 29.87 -92.61 103.29
C VAL L 229 30.05 -93.97 102.64
N THR L 230 28.95 -94.67 102.37
CA THR L 230 29.05 -95.97 101.74
C THR L 230 27.92 -96.11 100.73
N PRO L 231 27.95 -97.14 99.87
CA PRO L 231 26.71 -97.56 99.22
C PRO L 231 25.71 -98.03 100.28
N ASP L 232 24.49 -98.32 99.82
CA ASP L 232 23.37 -98.71 100.66
C ASP L 232 23.03 -97.65 101.70
N MET L 233 23.68 -96.49 101.62
CA MET L 233 23.46 -95.40 102.55
C MET L 233 23.15 -94.10 101.81
N MET L 234 23.76 -93.92 100.63
CA MET L 234 23.57 -92.70 99.85
C MET L 234 22.10 -92.37 99.65
N GLU L 235 21.28 -93.37 99.28
CA GLU L 235 19.86 -93.12 99.09
C GLU L 235 19.23 -92.55 100.35
N GLU L 236 19.71 -92.98 101.52
CA GLU L 236 19.23 -92.47 102.80
C GLU L 236 20.09 -91.32 103.30
N MET L 237 20.85 -90.67 102.42
CA MET L 237 21.44 -89.37 102.69
C MET L 237 20.60 -88.25 102.09
N TYR L 238 20.28 -88.39 100.81
CA TYR L 238 19.49 -87.39 100.12
C TYR L 238 18.02 -87.44 100.53
N LYS L 239 17.53 -88.61 100.97
CA LYS L 239 16.14 -88.68 101.43
C LYS L 239 15.96 -87.95 102.76
N LYS L 240 17.03 -87.67 103.48
CA LYS L 240 16.97 -86.85 104.69
C LYS L 240 17.12 -85.37 104.36
N ALA L 241 18.03 -85.05 103.45
CA ALA L 241 18.13 -83.69 102.94
C ALA L 241 16.83 -83.25 102.30
N HIS L 242 16.22 -84.10 101.47
CA HIS L 242 14.95 -83.74 100.85
C HIS L 242 13.89 -83.42 101.90
N ALA L 243 14.05 -83.95 103.12
CA ALA L 243 13.13 -83.67 104.20
C ALA L 243 13.64 -82.56 105.12
N ALA L 244 14.94 -82.56 105.40
CA ALA L 244 15.51 -81.53 106.27
C ALA L 244 15.51 -80.16 105.57
N ILE L 245 15.78 -80.13 104.26
CA ILE L 245 15.70 -78.86 103.53
C ILE L 245 14.30 -78.29 103.65
N ARG L 246 13.27 -79.15 103.53
CA ARG L 246 11.90 -78.68 103.41
C ARG L 246 11.25 -78.36 104.75
N GLU L 247 11.96 -78.48 105.86
CA GLU L 247 11.41 -78.03 107.13
C GLU L 247 11.99 -76.71 107.60
N ASN L 248 13.18 -76.35 107.13
CA ASN L 248 13.77 -75.04 107.41
C ASN L 248 14.64 -74.65 106.22
N PRO L 249 14.12 -73.84 105.31
CA PRO L 249 14.92 -73.41 104.15
C PRO L 249 15.69 -72.12 104.38
N VAL L 250 15.36 -71.39 105.44
CA VAL L 250 15.81 -70.00 105.55
C VAL L 250 17.32 -69.95 105.75
N TYR L 251 17.92 -68.93 105.15
CA TYR L 251 19.35 -68.70 105.27
C TYR L 251 19.62 -67.78 106.46
N GLU L 252 20.75 -68.00 107.11
CA GLU L 252 21.07 -67.28 108.34
C GLU L 252 22.49 -66.73 108.28
N LYS L 253 22.81 -66.06 107.17
CA LYS L 253 24.17 -65.73 106.75
C LYS L 253 25.08 -65.36 107.92
N LYS L 254 26.28 -65.94 107.92
CA LYS L 254 27.22 -65.80 109.03
C LYS L 254 27.63 -64.34 109.20
N PRO L 255 27.63 -63.83 110.43
CA PRO L 255 28.04 -62.44 110.66
C PRO L 255 29.52 -62.25 110.38
N LYS L 256 29.87 -61.05 109.91
CA LYS L 256 31.24 -60.80 109.48
C LYS L 256 31.64 -59.39 109.86
N LYS L 257 32.59 -59.28 110.79
CA LYS L 257 33.31 -58.05 111.04
C LYS L 257 34.52 -58.42 111.89
N GLU L 258 35.66 -58.61 111.22
CA GLU L 258 36.95 -58.63 111.91
C GLU L 258 38.04 -57.84 111.23
N VAL L 259 37.95 -57.58 109.92
CA VAL L 259 39.18 -57.43 109.13
C VAL L 259 40.00 -56.19 109.49
N LYS L 260 41.33 -56.37 109.55
CA LYS L 260 42.26 -55.27 109.85
C LYS L 260 42.48 -54.35 108.64
N LYS L 261 42.13 -54.83 107.45
CA LYS L 261 42.14 -54.05 106.21
C LYS L 261 43.55 -53.60 105.84
N LYS L 262 44.39 -54.58 105.53
CA LYS L 262 45.64 -54.35 104.82
C LYS L 262 45.36 -54.42 103.31
N ARG L 263 46.34 -53.97 102.54
CA ARG L 263 46.23 -53.93 101.08
C ARG L 263 47.37 -54.73 100.47
N TRP L 264 47.11 -56.00 100.13
CA TRP L 264 48.08 -56.82 99.41
C TRP L 264 47.74 -56.97 97.94
N ASN L 265 46.92 -56.06 97.42
CA ASN L 265 46.93 -55.77 96.01
C ASN L 265 48.19 -54.93 95.75
N ARG L 266 48.37 -54.42 94.54
CA ARG L 266 49.48 -53.52 94.25
C ARG L 266 48.89 -52.24 93.67
N PRO L 267 49.17 -51.08 94.25
CA PRO L 267 48.51 -49.85 93.83
C PRO L 267 48.99 -49.36 92.48
N LYS L 268 48.23 -48.43 91.91
CA LYS L 268 48.57 -47.84 90.64
C LYS L 268 49.65 -46.78 90.84
N MET L 269 50.68 -46.85 90.02
CA MET L 269 51.79 -45.92 90.16
C MET L 269 51.39 -44.54 89.65
N SER L 270 51.76 -43.49 90.40
CA SER L 270 51.31 -42.15 90.08
C SER L 270 51.99 -41.62 88.82
N LEU L 271 51.62 -40.40 88.42
CA LEU L 271 52.17 -39.81 87.20
C LEU L 271 53.67 -39.60 87.32
N ALA L 272 54.09 -38.87 88.34
CA ALA L 272 55.50 -38.48 88.41
C ALA L 272 56.41 -39.64 88.73
N GLN L 273 55.87 -40.76 89.22
CA GLN L 273 56.67 -41.95 89.44
C GLN L 273 56.89 -42.74 88.17
N LYS L 274 56.01 -42.61 87.18
CA LYS L 274 56.37 -43.05 85.85
C LYS L 274 57.25 -41.99 85.18
N LYS L 275 56.99 -40.71 85.49
CA LYS L 275 57.63 -39.61 84.80
C LYS L 275 59.12 -39.53 85.07
N ASP L 276 59.59 -40.12 86.16
CA ASP L 276 61.01 -40.13 86.46
C ASP L 276 61.67 -41.45 86.11
N ARG L 277 60.94 -42.57 86.21
CA ARG L 277 61.48 -43.86 85.78
C ARG L 277 62.14 -43.73 84.42
N VAL L 278 61.54 -42.97 83.52
CA VAL L 278 62.28 -42.38 82.40
C VAL L 278 62.81 -41.03 82.86
N ALA L 279 64.10 -40.80 82.65
CA ALA L 279 65.01 -39.89 83.36
C ALA L 279 65.58 -40.53 84.62
N GLN L 280 65.14 -41.72 84.99
CA GLN L 280 65.92 -42.56 85.89
C GLN L 280 66.63 -43.66 85.14
N LYS L 281 65.97 -44.21 84.13
CA LYS L 281 66.70 -44.71 82.99
C LYS L 281 67.23 -43.50 82.28
N LYS L 282 67.92 -43.72 81.18
CA LYS L 282 68.41 -42.65 80.29
C LYS L 282 69.28 -41.66 81.07
N ALA L 283 69.47 -41.91 82.36
CA ALA L 283 70.65 -41.49 83.08
C ALA L 283 71.48 -42.69 83.53
N SER L 284 70.86 -43.86 83.63
CA SER L 284 71.58 -45.12 83.79
C SER L 284 72.09 -45.64 82.46
N PHE L 285 71.44 -45.27 81.35
CA PHE L 285 71.97 -45.65 80.05
C PHE L 285 73.11 -44.73 79.65
N LEU L 286 72.88 -43.42 79.72
CA LEU L 286 73.92 -42.47 79.32
C LEU L 286 75.19 -42.69 80.12
N ARG L 287 75.10 -42.53 81.44
CA ARG L 287 76.28 -42.69 82.30
C ARG L 287 77.02 -43.99 82.03
N ALA L 288 76.28 -45.08 81.79
CA ALA L 288 76.92 -46.38 81.62
C ALA L 288 77.75 -46.44 80.36
N GLN L 289 77.17 -46.07 79.23
CA GLN L 289 77.85 -46.22 77.95
C GLN L 289 78.67 -44.99 77.57
N GLU L 290 78.73 -43.97 78.42
CA GLU L 290 79.79 -42.97 78.26
C GLU L 290 80.99 -43.32 79.15
N ARG L 291 81.36 -44.60 79.12
CA ARG L 291 82.60 -45.14 79.64
C ARG L 291 83.28 -46.12 78.69
N ALA L 292 82.50 -46.94 77.99
CA ALA L 292 83.04 -48.06 77.24
C ALA L 292 82.10 -48.48 76.14
N PRO M 1 -11.67 48.46 95.11
CA PRO M 1 -10.29 48.08 95.47
C PRO M 1 -9.67 47.10 94.46
N HIS M 2 -8.43 47.32 94.00
CA HIS M 2 -7.76 46.42 93.07
C HIS M 2 -6.26 46.66 93.06
N CYS M 3 -5.50 45.58 93.19
CA CYS M 3 -4.04 45.55 93.07
C CYS M 3 -3.65 45.04 91.68
N SER M 4 -2.36 44.72 91.49
CA SER M 4 -1.96 44.08 90.23
C SER M 4 -1.16 42.77 90.41
N ARG M 5 -0.22 42.69 91.37
CA ARG M 5 0.13 41.44 92.06
C ARG M 5 0.62 40.24 91.24
N ASN M 6 1.95 40.01 91.18
CA ASN M 6 2.63 38.93 90.44
C ASN M 6 2.87 39.23 88.97
N PRO M 7 3.95 39.97 88.69
CA PRO M 7 4.35 40.27 87.31
C PRO M 7 4.46 39.04 86.43
N VAL M 8 4.19 39.25 85.15
CA VAL M 8 4.33 38.19 84.17
C VAL M 8 5.81 38.01 83.84
N LEU M 9 6.28 36.78 83.93
CA LEU M 9 7.67 36.46 83.61
C LEU M 9 7.83 36.27 82.10
N VAL M 10 7.18 35.25 81.56
CA VAL M 10 7.00 35.04 80.13
C VAL M 10 5.52 34.80 79.91
N ARG M 11 5.00 35.26 78.78
CA ARG M 11 3.56 35.24 78.57
C ARG M 11 2.98 33.88 78.92
N GLY M 12 2.13 33.85 79.95
CA GLY M 12 1.52 32.62 80.39
C GLY M 12 1.93 32.14 81.77
N ILE M 13 3.20 32.29 82.12
CA ILE M 13 3.73 31.85 83.40
C ILE M 13 4.13 33.08 84.21
N GLY M 14 3.53 33.22 85.39
CA GLY M 14 3.90 34.29 86.28
C GLY M 14 5.21 34.02 86.97
N ARG M 15 5.63 34.99 87.78
CA ARG M 15 6.90 34.90 88.49
C ARG M 15 6.81 33.99 89.71
N TYR M 16 5.66 33.89 90.35
CA TYR M 16 5.56 33.18 91.61
C TYR M 16 4.74 31.91 91.45
N SER M 17 4.88 31.02 92.44
CA SER M 17 4.18 29.75 92.46
C SER M 17 2.89 29.88 93.28
N ARG M 18 2.06 28.83 93.21
CA ARG M 18 0.73 28.92 93.79
C ARG M 18 0.77 29.10 95.31
N SER M 19 1.71 28.43 95.98
CA SER M 19 1.82 28.68 97.42
C SER M 19 2.56 29.96 97.70
N ALA M 20 3.45 30.37 96.80
CA ALA M 20 4.13 31.65 96.96
C ALA M 20 3.11 32.78 97.07
N MET M 21 2.23 32.89 96.08
CA MET M 21 1.07 33.77 96.24
C MET M 21 -0.16 33.00 96.71
N TYR M 22 0.04 32.21 97.76
CA TYR M 22 -1.01 32.01 98.73
C TYR M 22 -0.74 32.90 99.94
N SER M 23 0.52 33.07 100.26
CA SER M 23 0.98 33.96 101.31
C SER M 23 1.18 35.38 100.79
N ARG M 24 0.94 35.62 99.52
CA ARG M 24 1.05 36.94 98.97
C ARG M 24 -0.33 37.55 98.76
N MET M 25 -1.26 36.79 98.18
CA MET M 25 -2.66 37.17 98.14
C MET M 25 -3.28 37.20 99.54
N ALA M 26 -2.62 36.61 100.54
CA ALA M 26 -3.21 36.29 101.83
C ALA M 26 -4.56 35.59 101.65
N MET M 27 -4.50 34.41 101.02
CA MET M 27 -5.67 33.56 101.00
C MET M 27 -6.06 33.12 102.41
N TYR M 28 -5.09 33.00 103.30
CA TYR M 28 -5.36 32.90 104.73
C TYR M 28 -5.89 34.23 105.26
N LYS M 29 -6.44 34.19 106.47
CA LYS M 29 -7.05 35.33 107.15
C LYS M 29 -8.16 35.98 106.31
N ARG M 30 -8.55 35.34 105.20
CA ARG M 30 -9.47 35.92 104.25
C ARG M 30 -10.49 34.86 103.86
N LYS M 31 -11.09 34.23 104.86
CA LYS M 31 -12.00 33.12 104.64
C LYS M 31 -13.43 33.61 104.77
N TYR M 32 -14.24 33.34 103.75
CA TYR M 32 -15.58 33.92 103.61
C TYR M 32 -16.62 32.89 103.99
N SER M 33 -16.89 32.77 105.29
CA SER M 33 -17.82 31.78 105.81
C SER M 33 -19.26 32.26 105.57
N ALA M 34 -19.88 31.74 104.52
CA ALA M 34 -21.27 32.03 104.19
C ALA M 34 -22.07 30.73 104.35
N ALA M 35 -22.90 30.68 105.39
CA ALA M 35 -23.69 29.49 105.67
C ALA M 35 -24.70 29.23 104.55
N VAL M 36 -41.47 33.61 87.35
CA VAL M 36 -42.81 34.08 86.98
C VAL M 36 -43.89 33.14 87.56
N LEU M 37 -44.43 32.26 86.70
CA LEU M 37 -45.44 31.24 86.96
C LEU M 37 -46.83 31.82 87.18
N ALA M 38 -46.90 33.09 87.60
CA ALA M 38 -48.13 33.87 87.57
C ALA M 38 -47.81 35.33 87.30
N THR M 39 -46.59 35.75 87.67
CA THR M 39 -46.26 37.16 87.86
C THR M 39 -45.19 37.55 86.85
N VAL M 40 -45.60 38.31 85.83
CA VAL M 40 -44.68 38.69 84.77
C VAL M 40 -43.48 39.47 85.33
N THR M 41 -42.35 39.39 84.61
CA THR M 41 -41.11 40.05 85.00
C THR M 41 -40.92 41.40 84.30
N LYS M 42 -40.90 41.42 82.96
CA LYS M 42 -40.71 42.73 82.35
C LYS M 42 -41.70 43.04 81.21
N PRO M 43 -43.00 42.69 81.36
CA PRO M 43 -44.07 43.56 80.82
C PRO M 43 -44.77 44.37 81.90
N VAL M 44 -45.23 45.59 81.59
CA VAL M 44 -46.18 46.31 82.44
C VAL M 44 -46.71 47.53 81.70
N GLY M 45 -47.95 47.93 81.98
CA GLY M 45 -48.51 49.11 81.36
C GLY M 45 -49.83 49.49 81.98
N GLY M 46 -50.45 50.53 81.40
CA GLY M 46 -51.76 51.00 81.84
C GLY M 46 -52.53 51.60 80.68
N ASP M 47 -53.86 51.57 80.79
CA ASP M 47 -54.74 52.00 79.70
C ASP M 47 -56.10 52.44 80.24
N LYS M 48 -56.99 52.81 79.31
CA LYS M 48 -58.20 53.59 79.62
C LYS M 48 -59.41 52.79 80.11
N ASN M 49 -60.02 51.97 79.24
CA ASN M 49 -61.32 51.34 79.52
C ASN M 49 -61.19 49.83 79.62
N GLY M 50 -61.84 49.26 80.63
CA GLY M 50 -61.47 47.96 81.14
C GLY M 50 -60.28 48.09 82.09
N GLY M 51 -59.94 46.96 82.74
CA GLY M 51 -58.73 46.92 83.54
C GLY M 51 -57.52 47.25 82.69
N THR M 52 -56.67 48.15 83.18
CA THR M 52 -55.54 48.64 82.40
C THR M 52 -54.76 47.49 81.77
N ARG M 53 -54.51 47.60 80.45
CA ARG M 53 -53.80 46.59 79.69
C ARG M 53 -52.46 46.29 80.35
N VAL M 54 -51.92 45.12 80.10
CA VAL M 54 -50.98 44.48 81.00
C VAL M 54 -49.58 44.40 80.42
N VAL M 55 -49.45 43.90 79.19
CA VAL M 55 -48.25 43.11 78.91
C VAL M 55 -47.46 43.46 77.65
N LYS M 56 -46.50 42.57 77.39
CA LYS M 56 -45.76 42.36 76.15
C LYS M 56 -44.79 43.46 75.73
N LEU M 57 -43.73 43.63 76.50
CA LEU M 57 -42.49 44.11 75.93
C LEU M 57 -41.76 42.91 75.30
N ARG M 58 -41.32 43.08 74.05
CA ARG M 58 -40.64 42.05 73.26
C ARG M 58 -41.54 40.81 73.06
N LYS M 59 -42.60 41.02 72.29
CA LYS M 59 -43.52 39.95 71.93
C LYS M 59 -42.94 39.06 70.83
N MET M 60 -43.57 37.90 70.64
CA MET M 60 -43.02 36.88 69.77
C MET M 60 -43.42 37.13 68.32
N PRO M 61 -42.65 36.58 67.36
CA PRO M 61 -42.68 37.13 65.98
C PRO M 61 -43.85 36.64 65.13
N ARG M 62 -43.84 37.01 63.84
CA ARG M 62 -44.94 36.72 62.94
C ARG M 62 -44.54 36.09 61.61
N TYR M 63 -43.27 36.14 61.23
CA TYR M 63 -42.79 35.28 60.17
C TYR M 63 -41.90 34.23 60.81
N TYR M 64 -42.14 32.98 60.45
CA TYR M 64 -41.22 31.90 60.81
C TYR M 64 -40.64 31.35 59.52
N PRO M 65 -39.43 31.75 59.13
CA PRO M 65 -38.89 31.29 57.84
C PRO M 65 -38.69 29.78 57.86
N THR M 66 -39.11 29.13 56.78
CA THR M 66 -38.89 27.70 56.66
C THR M 66 -37.40 27.38 56.61
N GLU M 67 -36.98 26.35 57.33
CA GLU M 67 -35.61 25.81 57.25
C GLU M 67 -34.56 26.83 57.69
N ASP M 68 -34.50 27.08 59.00
CA ASP M 68 -33.45 27.96 59.53
C ASP M 68 -32.18 27.17 59.84
N VAL M 69 -31.08 27.90 60.05
CA VAL M 69 -29.72 27.36 60.22
C VAL M 69 -29.40 27.06 61.68
N PRO M 70 -28.51 26.11 61.96
CA PRO M 70 -28.06 25.89 63.33
C PRO M 70 -26.99 26.89 63.75
N ARG M 71 -26.73 26.92 65.06
CA ARG M 71 -25.73 27.78 65.66
C ARG M 71 -24.35 27.13 65.65
N LYS M 72 -23.33 27.90 66.01
CA LYS M 72 -21.95 27.45 65.90
C LYS M 72 -21.46 26.90 67.23
N LEU M 73 -20.16 26.63 67.35
CA LEU M 73 -19.66 25.81 68.45
C LEU M 73 -18.76 26.55 69.46
N LEU M 74 -18.70 27.88 69.42
CA LEU M 74 -18.11 28.79 70.45
C LEU M 74 -16.60 29.10 70.41
N SER M 75 -15.80 28.50 69.52
CA SER M 75 -14.59 29.11 68.94
C SER M 75 -13.80 29.97 69.91
N HIS M 76 -13.21 29.33 70.90
CA HIS M 76 -12.78 29.96 72.15
C HIS M 76 -12.13 31.36 71.98
N GLY M 77 -11.13 31.49 71.10
CA GLY M 77 -10.22 32.62 71.22
C GLY M 77 -10.07 33.61 70.07
N LYS M 78 -11.17 34.02 69.44
CA LYS M 78 -11.05 34.63 68.12
C LYS M 78 -11.20 36.15 68.11
N LYS M 79 -11.77 36.78 69.15
CA LYS M 79 -11.40 38.16 69.54
C LYS M 79 -11.42 39.24 68.44
N PRO M 80 -12.57 39.95 68.23
CA PRO M 80 -12.70 40.90 67.10
C PRO M 80 -11.62 41.97 66.99
N PHE M 81 -11.66 42.71 65.88
CA PHE M 81 -10.53 43.58 65.49
C PHE M 81 -10.19 44.61 66.57
N SER M 82 -11.15 45.46 66.93
CA SER M 82 -10.88 46.54 67.88
C SER M 82 -10.19 46.08 69.15
N LYS M 83 -10.32 44.80 69.52
CA LYS M 83 -9.62 44.28 70.69
C LYS M 83 -8.14 43.99 70.42
N HIS M 84 -7.78 43.73 69.17
CA HIS M 84 -6.46 43.18 68.84
C HIS M 84 -5.33 43.96 69.48
N VAL M 85 -4.24 43.27 69.79
CA VAL M 85 -3.03 43.95 70.19
C VAL M 85 -2.40 44.61 68.97
N ARG M 86 -1.98 45.86 69.12
CA ARG M 86 -1.29 46.53 68.05
C ARG M 86 0.17 46.14 68.02
N LYS M 87 0.75 46.12 66.82
CA LYS M 87 2.16 45.79 66.65
C LYS M 87 2.90 46.98 66.05
N LEU M 88 4.23 46.86 66.00
CA LEU M 88 5.07 47.81 65.30
C LEU M 88 6.41 47.17 65.00
N ARG M 89 7.06 47.67 63.97
CA ARG M 89 8.43 47.24 63.73
C ARG M 89 9.38 47.91 64.74
N ALA M 90 10.51 47.27 64.97
CA ALA M 90 11.54 47.89 65.79
C ALA M 90 12.10 49.12 65.10
N SER M 91 12.34 49.02 63.79
CA SER M 91 12.98 50.10 63.04
C SER M 91 12.15 51.38 63.10
N ILE M 92 10.85 51.27 62.87
CA ILE M 92 9.98 52.45 62.95
C ILE M 92 9.96 52.98 64.37
N THR M 93 9.89 54.29 64.49
CA THR M 93 9.93 55.00 65.76
C THR M 93 9.50 56.44 65.50
N PRO M 94 8.98 57.13 66.52
CA PRO M 94 8.63 58.55 66.34
C PRO M 94 9.84 59.37 65.91
N GLY M 95 9.71 60.01 64.74
CA GLY M 95 10.77 60.82 64.17
C GLY M 95 11.43 60.21 62.96
N THR M 96 11.29 58.91 62.75
CA THR M 96 11.94 58.26 61.63
C THR M 96 11.39 58.78 60.30
N ILE M 97 12.10 58.48 59.24
CA ILE M 97 11.73 58.87 57.88
C ILE M 97 11.36 57.61 57.11
N LEU M 98 10.33 57.71 56.27
CA LEU M 98 9.74 56.55 55.62
C LEU M 98 9.76 56.74 54.11
N ILE M 99 9.40 55.67 53.41
CA ILE M 99 9.36 55.66 51.94
C ILE M 99 8.03 55.01 51.55
N ILE M 100 7.00 55.84 51.36
CA ILE M 100 5.68 55.29 51.07
C ILE M 100 5.71 54.63 49.69
N LEU M 101 5.06 53.47 49.59
CA LEU M 101 5.16 52.64 48.38
C LEU M 101 3.86 52.54 47.59
N THR M 102 2.71 52.46 48.25
CA THR M 102 1.52 51.94 47.59
C THR M 102 0.48 53.00 47.21
N GLY M 103 0.50 54.20 47.81
CA GLY M 103 -0.49 55.24 47.49
C GLY M 103 -0.37 55.76 46.08
N ARG M 104 -1.06 56.83 45.66
CA ARG M 104 -0.63 57.38 44.38
C ARG M 104 0.81 57.84 44.56
N HIS M 105 1.02 58.91 45.34
CA HIS M 105 1.90 58.91 46.50
C HIS M 105 2.98 57.85 46.53
N ARG M 106 3.69 57.65 45.43
CA ARG M 106 4.59 56.51 45.28
C ARG M 106 6.02 56.95 45.56
N GLY M 107 6.73 56.17 46.36
CA GLY M 107 8.15 56.41 46.61
C GLY M 107 8.50 57.83 47.03
N LYS M 108 7.76 58.38 47.99
CA LYS M 108 8.03 59.72 48.51
C LYS M 108 8.46 59.61 49.96
N ARG M 109 9.54 60.29 50.30
CA ARG M 109 9.99 60.32 51.69
C ARG M 109 8.96 61.08 52.53
N VAL M 110 8.92 60.74 53.82
CA VAL M 110 7.82 61.17 54.68
C VAL M 110 8.26 60.96 56.12
N ILE M 111 7.77 61.81 57.03
CA ILE M 111 8.12 61.77 58.44
C ILE M 111 7.06 61.00 59.23
N PHE M 112 7.49 60.07 60.06
CA PHE M 112 6.57 59.33 60.92
C PHE M 112 6.23 60.11 62.18
N LEU M 113 4.97 60.05 62.60
CA LEU M 113 4.52 60.73 63.80
C LEU M 113 4.01 59.78 64.88
N LYS M 114 3.06 58.91 64.56
CA LYS M 114 2.31 58.25 65.61
C LYS M 114 1.79 56.89 65.15
N GLN M 115 1.58 56.00 66.10
CA GLN M 115 0.85 54.76 65.92
C GLN M 115 -0.57 55.00 66.43
N LEU M 116 -1.57 54.86 65.55
CA LEU M 116 -2.95 55.08 65.96
C LEU M 116 -3.53 53.81 66.59
N SER M 117 -4.72 53.95 67.19
CA SER M 117 -5.44 52.81 67.76
C SER M 117 -5.83 51.81 66.69
N SER M 118 -5.95 52.24 65.44
CA SER M 118 -6.18 51.31 64.35
C SER M 118 -4.98 50.43 64.09
N GLY M 119 -3.78 50.87 64.44
CA GLY M 119 -2.57 50.18 64.04
C GLY M 119 -1.95 50.75 62.79
N LEU M 120 -2.31 51.97 62.43
CA LEU M 120 -1.86 52.61 61.21
C LEU M 120 -0.90 53.74 61.55
N LEU M 121 0.08 53.92 60.66
CA LEU M 121 1.08 54.97 60.84
C LEU M 121 0.45 56.30 60.43
N LEU M 122 0.30 57.19 61.40
CA LEU M 122 0.07 58.60 61.11
C LEU M 122 1.36 59.22 60.61
N VAL M 123 1.24 60.01 59.56
CA VAL M 123 2.40 60.31 58.74
C VAL M 123 2.29 61.73 58.23
N THR M 124 3.43 62.39 58.07
CA THR M 124 3.42 63.64 57.33
C THR M 124 4.82 63.90 56.79
N GLY M 125 4.99 63.75 55.49
CA GLY M 125 5.98 64.55 54.83
C GLY M 125 5.37 65.95 54.74
N PRO M 126 5.89 66.92 55.53
CA PRO M 126 5.22 68.21 55.64
C PRO M 126 4.86 68.79 54.28
N LEU M 127 3.57 69.09 54.13
CA LEU M 127 2.90 69.38 52.87
C LEU M 127 3.79 70.18 51.95
N VAL M 128 4.43 71.19 52.53
CA VAL M 128 5.26 72.12 51.79
C VAL M 128 6.24 71.38 50.90
N LEU M 129 6.95 70.41 51.46
CA LEU M 129 8.02 69.79 50.70
C LEU M 129 7.53 68.66 49.82
N ASN M 130 6.41 68.07 50.16
CA ASN M 130 6.10 66.75 49.62
C ASN M 130 4.76 66.67 48.95
N ARG M 131 3.83 67.54 49.32
CA ARG M 131 2.43 67.37 48.96
C ARG M 131 1.84 66.16 49.69
N VAL M 132 2.23 65.96 50.93
CA VAL M 132 1.74 64.83 51.71
C VAL M 132 0.99 65.31 52.94
N PRO M 133 -0.33 65.11 53.00
CA PRO M 133 -1.11 65.46 54.20
C PRO M 133 -0.90 64.49 55.36
N LEU M 134 -1.75 64.59 56.39
CA LEU M 134 -1.57 63.75 57.58
C LEU M 134 -1.80 62.27 57.28
N ARG M 135 -2.74 61.96 56.39
CA ARG M 135 -2.61 60.84 55.45
C ARG M 135 -2.07 59.57 56.12
N ARG M 136 -2.92 58.91 56.92
CA ARG M 136 -2.54 57.64 57.57
C ARG M 136 -1.96 56.68 56.54
N THR M 137 -1.08 55.77 57.01
CA THR M 137 -0.53 54.71 56.16
C THR M 137 -0.39 53.44 56.97
N HIS M 138 -0.01 52.36 56.29
CA HIS M 138 0.14 51.06 56.91
C HIS M 138 1.61 50.74 57.12
N GLN M 139 1.94 50.18 58.27
CA GLN M 139 3.34 49.88 58.54
C GLN M 139 3.89 48.83 57.58
N LYS M 140 3.01 48.04 56.98
CA LYS M 140 3.48 46.99 56.06
C LYS M 140 3.87 47.59 54.73
N PHE M 141 3.07 48.50 54.18
CA PHE M 141 3.34 49.08 52.88
C PHE M 141 4.22 50.33 52.97
N VAL M 142 5.33 50.24 53.71
CA VAL M 142 6.22 51.39 53.88
C VAL M 142 7.59 50.86 54.29
N ILE M 143 8.61 51.40 53.66
CA ILE M 143 9.98 51.11 54.06
C ILE M 143 10.40 52.10 55.14
N ALA M 144 11.00 51.60 56.21
CA ALA M 144 11.61 52.48 57.20
C ALA M 144 12.88 53.09 56.60
N THR M 145 13.55 53.93 57.39
CA THR M 145 14.87 54.41 57.00
C THR M 145 15.63 54.76 58.26
N SER M 146 16.94 54.46 58.26
CA SER M 146 17.74 54.76 59.45
C SER M 146 18.12 56.23 59.46
N THR M 147 17.13 57.11 59.33
CA THR M 147 17.33 58.56 59.22
C THR M 147 16.24 59.21 60.08
N LYS M 148 16.56 59.44 61.35
CA LYS M 148 15.57 59.88 62.32
C LYS M 148 15.80 61.34 62.65
N ILE M 149 14.77 62.16 62.42
CA ILE M 149 14.74 63.53 62.89
C ILE M 149 14.38 63.49 64.36
N ASP M 150 14.54 64.61 65.06
CA ASP M 150 14.10 64.71 66.45
C ASP M 150 12.70 65.29 66.48
N ILE M 151 11.76 64.55 67.09
CA ILE M 151 10.35 64.88 67.01
C ILE M 151 9.77 64.77 68.42
N SER M 152 10.67 64.74 69.40
CA SER M 152 10.29 64.32 70.75
C SER M 152 9.14 65.15 71.29
N GLY M 153 9.23 66.48 71.15
CA GLY M 153 8.34 67.37 71.85
C GLY M 153 7.46 68.26 71.01
N VAL M 154 6.91 67.73 69.92
CA VAL M 154 6.22 68.60 68.98
C VAL M 154 4.74 68.28 68.82
N LYS M 155 4.08 67.84 69.90
CA LYS M 155 2.69 68.22 70.18
C LYS M 155 1.72 67.81 69.07
N ILE M 156 1.49 66.50 68.96
CA ILE M 156 0.36 66.04 68.15
C ILE M 156 -0.94 66.47 68.82
N PRO M 157 -1.92 66.97 68.07
CA PRO M 157 -3.23 67.30 68.66
C PRO M 157 -4.06 66.06 68.97
N LYS M 158 -4.91 66.16 70.00
CA LYS M 158 -5.54 64.98 70.59
C LYS M 158 -6.61 64.39 69.69
N HIS M 159 -7.37 65.24 68.99
CA HIS M 159 -8.46 64.74 68.16
C HIS M 159 -7.98 64.04 66.88
N LEU M 160 -6.67 64.01 66.62
CA LEU M 160 -6.12 63.24 65.50
C LEU M 160 -6.16 61.76 65.85
N THR M 161 -7.33 61.17 65.65
CA THR M 161 -7.59 59.78 65.99
C THR M 161 -7.89 58.98 64.72
N ASP M 162 -8.27 57.72 64.92
CA ASP M 162 -8.64 56.89 63.78
C ASP M 162 -9.98 57.32 63.19
N ALA M 163 -10.93 57.73 64.04
CA ALA M 163 -12.24 58.13 63.53
C ALA M 163 -12.14 59.33 62.61
N TYR M 164 -11.22 60.24 62.91
CA TYR M 164 -11.04 61.43 62.10
C TYR M 164 -10.73 61.06 60.65
N PHE M 165 -9.65 60.31 60.43
CA PHE M 165 -9.21 59.94 59.08
C PHE M 165 -10.02 58.72 58.63
N LYS M 166 -11.20 58.96 58.08
CA LYS M 166 -12.06 57.88 57.70
C LYS M 166 -12.76 58.22 56.41
N LYS M 167 -12.96 57.22 55.57
CA LYS M 167 -13.82 57.40 54.41
C LYS M 167 -15.23 57.79 54.87
N LYS M 168 -16.03 58.31 53.92
CA LYS M 168 -17.09 59.26 54.29
C LYS M 168 -18.52 58.81 54.02
N LYS M 169 -18.92 58.51 52.77
CA LYS M 169 -20.24 58.99 52.35
C LYS M 169 -21.25 58.05 51.70
N LEU M 170 -22.31 58.67 51.13
CA LEU M 170 -23.28 58.14 50.16
C LEU M 170 -24.28 57.04 50.56
N ARG M 171 -25.36 57.42 51.27
CA ARG M 171 -26.53 56.57 51.46
C ARG M 171 -27.17 56.12 50.14
N LYS M 172 -28.18 55.23 50.25
CA LYS M 172 -28.77 54.40 49.19
C LYS M 172 -29.88 55.00 48.29
N PRO M 173 -30.96 55.55 48.85
CA PRO M 173 -32.29 55.34 48.25
C PRO M 173 -32.74 56.27 47.11
N ARG M 174 -32.04 57.36 46.77
CA ARG M 174 -32.62 58.43 45.96
C ARG M 174 -33.01 57.98 44.54
N HIS M 175 -33.44 58.97 43.73
CA HIS M 175 -34.08 58.79 42.43
C HIS M 175 -33.43 57.70 41.57
N GLN M 176 -32.11 57.78 41.45
CA GLN M 176 -31.14 56.71 41.21
C GLN M 176 -30.97 56.18 39.77
N GLU M 177 -31.80 56.54 38.80
CA GLU M 177 -31.70 55.79 37.55
C GLU M 177 -31.93 56.68 36.33
N GLY M 178 -31.55 56.12 35.19
CA GLY M 178 -31.31 56.86 33.97
C GLY M 178 -29.83 56.82 33.65
N GLU M 179 -29.17 57.97 33.76
CA GLU M 179 -27.71 58.08 33.75
C GLU M 179 -27.26 59.01 34.86
N ILE M 180 -27.90 58.87 36.02
CA ILE M 180 -27.78 59.75 37.19
C ILE M 180 -27.66 58.89 38.44
N PHE M 181 -27.92 59.47 39.62
CA PHE M 181 -27.46 58.98 40.92
C PHE M 181 -25.95 59.12 41.05
N ASP M 182 -25.56 60.31 41.47
CA ASP M 182 -24.29 60.97 41.22
C ASP M 182 -23.06 60.09 41.04
N THR M 183 -22.45 60.21 39.87
CA THR M 183 -21.01 60.32 39.75
C THR M 183 -20.54 61.69 40.22
N GLU M 184 -21.49 62.54 40.57
CA GLU M 184 -21.27 63.85 41.16
C GLU M 184 -20.83 63.68 42.62
N LYS M 185 -20.74 64.82 43.32
CA LYS M 185 -19.99 65.09 44.55
C LYS M 185 -18.52 65.11 44.18
N GLU M 186 -18.20 64.48 43.05
CA GLU M 186 -17.12 64.81 42.12
C GLU M 186 -15.74 64.77 42.76
N LYS M 187 -15.68 64.77 44.08
CA LYS M 187 -14.51 65.33 44.74
C LYS M 187 -14.59 65.01 46.23
N TYR M 188 -13.41 64.92 46.83
CA TYR M 188 -13.28 65.07 48.27
C TYR M 188 -12.88 66.52 48.54
N GLU M 189 -13.73 67.25 49.23
CA GLU M 189 -13.42 68.63 49.53
C GLU M 189 -12.61 68.73 50.81
N ILE M 190 -11.74 69.75 50.87
CA ILE M 190 -10.62 69.71 51.79
C ILE M 190 -11.03 69.92 53.25
N SER M 191 -12.22 70.46 53.51
CA SER M 191 -12.78 70.54 54.88
C SER M 191 -11.84 71.34 55.78
N GLU M 192 -11.87 72.64 55.56
CA GLU M 192 -10.87 73.61 56.00
C GLU M 192 -10.55 73.52 57.50
N GLN M 193 -11.33 72.76 58.27
CA GLN M 193 -10.87 72.37 59.60
C GLN M 193 -9.60 71.55 59.52
N ARG M 194 -9.46 70.73 58.48
CA ARG M 194 -8.23 69.98 58.25
C ARG M 194 -7.14 70.86 57.64
N LYS M 195 -7.52 71.93 56.93
CA LYS M 195 -6.55 72.92 56.48
C LYS M 195 -5.71 73.42 57.64
N VAL M 196 -6.38 73.97 58.67
CA VAL M 196 -5.66 74.27 59.89
C VAL M 196 -5.72 73.05 60.78
N ASP M 197 -4.98 72.02 60.40
CA ASP M 197 -4.43 71.04 61.31
C ASP M 197 -3.00 70.83 60.86
N GLN M 198 -2.82 70.87 59.54
CA GLN M 198 -1.51 70.76 58.93
C GLN M 198 -0.69 72.01 59.18
N LYS M 199 -1.34 73.17 59.21
CA LYS M 199 -0.68 74.38 59.69
C LYS M 199 -0.12 74.16 61.09
N ALA M 200 -0.88 73.48 61.95
CA ALA M 200 -0.46 73.30 63.33
C ALA M 200 0.59 72.20 63.46
N VAL M 201 0.30 71.00 62.94
CA VAL M 201 1.17 69.84 63.19
C VAL M 201 2.55 70.07 62.61
N ASP M 202 2.64 70.26 61.30
CA ASP M 202 3.92 70.68 60.74
C ASP M 202 4.03 72.18 60.98
N SER M 203 5.00 72.81 60.33
CA SER M 203 5.40 74.19 60.63
C SER M 203 6.10 74.26 61.98
N GLN M 204 6.14 73.13 62.68
CA GLN M 204 7.01 73.02 63.85
C GLN M 204 7.80 71.73 63.69
N ILE M 205 7.23 70.76 62.97
CA ILE M 205 8.06 69.71 62.37
C ILE M 205 8.92 70.31 61.27
N LEU M 206 8.38 71.30 60.54
CA LEU M 206 9.10 72.05 59.52
C LEU M 206 9.93 73.12 60.17
N ARG M 207 10.65 72.74 61.22
CA ARG M 207 11.73 73.57 61.72
C ARG M 207 12.96 72.77 62.06
N ARG M 208 12.83 71.47 62.29
CA ARG M 208 14.00 70.64 62.55
C ARG M 208 14.50 69.97 61.29
N ILE M 209 13.63 69.73 60.32
CA ILE M 209 14.10 69.33 59.00
C ILE M 209 14.83 70.49 58.33
N LYS M 210 14.65 71.70 58.85
CA LYS M 210 15.42 72.83 58.39
C LYS M 210 16.66 73.11 59.25
N ALA M 211 16.82 72.39 60.37
CA ALA M 211 18.04 72.47 61.16
C ALA M 211 19.09 71.48 60.67
N VAL M 212 18.70 70.22 60.48
CA VAL M 212 19.60 69.24 59.87
C VAL M 212 19.85 69.68 58.43
N PRO M 213 21.09 70.01 58.07
CA PRO M 213 21.33 70.55 56.73
C PRO M 213 21.08 69.50 55.66
N GLN M 214 20.64 69.98 54.50
CA GLN M 214 20.52 69.20 53.27
C GLN M 214 19.35 68.23 53.34
N LEU M 215 18.66 68.15 54.49
CA LEU M 215 17.56 67.19 54.65
C LEU M 215 16.30 67.66 53.93
N GLN M 216 16.13 68.96 53.82
CA GLN M 216 15.01 69.52 53.08
C GLN M 216 14.93 68.96 51.67
N GLY M 217 16.07 68.83 50.99
CA GLY M 217 16.08 68.28 49.66
C GLY M 217 15.79 66.79 49.62
N TYR M 218 16.25 66.04 50.62
CA TYR M 218 15.94 64.62 50.68
C TYR M 218 14.44 64.39 50.69
N LEU M 219 13.71 65.18 51.47
CA LEU M 219 12.27 64.97 51.58
C LEU M 219 11.56 65.29 50.27
N ARG M 220 12.10 66.20 49.47
CA ARG M 220 11.46 66.48 48.21
C ARG M 220 11.67 65.37 47.19
N SER M 221 12.84 64.71 47.21
CA SER M 221 13.16 63.77 46.14
C SER M 221 12.27 62.54 46.19
N VAL M 222 11.86 62.09 45.01
CA VAL M 222 11.19 60.81 44.91
C VAL M 222 12.22 59.69 44.93
N PHE M 223 11.78 58.49 45.29
CA PHE M 223 12.67 57.34 45.43
C PHE M 223 12.38 56.34 44.32
N ALA M 224 13.43 55.71 43.84
CA ALA M 224 13.26 54.56 42.97
C ALA M 224 14.59 53.89 42.76
N LEU M 225 14.53 52.60 42.48
CA LEU M 225 15.73 51.86 42.11
C LEU M 225 16.21 52.37 40.75
N THR M 226 17.35 51.83 40.32
CA THR M 226 17.90 52.20 39.03
C THR M 226 18.52 50.96 38.42
N ASN M 227 19.30 51.15 37.36
CA ASN M 227 20.14 50.08 36.84
C ASN M 227 21.49 50.21 37.53
N GLY M 228 21.71 49.39 38.55
CA GLY M 228 22.96 49.44 39.26
C GLY M 228 22.82 49.15 40.74
N ILE M 229 21.61 49.30 41.26
CA ILE M 229 21.34 48.99 42.65
C ILE M 229 20.29 47.89 42.69
N TYR M 230 20.48 46.95 43.60
CA TYR M 230 19.52 45.87 43.83
C TYR M 230 19.21 45.82 45.30
N PRO M 231 17.96 46.11 45.71
CA PRO M 231 17.67 46.37 47.12
C PRO M 231 17.88 45.19 48.03
N HIS M 232 18.18 44.00 47.50
CA HIS M 232 18.61 42.91 48.36
C HIS M 232 19.81 43.32 49.19
N LYS M 233 20.57 44.31 48.74
CA LYS M 233 21.87 44.62 49.30
C LYS M 233 21.91 45.95 50.03
N LEU M 234 21.47 47.02 49.40
CA LEU M 234 21.62 48.36 49.97
C LEU M 234 20.89 48.44 51.31
N VAL M 235 21.45 49.22 52.23
CA VAL M 235 20.85 49.42 53.55
C VAL M 235 20.09 50.73 53.55
N PHE M 236 18.87 50.70 54.06
CA PHE M 236 18.01 51.87 54.13
C PHE M 236 16.79 51.60 54.99
N ASN N 1 -38.04 17.66 98.43
CA ASN N 1 -37.89 17.17 97.07
C ASN N 1 -36.93 18.03 96.27
N PHE N 2 -37.38 19.22 95.87
CA PHE N 2 -36.56 20.10 95.03
C PHE N 2 -35.23 20.42 95.71
N ALA N 3 -35.28 21.12 96.85
CA ALA N 3 -34.06 21.50 97.55
C ALA N 3 -33.48 20.39 98.40
N GLU N 4 -34.03 19.18 98.30
CA GLU N 4 -33.34 17.99 98.76
C GLU N 4 -32.64 17.26 97.62
N LEU N 5 -33.12 17.45 96.38
CA LEU N 5 -32.37 17.00 95.22
C LEU N 5 -31.28 17.99 94.85
N LYS N 6 -31.65 19.27 94.73
CA LYS N 6 -30.73 20.36 94.41
C LYS N 6 -29.44 20.23 95.19
N ILE N 7 -29.54 19.92 96.48
CA ILE N 7 -28.35 19.72 97.28
C ILE N 7 -27.70 18.39 96.92
N LYS N 8 -28.51 17.35 96.71
CA LYS N 8 -27.97 16.02 96.44
C LYS N 8 -27.10 16.01 95.18
N ARG N 9 -27.50 16.77 94.15
CA ARG N 9 -26.71 16.82 92.93
C ARG N 9 -25.53 17.76 93.06
N LEU N 10 -25.73 18.88 93.75
CA LEU N 10 -24.62 19.80 93.99
C LEU N 10 -23.51 19.13 94.78
N ARG N 11 -23.87 18.28 95.75
CA ARG N 11 -22.84 17.51 96.44
C ARG N 11 -22.09 16.62 95.45
N LYS N 12 -22.82 15.90 94.61
CA LYS N 12 -22.15 15.11 93.58
C LYS N 12 -21.36 15.99 92.61
N LYS N 13 -21.77 17.25 92.45
CA LYS N 13 -20.97 18.17 91.66
C LYS N 13 -19.63 18.45 92.33
N PHE N 14 -19.67 18.79 93.63
CA PHE N 14 -18.41 19.11 94.30
C PHE N 14 -17.58 17.86 94.56
N ALA N 15 -18.22 16.73 94.88
CA ALA N 15 -17.44 15.51 95.10
C ALA N 15 -16.53 15.21 93.92
N GLN N 16 -16.77 15.83 92.78
CA GLN N 16 -15.84 15.74 91.66
C GLN N 16 -14.76 16.80 91.74
N LYS N 17 -15.13 18.03 92.09
CA LYS N 17 -14.12 19.06 92.28
C LYS N 17 -13.17 18.71 93.43
N MET N 18 -13.53 17.76 94.30
CA MET N 18 -12.53 17.14 95.17
C MET N 18 -11.67 16.19 94.36
N LEU N 19 -12.30 15.22 93.70
CA LEU N 19 -11.55 14.15 93.05
C LEU N 19 -10.66 14.69 91.94
N ARG N 20 -11.23 15.50 91.04
CA ARG N 20 -10.40 16.04 89.97
C ARG N 20 -9.38 17.04 90.48
N LYS N 21 -9.47 17.45 91.74
CA LYS N 21 -8.36 18.14 92.37
C LYS N 21 -7.33 17.14 92.89
N ALA N 22 -7.77 16.19 93.73
CA ALA N 22 -6.85 15.20 94.26
C ALA N 22 -6.18 14.43 93.13
N ARG N 23 -6.91 14.12 92.07
CA ARG N 23 -6.28 13.44 90.95
C ARG N 23 -5.31 14.37 90.22
N ARG N 24 -5.64 15.66 90.15
CA ARG N 24 -4.71 16.60 89.53
C ARG N 24 -3.45 16.76 90.36
N LYS N 25 -3.58 16.76 91.69
CA LYS N 25 -2.39 16.94 92.53
C LYS N 25 -1.52 15.69 92.56
N LEU N 26 -2.13 14.51 92.65
CA LEU N 26 -1.36 13.27 92.63
C LEU N 26 -0.47 13.20 91.40
N ILE N 27 -1.03 13.49 90.22
CA ILE N 27 -0.24 13.57 89.01
C ILE N 27 0.90 14.56 89.18
N TYR N 28 0.58 15.74 89.73
CA TYR N 28 1.59 16.77 89.89
C TYR N 28 2.79 16.26 90.68
N GLU N 29 2.54 15.52 91.75
CA GLU N 29 3.64 15.09 92.61
C GLU N 29 4.30 13.81 92.14
N LYS N 30 3.55 12.90 91.51
CA LYS N 30 4.21 11.85 90.78
C LYS N 30 5.18 12.42 89.76
N ALA N 31 4.89 13.61 89.22
CA ALA N 31 5.81 14.22 88.27
C ALA N 31 7.01 14.85 88.96
N LYS N 32 6.96 15.02 90.28
CA LYS N 32 8.14 15.48 90.99
C LYS N 32 9.08 14.32 91.29
N HIS N 33 8.50 13.17 91.65
CA HIS N 33 9.28 11.95 91.81
C HIS N 33 10.07 11.64 90.55
N TYR N 34 9.38 11.60 89.41
CA TYR N 34 10.05 11.32 88.16
C TYR N 34 11.00 12.43 87.74
N HIS N 35 11.00 13.56 88.45
CA HIS N 35 12.06 14.53 88.25
C HIS N 35 13.27 14.18 89.09
N LYS N 36 13.03 13.68 90.30
CA LYS N 36 14.14 13.33 91.17
C LYS N 36 14.82 12.05 90.69
N GLU N 37 14.03 11.05 90.30
CA GLU N 37 14.61 9.79 89.84
C GLU N 37 15.44 10.00 88.58
N TYR N 38 14.87 10.65 87.57
CA TYR N 38 15.58 10.81 86.31
C TYR N 38 16.83 11.65 86.47
N ARG N 39 16.94 12.41 87.55
CA ARG N 39 18.15 13.19 87.84
C ARG N 39 19.15 12.37 88.61
N GLN N 40 18.68 11.63 89.62
CA GLN N 40 19.56 10.76 90.36
C GLN N 40 20.16 9.68 89.45
N MET N 41 19.37 9.16 88.51
CA MET N 41 19.89 8.14 87.60
C MET N 41 20.98 8.69 86.69
N TYR N 42 20.81 9.92 86.20
CA TYR N 42 21.85 10.54 85.39
C TYR N 42 23.11 10.75 86.20
N ARG N 43 22.97 11.42 87.34
CA ARG N 43 24.12 11.75 88.16
C ARG N 43 24.83 10.49 88.63
N THR N 44 24.10 9.56 89.24
CA THR N 44 24.74 8.41 89.86
C THR N 44 25.38 7.48 88.84
N GLU N 45 25.17 7.70 87.55
CA GLU N 45 26.00 7.02 86.55
C GLU N 45 27.27 7.79 86.27
N ILE N 46 27.26 9.10 86.52
CA ILE N 46 28.49 9.89 86.47
C ILE N 46 29.25 9.78 87.78
N ARG N 47 28.52 9.81 88.90
CA ARG N 47 29.03 9.57 90.25
C ARG N 47 30.00 8.40 90.28
N MET N 48 29.68 7.37 89.51
CA MET N 48 30.38 6.10 89.56
C MET N 48 31.63 6.09 88.68
N ALA N 49 31.48 6.45 87.40
CA ALA N 49 32.64 6.54 86.52
C ALA N 49 33.69 7.48 87.10
N ARG N 50 33.25 8.54 87.79
CA ARG N 50 34.20 9.40 88.48
C ARG N 50 34.93 8.65 89.57
N MET N 51 34.26 7.68 90.18
CA MET N 51 34.84 7.01 91.34
C MET N 51 35.78 5.90 90.92
N ALA N 52 35.50 5.24 89.80
CA ALA N 52 36.43 4.25 89.28
C ALA N 52 37.66 4.91 88.68
N ARG N 53 37.48 6.05 88.01
CA ARG N 53 38.62 6.77 87.44
C ARG N 53 39.60 7.22 88.50
N LYS N 54 39.13 7.52 89.72
CA LYS N 54 40.04 7.93 90.78
C LYS N 54 41.02 6.82 91.12
N ALA N 55 40.51 5.62 91.37
CA ALA N 55 41.35 4.43 91.37
C ALA N 55 41.84 4.13 89.96
N GLY N 56 42.80 3.23 89.86
CA GLY N 56 43.25 2.78 88.54
C GLY N 56 42.29 1.75 87.99
N ASN N 57 41.07 2.18 87.65
CA ASN N 57 39.97 1.25 87.54
C ASN N 57 39.04 1.67 86.43
N PHE N 58 37.98 0.88 86.21
CA PHE N 58 37.14 1.02 85.04
C PHE N 58 35.67 0.88 85.39
N TYR N 59 34.84 1.36 84.48
CA TYR N 59 33.40 1.21 84.58
C TYR N 59 32.82 0.67 83.30
N VAL N 60 31.90 -0.27 83.43
CA VAL N 60 31.07 -0.73 82.32
C VAL N 60 29.62 -0.43 82.66
N PRO N 61 29.05 0.61 82.08
CA PRO N 61 27.66 0.97 82.38
C PRO N 61 26.73 -0.16 82.00
N ALA N 62 25.49 -0.06 82.48
CA ALA N 62 24.54 -1.14 82.27
C ALA N 62 24.26 -1.32 80.79
N GLU N 63 24.09 -2.56 80.37
CA GLU N 63 23.61 -2.80 79.02
C GLU N 63 22.26 -2.12 78.86
N PRO N 64 22.07 -1.29 77.84
CA PRO N 64 20.80 -0.58 77.67
C PRO N 64 19.63 -1.53 77.64
N LYS N 65 18.57 -1.18 78.37
CA LYS N 65 17.41 -2.06 78.43
C LYS N 65 16.33 -1.68 77.43
N LEU N 66 16.37 -0.46 76.91
CA LEU N 66 15.34 0.05 76.03
C LEU N 66 15.98 0.47 74.71
N ALA N 67 15.42 0.00 73.60
CA ALA N 67 15.91 0.41 72.29
C ALA N 67 14.72 0.77 71.42
N PHE N 68 14.82 1.89 70.71
CA PHE N 68 13.74 2.39 69.87
C PHE N 68 14.08 2.16 68.41
N VAL N 69 13.26 1.34 67.75
CA VAL N 69 13.56 0.77 66.45
C VAL N 69 12.73 1.46 65.38
N ILE N 70 13.38 1.92 64.32
CA ILE N 70 12.69 2.48 63.16
C ILE N 70 12.91 1.57 61.96
N ARG N 71 11.84 1.34 61.19
CA ARG N 71 12.02 0.68 59.90
C ARG N 71 12.48 1.71 58.88
N ILE N 72 13.44 1.34 58.02
CA ILE N 72 13.98 2.30 57.07
C ILE N 72 13.93 1.82 55.63
N ARG N 73 13.41 0.64 55.34
CA ARG N 73 13.10 0.32 53.95
C ARG N 73 11.69 -0.21 53.84
N GLY N 74 11.06 0.13 52.71
CA GLY N 74 9.65 -0.09 52.45
C GLY N 74 9.28 -1.54 52.28
N ILE N 75 8.12 -1.81 51.70
CA ILE N 75 7.56 -3.16 51.75
C ILE N 75 7.32 -3.60 50.31
N ASN N 76 8.31 -4.29 49.74
CA ASN N 76 8.20 -5.15 48.57
C ASN N 76 9.55 -5.74 48.27
N GLY N 77 9.58 -7.03 48.03
CA GLY N 77 10.85 -7.72 47.82
C GLY N 77 11.50 -8.01 49.17
N VAL N 78 10.70 -8.48 50.12
CA VAL N 78 11.12 -8.65 51.50
C VAL N 78 10.94 -10.12 51.88
N SER N 79 11.95 -10.68 52.57
CA SER N 79 12.01 -12.12 52.78
C SER N 79 10.81 -12.62 53.59
N PRO N 80 10.57 -13.94 53.59
CA PRO N 80 9.52 -14.51 54.43
C PRO N 80 9.77 -14.33 55.92
N LYS N 81 10.93 -14.80 56.39
CA LYS N 81 11.23 -14.70 57.81
C LYS N 81 11.38 -13.25 58.25
N VAL N 82 11.89 -12.39 57.37
CA VAL N 82 11.97 -10.97 57.68
C VAL N 82 10.59 -10.39 57.90
N ARG N 83 9.66 -10.71 57.00
CA ARG N 83 8.33 -10.13 57.06
C ARG N 83 7.56 -10.57 58.29
N LYS N 84 7.89 -11.72 58.87
CA LYS N 84 7.20 -12.13 60.09
C LYS N 84 7.68 -11.31 61.28
N VAL N 85 9.00 -11.19 61.44
CA VAL N 85 9.53 -10.37 62.53
C VAL N 85 8.93 -8.99 62.49
N LEU N 86 9.08 -8.33 61.34
CA LEU N 86 8.72 -6.93 61.26
C LEU N 86 7.25 -6.69 61.55
N GLN N 87 6.41 -7.71 61.46
CA GLN N 87 5.04 -7.52 61.93
C GLN N 87 4.86 -7.95 63.38
N LEU N 88 5.90 -8.48 64.02
CA LEU N 88 5.91 -8.69 65.46
C LEU N 88 6.45 -7.49 66.22
N LEU N 89 7.40 -6.78 65.61
CA LEU N 89 7.79 -5.48 66.13
C LEU N 89 6.80 -4.38 65.78
N ARG N 90 5.82 -4.70 64.92
CA ARG N 90 4.77 -3.78 64.52
C ARG N 90 5.31 -2.63 63.68
N LEU N 91 6.41 -2.87 62.97
CA LEU N 91 6.92 -1.92 61.99
C LEU N 91 6.33 -2.20 60.62
N ARG N 92 5.00 -2.26 60.57
CA ARG N 92 4.30 -2.67 59.37
C ARG N 92 4.57 -1.72 58.22
N GLN N 93 4.03 -0.52 58.30
CA GLN N 93 4.32 0.47 57.28
C GLN N 93 5.79 0.85 57.32
N ILE N 94 6.32 1.31 56.19
CA ILE N 94 7.66 1.83 56.23
C ILE N 94 7.69 3.03 57.15
N PHE N 95 8.82 3.20 57.81
CA PHE N 95 9.24 4.48 58.35
C PHE N 95 8.56 4.86 59.66
N ASN N 96 7.93 3.90 60.32
CA ASN N 96 7.43 4.06 61.67
C ASN N 96 8.34 3.35 62.66
N GLY N 97 7.99 3.48 63.94
CA GLY N 97 8.90 3.12 65.02
C GLY N 97 8.17 2.74 66.28
N THR N 98 8.80 1.88 67.07
CA THR N 98 8.27 1.35 68.31
C THR N 98 9.41 1.17 69.31
N PHE N 99 9.05 1.21 70.59
CA PHE N 99 10.01 0.97 71.67
C PHE N 99 10.05 -0.53 71.95
N VAL N 100 11.17 -1.16 71.65
CA VAL N 100 11.36 -2.58 71.95
C VAL N 100 12.20 -2.69 73.21
N LYS N 101 11.89 -3.67 74.04
CA LYS N 101 12.60 -3.86 75.30
C LYS N 101 13.73 -4.87 75.08
N LEU N 102 14.96 -4.45 75.37
CA LEU N 102 16.14 -5.23 75.03
C LEU N 102 16.33 -6.41 75.97
N ASN N 103 16.73 -7.52 75.36
CA ASN N 103 16.46 -8.83 75.89
C ASN N 103 17.10 -9.84 74.95
N LYS N 104 17.53 -10.98 75.49
CA LYS N 104 18.23 -11.95 74.66
C LYS N 104 17.40 -12.38 73.45
N ALA N 105 16.09 -12.56 73.66
CA ALA N 105 15.21 -12.91 72.55
C ALA N 105 14.95 -11.71 71.64
N SER N 106 14.77 -10.52 72.22
CA SER N 106 14.56 -9.34 71.38
C SER N 106 15.79 -9.06 70.53
N ILE N 107 16.96 -9.05 71.15
CA ILE N 107 18.19 -8.72 70.42
C ILE N 107 18.37 -9.69 69.27
N ASN N 108 18.08 -10.96 69.50
CA ASN N 108 18.24 -11.93 68.44
C ASN N 108 17.13 -11.87 67.41
N MET N 109 16.12 -11.03 67.60
CA MET N 109 15.19 -10.74 66.52
C MET N 109 15.59 -9.52 65.70
N LEU N 110 16.44 -8.63 66.25
CA LEU N 110 16.91 -7.49 65.45
C LEU N 110 18.07 -7.88 64.56
N ARG N 111 18.91 -8.81 65.02
CA ARG N 111 19.94 -9.37 64.15
C ARG N 111 19.35 -9.88 62.85
N ILE N 112 18.14 -10.43 62.90
CA ILE N 112 17.61 -11.13 61.74
C ILE N 112 16.92 -10.20 60.76
N VAL N 113 16.54 -9.00 61.20
CA VAL N 113 15.99 -8.03 60.28
C VAL N 113 16.86 -6.79 60.19
N GLU N 114 18.16 -6.92 60.47
CA GLU N 114 19.01 -5.74 60.53
C GLU N 114 19.09 -4.94 59.24
N PRO N 115 19.09 -5.54 58.04
CA PRO N 115 19.17 -4.72 56.83
C PRO N 115 17.94 -3.86 56.58
N TYR N 116 16.88 -4.01 57.38
CA TYR N 116 15.66 -3.24 57.21
C TYR N 116 15.45 -2.15 58.25
N ILE N 117 16.07 -2.26 59.42
CA ILE N 117 15.73 -1.34 60.49
C ILE N 117 16.93 -0.49 60.87
N ALA N 118 16.72 0.43 61.80
CA ALA N 118 17.78 1.28 62.33
C ALA N 118 17.42 1.55 63.78
N TRP N 119 18.06 0.83 64.70
CA TRP N 119 17.71 0.92 66.11
C TRP N 119 18.88 1.37 66.96
N GLY N 120 18.55 1.84 68.15
CA GLY N 120 19.53 2.40 69.05
C GLY N 120 18.89 2.76 70.37
N TYR N 121 19.74 3.27 71.27
CA TYR N 121 19.35 3.46 72.66
C TYR N 121 18.86 4.88 72.87
N PRO N 122 17.58 5.11 73.08
CA PRO N 122 17.09 6.49 73.20
C PRO N 122 17.34 7.11 74.55
N ASN N 123 17.54 8.42 74.51
CA ASN N 123 17.70 9.22 75.72
C ASN N 123 16.36 9.84 76.08
N LEU N 124 16.33 10.49 77.26
CA LEU N 124 15.08 10.97 77.81
C LEU N 124 14.35 11.92 76.86
N LYS N 125 15.02 13.01 76.45
CA LYS N 125 14.35 13.97 75.58
C LYS N 125 13.80 13.28 74.34
N SER N 126 14.50 12.26 73.85
CA SER N 126 13.95 11.51 72.72
C SER N 126 12.68 10.76 73.11
N VAL N 127 12.56 10.34 74.37
CA VAL N 127 11.34 9.65 74.77
C VAL N 127 10.18 10.63 74.87
N ASN N 128 10.43 11.79 75.45
CA ASN N 128 9.39 12.80 75.56
C ASN N 128 8.85 13.18 74.20
N GLU N 129 9.73 13.64 73.32
CA GLU N 129 9.35 14.10 71.98
C GLU N 129 8.42 13.12 71.30
N LEU N 130 8.81 11.84 71.30
CA LEU N 130 7.97 10.84 70.65
C LEU N 130 6.62 10.75 71.33
N ILE N 131 6.60 10.71 72.66
CA ILE N 131 5.34 10.41 73.34
C ILE N 131 4.37 11.58 73.24
N TYR N 132 4.87 12.81 73.38
CA TYR N 132 3.94 13.93 73.32
C TYR N 132 3.48 14.19 71.89
N LYS N 133 4.42 14.53 71.02
CA LYS N 133 4.06 15.06 69.71
C LYS N 133 3.45 13.98 68.82
N ARG N 134 3.94 12.76 68.93
CA ARG N 134 3.51 11.71 68.05
C ARG N 134 3.05 10.51 68.83
N GLY N 135 2.34 10.74 69.92
CA GLY N 135 1.92 9.65 70.77
C GLY N 135 0.43 9.41 70.72
N TYR N 136 0.02 8.30 70.09
CA TYR N 136 -1.37 7.91 69.99
C TYR N 136 -1.58 6.58 70.69
N GLY N 137 -2.70 6.44 71.38
CA GLY N 137 -2.98 5.26 72.19
C GLY N 137 -4.02 4.35 71.54
N LYS N 138 -3.80 3.04 71.67
CA LYS N 138 -4.69 2.04 71.08
C LYS N 138 -5.83 1.75 72.06
N ILE N 139 -6.99 2.34 71.80
CA ILE N 139 -8.18 2.18 72.61
C ILE N 139 -9.28 1.64 71.72
N ASN N 140 -9.87 0.52 72.11
CA ASN N 140 -10.88 -0.14 71.27
C ASN N 140 -10.33 -0.33 69.85
N LYS N 141 -9.08 -0.75 69.76
CA LYS N 141 -8.44 -1.03 68.48
C LYS N 141 -8.51 0.19 67.56
N LYS N 142 -8.34 1.37 68.12
CA LYS N 142 -8.35 2.61 67.35
C LYS N 142 -7.06 3.37 67.59
N ARG N 143 -6.56 4.05 66.57
CA ARG N 143 -5.52 5.04 66.78
C ARG N 143 -6.22 6.31 67.24
N ILE N 144 -6.24 6.52 68.56
CA ILE N 144 -6.85 7.70 69.17
C ILE N 144 -5.76 8.58 69.74
N ALA N 145 -5.77 9.85 69.38
CA ALA N 145 -4.74 10.76 69.83
C ALA N 145 -4.78 10.92 71.36
N LEU N 146 -3.59 10.96 71.96
CA LEU N 146 -3.46 11.10 73.42
C LEU N 146 -3.48 12.58 73.76
N THR N 147 -4.70 13.14 73.74
CA THR N 147 -4.89 14.56 73.97
C THR N 147 -5.04 14.90 75.45
N ASP N 148 -5.75 14.05 76.20
CA ASP N 148 -5.90 14.20 77.63
C ASP N 148 -5.60 12.88 78.31
N ASN N 149 -5.14 12.95 79.57
CA ASN N 149 -4.67 11.76 80.26
C ASN N 149 -5.78 10.96 80.93
N ALA N 150 -7.02 11.42 80.87
CA ALA N 150 -8.11 10.52 81.21
C ALA N 150 -8.28 9.43 80.16
N LEU N 151 -7.57 9.49 79.04
CA LEU N 151 -7.51 8.41 78.06
C LEU N 151 -6.42 7.41 78.37
N ILE N 152 -5.38 7.84 79.08
CA ILE N 152 -4.34 6.91 79.47
C ILE N 152 -4.77 6.14 80.70
N ALA N 153 -5.37 6.82 81.67
CA ALA N 153 -5.85 6.12 82.84
C ALA N 153 -7.00 5.19 82.49
N ARG N 154 -7.82 5.58 81.52
CA ARG N 154 -8.94 4.75 81.12
C ARG N 154 -8.48 3.40 80.55
N SER N 155 -7.22 3.28 80.13
CA SER N 155 -6.71 2.03 79.58
C SER N 155 -5.71 1.33 80.49
N LEU N 156 -4.91 2.10 81.22
CA LEU N 156 -3.76 1.60 81.96
C LEU N 156 -3.90 1.77 83.46
N GLY N 157 -5.05 2.26 83.92
CA GLY N 157 -5.21 2.57 85.32
C GLY N 157 -5.02 1.38 86.22
N LYS N 158 -5.17 0.17 85.69
CA LYS N 158 -4.98 -1.03 86.48
C LYS N 158 -3.52 -1.34 86.76
N TYR N 159 -2.60 -0.46 86.36
CA TYR N 159 -1.17 -0.69 86.54
C TYR N 159 -0.49 0.49 87.23
N GLY N 160 -1.25 1.34 87.92
CA GLY N 160 -0.67 2.53 88.49
C GLY N 160 -0.30 3.61 87.49
N ILE N 161 -0.57 3.41 86.20
CA ILE N 161 -0.29 4.42 85.17
C ILE N 161 -1.55 5.27 85.00
N ILE N 162 -1.41 6.58 85.24
CA ILE N 162 -2.58 7.45 85.33
C ILE N 162 -2.45 8.72 84.51
N CYS N 163 -1.25 9.01 84.01
CA CYS N 163 -1.08 10.29 83.33
C CYS N 163 -0.09 10.12 82.19
N MET N 164 0.02 11.18 81.39
CA MET N 164 0.99 11.19 80.32
C MET N 164 2.40 11.00 80.86
N GLU N 165 2.67 11.51 82.05
CA GLU N 165 4.00 11.40 82.62
C GLU N 165 4.27 10.01 83.18
N ASP N 166 3.24 9.33 83.68
CA ASP N 166 3.42 7.97 84.19
C ASP N 166 3.71 6.99 83.07
N LEU N 167 3.20 7.26 81.87
CA LEU N 167 3.56 6.44 80.73
C LEU N 167 5.06 6.43 80.51
N ILE N 168 5.70 7.59 80.70
CA ILE N 168 7.10 7.72 80.33
C ILE N 168 8.00 7.03 81.34
N HIS N 169 7.58 6.92 82.59
CA HIS N 169 8.28 6.06 83.52
C HIS N 169 8.37 4.64 82.98
N GLU N 170 7.22 4.03 82.75
CA GLU N 170 7.21 2.68 82.25
C GLU N 170 7.85 2.54 80.88
N ILE N 171 8.28 3.64 80.26
CA ILE N 171 8.88 3.48 78.95
C ILE N 171 10.38 3.70 79.09
N TYR N 172 10.78 4.54 80.04
CA TYR N 172 12.20 4.73 80.31
C TYR N 172 12.75 3.63 81.20
N THR N 173 12.28 3.60 82.43
CA THR N 173 12.72 2.59 83.38
C THR N 173 11.84 1.40 83.11
N VAL N 174 12.32 0.50 82.26
CA VAL N 174 11.48 -0.48 81.57
C VAL N 174 10.31 -1.00 82.42
N GLY N 175 10.54 -1.32 83.69
CA GLY N 175 9.43 -1.47 84.62
C GLY N 175 8.49 -2.65 84.44
N LYS N 176 7.63 -2.90 85.42
CA LYS N 176 6.85 -4.13 85.43
C LYS N 176 5.80 -4.20 84.33
N ARG N 177 5.45 -3.06 83.75
CA ARG N 177 4.29 -2.99 82.88
C ARG N 177 4.65 -2.59 81.46
N PHE N 178 5.94 -2.68 81.09
CA PHE N 178 6.32 -2.34 79.75
C PHE N 178 5.51 -3.09 78.71
N LYS N 179 5.01 -4.29 79.05
CA LYS N 179 4.24 -5.07 78.09
C LYS N 179 2.94 -4.39 77.74
N GLU N 180 2.24 -3.85 78.73
CA GLU N 180 0.96 -3.20 78.47
C GLU N 180 1.10 -1.73 78.14
N ALA N 181 2.12 -1.09 78.69
CA ALA N 181 2.40 0.30 78.33
C ALA N 181 2.73 0.41 76.85
N ASN N 182 3.75 -0.30 76.40
CA ASN N 182 4.21 -0.22 75.01
C ASN N 182 3.43 -1.14 74.08
N ASN N 183 2.21 -1.51 74.45
CA ASN N 183 1.30 -2.10 73.48
C ASN N 183 -0.01 -1.36 73.40
N PHE N 184 -0.24 -0.41 74.29
CA PHE N 184 -1.30 0.54 74.06
C PHE N 184 -0.79 1.77 73.32
N LEU N 185 0.52 1.96 73.28
CA LEU N 185 1.09 2.96 72.39
C LEU N 185 0.99 2.46 70.96
N TRP N 186 0.25 3.18 70.13
CA TRP N 186 0.18 2.86 68.71
C TRP N 186 1.53 3.20 68.05
N PRO N 187 2.00 2.38 67.11
CA PRO N 187 3.32 2.63 66.51
C PRO N 187 3.48 4.06 66.04
N PHE N 188 4.58 4.68 66.44
CA PHE N 188 4.84 6.08 66.11
C PHE N 188 5.07 6.22 64.62
N LYS N 189 4.34 7.13 63.98
CA LYS N 189 4.47 7.37 62.54
C LYS N 189 5.27 8.66 62.34
N LEU N 190 6.56 8.51 62.02
CA LEU N 190 7.50 9.61 61.91
C LEU N 190 7.68 10.04 60.47
N SER N 191 7.92 11.33 60.26
CA SER N 191 8.10 11.85 58.91
C SER N 191 9.42 11.36 58.33
N SER N 192 9.71 11.80 57.11
CA SER N 192 11.01 11.51 56.53
C SER N 192 12.10 12.27 57.27
N PRO N 193 13.36 11.80 57.22
CA PRO N 193 14.42 12.44 58.00
C PRO N 193 14.91 13.70 57.30
N ARG N 194 14.54 14.85 57.85
CA ARG N 194 14.94 16.13 57.31
C ARG N 194 16.46 16.22 57.24
N GLY N 195 17.00 16.34 56.04
CA GLY N 195 18.42 16.32 55.82
C GLY N 195 18.91 15.08 55.13
N GLY N 196 18.09 14.04 55.08
CA GLY N 196 18.43 12.84 54.34
C GLY N 196 19.19 11.84 55.19
N MET N 197 19.18 10.60 54.72
CA MET N 197 19.96 9.54 55.33
C MET N 197 21.38 9.57 54.76
N LYS N 198 22.17 8.55 55.10
CA LYS N 198 23.50 8.36 54.53
C LYS N 198 23.48 7.31 53.42
N LYS N 199 23.01 6.11 53.72
CA LYS N 199 22.83 5.08 52.71
C LYS N 199 21.81 4.11 53.27
N LYS N 200 20.61 4.11 52.70
CA LYS N 200 19.58 3.25 53.27
C LYS N 200 19.97 1.78 53.15
N THR N 201 20.81 1.43 52.18
CA THR N 201 21.07 0.01 51.92
C THR N 201 22.04 -0.59 52.94
N THR N 202 23.13 0.10 53.22
CA THR N 202 24.26 -0.45 53.96
C THR N 202 24.17 -0.15 55.45
N HIS N 203 24.96 -0.88 56.21
CA HIS N 203 24.94 -0.80 57.66
C HIS N 203 25.67 0.43 58.15
N PHE N 204 25.25 0.93 59.31
CA PHE N 204 25.83 2.13 59.90
C PHE N 204 27.35 2.05 59.96
N VAL N 205 27.88 0.90 60.33
CA VAL N 205 29.31 0.79 60.58
C VAL N 205 30.12 1.02 59.30
N GLU N 206 29.56 0.72 58.13
CA GLU N 206 30.26 1.02 56.88
C GLU N 206 29.69 2.26 56.21
N GLY N 207 29.36 3.27 57.02
CA GLY N 207 28.90 4.54 56.52
C GLY N 207 27.44 4.59 56.11
N GLY N 208 26.66 3.58 56.43
CA GLY N 208 25.29 3.49 56.01
C GLY N 208 24.29 4.01 57.03
N ASP N 209 23.14 3.36 57.07
CA ASP N 209 22.05 3.80 57.91
C ASP N 209 21.36 2.66 58.65
N ALA N 210 21.59 1.42 58.26
CA ALA N 210 20.82 0.32 58.81
C ALA N 210 21.29 0.01 60.22
N GLY N 211 20.79 -1.10 60.75
CA GLY N 211 21.30 -1.72 61.96
C GLY N 211 21.39 -0.85 63.20
N ASN N 212 22.20 -1.32 64.15
CA ASN N 212 22.30 -0.65 65.43
C ASN N 212 23.23 0.55 65.33
N ARG N 213 22.82 1.67 65.93
CA ARG N 213 23.71 2.78 66.24
C ARG N 213 23.43 3.16 67.69
N GLU N 214 24.27 2.68 68.60
CA GLU N 214 24.14 2.97 70.01
C GLU N 214 24.07 4.48 70.24
N ASP N 215 22.93 4.99 70.70
CA ASP N 215 22.89 6.35 71.24
C ASP N 215 23.03 7.43 70.18
N GLN N 216 23.44 7.05 68.98
CA GLN N 216 23.46 8.00 67.88
C GLN N 216 22.11 8.11 67.21
N ILE N 217 21.14 7.33 67.68
CA ILE N 217 19.83 7.33 67.07
C ILE N 217 19.08 8.61 67.43
N ASN N 218 19.53 9.31 68.45
CA ASN N 218 18.79 10.51 68.85
C ASN N 218 18.91 11.60 67.82
N ARG N 219 20.06 11.72 67.16
CA ARG N 219 20.13 12.66 66.04
C ARG N 219 19.14 12.27 64.95
N LEU N 220 18.90 10.96 64.76
CA LEU N 220 17.93 10.50 63.77
C LEU N 220 16.49 10.73 64.21
N ILE N 221 16.24 10.95 65.49
CA ILE N 221 14.88 11.16 65.94
C ILE N 221 14.51 12.64 65.91
N ARG N 222 15.49 13.52 66.09
CA ARG N 222 15.24 14.94 65.87
C ARG N 222 14.78 15.18 64.44
N ARG N 223 15.64 14.87 63.47
CA ARG N 223 15.35 15.15 62.07
C ARG N 223 14.16 14.34 61.54
N MET N 224 13.61 13.41 62.33
CA MET N 224 12.47 12.62 61.87
C MET N 224 11.20 12.86 62.67
N ASN N 225 11.26 13.73 63.65
CA ASN N 225 10.05 14.20 64.28
C ASN N 225 9.62 15.51 63.61
N LYS O 1 -67.35 -93.83 -79.32
CA LYS O 1 -66.66 -93.49 -78.09
C LYS O 1 -67.27 -92.23 -77.44
N VAL O 2 -68.05 -92.39 -76.37
CA VAL O 2 -68.49 -91.21 -75.64
C VAL O 2 -67.39 -90.92 -74.62
N VAL O 3 -66.26 -90.43 -75.13
CA VAL O 3 -65.14 -89.91 -74.36
C VAL O 3 -64.40 -88.94 -75.26
N ASN O 4 -64.36 -87.67 -74.89
CA ASN O 4 -63.60 -86.72 -75.68
C ASN O 4 -62.11 -86.96 -75.42
N LEU O 5 -61.34 -87.08 -76.51
CA LEU O 5 -59.97 -87.56 -76.41
C LEU O 5 -59.07 -86.68 -75.57
N LEU O 6 -59.55 -85.51 -75.15
CA LEU O 6 -58.71 -84.53 -74.49
C LEU O 6 -58.56 -84.80 -73.00
N PHE O 7 -59.50 -85.52 -72.39
CA PHE O 7 -59.47 -85.75 -70.94
C PHE O 7 -58.38 -86.77 -70.64
N GLU O 8 -57.21 -86.33 -70.18
CA GLU O 8 -56.16 -87.33 -70.24
C GLU O 8 -55.92 -88.07 -68.93
N LYS O 9 -54.98 -87.63 -68.09
CA LYS O 9 -54.89 -88.10 -66.72
C LYS O 9 -54.29 -87.05 -65.79
N ARG O 10 -53.16 -86.47 -66.22
CA ARG O 10 -52.21 -85.71 -65.41
C ARG O 10 -52.14 -86.20 -63.96
N PRO O 11 -51.68 -87.42 -63.69
CA PRO O 11 -51.60 -87.87 -62.29
C PRO O 11 -50.36 -87.32 -61.61
N LYS O 12 -50.53 -86.81 -60.39
CA LYS O 12 -49.40 -86.25 -59.64
C LYS O 12 -48.76 -87.32 -58.77
N ASN O 13 -47.49 -87.10 -58.45
CA ASN O 13 -46.74 -88.01 -57.59
C ASN O 13 -46.04 -87.21 -56.51
N PHE O 14 -46.38 -87.50 -55.25
CA PHE O 14 -45.85 -86.75 -54.12
C PHE O 14 -44.72 -87.51 -53.44
N GLY O 15 -43.67 -87.74 -54.18
CA GLY O 15 -42.46 -88.22 -53.58
C GLY O 15 -41.61 -87.07 -53.07
N ILE O 16 -40.59 -87.41 -52.29
CA ILE O 16 -39.73 -86.37 -51.75
C ILE O 16 -39.03 -85.66 -52.89
N GLY O 17 -39.10 -84.32 -52.89
CA GLY O 17 -38.57 -83.52 -53.97
C GLY O 17 -39.35 -83.57 -55.25
N GLN O 18 -40.34 -84.45 -55.37
CA GLN O 18 -41.24 -84.50 -56.52
C GLN O 18 -42.29 -83.41 -56.42
N ASP O 19 -43.37 -83.53 -57.20
CA ASP O 19 -44.44 -82.54 -57.18
C ASP O 19 -44.88 -82.22 -55.76
N ILE O 20 -45.35 -80.98 -55.58
CA ILE O 20 -45.64 -80.43 -54.26
C ILE O 20 -46.63 -81.30 -53.50
N GLN O 21 -46.54 -81.27 -52.17
CA GLN O 21 -47.38 -82.18 -51.41
C GLN O 21 -48.79 -81.61 -51.22
N PRO O 22 -49.83 -82.48 -51.10
CA PRO O 22 -51.17 -81.98 -50.84
C PRO O 22 -51.48 -81.80 -49.36
N LYS O 23 -52.72 -81.50 -49.01
CA LYS O 23 -53.10 -81.20 -47.64
C LYS O 23 -53.71 -82.43 -46.98
N ARG O 24 -53.05 -82.93 -45.94
CA ARG O 24 -53.64 -83.94 -45.08
C ARG O 24 -54.02 -83.32 -43.74
N ASP O 25 -54.74 -84.09 -42.94
CA ASP O 25 -55.03 -83.67 -41.58
C ASP O 25 -53.72 -83.61 -40.79
N LEU O 26 -53.64 -82.67 -39.84
CA LEU O 26 -52.43 -82.48 -39.06
C LEU O 26 -52.72 -82.35 -37.58
N THR O 27 -53.91 -82.77 -37.12
CA THR O 27 -54.34 -82.53 -35.74
C THR O 27 -53.32 -83.01 -34.73
N ARG O 28 -52.41 -83.87 -35.14
CA ARG O 28 -51.32 -84.29 -34.29
C ARG O 28 -50.04 -83.51 -34.54
N PHE O 29 -50.12 -82.38 -35.25
CA PHE O 29 -48.93 -81.57 -35.46
C PHE O 29 -49.24 -80.09 -35.33
N VAL O 30 -50.22 -79.75 -34.52
CA VAL O 30 -50.76 -78.40 -34.45
C VAL O 30 -50.28 -77.73 -33.18
N LYS O 31 -49.99 -76.44 -33.27
CA LYS O 31 -49.65 -75.65 -32.09
C LYS O 31 -50.96 -75.29 -31.40
N TRP O 32 -51.39 -76.16 -30.52
CA TRP O 32 -52.62 -75.91 -29.78
C TRP O 32 -52.36 -74.93 -28.65
N PRO O 33 -53.35 -74.13 -28.27
CA PRO O 33 -53.14 -73.09 -27.26
C PRO O 33 -52.83 -73.66 -25.89
N ARG O 34 -52.25 -72.82 -25.02
CA ARG O 34 -51.76 -73.32 -23.75
C ARG O 34 -52.86 -73.84 -22.81
N TYR O 35 -54.13 -73.75 -23.16
CA TYR O 35 -55.16 -74.36 -22.32
C TYR O 35 -55.59 -75.72 -22.83
N ILE O 36 -55.52 -75.94 -24.13
CA ILE O 36 -55.73 -77.28 -24.65
C ILE O 36 -54.53 -78.14 -24.33
N ARG O 37 -53.35 -77.68 -24.74
CA ARG O 37 -52.14 -78.41 -24.43
C ARG O 37 -52.08 -78.73 -22.95
N LEU O 38 -52.70 -77.90 -22.11
CA LEU O 38 -52.75 -78.20 -20.69
C LEU O 38 -53.69 -79.36 -20.39
N GLN O 39 -54.96 -79.24 -20.80
CA GLN O 39 -55.96 -80.21 -20.38
C GLN O 39 -55.78 -81.56 -21.05
N ARG O 40 -55.05 -81.64 -22.16
CA ARG O 40 -54.77 -82.96 -22.69
C ARG O 40 -53.71 -83.67 -21.87
N GLN O 41 -52.58 -83.01 -21.61
CA GLN O 41 -51.59 -83.68 -20.78
C GLN O 41 -51.87 -83.50 -19.29
N ARG O 42 -53.07 -83.06 -18.94
CA ARG O 42 -53.60 -83.39 -17.62
C ARG O 42 -54.17 -84.79 -17.62
N ALA O 43 -54.91 -85.16 -18.66
CA ALA O 43 -55.44 -86.52 -18.75
C ALA O 43 -54.35 -87.56 -19.00
N ILE O 44 -53.13 -87.14 -19.28
CA ILE O 44 -52.02 -88.08 -19.38
C ILE O 44 -51.38 -88.31 -18.01
N LEU O 45 -51.04 -87.23 -17.31
CA LEU O 45 -50.53 -87.37 -15.94
C LEU O 45 -51.50 -88.18 -15.10
N TYR O 46 -52.78 -88.12 -15.42
CA TYR O 46 -53.77 -88.95 -14.75
C TYR O 46 -53.68 -90.43 -15.14
N LYS O 47 -52.79 -90.79 -16.08
CA LYS O 47 -52.53 -92.18 -16.45
C LYS O 47 -51.10 -92.60 -16.21
N ARG O 48 -50.15 -91.68 -16.32
CA ARG O 48 -48.75 -92.02 -16.13
C ARG O 48 -48.40 -92.19 -14.66
N LEU O 49 -48.92 -91.33 -13.80
CA LEU O 49 -48.64 -91.42 -12.36
C LEU O 49 -49.38 -92.59 -11.73
N LYS O 50 -48.91 -93.01 -10.57
CA LYS O 50 -49.54 -94.12 -9.85
C LYS O 50 -50.65 -93.55 -8.97
N VAL O 51 -51.90 -93.76 -9.40
CA VAL O 51 -53.07 -93.12 -8.78
C VAL O 51 -53.47 -93.80 -7.49
N PRO O 52 -53.83 -93.07 -6.44
CA PRO O 52 -54.27 -93.70 -5.22
C PRO O 52 -55.65 -94.41 -5.44
N PRO O 53 -55.92 -95.43 -4.63
CA PRO O 53 -57.18 -96.16 -4.86
C PRO O 53 -58.44 -95.33 -4.69
N THR O 54 -58.48 -94.43 -3.70
CA THR O 54 -59.71 -93.68 -3.42
C THR O 54 -60.08 -92.73 -4.56
N ILE O 55 -59.07 -92.17 -5.23
CA ILE O 55 -59.33 -91.45 -6.47
C ILE O 55 -59.53 -92.41 -7.63
N ASN O 56 -59.06 -93.65 -7.51
CA ASN O 56 -59.11 -94.56 -8.64
C ASN O 56 -60.47 -95.23 -8.75
N GLN O 57 -61.16 -95.48 -7.63
CA GLN O 57 -62.49 -96.09 -7.70
C GLN O 57 -63.44 -95.27 -8.55
N PHE O 58 -63.20 -93.98 -8.70
CA PHE O 58 -64.06 -93.15 -9.52
C PHE O 58 -63.78 -93.27 -11.00
N THR O 59 -62.86 -94.15 -11.40
CA THR O 59 -62.65 -94.39 -12.81
C THR O 59 -63.58 -95.51 -13.28
N GLN O 60 -63.45 -96.68 -12.67
CA GLN O 60 -64.42 -97.75 -12.89
C GLN O 60 -65.80 -97.25 -12.47
N ALA O 61 -66.79 -97.51 -13.33
CA ALA O 61 -68.09 -96.87 -13.19
C ALA O 61 -69.18 -97.87 -13.55
N LEU O 62 -70.43 -97.40 -13.58
CA LEU O 62 -71.58 -98.18 -14.05
C LEU O 62 -71.53 -98.29 -15.57
N ASP O 63 -72.41 -99.15 -16.11
CA ASP O 63 -72.45 -99.45 -17.54
C ASP O 63 -73.76 -99.00 -18.16
N ARG O 64 -73.83 -99.12 -19.49
CA ARG O 64 -75.01 -98.67 -20.23
C ARG O 64 -76.28 -99.34 -19.74
N GLN O 65 -76.18 -100.59 -19.29
CA GLN O 65 -77.39 -101.29 -18.86
C GLN O 65 -77.85 -100.85 -17.49
N THR O 66 -76.93 -100.74 -16.54
CA THR O 66 -77.33 -100.38 -15.18
C THR O 66 -77.71 -98.91 -15.08
N ALA O 67 -76.93 -98.03 -15.70
CA ALA O 67 -77.15 -96.59 -15.52
C ALA O 67 -78.44 -96.13 -16.16
N THR O 68 -78.87 -96.77 -17.24
CA THR O 68 -80.11 -96.32 -17.89
C THR O 68 -81.33 -96.59 -17.03
N GLN O 69 -81.32 -97.68 -16.25
CA GLN O 69 -82.43 -97.94 -15.33
C GLN O 69 -82.47 -96.93 -14.20
N LEU O 70 -81.32 -96.69 -13.56
CA LEU O 70 -81.23 -95.64 -12.56
C LEU O 70 -81.77 -94.33 -13.13
N LEU O 71 -81.25 -93.90 -14.27
CA LEU O 71 -81.71 -92.65 -14.86
C LEU O 71 -83.17 -92.71 -15.30
N LYS O 72 -83.76 -93.91 -15.35
CA LYS O 72 -85.20 -94.03 -15.55
C LYS O 72 -85.96 -93.94 -14.24
N LEU O 73 -85.44 -94.57 -13.19
CA LEU O 73 -86.06 -94.53 -11.88
C LEU O 73 -86.18 -93.09 -11.38
N THR O 74 -85.14 -92.28 -11.57
CA THR O 74 -85.17 -90.91 -11.05
C THR O 74 -86.15 -90.05 -11.82
N HIS O 75 -86.52 -90.43 -13.05
CA HIS O 75 -87.41 -89.54 -13.78
C HIS O 75 -88.83 -89.54 -13.23
N LYS O 76 -89.12 -90.36 -12.22
CA LYS O 76 -90.39 -90.31 -11.50
C LYS O 76 -90.30 -89.51 -10.21
N TYR O 77 -89.13 -88.96 -9.90
CA TYR O 77 -88.88 -88.38 -8.58
C TYR O 77 -88.15 -87.05 -8.65
N ARG O 78 -88.04 -86.45 -9.82
CA ARG O 78 -87.28 -85.22 -9.93
C ARG O 78 -87.89 -84.16 -9.01
N PRO O 79 -87.08 -83.46 -8.22
CA PRO O 79 -87.65 -82.45 -7.34
C PRO O 79 -88.40 -81.42 -8.17
N GLU O 80 -89.47 -80.91 -7.57
CA GLU O 80 -90.36 -79.95 -8.21
C GLU O 80 -89.58 -78.84 -8.89
N THR O 81 -89.77 -78.71 -10.20
CA THR O 81 -89.22 -77.58 -10.93
C THR O 81 -89.81 -76.28 -10.38
N LYS O 82 -89.15 -75.17 -10.67
CA LYS O 82 -89.81 -73.90 -10.43
C LYS O 82 -90.94 -73.75 -11.47
N GLN O 83 -92.01 -73.08 -11.04
CA GLN O 83 -93.29 -72.98 -11.75
C GLN O 83 -94.04 -74.30 -11.65
N GLU O 84 -93.38 -75.30 -11.09
CA GLU O 84 -94.04 -76.51 -10.62
C GLU O 84 -94.14 -76.51 -9.11
N LYS O 85 -93.22 -75.82 -8.43
CA LYS O 85 -93.37 -75.53 -7.01
C LYS O 85 -94.41 -74.46 -6.78
N LYS O 86 -94.62 -73.58 -7.76
CA LYS O 86 -95.60 -72.51 -7.62
C LYS O 86 -97.01 -73.05 -7.44
N GLN O 87 -97.36 -74.08 -8.22
CA GLN O 87 -98.70 -74.66 -8.13
C GLN O 87 -98.85 -75.63 -6.96
N ARG O 88 -97.76 -75.97 -6.27
CA ARG O 88 -97.89 -76.74 -5.03
C ARG O 88 -98.29 -75.84 -3.86
N LEU O 89 -97.83 -74.59 -3.85
CA LEU O 89 -98.26 -73.63 -2.84
C LEU O 89 -99.57 -72.96 -3.23
N LEU O 90 -99.70 -72.57 -4.51
CA LEU O 90 -100.89 -71.85 -4.95
C LEU O 90 -102.14 -72.71 -4.84
N ALA O 91 -102.04 -73.99 -5.18
CA ALA O 91 -103.18 -74.90 -5.04
C ALA O 91 -103.54 -75.15 -3.59
N ARG O 92 -102.61 -74.95 -2.66
CA ARG O 92 -102.88 -75.12 -1.24
C ARG O 92 -103.42 -73.86 -0.57
N ALA O 93 -103.19 -72.68 -1.16
CA ALA O 93 -103.80 -71.46 -0.66
C ALA O 93 -105.27 -71.34 -1.04
N GLU O 94 -105.65 -71.96 -2.17
CA GLU O 94 -107.05 -72.04 -2.60
C GLU O 94 -107.79 -73.22 -1.98
N LYS O 95 -107.12 -74.35 -1.77
CA LYS O 95 -107.73 -75.51 -1.13
C LYS O 95 -107.91 -75.31 0.37
N LYS O 96 -107.14 -74.41 0.99
CA LYS O 96 -107.23 -74.20 2.44
C LYS O 96 -108.47 -73.40 2.80
N ALA O 97 -108.70 -72.28 2.12
CA ALA O 97 -109.80 -71.37 2.42
C ALA O 97 -111.10 -71.74 1.70
N ALA O 98 -111.12 -72.86 0.96
CA ALA O 98 -112.35 -73.32 0.30
C ALA O 98 -112.78 -74.72 0.71
N GLY O 99 -111.87 -75.70 0.71
CA GLY O 99 -112.28 -77.09 0.83
C GLY O 99 -111.64 -77.94 1.92
N LYS O 100 -111.54 -77.41 3.15
CA LYS O 100 -111.01 -78.14 4.31
C LYS O 100 -109.57 -78.58 4.06
N GLY O 101 -108.69 -77.58 4.01
CA GLY O 101 -107.27 -77.85 3.95
C GLY O 101 -106.60 -77.76 5.30
N ASP O 102 -106.19 -78.91 5.84
CA ASP O 102 -105.31 -78.90 7.00
C ASP O 102 -103.86 -78.67 6.60
N VAL O 103 -103.53 -78.89 5.33
CA VAL O 103 -102.22 -78.68 4.73
C VAL O 103 -101.08 -79.43 5.43
N PRO O 104 -101.21 -80.70 5.80
CA PRO O 104 -100.03 -81.48 6.21
C PRO O 104 -99.49 -82.40 5.13
N THR O 105 -99.96 -82.26 3.89
CA THR O 105 -100.03 -83.35 2.93
C THR O 105 -98.71 -84.11 2.79
N LYS O 106 -98.83 -85.37 2.40
CA LYS O 106 -97.71 -86.31 2.33
C LYS O 106 -96.78 -85.89 1.20
N ARG O 107 -95.68 -85.22 1.56
CA ARG O 107 -94.66 -84.85 0.60
C ARG O 107 -94.19 -86.09 -0.15
N PRO O 108 -94.43 -86.20 -1.46
CA PRO O 108 -94.12 -87.42 -2.17
C PRO O 108 -92.55 -87.63 -2.19
N PRO O 109 -92.15 -88.88 -2.16
CA PRO O 109 -90.69 -89.13 -2.10
C PRO O 109 -89.99 -88.57 -3.32
N VAL O 110 -88.84 -87.93 -3.09
CA VAL O 110 -88.05 -87.32 -4.12
C VAL O 110 -86.58 -87.54 -3.81
N LEU O 111 -85.73 -87.13 -4.75
CA LEU O 111 -84.30 -87.30 -4.60
C LEU O 111 -83.76 -86.35 -3.56
N ARG O 112 -82.46 -86.42 -3.37
CA ARG O 112 -81.69 -85.47 -2.58
C ARG O 112 -80.37 -85.25 -3.30
N ALA O 113 -79.99 -83.99 -3.47
CA ALA O 113 -78.92 -83.65 -4.39
C ALA O 113 -77.56 -83.49 -3.71
N GLY O 114 -77.41 -82.47 -2.86
CA GLY O 114 -76.09 -82.02 -2.43
C GLY O 114 -75.28 -83.06 -1.67
N VAL O 115 -74.00 -82.75 -1.47
CA VAL O 115 -73.18 -83.63 -0.64
C VAL O 115 -73.60 -83.52 0.82
N ASN O 116 -73.54 -82.32 1.40
CA ASN O 116 -73.85 -82.22 2.83
C ASN O 116 -75.34 -82.26 3.11
N THR O 117 -76.15 -82.69 2.15
CA THR O 117 -77.46 -83.26 2.43
C THR O 117 -77.44 -84.78 2.47
N VAL O 118 -76.67 -85.40 1.58
CA VAL O 118 -76.62 -86.86 1.52
C VAL O 118 -75.78 -87.42 2.65
N THR O 119 -74.59 -86.85 2.86
CA THR O 119 -73.71 -87.39 3.89
C THR O 119 -74.30 -87.25 5.28
N THR O 120 -75.32 -86.40 5.45
CA THR O 120 -76.05 -86.39 6.73
C THR O 120 -76.99 -87.59 6.81
N LEU O 121 -77.73 -87.87 5.75
CA LEU O 121 -78.70 -88.96 5.80
C LEU O 121 -78.15 -90.28 5.31
N VAL O 122 -76.84 -90.39 5.14
CA VAL O 122 -76.18 -91.68 5.10
C VAL O 122 -75.53 -92.00 6.42
N GLU O 123 -74.97 -90.98 7.08
CA GLU O 123 -74.53 -91.07 8.46
C GLU O 123 -75.68 -91.43 9.39
N ASN O 124 -76.92 -91.26 8.91
CA ASN O 124 -78.14 -91.51 9.66
C ASN O 124 -78.82 -92.83 9.28
N LYS O 125 -78.27 -93.55 8.29
CA LYS O 125 -78.85 -94.78 7.75
C LYS O 125 -80.26 -94.53 7.21
N LYS O 126 -80.35 -93.58 6.29
CA LYS O 126 -81.63 -93.08 5.81
C LYS O 126 -81.60 -92.90 4.30
N ALA O 127 -81.05 -93.87 3.58
CA ALA O 127 -80.93 -93.76 2.14
C ALA O 127 -80.79 -95.15 1.53
N GLN O 128 -81.59 -95.42 0.49
CA GLN O 128 -81.56 -96.76 -0.12
C GLN O 128 -80.45 -96.86 -1.15
N LEU O 129 -80.25 -95.82 -1.95
CA LEU O 129 -79.26 -95.84 -3.01
C LEU O 129 -78.66 -94.45 -3.15
N VAL O 130 -77.33 -94.41 -3.22
CA VAL O 130 -76.57 -93.19 -3.39
C VAL O 130 -75.87 -93.26 -4.75
N VAL O 131 -75.98 -92.20 -5.52
CA VAL O 131 -75.41 -92.11 -6.86
C VAL O 131 -74.36 -91.03 -6.86
N ILE O 132 -73.16 -91.38 -7.32
CA ILE O 132 -72.00 -90.50 -7.25
C ILE O 132 -71.53 -90.22 -8.67
N ALA O 133 -71.39 -88.94 -9.00
CA ALA O 133 -70.76 -88.57 -10.27
C ALA O 133 -69.25 -88.70 -10.16
N HIS O 134 -68.63 -89.13 -11.24
CA HIS O 134 -67.24 -89.53 -11.16
C HIS O 134 -66.26 -88.41 -11.45
N ASP O 135 -66.72 -87.26 -11.92
CA ASP O 135 -65.82 -86.24 -12.47
C ASP O 135 -65.83 -84.94 -11.67
N VAL O 136 -66.24 -84.99 -10.40
CA VAL O 136 -66.27 -83.78 -9.60
C VAL O 136 -64.89 -83.15 -9.56
N ASP O 137 -64.84 -81.81 -9.71
CA ASP O 137 -63.57 -81.15 -10.00
C ASP O 137 -62.64 -81.15 -8.79
N PRO O 138 -63.00 -80.58 -7.62
CA PRO O 138 -62.26 -80.95 -6.41
C PRO O 138 -62.74 -82.30 -5.94
N ILE O 139 -61.96 -83.34 -6.22
CA ILE O 139 -62.39 -84.69 -5.86
C ILE O 139 -62.52 -84.81 -4.35
N GLU O 140 -61.92 -83.89 -3.59
CA GLU O 140 -62.05 -83.83 -2.14
C GLU O 140 -63.48 -84.00 -1.68
N LEU O 141 -64.43 -83.49 -2.48
CA LEU O 141 -65.83 -83.44 -2.07
C LEU O 141 -66.43 -84.83 -1.94
N VAL O 142 -65.94 -85.79 -2.71
CA VAL O 142 -66.53 -87.11 -2.74
C VAL O 142 -65.51 -88.22 -2.55
N VAL O 143 -64.23 -87.88 -2.33
CA VAL O 143 -63.21 -88.88 -2.04
C VAL O 143 -63.72 -89.84 -0.97
N PHE O 144 -64.27 -89.30 0.10
CA PHE O 144 -64.60 -90.12 1.25
C PHE O 144 -65.89 -90.92 1.04
N LEU O 145 -66.89 -90.31 0.41
CA LEU O 145 -68.27 -90.82 0.44
C LEU O 145 -68.39 -92.33 0.26
N PRO O 146 -67.74 -92.97 -0.71
CA PRO O 146 -67.94 -94.43 -0.86
C PRO O 146 -67.54 -95.23 0.37
N ALA O 147 -66.49 -94.81 1.07
CA ALA O 147 -66.10 -95.51 2.29
C ALA O 147 -67.10 -95.25 3.41
N LEU O 148 -67.61 -94.02 3.49
CA LEU O 148 -68.66 -93.72 4.45
C LEU O 148 -69.91 -94.55 4.16
N CYS O 149 -70.17 -94.79 2.89
CA CYS O 149 -71.33 -95.58 2.48
C CYS O 149 -71.23 -96.99 3.03
N ARG O 150 -70.26 -97.75 2.56
CA ARG O 150 -70.25 -99.17 2.88
C ARG O 150 -70.00 -99.41 4.37
N LYS O 151 -69.49 -98.42 5.09
CA LYS O 151 -69.39 -98.59 6.54
C LYS O 151 -70.75 -98.53 7.22
N MET O 152 -71.71 -97.82 6.62
CA MET O 152 -73.08 -97.75 7.12
C MET O 152 -74.00 -98.74 6.44
N GLY O 153 -73.48 -99.60 5.56
CA GLY O 153 -74.30 -100.60 4.92
C GLY O 153 -75.29 -100.07 3.90
N VAL O 154 -74.93 -99.01 3.19
CA VAL O 154 -75.80 -98.36 2.21
C VAL O 154 -75.23 -98.59 0.81
N PRO O 155 -76.02 -99.06 -0.15
CA PRO O 155 -75.50 -99.36 -1.49
C PRO O 155 -75.21 -98.09 -2.27
N TYR O 156 -73.96 -97.94 -2.68
CA TYR O 156 -73.52 -96.78 -3.43
C TYR O 156 -73.16 -97.19 -4.85
N CYS O 157 -73.34 -96.25 -5.77
CA CYS O 157 -72.94 -96.50 -7.13
C CYS O 157 -72.23 -95.28 -7.69
N ILE O 158 -71.44 -95.51 -8.72
CA ILE O 158 -70.69 -94.45 -9.40
C ILE O 158 -71.16 -94.42 -10.84
N ILE O 159 -71.84 -93.34 -11.22
CA ILE O 159 -72.36 -93.16 -12.57
C ILE O 159 -71.49 -92.11 -13.26
N LYS O 160 -71.65 -92.02 -14.58
CA LYS O 160 -70.84 -91.12 -15.40
C LYS O 160 -71.61 -89.84 -15.69
N GLY O 161 -70.96 -88.71 -15.44
CA GLY O 161 -71.51 -87.41 -15.79
C GLY O 161 -72.07 -86.65 -14.60
N LYS O 162 -71.32 -85.67 -14.09
CA LYS O 162 -71.92 -84.74 -13.14
C LYS O 162 -72.92 -83.83 -13.81
N ALA O 163 -73.00 -83.88 -15.14
CA ALA O 163 -73.95 -83.07 -15.89
C ALA O 163 -75.30 -83.77 -15.96
N ARG O 164 -75.33 -84.98 -16.49
CA ARG O 164 -76.60 -85.69 -16.64
C ARG O 164 -77.17 -86.14 -15.30
N LEU O 165 -76.32 -86.26 -14.27
CA LEU O 165 -76.84 -86.47 -12.93
C LEU O 165 -77.36 -85.16 -12.34
N GLY O 166 -76.75 -84.04 -12.74
CA GLY O 166 -77.25 -82.72 -12.40
C GLY O 166 -78.30 -82.26 -13.39
N ARG O 167 -78.87 -83.21 -14.13
CA ARG O 167 -79.97 -82.95 -15.06
C ARG O 167 -81.29 -83.52 -14.58
N LEU O 168 -81.27 -84.44 -13.61
CA LEU O 168 -82.52 -84.83 -12.95
C LEU O 168 -83.00 -83.72 -12.05
N VAL O 169 -82.20 -83.36 -11.03
CA VAL O 169 -82.40 -82.07 -10.39
C VAL O 169 -82.10 -81.00 -11.41
N HIS O 170 -82.86 -79.92 -11.39
CA HIS O 170 -82.74 -78.94 -12.47
C HIS O 170 -81.65 -77.95 -12.12
N ARG O 171 -80.41 -78.36 -12.40
CA ARG O 171 -79.24 -77.54 -12.18
C ARG O 171 -78.29 -77.77 -13.34
N LYS O 172 -77.09 -77.24 -13.22
CA LYS O 172 -76.08 -77.54 -14.23
C LYS O 172 -75.33 -78.81 -13.87
N THR O 173 -74.77 -78.87 -12.66
CA THR O 173 -74.01 -80.00 -12.16
C THR O 173 -74.62 -80.49 -10.86
N CYS O 174 -74.27 -81.72 -10.48
CA CYS O 174 -74.71 -82.23 -9.20
C CYS O 174 -73.93 -83.50 -8.89
N THR O 175 -73.24 -83.50 -7.75
CA THR O 175 -72.25 -84.55 -7.55
C THR O 175 -72.87 -85.85 -7.10
N THR O 176 -73.80 -85.80 -6.15
CA THR O 176 -74.43 -87.01 -5.64
C THR O 176 -75.94 -86.92 -5.82
N VAL O 177 -76.62 -88.02 -5.49
CA VAL O 177 -78.07 -88.07 -5.49
C VAL O 177 -78.48 -89.32 -4.72
N ALA O 178 -79.64 -89.26 -4.07
CA ALA O 178 -80.00 -90.32 -3.15
C ALA O 178 -81.52 -90.48 -3.08
N PHE O 179 -81.97 -91.75 -3.05
CA PHE O 179 -83.37 -92.10 -2.81
C PHE O 179 -83.52 -92.46 -1.33
N THR O 180 -84.29 -91.65 -0.59
CA THR O 180 -84.59 -91.99 0.79
C THR O 180 -85.73 -92.99 0.87
N GLN O 181 -86.90 -92.60 0.39
CA GLN O 181 -88.06 -93.47 0.25
C GLN O 181 -88.40 -93.63 -1.22
N VAL O 182 -89.25 -94.62 -1.51
CA VAL O 182 -89.71 -94.88 -2.86
C VAL O 182 -91.20 -95.21 -2.79
N ASN O 183 -91.90 -94.94 -3.87
CA ASN O 183 -93.29 -95.37 -3.98
C ASN O 183 -93.38 -96.89 -3.90
N SER O 184 -94.51 -97.38 -3.39
CA SER O 184 -94.65 -98.81 -3.13
C SER O 184 -94.59 -99.63 -4.40
N GLU O 185 -95.15 -99.11 -5.49
CA GLU O 185 -95.08 -99.81 -6.77
C GLU O 185 -93.67 -99.78 -7.35
N ASP O 186 -92.95 -98.66 -7.19
CA ASP O 186 -91.57 -98.53 -7.64
C ASP O 186 -90.59 -99.32 -6.78
N LYS O 187 -91.08 -100.06 -5.77
CA LYS O 187 -90.19 -100.77 -4.87
C LYS O 187 -89.51 -101.93 -5.58
N GLY O 188 -90.14 -102.49 -6.60
CA GLY O 188 -89.56 -103.63 -7.29
C GLY O 188 -88.28 -103.26 -8.02
N ALA O 189 -88.32 -102.19 -8.79
CA ALA O 189 -87.13 -101.76 -9.53
C ALA O 189 -86.03 -101.26 -8.61
N LEU O 190 -86.40 -100.65 -7.46
CA LEU O 190 -85.40 -100.15 -6.54
C LEU O 190 -84.63 -101.31 -5.90
N ALA O 191 -85.34 -102.35 -5.45
CA ALA O 191 -84.66 -103.51 -4.89
C ALA O 191 -83.87 -104.28 -5.92
N LYS O 192 -84.18 -104.11 -7.21
CA LYS O 192 -83.43 -104.81 -8.25
C LYS O 192 -82.10 -104.14 -8.54
N LEU O 193 -82.10 -102.82 -8.71
CA LEU O 193 -80.84 -102.11 -8.85
C LEU O 193 -79.95 -102.30 -7.63
N VAL O 194 -80.55 -102.32 -6.43
CA VAL O 194 -79.77 -102.35 -5.20
C VAL O 194 -78.86 -103.56 -5.17
N GLU O 195 -79.43 -104.76 -5.34
CA GLU O 195 -78.60 -105.95 -5.24
C GLU O 195 -77.57 -106.01 -6.37
N ALA O 196 -77.92 -105.52 -7.56
CA ALA O 196 -76.99 -105.55 -8.68
C ALA O 196 -75.83 -104.57 -8.49
N ILE O 197 -76.00 -103.58 -7.64
CA ILE O 197 -74.99 -102.56 -7.40
C ILE O 197 -74.02 -103.03 -6.33
N ARG O 198 -74.55 -103.38 -5.15
CA ARG O 198 -73.69 -103.71 -4.02
C ARG O 198 -72.91 -105.01 -4.25
N THR O 199 -73.34 -105.84 -5.19
CA THR O 199 -72.49 -106.95 -5.60
C THR O 199 -71.24 -106.44 -6.31
N ASN O 200 -71.35 -105.28 -6.97
CA ASN O 200 -70.25 -104.75 -7.74
C ASN O 200 -69.45 -103.70 -6.99
N TYR O 201 -70.04 -103.03 -6.00
CA TYR O 201 -69.38 -101.92 -5.29
C TYR O 201 -69.22 -102.17 -3.80
N ASN O 202 -70.31 -102.47 -3.09
CA ASN O 202 -70.22 -102.56 -1.63
C ASN O 202 -69.43 -103.78 -1.20
N ASP O 203 -69.66 -104.93 -1.83
CA ASP O 203 -68.96 -106.15 -1.47
C ASP O 203 -67.70 -106.33 -2.31
N ARG O 204 -66.88 -105.28 -2.34
CA ARG O 204 -65.68 -105.27 -3.17
C ARG O 204 -64.56 -104.44 -2.58
N TYR O 205 -64.73 -103.91 -1.37
CA TYR O 205 -63.83 -102.85 -0.91
C TYR O 205 -62.39 -103.34 -0.76
N ASN O 206 -62.20 -104.59 -0.36
CA ASN O 206 -60.83 -105.09 -0.23
C ASN O 206 -60.19 -105.39 -1.59
N GLU O 207 -60.89 -105.14 -2.68
CA GLU O 207 -60.30 -105.10 -4.00
C GLU O 207 -60.14 -103.68 -4.53
N ILE O 208 -60.95 -102.77 -4.01
CA ILE O 208 -60.87 -101.37 -4.43
C ILE O 208 -59.83 -100.63 -3.62
N ARG O 209 -59.84 -100.81 -2.30
CA ARG O 209 -58.87 -100.13 -1.45
C ARG O 209 -57.44 -100.55 -1.72
N ARG O 210 -57.24 -101.67 -2.42
CA ARG O 210 -55.91 -102.18 -2.73
C ARG O 210 -55.68 -102.23 -4.23
N HIS O 211 -56.08 -101.18 -4.94
CA HIS O 211 -55.98 -101.16 -6.40
C HIS O 211 -55.46 -99.78 -6.82
N TRP O 212 -54.19 -99.73 -7.21
CA TRP O 212 -53.63 -98.50 -7.76
C TRP O 212 -53.86 -98.44 -9.26
N GLY O 213 -54.09 -97.23 -9.76
CA GLY O 213 -54.62 -97.10 -11.10
C GLY O 213 -53.87 -96.28 -12.12
N GLY O 214 -52.54 -96.39 -12.16
CA GLY O 214 -51.81 -95.72 -13.20
C GLY O 214 -50.69 -96.58 -13.72
N ASN O 215 -49.48 -96.04 -13.73
CA ASN O 215 -48.25 -96.78 -14.00
C ASN O 215 -48.21 -97.38 -15.40
N VAL O 216 -49.03 -96.88 -16.31
CA VAL O 216 -49.04 -97.31 -17.71
C VAL O 216 -48.23 -96.30 -18.52
N LEU O 217 -47.30 -96.79 -19.33
CA LEU O 217 -46.53 -95.88 -20.16
C LEU O 217 -47.31 -95.50 -21.40
N GLY O 218 -46.76 -94.55 -22.16
CA GLY O 218 -47.34 -94.16 -23.42
C GLY O 218 -47.04 -95.19 -24.50
N PRO O 219 -47.95 -95.35 -25.46
CA PRO O 219 -47.77 -96.40 -26.48
C PRO O 219 -46.56 -96.18 -27.35
N LYS O 220 -46.10 -94.94 -27.50
CA LYS O 220 -44.82 -94.70 -28.17
C LYS O 220 -43.69 -95.38 -27.42
N SER O 221 -43.82 -95.50 -26.10
CA SER O 221 -42.82 -96.10 -25.24
C SER O 221 -43.04 -97.61 -25.07
N VAL O 222 -44.30 -98.03 -25.00
CA VAL O 222 -44.59 -99.45 -24.83
C VAL O 222 -44.14 -100.23 -26.05
N ALA O 223 -44.33 -99.66 -27.24
CA ALA O 223 -43.86 -100.31 -28.46
C ALA O 223 -42.34 -100.41 -28.50
N ARG O 224 -41.64 -99.56 -27.77
CA ARG O 224 -40.18 -99.61 -27.77
C ARG O 224 -39.65 -100.62 -26.76
N ILE O 225 -40.26 -100.64 -25.56
CA ILE O 225 -39.80 -101.55 -24.53
C ILE O 225 -40.20 -102.99 -24.83
N THR O 226 -41.33 -103.18 -25.51
CA THR O 226 -41.74 -104.52 -25.90
C THR O 226 -41.04 -105.00 -27.17
N LYS O 227 -40.45 -104.08 -27.94
CA LYS O 227 -39.65 -104.46 -29.10
C LYS O 227 -38.27 -104.99 -28.71
N LEU O 228 -37.79 -104.66 -27.51
CA LEU O 228 -36.59 -105.25 -26.96
C LEU O 228 -36.87 -106.54 -26.18
N GLU O 229 -38.14 -106.92 -26.03
CA GLU O 229 -38.51 -108.20 -25.45
C GLU O 229 -38.89 -109.24 -26.49
N LYS O 230 -39.00 -108.84 -27.76
CA LYS O 230 -38.92 -109.77 -28.88
C LYS O 230 -37.49 -110.01 -29.33
N ALA O 231 -36.58 -109.10 -28.99
CA ALA O 231 -35.15 -109.36 -29.19
C ALA O 231 -34.60 -110.30 -28.12
N LYS O 232 -34.86 -110.01 -26.85
CA LYS O 232 -34.41 -110.89 -25.77
C LYS O 232 -35.11 -112.23 -25.80
N ALA O 233 -36.34 -112.28 -26.32
CA ALA O 233 -37.01 -113.58 -26.49
C ALA O 233 -36.35 -114.37 -27.60
N LYS O 234 -36.26 -113.81 -28.80
CA LYS O 234 -35.65 -114.50 -29.94
C LYS O 234 -34.13 -114.63 -29.80
N GLU O 235 -33.54 -114.23 -28.69
CA GLU O 235 -32.13 -114.50 -28.43
C GLU O 235 -31.94 -115.89 -27.81
N LEU O 236 -32.81 -116.28 -26.87
CA LEU O 236 -32.74 -117.58 -26.23
C LEU O 236 -34.06 -118.35 -26.34
N ALA O 237 -34.84 -118.08 -27.39
CA ALA O 237 -35.95 -118.93 -27.76
C ALA O 237 -35.73 -119.69 -29.06
N THR O 238 -34.85 -119.20 -29.93
CA THR O 238 -34.51 -119.88 -31.16
C THR O 238 -33.44 -120.95 -30.93
N MET P 1 55.32 13.72 43.44
CA MET P 1 55.97 14.68 44.32
C MET P 1 56.39 15.94 43.59
N LYS P 2 55.90 17.08 44.09
CA LYS P 2 56.35 18.37 43.61
C LYS P 2 57.60 18.79 44.39
N THR P 3 58.64 19.20 43.66
CA THR P 3 59.86 19.69 44.26
C THR P 3 59.70 21.18 44.53
N ILE P 4 60.10 21.62 45.71
CA ILE P 4 59.83 22.98 46.14
C ILE P 4 60.59 23.97 45.27
N LEU P 5 61.85 23.69 44.98
CA LEU P 5 62.63 24.61 44.18
C LEU P 5 63.76 23.85 43.51
N SER P 6 64.02 24.18 42.25
CA SER P 6 65.28 23.86 41.61
C SER P 6 65.69 25.07 40.78
N ASN P 7 66.99 25.27 40.63
CA ASN P 7 67.51 26.39 39.86
C ASN P 7 68.88 26.03 39.33
N GLN P 8 69.46 26.97 38.57
CA GLN P 8 70.78 26.83 37.97
C GLN P 8 71.21 28.20 37.46
N THR P 9 72.48 28.53 37.65
CA THR P 9 73.01 29.83 37.27
C THR P 9 73.88 29.68 36.03
N VAL P 10 73.75 30.63 35.11
CA VAL P 10 74.60 30.69 33.93
C VAL P 10 75.69 31.70 34.17
N ASP P 11 76.93 31.32 33.87
CA ASP P 11 78.07 32.22 34.00
C ASP P 11 78.21 33.01 32.71
N ILE P 12 77.76 34.26 32.71
CA ILE P 12 77.85 35.07 31.50
C ILE P 12 79.25 35.70 31.45
N PRO P 13 80.02 35.56 30.33
CA PRO P 13 81.37 36.17 30.26
C PRO P 13 81.29 37.68 30.04
N GLU P 14 82.46 38.32 29.94
CA GLU P 14 82.50 39.78 29.97
C GLU P 14 82.32 40.40 28.60
N ASN P 15 82.40 39.60 27.54
CA ASN P 15 82.20 40.12 26.20
C ASN P 15 80.74 40.47 25.95
N VAL P 16 79.82 39.77 26.59
CA VAL P 16 78.43 39.76 26.19
C VAL P 16 77.60 40.65 27.12
N ASP P 17 76.42 41.00 26.64
CA ASP P 17 75.43 41.73 27.43
C ASP P 17 74.09 41.05 27.21
N ILE P 18 73.58 40.41 28.24
CA ILE P 18 72.27 39.77 28.20
C ILE P 18 71.29 40.62 29.01
N THR P 19 70.10 40.83 28.45
CA THR P 19 69.10 41.69 29.05
C THR P 19 67.74 41.10 28.75
N LEU P 20 67.00 40.69 29.77
CA LEU P 20 65.80 39.90 29.54
C LEU P 20 64.55 40.77 29.58
N LYS P 21 63.71 40.61 28.55
CA LYS P 21 62.39 41.23 28.50
C LYS P 21 61.41 40.25 29.12
N GLY P 22 61.43 40.19 30.46
CA GLY P 22 60.54 39.33 31.20
C GLY P 22 60.88 37.85 31.10
N ARG P 23 60.69 37.28 29.92
CA ARG P 23 61.01 35.88 29.68
C ARG P 23 61.72 35.69 28.36
N THR P 24 61.89 36.74 27.57
CA THR P 24 62.58 36.68 26.29
C THR P 24 63.96 37.28 26.45
N VAL P 25 64.99 36.43 26.42
CA VAL P 25 66.37 36.90 26.55
C VAL P 25 66.86 37.38 25.18
N ILE P 26 67.64 38.45 25.20
CA ILE P 26 68.34 38.95 24.03
C ILE P 26 69.82 39.07 24.39
N VAL P 27 70.67 38.60 23.48
CA VAL P 27 72.07 38.36 23.74
C VAL P 27 72.87 39.03 22.63
N LYS P 28 73.66 40.04 22.98
CA LYS P 28 74.47 40.73 21.99
C LYS P 28 75.92 40.80 22.44
N GLY P 29 76.81 40.36 21.57
CA GLY P 29 78.23 40.43 21.81
C GLY P 29 78.96 40.95 20.58
N PRO P 30 80.17 40.43 20.32
CA PRO P 30 80.97 40.91 19.18
C PRO P 30 80.32 40.61 17.85
N ARG P 31 79.94 39.35 17.62
CA ARG P 31 79.55 38.94 16.28
C ARG P 31 78.20 39.52 15.88
N GLY P 32 77.23 39.51 16.79
CA GLY P 32 75.91 40.02 16.45
C GLY P 32 74.95 40.08 17.61
N THR P 33 73.67 39.81 17.37
CA THR P 33 72.69 39.72 18.43
C THR P 33 71.83 38.49 18.18
N LEU P 34 71.45 37.79 19.25
CA LEU P 34 70.51 36.68 19.15
C LEU P 34 69.36 36.91 20.12
N ARG P 35 68.23 36.25 19.83
CA ARG P 35 67.03 36.38 20.63
C ARG P 35 66.31 35.05 20.65
N ARG P 36 65.60 34.79 21.73
CA ARG P 36 64.82 33.55 21.83
C ARG P 36 63.78 33.76 22.91
N ASP P 37 62.51 33.55 22.57
CA ASP P 37 61.46 33.64 23.57
C ASP P 37 61.43 32.37 24.38
N PHE P 38 60.80 32.45 25.52
CA PHE P 38 60.56 31.23 26.26
C PHE P 38 59.16 31.23 26.85
N ASN P 39 58.23 31.90 26.17
CA ASN P 39 56.88 32.00 26.68
C ASN P 39 56.12 30.72 26.37
N HIS P 40 56.76 29.61 26.66
CA HIS P 40 56.09 28.33 26.69
C HIS P 40 56.57 27.52 27.86
N ILE P 41 57.60 27.98 28.55
CA ILE P 41 58.34 27.16 29.48
C ILE P 41 58.08 27.52 30.94
N ASN P 42 57.51 28.69 31.22
CA ASN P 42 56.98 29.03 32.55
C ASN P 42 58.03 28.87 33.65
N VAL P 43 59.09 29.68 33.56
CA VAL P 43 60.12 29.72 34.56
C VAL P 43 60.36 31.18 34.92
N GLU P 44 61.16 31.40 35.96
CA GLU P 44 61.55 32.74 36.35
C GLU P 44 62.99 32.96 35.91
N LEU P 45 63.20 33.88 34.96
CA LEU P 45 64.53 34.30 34.56
C LEU P 45 64.90 35.53 35.36
N SER P 46 65.85 35.38 36.28
CA SER P 46 66.40 36.50 37.04
C SER P 46 67.76 36.89 36.48
N LEU P 47 68.11 38.16 36.66
CA LEU P 47 69.41 38.67 36.24
C LEU P 47 70.19 39.13 37.47
N LEU P 48 70.18 38.26 38.49
CA LEU P 48 70.66 38.65 39.81
C LEU P 48 72.07 39.24 39.76
N GLY P 49 72.97 38.58 39.04
CA GLY P 49 74.37 38.97 39.01
C GLY P 49 74.51 40.42 38.61
N LYS P 50 75.35 41.17 39.32
CA LYS P 50 75.50 42.58 39.04
C LYS P 50 76.74 42.86 38.19
N LYS P 51 76.70 44.04 37.58
CA LYS P 51 77.50 44.67 36.52
C LYS P 51 77.32 43.96 35.18
N LYS P 52 77.32 42.61 35.15
CA LYS P 52 76.39 41.66 34.56
C LYS P 52 77.06 40.29 34.71
N LYS P 53 76.57 39.41 35.58
CA LYS P 53 77.35 38.20 35.85
C LYS P 53 76.54 36.92 35.95
N ARG P 54 75.22 36.97 36.09
CA ARG P 54 74.46 35.75 36.32
C ARG P 54 73.10 35.88 35.66
N LEU P 55 72.80 34.95 34.78
CA LEU P 55 71.42 34.66 34.42
C LEU P 55 71.02 33.45 35.25
N ARG P 56 70.10 33.64 36.19
CA ARG P 56 69.69 32.57 37.09
C ARG P 56 68.25 32.21 36.77
N VAL P 57 68.00 30.95 36.44
CA VAL P 57 66.65 30.49 36.17
C VAL P 57 66.17 29.69 37.39
N ASP P 58 64.96 30.01 37.84
CA ASP P 58 64.25 29.19 38.82
C ASP P 58 63.30 28.26 38.08
N LYS P 59 62.71 27.30 38.79
CA LYS P 59 61.48 26.86 38.17
C LYS P 59 60.29 27.20 39.03
N TRP P 60 59.98 26.35 40.02
CA TRP P 60 59.38 26.67 41.31
C TRP P 60 58.64 25.39 41.65
N TRP P 61 57.48 25.51 42.30
CA TRP P 61 56.71 24.35 42.67
C TRP P 61 56.33 23.48 41.48
N GLY P 62 57.33 22.80 40.90
CA GLY P 62 57.11 21.94 39.76
C GLY P 62 57.48 20.50 40.03
N ASN P 63 56.97 19.58 39.23
CA ASN P 63 57.22 18.16 39.41
C ASN P 63 58.24 17.67 38.39
N ARG P 64 58.43 16.34 38.33
CA ARG P 64 59.54 15.72 37.60
C ARG P 64 59.68 16.28 36.20
N LYS P 65 58.60 16.30 35.44
CA LYS P 65 58.70 16.56 34.01
C LYS P 65 58.92 18.04 33.68
N GLU P 66 58.79 18.95 34.65
CA GLU P 66 59.15 20.34 34.39
C GLU P 66 60.51 20.73 34.96
N LEU P 67 60.92 20.12 36.07
CA LEU P 67 62.27 20.34 36.57
C LEU P 67 63.30 20.02 35.50
N ALA P 68 62.97 19.11 34.58
CA ALA P 68 63.86 18.85 33.46
C ALA P 68 63.98 20.08 32.57
N THR P 69 62.97 20.93 32.52
CA THR P 69 63.04 22.09 31.65
C THR P 69 63.97 23.17 32.16
N VAL P 70 64.50 23.03 33.36
CA VAL P 70 65.37 24.06 33.91
C VAL P 70 66.68 24.13 33.14
N ARG P 71 67.36 22.99 33.03
CA ARG P 71 68.68 23.02 32.42
C ARG P 71 68.59 23.19 30.91
N THR P 72 67.51 22.73 30.29
CA THR P 72 67.42 22.85 28.84
C THR P 72 67.31 24.32 28.44
N ILE P 73 66.75 25.17 29.29
CA ILE P 73 66.86 26.61 29.06
C ILE P 73 68.27 27.09 29.32
N CYS P 74 68.86 26.64 30.43
CA CYS P 74 70.24 26.98 30.74
C CYS P 74 71.15 26.73 29.54
N SER P 75 71.00 25.56 28.90
CA SER P 75 71.88 25.24 27.78
C SER P 75 71.53 26.05 26.54
N HIS P 76 70.24 26.25 26.27
CA HIS P 76 69.85 27.08 25.14
C HIS P 76 70.42 28.50 25.24
N VAL P 77 70.80 28.93 26.43
CA VAL P 77 71.37 30.26 26.60
C VAL P 77 72.88 30.23 26.41
N GLN P 78 73.59 29.27 27.01
CA GLN P 78 75.03 29.19 26.76
C GLN P 78 75.33 28.96 25.29
N ASN P 79 74.55 28.10 24.64
CA ASN P 79 74.66 27.96 23.20
C ASN P 79 74.47 29.31 22.50
N MET P 80 73.65 30.18 23.07
CA MET P 80 73.46 31.52 22.49
C MET P 80 74.70 32.38 22.73
N ILE P 81 75.30 32.25 23.90
CA ILE P 81 76.53 32.99 24.18
C ILE P 81 77.68 32.43 23.36
N LYS P 82 77.81 31.10 23.32
CA LYS P 82 78.87 30.51 22.51
C LYS P 82 78.71 30.79 21.02
N GLY P 83 77.53 31.24 20.60
CA GLY P 83 77.30 31.51 19.20
C GLY P 83 77.57 32.95 18.84
N VAL P 84 77.44 33.85 19.80
CA VAL P 84 77.65 35.26 19.53
C VAL P 84 79.06 35.70 19.92
N THR P 85 79.79 34.90 20.70
CA THR P 85 81.18 35.15 20.99
C THR P 85 82.10 34.52 19.96
N LEU P 86 81.91 33.22 19.68
CA LEU P 86 82.75 32.49 18.75
C LEU P 86 82.05 32.22 17.42
N GLY P 87 80.81 31.76 17.45
CA GLY P 87 80.10 31.35 16.26
C GLY P 87 80.30 29.88 15.93
N PHE P 88 79.23 29.20 15.51
CA PHE P 88 79.34 27.78 15.20
C PHE P 88 79.89 27.57 13.80
N ARG P 89 80.59 26.45 13.63
CA ARG P 89 81.14 26.07 12.33
C ARG P 89 80.98 24.55 12.18
N TYR P 90 79.93 24.15 11.48
CA TYR P 90 79.73 22.75 11.16
C TYR P 90 80.47 22.44 9.87
N LYS P 91 81.27 21.40 9.88
CA LYS P 91 81.97 20.91 8.71
C LYS P 91 81.30 19.63 8.23
N MET P 92 81.22 19.47 6.92
CA MET P 92 80.67 18.22 6.40
C MET P 92 81.47 17.78 5.20
N ARG P 93 81.80 16.49 5.14
CA ARG P 93 82.61 15.94 4.07
C ARG P 93 81.75 15.10 3.13
N SER P 94 82.08 15.16 1.85
CA SER P 94 81.39 14.37 0.85
C SER P 94 82.06 13.02 0.70
N VAL P 95 81.25 11.97 0.69
CA VAL P 95 81.74 10.60 0.59
C VAL P 95 81.08 9.95 -0.61
N TYR P 96 81.88 9.19 -1.36
CA TYR P 96 81.37 8.48 -2.52
C TYR P 96 82.37 7.44 -2.96
N ALA P 97 81.89 6.54 -3.81
CA ALA P 97 82.73 5.53 -4.42
C ALA P 97 83.21 5.93 -5.80
N HIS P 98 82.28 6.26 -6.71
CA HIS P 98 82.62 6.44 -8.11
C HIS P 98 82.28 7.84 -8.62
N PHE P 99 81.02 8.27 -8.50
CA PHE P 99 80.59 9.54 -9.06
C PHE P 99 80.91 10.67 -8.10
N PRO P 100 81.75 11.63 -8.48
CA PRO P 100 82.16 12.68 -7.55
C PRO P 100 81.04 13.66 -7.25
N ILE P 101 80.76 13.86 -5.96
CA ILE P 101 79.71 14.78 -5.56
C ILE P 101 80.19 16.21 -5.78
N ASN P 102 79.42 16.97 -6.53
CA ASN P 102 79.88 18.21 -7.15
C ASN P 102 79.11 19.37 -6.53
N VAL P 103 79.68 19.98 -5.52
CA VAL P 103 79.01 21.02 -4.77
C VAL P 103 79.41 22.39 -5.30
N VAL P 104 78.47 23.32 -5.34
CA VAL P 104 78.76 24.71 -5.68
C VAL P 104 77.70 25.59 -5.05
N ILE P 105 78.13 26.61 -4.30
CA ILE P 105 77.19 27.54 -3.69
C ILE P 105 76.81 28.63 -4.69
N GLN P 106 75.67 29.28 -4.46
CA GLN P 106 75.06 30.03 -5.54
C GLN P 106 74.65 31.47 -5.25
N GLU P 107 74.39 31.88 -4.00
CA GLU P 107 74.17 33.30 -3.75
C GLU P 107 75.25 33.90 -2.84
N ASN P 108 75.23 33.60 -1.56
CA ASN P 108 76.43 33.74 -0.75
C ASN P 108 76.58 32.42 -0.01
N GLY P 109 75.48 32.03 0.62
CA GLY P 109 75.17 30.66 0.92
C GLY P 109 73.85 30.42 0.23
N SER P 110 72.85 30.01 0.99
CA SER P 110 71.46 30.20 0.58
C SER P 110 71.07 29.31 -0.60
N LEU P 111 72.04 28.67 -1.25
CA LEU P 111 71.74 27.74 -2.34
C LEU P 111 72.95 26.82 -2.49
N VAL P 112 72.83 25.61 -1.97
CA VAL P 112 73.85 24.58 -2.10
C VAL P 112 73.42 23.67 -3.24
N GLU P 113 74.21 23.62 -4.31
CA GLU P 113 73.86 22.86 -5.49
C GLU P 113 74.68 21.60 -5.57
N ILE P 114 74.01 20.46 -5.71
CA ILE P 114 74.66 19.16 -5.70
C ILE P 114 74.36 18.48 -7.03
N ARG P 115 75.40 18.28 -7.83
CA ARG P 115 75.32 17.52 -9.06
C ARG P 115 75.86 16.11 -8.85
N ASN P 116 75.41 15.19 -9.70
CA ASN P 116 76.07 13.92 -9.93
C ASN P 116 76.05 12.99 -8.71
N PHE P 117 75.19 13.23 -7.73
CA PHE P 117 75.04 12.26 -6.66
C PHE P 117 74.59 10.94 -7.26
N LEU P 118 75.39 9.88 -7.07
CA LEU P 118 75.07 8.56 -7.59
C LEU P 118 74.83 8.57 -9.10
N GLY P 119 75.32 9.61 -9.79
CA GLY P 119 75.08 9.78 -11.20
C GLY P 119 73.75 10.40 -11.57
N GLU P 120 72.95 10.80 -10.58
CA GLU P 120 71.58 11.23 -10.88
C GLU P 120 71.58 12.53 -11.69
N LYS P 121 70.69 12.58 -12.68
CA LYS P 121 70.50 13.81 -13.44
C LYS P 121 69.96 14.92 -12.55
N TYR P 122 68.90 14.63 -11.80
CA TYR P 122 68.18 15.62 -11.02
C TYR P 122 69.12 16.37 -10.09
N ILE P 123 69.27 17.68 -10.34
CA ILE P 123 70.17 18.51 -9.55
C ILE P 123 69.44 18.91 -8.27
N ARG P 124 70.04 18.61 -7.13
CA ARG P 124 69.45 18.89 -5.83
C ARG P 124 69.81 20.30 -5.39
N ARG P 125 68.80 21.11 -5.09
CA ARG P 125 69.00 22.44 -4.54
C ARG P 125 68.53 22.48 -3.09
N VAL P 126 69.28 23.20 -2.26
CA VAL P 126 69.00 23.26 -0.83
C VAL P 126 69.14 24.69 -0.37
N ARG P 127 68.04 25.28 0.09
CA ARG P 127 68.11 26.58 0.73
C ARG P 127 68.85 26.45 2.06
N MET P 128 69.28 27.59 2.58
CA MET P 128 69.74 27.69 3.95
C MET P 128 68.78 28.54 4.75
N ARG P 129 68.75 28.30 6.06
CA ARG P 129 68.01 29.18 6.93
C ARG P 129 68.65 30.57 6.91
N PRO P 130 67.88 31.60 7.23
CA PRO P 130 68.47 32.95 7.30
C PRO P 130 69.60 33.03 8.32
N GLY P 131 70.65 33.75 7.96
CA GLY P 131 71.80 33.92 8.82
C GLY P 131 72.86 32.85 8.70
N VAL P 132 72.59 31.78 7.97
CA VAL P 132 73.57 30.71 7.78
C VAL P 132 74.32 30.98 6.49
N ALA P 133 75.63 31.13 6.61
CA ALA P 133 76.50 31.40 5.47
C ALA P 133 77.20 30.09 5.10
N CYS P 134 76.64 29.39 4.12
CA CYS P 134 77.32 28.23 3.59
C CYS P 134 78.47 28.65 2.69
N SER P 135 79.53 27.84 2.67
CA SER P 135 80.71 28.16 1.87
C SER P 135 81.48 26.89 1.57
N VAL P 136 82.00 26.79 0.36
CA VAL P 136 82.88 25.69 -0.01
C VAL P 136 84.25 25.94 0.60
N SER P 137 84.79 24.92 1.26
CA SER P 137 86.01 25.08 2.02
C SER P 137 87.24 25.02 1.12
N GLN P 138 88.40 25.14 1.77
CA GLN P 138 89.70 24.87 1.20
C GLN P 138 90.50 24.10 2.25
N ALA P 139 91.73 23.73 1.90
CA ALA P 139 92.57 22.84 2.71
C ALA P 139 91.90 21.48 2.95
N GLN P 140 90.92 21.13 2.12
CA GLN P 140 90.32 19.81 2.09
C GLN P 140 89.60 19.64 0.76
N LYS P 141 89.48 18.38 0.33
CA LYS P 141 89.01 18.11 -1.03
C LYS P 141 87.50 18.27 -1.15
N ASP P 142 86.76 17.38 -0.49
CA ASP P 142 85.30 17.37 -0.59
C ASP P 142 84.77 17.77 0.78
N GLU P 143 84.47 19.06 0.94
CA GLU P 143 84.17 19.57 2.28
C GLU P 143 83.49 20.92 2.20
N LEU P 144 82.33 21.05 2.86
CA LEU P 144 81.64 22.31 3.02
C LEU P 144 81.81 22.81 4.44
N ILE P 145 81.60 24.10 4.63
CA ILE P 145 81.62 24.70 5.96
C ILE P 145 80.36 25.54 6.12
N LEU P 146 79.56 25.22 7.12
CA LEU P 146 78.38 26.01 7.44
C LEU P 146 78.67 26.84 8.69
N GLU P 147 78.58 28.16 8.56
CA GLU P 147 78.86 29.08 9.66
C GLU P 147 77.62 29.87 10.04
N GLY P 148 77.74 30.58 11.14
CA GLY P 148 76.63 31.35 11.68
C GLY P 148 76.67 31.36 13.19
N ASN P 149 75.59 31.87 13.77
CA ASN P 149 75.47 32.08 15.21
C ASN P 149 74.45 31.16 15.87
N ASP P 150 73.30 30.91 15.26
CA ASP P 150 72.29 30.07 15.88
C ASP P 150 72.63 28.61 15.63
N ILE P 151 72.93 27.89 16.71
CA ILE P 151 73.09 26.44 16.58
C ILE P 151 71.87 25.84 15.90
N GLU P 152 70.68 26.36 16.22
CA GLU P 152 69.47 25.81 15.67
C GLU P 152 69.40 26.03 14.16
N LEU P 153 69.80 27.21 13.69
CA LEU P 153 69.71 27.49 12.27
C LEU P 153 70.78 26.74 11.50
N VAL P 154 71.97 26.60 12.09
CA VAL P 154 73.08 26.03 11.36
C VAL P 154 72.93 24.52 11.26
N SER P 155 72.63 23.86 12.37
CA SER P 155 72.65 22.41 12.34
C SER P 155 71.46 21.83 11.60
N ASN P 156 70.35 22.56 11.47
CA ASN P 156 69.28 21.99 10.65
C ASN P 156 69.52 22.23 9.17
N SER P 157 70.24 23.31 8.82
CA SER P 157 70.69 23.46 7.44
C SER P 157 71.67 22.36 7.07
N ALA P 158 72.58 22.01 8.00
CA ALA P 158 73.43 20.85 7.80
C ALA P 158 72.59 19.60 7.56
N ALA P 159 71.60 19.35 8.42
CA ALA P 159 70.70 18.22 8.18
C ALA P 159 69.94 18.38 6.87
N LEU P 160 69.64 19.61 6.47
CA LEU P 160 68.88 19.81 5.24
C LEU P 160 69.63 19.26 4.04
N ILE P 161 70.95 19.37 4.05
CA ILE P 161 71.73 18.81 2.96
C ILE P 161 72.20 17.39 3.26
N GLN P 162 72.36 17.04 4.54
CA GLN P 162 72.64 15.65 4.86
C GLN P 162 71.46 14.75 4.54
N GLN P 163 70.23 15.26 4.67
CA GLN P 163 69.04 14.48 4.39
C GLN P 163 68.61 14.56 2.95
N ALA P 164 69.12 15.55 2.20
CA ALA P 164 68.83 15.65 0.78
C ALA P 164 69.61 14.61 -0.02
N THR P 165 70.76 14.20 0.48
CA THR P 165 71.60 13.24 -0.22
C THR P 165 71.40 11.85 0.38
N THR P 166 70.27 11.25 0.07
CA THR P 166 69.92 9.92 0.53
C THR P 166 69.62 9.03 -0.65
N VAL P 167 70.03 7.78 -0.54
CA VAL P 167 69.84 6.80 -1.61
C VAL P 167 68.52 6.07 -1.42
N LYS P 168 67.90 5.69 -2.51
CA LYS P 168 66.62 5.00 -2.48
C LYS P 168 66.73 3.65 -3.16
N ASN P 169 66.09 2.65 -2.56
CA ASN P 169 65.97 1.33 -3.16
C ASN P 169 67.32 0.63 -3.26
N LYS P 170 68.23 0.91 -2.33
CA LYS P 170 69.55 0.29 -2.30
C LYS P 170 69.87 -0.16 -0.88
N ASP P 171 71.00 -0.83 -0.73
CA ASP P 171 71.49 -1.27 0.58
C ASP P 171 72.46 -0.20 1.06
N ILE P 172 71.98 0.70 1.92
CA ILE P 172 72.82 1.81 2.36
C ILE P 172 73.91 1.32 3.31
N ARG P 173 73.95 0.02 3.59
CA ARG P 173 75.13 -0.55 4.24
C ARG P 173 76.31 -0.57 3.28
N LYS P 174 76.04 -0.76 1.99
CA LYS P 174 77.06 -0.75 0.95
C LYS P 174 77.24 0.62 0.32
N PHE P 175 76.15 1.19 -0.20
CA PHE P 175 76.20 2.52 -0.82
C PHE P 175 76.31 3.60 0.25
N LEU P 176 77.53 3.89 0.67
CA LEU P 176 77.78 4.89 1.71
C LEU P 176 78.08 6.26 1.08
N ASP P 177 77.13 6.76 0.32
CA ASP P 177 77.34 7.98 -0.43
C ASP P 177 76.54 9.12 0.16
N GLY P 178 77.09 10.32 0.03
CA GLY P 178 76.42 11.50 0.52
C GLY P 178 77.34 12.47 1.21
N ILE P 179 76.76 13.56 1.70
CA ILE P 179 77.48 14.60 2.41
C ILE P 179 77.09 14.52 3.88
N TYR P 180 78.04 14.20 4.74
CA TYR P 180 77.76 13.94 6.15
C TYR P 180 78.45 14.97 7.03
N VAL P 181 77.76 15.39 8.09
CA VAL P 181 78.38 16.25 9.09
C VAL P 181 79.55 15.53 9.72
N SER P 182 80.74 16.11 9.60
CA SER P 182 81.94 15.45 10.08
C SER P 182 82.50 16.06 11.36
N GLU P 183 82.21 17.31 11.65
CA GLU P 183 82.87 17.97 12.77
C GLU P 183 82.03 19.16 13.21
N LYS P 184 81.43 19.07 14.38
CA LYS P 184 80.72 20.19 14.98
C LYS P 184 81.72 20.99 15.80
N GLY P 185 82.11 22.16 15.30
CA GLY P 185 83.14 22.97 15.92
C GLY P 185 82.67 24.40 16.13
N THR P 186 83.63 25.31 16.10
CA THR P 186 83.39 26.74 16.28
C THR P 186 84.21 27.52 15.28
N VAL P 187 83.92 28.81 15.16
CA VAL P 187 84.64 29.66 14.21
C VAL P 187 85.97 30.13 14.78
N GLN P 188 85.92 30.83 15.91
CA GLN P 188 87.13 31.17 16.68
C GLN P 188 87.21 30.24 17.88
N GLN P 189 88.43 29.81 18.20
CA GLN P 189 88.59 28.82 19.27
C GLN P 189 88.91 29.45 20.62
N ALA P 190 89.77 30.46 20.66
CA ALA P 190 90.18 31.11 21.90
C ALA P 190 90.70 30.10 22.92
N GLY Q 1 42.74 -32.44 17.51
CA GLY Q 1 43.59 -32.70 18.65
C GLY Q 1 42.92 -32.40 19.98
N ARG Q 2 42.76 -31.10 20.27
CA ARG Q 2 42.12 -30.70 21.50
C ARG Q 2 41.72 -29.24 21.40
N ARG Q 3 40.56 -28.94 21.96
CA ARG Q 3 40.15 -27.56 22.09
C ARG Q 3 41.21 -26.78 22.85
N PRO Q 4 41.35 -25.48 22.56
CA PRO Q 4 42.24 -24.64 23.35
C PRO Q 4 41.84 -24.67 24.82
N ALA Q 5 42.84 -24.50 25.68
CA ALA Q 5 42.63 -24.58 27.12
C ALA Q 5 41.56 -23.62 27.62
N ARG Q 6 41.15 -22.66 26.80
CA ARG Q 6 40.07 -21.75 27.20
C ARG Q 6 38.90 -22.52 27.79
N CYS Q 7 38.34 -23.45 27.02
CA CYS Q 7 37.06 -24.05 27.37
C CYS Q 7 37.12 -24.85 28.67
N TYR Q 8 38.28 -25.39 29.00
CA TYR Q 8 38.46 -26.20 30.19
C TYR Q 8 39.32 -25.46 31.21
N ARG Q 9 39.11 -24.15 31.31
CA ARG Q 9 39.93 -23.36 32.22
C ARG Q 9 39.32 -23.27 33.60
N TYR Q 10 38.00 -23.19 33.71
CA TYR Q 10 37.36 -22.98 34.99
C TYR Q 10 36.88 -24.30 35.58
N CYS Q 11 36.88 -24.36 36.91
CA CYS Q 11 36.38 -25.55 37.61
C CYS Q 11 34.88 -25.44 37.73
N LYS Q 12 34.18 -25.97 36.73
CA LYS Q 12 32.73 -25.89 36.74
C LYS Q 12 32.12 -27.11 37.40
N ASN Q 13 32.42 -28.29 36.88
CA ASN Q 13 31.73 -29.49 37.28
C ASN Q 13 32.51 -30.22 38.35
N LYS Q 14 31.78 -30.95 39.23
CA LYS Q 14 32.37 -31.72 40.32
C LYS Q 14 33.48 -32.61 39.77
N PRO Q 15 34.51 -32.90 40.58
CA PRO Q 15 35.59 -33.77 40.12
C PRO Q 15 35.07 -35.09 39.55
N TYR Q 16 35.71 -35.50 38.45
CA TYR Q 16 35.33 -36.67 37.66
C TYR Q 16 36.51 -37.63 37.64
N PRO Q 17 36.88 -38.19 38.79
CA PRO Q 17 38.11 -38.96 38.86
C PRO Q 17 37.98 -40.26 38.09
N LYS Q 18 39.11 -40.75 37.59
CA LYS Q 18 39.11 -42.00 36.82
C LYS Q 18 38.85 -43.17 37.76
N SER Q 19 37.73 -43.85 37.55
CA SER Q 19 37.26 -44.93 38.42
C SER Q 19 36.51 -45.95 37.56
N ARG Q 20 35.75 -46.84 38.21
CA ARG Q 20 34.92 -47.76 37.44
C ARG Q 20 33.76 -47.04 36.76
N PHE Q 21 33.48 -45.81 37.15
CA PHE Q 21 32.31 -45.09 36.65
C PHE Q 21 32.58 -44.31 35.38
N CYS Q 22 33.83 -43.92 35.13
CA CYS Q 22 34.21 -43.48 33.80
C CYS Q 22 35.47 -44.23 33.41
N ARG Q 23 35.46 -44.79 32.21
CA ARG Q 23 36.52 -45.69 31.79
C ARG Q 23 36.86 -45.36 30.34
N GLY Q 24 37.95 -45.96 29.87
CA GLY Q 24 38.46 -45.60 28.56
C GLY Q 24 39.15 -44.26 28.53
N VAL Q 25 39.63 -43.80 29.68
CA VAL Q 25 40.26 -42.49 29.78
C VAL Q 25 41.61 -42.52 29.07
N PRO Q 26 41.90 -41.56 28.18
CA PRO Q 26 43.24 -41.48 27.60
C PRO Q 26 44.26 -41.16 28.67
N ASP Q 27 45.33 -41.94 28.70
CA ASP Q 27 46.31 -41.83 29.79
C ASP Q 27 46.87 -40.41 29.86
N ALA Q 28 47.05 -39.93 31.09
CA ALA Q 28 47.51 -38.56 31.32
C ALA Q 28 48.81 -38.30 30.57
N LYS Q 29 48.94 -37.07 30.06
CA LYS Q 29 50.10 -36.73 29.24
C LYS Q 29 51.37 -36.68 30.06
N ILE Q 30 51.35 -35.96 31.18
CA ILE Q 30 52.52 -35.85 32.06
C ILE Q 30 52.67 -37.14 32.85
N ARG Q 31 53.92 -37.60 33.00
CA ARG Q 31 54.12 -38.90 33.61
C ARG Q 31 55.09 -38.84 34.79
N ILE Q 32 56.11 -38.00 34.69
CA ILE Q 32 57.22 -38.03 35.63
C ILE Q 32 57.15 -36.77 36.48
N PHE Q 33 56.79 -36.94 37.73
CA PHE Q 33 56.52 -35.79 38.57
C PHE Q 33 57.75 -35.26 39.29
N ASP Q 34 58.90 -35.91 39.14
CA ASP Q 34 60.13 -35.37 39.71
C ASP Q 34 61.33 -35.88 38.94
N LEU Q 35 62.28 -34.99 38.70
CA LEU Q 35 63.50 -35.27 37.95
C LEU Q 35 64.64 -34.49 38.59
N GLY Q 36 65.84 -34.65 38.01
CA GLY Q 36 67.05 -34.15 38.63
C GLY Q 36 67.73 -35.23 39.44
N ARG Q 37 68.31 -34.87 40.57
CA ARG Q 37 68.92 -35.86 41.45
C ARG Q 37 67.96 -36.15 42.60
N LYS Q 38 66.93 -36.94 42.30
CA LYS Q 38 66.03 -37.35 43.36
C LYS Q 38 66.69 -38.30 44.36
N LYS Q 39 67.96 -38.63 44.15
CA LYS Q 39 68.76 -39.43 45.08
C LYS Q 39 69.61 -38.54 45.98
N ALA Q 40 69.14 -37.33 46.28
CA ALA Q 40 69.90 -36.40 47.09
C ALA Q 40 69.63 -36.65 48.57
N LYS Q 41 70.33 -35.91 49.42
CA LYS Q 41 70.08 -35.90 50.84
C LYS Q 41 69.51 -34.56 51.25
N VAL Q 42 68.91 -34.51 52.44
CA VAL Q 42 68.39 -33.25 52.93
C VAL Q 42 69.53 -32.31 53.27
N ASP Q 43 70.67 -32.88 53.63
CA ASP Q 43 71.78 -32.11 54.17
C ASP Q 43 72.56 -31.38 53.10
N GLU Q 44 72.12 -31.41 51.83
CA GLU Q 44 72.94 -30.84 50.76
C GLU Q 44 72.13 -30.11 49.70
N PHE Q 45 70.95 -29.62 50.06
CA PHE Q 45 70.06 -28.94 49.13
C PHE Q 45 69.11 -28.03 49.89
N PRO Q 46 69.58 -26.96 50.48
CA PRO Q 46 68.73 -26.14 51.33
C PRO Q 46 68.06 -24.98 50.60
N LEU Q 47 67.19 -25.19 49.61
CA LEU Q 47 66.53 -24.01 49.01
C LEU Q 47 65.17 -24.46 48.48
N GLY Q 48 64.11 -24.20 49.23
CA GLY Q 48 62.79 -24.59 48.79
C GLY Q 48 62.09 -23.58 47.90
N GLY Q 49 62.45 -23.49 46.63
CA GLY Q 49 61.76 -22.56 45.72
C GLY Q 49 60.44 -23.13 45.23
N HIS Q 50 59.42 -22.28 45.24
CA HIS Q 50 58.05 -22.66 44.94
C HIS Q 50 57.49 -21.86 43.76
N MET Q 51 56.43 -22.38 43.17
CA MET Q 51 55.63 -21.64 42.21
C MET Q 51 54.18 -21.80 42.63
N VAL Q 52 53.61 -20.77 43.23
CA VAL Q 52 52.35 -20.86 43.94
C VAL Q 52 51.25 -20.23 43.09
N SER Q 53 50.13 -20.93 42.96
CA SER Q 53 49.02 -20.38 42.20
C SER Q 53 48.30 -19.28 42.98
N ASP Q 54 47.69 -18.35 42.23
CA ASP Q 54 46.94 -17.24 42.80
C ASP Q 54 45.47 -17.24 42.37
N GLU Q 55 45.04 -18.22 41.60
CA GLU Q 55 43.66 -18.27 41.13
C GLU Q 55 43.14 -19.68 41.24
N TYR Q 56 41.84 -19.81 41.46
CA TYR Q 56 41.18 -21.11 41.56
C TYR Q 56 40.81 -21.56 40.15
N GLU Q 57 41.67 -22.38 39.53
CA GLU Q 57 41.49 -22.77 38.14
C GLU Q 57 41.97 -24.19 37.91
N GLN Q 58 41.87 -24.63 36.67
CA GLN Q 58 42.34 -25.93 36.22
C GLN Q 58 43.64 -25.77 35.44
N LEU Q 59 44.45 -26.83 35.45
CA LEU Q 59 45.70 -26.90 34.70
C LEU Q 59 45.69 -28.15 33.85
N SER Q 60 45.86 -28.00 32.54
CA SER Q 60 45.81 -29.16 31.67
C SER Q 60 47.01 -30.06 31.90
N SER Q 61 46.82 -31.36 31.66
CA SER Q 61 47.91 -32.31 31.80
C SER Q 61 49.10 -31.92 30.93
N GLU Q 62 48.81 -31.46 29.71
CA GLU Q 62 49.86 -31.11 28.76
C GLU Q 62 50.57 -29.82 29.12
N ALA Q 63 49.94 -28.99 29.95
CA ALA Q 63 50.61 -27.79 30.44
C ALA Q 63 51.64 -28.16 31.50
N LEU Q 64 51.25 -28.95 32.50
CA LEU Q 64 52.23 -29.45 33.45
C LEU Q 64 53.36 -30.18 32.76
N GLU Q 65 53.12 -30.69 31.56
CA GLU Q 65 54.19 -31.32 30.80
C GLU Q 65 55.23 -30.31 30.35
N ALA Q 66 54.81 -29.26 29.64
CA ALA Q 66 55.76 -28.27 29.14
C ALA Q 66 56.39 -27.46 30.26
N ALA Q 67 55.63 -27.18 31.32
CA ALA Q 67 56.15 -26.42 32.45
C ALA Q 67 57.27 -27.16 33.16
N ARG Q 68 57.20 -28.48 33.21
CA ARG Q 68 58.30 -29.24 33.76
C ARG Q 68 59.51 -29.20 32.84
N ILE Q 69 59.30 -29.46 31.54
CA ILE Q 69 60.43 -29.59 30.62
C ILE Q 69 61.18 -28.27 30.50
N CYS Q 70 60.45 -27.17 30.34
CA CYS Q 70 61.12 -25.89 30.20
C CYS Q 70 61.82 -25.45 31.47
N ALA Q 71 61.50 -26.05 32.61
CA ALA Q 71 62.26 -25.79 33.82
C ALA Q 71 63.48 -26.71 33.94
N ASN Q 72 63.40 -27.93 33.39
CA ASN Q 72 64.56 -28.79 33.25
C ASN Q 72 65.60 -28.23 32.31
N LYS Q 73 65.26 -27.21 31.54
CA LYS Q 73 66.13 -26.71 30.48
C LYS Q 73 66.75 -25.35 30.79
N TYR Q 74 66.19 -24.57 31.70
CA TYR Q 74 66.97 -23.47 32.25
C TYR Q 74 67.75 -23.90 33.47
N MET Q 75 67.27 -24.96 34.12
CA MET Q 75 68.10 -25.92 34.82
C MET Q 75 68.68 -26.82 33.74
N VAL Q 76 69.15 -28.04 34.04
CA VAL Q 76 70.53 -28.39 33.74
C VAL Q 76 71.11 -27.46 32.69
N LYS Q 77 72.01 -26.63 33.18
CA LYS Q 77 72.37 -25.34 32.62
C LYS Q 77 73.29 -24.80 33.69
N SER Q 78 73.18 -23.49 33.91
CA SER Q 78 73.78 -22.79 35.04
C SER Q 78 73.94 -23.66 36.30
N CYS Q 79 72.99 -24.57 36.56
CA CYS Q 79 73.07 -25.45 37.72
C CYS Q 79 73.88 -26.72 37.45
N GLY Q 80 73.72 -27.36 36.30
CA GLY Q 80 74.34 -28.64 36.07
C GLY Q 80 73.37 -29.79 36.32
N ARG Q 81 73.71 -30.95 35.77
CA ARG Q 81 72.76 -32.07 35.74
C ARG Q 81 72.51 -32.65 37.12
N ASP Q 82 73.34 -32.32 38.10
CA ASP Q 82 73.22 -32.86 39.45
C ASP Q 82 72.69 -31.84 40.46
N GLY Q 83 72.75 -30.56 40.14
CA GLY Q 83 72.59 -29.54 41.16
C GLY Q 83 71.18 -29.06 41.45
N PHE Q 84 70.17 -29.90 41.26
CA PHE Q 84 68.81 -29.52 41.60
C PHE Q 84 67.94 -30.75 41.77
N HIS Q 85 66.69 -30.49 42.13
CA HIS Q 85 65.63 -31.49 42.20
C HIS Q 85 64.34 -30.74 41.93
N MET Q 86 63.55 -31.24 40.99
CA MET Q 86 62.32 -30.57 40.59
C MET Q 86 61.13 -31.45 40.91
N ARG Q 87 60.11 -30.85 41.51
CA ARG Q 87 58.92 -31.58 41.91
C ARG Q 87 57.71 -30.93 41.26
N VAL Q 88 56.87 -31.74 40.65
CA VAL Q 88 55.56 -31.31 40.20
C VAL Q 88 54.55 -31.84 41.22
N ARG Q 89 53.75 -30.94 41.78
CA ARG Q 89 52.87 -31.31 42.89
C ARG Q 89 51.41 -31.13 42.51
N LEU Q 90 51.06 -31.57 41.30
CA LEU Q 90 49.67 -31.58 40.83
C LEU Q 90 49.56 -32.74 39.84
N HIS Q 91 48.95 -33.83 40.27
CA HIS Q 91 48.78 -34.96 39.39
C HIS Q 91 47.46 -34.80 38.64
N PRO Q 92 47.47 -34.73 37.32
CA PRO Q 92 46.21 -34.54 36.60
C PRO Q 92 45.28 -35.70 36.92
N PHE Q 93 44.20 -35.39 37.63
CA PHE Q 93 43.42 -36.40 38.31
C PHE Q 93 41.96 -36.37 37.93
N HIS Q 94 41.49 -35.24 37.46
CA HIS Q 94 40.09 -35.03 37.16
C HIS Q 94 39.92 -35.07 35.65
N VAL Q 95 38.97 -35.87 35.21
CA VAL Q 95 38.82 -36.21 33.81
C VAL Q 95 37.93 -35.19 33.13
N ILE Q 96 38.38 -34.70 31.99
CA ILE Q 96 37.68 -33.66 31.25
C ILE Q 96 36.96 -34.30 30.06
N ARG Q 97 35.80 -33.74 29.72
CA ARG Q 97 34.87 -34.38 28.80
C ARG Q 97 34.65 -33.56 27.54
N ILE Q 98 34.15 -34.25 26.51
CA ILE Q 98 33.88 -33.65 25.21
C ILE Q 98 32.65 -34.28 24.58
N ASN Q 99 31.60 -33.49 24.35
CA ASN Q 99 30.51 -33.96 23.51
C ASN Q 99 31.05 -34.22 22.12
N LYS Q 100 30.54 -35.25 21.47
CA LYS Q 100 31.38 -35.88 20.46
C LYS Q 100 31.49 -34.99 19.21
N MET Q 101 32.16 -33.85 19.37
CA MET Q 101 32.59 -32.94 18.32
C MET Q 101 31.49 -32.61 17.31
N LEU Q 102 30.25 -32.97 17.62
CA LEU Q 102 29.13 -32.74 16.71
C LEU Q 102 29.52 -33.08 15.28
N SER Q 103 30.12 -34.26 15.13
CA SER Q 103 30.67 -34.69 13.85
C SER Q 103 29.58 -34.76 12.79
N CYS Q 104 29.89 -34.23 11.61
CA CYS Q 104 28.98 -34.29 10.46
C CYS Q 104 29.80 -34.39 9.19
N ALA Q 105 29.18 -34.95 8.15
CA ALA Q 105 29.80 -35.12 6.85
C ALA Q 105 29.09 -34.25 5.81
N GLY Q 106 29.87 -33.63 4.93
CA GLY Q 106 29.31 -32.71 3.96
C GLY Q 106 28.68 -31.52 4.66
N ALA Q 107 27.57 -31.03 4.11
CA ALA Q 107 26.83 -30.01 4.83
C ALA Q 107 26.27 -30.59 6.14
N ASP Q 108 25.23 -31.43 6.05
CA ASP Q 108 24.79 -32.36 7.08
C ASP Q 108 23.47 -32.96 6.60
N ARG Q 109 22.95 -33.91 7.38
CA ARG Q 109 21.53 -34.23 7.30
C ARG Q 109 21.03 -34.40 8.71
N LEU Q 110 21.90 -34.86 9.60
CA LEU Q 110 21.45 -35.06 10.96
C LEU Q 110 22.64 -35.14 11.89
N GLN Q 111 22.43 -34.66 13.11
CA GLN Q 111 23.37 -34.83 14.20
C GLN Q 111 22.72 -35.18 15.54
N THR Q 112 21.40 -34.99 15.73
CA THR Q 112 20.58 -35.15 16.92
C THR Q 112 20.76 -34.00 17.91
N GLY Q 113 21.75 -33.14 17.71
CA GLY Q 113 21.89 -31.89 18.42
C GLY Q 113 22.39 -31.97 19.85
N MET Q 114 21.51 -32.45 20.75
CA MET Q 114 21.76 -32.47 22.18
C MET Q 114 21.28 -33.75 22.86
N ARG Q 115 20.49 -34.59 22.19
CA ARG Q 115 20.15 -35.88 22.77
C ARG Q 115 21.40 -36.63 23.16
N GLY Q 116 21.49 -37.01 24.43
CA GLY Q 116 22.68 -37.68 24.92
C GLY Q 116 23.85 -36.74 24.84
N ALA Q 117 23.66 -35.53 25.36
CA ALA Q 117 24.71 -34.51 25.34
C ALA Q 117 25.95 -34.97 26.07
N PHE Q 118 25.82 -35.91 27.02
CA PHE Q 118 26.94 -36.38 27.79
C PHE Q 118 28.03 -36.94 26.88
N GLY Q 119 29.25 -36.46 27.08
CA GLY Q 119 30.36 -36.75 26.19
C GLY Q 119 31.42 -37.68 26.79
N LYS Q 120 32.39 -37.98 25.94
CA LYS Q 120 33.49 -38.90 26.21
C LYS Q 120 34.60 -38.22 26.99
N PRO Q 121 35.48 -39.02 27.59
CA PRO Q 121 36.72 -38.46 28.14
C PRO Q 121 37.65 -38.01 27.03
N GLN Q 122 38.27 -36.84 27.22
CA GLN Q 122 39.23 -36.28 26.27
C GLN Q 122 40.63 -36.22 26.80
N GLY Q 123 40.80 -35.94 28.09
CA GLY Q 123 42.11 -35.86 28.71
C GLY Q 123 42.00 -35.75 30.21
N THR Q 124 42.98 -35.14 30.85
CA THR Q 124 42.96 -34.99 32.29
C THR Q 124 43.44 -33.60 32.64
N VAL Q 125 43.21 -33.22 33.90
CA VAL Q 125 43.33 -31.83 34.32
C VAL Q 125 43.55 -31.81 35.82
N ALA Q 126 44.35 -30.85 36.29
CA ALA Q 126 44.61 -30.65 37.71
C ALA Q 126 43.70 -29.57 38.27
N ARG Q 127 43.23 -29.78 39.50
CA ARG Q 127 42.51 -28.74 40.23
C ARG Q 127 43.48 -27.99 41.14
N VAL Q 128 43.42 -26.67 41.10
CA VAL Q 128 44.38 -25.81 41.80
C VAL Q 128 43.59 -24.77 42.59
N HIS Q 129 43.95 -24.61 43.85
CA HIS Q 129 43.36 -23.57 44.69
C HIS Q 129 44.32 -22.41 44.83
N ILE Q 130 43.77 -21.26 45.23
CA ILE Q 130 44.62 -20.13 45.55
C ILE Q 130 45.59 -20.54 46.64
N GLY Q 131 46.85 -20.13 46.51
CA GLY Q 131 47.84 -20.41 47.53
C GLY Q 131 48.25 -21.86 47.64
N GLN Q 132 48.06 -22.63 46.58
CA GLN Q 132 48.49 -24.02 46.52
C GLN Q 132 49.63 -24.14 45.51
N VAL Q 133 50.61 -24.98 45.84
CA VAL Q 133 51.85 -25.04 45.09
C VAL Q 133 51.67 -25.90 43.84
N ILE Q 134 52.33 -25.50 42.76
CA ILE Q 134 52.33 -26.26 41.51
C ILE Q 134 53.65 -27.01 41.37
N MET Q 135 54.75 -26.25 41.27
CA MET Q 135 56.08 -26.81 41.16
C MET Q 135 56.96 -26.34 42.30
N SER Q 136 57.93 -27.17 42.64
CA SER Q 136 58.91 -26.80 43.65
C SER Q 136 60.28 -27.35 43.28
N ILE Q 137 61.29 -26.51 43.44
CA ILE Q 137 62.67 -26.85 43.11
C ILE Q 137 63.52 -26.69 44.35
N ARG Q 138 64.59 -27.50 44.44
CA ARG Q 138 65.54 -27.38 45.53
C ARG Q 138 66.97 -27.51 45.01
N THR Q 139 67.84 -26.60 45.43
CA THR Q 139 69.23 -26.54 45.01
C THR Q 139 70.06 -26.12 46.22
N LYS Q 140 71.29 -25.68 45.97
CA LYS Q 140 72.11 -25.07 47.00
C LYS Q 140 71.68 -23.62 47.24
N LEU Q 141 71.91 -23.15 48.47
CA LEU Q 141 71.63 -21.75 48.78
C LEU Q 141 72.41 -20.81 47.87
N GLN Q 142 73.50 -21.31 47.28
CA GLN Q 142 74.28 -20.55 46.31
C GLN Q 142 73.46 -20.17 45.11
N ASN Q 143 72.59 -21.07 44.66
CA ASN Q 143 72.02 -21.03 43.31
C ASN Q 143 70.64 -20.41 43.28
N GLU Q 144 70.37 -19.37 44.09
CA GLU Q 144 69.00 -18.90 44.24
C GLU Q 144 68.45 -18.34 42.94
N GLU Q 145 69.20 -17.46 42.27
CA GLU Q 145 68.70 -16.76 41.10
C GLU Q 145 68.25 -17.71 40.00
N HIS Q 146 68.90 -18.87 39.91
CA HIS Q 146 68.57 -19.78 38.83
C HIS Q 146 67.34 -20.60 39.14
N VAL Q 147 66.92 -20.68 40.40
CA VAL Q 147 65.60 -21.22 40.68
C VAL Q 147 64.53 -20.20 40.31
N ILE Q 148 64.81 -18.92 40.58
CA ILE Q 148 63.82 -17.89 40.28
C ILE Q 148 63.58 -17.80 38.78
N GLU Q 149 64.65 -17.84 37.99
CA GLU Q 149 64.43 -17.69 36.56
C GLU Q 149 63.89 -18.97 35.92
N ALA Q 150 64.22 -20.15 36.45
CA ALA Q 150 63.68 -21.38 35.86
C ALA Q 150 62.18 -21.51 36.11
N LEU Q 151 61.73 -21.09 37.29
CA LEU Q 151 60.29 -21.03 37.56
C LEU Q 151 59.62 -19.86 36.87
N ARG Q 152 60.38 -18.80 36.58
CA ARG Q 152 59.78 -17.67 35.88
C ARG Q 152 59.45 -18.03 34.44
N ARG Q 153 60.24 -18.93 33.84
CA ARG Q 153 59.93 -19.38 32.49
C ARG Q 153 58.77 -20.35 32.47
N ALA Q 154 58.60 -21.15 33.52
CA ALA Q 154 57.49 -22.10 33.53
C ALA Q 154 56.15 -21.41 33.68
N LYS Q 155 56.12 -20.18 34.23
CA LYS Q 155 54.87 -19.43 34.30
C LYS Q 155 54.26 -19.21 32.93
N PHE Q 156 55.08 -19.18 31.89
CA PHE Q 156 54.59 -18.84 30.57
C PHE Q 156 53.98 -20.01 29.84
N LYS Q 157 53.96 -21.18 30.47
CA LYS Q 157 53.23 -22.32 29.95
C LYS Q 157 51.92 -22.53 30.69
N PHE Q 158 51.57 -21.63 31.60
CA PHE Q 158 50.41 -21.78 32.45
C PHE Q 158 49.40 -20.66 32.23
N PRO Q 159 48.11 -20.97 32.22
CA PRO Q 159 47.10 -19.91 32.22
C PRO Q 159 47.04 -19.18 33.54
N GLY Q 160 46.22 -18.14 33.60
CA GLY Q 160 46.08 -17.43 34.86
C GLY Q 160 47.38 -16.81 35.33
N ARG Q 161 47.51 -16.68 36.64
CA ARG Q 161 48.68 -16.07 37.24
C ARG Q 161 49.13 -16.89 38.44
N GLN Q 162 50.41 -16.78 38.74
CA GLN Q 162 51.03 -17.52 39.83
C GLN Q 162 52.30 -16.79 40.25
N LYS Q 163 52.46 -16.61 41.56
CA LYS Q 163 53.63 -15.96 42.12
C LYS Q 163 54.74 -16.97 42.40
N ILE Q 164 55.97 -16.51 42.25
CA ILE Q 164 57.14 -17.30 42.60
C ILE Q 164 57.61 -16.90 43.98
N HIS Q 165 57.86 -17.89 44.82
CA HIS Q 165 58.06 -17.68 46.24
C HIS Q 165 59.16 -18.63 46.71
N ILE Q 166 60.04 -18.14 47.57
CA ILE Q 166 61.13 -18.94 48.12
C ILE Q 166 60.78 -19.29 49.56
N SER Q 167 60.77 -20.58 49.87
CA SER Q 167 60.19 -21.03 51.13
C SER Q 167 61.17 -20.88 52.28
N LYS Q 168 60.62 -20.81 53.48
CA LYS Q 168 61.38 -20.80 54.72
C LYS Q 168 61.63 -22.20 55.26
N LYS Q 169 61.21 -23.24 54.52
CA LYS Q 169 61.51 -24.61 54.92
C LYS Q 169 62.88 -25.01 54.39
N TRP Q 170 63.38 -26.16 54.85
CA TRP Q 170 64.62 -26.71 54.35
C TRP Q 170 64.29 -27.72 53.26
N GLY Q 171 64.63 -27.37 52.03
CA GLY Q 171 64.35 -28.23 50.91
C GLY Q 171 62.89 -28.58 50.77
N PHE Q 172 62.55 -29.86 51.00
CA PHE Q 172 61.20 -30.33 50.77
C PHE Q 172 60.50 -30.70 52.06
N THR Q 173 61.11 -30.46 53.21
CA THR Q 173 60.46 -30.87 54.43
C THR Q 173 59.46 -29.81 54.86
N LYS Q 174 58.84 -30.08 56.00
CA LYS Q 174 57.88 -29.17 56.59
C LYS Q 174 58.50 -28.32 57.70
N PHE Q 175 59.82 -28.39 57.88
CA PHE Q 175 60.48 -27.84 59.06
C PHE Q 175 61.17 -26.53 58.75
N ASN Q 176 60.81 -25.49 59.50
CA ASN Q 176 61.37 -24.16 59.31
C ASN Q 176 62.90 -24.21 59.29
N ALA Q 177 63.49 -23.58 58.26
CA ALA Q 177 64.90 -23.80 57.93
C ALA Q 177 65.88 -23.18 58.93
N ASP Q 178 65.45 -22.21 59.73
CA ASP Q 178 66.34 -21.68 60.75
C ASP Q 178 66.59 -22.67 61.88
N GLU Q 179 65.89 -23.80 61.89
CA GLU Q 179 65.85 -24.71 63.02
C GLU Q 179 66.41 -26.08 62.70
N PHE Q 180 66.72 -26.35 61.44
CA PHE Q 180 67.08 -27.70 61.02
C PHE Q 180 68.31 -28.20 61.77
N GLU Q 181 69.41 -27.46 61.69
CA GLU Q 181 70.67 -27.91 62.29
C GLU Q 181 70.49 -28.18 63.78
N ASN Q 182 69.68 -27.37 64.46
CA ASN Q 182 69.42 -27.59 65.88
C ASN Q 182 68.62 -28.86 66.11
N MET Q 183 67.64 -29.14 65.26
CA MET Q 183 66.84 -30.35 65.41
C MET Q 183 67.49 -31.57 64.75
N VAL Q 184 68.68 -31.43 64.18
CA VAL Q 184 69.41 -32.59 63.67
C VAL Q 184 70.39 -33.12 64.69
N ALA Q 185 71.26 -32.25 65.20
CA ALA Q 185 72.04 -32.60 66.37
C ALA Q 185 71.17 -32.40 67.61
N LYS Q 186 71.11 -33.43 68.46
CA LYS Q 186 70.12 -33.76 69.49
C LYS Q 186 68.95 -34.54 68.89
N LYS Q 187 68.94 -34.75 67.58
CA LYS Q 187 68.11 -35.76 66.95
C LYS Q 187 66.62 -35.61 67.28
N CYS Q 188 66.10 -34.40 67.11
CA CYS Q 188 64.66 -34.27 66.89
C CYS Q 188 64.31 -34.64 65.45
N LEU Q 189 65.31 -34.72 64.55
CA LEU Q 189 65.13 -35.08 63.16
C LEU Q 189 66.27 -35.96 62.69
N ILE Q 190 65.94 -36.95 61.86
CA ILE Q 190 66.89 -37.97 61.42
C ILE Q 190 66.86 -38.11 59.90
N PRO Q 191 68.00 -37.99 59.22
CA PRO Q 191 67.99 -38.03 57.76
C PRO Q 191 67.45 -39.35 57.21
N ASP Q 192 66.59 -39.22 56.19
CA ASP Q 192 65.82 -40.31 55.60
C ASP Q 192 65.85 -40.19 54.07
N GLY Q 193 67.04 -40.05 53.51
CA GLY Q 193 67.15 -39.80 52.09
C GLY Q 193 66.70 -38.40 51.72
N CYS Q 194 65.64 -38.28 50.93
CA CYS Q 194 65.14 -36.96 50.59
C CYS Q 194 64.55 -36.28 51.81
N GLY Q 195 63.53 -36.89 52.41
CA GLY Q 195 62.87 -36.30 53.54
C GLY Q 195 63.65 -36.47 54.82
N VAL Q 196 62.92 -36.53 55.93
CA VAL Q 196 63.53 -36.59 57.24
C VAL Q 196 62.44 -37.04 58.21
N LYS Q 197 62.84 -37.83 59.20
CA LYS Q 197 61.92 -38.46 60.14
C LYS Q 197 61.94 -37.71 61.46
N TYR Q 198 60.77 -37.15 61.85
CA TYR Q 198 60.63 -36.48 63.14
C TYR Q 198 60.37 -37.51 64.23
N VAL Q 199 61.33 -37.68 65.13
CA VAL Q 199 61.26 -38.69 66.17
C VAL Q 199 60.84 -38.02 67.48
N PRO Q 200 59.68 -38.34 68.04
CA PRO Q 200 59.20 -37.64 69.23
C PRO Q 200 59.57 -38.40 70.50
N ASN Q 201 59.24 -37.77 71.62
CA ASN Q 201 59.38 -38.36 72.95
C ASN Q 201 58.13 -39.15 73.32
N HIS Q 202 57.75 -40.05 72.42
CA HIS Q 202 56.52 -40.82 72.55
C HIS Q 202 56.79 -42.31 72.75
N GLY Q 203 57.56 -42.91 71.85
CA GLY Q 203 57.57 -44.35 71.70
C GLY Q 203 58.25 -45.11 72.82
N PRO Q 204 58.48 -46.40 72.58
CA PRO Q 204 59.20 -47.19 73.57
C PRO Q 204 60.60 -46.63 73.78
N LEU Q 205 61.16 -46.87 74.96
CA LEU Q 205 62.45 -46.29 75.27
C LEU Q 205 63.57 -46.92 74.46
N ASP Q 206 63.44 -48.21 74.12
CA ASP Q 206 64.46 -48.86 73.31
C ASP Q 206 64.56 -48.24 71.92
N LYS Q 207 63.45 -47.71 71.40
CA LYS Q 207 63.52 -46.98 70.13
C LYS Q 207 64.49 -45.82 70.23
N TRP Q 208 64.56 -45.19 71.40
CA TRP Q 208 65.61 -44.21 71.65
C TRP Q 208 66.97 -44.89 71.72
N ARG Q 209 67.09 -45.93 72.54
CA ARG Q 209 68.36 -46.60 72.82
C ARG Q 209 69.19 -46.80 71.56
N VAL Q 210 68.54 -46.90 70.40
CA VAL Q 210 69.27 -46.92 69.13
C VAL Q 210 70.01 -45.61 68.93
N LEU Q 211 69.29 -44.49 69.02
CA LEU Q 211 69.92 -43.18 68.92
C LEU Q 211 70.53 -42.80 70.25
N HIS Q 212 71.39 -41.77 70.21
CA HIS Q 212 72.13 -41.33 71.39
C HIS Q 212 72.80 -42.51 72.08
N SER Q 213 73.34 -43.41 71.28
CA SER Q 213 73.96 -44.63 71.78
C SER Q 213 75.45 -44.67 71.47
N GLU R 1 63.34 -77.38 87.79
CA GLU R 1 62.10 -78.01 88.23
C GLU R 1 60.87 -77.27 87.69
N ASN R 2 59.93 -78.02 87.11
CA ASN R 2 58.73 -77.46 86.50
C ASN R 2 57.53 -78.26 86.99
N PRO R 3 56.55 -77.62 87.66
CA PRO R 3 55.49 -78.36 88.33
C PRO R 3 54.69 -79.23 87.37
N MET R 4 54.03 -78.57 86.42
CA MET R 4 53.37 -79.21 85.30
C MET R 4 53.66 -78.35 84.08
N ARG R 5 54.78 -78.62 83.46
CA ARG R 5 55.11 -78.12 82.13
C ARG R 5 55.50 -79.31 81.27
N GLU R 6 54.84 -80.43 81.55
CA GLU R 6 55.18 -81.74 80.99
C GLU R 6 54.79 -81.76 79.52
N LEU R 7 55.78 -81.51 78.67
CA LEU R 7 55.53 -81.51 77.25
C LEU R 7 55.11 -82.92 76.82
N ARG R 8 53.82 -83.10 76.54
CA ARG R 8 53.27 -84.41 76.24
C ARG R 8 52.42 -84.33 74.97
N ILE R 9 52.14 -85.50 74.40
CA ILE R 9 51.46 -85.56 73.11
C ILE R 9 49.97 -85.29 73.32
N ARG R 10 49.46 -84.26 72.66
CA ARG R 10 48.03 -84.00 72.67
C ARG R 10 47.31 -84.89 71.65
N LYS R 11 47.85 -84.99 70.43
CA LYS R 11 47.25 -85.90 69.47
C LYS R 11 48.28 -86.31 68.44
N LEU R 12 47.94 -87.37 67.71
CA LEU R 12 48.74 -87.90 66.62
C LEU R 12 47.83 -88.08 65.43
N CYS R 13 48.14 -87.44 64.30
CA CYS R 13 47.23 -87.41 63.17
C CYS R 13 47.78 -88.21 62.00
N LEU R 14 46.89 -88.98 61.36
CA LEU R 14 47.23 -89.82 60.22
C LEU R 14 46.33 -89.43 59.05
N ASN R 15 46.92 -89.40 57.86
CA ASN R 15 46.21 -88.96 56.66
C ASN R 15 46.74 -89.73 55.48
N ILE R 16 45.83 -90.28 54.68
CA ILE R 16 46.18 -91.05 53.49
C ILE R 16 45.48 -90.41 52.31
N CYS R 17 46.18 -89.51 51.63
CA CYS R 17 45.59 -88.76 50.52
C CYS R 17 45.77 -89.57 49.23
N VAL R 18 44.65 -90.05 48.69
CA VAL R 18 44.64 -90.82 47.45
C VAL R 18 43.50 -90.28 46.60
N GLY R 19 43.81 -89.38 45.68
CA GLY R 19 42.77 -88.65 44.96
C GLY R 19 42.06 -89.51 43.95
N GLU R 20 41.41 -90.58 44.44
CA GLU R 20 40.88 -91.61 43.56
C GLU R 20 39.39 -91.90 43.79
N SER R 21 38.88 -91.68 45.01
CA SER R 21 37.43 -91.68 45.30
C SER R 21 36.77 -93.02 44.94
N GLY R 22 37.13 -94.04 45.69
CA GLY R 22 36.48 -95.32 45.49
C GLY R 22 37.36 -96.42 46.04
N ASP R 23 37.58 -97.47 45.26
CA ASP R 23 38.68 -98.36 45.60
C ASP R 23 39.99 -97.60 45.45
N ARG R 24 41.04 -98.14 46.09
CA ARG R 24 42.30 -97.45 46.34
C ARG R 24 42.11 -96.41 47.42
N LEU R 25 40.87 -96.19 47.85
CA LEU R 25 40.51 -95.36 49.00
C LEU R 25 39.68 -96.12 50.02
N THR R 26 38.73 -96.94 49.56
CA THR R 26 37.97 -97.80 50.48
C THR R 26 38.87 -98.84 51.12
N ARG R 27 39.92 -99.25 50.42
CA ARG R 27 40.90 -100.18 50.98
C ARG R 27 41.87 -99.46 51.91
N ALA R 28 42.25 -98.23 51.56
CA ALA R 28 43.11 -97.44 52.44
C ALA R 28 42.42 -97.07 53.75
N ALA R 29 41.08 -97.23 53.82
CA ALA R 29 40.37 -96.96 55.06
C ALA R 29 40.55 -98.07 56.08
N LYS R 30 40.88 -99.27 55.63
CA LYS R 30 41.18 -100.35 56.56
C LYS R 30 42.59 -100.27 57.11
N VAL R 31 43.49 -99.54 56.42
CA VAL R 31 44.86 -99.44 56.89
C VAL R 31 44.92 -98.70 58.22
N LEU R 32 44.36 -97.49 58.25
CA LEU R 32 44.27 -96.76 59.52
C LEU R 32 43.37 -97.48 60.51
N GLU R 33 42.36 -98.18 60.02
CA GLU R 33 41.48 -98.95 60.89
C GLU R 33 42.26 -100.04 61.62
N GLN R 34 43.02 -100.83 60.87
CA GLN R 34 43.81 -101.90 61.47
C GLN R 34 44.91 -101.35 62.36
N LEU R 35 45.60 -100.29 61.91
CA LEU R 35 46.75 -99.75 62.63
C LEU R 35 46.36 -99.09 63.94
N THR R 36 45.22 -98.38 63.95
CA THR R 36 44.77 -97.67 65.13
C THR R 36 43.74 -98.45 65.95
N GLY R 37 42.62 -98.80 65.34
CA GLY R 37 41.50 -99.35 66.08
C GLY R 37 40.34 -98.38 66.26
N GLN R 38 40.03 -97.61 65.21
CA GLN R 38 38.93 -96.66 65.22
C GLN R 38 38.58 -96.29 63.78
N THR R 39 37.28 -96.23 63.48
CA THR R 39 36.84 -96.03 62.10
C THR R 39 37.26 -94.65 61.60
N PRO R 40 37.99 -94.55 60.49
CA PRO R 40 38.48 -93.24 60.05
C PRO R 40 37.44 -92.47 59.25
N VAL R 41 37.54 -91.15 59.33
CA VAL R 41 36.63 -90.25 58.62
C VAL R 41 37.06 -90.15 57.17
N PHE R 42 36.10 -90.02 56.28
CA PHE R 42 36.37 -89.75 54.88
C PHE R 42 36.38 -88.24 54.65
N SER R 43 37.50 -87.71 54.19
CA SER R 43 37.58 -86.33 53.75
C SER R 43 37.06 -86.22 52.32
N LYS R 44 36.89 -84.99 51.84
CA LYS R 44 36.41 -84.74 50.48
C LYS R 44 37.16 -83.55 49.90
N ALA R 45 36.83 -83.20 48.65
CA ALA R 45 37.55 -82.16 47.94
C ALA R 45 37.00 -80.78 48.23
N ARG R 46 37.91 -79.83 48.44
CA ARG R 46 37.51 -78.44 48.63
C ARG R 46 36.88 -77.89 47.36
N TYR R 47 37.58 -78.02 46.24
CA TYR R 47 36.97 -77.71 44.96
C TYR R 47 37.70 -78.45 43.85
N THR R 48 37.16 -78.35 42.65
CA THR R 48 37.59 -79.18 41.54
C THR R 48 38.91 -78.69 40.97
N VAL R 49 39.80 -79.64 40.67
CA VAL R 49 41.01 -79.38 39.92
C VAL R 49 41.07 -80.33 38.74
N ARG R 50 41.47 -79.79 37.58
CA ARG R 50 41.42 -80.55 36.33
C ARG R 50 42.60 -81.51 36.23
N SER R 51 43.82 -80.96 36.32
CA SER R 51 45.04 -81.72 36.05
C SER R 51 45.25 -82.88 37.02
N PHE R 52 44.40 -82.99 38.06
CA PHE R 52 44.58 -83.95 39.13
C PHE R 52 43.52 -85.04 39.16
N GLY R 53 42.42 -84.87 38.44
CA GLY R 53 41.36 -85.87 38.43
C GLY R 53 40.52 -85.87 39.69
N ILE R 54 40.18 -84.69 40.20
CA ILE R 54 39.39 -84.59 41.41
C ILE R 54 38.26 -83.58 41.19
N ARG R 55 37.12 -83.83 41.82
CA ARG R 55 35.90 -83.06 41.64
C ARG R 55 35.42 -82.53 42.99
N ARG R 56 34.64 -81.46 42.94
CA ARG R 56 34.16 -80.84 44.18
C ARG R 56 33.23 -81.79 44.93
N ASN R 57 33.40 -81.82 46.25
CA ASN R 57 32.66 -82.70 47.16
C ASN R 57 32.86 -84.17 46.85
N GLU R 58 33.85 -84.50 46.03
CA GLU R 58 34.26 -85.87 45.79
C GLU R 58 35.24 -86.28 46.88
N LYS R 59 35.18 -87.53 47.33
CA LYS R 59 36.06 -87.97 48.40
C LYS R 59 37.48 -88.17 47.89
N ILE R 60 38.45 -87.74 48.69
CA ILE R 60 39.83 -87.84 48.26
C ILE R 60 40.63 -88.66 49.26
N ALA R 61 40.70 -88.19 50.49
CA ALA R 61 41.57 -88.81 51.48
C ALA R 61 40.73 -89.47 52.55
N VAL R 62 41.43 -90.11 53.49
CA VAL R 62 40.84 -90.66 54.70
C VAL R 62 41.82 -90.45 55.84
N HIS R 63 41.34 -89.88 56.94
CA HIS R 63 42.23 -89.46 58.01
C HIS R 63 41.72 -89.93 59.37
N CYS R 64 42.58 -89.73 60.37
CA CYS R 64 42.37 -90.25 61.70
C CYS R 64 43.13 -89.41 62.71
N THR R 65 42.56 -89.33 63.92
CA THR R 65 43.19 -88.65 65.05
C THR R 65 43.22 -89.60 66.23
N VAL R 66 44.41 -89.99 66.65
CA VAL R 66 44.62 -90.89 67.77
C VAL R 66 45.33 -90.14 68.88
N ARG R 67 44.74 -90.15 70.07
CA ARG R 67 45.31 -89.48 71.21
C ARG R 67 45.40 -90.48 72.37
N GLY R 68 45.92 -90.01 73.50
CA GLY R 68 46.05 -90.89 74.65
C GLY R 68 47.22 -91.86 74.51
N ALA R 69 47.08 -93.01 75.19
CA ALA R 69 48.17 -93.98 75.25
C ALA R 69 48.48 -94.56 73.88
N LYS R 70 47.45 -94.92 73.11
CA LYS R 70 47.68 -95.48 71.79
C LYS R 70 48.35 -94.49 70.84
N ALA R 71 48.42 -93.21 71.20
CA ALA R 71 49.13 -92.24 70.38
C ALA R 71 50.64 -92.31 70.60
N GLU R 72 51.07 -92.65 71.82
CA GLU R 72 52.48 -92.93 72.03
C GLU R 72 52.89 -94.24 71.39
N GLU R 73 51.97 -95.19 71.29
CA GLU R 73 52.26 -96.49 70.73
C GLU R 73 52.25 -96.53 69.21
N ILE R 74 51.99 -95.41 68.54
CA ILE R 74 52.05 -95.42 67.09
C ILE R 74 53.05 -94.36 66.65
N LEU R 75 53.26 -93.34 67.46
CA LEU R 75 54.44 -92.49 67.29
C LEU R 75 55.70 -93.31 67.50
N GLU R 76 55.77 -94.04 68.61
CA GLU R 76 56.65 -95.20 68.69
C GLU R 76 56.05 -96.32 67.86
N LYS R 77 56.89 -96.99 67.06
CA LYS R 77 56.55 -97.89 65.95
C LYS R 77 56.20 -97.02 64.72
N GLY R 78 56.37 -95.71 64.85
CA GLY R 78 56.31 -94.74 63.77
C GLY R 78 57.72 -94.47 63.31
N LEU R 79 58.36 -93.43 63.88
CA LEU R 79 59.81 -93.40 63.86
C LEU R 79 60.32 -94.73 64.41
N LYS R 80 61.56 -95.07 64.10
CA LYS R 80 62.16 -96.41 64.00
C LYS R 80 61.91 -97.00 62.61
N VAL R 81 61.09 -96.36 61.79
CA VAL R 81 61.18 -96.55 60.35
C VAL R 81 62.07 -95.48 59.73
N ARG R 82 61.91 -94.25 60.18
CA ARG R 82 62.91 -93.20 60.01
C ARG R 82 64.04 -93.33 61.02
N GLU R 83 64.07 -94.46 61.74
CA GLU R 83 65.10 -94.81 62.73
C GLU R 83 65.51 -93.64 63.61
N TYR R 84 64.52 -93.00 64.21
CA TYR R 84 64.75 -92.00 65.26
C TYR R 84 65.64 -90.85 64.77
N GLU R 85 65.27 -90.28 63.63
CA GLU R 85 66.01 -89.15 63.09
C GLU R 85 65.10 -88.34 62.19
N LEU R 86 65.19 -87.01 62.32
CA LEU R 86 64.33 -86.11 61.58
C LEU R 86 65.18 -84.97 61.01
N ARG R 87 64.53 -83.95 60.50
CA ARG R 87 65.21 -82.83 59.87
C ARG R 87 64.82 -81.55 60.58
N LYS R 88 65.71 -80.55 60.47
CA LYS R 88 65.54 -79.31 61.22
C LYS R 88 64.19 -78.66 60.94
N ASN R 89 63.77 -78.64 59.67
CA ASN R 89 62.55 -77.95 59.28
C ASN R 89 61.31 -78.83 59.38
N ASN R 90 61.34 -79.87 60.22
CA ASN R 90 60.11 -80.58 60.52
C ASN R 90 59.44 -80.06 61.76
N PHE R 91 60.20 -79.51 62.69
CA PHE R 91 59.65 -78.91 63.89
C PHE R 91 59.22 -77.47 63.59
N SER R 92 57.92 -77.26 63.51
CA SER R 92 57.37 -76.00 63.02
C SER R 92 57.48 -74.89 64.08
N ASP R 93 57.14 -73.67 63.66
CA ASP R 93 57.23 -72.50 64.53
C ASP R 93 56.29 -72.61 65.72
N THR R 94 55.34 -73.53 65.69
CA THR R 94 54.30 -73.60 66.70
C THR R 94 54.48 -74.77 67.64
N GLY R 95 55.61 -75.46 67.59
CA GLY R 95 55.86 -76.53 68.52
C GLY R 95 55.23 -77.86 68.15
N ASN R 96 54.86 -78.05 66.88
CA ASN R 96 54.47 -79.35 66.39
C ASN R 96 55.56 -79.89 65.49
N PHE R 97 55.38 -81.13 65.09
CA PHE R 97 56.31 -81.73 64.15
C PHE R 97 55.62 -82.85 63.40
N GLY R 98 56.20 -83.19 62.26
CA GLY R 98 55.60 -84.21 61.41
C GLY R 98 56.64 -84.87 60.53
N PHE R 99 56.42 -86.15 60.28
CA PHE R 99 57.27 -86.93 59.38
C PHE R 99 56.39 -87.85 58.56
N GLY R 100 56.63 -87.90 57.26
CA GLY R 100 55.95 -88.85 56.42
C GLY R 100 56.71 -90.17 56.37
N ILE R 101 55.96 -91.25 56.20
CA ILE R 101 56.56 -92.52 55.84
C ILE R 101 56.13 -92.87 54.43
N GLN R 102 56.86 -93.80 53.82
CA GLN R 102 56.69 -94.11 52.41
C GLN R 102 55.92 -95.40 52.15
N GLU R 103 55.86 -96.30 53.13
CA GLU R 103 55.18 -97.58 52.94
C GLU R 103 54.60 -98.03 54.28
N HIS R 104 53.33 -98.42 54.28
CA HIS R 104 52.61 -98.71 55.52
C HIS R 104 52.84 -100.12 56.04
N ILE R 105 53.57 -100.96 55.31
CA ILE R 105 53.78 -102.33 55.77
C ILE R 105 54.92 -102.39 56.79
N ASP R 106 55.86 -101.45 56.72
CA ASP R 106 56.99 -101.43 57.65
C ASP R 106 56.56 -101.05 59.07
N LEU R 107 55.29 -100.74 59.28
CA LEU R 107 54.76 -100.49 60.62
C LEU R 107 54.14 -101.74 61.24
N GLY R 108 54.64 -102.93 60.88
CA GLY R 108 54.06 -104.16 61.36
C GLY R 108 52.65 -104.39 60.84
N ILE R 109 52.51 -104.41 59.52
CA ILE R 109 51.22 -104.51 58.85
C ILE R 109 51.33 -105.54 57.73
N LYS R 110 50.33 -106.42 57.65
CA LYS R 110 50.34 -107.52 56.69
C LYS R 110 49.92 -107.04 55.30
N TYR R 111 50.74 -107.37 54.30
CA TYR R 111 50.55 -106.90 52.94
C TYR R 111 49.74 -107.92 52.15
N ASP R 112 48.80 -107.42 51.38
CA ASP R 112 47.94 -108.15 50.46
C ASP R 112 48.24 -107.71 49.03
N PRO R 113 48.19 -108.60 48.04
CA PRO R 113 48.36 -108.14 46.64
C PRO R 113 47.27 -107.18 46.16
N SER R 114 46.10 -107.14 46.82
CA SER R 114 45.03 -106.19 46.54
C SER R 114 45.22 -104.88 47.32
N ILE R 115 45.29 -104.98 48.65
CA ILE R 115 45.56 -103.86 49.56
C ILE R 115 47.03 -103.47 49.41
N GLY R 116 47.29 -102.42 48.66
CA GLY R 116 48.62 -102.15 48.17
C GLY R 116 49.55 -101.57 49.20
N ILE R 117 50.33 -100.58 48.79
CA ILE R 117 51.32 -99.93 49.65
C ILE R 117 51.04 -98.43 49.57
N TYR R 118 50.23 -97.93 50.51
CA TYR R 118 50.01 -96.49 50.63
C TYR R 118 50.68 -96.01 51.90
N GLY R 119 51.74 -95.23 51.76
CA GLY R 119 52.30 -94.53 52.90
C GLY R 119 51.32 -93.51 53.43
N LEU R 120 51.67 -92.93 54.57
CA LEU R 120 50.76 -91.99 55.22
C LEU R 120 51.54 -90.81 55.77
N ASP R 121 50.80 -89.89 56.38
CA ASP R 121 51.32 -88.64 56.89
C ASP R 121 51.14 -88.65 58.41
N PHE R 122 52.24 -88.82 59.14
CA PHE R 122 52.21 -88.68 60.58
C PHE R 122 52.41 -87.22 60.94
N TYR R 123 51.51 -86.69 61.74
CA TYR R 123 51.73 -85.39 62.33
C TYR R 123 51.43 -85.48 63.81
N VAL R 124 52.17 -84.73 64.60
CA VAL R 124 52.09 -84.84 66.05
C VAL R 124 51.93 -83.45 66.65
N VAL R 125 50.80 -83.23 67.33
CA VAL R 125 50.53 -81.97 68.00
C VAL R 125 50.99 -82.11 69.45
N LEU R 126 52.15 -81.56 69.73
CA LEU R 126 52.61 -81.52 71.11
C LEU R 126 51.74 -80.58 71.93
N GLY R 127 51.56 -80.92 73.20
CA GLY R 127 50.75 -80.10 74.08
C GLY R 127 51.44 -79.83 75.40
N ARG R 128 50.63 -79.51 76.39
CA ARG R 128 51.02 -79.18 77.76
C ARG R 128 49.75 -79.04 78.57
N PRO R 129 49.75 -79.39 79.85
CA PRO R 129 48.53 -79.24 80.64
C PRO R 129 48.03 -77.79 80.64
N GLY R 130 46.76 -77.61 80.32
CA GLY R 130 46.19 -76.29 80.17
C GLY R 130 46.12 -75.77 78.76
N PHE R 131 46.13 -76.65 77.76
CA PHE R 131 46.02 -76.23 76.38
C PHE R 131 44.60 -76.29 75.85
N SER R 132 43.72 -77.05 76.51
CA SER R 132 42.34 -77.11 76.08
C SER R 132 41.58 -75.83 76.37
N ILE R 133 42.22 -74.84 77.00
CA ILE R 133 41.57 -73.55 77.23
C ILE R 133 41.05 -72.97 75.93
N ALA R 134 41.78 -73.18 74.84
CA ALA R 134 41.37 -72.64 73.56
C ALA R 134 40.12 -73.33 73.03
N ASP R 135 39.98 -74.61 73.30
CA ASP R 135 38.99 -75.42 72.61
C ASP R 135 37.65 -75.51 73.34
N LYS R 136 37.61 -75.16 74.62
CA LYS R 136 36.40 -75.36 75.42
C LYS R 136 35.30 -74.39 74.97
N LYS R 137 34.14 -74.49 75.63
CA LYS R 137 32.99 -73.68 75.27
C LYS R 137 32.86 -72.46 76.17
N ARG R 138 32.72 -72.68 77.47
CA ARG R 138 32.61 -71.56 78.40
C ARG R 138 33.99 -71.00 78.71
N ARG R 139 34.08 -69.67 78.72
CA ARG R 139 35.26 -68.95 79.18
C ARG R 139 36.52 -69.44 78.48
N THR R 140 36.54 -69.32 77.16
CA THR R 140 37.74 -69.68 76.40
C THR R 140 38.88 -68.72 76.76
N GLY R 141 40.06 -68.97 76.20
CA GLY R 141 41.18 -68.07 76.44
C GLY R 141 42.35 -68.43 75.57
N CYS R 142 43.30 -67.49 75.49
CA CYS R 142 44.54 -67.71 74.78
C CYS R 142 45.61 -68.24 75.72
N ILE R 143 46.50 -69.06 75.19
CA ILE R 143 47.45 -69.81 76.03
C ILE R 143 48.66 -68.90 76.22
N GLY R 144 48.55 -67.98 77.19
CA GLY R 144 49.64 -67.18 77.74
C GLY R 144 50.64 -66.61 76.74
N ALA R 145 51.88 -66.38 77.17
CA ALA R 145 52.96 -66.05 76.25
C ALA R 145 54.06 -67.11 76.24
N LYS R 146 54.66 -67.38 77.40
CA LYS R 146 55.23 -68.70 77.63
C LYS R 146 54.07 -69.66 77.78
N HIS R 147 54.36 -70.90 78.17
CA HIS R 147 53.40 -71.99 78.11
C HIS R 147 53.06 -72.33 76.67
N ARG R 148 53.56 -71.55 75.71
CA ARG R 148 53.48 -71.91 74.30
C ARG R 148 54.75 -72.67 73.94
N ILE R 149 54.58 -73.72 73.13
CA ILE R 149 55.69 -74.60 72.80
C ILE R 149 56.45 -74.03 71.61
N SER R 150 57.69 -73.61 71.83
CA SER R 150 58.49 -73.02 70.77
C SER R 150 59.09 -74.09 69.88
N LYS R 151 59.66 -73.65 68.75
CA LYS R 151 60.33 -74.59 67.85
C LYS R 151 61.50 -75.26 68.54
N GLU R 152 62.22 -74.52 69.39
CA GLU R 152 63.39 -75.06 70.07
C GLU R 152 63.02 -75.90 71.28
N GLU R 153 61.88 -75.62 71.92
CA GLU R 153 61.44 -76.46 73.04
C GLU R 153 60.97 -77.82 72.53
N ALA R 154 60.29 -77.84 71.40
CA ALA R 154 59.85 -79.09 70.78
C ALA R 154 61.01 -79.83 70.14
N MET R 155 62.11 -79.14 69.84
CA MET R 155 63.29 -79.83 69.33
C MET R 155 63.84 -80.79 70.37
N ARG R 156 64.22 -80.27 71.53
CA ARG R 156 64.83 -81.11 72.55
C ARG R 156 63.82 -81.94 73.34
N TRP R 157 62.53 -81.79 73.09
CA TRP R 157 61.59 -82.82 73.50
C TRP R 157 61.92 -84.13 72.84
N PHE R 158 61.99 -84.11 71.51
CA PHE R 158 62.21 -85.31 70.72
C PHE R 158 63.63 -85.84 70.87
N GLN R 159 64.58 -84.96 71.22
CA GLN R 159 65.94 -85.38 71.50
C GLN R 159 66.10 -86.01 72.88
N GLN R 160 65.02 -86.07 73.66
CA GLN R 160 65.12 -86.48 75.07
C GLN R 160 64.07 -87.51 75.45
N LYS R 161 63.24 -87.97 74.53
CA LYS R 161 62.31 -89.05 74.78
C LYS R 161 62.48 -90.19 73.80
N HIS R 162 62.80 -89.86 72.55
CA HIS R 162 63.13 -90.86 71.54
C HIS R 162 64.56 -90.66 71.01
N ASP R 163 65.30 -89.71 71.60
CA ASP R 163 66.75 -89.55 71.41
C ASP R 163 67.13 -89.40 69.93
N GLY R 164 66.41 -88.52 69.25
CA GLY R 164 66.67 -88.28 67.84
C GLY R 164 68.01 -87.60 67.61
N ILE R 165 68.40 -87.56 66.35
CA ILE R 165 69.72 -87.04 66.00
C ILE R 165 69.57 -85.81 65.13
N ILE R 166 68.51 -85.03 65.38
CA ILE R 166 67.93 -84.15 64.38
C ILE R 166 69.01 -83.48 63.54
N LEU R 167 68.96 -83.70 62.23
CA LEU R 167 70.14 -83.44 61.41
C LEU R 167 69.98 -82.13 60.66
N PRO R 168 71.04 -81.33 60.59
CA PRO R 168 70.95 -80.04 59.95
C PRO R 168 71.08 -80.14 58.44
N GLY R 169 70.71 -79.05 57.78
CA GLY R 169 70.82 -78.92 56.35
C GLY R 169 69.46 -79.16 55.73
N ASN R 170 68.77 -78.06 55.39
CA ASN R 170 67.35 -78.07 55.00
C ASN R 170 66.56 -79.22 55.61
N ALA S 1 -18.68 -33.41 31.39
CA ALA S 1 -17.55 -33.29 32.29
C ALA S 1 -18.07 -33.07 33.70
N PRO S 2 -18.08 -34.13 34.50
CA PRO S 2 -18.60 -34.01 35.86
C PRO S 2 -17.70 -33.10 36.70
N SER S 3 -18.31 -32.52 37.74
CA SER S 3 -17.56 -31.72 38.70
C SER S 3 -18.10 -31.98 40.11
N ARG S 4 -17.32 -32.70 40.93
CA ARG S 4 -17.35 -32.59 42.38
C ARG S 4 -18.75 -32.91 42.94
N ASN S 5 -19.09 -34.19 42.89
CA ASN S 5 -20.15 -34.71 43.74
C ASN S 5 -21.55 -34.29 43.33
N GLY S 6 -21.95 -34.65 42.11
CA GLY S 6 -23.32 -34.53 41.68
C GLY S 6 -24.02 -35.88 41.66
N MET S 7 -24.98 -36.03 40.77
CA MET S 7 -25.54 -37.34 40.50
C MET S 7 -24.98 -37.86 39.18
N ILE S 8 -25.54 -38.95 38.67
CA ILE S 8 -25.02 -39.54 37.45
C ILE S 8 -25.85 -39.13 36.23
N LEU S 9 -27.16 -38.96 36.41
CA LEU S 9 -27.93 -38.16 35.45
C LEU S 9 -27.90 -38.77 34.04
N LYS S 10 -28.58 -39.89 33.88
CA LYS S 10 -28.83 -40.27 32.50
C LYS S 10 -30.14 -39.62 32.03
N PRO S 11 -30.08 -38.47 31.33
CA PRO S 11 -31.33 -37.84 30.86
C PRO S 11 -31.64 -38.23 29.43
N HIS S 12 -32.91 -38.48 29.10
CA HIS S 12 -33.25 -39.05 27.80
C HIS S 12 -33.61 -37.95 26.82
N PHE S 13 -32.59 -37.35 26.26
CA PHE S 13 -32.80 -36.36 25.21
C PHE S 13 -31.87 -36.62 24.05
N HIS S 14 -31.33 -37.81 23.97
CA HIS S 14 -30.42 -38.06 22.88
C HIS S 14 -31.14 -38.29 21.58
N LYS S 15 -32.43 -38.62 21.62
CA LYS S 15 -33.00 -39.22 20.42
C LYS S 15 -33.38 -38.18 19.38
N ASP S 16 -34.54 -37.57 19.54
CA ASP S 16 -34.89 -36.29 18.92
C ASP S 16 -36.16 -35.80 19.57
N TRP S 17 -36.09 -34.94 20.56
CA TRP S 17 -37.33 -34.69 21.24
C TRP S 17 -38.04 -33.47 20.69
N GLN S 18 -37.28 -32.51 20.19
CA GLN S 18 -37.85 -31.23 19.81
C GLN S 18 -38.99 -31.42 18.82
N ARG S 19 -38.88 -32.42 17.95
CA ARG S 19 -39.90 -32.61 16.93
C ARG S 19 -41.22 -33.05 17.54
N ARG S 20 -41.20 -34.12 18.33
CA ARG S 20 -42.40 -34.69 18.92
C ARG S 20 -42.57 -34.20 20.36
N VAL S 21 -42.74 -32.90 20.51
CA VAL S 21 -43.12 -32.31 21.78
C VAL S 21 -44.60 -31.98 21.70
N ALA S 22 -45.35 -32.41 22.70
CA ALA S 22 -46.78 -32.20 22.71
C ALA S 22 -47.09 -31.19 23.80
N THR S 23 -47.39 -29.97 23.38
CA THR S 23 -47.77 -28.94 24.34
C THR S 23 -49.25 -29.02 24.65
N TRP S 24 -49.60 -28.52 25.82
CA TRP S 24 -50.93 -28.73 26.35
C TRP S 24 -51.70 -27.43 26.45
N PHE S 25 -51.67 -26.62 25.39
CA PHE S 25 -52.52 -25.45 25.46
C PHE S 25 -53.96 -25.74 25.09
N ASN S 26 -54.25 -26.97 24.65
CA ASN S 26 -55.64 -27.40 24.51
C ASN S 26 -56.31 -27.58 25.86
N GLN S 27 -55.50 -27.93 26.88
CA GLN S 27 -55.92 -28.39 28.21
C GLN S 27 -57.17 -27.69 28.74
N PRO S 28 -57.23 -26.35 28.78
CA PRO S 28 -58.43 -25.70 29.32
C PRO S 28 -59.57 -25.67 28.34
N ALA S 29 -59.28 -25.74 27.03
CA ALA S 29 -60.36 -25.80 26.06
C ALA S 29 -60.91 -27.22 25.93
N ARG S 30 -60.09 -28.24 26.24
CA ARG S 30 -60.60 -29.60 26.25
C ARG S 30 -61.51 -29.83 27.45
N LYS S 31 -61.17 -29.22 28.59
CA LYS S 31 -62.07 -29.23 29.74
C LYS S 31 -63.47 -28.80 29.35
N ILE S 32 -63.61 -28.00 28.30
CA ILE S 32 -64.88 -27.44 27.90
C ILE S 32 -65.55 -28.26 26.81
N ARG S 33 -64.76 -28.77 25.86
CA ARG S 33 -65.33 -29.70 24.89
C ARG S 33 -65.97 -30.90 25.58
N ARG S 34 -65.31 -31.44 26.59
CA ARG S 34 -65.90 -32.57 27.30
C ARG S 34 -67.12 -32.13 28.10
N ARG S 35 -67.06 -30.94 28.74
CA ARG S 35 -68.16 -30.48 29.59
C ARG S 35 -69.46 -30.36 28.80
N LYS S 36 -69.39 -29.85 27.58
CA LYS S 36 -70.61 -29.78 26.79
C LYS S 36 -71.13 -31.17 26.47
N ALA S 37 -70.25 -32.09 26.07
CA ALA S 37 -70.70 -33.45 25.78
C ALA S 37 -71.36 -34.08 27.00
N ARG S 38 -70.66 -34.04 28.14
CA ARG S 38 -71.20 -34.49 29.41
C ARG S 38 -72.60 -33.92 29.66
N GLN S 39 -72.80 -32.64 29.34
CA GLN S 39 -74.12 -32.04 29.49
C GLN S 39 -75.05 -32.42 28.35
N ALA S 40 -74.57 -32.33 27.11
CA ALA S 40 -75.44 -32.61 25.98
C ALA S 40 -75.93 -34.05 25.99
N LYS S 41 -75.15 -34.97 26.58
CA LYS S 41 -75.61 -36.34 26.67
C LYS S 41 -76.68 -36.50 27.76
N ALA S 42 -76.52 -35.77 28.88
CA ALA S 42 -77.52 -35.84 29.95
C ALA S 42 -78.85 -35.27 29.50
N ARG S 43 -78.83 -34.19 28.71
CA ARG S 43 -80.08 -33.62 28.21
C ARG S 43 -80.68 -34.46 27.10
N ARG S 44 -79.90 -35.36 26.50
CA ARG S 44 -80.40 -36.16 25.38
C ARG S 44 -81.18 -37.39 25.83
N ILE S 45 -80.87 -37.90 27.02
CA ILE S 45 -81.45 -39.11 27.56
C ILE S 45 -82.25 -38.79 28.81
N ALA S 46 -82.84 -37.57 28.84
CA ALA S 46 -83.29 -36.80 30.00
C ALA S 46 -83.54 -37.63 31.26
N PRO S 47 -84.62 -38.43 31.39
CA PRO S 47 -84.74 -39.17 32.65
C PRO S 47 -83.89 -40.43 32.57
N ARG S 48 -82.74 -40.43 33.25
CA ARG S 48 -81.76 -41.50 33.16
C ARG S 48 -80.61 -41.08 34.05
N PRO S 49 -79.99 -41.99 34.73
CA PRO S 49 -78.78 -41.64 35.48
C PRO S 49 -77.70 -41.07 34.57
N ALA S 50 -77.39 -39.79 34.77
CA ALA S 50 -76.39 -39.11 33.93
C ALA S 50 -75.05 -39.82 33.99
N SER S 51 -74.71 -40.40 35.14
CA SER S 51 -73.42 -41.07 35.29
C SER S 51 -73.32 -42.28 34.38
N GLY S 52 -74.44 -42.92 34.08
CA GLY S 52 -74.44 -44.11 33.27
C GLY S 52 -75.05 -45.27 34.02
N PRO S 53 -75.06 -46.44 33.41
CA PRO S 53 -75.71 -47.60 34.03
C PRO S 53 -75.07 -47.96 35.36
N LEU S 54 -75.71 -48.90 36.04
CA LEU S 54 -75.23 -49.32 37.35
C LEU S 54 -74.12 -50.35 37.21
N ARG S 55 -73.02 -50.14 37.93
CA ARG S 55 -71.88 -51.05 37.91
C ARG S 55 -71.83 -51.84 39.24
N PRO S 56 -71.15 -52.98 39.26
CA PRO S 56 -71.18 -53.85 40.45
C PRO S 56 -70.06 -53.57 41.43
N VAL S 57 -70.22 -54.12 42.64
CA VAL S 57 -69.20 -54.06 43.68
C VAL S 57 -68.14 -55.12 43.37
N VAL S 58 -66.87 -54.79 43.60
CA VAL S 58 -65.78 -55.61 43.08
C VAL S 58 -64.52 -55.32 43.89
N ARG S 59 -63.67 -56.34 44.08
CA ARG S 59 -62.44 -56.19 44.85
C ARG S 59 -61.22 -56.13 43.95
N CYS S 60 -60.24 -55.35 44.37
CA CYS S 60 -59.05 -55.12 43.56
C CYS S 60 -58.07 -56.28 43.68
N PRO S 61 -57.41 -56.66 42.59
CA PRO S 61 -56.63 -57.88 42.57
C PRO S 61 -55.45 -57.98 43.53
N THR S 62 -54.43 -57.15 43.36
CA THR S 62 -53.18 -57.57 43.98
C THR S 62 -53.19 -57.28 45.46
N VAL S 63 -52.33 -58.00 46.17
CA VAL S 63 -52.34 -58.00 47.63
C VAL S 63 -52.16 -56.61 48.23
N ARG S 64 -51.59 -55.66 47.48
CA ARG S 64 -51.45 -54.29 48.00
C ARG S 64 -52.76 -53.51 47.98
N TYR S 65 -53.66 -53.86 47.06
CA TYR S 65 -54.97 -53.25 46.96
C TYR S 65 -56.07 -54.21 47.36
N HIS S 66 -55.71 -55.25 48.12
CA HIS S 66 -56.61 -56.17 48.76
C HIS S 66 -57.90 -55.53 49.24
N THR S 67 -57.78 -54.59 50.16
CA THR S 67 -58.86 -54.18 51.04
C THR S 67 -59.76 -53.12 50.45
N LYS S 68 -59.43 -52.59 49.28
CA LYS S 68 -60.31 -51.62 48.65
C LYS S 68 -61.44 -52.34 47.91
N VAL S 69 -62.40 -51.55 47.46
CA VAL S 69 -63.52 -52.03 46.66
C VAL S 69 -63.78 -51.00 45.56
N ARG S 70 -64.06 -51.48 44.35
CA ARG S 70 -64.21 -50.64 43.18
C ARG S 70 -65.61 -50.72 42.63
N ALA S 71 -65.85 -49.91 41.61
CA ALA S 71 -66.96 -50.12 40.70
C ALA S 71 -66.45 -50.97 39.53
N GLY S 72 -67.00 -52.17 39.39
CA GLY S 72 -66.57 -53.11 38.38
C GLY S 72 -67.06 -52.76 36.99
N ARG S 73 -66.76 -53.65 36.05
CA ARG S 73 -67.11 -53.42 34.65
C ARG S 73 -68.60 -53.68 34.41
N GLY S 74 -69.09 -54.80 34.90
CA GLY S 74 -70.50 -55.12 34.77
C GLY S 74 -70.85 -56.27 35.70
N PHE S 75 -72.14 -56.33 36.04
CA PHE S 75 -72.62 -57.42 36.86
C PHE S 75 -72.48 -58.74 36.13
N SER S 76 -72.07 -59.77 36.87
CA SER S 76 -71.77 -61.03 36.22
C SER S 76 -73.04 -61.77 35.87
N LEU S 77 -72.88 -62.85 35.09
CA LEU S 77 -74.03 -63.65 34.70
C LEU S 77 -74.53 -64.48 35.87
N GLU S 78 -73.62 -65.17 36.57
CA GLU S 78 -74.01 -65.99 37.71
C GLU S 78 -74.78 -65.17 38.73
N GLU S 79 -74.40 -63.91 38.91
CA GLU S 79 -75.15 -62.99 39.77
C GLU S 79 -76.59 -62.86 39.31
N LEU S 80 -76.80 -62.84 38.00
CA LEU S 80 -78.09 -62.38 37.47
C LEU S 80 -79.17 -63.43 37.61
N ARG S 81 -78.87 -64.71 37.33
CA ARG S 81 -79.93 -65.69 37.58
C ARG S 81 -79.99 -66.08 39.05
N VAL S 82 -79.89 -65.09 39.92
CA VAL S 82 -80.16 -65.24 41.33
C VAL S 82 -81.17 -64.16 41.68
N ALA S 83 -80.91 -62.96 41.15
CA ALA S 83 -81.86 -61.86 41.23
C ALA S 83 -82.99 -61.98 40.22
N GLY S 84 -82.86 -62.84 39.21
CA GLY S 84 -83.94 -63.08 38.28
C GLY S 84 -84.12 -61.97 37.27
N ILE S 85 -83.03 -61.56 36.62
CA ILE S 85 -83.03 -60.55 35.58
C ILE S 85 -82.40 -61.17 34.34
N HIS S 86 -83.15 -61.25 33.26
CA HIS S 86 -82.64 -61.85 32.04
C HIS S 86 -81.44 -61.08 31.51
N LYS S 87 -80.44 -61.79 30.97
CA LYS S 87 -79.17 -61.13 30.65
C LYS S 87 -79.30 -60.10 29.54
N LYS S 88 -80.20 -60.34 28.57
CA LYS S 88 -80.39 -59.37 27.50
C LYS S 88 -81.27 -58.21 27.92
N VAL S 89 -82.11 -58.40 28.94
CA VAL S 89 -82.99 -57.34 29.37
C VAL S 89 -82.23 -56.31 30.20
N ALA S 90 -81.30 -56.77 31.03
CA ALA S 90 -80.60 -55.89 31.94
C ALA S 90 -79.81 -54.82 31.19
N ARG S 91 -79.29 -55.17 30.01
CA ARG S 91 -78.63 -54.19 29.17
C ARG S 91 -79.56 -53.03 28.83
N THR S 92 -80.87 -53.21 28.95
CA THR S 92 -81.87 -52.20 28.59
C THR S 92 -82.47 -51.49 29.78
N ILE S 93 -82.04 -51.82 31.00
CA ILE S 93 -82.55 -51.17 32.20
C ILE S 93 -81.37 -50.61 33.00
N GLY S 94 -80.33 -50.19 32.30
CA GLY S 94 -79.21 -49.53 32.96
C GLY S 94 -78.38 -50.41 33.87
N ILE S 95 -78.24 -51.68 33.54
CA ILE S 95 -77.45 -52.62 34.33
C ILE S 95 -76.31 -53.12 33.46
N SER S 96 -75.08 -52.69 33.78
CA SER S 96 -73.92 -53.17 33.06
C SER S 96 -73.81 -54.68 33.18
N VAL S 97 -73.67 -55.37 32.06
CA VAL S 97 -73.59 -56.83 32.07
C VAL S 97 -72.21 -57.27 31.60
N ASP S 98 -71.50 -58.00 32.44
CA ASP S 98 -70.17 -58.47 32.10
C ASP S 98 -70.19 -59.98 31.96
N PRO S 99 -70.19 -60.49 30.77
CA PRO S 99 -70.26 -61.95 30.63
C PRO S 99 -68.88 -62.59 30.73
N ARG S 100 -68.11 -62.23 31.71
CA ARG S 100 -66.71 -62.64 31.70
C ARG S 100 -66.16 -62.77 33.12
N ARG S 101 -67.02 -62.75 34.14
CA ARG S 101 -66.58 -62.73 35.53
C ARG S 101 -66.85 -64.08 36.17
N ARG S 102 -65.76 -64.78 36.47
CA ARG S 102 -65.76 -66.01 37.25
C ARG S 102 -66.00 -65.65 38.72
N ASN S 103 -67.14 -66.08 39.27
CA ASN S 103 -67.46 -65.91 40.68
C ASN S 103 -66.87 -67.07 41.48
N LYS S 104 -66.03 -66.74 42.45
CA LYS S 104 -65.40 -67.78 43.24
C LYS S 104 -65.96 -67.91 44.65
N CYS S 105 -66.73 -66.92 45.12
CA CYS S 105 -67.15 -66.87 46.51
C CYS S 105 -68.60 -66.43 46.62
N THR S 106 -69.27 -66.90 47.66
CA THR S 106 -70.61 -66.43 47.94
C THR S 106 -70.63 -65.08 48.64
N GLU S 107 -69.54 -64.71 49.33
CA GLU S 107 -69.50 -63.41 50.00
C GLU S 107 -69.71 -62.29 49.00
N SER S 108 -68.81 -62.18 48.03
CA SER S 108 -68.90 -61.13 47.02
C SER S 108 -70.08 -61.34 46.07
N LEU S 109 -70.71 -62.51 46.11
CA LEU S 109 -71.89 -62.74 45.28
C LEU S 109 -73.12 -62.06 45.87
N GLN S 110 -73.47 -62.39 47.11
CA GLN S 110 -74.64 -61.78 47.74
C GLN S 110 -74.44 -60.29 47.93
N ALA S 111 -73.25 -59.88 48.37
CA ALA S 111 -72.96 -58.47 48.50
C ALA S 111 -73.27 -57.72 47.20
N ASN S 112 -72.99 -58.37 46.07
CA ASN S 112 -73.23 -57.78 44.75
C ASN S 112 -74.63 -58.05 44.21
N VAL S 113 -75.31 -59.08 44.71
CA VAL S 113 -76.71 -59.29 44.38
C VAL S 113 -77.57 -58.24 45.04
N GLN S 114 -77.18 -57.82 46.24
CA GLN S 114 -77.96 -56.83 46.96
C GLN S 114 -78.14 -55.55 46.16
N ARG S 115 -77.09 -55.13 45.44
CA ARG S 115 -77.22 -53.91 44.66
C ARG S 115 -78.24 -54.08 43.54
N LEU S 116 -78.43 -55.30 43.05
CA LEU S 116 -79.41 -55.52 41.99
C LEU S 116 -80.83 -55.59 42.55
N LYS S 117 -81.01 -56.20 43.73
CA LYS S 117 -82.29 -56.11 44.41
C LYS S 117 -82.59 -54.67 44.79
N GLU S 118 -81.56 -53.93 45.23
CA GLU S 118 -81.74 -52.54 45.62
C GLU S 118 -82.06 -51.68 44.40
N TYR S 119 -81.41 -51.93 43.27
CA TYR S 119 -81.68 -51.18 42.05
C TYR S 119 -83.13 -51.28 41.65
N ARG S 120 -83.66 -52.51 41.59
CA ARG S 120 -85.06 -52.73 41.25
C ARG S 120 -85.98 -51.84 42.07
N SER S 121 -85.80 -51.86 43.39
CA SER S 121 -86.74 -51.21 44.29
C SER S 121 -86.84 -49.72 43.98
N LYS S 122 -85.70 -49.03 43.91
CA LYS S 122 -85.71 -47.60 43.64
C LYS S 122 -85.62 -47.29 42.14
N LEU S 123 -86.04 -48.22 41.28
CA LEU S 123 -86.04 -48.01 39.85
C LEU S 123 -87.45 -47.69 39.37
N ILE S 124 -87.56 -46.67 38.53
CA ILE S 124 -88.86 -46.27 38.00
C ILE S 124 -88.82 -46.50 36.49
N LEU S 125 -89.59 -47.49 36.04
CA LEU S 125 -89.61 -47.85 34.64
C LEU S 125 -90.74 -47.08 33.97
N PHE S 126 -90.39 -46.01 33.26
CA PHE S 126 -91.33 -45.41 32.33
C PHE S 126 -91.83 -46.49 31.39
N PRO S 127 -93.14 -46.69 31.27
CA PRO S 127 -93.65 -47.78 30.45
C PRO S 127 -93.41 -47.53 28.97
N ARG S 128 -93.54 -48.61 28.19
CA ARG S 128 -93.22 -48.56 26.76
C ARG S 128 -93.99 -47.46 26.05
N LYS S 129 -95.29 -47.41 26.23
CA LYS S 129 -96.18 -46.39 25.66
C LYS S 129 -96.79 -45.55 26.77
N PRO S 130 -97.43 -44.42 26.43
CA PRO S 130 -98.17 -43.67 27.47
C PRO S 130 -99.23 -44.51 28.17
N SER S 131 -100.05 -45.24 27.40
CA SER S 131 -101.06 -46.15 27.97
C SER S 131 -100.52 -47.56 27.82
N ALA S 132 -99.85 -48.04 28.85
CA ALA S 132 -99.01 -49.23 28.72
C ALA S 132 -99.23 -50.21 29.87
N PRO S 133 -98.84 -51.50 29.66
CA PRO S 133 -99.11 -52.57 30.64
C PRO S 133 -98.13 -52.67 31.81
N LYS S 134 -98.20 -53.83 32.48
CA LYS S 134 -97.56 -54.15 33.75
C LYS S 134 -96.05 -53.92 33.83
N LYS S 135 -95.53 -53.88 35.05
CA LYS S 135 -94.11 -53.72 35.36
C LYS S 135 -93.63 -52.30 35.09
N GLY S 136 -94.46 -51.44 34.50
CA GLY S 136 -94.14 -50.02 34.42
C GLY S 136 -94.71 -49.33 35.65
N ASP S 137 -93.86 -48.67 36.42
CA ASP S 137 -94.30 -48.11 37.69
C ASP S 137 -95.36 -47.05 37.47
N SER S 138 -96.28 -46.96 38.44
CA SER S 138 -97.50 -46.19 38.28
C SER S 138 -97.21 -44.70 38.01
N SER S 139 -98.26 -43.99 37.61
CA SER S 139 -98.13 -42.58 37.27
C SER S 139 -97.84 -41.71 38.49
N ALA S 140 -98.20 -42.16 39.69
CA ALA S 140 -97.81 -41.43 40.89
C ALA S 140 -96.31 -41.32 41.00
N GLU S 141 -95.61 -42.46 40.98
CA GLU S 141 -94.14 -42.45 40.93
C GLU S 141 -93.64 -42.41 39.48
N GLU S 142 -94.21 -41.50 38.73
CA GLU S 142 -93.75 -41.05 37.42
C GLU S 142 -93.74 -39.54 37.35
N LEU S 143 -94.73 -38.90 37.96
CA LEU S 143 -94.73 -37.44 38.09
C LEU S 143 -93.68 -37.00 39.09
N LYS S 144 -93.42 -37.82 40.11
CA LYS S 144 -92.56 -37.42 41.22
C LYS S 144 -91.14 -37.11 40.78
N LEU S 145 -90.69 -37.67 39.66
CA LEU S 145 -89.28 -37.55 39.33
C LEU S 145 -89.06 -37.31 37.84
N ALA S 146 -88.06 -36.47 37.57
CA ALA S 146 -87.35 -36.40 36.29
C ALA S 146 -85.86 -36.43 36.55
N THR S 147 -85.49 -36.91 37.73
CA THR S 147 -84.18 -36.64 38.30
C THR S 147 -83.14 -37.54 37.64
N GLN S 148 -82.23 -36.93 36.90
CA GLN S 148 -80.98 -37.61 36.61
C GLN S 148 -80.15 -37.67 37.88
N LEU S 149 -79.56 -38.84 38.14
CA LEU S 149 -78.62 -38.96 39.25
C LEU S 149 -77.30 -38.35 38.83
N THR S 150 -77.05 -37.13 39.28
CA THR S 150 -75.72 -36.57 39.13
C THR S 150 -74.75 -37.40 39.97
N GLY S 151 -73.65 -37.81 39.34
CA GLY S 151 -72.68 -38.65 40.02
C GLY S 151 -73.08 -40.11 39.96
N PRO S 152 -72.17 -40.99 40.34
CA PRO S 152 -72.43 -42.44 40.20
C PRO S 152 -73.67 -42.86 40.96
N VAL S 153 -74.44 -43.77 40.35
CA VAL S 153 -75.64 -44.32 40.98
C VAL S 153 -75.22 -45.24 42.13
N MET S 154 -75.64 -44.88 43.35
CA MET S 154 -75.32 -45.62 44.57
C MET S 154 -73.83 -45.82 44.71
N PRO S 155 -73.09 -44.76 45.03
CA PRO S 155 -71.62 -44.84 44.98
C PRO S 155 -71.07 -45.84 45.98
N ILE S 156 -70.13 -46.66 45.51
CA ILE S 156 -69.55 -47.72 46.33
C ILE S 156 -68.54 -47.08 47.28
N ARG S 157 -68.90 -46.97 48.55
CA ARG S 157 -68.02 -46.37 49.54
C ARG S 157 -67.29 -47.49 50.29
N ASN S 158 -65.96 -47.43 50.28
CA ASN S 158 -65.16 -48.38 51.03
C ASN S 158 -65.44 -48.18 52.50
N VAL S 159 -66.19 -49.09 53.10
CA VAL S 159 -66.69 -48.87 54.45
C VAL S 159 -66.35 -50.07 55.31
N TYR S 160 -66.07 -49.80 56.57
CA TYR S 160 -65.63 -50.81 57.52
C TYR S 160 -66.53 -50.81 58.75
N LYS S 161 -66.50 -51.91 59.48
CA LYS S 161 -67.27 -52.06 60.70
C LYS S 161 -66.36 -51.92 61.91
N ARG S 162 -66.83 -51.17 62.90
CA ARG S 162 -66.05 -51.00 64.11
C ARG S 162 -66.12 -52.26 64.96
N GLU S 163 -65.01 -52.58 65.61
CA GLU S 163 -64.94 -53.66 66.58
C GLU S 163 -64.77 -53.04 67.96
N LYS S 164 -65.77 -53.25 68.82
CA LYS S 164 -65.76 -52.64 70.15
C LYS S 164 -64.59 -53.17 70.98
N ALA S 165 -64.36 -52.52 72.11
CA ALA S 165 -63.30 -52.94 73.03
C ALA S 165 -63.61 -54.30 73.63
N ARG S 166 -62.56 -55.01 73.99
CA ARG S 166 -62.70 -56.38 74.47
C ARG S 166 -62.11 -56.52 75.88
N VAL S 167 -61.96 -57.75 76.33
CA VAL S 167 -61.57 -58.03 77.71
C VAL S 167 -60.35 -58.94 77.79
N ILE S 168 -59.36 -58.75 76.92
CA ILE S 168 -58.56 -59.82 76.33
C ILE S 168 -58.36 -61.04 77.23
N THR S 169 -58.72 -62.20 76.70
CA THR S 169 -58.67 -63.45 77.47
C THR S 169 -57.23 -63.97 77.57
N ASP S 170 -57.02 -64.87 78.52
CA ASP S 170 -55.71 -65.47 78.69
C ASP S 170 -55.57 -66.64 77.71
N GLU S 171 -55.93 -66.42 76.49
CA GLU S 171 -55.57 -67.25 75.38
C GLU S 171 -55.01 -66.44 74.24
N GLU S 172 -55.57 -65.26 73.98
CA GLU S 172 -54.99 -64.31 73.05
C GLU S 172 -53.71 -63.71 73.60
N LYS S 173 -53.53 -63.74 74.91
CA LYS S 173 -52.32 -63.24 75.54
C LYS S 173 -51.22 -64.28 75.57
N ASN S 174 -51.48 -65.49 75.07
CA ASN S 174 -50.48 -66.53 74.98
C ASN S 174 -49.94 -66.73 73.57
N PHE S 175 -50.66 -66.28 72.55
CA PHE S 175 -50.23 -66.45 71.17
C PHE S 175 -48.91 -65.73 70.90
N LYS S 176 -47.89 -66.50 70.48
CA LYS S 176 -46.60 -65.93 70.09
C LYS S 176 -46.61 -65.71 68.58
N ALA S 177 -47.18 -64.57 68.19
CA ALA S 177 -47.47 -64.34 66.78
C ALA S 177 -46.19 -64.28 65.96
N PHE S 178 -45.13 -63.68 66.50
CA PHE S 178 -43.87 -63.70 65.77
C PHE S 178 -43.35 -65.12 65.63
N ALA S 179 -43.61 -65.97 66.62
CA ALA S 179 -43.16 -67.35 66.55
C ALA S 179 -43.90 -68.11 65.45
N SER S 180 -45.23 -68.17 65.54
CA SER S 180 -45.98 -68.98 64.59
C SER S 180 -45.78 -68.52 63.15
N LEU S 181 -45.55 -67.23 62.93
CA LEU S 181 -45.27 -66.75 61.58
C LEU S 181 -44.02 -67.41 61.02
N ARG S 182 -42.93 -67.39 61.79
CA ARG S 182 -41.72 -68.06 61.35
C ARG S 182 -41.96 -69.55 61.14
N MET S 183 -42.80 -70.16 61.98
CA MET S 183 -43.17 -71.55 61.78
C MET S 183 -43.88 -71.74 60.44
N ALA S 184 -44.93 -70.96 60.20
CA ALA S 184 -45.67 -71.10 58.95
C ALA S 184 -44.78 -70.81 57.74
N ARG S 185 -43.90 -69.81 57.87
CA ARG S 185 -42.99 -69.54 56.77
C ARG S 185 -41.96 -70.64 56.59
N ALA S 186 -41.78 -71.48 57.60
CA ALA S 186 -40.91 -72.63 57.47
C ALA S 186 -41.65 -73.86 56.96
N ASN S 187 -42.92 -74.02 57.33
CA ASN S 187 -43.67 -75.17 56.84
C ASN S 187 -43.96 -75.05 55.36
N ALA S 188 -44.36 -73.88 54.89
CA ALA S 188 -44.50 -73.69 53.45
C ALA S 188 -43.16 -73.83 52.75
N ARG S 189 -42.07 -73.61 53.46
CA ARG S 189 -40.74 -73.71 52.85
C ARG S 189 -40.37 -75.16 52.58
N LEU S 190 -40.54 -76.02 53.58
CA LEU S 190 -39.93 -77.35 53.58
C LEU S 190 -40.93 -78.48 53.44
N PHE S 191 -42.22 -78.18 53.27
CA PHE S 191 -43.21 -79.22 53.09
C PHE S 191 -42.86 -80.14 51.94
N GLY S 192 -42.33 -79.58 50.84
CA GLY S 192 -42.06 -80.39 49.67
C GLY S 192 -40.93 -81.39 49.87
N ILE S 193 -39.90 -81.00 50.64
CA ILE S 193 -38.82 -81.93 50.91
C ILE S 193 -39.25 -82.96 51.95
N ARG S 194 -40.00 -82.53 52.97
CA ARG S 194 -40.42 -83.46 54.02
C ARG S 194 -41.28 -84.58 53.47
N ALA S 195 -42.06 -84.32 52.42
CA ALA S 195 -42.86 -85.38 51.84
C ALA S 195 -42.02 -86.34 51.01
N LYS S 196 -40.87 -85.87 50.50
CA LYS S 196 -39.99 -86.76 49.76
C LYS S 196 -39.24 -87.71 50.70
N ARG S 197 -39.04 -87.31 51.96
CA ARG S 197 -38.49 -88.25 52.93
C ARG S 197 -39.54 -89.28 53.34
N ALA S 198 -40.80 -88.85 53.49
CA ALA S 198 -41.87 -89.81 53.74
C ALA S 198 -42.04 -90.77 52.57
N LYS S 199 -41.91 -90.27 51.33
CA LYS S 199 -41.97 -91.14 50.17
C LYS S 199 -40.77 -92.09 50.11
N GLU S 200 -39.63 -91.64 50.65
CA GLU S 200 -38.46 -92.52 50.71
C GLU S 200 -38.54 -93.44 51.92
N ALA S 201 -38.99 -92.92 53.07
CA ALA S 201 -39.13 -93.78 54.25
C ALA S 201 -40.25 -94.79 54.07
N ALA S 202 -41.23 -94.51 53.20
CA ALA S 202 -42.24 -95.50 52.84
C ALA S 202 -41.70 -96.55 51.89
N GLU S 203 -40.66 -96.23 51.12
CA GLU S 203 -40.00 -97.23 50.28
C GLU S 203 -39.07 -98.12 51.09
N GLN S 204 -38.43 -97.59 52.14
CA GLN S 204 -37.55 -98.41 52.97
C GLN S 204 -38.33 -99.45 53.76
N ASP S 205 -39.60 -99.18 54.06
CA ASP S 205 -40.44 -100.18 54.71
C ASP S 205 -40.87 -101.27 53.75
N VAL S 206 -40.96 -100.96 52.45
CA VAL S 206 -41.22 -101.99 51.45
C VAL S 206 -39.92 -102.62 50.94
N GLU S 207 -38.80 -101.88 50.99
CA GLU S 207 -37.51 -102.45 50.63
C GLU S 207 -36.92 -103.32 51.74
N LYS S 208 -37.26 -103.03 52.99
CA LYS S 208 -36.82 -103.86 54.11
C LYS S 208 -37.61 -105.18 54.18
N LYS S 209 -38.87 -105.16 53.76
CA LYS S 209 -39.69 -106.37 53.82
C LYS S 209 -39.29 -107.38 52.74
N LYS S 210 -38.93 -106.88 51.54
CA LYS S 210 -38.56 -107.75 50.43
C LYS S 210 -37.16 -108.35 50.64
N VAL T 1 59.01 37.86 37.91
CA VAL T 1 59.78 37.77 39.14
C VAL T 1 58.91 38.12 40.31
N PHE T 2 59.14 37.44 41.42
CA PHE T 2 58.31 37.61 42.60
C PHE T 2 59.00 38.50 43.62
N ARG T 3 58.17 39.09 44.49
CA ARG T 3 58.67 39.94 45.56
C ARG T 3 58.02 39.66 46.90
N ARG T 4 57.06 38.74 46.98
CA ARG T 4 56.41 38.43 48.24
C ARG T 4 56.54 36.92 48.45
N PHE T 5 57.41 36.51 49.36
CA PHE T 5 57.73 35.11 49.54
C PHE T 5 57.13 34.59 50.84
N VAL T 6 56.40 33.48 50.76
CA VAL T 6 55.89 32.82 51.96
C VAL T 6 57.06 32.49 52.84
N GLU T 7 57.13 33.13 53.98
CA GLU T 7 58.32 33.09 54.80
C GLU T 7 57.95 32.69 56.22
N VAL T 8 58.91 32.79 57.13
CA VAL T 8 58.62 32.63 58.55
C VAL T 8 58.57 34.04 59.12
N GLY T 9 57.37 34.62 59.10
CA GLY T 9 57.26 35.97 59.59
C GLY T 9 56.59 36.89 58.59
N ARG T 10 56.16 36.37 57.45
CA ARG T 10 55.40 37.20 56.52
C ARG T 10 53.99 37.39 57.05
N VAL T 11 53.52 38.64 56.97
CA VAL T 11 52.17 38.97 57.40
C VAL T 11 51.22 38.84 56.22
N ALA T 12 50.08 38.21 56.44
CA ALA T 12 49.13 37.91 55.38
C ALA T 12 47.75 38.44 55.74
N TYR T 13 47.06 38.97 54.74
CA TYR T 13 45.67 39.38 54.87
C TYR T 13 44.78 38.18 54.51
N VAL T 14 43.89 37.81 55.41
CA VAL T 14 43.07 36.62 55.22
C VAL T 14 41.89 36.95 54.31
N SER T 15 41.87 36.34 53.14
CA SER T 15 40.87 36.67 52.12
C SER T 15 39.46 36.34 52.59
N PHE T 16 39.16 35.06 52.83
CA PHE T 16 37.81 34.63 53.15
C PHE T 16 37.90 33.60 54.27
N GLY T 17 36.80 32.89 54.49
CA GLY T 17 36.78 31.89 55.52
C GLY T 17 36.38 32.49 56.84
N PRO T 18 36.52 31.72 57.93
CA PRO T 18 35.98 32.18 59.21
C PRO T 18 36.68 33.40 59.76
N HIS T 19 37.94 33.61 59.41
CA HIS T 19 38.72 34.73 59.92
C HIS T 19 38.85 35.86 58.91
N ALA T 20 37.97 35.91 57.92
CA ALA T 20 38.14 36.85 56.81
C ALA T 20 38.34 38.26 57.32
N GLY T 21 39.11 39.05 56.58
CA GLY T 21 39.30 40.44 56.93
C GLY T 21 40.12 40.68 58.19
N LYS T 22 41.18 39.92 58.40
CA LYS T 22 42.13 40.13 59.49
C LYS T 22 43.54 39.89 58.98
N LEU T 23 44.53 40.23 59.80
CA LEU T 23 45.93 40.01 59.51
C LEU T 23 46.46 38.80 60.28
N VAL T 24 47.57 38.26 59.80
CA VAL T 24 48.06 36.99 60.32
C VAL T 24 49.53 36.86 59.95
N ALA T 25 50.32 36.30 60.85
CA ALA T 25 51.74 36.07 60.60
C ALA T 25 51.99 34.59 60.40
N ILE T 26 52.68 34.26 59.31
CA ILE T 26 52.93 32.85 58.99
C ILE T 26 54.04 32.34 59.91
N VAL T 27 53.66 31.48 60.85
CA VAL T 27 54.64 30.93 61.79
C VAL T 27 55.44 29.82 61.15
N ASP T 28 54.78 28.92 60.43
CA ASP T 28 55.45 27.73 59.96
C ASP T 28 54.70 27.22 58.75
N VAL T 29 55.39 26.41 57.96
CA VAL T 29 54.82 25.80 56.76
C VAL T 29 54.63 24.33 57.03
N ILE T 30 53.40 23.87 56.91
CA ILE T 30 53.12 22.47 57.15
C ILE T 30 53.32 21.64 55.88
N ASP T 31 52.73 22.07 54.77
CA ASP T 31 52.72 21.26 53.56
C ASP T 31 52.68 22.18 52.35
N GLN T 32 52.38 21.60 51.20
CA GLN T 32 52.30 22.37 49.98
C GLN T 32 51.11 23.30 49.95
N ASN T 33 50.13 23.11 50.82
CA ASN T 33 48.92 23.89 50.76
C ASN T 33 48.46 24.40 52.12
N ARG T 34 49.18 24.10 53.18
CA ARG T 34 48.77 24.47 54.51
C ARG T 34 49.95 25.08 55.26
N ALA T 35 49.67 26.15 56.00
CA ALA T 35 50.66 26.84 56.81
C ALA T 35 50.16 26.96 58.24
N LEU T 36 51.04 26.72 59.19
CA LEU T 36 50.75 27.00 60.59
C LEU T 36 50.82 28.51 60.79
N VAL T 37 49.69 29.10 61.15
CA VAL T 37 49.50 30.53 61.04
C VAL T 37 49.05 31.08 62.37
N ASP T 38 49.39 32.34 62.61
CA ASP T 38 49.01 32.97 63.87
C ASP T 38 48.86 34.47 63.70
N GLY T 39 47.68 34.98 64.00
CA GLY T 39 47.50 36.39 64.27
C GLY T 39 47.23 36.62 65.74
N PRO T 40 48.23 37.07 66.50
CA PRO T 40 48.01 37.31 67.93
C PRO T 40 47.14 38.51 68.23
N CYS T 41 47.50 39.67 67.66
CA CYS T 41 46.83 40.93 67.97
C CYS T 41 45.59 41.15 67.14
N THR T 42 45.47 40.47 66.02
CA THR T 42 44.27 40.50 65.22
C THR T 42 43.26 39.45 65.66
N GLN T 43 43.48 38.81 66.81
CA GLN T 43 42.55 37.84 67.42
C GLN T 43 42.33 36.62 66.52
N VAL T 44 43.43 35.93 66.20
CA VAL T 44 43.40 34.68 65.44
C VAL T 44 44.23 33.66 66.22
N ARG T 45 43.59 32.60 66.66
CA ARG T 45 44.28 31.58 67.43
C ARG T 45 45.25 30.83 66.53
N ARG T 46 46.36 30.38 67.11
CA ARG T 46 47.31 29.58 66.36
C ARG T 46 46.61 28.37 65.74
N GLN T 47 46.58 28.29 64.41
CA GLN T 47 45.99 27.13 63.76
C GLN T 47 46.50 27.00 62.34
N ALA T 48 46.24 25.83 61.75
CA ALA T 48 46.57 25.63 60.35
C ALA T 48 45.65 26.45 59.46
N MET T 49 46.16 26.83 58.28
CA MET T 49 45.37 27.63 57.36
C MET T 49 45.86 27.49 55.93
N PRO T 50 44.98 27.16 55.00
CA PRO T 50 45.42 26.96 53.62
C PRO T 50 45.84 28.26 52.96
N PHE T 51 46.84 28.15 52.09
CA PHE T 51 47.29 29.34 51.38
C PHE T 51 46.23 29.83 50.41
N LYS T 52 45.40 28.92 49.90
CA LYS T 52 44.41 29.32 48.92
C LYS T 52 43.43 30.36 49.46
N CYS T 53 43.47 30.65 50.76
CA CYS T 53 42.52 31.58 51.37
C CYS T 53 43.22 32.78 52.03
N MET T 54 44.48 33.02 51.71
CA MET T 54 45.20 34.17 52.25
C MET T 54 46.06 34.77 51.15
N GLN T 55 46.07 36.10 51.11
CA GLN T 55 46.93 36.87 50.21
C GLN T 55 47.91 37.66 51.05
N LEU T 56 49.17 37.62 50.64
CA LEU T 56 50.27 38.02 51.51
C LEU T 56 50.78 39.41 51.14
N THR T 57 51.15 40.16 52.17
CA THR T 57 51.46 41.58 52.05
C THR T 57 52.96 41.78 51.83
N ASP T 58 53.43 43.01 52.02
CA ASP T 58 54.83 43.38 51.89
C ASP T 58 55.58 43.39 53.21
N PHE T 59 54.90 43.15 54.32
CA PHE T 59 55.53 43.20 55.62
C PHE T 59 56.27 41.90 55.95
N ILE T 60 57.28 42.03 56.80
CA ILE T 60 57.93 40.89 57.43
C ILE T 60 58.13 41.25 58.89
N LEU T 61 58.25 40.22 59.72
CA LEU T 61 58.77 40.36 61.06
C LEU T 61 59.60 39.12 61.38
N LYS T 62 60.24 39.14 62.54
CA LYS T 62 61.47 38.39 62.74
C LYS T 62 61.38 37.48 63.97
N PHE T 63 60.33 36.71 64.06
CA PHE T 63 60.37 35.65 65.05
C PHE T 63 60.90 34.36 64.41
N PRO T 64 61.40 33.43 65.22
CA PRO T 64 61.96 32.18 64.69
C PRO T 64 60.89 31.16 64.32
N HIS T 65 61.35 30.02 63.79
CA HIS T 65 60.48 29.21 62.94
C HIS T 65 59.43 28.42 63.72
N SER T 66 59.49 28.37 65.04
CA SER T 66 58.36 27.78 65.77
C SER T 66 58.05 28.53 67.04
N ALA T 67 58.26 29.84 67.07
CA ALA T 67 58.07 30.60 68.30
C ALA T 67 56.66 30.44 68.83
N ARG T 68 56.46 30.83 70.08
CA ARG T 68 55.25 30.46 70.82
C ARG T 68 54.50 31.70 71.32
N GLN T 69 53.74 32.34 70.42
CA GLN T 69 52.58 33.19 70.72
C GLN T 69 52.90 34.35 71.66
N LYS T 70 54.10 34.38 72.20
CA LYS T 70 54.53 35.47 73.06
C LYS T 70 55.67 36.23 72.45
N TYR T 71 56.47 35.55 71.64
CA TYR T 71 57.46 36.21 70.85
C TYR T 71 56.92 36.68 69.52
N VAL T 72 55.84 36.07 69.04
CA VAL T 72 55.16 36.66 67.90
C VAL T 72 54.17 37.74 68.34
N ARG T 73 53.85 37.82 69.63
CA ARG T 73 53.15 39.00 70.13
C ARG T 73 54.05 40.22 70.11
N LYS T 74 55.30 40.04 70.53
CA LYS T 74 56.32 40.99 70.16
C LYS T 74 56.67 40.80 68.69
N ALA T 75 57.40 41.78 68.17
CA ALA T 75 57.79 41.80 66.76
C ALA T 75 56.56 42.02 65.87
N TRP T 76 55.39 41.96 66.49
CA TRP T 76 54.17 42.49 65.91
C TRP T 76 53.74 43.73 66.64
N GLU T 77 54.01 43.77 67.95
CA GLU T 77 53.76 44.96 68.73
C GLU T 77 54.77 46.05 68.37
N LYS T 78 56.05 45.74 68.54
CA LYS T 78 57.09 46.58 67.97
C LYS T 78 57.34 46.18 66.52
N ALA T 79 57.75 47.18 65.74
CA ALA T 79 57.65 47.33 64.29
C ALA T 79 56.20 47.64 63.86
N ASP T 80 55.24 47.61 64.80
CA ASP T 80 53.91 48.21 64.68
C ASP T 80 53.21 47.88 63.36
N ILE T 81 52.88 46.60 63.21
CA ILE T 81 52.04 46.20 62.09
C ILE T 81 50.70 46.92 62.14
N ASN T 82 50.10 47.00 63.34
CA ASN T 82 48.72 47.42 63.40
C ASN T 82 48.49 48.90 63.11
N ALA T 83 49.55 49.70 63.02
CA ALA T 83 49.42 51.08 62.57
C ALA T 83 50.09 51.33 61.22
N LYS T 84 51.00 50.46 60.78
CA LYS T 84 51.55 50.57 59.44
C LYS T 84 50.57 50.04 58.41
N TRP T 85 49.98 48.88 58.65
CA TRP T 85 48.70 48.61 58.03
C TRP T 85 47.71 49.62 58.59
N ALA T 86 46.77 50.07 57.76
CA ALA T 86 45.95 51.26 57.96
C ALA T 86 46.73 52.50 57.55
N ALA T 87 47.97 52.36 57.11
CA ALA T 87 48.61 53.37 56.32
C ALA T 87 48.89 52.89 54.90
N THR T 88 48.63 51.62 54.61
CA THR T 88 48.69 51.11 53.25
C THR T 88 47.54 51.67 52.44
N ARG T 89 47.69 51.64 51.12
CA ARG T 89 46.51 51.89 50.30
C ARG T 89 45.57 50.70 50.35
N TRP T 90 46.12 49.49 50.50
CA TRP T 90 45.30 48.30 50.70
C TRP T 90 44.26 48.55 51.78
N ALA T 91 44.69 49.02 52.94
CA ALA T 91 43.77 49.27 54.04
C ALA T 91 42.94 50.52 53.86
N LYS T 92 43.08 51.22 52.73
CA LYS T 92 42.25 52.38 52.48
C LYS T 92 41.25 52.16 51.35
N LYS T 93 41.45 51.17 50.49
CA LYS T 93 40.37 50.71 49.64
C LYS T 93 39.52 49.66 50.33
N ILE T 94 40.14 48.81 51.15
CA ILE T 94 39.41 48.28 52.29
C ILE T 94 39.09 49.46 53.17
N GLU T 95 37.94 49.42 53.83
CA GLU T 95 37.37 50.59 54.50
C GLU T 95 36.96 51.66 53.51
N ALA T 96 36.82 51.29 52.25
CA ALA T 96 35.97 51.99 51.31
C ALA T 96 34.89 51.07 50.74
N ARG T 97 35.24 49.83 50.43
CA ARG T 97 34.23 48.80 50.26
C ARG T 97 33.36 48.70 51.50
N GLU T 98 33.95 48.91 52.67
CA GLU T 98 33.19 48.89 53.91
C GLU T 98 32.20 50.04 53.98
N LYS T 99 32.59 51.21 53.48
CA LYS T 99 31.81 52.43 53.66
C LYS T 99 30.74 52.64 52.60
N LYS T 100 30.78 51.90 51.49
CA LYS T 100 29.63 51.96 50.59
C LYS T 100 28.52 51.03 51.07
N ALA T 101 28.87 49.84 51.52
CA ALA T 101 27.86 48.95 52.07
C ALA T 101 27.26 49.52 53.35
N LYS T 102 28.04 50.29 54.10
CA LYS T 102 27.53 50.95 55.31
C LYS T 102 27.15 52.39 54.99
N MET T 103 26.12 52.55 54.18
CA MET T 103 25.73 53.86 53.68
C MET T 103 24.20 53.94 53.66
N THR T 104 23.64 54.83 54.47
CA THR T 104 22.19 54.96 54.52
C THR T 104 21.65 55.48 53.18
N ASP T 105 20.32 55.42 53.05
CA ASP T 105 19.70 56.01 51.86
C ASP T 105 19.82 57.53 51.89
N PHE T 106 19.93 58.14 53.08
CA PHE T 106 20.16 59.57 53.15
C PHE T 106 21.51 59.93 52.57
N ASP T 107 22.57 59.28 53.06
CA ASP T 107 23.91 59.53 52.54
C ASP T 107 23.95 59.38 51.03
N ARG T 108 23.44 58.26 50.52
CA ARG T 108 23.40 58.01 49.09
C ARG T 108 22.80 59.18 48.34
N TYR T 109 21.94 59.97 48.99
CA TYR T 109 21.38 61.17 48.37
C TYR T 109 22.35 62.34 48.43
N LYS T 110 23.05 62.53 49.55
CA LYS T 110 24.00 63.65 49.61
C LYS T 110 25.06 63.52 48.52
N VAL T 111 25.55 62.31 48.30
CA VAL T 111 26.58 62.13 47.30
C VAL T 111 26.00 62.30 45.91
N MET T 112 24.74 61.91 45.70
CA MET T 112 24.10 62.15 44.41
C MET T 112 24.09 63.64 44.07
N LYS T 113 23.96 64.50 45.08
CA LYS T 113 24.01 65.94 44.84
C LYS T 113 25.44 66.44 44.80
N ALA T 114 26.27 65.99 45.75
CA ALA T 114 27.64 66.45 45.81
C ALA T 114 28.40 66.06 44.55
N ARG T 115 28.30 64.80 44.17
CA ARG T 115 29.01 64.35 42.99
C ARG T 115 28.50 65.05 41.72
N LYS T 116 27.22 65.43 41.66
CA LYS T 116 26.71 66.11 40.47
C LYS T 116 27.34 67.48 40.30
N MET T 117 27.66 68.15 41.39
CA MET T 117 28.32 69.46 41.29
C MET T 117 29.82 69.30 41.08
N ARG T 118 30.44 68.37 41.80
CA ARG T 118 31.84 68.05 41.57
C ARG T 118 32.09 67.74 40.09
N ASN T 119 31.31 66.81 39.55
CA ASN T 119 31.45 66.44 38.14
C ASN T 119 31.25 67.60 37.19
N ARG T 120 30.68 68.72 37.64
CA ARG T 120 30.46 69.84 36.73
C ARG T 120 31.56 70.88 36.79
N LEU T 121 32.09 71.17 37.99
CA LEU T 121 33.23 72.08 38.07
C LEU T 121 34.45 71.49 37.39
N ILE T 122 34.65 70.18 37.51
CA ILE T 122 35.73 69.52 36.81
C ILE T 122 35.45 69.43 35.32
N LYS T 123 34.18 69.52 34.92
CA LYS T 123 33.84 69.41 33.50
C LYS T 123 34.03 70.73 32.78
N LEU T 124 33.78 71.85 33.47
CA LEU T 124 33.99 73.16 32.87
C LEU T 124 35.47 73.45 32.71
N GLU T 125 36.31 72.86 33.55
CA GLU T 125 37.75 73.05 33.43
C GLU T 125 38.30 72.27 32.25
N VAL T 126 37.93 71.00 32.13
CA VAL T 126 38.39 70.20 30.99
C VAL T 126 37.98 70.87 29.70
N LYS T 127 36.77 71.44 29.65
CA LYS T 127 36.38 72.19 28.47
C LYS T 127 37.24 73.42 28.28
N LYS T 128 37.82 73.94 29.38
CA LYS T 128 38.66 75.13 29.29
C LYS T 128 40.11 74.77 28.95
N LEU T 129 40.60 73.62 29.40
CA LEU T 129 41.96 73.22 29.03
C LEU T 129 42.04 72.81 27.57
N GLN T 130 41.00 72.19 27.04
CA GLN T 130 40.96 71.93 25.61
C GLN T 130 40.91 73.23 24.82
N LYS T 131 40.23 74.24 25.34
CA LYS T 131 40.27 75.55 24.71
C LYS T 131 41.70 76.09 24.65
N ALA T 132 42.50 75.79 25.67
CA ALA T 132 43.88 76.25 25.71
C ALA T 132 44.81 75.35 24.91
N ALA T 133 44.51 74.06 24.82
CA ALA T 133 45.31 73.17 24.00
C ALA T 133 45.00 73.32 22.51
N LEU T 134 43.84 73.88 22.17
CA LEU T 134 43.55 74.25 20.79
C LEU T 134 44.13 75.61 20.44
N LEU T 135 44.16 76.53 21.40
CA LEU T 135 44.81 77.82 21.17
C LEU T 135 46.33 77.68 21.10
N LYS T 136 46.89 76.74 21.87
CA LYS T 136 48.31 76.42 21.71
C LYS T 136 48.59 75.74 20.38
N ALA T 137 47.64 74.94 19.89
CA ALA T 137 47.75 74.39 18.55
C ALA T 137 47.72 75.47 17.48
N SER T 138 47.17 76.65 17.79
CA SER T 138 47.12 77.77 16.85
C SER T 138 48.45 78.54 16.80
N GLY U 1 -72.45 -83.65 7.75
CA GLY U 1 -72.16 -82.68 6.71
C GLY U 1 -70.82 -82.97 6.07
N ALA U 2 -70.81 -83.03 4.74
CA ALA U 2 -69.59 -83.42 4.02
C ALA U 2 -68.44 -82.46 4.30
N TYR U 3 -68.76 -81.24 4.71
CA TYR U 3 -67.72 -80.25 4.89
C TYR U 3 -66.71 -80.68 5.94
N LYS U 4 -67.16 -81.32 7.01
CA LYS U 4 -66.20 -81.78 8.01
C LYS U 4 -65.33 -82.91 7.46
N TYR U 5 -65.87 -83.76 6.59
CA TYR U 5 -65.05 -84.81 6.00
C TYR U 5 -64.04 -84.26 5.03
N ILE U 6 -64.28 -83.08 4.47
CA ILE U 6 -63.24 -82.43 3.68
C ILE U 6 -62.18 -81.85 4.59
N GLN U 7 -62.60 -81.17 5.66
CA GLN U 7 -61.67 -80.45 6.52
C GLN U 7 -60.65 -81.39 7.14
N GLU U 8 -61.11 -82.54 7.62
CA GLU U 8 -60.17 -83.49 8.21
C GLU U 8 -59.39 -84.23 7.13
N LEU U 9 -59.92 -84.31 5.92
CA LEU U 9 -59.15 -84.85 4.81
C LEU U 9 -57.99 -83.92 4.45
N TRP U 10 -58.27 -82.63 4.34
CA TRP U 10 -57.23 -81.66 4.02
C TRP U 10 -56.09 -81.65 5.03
N ARG U 11 -56.32 -82.12 6.25
CA ARG U 11 -55.24 -82.12 7.22
C ARG U 11 -54.25 -83.25 7.03
N LYS U 12 -54.51 -84.20 6.14
CA LYS U 12 -53.55 -85.28 5.91
C LYS U 12 -52.74 -85.02 4.66
N LYS U 13 -52.04 -83.88 4.63
CA LYS U 13 -51.30 -83.52 3.42
C LYS U 13 -50.17 -84.49 3.13
N GLN U 14 -49.55 -85.08 4.17
CA GLN U 14 -48.45 -86.00 3.93
C GLN U 14 -48.90 -87.37 3.45
N SER U 15 -50.20 -87.63 3.45
CA SER U 15 -50.72 -88.97 3.16
C SER U 15 -50.60 -89.26 1.67
N ASP U 16 -51.20 -90.38 1.24
CA ASP U 16 -51.06 -90.81 -0.14
C ASP U 16 -52.03 -90.11 -1.08
N VAL U 17 -53.27 -89.93 -0.62
CA VAL U 17 -54.27 -89.28 -1.46
C VAL U 17 -53.89 -87.82 -1.71
N MET U 18 -53.70 -87.06 -0.64
CA MET U 18 -53.48 -85.62 -0.80
C MET U 18 -52.21 -85.36 -1.57
N ARG U 19 -51.14 -86.08 -1.27
CA ARG U 19 -49.88 -85.83 -1.96
C ARG U 19 -50.00 -86.10 -3.45
N PHE U 20 -50.96 -86.92 -3.86
CA PHE U 20 -51.21 -87.07 -5.28
C PHE U 20 -51.92 -85.83 -5.83
N LEU U 21 -53.05 -85.48 -5.23
CA LEU U 21 -53.79 -84.32 -5.70
C LEU U 21 -52.93 -83.07 -5.68
N LEU U 22 -52.24 -82.83 -4.56
CA LEU U 22 -51.41 -81.64 -4.45
C LEU U 22 -50.32 -81.62 -5.53
N ARG U 23 -49.63 -82.75 -5.72
CA ARG U 23 -48.57 -82.79 -6.72
C ARG U 23 -49.12 -82.59 -8.13
N VAL U 24 -50.33 -83.07 -8.39
CA VAL U 24 -50.88 -82.91 -9.73
C VAL U 24 -51.51 -81.53 -9.90
N ARG U 25 -52.16 -81.01 -8.85
CA ARG U 25 -52.70 -79.66 -8.95
C ARG U 25 -51.58 -78.63 -9.06
N CYS U 26 -50.59 -78.72 -8.18
CA CYS U 26 -49.43 -77.84 -8.27
C CYS U 26 -48.72 -77.98 -9.62
N TRP U 27 -49.01 -79.03 -10.39
CA TRP U 27 -48.48 -79.07 -11.74
C TRP U 27 -49.17 -78.05 -12.63
N GLN U 28 -50.49 -78.16 -12.81
CA GLN U 28 -51.16 -77.32 -13.79
C GLN U 28 -51.27 -75.86 -13.37
N TYR U 29 -51.20 -75.58 -12.07
CA TYR U 29 -51.11 -74.19 -11.63
C TYR U 29 -49.84 -73.53 -12.17
N ARG U 30 -48.75 -74.28 -12.23
CA ARG U 30 -47.52 -73.74 -12.80
C ARG U 30 -47.70 -73.37 -14.25
N GLN U 31 -48.54 -74.08 -14.97
CA GLN U 31 -48.62 -73.91 -16.42
C GLN U 31 -49.41 -72.67 -16.82
N LEU U 32 -50.22 -72.11 -15.93
CA LEU U 32 -51.01 -70.92 -16.21
C LEU U 32 -50.25 -69.66 -15.84
N SER U 33 -50.81 -68.51 -16.21
CA SER U 33 -50.18 -67.22 -15.89
C SER U 33 -50.13 -67.00 -14.39
N ALA U 34 -49.54 -65.89 -13.94
CA ALA U 34 -49.35 -65.70 -12.50
C ALA U 34 -50.59 -65.19 -11.80
N LEU U 35 -51.52 -64.58 -12.52
CA LEU U 35 -52.69 -63.99 -11.90
C LEU U 35 -53.94 -64.31 -12.72
N HIS U 36 -54.12 -65.57 -13.08
CA HIS U 36 -55.37 -65.92 -13.73
C HIS U 36 -56.52 -65.92 -12.73
N ARG U 37 -57.72 -65.77 -13.25
CA ARG U 37 -58.90 -65.84 -12.42
C ARG U 37 -59.30 -67.29 -12.20
N ALA U 38 -60.05 -67.50 -11.16
CA ALA U 38 -60.51 -68.83 -10.88
C ALA U 38 -62.02 -68.92 -11.04
N PRO U 39 -62.53 -70.01 -11.61
CA PRO U 39 -63.98 -70.14 -11.76
C PRO U 39 -64.71 -70.50 -10.46
N ARG U 40 -64.18 -71.45 -9.71
CA ARG U 40 -64.83 -71.89 -8.47
C ARG U 40 -63.74 -72.34 -7.51
N PRO U 41 -63.97 -72.23 -6.20
CA PRO U 41 -62.87 -72.39 -5.25
C PRO U 41 -62.40 -73.84 -5.17
N THR U 42 -61.08 -74.03 -5.30
CA THR U 42 -60.53 -75.37 -5.19
C THR U 42 -60.57 -75.88 -3.76
N ARG U 43 -60.73 -74.99 -2.78
CA ARG U 43 -60.88 -75.35 -1.38
C ARG U 43 -62.25 -74.83 -0.94
N PRO U 44 -63.32 -75.58 -1.23
CA PRO U 44 -64.67 -75.09 -0.93
C PRO U 44 -64.91 -74.89 0.56
N ASP U 45 -64.40 -75.77 1.39
CA ASP U 45 -64.57 -75.63 2.83
C ASP U 45 -63.80 -74.42 3.36
N LYS U 46 -62.47 -74.41 3.18
CA LYS U 46 -61.65 -73.30 3.67
C LYS U 46 -62.11 -71.97 3.09
N ALA U 47 -62.75 -72.00 1.92
CA ALA U 47 -63.29 -70.77 1.38
C ALA U 47 -64.30 -70.15 2.34
N ARG U 48 -65.35 -70.89 2.66
CA ARG U 48 -66.44 -70.26 3.37
C ARG U 48 -66.12 -69.98 4.82
N ARG U 49 -65.11 -70.65 5.37
CA ARG U 49 -64.68 -70.30 6.72
C ARG U 49 -64.05 -68.92 6.75
N LEU U 50 -63.34 -68.55 5.70
CA LEU U 50 -62.72 -67.23 5.65
C LEU U 50 -63.71 -66.14 5.24
N GLY U 51 -64.94 -66.52 4.88
CA GLY U 51 -66.00 -65.56 4.59
C GLY U 51 -66.55 -65.61 3.17
N TYR U 52 -66.42 -66.74 2.49
CA TYR U 52 -66.96 -66.90 1.15
C TYR U 52 -68.41 -67.33 1.22
N LYS U 53 -69.23 -66.77 0.34
CA LYS U 53 -70.63 -67.15 0.24
C LYS U 53 -70.97 -67.22 -1.24
N ALA U 54 -71.22 -68.43 -1.77
CA ALA U 54 -71.29 -68.53 -3.23
C ALA U 54 -72.56 -67.90 -3.79
N LYS U 55 -72.58 -66.58 -3.83
CA LYS U 55 -73.57 -65.80 -4.54
C LYS U 55 -72.86 -64.75 -5.38
N GLN U 56 -73.57 -64.19 -6.36
CA GLN U 56 -72.96 -63.31 -7.35
C GLN U 56 -72.26 -62.13 -6.69
N GLY U 57 -70.99 -61.92 -7.05
CA GLY U 57 -70.19 -60.85 -6.49
C GLY U 57 -68.96 -61.32 -5.76
N TYR U 58 -68.83 -62.61 -5.51
CA TYR U 58 -67.63 -63.17 -4.90
C TYR U 58 -66.78 -63.80 -5.99
N VAL U 59 -65.53 -63.39 -6.04
CA VAL U 59 -64.60 -63.82 -7.06
C VAL U 59 -63.42 -64.45 -6.36
N ILE U 60 -62.67 -65.27 -7.10
CA ILE U 60 -61.45 -65.85 -6.55
C ILE U 60 -60.34 -65.81 -7.58
N TYR U 61 -59.11 -65.64 -7.10
CA TYR U 61 -57.95 -65.45 -7.98
C TYR U 61 -56.79 -66.30 -7.48
N ARG U 62 -56.50 -67.40 -8.17
CA ARG U 62 -55.27 -68.11 -7.89
C ARG U 62 -54.09 -67.21 -8.23
N ILE U 63 -53.10 -67.16 -7.35
CA ILE U 63 -52.00 -66.23 -7.57
C ILE U 63 -50.70 -66.84 -7.09
N ARG U 64 -49.67 -66.77 -7.93
CA ARG U 64 -48.35 -67.28 -7.62
C ARG U 64 -47.54 -66.28 -6.80
N VAL U 65 -46.62 -66.81 -6.01
CA VAL U 65 -45.58 -66.01 -5.38
C VAL U 65 -44.26 -66.72 -5.58
N ARG U 66 -43.26 -65.98 -6.00
CA ARG U 66 -41.92 -66.54 -6.08
C ARG U 66 -41.43 -66.78 -4.65
N ARG U 67 -41.08 -68.01 -4.36
CA ARG U 67 -40.89 -68.49 -2.99
C ARG U 67 -39.47 -68.21 -2.53
N GLY U 68 -39.30 -68.01 -1.24
CA GLY U 68 -38.01 -67.74 -0.64
C GLY U 68 -37.93 -66.36 -0.03
N GLY U 69 -36.73 -66.03 0.45
CA GLY U 69 -36.52 -64.82 1.22
C GLY U 69 -36.35 -63.56 0.38
N ARG U 70 -35.75 -62.56 1.01
CA ARG U 70 -35.49 -61.26 0.42
C ARG U 70 -34.01 -61.13 0.10
N LYS U 71 -33.71 -60.22 -0.83
CA LYS U 71 -32.34 -59.93 -1.22
C LYS U 71 -32.19 -58.41 -1.28
N ARG U 72 -31.35 -57.87 -0.42
CA ARG U 72 -31.23 -56.43 -0.33
C ARG U 72 -30.66 -55.85 -1.63
N PRO U 73 -31.45 -55.08 -2.35
CA PRO U 73 -31.05 -54.61 -3.68
C PRO U 73 -30.14 -53.40 -3.68
N VAL U 74 -28.84 -53.67 -3.57
CA VAL U 74 -27.79 -52.67 -3.70
C VAL U 74 -26.90 -53.09 -4.85
N PRO U 75 -26.32 -52.18 -5.59
CA PRO U 75 -25.80 -52.57 -6.90
C PRO U 75 -24.46 -53.26 -6.85
N LYS U 76 -24.25 -54.05 -5.80
CA LYS U 76 -23.22 -55.07 -5.67
C LYS U 76 -23.42 -55.52 -4.24
N GLY U 77 -22.45 -56.23 -3.66
CA GLY U 77 -22.38 -56.24 -2.20
C GLY U 77 -22.73 -54.87 -1.66
N ALA U 78 -21.84 -53.90 -1.86
CA ALA U 78 -22.15 -52.47 -1.99
C ALA U 78 -23.20 -51.89 -1.05
N THR U 79 -23.22 -52.31 0.21
CA THR U 79 -24.05 -51.64 1.20
C THR U 79 -23.09 -50.75 1.97
N TYR U 80 -23.02 -49.50 1.57
CA TYR U 80 -22.14 -48.57 2.25
C TYR U 80 -22.54 -48.44 3.70
N GLY U 81 -21.56 -48.24 4.55
CA GLY U 81 -21.79 -47.99 5.94
C GLY U 81 -21.20 -49.06 6.82
N LYS U 82 -21.57 -49.01 8.09
CA LYS U 82 -20.92 -49.82 9.09
C LYS U 82 -21.21 -51.30 8.85
N PRO U 83 -20.30 -52.18 9.25
CA PRO U 83 -20.45 -53.60 8.96
C PRO U 83 -21.64 -54.27 9.63
N VAL U 84 -22.48 -53.51 10.33
CA VAL U 84 -23.66 -54.13 10.91
C VAL U 84 -24.76 -54.23 9.88
N HIS U 85 -24.97 -53.17 9.13
CA HIS U 85 -25.94 -53.24 8.05
C HIS U 85 -25.34 -53.80 6.78
N HIS U 86 -24.17 -54.43 6.89
CA HIS U 86 -23.40 -54.87 5.74
C HIS U 86 -24.08 -55.98 4.96
N GLY U 87 -25.22 -56.44 5.43
CA GLY U 87 -25.78 -57.71 5.00
C GLY U 87 -26.68 -57.56 3.78
N VAL U 88 -26.54 -58.49 2.85
CA VAL U 88 -27.34 -58.47 1.66
C VAL U 88 -28.03 -59.81 1.46
N ASN U 89 -27.31 -60.90 1.71
CA ASN U 89 -27.76 -62.21 1.23
C ASN U 89 -28.89 -62.78 2.07
N GLN U 90 -28.69 -62.88 3.38
CA GLN U 90 -29.49 -63.82 4.15
C GLN U 90 -30.71 -63.22 4.81
N LEU U 91 -31.03 -61.95 4.56
CA LEU U 91 -32.11 -61.34 5.33
C LEU U 91 -33.48 -61.72 4.77
N LYS U 92 -34.50 -61.59 5.63
CA LYS U 92 -35.86 -62.01 5.35
C LYS U 92 -36.80 -60.82 5.31
N PHE U 93 -37.99 -61.03 4.78
CA PHE U 93 -38.98 -59.99 4.61
C PHE U 93 -39.89 -59.89 5.84
N ALA U 94 -40.38 -58.68 6.12
CA ALA U 94 -41.15 -58.46 7.36
C ALA U 94 -42.54 -59.07 7.27
N ARG U 95 -43.27 -58.79 6.19
CA ARG U 95 -44.57 -59.40 5.93
C ARG U 95 -44.41 -60.89 5.64
N SER U 96 -45.52 -61.56 5.33
CA SER U 96 -45.48 -62.96 4.94
C SER U 96 -45.63 -63.09 3.44
N LEU U 97 -45.50 -64.31 2.94
CA LEU U 97 -45.72 -64.55 1.52
C LEU U 97 -47.19 -64.57 1.15
N GLN U 98 -48.07 -64.84 2.11
CA GLN U 98 -49.49 -64.79 1.81
C GLN U 98 -49.95 -63.35 1.62
N SER U 99 -49.54 -62.47 2.53
CA SER U 99 -49.87 -61.05 2.43
C SER U 99 -49.19 -60.36 1.26
N VAL U 100 -48.36 -61.09 0.50
CA VAL U 100 -47.87 -60.59 -0.77
C VAL U 100 -48.82 -60.96 -1.90
N ALA U 101 -49.40 -62.15 -1.81
CA ALA U 101 -50.37 -62.57 -2.81
C ALA U 101 -51.62 -61.71 -2.73
N GLU U 102 -52.19 -61.57 -1.53
CA GLU U 102 -53.37 -60.73 -1.38
C GLU U 102 -53.12 -59.34 -1.92
N GLU U 103 -51.91 -58.81 -1.71
CA GLU U 103 -51.58 -57.48 -2.22
C GLU U 103 -51.64 -57.46 -3.74
N ARG U 104 -50.90 -58.37 -4.39
CA ARG U 104 -50.87 -58.39 -5.86
C ARG U 104 -52.24 -58.66 -6.44
N ALA U 105 -53.08 -59.40 -5.70
CA ALA U 105 -54.43 -59.68 -6.18
C ALA U 105 -55.29 -58.44 -6.16
N GLY U 106 -55.27 -57.70 -5.05
CA GLY U 106 -56.03 -56.46 -4.99
C GLY U 106 -55.38 -55.28 -5.67
N ARG U 107 -54.11 -55.40 -6.04
CA ARG U 107 -53.45 -54.34 -6.78
C ARG U 107 -53.85 -54.36 -8.24
N HIS U 108 -54.09 -55.55 -8.77
CA HIS U 108 -54.57 -55.68 -10.12
C HIS U 108 -55.97 -55.12 -10.25
N CYS U 109 -56.92 -55.71 -9.52
CA CYS U 109 -58.33 -55.38 -9.64
C CYS U 109 -58.66 -54.33 -8.58
N GLY U 110 -58.41 -53.07 -8.95
CA GLY U 110 -58.68 -51.97 -8.04
C GLY U 110 -60.14 -51.78 -7.71
N ALA U 111 -61.05 -52.29 -8.55
CA ALA U 111 -62.47 -52.23 -8.22
C ALA U 111 -62.80 -53.15 -7.06
N LEU U 112 -62.35 -54.40 -7.13
CA LEU U 112 -62.68 -55.41 -6.14
C LEU U 112 -61.99 -55.13 -4.82
N ARG U 113 -62.50 -55.76 -3.76
CA ARG U 113 -62.01 -55.55 -2.41
C ARG U 113 -61.57 -56.89 -1.82
N VAL U 114 -60.30 -56.98 -1.41
CA VAL U 114 -59.79 -58.24 -0.91
C VAL U 114 -60.47 -58.61 0.40
N LEU U 115 -60.80 -59.89 0.54
CA LEU U 115 -61.46 -60.37 1.74
C LEU U 115 -60.56 -61.30 2.55
N ASN U 116 -60.06 -62.36 1.95
CA ASN U 116 -59.26 -63.34 2.68
C ASN U 116 -58.64 -64.31 1.69
N SER U 117 -57.65 -65.06 2.16
CA SER U 117 -56.99 -66.00 1.27
C SER U 117 -56.59 -67.25 2.02
N TYR U 118 -56.39 -68.33 1.25
CA TYR U 118 -55.89 -69.59 1.80
C TYR U 118 -54.79 -70.15 0.89
N TRP U 119 -54.33 -71.34 1.25
CA TRP U 119 -53.25 -72.03 0.55
C TRP U 119 -53.81 -73.11 -0.37
N VAL U 120 -53.10 -73.39 -1.47
CA VAL U 120 -53.54 -74.50 -2.31
C VAL U 120 -52.42 -75.52 -2.56
N GLY U 121 -51.26 -75.07 -3.02
CA GLY U 121 -50.20 -76.02 -3.33
C GLY U 121 -48.89 -75.29 -3.48
N GLU U 122 -47.80 -76.04 -3.40
CA GLU U 122 -46.52 -75.36 -3.37
C GLU U 122 -45.45 -76.17 -4.08
N ASP U 123 -44.43 -75.45 -4.51
CA ASP U 123 -43.29 -75.93 -5.25
C ASP U 123 -42.03 -75.56 -4.46
N SER U 124 -40.87 -76.06 -4.92
CA SER U 124 -39.61 -75.56 -4.39
C SER U 124 -39.44 -74.08 -4.69
N THR U 125 -39.99 -73.62 -5.81
CA THR U 125 -39.79 -72.26 -6.25
C THR U 125 -41.04 -71.40 -6.17
N TYR U 126 -42.22 -71.99 -5.95
CA TYR U 126 -43.46 -71.24 -5.92
C TYR U 126 -44.27 -71.59 -4.68
N LYS U 127 -45.24 -70.73 -4.40
CA LYS U 127 -46.25 -70.96 -3.37
C LYS U 127 -47.55 -70.44 -3.95
N PHE U 128 -48.55 -71.28 -4.07
CA PHE U 128 -49.80 -70.87 -4.70
C PHE U 128 -50.83 -70.58 -3.62
N PHE U 129 -51.00 -69.31 -3.34
CA PHE U 129 -52.12 -68.85 -2.54
C PHE U 129 -53.27 -68.51 -3.46
N GLU U 130 -54.46 -68.44 -2.88
CA GLU U 130 -55.63 -68.19 -3.70
C GLU U 130 -56.61 -67.36 -2.89
N VAL U 131 -57.13 -66.30 -3.52
CA VAL U 131 -57.66 -65.13 -2.82
C VAL U 131 -59.14 -64.97 -3.15
N ILE U 132 -59.93 -64.70 -2.11
CA ILE U 132 -61.34 -64.38 -2.25
C ILE U 132 -61.49 -62.88 -2.42
N LEU U 133 -62.05 -62.46 -3.53
CA LEU U 133 -62.30 -61.04 -3.78
C LEU U 133 -63.80 -60.81 -3.92
N ILE U 134 -64.21 -59.56 -3.66
CA ILE U 134 -65.62 -59.20 -3.61
C ILE U 134 -65.81 -57.90 -4.40
N ASP U 135 -66.93 -57.81 -5.12
CA ASP U 135 -67.26 -56.62 -5.90
C ASP U 135 -68.08 -55.67 -5.05
N PRO U 136 -67.53 -54.56 -4.58
CA PRO U 136 -68.22 -53.77 -3.56
C PRO U 136 -69.48 -53.09 -4.04
N PHE U 137 -69.79 -53.11 -5.32
CA PHE U 137 -70.89 -52.30 -5.84
C PHE U 137 -71.80 -53.15 -6.74
N HIS U 138 -71.96 -54.42 -6.38
CA HIS U 138 -72.97 -55.29 -6.97
C HIS U 138 -74.12 -55.43 -5.99
N LYS U 139 -75.34 -55.31 -6.48
CA LYS U 139 -76.50 -55.19 -5.59
C LYS U 139 -76.72 -56.41 -4.71
N ALA U 140 -76.11 -57.55 -5.03
CA ALA U 140 -76.17 -58.71 -4.14
C ALA U 140 -75.25 -58.57 -2.95
N ILE U 141 -74.44 -57.53 -2.91
CA ILE U 141 -73.64 -57.21 -1.73
C ILE U 141 -74.07 -55.88 -1.12
N ARG U 142 -74.47 -54.91 -1.94
CA ARG U 142 -74.90 -53.62 -1.40
C ARG U 142 -76.16 -53.75 -0.54
N ARG U 143 -77.10 -54.61 -0.94
CA ARG U 143 -78.39 -54.73 -0.27
C ARG U 143 -78.37 -55.65 0.95
N ASN U 144 -77.68 -56.77 0.86
CA ASN U 144 -77.60 -57.68 1.99
C ASN U 144 -76.69 -57.12 3.08
N PRO U 145 -77.20 -56.87 4.32
CA PRO U 145 -76.30 -56.42 5.39
C PRO U 145 -75.31 -57.51 5.77
N ASP U 146 -74.40 -57.19 6.70
CA ASP U 146 -73.36 -58.11 7.14
C ASP U 146 -72.31 -58.26 6.04
N THR U 147 -72.58 -57.72 4.86
CA THR U 147 -71.59 -57.68 3.81
C THR U 147 -71.46 -56.29 3.23
N GLN U 148 -72.28 -55.35 3.64
CA GLN U 148 -72.16 -54.00 3.12
C GLN U 148 -71.10 -53.19 3.85
N TRP U 149 -70.46 -53.77 4.86
CA TRP U 149 -69.33 -53.07 5.43
C TRP U 149 -68.16 -52.99 4.45
N ILE U 150 -68.14 -53.84 3.42
CA ILE U 150 -67.10 -53.74 2.41
C ILE U 150 -67.37 -52.61 1.42
N THR U 151 -68.61 -52.16 1.32
CA THR U 151 -68.90 -51.04 0.44
C THR U 151 -68.37 -49.73 1.02
N LYS U 152 -68.37 -49.58 2.33
CA LYS U 152 -68.00 -48.31 2.93
C LYS U 152 -66.54 -48.00 2.62
N PRO U 153 -66.21 -46.74 2.25
CA PRO U 153 -64.90 -46.43 1.70
C PRO U 153 -63.76 -46.61 2.68
N VAL U 154 -64.07 -46.95 3.93
CA VAL U 154 -63.02 -47.22 4.90
C VAL U 154 -62.20 -48.42 4.48
N HIS U 155 -62.81 -49.36 3.77
CA HIS U 155 -62.19 -50.66 3.53
C HIS U 155 -61.55 -50.79 2.16
N LYS U 156 -61.35 -49.67 1.46
CA LYS U 156 -60.59 -49.71 0.21
C LYS U 156 -59.22 -50.29 0.46
N HIS U 157 -58.90 -51.39 -0.23
CA HIS U 157 -57.57 -51.97 -0.22
C HIS U 157 -57.15 -52.35 1.20
N ARG U 158 -57.89 -53.29 1.77
CA ARG U 158 -57.59 -53.77 3.12
C ARG U 158 -56.18 -54.33 3.21
N GLU U 159 -55.73 -55.00 2.15
CA GLU U 159 -54.45 -55.69 2.20
C GLU U 159 -53.26 -54.77 1.94
N MET U 160 -53.49 -53.52 1.54
CA MET U 160 -52.37 -52.60 1.40
C MET U 160 -51.96 -52.00 2.72
N ARG U 161 -52.92 -51.80 3.63
CA ARG U 161 -52.64 -51.33 4.97
C ARG U 161 -52.48 -52.46 5.97
N GLY U 162 -52.55 -53.72 5.53
CA GLY U 162 -52.36 -54.82 6.43
C GLY U 162 -53.55 -55.03 7.34
N LEU U 163 -54.72 -55.30 6.75
CA LEU U 163 -55.92 -55.48 7.53
C LEU U 163 -56.57 -56.84 7.35
N THR U 164 -56.09 -57.67 6.44
CA THR U 164 -56.64 -59.00 6.26
C THR U 164 -56.15 -59.92 7.37
N SER U 165 -56.49 -61.21 7.26
CA SER U 165 -56.03 -62.21 8.22
C SER U 165 -54.51 -62.30 8.23
N ALA U 166 -53.92 -62.56 7.06
CA ALA U 166 -52.47 -62.76 6.98
C ALA U 166 -51.73 -61.45 7.23
N GLY U 167 -52.22 -60.37 6.62
CA GLY U 167 -51.52 -59.10 6.72
C GLY U 167 -51.37 -58.62 8.14
N ARG U 168 -52.38 -58.88 8.97
CA ARG U 168 -52.34 -58.34 10.32
C ARG U 168 -51.31 -59.05 11.18
N LYS U 169 -51.00 -60.32 10.89
CA LYS U 169 -50.07 -61.05 11.75
C LYS U 169 -48.68 -60.45 11.67
N SER U 170 -48.32 -59.83 10.54
CA SER U 170 -47.02 -59.18 10.44
C SER U 170 -46.93 -57.95 11.34
N ARG U 171 -48.07 -57.31 11.63
CA ARG U 171 -48.13 -56.15 12.51
C ARG U 171 -47.95 -56.52 13.97
N GLY U 172 -48.06 -57.80 14.28
CA GLY U 172 -47.71 -58.28 15.59
C GLY U 172 -48.52 -57.60 16.65
N LEU U 173 -49.82 -57.86 16.68
CA LEU U 173 -50.66 -57.37 17.75
C LEU U 173 -51.45 -58.51 18.35
N GLY U 174 -52.09 -58.20 19.46
CA GLY U 174 -52.74 -59.20 20.29
C GLY U 174 -52.90 -58.63 21.68
N LYS U 175 -53.30 -59.50 22.59
CA LYS U 175 -53.40 -59.14 23.99
C LYS U 175 -52.38 -59.93 24.78
N GLY U 176 -51.72 -59.27 25.74
CA GLY U 176 -51.00 -60.04 26.72
C GLY U 176 -49.56 -59.61 26.88
N HIS U 177 -48.81 -60.39 27.65
CA HIS U 177 -47.44 -60.00 27.91
C HIS U 177 -46.54 -60.22 26.70
N LYS U 178 -47.08 -60.77 25.62
CA LYS U 178 -46.32 -61.00 24.41
C LYS U 178 -46.36 -59.77 23.52
N PHE U 179 -47.49 -59.09 23.45
CA PHE U 179 -47.64 -57.97 22.53
C PHE U 179 -47.67 -56.70 23.38
N HIS U 180 -46.48 -56.20 23.70
CA HIS U 180 -46.34 -54.97 24.48
C HIS U 180 -46.04 -53.78 23.60
N HIS U 181 -45.06 -53.88 22.72
CA HIS U 181 -45.12 -53.01 21.56
C HIS U 181 -46.40 -53.32 20.81
N THR U 182 -46.94 -52.29 20.13
CA THR U 182 -48.29 -52.28 19.55
C THR U 182 -49.39 -52.23 20.61
N ILE U 183 -49.07 -51.68 21.79
CA ILE U 183 -50.06 -51.52 22.85
C ILE U 183 -50.80 -50.18 22.75
N GLY U 184 -50.39 -49.29 21.86
CA GLY U 184 -51.26 -48.21 21.48
C GLY U 184 -52.15 -48.76 20.38
N GLY U 185 -52.35 -48.02 19.31
CA GLY U 185 -52.97 -48.62 18.15
C GLY U 185 -52.11 -49.71 17.52
N SER U 186 -50.90 -49.36 17.10
CA SER U 186 -50.10 -50.26 16.28
C SER U 186 -48.63 -49.97 16.55
N ARG U 187 -47.77 -50.77 15.92
CA ARG U 187 -46.34 -50.74 16.23
C ARG U 187 -45.75 -49.35 16.06
N ARG U 188 -46.32 -48.51 15.20
CA ARG U 188 -45.82 -47.14 15.08
C ARG U 188 -46.37 -46.27 16.19
N ALA U 189 -47.69 -46.28 16.37
CA ALA U 189 -48.30 -45.45 17.42
C ALA U 189 -47.97 -45.93 18.82
N ALA U 190 -47.30 -47.08 18.95
CA ALA U 190 -46.73 -47.48 20.21
C ALA U 190 -45.71 -46.45 20.67
N TRP U 191 -44.63 -46.29 19.91
CA TRP U 191 -43.61 -45.44 20.49
C TRP U 191 -43.87 -43.97 20.21
N ARG U 192 -44.68 -43.66 19.20
CA ARG U 192 -45.18 -42.29 19.10
C ARG U 192 -45.70 -41.80 20.45
N ARG U 193 -46.20 -42.71 21.29
CA ARG U 193 -46.65 -42.36 22.63
C ARG U 193 -45.54 -42.45 23.68
N ARG U 194 -44.47 -43.19 23.40
CA ARG U 194 -43.40 -43.25 24.38
C ARG U 194 -42.33 -42.20 24.12
N ASN U 195 -41.96 -41.96 22.87
CA ASN U 195 -40.99 -40.90 22.60
C ASN U 195 -41.68 -39.56 22.40
N THR U 196 -42.50 -39.16 23.36
CA THR U 196 -43.09 -37.82 23.35
C THR U 196 -42.98 -37.21 24.73
N LEU U 197 -42.18 -36.14 24.85
CA LEU U 197 -42.24 -35.32 26.05
C LEU U 197 -43.64 -34.77 26.22
N GLN U 198 -44.27 -35.09 27.35
CA GLN U 198 -45.61 -34.59 27.60
C GLN U 198 -45.53 -33.31 28.43
N LEU U 199 -45.02 -32.25 27.78
CA LEU U 199 -44.81 -30.96 28.44
C LEU U 199 -46.15 -30.35 28.80
N HIS U 200 -46.51 -30.40 30.08
CA HIS U 200 -47.81 -29.96 30.53
C HIS U 200 -47.92 -28.45 30.55
N ARG U 201 -49.16 -27.97 30.55
CA ARG U 201 -49.38 -26.53 30.62
C ARG U 201 -48.87 -25.96 31.92
N TYR U 202 -48.91 -26.76 32.99
CA TYR U 202 -48.61 -26.24 34.31
C TYR U 202 -47.33 -26.76 34.91
N ARG U 203 -46.80 -27.86 34.38
CA ARG U 203 -45.55 -28.44 34.87
C ARG U 203 -45.60 -28.70 36.37
N GLU V 1 21.99 39.97 34.13
CA GLU V 1 21.75 41.38 34.03
C GLU V 1 20.71 41.75 32.97
N GLY V 2 20.93 42.88 32.27
CA GLY V 2 19.90 43.54 31.47
C GLY V 2 20.06 43.46 29.96
N GLN V 3 20.55 44.55 29.36
CA GLN V 3 20.49 44.82 27.93
C GLN V 3 21.43 43.90 27.13
N VAL V 4 21.59 44.21 25.84
CA VAL V 4 22.42 43.44 24.93
C VAL V 4 23.80 43.19 25.49
N LEU V 5 24.20 41.93 25.51
CA LEU V 5 25.53 41.53 25.95
C LEU V 5 26.48 41.45 24.76
N VAL V 6 27.74 41.80 25.03
CA VAL V 6 28.80 41.60 24.05
C VAL V 6 29.93 40.85 24.75
N LEU V 7 30.22 39.65 24.26
CA LEU V 7 31.30 38.83 24.77
C LEU V 7 32.40 38.74 23.74
N ASP V 8 33.62 39.09 24.15
CA ASP V 8 34.79 38.94 23.30
C ASP V 8 35.32 37.53 23.45
N GLY V 9 35.19 36.73 22.39
CA GLY V 9 35.48 35.30 22.43
C GLY V 9 36.94 34.93 22.62
N ARG V 10 37.86 35.87 22.45
CA ARG V 10 39.27 35.53 22.58
C ARG V 10 39.57 35.06 24.02
N GLY V 11 40.60 34.22 24.17
CA GLY V 11 40.99 33.72 25.47
C GLY V 11 39.97 32.85 26.16
N HIS V 12 38.91 32.45 25.45
CA HIS V 12 37.84 31.64 26.04
C HIS V 12 37.89 30.21 25.54
N LEU V 13 37.20 29.34 26.26
CA LEU V 13 37.17 27.92 25.95
C LEU V 13 35.86 27.59 25.27
N LEU V 14 35.96 26.88 24.14
CA LEU V 14 34.83 26.74 23.23
C LEU V 14 33.58 26.31 23.97
N GLY V 15 33.65 25.20 24.68
CA GLY V 15 32.48 24.68 25.36
C GLY V 15 32.19 25.41 26.65
N ARG V 16 33.25 25.80 27.36
CA ARG V 16 33.06 26.51 28.62
C ARG V 16 32.29 27.80 28.40
N LEU V 17 32.62 28.54 27.34
CA LEU V 17 31.84 29.74 27.01
C LEU V 17 30.47 29.39 26.47
N ALA V 18 30.38 28.36 25.63
CA ALA V 18 29.10 27.99 25.03
C ALA V 18 28.08 27.53 26.07
N ALA V 19 28.55 26.96 27.20
CA ALA V 19 27.61 26.55 28.23
C ALA V 19 27.01 27.75 28.94
N ILE V 20 27.79 28.81 29.11
CA ILE V 20 27.29 29.98 29.82
C ILE V 20 26.47 30.85 28.90
N VAL V 21 26.85 30.93 27.62
CA VAL V 21 26.04 31.68 26.66
C VAL V 21 24.65 31.07 26.57
N ALA V 22 24.59 29.74 26.43
CA ALA V 22 23.31 29.08 26.17
C ALA V 22 22.36 29.18 27.36
N LYS V 23 22.86 29.30 28.58
CA LYS V 23 21.92 29.49 29.68
C LYS V 23 21.37 30.90 29.71
N GLN V 24 22.15 31.88 29.29
CA GLN V 24 21.70 33.26 29.30
C GLN V 24 20.83 33.61 28.11
N VAL V 25 20.96 32.88 27.01
CA VAL V 25 20.01 33.06 25.91
C VAL V 25 18.64 32.55 26.32
N LEU V 26 18.60 31.43 27.04
CA LEU V 26 17.34 30.84 27.45
C LEU V 26 16.61 31.67 28.49
N LEU V 27 17.28 32.64 29.11
CA LEU V 27 16.65 33.55 30.04
C LEU V 27 16.26 34.87 29.38
N GLY V 28 16.09 34.87 28.05
CA GLY V 28 15.60 36.03 27.33
C GLY V 28 16.62 37.10 27.03
N ARG V 29 17.83 37.01 27.58
CA ARG V 29 18.86 38.03 27.39
C ARG V 29 19.55 37.85 26.05
N LYS V 30 19.89 38.97 25.40
CA LYS V 30 20.44 38.94 24.04
C LYS V 30 21.97 38.94 24.09
N VAL V 31 22.58 37.90 23.55
CA VAL V 31 24.03 37.69 23.64
C VAL V 31 24.64 37.84 22.25
N VAL V 32 25.81 38.46 22.19
CA VAL V 32 26.53 38.63 20.93
C VAL V 32 27.98 38.26 21.17
N VAL V 33 28.35 37.03 20.82
CA VAL V 33 29.73 36.59 20.92
C VAL V 33 30.49 37.06 19.69
N VAL V 34 31.64 37.69 19.92
CA VAL V 34 32.42 38.35 18.89
C VAL V 34 33.84 37.84 18.94
N ARG V 35 34.52 37.86 17.80
CA ARG V 35 35.93 37.51 17.69
C ARG V 35 36.13 36.03 17.88
N CYS V 36 35.16 35.23 17.40
CA CYS V 36 35.15 33.82 17.73
C CYS V 36 36.37 33.08 17.22
N GLU V 37 37.18 33.71 16.37
CA GLU V 37 38.42 33.12 15.92
C GLU V 37 39.47 33.05 17.03
N GLY V 38 39.36 33.90 18.04
CA GLY V 38 40.23 33.83 19.20
C GLY V 38 39.83 32.78 20.22
N ILE V 39 38.62 32.23 20.09
CA ILE V 39 38.20 31.14 20.95
C ILE V 39 39.15 29.97 20.78
N ASN V 40 39.50 29.32 21.89
CA ASN V 40 40.41 28.19 21.82
C ASN V 40 39.85 27.01 22.61
N ILE V 41 40.27 25.81 22.20
CA ILE V 41 39.78 24.57 22.76
C ILE V 41 40.93 23.88 23.48
N SER V 42 40.62 23.25 24.60
CA SER V 42 41.63 22.52 25.34
C SER V 42 42.05 21.27 24.57
N GLY V 43 43.24 20.77 24.89
CA GLY V 43 43.80 19.63 24.19
C GLY V 43 44.62 20.06 22.99
N ASN V 44 45.71 19.35 22.70
CA ASN V 44 46.65 19.82 21.70
C ASN V 44 45.96 19.94 20.34
N PHE V 45 46.65 20.56 19.38
CA PHE V 45 46.00 20.92 18.11
C PHE V 45 45.58 19.69 17.34
N TYR V 46 46.54 18.81 17.01
CA TYR V 46 46.23 17.63 16.21
C TYR V 46 45.08 16.81 16.81
N ARG V 47 44.99 16.78 18.14
CA ARG V 47 43.90 16.07 18.81
C ARG V 47 42.54 16.60 18.35
N ASN V 48 42.44 17.91 18.16
CA ASN V 48 41.19 18.58 17.79
C ASN V 48 40.94 18.57 16.29
N LYS V 49 41.98 18.75 15.49
CA LYS V 49 41.80 18.63 14.04
C LYS V 49 41.33 17.23 13.69
N LEU V 50 42.01 16.22 14.22
CA LEU V 50 41.58 14.84 14.01
C LEU V 50 40.15 14.63 14.47
N LYS V 51 39.78 15.24 15.60
CA LYS V 51 38.42 15.14 16.14
C LYS V 51 37.41 15.85 15.25
N TYR V 52 37.82 16.91 14.58
CA TYR V 52 36.92 17.57 13.66
C TYR V 52 36.76 16.79 12.37
N LEU V 53 37.85 16.20 11.86
CA LEU V 53 37.71 15.47 10.61
C LEU V 53 36.81 14.25 10.79
N ALA V 54 36.76 13.69 12.00
CA ALA V 54 35.82 12.59 12.24
C ALA V 54 34.38 13.07 12.11
N PHE V 55 34.13 14.35 12.39
CA PHE V 55 32.82 14.95 12.18
C PHE V 55 32.48 15.05 10.69
N LEU V 56 33.47 15.37 9.86
CA LEU V 56 33.20 15.52 8.43
C LEU V 56 32.84 14.19 7.81
N ARG V 57 33.42 13.10 8.29
CA ARG V 57 33.10 11.78 7.76
C ARG V 57 31.69 11.33 8.14
N LYS V 58 31.03 12.02 9.06
CA LYS V 58 29.63 11.75 9.40
C LYS V 58 28.76 12.47 8.37
N ARG V 59 28.14 11.72 7.47
CA ARG V 59 27.35 12.31 6.40
C ARG V 59 26.39 11.27 5.86
N MET V 60 25.11 11.64 5.71
CA MET V 60 24.08 10.72 5.26
C MET V 60 24.47 10.11 3.92
N ASN V 61 24.61 8.79 3.88
CA ASN V 61 25.20 8.16 2.70
C ASN V 61 24.27 8.28 1.49
N THR V 62 23.01 7.92 1.66
CA THR V 62 22.13 7.85 0.50
C THR V 62 21.94 9.21 -0.14
N ASN V 63 22.07 10.28 0.63
CA ASN V 63 22.15 11.62 0.05
C ASN V 63 22.78 12.60 1.02
N PRO V 64 23.88 13.26 0.68
CA PRO V 64 24.58 14.08 1.67
C PRO V 64 23.94 15.43 1.90
N SER V 65 23.28 15.97 0.88
CA SER V 65 22.79 17.33 0.97
C SER V 65 21.78 17.50 2.11
N ARG V 66 21.02 16.45 2.43
CA ARG V 66 20.20 16.52 3.62
C ARG V 66 21.02 16.35 4.88
N GLY V 67 22.21 15.76 4.78
CA GLY V 67 22.91 15.25 5.92
C GLY V 67 23.44 16.34 6.84
N PRO V 68 24.14 15.92 7.89
CA PRO V 68 24.71 16.88 8.84
C PRO V 68 25.54 17.94 8.15
N TYR V 69 25.26 19.20 8.46
CA TYR V 69 25.93 20.32 7.81
C TYR V 69 27.16 20.70 8.63
N HIS V 70 28.34 20.32 8.16
CA HIS V 70 29.57 20.71 8.84
C HIS V 70 29.96 22.09 8.36
N PHE V 71 29.58 23.09 9.13
CA PHE V 71 30.03 24.44 8.87
C PHE V 71 31.53 24.54 9.11
N ARG V 72 32.14 25.53 8.47
CA ARG V 72 33.58 25.72 8.54
C ARG V 72 34.01 27.01 9.23
N ALA V 73 33.25 28.09 9.12
CA ALA V 73 33.64 29.34 9.75
C ALA V 73 33.56 29.22 11.27
N PRO V 74 34.47 29.86 12.01
CA PRO V 74 34.49 29.65 13.47
C PRO V 74 33.19 30.01 14.16
N SER V 75 32.57 31.14 13.81
CA SER V 75 31.29 31.48 14.41
C SER V 75 30.32 30.32 14.28
N ARG V 76 30.13 29.83 13.06
CA ARG V 76 29.17 28.74 12.88
C ARG V 76 29.61 27.50 13.66
N ILE V 77 30.92 27.25 13.74
CA ILE V 77 31.39 26.17 14.62
C ILE V 77 30.90 26.43 16.03
N PHE V 78 31.14 27.64 16.54
CA PHE V 78 30.71 27.97 17.89
C PHE V 78 29.19 27.97 18.00
N TRP V 79 28.50 28.64 17.07
CA TRP V 79 27.04 28.63 17.05
C TRP V 79 26.50 27.21 17.10
N ARG V 80 27.12 26.29 16.36
CA ARG V 80 26.77 24.87 16.46
C ARG V 80 26.90 24.38 17.90
N THR V 81 27.99 24.71 18.59
CA THR V 81 28.17 24.17 19.94
C THR V 81 27.18 24.79 20.91
N VAL V 82 26.74 26.03 20.67
CA VAL V 82 25.69 26.56 21.53
C VAL V 82 24.38 25.86 21.20
N ARG V 83 24.11 25.64 19.91
CA ARG V 83 22.87 24.97 19.52
C ARG V 83 22.78 23.57 20.11
N GLY V 84 23.92 22.90 20.27
CA GLY V 84 23.94 21.61 20.93
C GLY V 84 23.61 21.66 22.41
N MET V 85 23.48 22.85 22.99
CA MET V 85 23.11 22.99 24.40
C MET V 85 21.78 23.70 24.60
N LEU V 86 20.99 23.88 23.54
CA LEU V 86 19.65 24.43 23.62
C LEU V 86 18.66 23.40 23.11
N PRO V 87 17.43 23.43 23.62
CA PRO V 87 16.39 22.52 23.09
C PRO V 87 15.84 22.98 21.74
N HIS V 88 16.73 23.08 20.74
CA HIS V 88 16.40 23.67 19.44
C HIS V 88 15.28 22.94 18.72
N LYS V 89 14.84 21.80 19.21
CA LYS V 89 13.74 21.08 18.60
C LYS V 89 12.39 21.66 18.99
N THR V 90 12.32 22.53 19.98
CA THR V 90 11.07 23.13 20.42
C THR V 90 11.02 24.62 20.05
N LYS V 91 9.92 25.27 20.46
CA LYS V 91 9.72 26.66 20.10
C LYS V 91 10.57 27.59 20.95
N ARG V 92 10.69 27.30 22.24
CA ARG V 92 11.55 28.13 23.06
C ARG V 92 13.02 27.92 22.71
N GLY V 93 13.37 26.75 22.19
CA GLY V 93 14.76 26.50 21.80
C GLY V 93 15.17 27.29 20.57
N GLN V 94 14.31 27.33 19.56
CA GLN V 94 14.61 28.12 18.36
C GLN V 94 14.48 29.61 18.64
N ALA V 95 13.48 29.99 19.42
CA ALA V 95 13.35 31.38 19.84
C ALA V 95 14.60 31.86 20.55
N ALA V 96 15.26 30.97 21.27
CA ALA V 96 16.53 31.32 21.91
C ALA V 96 17.59 31.59 20.83
N LEU V 97 17.83 30.62 19.94
CA LEU V 97 18.88 30.74 18.93
C LEU V 97 18.82 32.05 18.16
N ASP V 98 17.69 32.73 18.19
CA ASP V 98 17.58 34.02 17.52
C ASP V 98 18.08 35.17 18.38
N ARG V 99 18.06 35.00 19.71
CA ARG V 99 18.62 36.02 20.58
C ARG V 99 20.15 36.01 20.55
N LEU V 100 20.75 34.94 20.02
CA LEU V 100 22.19 34.82 19.87
C LEU V 100 22.63 35.45 18.56
N LYS V 101 23.91 35.81 18.52
CA LYS V 101 24.44 36.43 17.32
C LYS V 101 25.95 36.34 17.39
N VAL V 102 26.54 35.56 16.49
CA VAL V 102 27.95 35.20 16.59
C VAL V 102 28.65 35.66 15.34
N PHE V 103 29.84 36.26 15.52
CA PHE V 103 30.60 36.87 14.43
C PHE V 103 32.03 36.36 14.39
N ASP V 104 32.58 36.31 13.18
CA ASP V 104 33.99 35.99 12.94
C ASP V 104 34.73 37.30 12.68
N GLY V 105 35.75 37.58 13.49
CA GLY V 105 36.28 38.94 13.55
C GLY V 105 35.38 39.80 14.43
N ILE V 106 35.40 41.10 14.18
CA ILE V 106 34.59 42.00 14.98
C ILE V 106 34.07 43.15 14.13
N PRO V 107 32.80 43.12 13.79
CA PRO V 107 32.24 43.97 12.75
C PRO V 107 31.75 45.29 13.32
N PRO V 108 31.05 46.10 12.52
CA PRO V 108 30.37 47.30 13.04
C PRO V 108 29.35 46.96 14.11
N PRO V 109 28.40 47.85 14.39
CA PRO V 109 28.30 48.51 15.70
C PRO V 109 29.00 47.86 16.89
N TYR V 110 29.10 46.53 16.94
CA TYR V 110 29.73 45.91 18.10
C TYR V 110 31.22 46.25 18.27
N ASP V 111 31.92 46.68 17.21
CA ASP V 111 33.33 47.05 17.37
C ASP V 111 33.50 48.32 18.18
N LYS V 112 32.45 49.12 18.30
CA LYS V 112 32.47 50.37 19.03
C LYS V 112 31.63 50.27 20.29
N LYS V 113 31.73 49.14 20.97
CA LYS V 113 31.10 48.97 22.27
C LYS V 113 32.06 48.21 23.17
N LYS V 114 32.07 48.57 24.44
CA LYS V 114 32.83 47.82 25.43
C LYS V 114 32.32 46.40 25.49
N ARG V 115 33.23 45.44 25.38
CA ARG V 115 32.86 44.03 25.41
C ARG V 115 33.52 43.34 26.59
N MET V 116 32.82 42.36 27.13
CA MET V 116 33.15 41.82 28.43
C MET V 116 33.77 40.44 28.30
N VAL V 117 34.02 39.83 29.45
CA VAL V 117 34.74 38.57 29.53
C VAL V 117 34.03 37.67 30.52
N VAL V 118 34.06 36.37 30.24
CA VAL V 118 33.48 35.38 31.15
C VAL V 118 34.62 34.60 31.80
N PRO V 119 35.09 34.99 32.99
CA PRO V 119 36.28 34.32 33.55
C PRO V 119 36.06 32.86 33.86
N ALA V 120 34.83 32.46 34.20
CA ALA V 120 34.55 31.04 34.39
C ALA V 120 34.72 30.24 33.11
N ALA V 121 34.87 30.91 31.96
CA ALA V 121 35.14 30.25 30.69
C ALA V 121 36.51 30.62 30.14
N LEU V 122 37.19 31.55 30.77
CA LEU V 122 38.44 32.07 30.25
C LEU V 122 39.51 30.99 30.28
N LYS V 123 40.48 31.10 29.36
CA LYS V 123 41.46 30.03 29.25
C LYS V 123 42.51 30.09 30.37
N VAL V 124 42.97 31.29 30.71
CA VAL V 124 44.01 31.42 31.72
C VAL V 124 43.55 31.00 33.10
N VAL V 125 42.28 30.65 33.24
CA VAL V 125 41.71 30.28 34.52
C VAL V 125 41.31 28.81 34.56
N ARG V 126 40.58 28.34 33.54
CA ARG V 126 40.16 26.94 33.58
C ARG V 126 41.29 26.00 33.18
N LEU V 127 42.27 26.47 32.41
CA LEU V 127 43.30 25.58 31.90
C LEU V 127 44.59 25.69 32.69
N LYS V 128 45.31 24.57 32.76
CA LYS V 128 46.64 24.49 33.38
C LYS V 128 47.68 25.03 32.40
N PRO V 129 48.67 25.79 32.88
CA PRO V 129 49.61 26.44 31.96
C PRO V 129 50.46 25.48 31.16
N THR V 130 50.63 24.25 31.62
CA THR V 130 51.52 23.28 30.98
C THR V 130 50.82 22.40 29.95
N ARG V 131 49.65 22.82 29.47
CA ARG V 131 48.88 22.02 28.53
C ARG V 131 48.83 22.68 27.16
N LYS V 132 48.71 21.86 26.13
CA LYS V 132 48.58 22.38 24.78
C LYS V 132 47.11 22.67 24.48
N PHE V 133 46.90 23.45 23.43
CA PHE V 133 45.55 23.83 23.04
C PHE V 133 45.57 24.48 21.66
N ALA V 134 44.41 24.44 21.01
CA ALA V 134 44.24 24.90 19.65
C ALA V 134 43.32 26.11 19.60
N TYR V 135 43.52 26.94 18.57
CA TYR V 135 42.68 28.09 18.29
C TYR V 135 41.64 27.71 17.26
N LEU V 136 40.37 28.05 17.54
CA LEU V 136 39.31 27.76 16.59
C LEU V 136 39.54 28.48 15.26
N GLY V 137 40.43 29.48 15.21
CA GLY V 137 40.78 30.08 13.93
C GLY V 137 41.64 29.15 13.08
N ARG V 138 42.70 28.62 13.67
CA ARG V 138 43.54 27.66 12.95
C ARG V 138 42.77 26.39 12.62
N LEU V 139 42.06 25.84 13.62
CA LEU V 139 41.27 24.64 13.40
C LEU V 139 40.35 24.79 12.19
N ALA V 140 39.73 25.96 12.05
CA ALA V 140 38.80 26.15 10.95
C ALA V 140 39.52 26.20 9.61
N HIS V 141 40.75 26.72 9.61
CA HIS V 141 41.45 26.90 8.35
C HIS V 141 41.73 25.56 7.69
N GLU V 142 42.36 24.65 8.43
CA GLU V 142 42.71 23.35 7.86
C GLU V 142 41.52 22.44 7.68
N VAL V 143 40.35 22.83 8.21
CA VAL V 143 39.12 22.09 7.94
C VAL V 143 38.37 22.66 6.74
N GLY V 144 38.73 23.85 6.28
CA GLY V 144 38.18 24.31 5.02
C GLY V 144 37.62 25.72 5.04
N TRP V 145 37.92 26.47 6.09
CA TRP V 145 37.56 27.88 6.11
C TRP V 145 38.28 28.62 4.99
N LYS V 146 37.69 29.72 4.54
CA LYS V 146 38.28 30.46 3.43
C LYS V 146 38.77 31.85 3.78
N TYR V 147 38.48 32.35 4.96
CA TYR V 147 38.76 33.75 5.21
C TYR V 147 39.55 33.92 6.47
N GLN V 148 40.56 33.08 6.69
CA GLN V 148 41.45 33.40 7.78
C GLN V 148 42.29 34.62 7.43
N ALA V 149 42.66 34.77 6.15
CA ALA V 149 43.53 35.87 5.77
C ALA V 149 42.82 37.20 5.85
N VAL V 150 41.56 37.24 5.38
CA VAL V 150 40.84 38.50 5.32
C VAL V 150 40.47 38.97 6.72
N THR V 151 39.90 38.09 7.53
CA THR V 151 39.54 38.47 8.89
C THR V 151 40.75 38.88 9.72
N ALA V 152 41.96 38.58 9.27
CA ALA V 152 43.15 39.05 9.95
C ALA V 152 43.57 40.43 9.45
N THR V 153 43.59 40.61 8.13
CA THR V 153 43.92 41.91 7.58
C THR V 153 42.88 42.97 7.96
N LEU V 154 41.63 42.56 8.18
CA LEU V 154 40.61 43.53 8.58
C LEU V 154 40.77 43.93 10.03
N GLU V 155 41.08 42.99 10.91
CA GLU V 155 41.23 43.33 12.30
C GLU V 155 42.54 44.05 12.58
N GLU V 156 43.57 43.88 11.74
CA GLU V 156 44.74 44.73 11.91
C GLU V 156 44.45 46.15 11.49
N LYS V 157 43.49 46.35 10.61
CA LYS V 157 43.08 47.69 10.23
C LYS V 157 42.19 48.33 11.28
N ARG V 158 41.46 47.51 12.03
CA ARG V 158 40.65 48.01 13.14
C ARG V 158 41.46 48.17 14.41
N LYS V 159 42.41 47.27 14.67
CA LYS V 159 43.30 47.44 15.82
C LYS V 159 44.12 48.72 15.71
N GLU V 160 44.37 49.19 14.48
CA GLU V 160 45.07 50.46 14.30
C GLU V 160 44.16 51.66 14.47
N LYS V 161 42.87 51.49 14.20
CA LYS V 161 41.93 52.60 14.36
C LYS V 161 41.46 52.73 15.80
N ALA V 162 41.34 51.61 16.50
CA ALA V 162 40.92 51.68 17.90
C ALA V 162 42.07 52.12 18.80
N LYS V 163 43.31 51.89 18.38
CA LYS V 163 44.46 52.41 19.12
C LYS V 163 44.46 53.93 19.14
N ILE V 164 43.91 54.54 18.09
CA ILE V 164 43.75 55.99 18.08
C ILE V 164 42.69 56.42 19.09
N HIS V 165 41.55 55.73 19.12
CA HIS V 165 40.51 56.08 20.08
C HIS V 165 41.05 56.04 21.50
N TYR V 166 41.75 54.97 21.85
CA TYR V 166 42.25 54.84 23.22
C TYR V 166 43.27 55.92 23.54
N ARG V 167 44.17 56.20 22.60
CA ARG V 167 45.20 57.19 22.86
C ARG V 167 44.60 58.57 23.10
N LYS V 168 43.47 58.87 22.46
CA LYS V 168 42.79 60.13 22.75
C LYS V 168 42.03 60.06 24.06
N LYS V 169 41.33 58.95 24.31
CA LYS V 169 40.69 58.77 25.60
C LYS V 169 41.71 58.71 26.72
N LYS V 170 42.91 58.17 26.43
CA LYS V 170 43.99 58.19 27.41
C LYS V 170 44.44 59.61 27.71
N GLN V 171 44.30 60.49 26.72
CA GLN V 171 44.70 61.88 26.89
C GLN V 171 43.61 62.71 27.57
N LEU V 172 42.34 62.34 27.44
CA LEU V 172 41.28 63.06 28.13
C LEU V 172 41.37 62.83 29.64
N MET V 173 41.65 61.60 30.05
CA MET V 173 41.87 61.34 31.47
C MET V 173 43.07 62.11 31.99
N ARG V 174 44.01 62.45 31.10
CA ARG V 174 45.15 63.26 31.50
C ARG V 174 44.75 64.69 31.80
N LEU V 175 43.71 65.18 31.13
CA LEU V 175 43.18 66.51 31.46
C LEU V 175 42.31 66.46 32.70
N ARG V 176 41.52 65.40 32.87
CA ARG V 176 40.69 65.28 34.06
C ARG V 176 41.55 65.27 35.32
N LYS V 177 42.58 64.41 35.36
CA LYS V 177 43.40 64.35 36.56
C LYS V 177 44.21 65.63 36.75
N GLN V 178 44.46 66.37 35.67
CA GLN V 178 45.16 67.64 35.80
C GLN V 178 44.21 68.78 36.12
N ALA V 179 42.98 68.72 35.61
CA ALA V 179 41.99 69.71 36.00
C ALA V 179 41.49 69.47 37.42
N GLU V 180 41.43 68.21 37.84
CA GLU V 180 41.06 67.89 39.22
C GLU V 180 42.02 68.56 40.20
N LYS V 181 43.30 68.63 39.82
CA LYS V 181 44.32 69.24 40.66
C LYS V 181 44.43 70.74 40.44
N ASN V 182 43.98 71.24 39.30
CA ASN V 182 44.03 72.67 39.04
C ASN V 182 42.85 73.42 39.65
N VAL V 183 41.75 72.74 39.89
CA VAL V 183 40.61 73.29 40.61
C VAL V 183 40.37 72.32 41.76
N GLU V 184 40.98 72.60 42.90
CA GLU V 184 40.81 71.63 43.98
C GLU V 184 40.61 72.32 45.31
N LYS V 185 40.08 73.53 45.29
CA LYS V 185 39.64 74.15 46.51
C LYS V 185 38.19 74.62 46.44
N LYS V 186 37.59 74.66 45.26
CA LYS V 186 36.14 74.82 45.18
C LYS V 186 35.45 73.50 44.92
N ILE V 187 36.18 72.40 44.85
CA ILE V 187 35.58 71.08 44.96
C ILE V 187 36.11 70.35 46.19
N ASP V 188 36.66 71.11 47.14
CA ASP V 188 37.33 70.48 48.27
C ASP V 188 36.32 69.91 49.25
N ARG V 189 35.27 70.65 49.55
CA ARG V 189 34.25 70.12 50.43
C ARG V 189 33.28 69.19 49.70
N PHE V 190 33.48 68.97 48.41
CA PHE V 190 32.73 67.96 47.69
C PHE V 190 33.46 66.63 47.69
N THR V 191 34.72 66.64 47.24
CA THR V 191 35.56 65.45 47.37
C THR V 191 35.69 64.99 48.80
N GLU V 192 35.51 65.90 49.77
CA GLU V 192 35.39 65.49 51.16
C GLU V 192 34.24 64.52 51.33
N VAL V 193 33.01 64.96 51.05
CA VAL V 193 31.85 64.13 51.37
C VAL V 193 31.74 62.94 50.41
N LEU V 194 32.63 62.86 49.41
CA LEU V 194 32.68 61.63 48.63
C LEU V 194 33.50 60.57 49.34
N LYS V 195 34.64 60.94 49.92
CA LYS V 195 35.50 59.95 50.56
C LYS V 195 35.04 59.56 51.96
N THR V 196 34.11 60.29 52.57
CA THR V 196 33.60 59.82 53.85
C THR V 196 32.71 58.60 53.69
N HIS V 197 32.09 58.42 52.52
CA HIS V 197 31.23 57.26 52.29
C HIS V 197 31.85 56.27 51.32
N GLY V 198 33.17 56.30 51.19
CA GLY V 198 33.88 55.30 50.43
C GLY V 198 34.09 55.63 48.98
N PHE V 199 33.20 56.43 48.39
CA PHE V 199 33.43 56.89 47.04
C PHE V 199 34.74 57.65 46.97
N LEU V 200 35.52 57.38 45.92
CA LEU V 200 36.68 58.20 45.59
C LEU V 200 37.72 58.18 46.72
N VAL V 201 38.25 56.99 46.96
CA VAL V 201 39.42 56.84 47.84
C VAL V 201 40.45 55.96 47.19
N VAL W 1 -36.41 27.43 -4.44
CA VAL W 1 -36.00 26.88 -3.16
C VAL W 1 -35.00 27.81 -2.51
N ARG W 2 -34.62 27.49 -1.26
CA ARG W 2 -33.59 28.24 -0.57
C ARG W 2 -32.24 27.93 -1.21
N TYR W 3 -31.32 28.87 -1.08
CA TYR W 3 -29.91 28.61 -1.33
C TYR W 3 -29.15 28.74 -0.02
N SER W 4 -27.94 28.23 0.00
CA SER W 4 -27.06 28.67 1.06
C SER W 4 -26.63 30.09 0.78
N LEU W 5 -26.34 30.84 1.84
CA LEU W 5 -25.85 32.21 1.70
C LEU W 5 -26.86 33.04 0.90
N ASP W 6 -28.03 33.21 1.50
CA ASP W 6 -29.07 34.02 0.89
C ASP W 6 -28.69 35.50 0.95
N PRO W 7 -29.07 36.27 -0.07
CA PRO W 7 -28.34 37.49 -0.40
C PRO W 7 -28.51 38.61 0.63
N GLU W 8 -27.56 39.55 0.57
CA GLU W 8 -27.62 40.74 1.41
C GLU W 8 -28.88 41.55 1.12
N ASN W 9 -28.98 42.05 -0.11
CA ASN W 9 -30.16 42.79 -0.55
C ASN W 9 -30.99 41.92 -1.48
N PRO W 10 -32.12 41.38 -1.02
CA PRO W 10 -32.98 40.59 -1.92
C PRO W 10 -33.65 41.43 -3.00
N THR W 11 -33.41 42.74 -3.00
CA THR W 11 -34.04 43.63 -3.97
C THR W 11 -33.29 43.61 -5.30
N LYS W 12 -31.96 43.73 -5.24
CA LYS W 12 -31.09 43.88 -6.41
C LYS W 12 -30.25 42.64 -6.66
N SER W 13 -30.83 41.46 -6.47
CA SER W 13 -30.08 40.22 -6.62
C SER W 13 -30.96 39.19 -7.30
N CYS W 14 -30.55 38.75 -8.47
CA CYS W 14 -31.21 37.67 -9.17
C CYS W 14 -30.51 36.36 -8.85
N LYS W 15 -31.18 35.26 -9.16
CA LYS W 15 -30.67 33.94 -8.86
C LYS W 15 -30.76 33.08 -10.10
N SER W 16 -30.19 31.88 -10.01
CA SER W 16 -30.39 30.84 -11.00
C SER W 16 -29.79 29.56 -10.48
N ARG W 17 -30.47 28.44 -10.70
CA ARG W 17 -29.96 27.15 -10.28
C ARG W 17 -30.18 26.13 -11.38
N GLY W 18 -29.32 25.12 -11.37
CA GLY W 18 -29.53 23.96 -12.22
C GLY W 18 -29.37 22.71 -11.39
N SER W 19 -30.25 21.75 -11.60
CA SER W 19 -30.22 20.51 -10.85
C SER W 19 -29.99 19.35 -11.80
N ASN W 20 -29.06 18.47 -11.42
CA ASN W 20 -28.87 17.20 -12.10
C ASN W 20 -28.39 17.42 -13.54
N LEU W 21 -27.34 18.21 -13.70
CA LEU W 21 -26.78 18.45 -15.02
C LEU W 21 -25.59 17.52 -15.27
N ARG W 22 -25.41 17.15 -16.53
CA ARG W 22 -24.34 16.22 -16.91
C ARG W 22 -23.06 16.98 -17.24
N VAL W 23 -22.40 17.49 -16.20
CA VAL W 23 -21.00 17.90 -16.26
C VAL W 23 -20.24 17.19 -15.17
N HIS W 24 -18.94 17.44 -15.10
CA HIS W 24 -18.09 16.73 -14.16
C HIS W 24 -17.79 17.66 -13.00
N PHE W 25 -18.30 17.29 -11.83
CA PHE W 25 -18.33 18.20 -10.69
C PHE W 25 -16.93 18.63 -10.28
N LYS W 26 -15.91 17.79 -10.50
CA LYS W 26 -14.55 18.22 -10.16
C LYS W 26 -14.01 19.26 -11.13
N ASN W 27 -14.62 19.43 -12.30
CA ASN W 27 -14.23 20.49 -13.22
C ASN W 27 -15.09 21.73 -13.05
N THR W 28 -16.40 21.53 -12.94
CA THR W 28 -17.30 22.66 -12.77
C THR W 28 -17.09 23.36 -11.44
N ARG W 29 -16.48 22.70 -10.47
CA ARG W 29 -16.16 23.41 -9.24
C ARG W 29 -14.94 24.30 -9.43
N GLU W 30 -13.94 23.80 -10.17
CA GLU W 30 -12.75 24.61 -10.43
C GLU W 30 -13.10 25.83 -11.28
N THR W 31 -13.86 25.63 -12.35
CA THR W 31 -14.26 26.76 -13.20
C THR W 31 -15.33 27.62 -12.54
N ALA W 32 -15.94 27.16 -11.46
CA ALA W 32 -16.91 27.99 -10.76
C ALA W 32 -16.24 28.93 -9.78
N GLN W 33 -15.12 28.53 -9.20
CA GLN W 33 -14.45 29.43 -8.28
C GLN W 33 -13.52 30.39 -8.99
N ALA W 34 -13.12 30.07 -10.22
CA ALA W 34 -12.31 31.00 -10.98
C ALA W 34 -13.12 32.20 -11.44
N ILE W 35 -14.36 31.97 -11.81
CA ILE W 35 -15.24 33.06 -12.22
C ILE W 35 -15.83 33.79 -11.02
N LYS W 36 -15.74 33.20 -9.82
CA LYS W 36 -16.37 33.79 -8.64
C LYS W 36 -15.88 35.20 -8.41
N GLY W 37 -16.80 36.08 -8.02
CA GLY W 37 -16.44 37.43 -7.64
C GLY W 37 -16.10 38.34 -8.79
N MET W 38 -16.17 37.85 -10.03
CA MET W 38 -15.94 38.70 -11.18
C MET W 38 -17.17 39.54 -11.47
N HIS W 39 -17.02 40.41 -12.44
CA HIS W 39 -18.11 41.21 -12.95
C HIS W 39 -18.61 40.57 -14.25
N ILE W 40 -19.94 40.48 -14.41
CA ILE W 40 -20.58 39.63 -15.43
C ILE W 40 -19.92 39.67 -16.80
N ARG W 41 -19.73 40.87 -17.34
CA ARG W 41 -19.20 40.96 -18.70
C ARG W 41 -17.76 40.50 -18.77
N LYS W 42 -16.98 40.76 -17.72
CA LYS W 42 -15.62 40.24 -17.65
C LYS W 42 -15.63 38.72 -17.62
N ALA W 43 -16.66 38.11 -17.03
CA ALA W 43 -16.73 36.66 -16.91
C ALA W 43 -17.27 36.00 -18.16
N THR W 44 -18.21 36.63 -18.86
CA THR W 44 -18.68 36.05 -20.11
C THR W 44 -17.54 35.91 -21.11
N LYS W 45 -16.65 36.92 -21.17
CA LYS W 45 -15.49 36.80 -22.03
C LYS W 45 -14.57 35.70 -21.54
N TYR W 46 -14.28 35.69 -20.24
CA TYR W 46 -13.41 34.67 -19.67
C TYR W 46 -13.92 33.27 -19.99
N LEU W 47 -15.23 33.05 -19.93
CA LEU W 47 -15.74 31.71 -20.20
C LEU W 47 -15.76 31.36 -21.67
N LYS W 48 -15.63 32.34 -22.55
CA LYS W 48 -15.48 31.99 -23.96
C LYS W 48 -14.04 31.64 -24.28
N ASP W 49 -13.08 32.33 -23.67
CA ASP W 49 -11.68 31.97 -23.87
C ASP W 49 -11.36 30.62 -23.24
N VAL W 50 -12.10 30.22 -22.21
CA VAL W 50 -11.93 28.86 -21.73
C VAL W 50 -12.26 27.89 -22.85
N THR W 51 -13.17 28.27 -23.75
CA THR W 51 -13.53 27.37 -24.84
C THR W 51 -12.56 27.48 -26.00
N LEU W 52 -12.04 28.67 -26.28
CA LEU W 52 -11.10 28.87 -27.37
C LEU W 52 -9.66 28.63 -26.96
N GLN W 53 -9.44 28.20 -25.71
CA GLN W 53 -8.11 27.93 -25.16
C GLN W 53 -7.21 29.17 -25.24
N LYS W 54 -7.73 30.29 -24.75
CA LYS W 54 -6.97 31.52 -24.62
C LYS W 54 -6.73 31.92 -23.18
N GLN W 55 -7.52 31.41 -22.25
CA GLN W 55 -7.29 31.55 -20.83
C GLN W 55 -7.65 30.23 -20.16
N CYS W 56 -6.92 29.88 -19.13
CA CYS W 56 -7.14 28.60 -18.49
C CYS W 56 -8.03 28.77 -17.26
N VAL W 57 -8.29 27.63 -16.63
CA VAL W 57 -8.93 27.57 -15.32
C VAL W 57 -7.95 26.90 -14.38
N PRO W 58 -7.48 27.57 -13.34
CA PRO W 58 -6.47 26.98 -12.46
C PRO W 58 -7.07 25.93 -11.54
N PHE W 59 -6.51 24.72 -11.60
CA PHE W 59 -7.02 23.57 -10.84
C PHE W 59 -6.32 23.51 -9.49
N ARG W 60 -7.00 23.97 -8.44
CA ARG W 60 -6.40 24.08 -7.12
C ARG W 60 -6.67 22.87 -6.25
N ARG W 61 -7.93 22.58 -5.94
CA ARG W 61 -8.22 21.46 -5.06
C ARG W 61 -8.10 20.14 -5.81
N TYR W 62 -8.82 20.02 -6.93
CA TYR W 62 -8.80 18.80 -7.73
C TYR W 62 -7.71 18.96 -8.78
N ASN W 63 -6.48 18.70 -8.37
CA ASN W 63 -5.33 18.94 -9.20
C ASN W 63 -4.49 17.71 -9.46
N GLY W 64 -4.92 16.53 -9.01
CA GLY W 64 -4.10 15.34 -9.11
C GLY W 64 -3.96 14.88 -10.55
N GLY W 65 -2.72 14.80 -11.04
CA GLY W 65 -2.47 14.39 -12.40
C GLY W 65 -2.68 15.46 -13.43
N VAL W 66 -3.33 16.57 -13.07
CA VAL W 66 -3.60 17.65 -14.01
C VAL W 66 -2.29 18.30 -14.42
N GLY W 67 -2.14 18.54 -15.72
CA GLY W 67 -0.87 18.98 -16.26
C GLY W 67 -0.61 20.46 -16.02
N ARG W 68 0.68 20.80 -16.01
CA ARG W 68 1.09 22.19 -15.97
C ARG W 68 0.72 22.88 -17.28
N CYS W 69 0.68 24.20 -17.23
CA CYS W 69 0.37 24.98 -18.42
C CYS W 69 0.89 26.38 -18.20
N ALA W 70 0.92 27.15 -19.29
CA ALA W 70 1.55 28.45 -19.26
C ALA W 70 0.60 29.54 -18.77
N GLN W 71 -0.67 29.49 -19.17
CA GLN W 71 -1.65 30.47 -18.75
C GLN W 71 -2.08 30.31 -17.30
N ALA W 72 -1.49 29.36 -16.57
CA ALA W 72 -1.75 29.25 -15.14
C ALA W 72 -1.00 30.30 -14.34
N LYS W 73 -0.05 30.99 -14.95
CA LYS W 73 0.75 31.95 -14.19
C LYS W 73 -0.08 33.15 -13.75
N GLN W 74 -1.09 33.53 -14.54
CA GLN W 74 -1.91 34.69 -14.15
C GLN W 74 -2.54 34.48 -12.79
N TRP W 75 -3.06 33.29 -12.54
CA TRP W 75 -3.65 33.05 -11.23
C TRP W 75 -2.62 32.66 -10.19
N GLY W 76 -1.35 32.58 -10.56
CA GLY W 76 -0.33 32.21 -9.61
C GLY W 76 -0.40 30.76 -9.26
N TRP W 77 -0.49 29.91 -10.29
CA TRP W 77 -0.53 28.48 -10.07
C TRP W 77 0.46 27.81 -11.00
N THR W 78 0.43 26.51 -11.04
CA THR W 78 1.15 25.81 -12.08
C THR W 78 0.23 25.01 -12.98
N GLN W 79 -0.80 24.40 -12.41
CA GLN W 79 -1.71 23.53 -13.14
C GLN W 79 -2.93 24.31 -13.58
N GLY W 80 -3.40 24.01 -14.78
CA GLY W 80 -4.62 24.63 -15.25
C GLY W 80 -5.05 23.94 -16.54
N ARG W 81 -6.36 23.82 -16.74
CA ARG W 81 -6.89 23.21 -17.95
C ARG W 81 -7.90 24.12 -18.63
N TRP W 82 -8.57 23.60 -19.64
CA TRP W 82 -9.56 24.36 -20.41
C TRP W 82 -10.88 23.60 -20.45
N PRO W 83 -11.52 23.40 -19.31
CA PRO W 83 -12.72 22.55 -19.31
C PRO W 83 -13.83 23.20 -20.11
N LYS W 84 -14.15 22.60 -21.25
CA LYS W 84 -15.02 23.25 -22.22
C LYS W 84 -16.49 23.08 -21.85
N LYS W 85 -16.91 21.85 -21.57
CA LYS W 85 -18.28 21.61 -21.09
C LYS W 85 -18.57 22.39 -19.83
N SER W 86 -17.65 22.37 -18.87
CA SER W 86 -17.86 23.14 -17.65
C SER W 86 -18.05 24.61 -17.95
N ALA W 87 -17.39 25.14 -18.99
CA ALA W 87 -17.58 26.53 -19.36
C ALA W 87 -18.95 26.75 -19.99
N GLU W 88 -19.38 25.83 -20.83
CA GLU W 88 -20.66 25.99 -21.51
C GLU W 88 -21.82 25.89 -20.55
N PHE W 89 -21.69 25.09 -19.49
CA PHE W 89 -22.86 24.86 -18.64
C PHE W 89 -23.07 25.96 -17.62
N LEU W 90 -22.00 26.50 -17.03
CA LEU W 90 -22.18 27.75 -16.32
C LEU W 90 -21.96 28.95 -17.21
N LEU W 91 -22.20 28.78 -18.51
CA LEU W 91 -22.42 29.93 -19.37
C LEU W 91 -23.90 30.13 -19.66
N HIS W 92 -24.68 29.06 -19.84
CA HIS W 92 -26.14 29.20 -19.87
C HIS W 92 -26.63 29.76 -18.56
N MET W 93 -26.15 29.19 -17.45
CA MET W 93 -26.61 29.60 -16.13
C MET W 93 -26.16 31.02 -15.82
N LEU W 94 -25.06 31.47 -16.39
CA LEU W 94 -24.67 32.88 -16.32
C LEU W 94 -25.47 33.73 -17.30
N LYS W 95 -26.18 33.10 -18.22
CA LYS W 95 -27.04 33.80 -19.16
C LYS W 95 -28.49 33.79 -18.74
N ASN W 96 -28.91 32.73 -18.05
CA ASN W 96 -30.24 32.71 -17.44
C ASN W 96 -30.35 33.78 -16.36
N ALA W 97 -29.36 33.84 -15.48
CA ALA W 97 -29.36 34.84 -14.42
C ALA W 97 -29.34 36.25 -15.00
N GLU W 98 -28.67 36.44 -16.14
CA GLU W 98 -28.64 37.76 -16.74
C GLU W 98 -30.02 38.20 -17.24
N SER W 99 -30.95 37.26 -17.40
CA SER W 99 -32.31 37.61 -17.79
C SER W 99 -33.22 37.76 -16.57
N ASN W 100 -33.02 36.95 -15.54
CA ASN W 100 -33.79 37.13 -14.32
C ASN W 100 -33.54 38.50 -13.73
N ALA W 101 -32.36 39.05 -13.94
CA ALA W 101 -32.11 40.42 -13.48
C ALA W 101 -32.74 41.42 -14.45
N GLU W 102 -32.94 41.03 -15.70
CA GLU W 102 -33.62 41.92 -16.64
C GLU W 102 -35.09 42.05 -16.31
N LEU W 103 -35.74 40.93 -15.96
CA LEU W 103 -37.15 40.92 -15.67
C LEU W 103 -37.46 41.56 -14.31
N LYS W 104 -36.56 41.39 -13.33
CA LYS W 104 -36.68 42.06 -12.04
C LYS W 104 -36.47 43.56 -12.15
N GLY W 105 -35.96 44.05 -13.28
CA GLY W 105 -35.66 45.46 -13.44
C GLY W 105 -34.35 45.91 -12.80
N LEU W 106 -33.22 45.43 -13.28
CA LEU W 106 -31.92 45.75 -12.70
C LEU W 106 -30.96 46.25 -13.77
N ASP W 107 -29.78 46.68 -13.31
CA ASP W 107 -28.71 47.15 -14.19
C ASP W 107 -27.84 45.97 -14.58
N VAL W 108 -27.94 45.54 -15.85
CA VAL W 108 -27.24 44.32 -16.27
C VAL W 108 -25.74 44.50 -16.15
N ASP W 109 -25.23 45.69 -16.45
CA ASP W 109 -23.80 45.93 -16.53
C ASP W 109 -23.21 46.42 -15.21
N SER W 110 -23.87 46.16 -14.09
CA SER W 110 -23.25 46.37 -12.79
C SER W 110 -23.52 45.19 -11.86
N LEU W 111 -23.65 43.99 -12.43
CA LEU W 111 -23.89 42.77 -11.68
C LEU W 111 -22.58 42.03 -11.43
N VAL W 112 -22.36 41.64 -10.19
CA VAL W 112 -21.13 40.97 -9.78
C VAL W 112 -21.48 39.60 -9.23
N ILE W 113 -20.89 38.56 -9.81
CA ILE W 113 -21.24 37.22 -9.39
C ILE W 113 -20.66 36.99 -8.00
N GLU W 114 -21.51 37.03 -6.99
CA GLU W 114 -21.07 37.09 -5.61
C GLU W 114 -21.10 35.73 -4.93
N HIS W 115 -22.14 34.94 -5.13
CA HIS W 115 -22.21 33.61 -4.57
C HIS W 115 -22.35 32.61 -5.71
N ILE W 116 -21.67 31.46 -5.58
CA ILE W 116 -21.78 30.41 -6.58
C ILE W 116 -21.34 29.13 -5.91
N GLN W 117 -21.97 28.01 -6.29
CA GLN W 117 -21.81 26.80 -5.51
C GLN W 117 -22.19 25.59 -6.35
N VAL W 118 -21.37 24.55 -6.26
CA VAL W 118 -21.55 23.33 -7.04
C VAL W 118 -21.56 22.16 -6.07
N ASN W 119 -22.64 21.40 -6.06
CA ASN W 119 -22.72 20.24 -5.19
C ASN W 119 -22.73 18.97 -6.01
N LYS W 120 -22.29 17.88 -5.40
CA LYS W 120 -22.45 16.61 -6.09
C LYS W 120 -23.93 16.31 -6.28
N ALA W 121 -24.24 15.46 -7.26
CA ALA W 121 -25.60 15.04 -7.59
C ALA W 121 -25.70 13.52 -7.57
N PRO W 122 -26.91 12.98 -7.51
CA PRO W 122 -27.09 11.51 -7.51
C PRO W 122 -26.46 10.89 -8.75
N LYS W 123 -25.52 9.98 -8.53
CA LYS W 123 -24.69 9.49 -9.62
C LYS W 123 -25.47 8.56 -10.53
N MET W 124 -25.05 8.51 -11.79
CA MET W 124 -25.61 7.61 -12.77
C MET W 124 -24.85 6.29 -12.75
N ARG W 125 -25.40 5.30 -13.45
CA ARG W 125 -24.78 3.99 -13.48
C ARG W 125 -24.60 3.53 -14.91
N ARG W 126 -23.40 3.01 -15.19
CA ARG W 126 -23.13 2.22 -16.38
C ARG W 126 -22.30 1.04 -15.93
N ARG W 127 -21.68 0.34 -16.87
CA ARG W 127 -20.83 -0.77 -16.47
C ARG W 127 -19.77 -0.99 -17.52
N THR W 128 -18.52 -1.08 -17.08
CA THR W 128 -17.44 -1.51 -17.94
C THR W 128 -17.16 -2.98 -17.67
N TYR W 129 -16.59 -3.65 -18.67
CA TYR W 129 -16.32 -5.07 -18.59
C TYR W 129 -14.82 -5.28 -18.55
N ARG W 130 -14.35 -6.01 -17.53
CA ARG W 130 -12.93 -6.11 -17.22
C ARG W 130 -12.48 -7.55 -17.09
N ALA W 131 -11.16 -7.72 -17.13
CA ALA W 131 -10.55 -9.02 -17.31
C ALA W 131 -10.99 -10.02 -16.25
N HIS W 132 -10.98 -11.30 -16.64
CA HIS W 132 -11.39 -12.39 -15.76
C HIS W 132 -12.87 -12.25 -15.38
N GLY W 133 -13.67 -11.70 -16.28
CA GLY W 133 -15.10 -11.64 -16.10
C GLY W 133 -15.61 -10.69 -15.04
N ARG W 134 -14.74 -9.89 -14.43
CA ARG W 134 -15.21 -8.89 -13.49
C ARG W 134 -16.04 -7.83 -14.22
N ILE W 135 -16.91 -7.17 -13.46
CA ILE W 135 -17.72 -6.08 -13.97
C ILE W 135 -17.63 -4.92 -12.99
N ASN W 136 -16.97 -3.86 -13.41
CA ASN W 136 -16.83 -2.70 -12.55
C ASN W 136 -17.94 -1.70 -12.80
N PRO W 137 -18.22 -0.85 -11.82
CA PRO W 137 -19.17 0.25 -12.05
C PRO W 137 -18.48 1.40 -12.74
N TYR W 138 -19.05 1.84 -13.84
CA TYR W 138 -18.52 2.93 -14.65
C TYR W 138 -19.51 4.08 -14.53
N MET W 139 -19.39 4.83 -13.44
CA MET W 139 -20.40 5.80 -13.05
C MET W 139 -20.03 7.21 -13.49
N SER W 140 -21.03 8.08 -13.56
CA SER W 140 -20.85 9.51 -13.83
C SER W 140 -21.01 10.28 -12.53
N SER W 141 -20.73 11.58 -12.58
CA SER W 141 -20.81 12.44 -11.40
C SER W 141 -21.43 13.78 -11.77
N PRO W 142 -22.75 13.88 -11.75
CA PRO W 142 -23.40 15.16 -12.09
C PRO W 142 -23.27 16.19 -10.99
N CYS W 143 -23.93 17.35 -11.11
CA CYS W 143 -23.89 18.37 -10.08
C CYS W 143 -25.07 19.33 -10.17
N HIS W 144 -25.37 19.96 -9.02
CA HIS W 144 -26.32 21.07 -8.90
C HIS W 144 -25.51 22.36 -8.76
N ILE W 145 -25.52 23.18 -9.81
CA ILE W 145 -24.89 24.49 -9.79
C ILE W 145 -25.93 25.53 -9.43
N GLU W 146 -25.54 26.50 -8.63
CA GLU W 146 -26.44 27.59 -8.26
C GLU W 146 -25.62 28.82 -7.93
N MET W 147 -26.14 29.99 -8.31
CA MET W 147 -25.38 31.24 -8.24
C MET W 147 -26.30 32.42 -8.03
N ILE W 148 -25.77 33.45 -7.38
CA ILE W 148 -26.52 34.64 -7.00
C ILE W 148 -25.71 35.86 -7.42
N LEU W 149 -26.23 36.62 -8.38
CA LEU W 149 -25.59 37.85 -8.81
C LEU W 149 -26.18 39.03 -8.05
N THR W 150 -25.32 39.91 -7.57
CA THR W 150 -25.70 41.11 -6.84
C THR W 150 -25.42 42.33 -7.71
N GLU W 151 -25.99 43.46 -7.32
CA GLU W 151 -25.66 44.75 -7.92
C GLU W 151 -24.66 45.43 -7.03
N LYS W 152 -23.40 45.45 -7.44
CA LYS W 152 -22.32 46.03 -6.64
C LYS W 152 -21.60 47.05 -7.50
N GLU W 153 -21.96 48.32 -7.34
CA GLU W 153 -21.23 49.40 -7.98
C GLU W 153 -21.64 50.74 -7.37
N GLY X 1 1.54 2.33 51.94
CA GLY X 1 2.69 1.44 52.07
C GLY X 1 2.57 0.51 53.26
N VAL X 2 1.37 -0.02 53.46
CA VAL X 2 1.09 -0.94 54.55
C VAL X 2 0.93 -2.34 53.98
N ASP X 3 1.12 -3.34 54.84
CA ASP X 3 1.34 -4.74 54.44
C ASP X 3 0.44 -5.67 55.21
N ILE X 4 -0.82 -5.37 55.24
CA ILE X 4 -1.82 -6.30 55.72
C ILE X 4 -2.48 -6.97 54.54
N ARG X 5 -2.91 -8.20 54.75
CA ARG X 5 -3.80 -8.88 53.81
C ARG X 5 -5.22 -8.37 54.06
N HIS X 6 -5.81 -7.76 53.04
CA HIS X 6 -7.21 -7.41 53.05
C HIS X 6 -8.10 -8.56 52.63
N ASN X 7 -7.56 -9.77 52.65
CA ASN X 7 -8.29 -10.96 52.23
C ASN X 7 -9.61 -11.08 52.96
N LYS X 8 -9.56 -11.21 54.28
CA LYS X 8 -10.74 -11.45 55.10
C LYS X 8 -10.84 -10.42 56.22
N ASP X 9 -10.72 -9.16 55.84
CA ASP X 9 -11.02 -8.07 56.77
C ASP X 9 -12.50 -7.76 56.85
N ARG X 10 -13.25 -7.95 55.76
CA ARG X 10 -14.70 -7.74 55.80
C ARG X 10 -15.38 -8.96 56.39
N LYS X 11 -16.11 -8.77 57.49
CA LYS X 11 -16.77 -9.88 58.18
C LYS X 11 -18.14 -10.16 57.59
N VAL X 12 -18.39 -11.42 57.24
CA VAL X 12 -19.59 -11.81 56.50
C VAL X 12 -20.57 -12.42 57.49
N ARG X 13 -21.44 -11.56 58.02
CA ARG X 13 -22.53 -11.97 58.88
C ARG X 13 -23.72 -11.09 58.56
N ARG X 14 -24.91 -11.62 58.82
CA ARG X 14 -26.11 -10.89 58.47
C ARG X 14 -26.41 -9.83 59.52
N LYS X 15 -26.62 -8.60 59.06
CA LYS X 15 -26.97 -7.50 59.95
C LYS X 15 -28.39 -6.99 59.74
N GLU X 16 -29.16 -7.64 58.85
CA GLU X 16 -30.56 -7.33 58.61
C GLU X 16 -31.20 -8.58 58.03
N PRO X 17 -32.49 -8.81 58.29
CA PRO X 17 -33.15 -9.97 57.68
C PRO X 17 -33.24 -9.81 56.17
N LYS X 18 -32.71 -10.79 55.45
CA LYS X 18 -32.78 -10.73 53.99
C LYS X 18 -34.20 -10.82 53.48
N SER X 19 -35.14 -11.11 54.34
CA SER X 19 -36.53 -11.28 53.97
C SER X 19 -37.25 -9.93 53.98
N GLN X 20 -38.46 -9.92 53.40
CA GLN X 20 -39.24 -8.71 53.24
C GLN X 20 -40.49 -8.68 54.10
N ASP X 21 -40.78 -9.75 54.85
CA ASP X 21 -42.02 -9.84 55.61
C ASP X 21 -42.06 -8.76 56.68
N ILE X 22 -43.02 -7.85 56.57
CA ILE X 22 -43.00 -6.66 57.42
C ILE X 22 -43.07 -7.03 58.89
N TYR X 23 -43.67 -8.16 59.21
CA TYR X 23 -43.81 -8.51 60.62
C TYR X 23 -42.46 -8.82 61.24
N LEU X 24 -41.68 -9.69 60.60
CA LEU X 24 -40.32 -9.93 61.08
C LEU X 24 -39.49 -8.64 61.07
N ARG X 25 -39.73 -7.75 60.11
CA ARG X 25 -39.02 -6.48 60.13
C ARG X 25 -39.49 -5.58 61.27
N LEU X 26 -40.63 -5.88 61.88
CA LEU X 26 -41.12 -5.02 62.94
C LEU X 26 -40.58 -5.42 64.30
N LEU X 27 -40.67 -6.70 64.66
CA LEU X 27 -40.03 -7.03 65.92
C LEU X 27 -38.51 -7.06 65.80
N VAL X 28 -37.96 -6.99 64.58
CA VAL X 28 -36.54 -6.67 64.48
C VAL X 28 -36.32 -5.22 64.86
N LYS X 29 -37.26 -4.33 64.52
CA LYS X 29 -37.18 -2.96 64.99
C LYS X 29 -37.28 -2.87 66.50
N LEU X 30 -37.83 -3.89 67.14
CA LEU X 30 -37.98 -3.87 68.58
C LEU X 30 -36.68 -4.29 69.27
N TYR X 31 -36.08 -5.36 68.81
CA TYR X 31 -34.83 -5.84 69.38
C TYR X 31 -33.60 -5.25 68.70
N ARG X 32 -33.77 -4.44 67.66
CA ARG X 32 -32.71 -3.52 67.31
C ARG X 32 -32.59 -2.44 68.37
N PHE X 33 -33.64 -2.26 69.17
CA PHE X 33 -33.67 -1.29 70.26
C PHE X 33 -33.23 -1.91 71.58
N LEU X 34 -33.87 -3.01 71.97
CA LEU X 34 -33.48 -3.64 73.24
C LEU X 34 -32.03 -4.05 73.21
N ALA X 35 -31.56 -4.61 72.09
CA ALA X 35 -30.21 -5.15 72.06
C ALA X 35 -29.18 -4.07 72.33
N ARG X 36 -29.39 -2.87 71.79
CA ARG X 36 -28.39 -1.84 72.03
C ARG X 36 -28.43 -1.36 73.48
N ARG X 37 -29.60 -1.39 74.12
CA ARG X 37 -29.77 -0.70 75.40
C ARG X 37 -29.56 -1.59 76.62
N THR X 38 -30.38 -2.63 76.79
CA THR X 38 -30.31 -3.36 78.05
C THR X 38 -29.09 -4.26 78.08
N ASN X 39 -28.53 -4.41 79.29
CA ASN X 39 -27.33 -5.21 79.50
C ASN X 39 -27.51 -6.68 79.16
N SER X 40 -28.75 -7.13 78.93
CA SER X 40 -29.01 -8.54 78.74
C SER X 40 -28.44 -9.01 77.41
N THR X 41 -27.51 -9.94 77.47
CA THR X 41 -27.10 -10.62 76.25
C THR X 41 -28.24 -11.44 75.66
N PHE X 42 -29.30 -11.66 76.43
CA PHE X 42 -30.42 -12.46 75.95
C PHE X 42 -30.88 -11.98 74.58
N ASN X 43 -31.37 -10.75 74.51
CA ASN X 43 -31.91 -10.31 73.23
C ASN X 43 -30.83 -10.18 72.17
N GLN X 44 -29.58 -9.92 72.58
CA GLN X 44 -28.51 -9.91 71.60
C GLN X 44 -28.41 -11.25 70.88
N VAL X 45 -28.80 -12.34 71.53
CA VAL X 45 -28.91 -13.61 70.80
C VAL X 45 -30.23 -13.70 70.06
N VAL X 46 -31.33 -13.22 70.68
CA VAL X 46 -32.62 -13.22 70.00
C VAL X 46 -32.55 -12.37 68.73
N LEU X 47 -31.96 -11.18 68.84
CA LEU X 47 -31.80 -10.35 67.66
C LEU X 47 -30.92 -11.05 66.62
N LYS X 48 -29.75 -11.53 67.03
CA LYS X 48 -28.87 -12.21 66.08
C LYS X 48 -29.50 -13.48 65.50
N ARG X 49 -30.63 -13.93 66.02
CA ARG X 49 -31.32 -15.05 65.40
C ARG X 49 -32.42 -14.59 64.45
N LEU X 50 -33.13 -13.51 64.77
CA LEU X 50 -34.18 -13.03 63.89
C LEU X 50 -33.65 -12.70 62.49
N PHE X 51 -32.33 -12.57 62.33
CA PHE X 51 -31.78 -12.39 61.00
C PHE X 51 -31.71 -13.69 60.22
N MET X 52 -31.50 -14.82 60.89
CA MET X 52 -31.03 -16.01 60.20
C MET X 52 -32.10 -16.62 59.32
N SER X 53 -31.64 -17.50 58.43
CA SER X 53 -32.48 -18.11 57.40
C SER X 53 -33.30 -19.26 57.96
N ARG X 54 -34.39 -19.56 57.24
CA ARG X 54 -35.21 -20.73 57.52
C ARG X 54 -34.33 -21.97 57.74
N THR X 55 -33.39 -22.21 56.83
CA THR X 55 -32.47 -23.35 56.89
C THR X 55 -31.55 -23.30 58.11
N ASN X 56 -31.54 -22.19 58.86
CA ASN X 56 -30.61 -22.01 59.95
C ASN X 56 -31.26 -21.86 61.32
N ARG X 57 -32.58 -21.63 61.37
CA ARG X 57 -33.35 -21.66 62.60
C ARG X 57 -34.40 -22.75 62.40
N PRO X 58 -34.01 -24.00 62.63
CA PRO X 58 -34.87 -25.13 62.32
C PRO X 58 -36.07 -25.20 63.25
N PRO X 59 -37.06 -26.01 62.90
CA PRO X 59 -38.20 -26.16 63.81
C PRO X 59 -37.83 -27.01 65.01
N LEU X 60 -38.45 -26.65 66.12
CA LEU X 60 -38.34 -27.37 67.37
C LEU X 60 -39.57 -28.25 67.55
N SER X 61 -39.35 -29.57 67.60
CA SER X 61 -40.43 -30.47 67.91
C SER X 61 -40.95 -30.20 69.32
N LEU X 62 -42.15 -30.69 69.60
CA LEU X 62 -42.71 -30.42 70.91
C LEU X 62 -42.09 -31.31 71.99
N SER X 63 -41.70 -32.53 71.63
CA SER X 63 -41.12 -33.43 72.63
C SER X 63 -39.70 -33.02 73.00
N ARG X 64 -38.88 -32.65 72.01
CA ARG X 64 -37.58 -32.11 72.35
C ARG X 64 -37.70 -30.88 73.22
N MET X 65 -38.85 -30.20 73.17
CA MET X 65 -39.07 -29.06 74.05
C MET X 65 -39.47 -29.49 75.45
N ILE X 66 -40.02 -30.69 75.62
CA ILE X 66 -40.33 -31.19 76.96
C ILE X 66 -39.05 -31.57 77.69
N ARG X 67 -38.27 -32.50 77.11
CA ARG X 67 -37.10 -33.00 77.83
C ARG X 67 -36.05 -31.94 78.08
N LYS X 68 -36.14 -30.78 77.42
CA LYS X 68 -35.27 -29.67 77.76
C LYS X 68 -35.89 -28.76 78.81
N MET X 69 -37.18 -28.91 79.09
CA MET X 69 -37.85 -28.20 80.17
C MET X 69 -38.07 -29.08 81.39
N LYS X 70 -37.97 -30.40 81.25
CA LYS X 70 -38.08 -31.33 82.38
C LYS X 70 -36.85 -31.36 83.26
N LEU X 71 -35.72 -30.82 82.79
CA LEU X 71 -34.49 -30.90 83.55
C LEU X 71 -34.63 -30.20 84.89
N PRO X 72 -33.92 -30.66 85.92
CA PRO X 72 -34.14 -30.15 87.29
C PRO X 72 -33.74 -28.69 87.42
N GLY X 73 -34.72 -27.85 87.75
CA GLY X 73 -34.48 -26.43 88.00
C GLY X 73 -35.19 -25.48 87.04
N ARG X 74 -35.23 -25.81 85.76
CA ARG X 74 -35.82 -24.90 84.78
C ARG X 74 -37.34 -24.96 84.76
N GLU X 75 -37.93 -25.40 85.87
CA GLU X 75 -39.36 -25.31 86.05
C GLU X 75 -39.78 -23.87 86.32
N GLY X 76 -40.98 -23.52 85.84
CA GLY X 76 -41.50 -22.18 86.00
C GLY X 76 -41.03 -21.18 84.97
N LYS X 77 -39.99 -21.49 84.19
CA LYS X 77 -39.48 -20.56 83.18
C LYS X 77 -40.31 -20.65 81.90
N THR X 78 -39.93 -19.87 80.90
CA THR X 78 -40.58 -19.85 79.60
C THR X 78 -39.63 -20.35 78.53
N ALA X 79 -40.11 -21.26 77.68
CA ALA X 79 -39.35 -21.69 76.52
C ALA X 79 -39.41 -20.60 75.44
N VAL X 80 -38.26 -20.31 74.84
CA VAL X 80 -38.16 -19.25 73.87
C VAL X 80 -37.44 -19.79 72.64
N VAL X 81 -38.15 -19.82 71.51
CA VAL X 81 -37.64 -20.40 70.28
C VAL X 81 -37.79 -19.38 69.17
N VAL X 82 -36.67 -18.97 68.58
CA VAL X 82 -36.78 -18.15 67.38
C VAL X 82 -36.95 -19.10 66.21
N GLY X 83 -38.19 -19.51 65.97
CA GLY X 83 -38.48 -20.59 65.04
C GLY X 83 -39.92 -21.02 65.20
N THR X 84 -40.22 -22.24 64.77
CA THR X 84 -41.56 -22.77 64.93
C THR X 84 -41.56 -23.94 65.91
N ILE X 85 -42.67 -24.09 66.60
CA ILE X 85 -42.95 -25.27 67.41
C ILE X 85 -43.79 -26.21 66.57
N THR X 86 -43.25 -27.38 66.26
CA THR X 86 -44.02 -28.38 65.55
C THR X 86 -44.68 -29.31 66.57
N ASP X 87 -45.47 -30.25 66.06
CA ASP X 87 -46.07 -31.24 66.93
C ASP X 87 -45.23 -32.51 66.93
N ASP X 88 -45.41 -33.32 67.97
CA ASP X 88 -44.78 -34.64 68.06
C ASP X 88 -45.88 -35.64 68.39
N VAL X 89 -46.30 -36.39 67.38
CA VAL X 89 -47.33 -37.40 67.56
C VAL X 89 -46.87 -38.50 68.49
N ARG X 90 -45.55 -38.71 68.59
CA ARG X 90 -44.99 -39.76 69.47
C ARG X 90 -44.67 -39.20 70.85
N VAL X 91 -45.64 -38.50 71.42
CA VAL X 91 -45.55 -38.02 72.79
C VAL X 91 -46.96 -37.62 73.22
N GLN X 92 -47.29 -37.92 74.46
CA GLN X 92 -48.67 -37.71 74.88
C GLN X 92 -48.83 -36.93 76.17
N GLU X 93 -47.97 -37.16 77.16
CA GLU X 93 -48.09 -36.50 78.46
C GLU X 93 -47.55 -35.08 78.34
N VAL X 94 -48.42 -34.17 77.91
CA VAL X 94 -48.01 -32.80 77.65
C VAL X 94 -48.10 -31.99 78.95
N PRO X 95 -46.97 -31.64 79.57
CA PRO X 95 -47.03 -30.78 80.75
C PRO X 95 -47.41 -29.37 80.34
N LYS X 96 -47.79 -28.57 81.33
CA LYS X 96 -48.16 -27.20 81.03
C LYS X 96 -46.90 -26.37 80.79
N LEU X 97 -46.88 -25.67 79.66
CA LEU X 97 -45.71 -24.92 79.21
C LEU X 97 -46.07 -23.46 78.98
N LYS X 98 -45.05 -22.61 79.06
CA LYS X 98 -45.15 -21.25 78.57
C LYS X 98 -44.13 -21.09 77.45
N VAL X 99 -44.63 -20.93 76.22
CA VAL X 99 -43.77 -20.95 75.04
C VAL X 99 -43.84 -19.60 74.33
N CYS X 100 -42.75 -19.22 73.68
CA CYS X 100 -42.72 -18.13 72.71
C CYS X 100 -42.11 -18.62 71.43
N ALA X 101 -42.66 -18.15 70.32
CA ALA X 101 -42.11 -18.57 69.05
C ALA X 101 -42.61 -17.60 67.99
N LEU X 102 -41.97 -17.65 66.84
CA LEU X 102 -42.49 -16.93 65.69
C LEU X 102 -43.75 -17.60 65.17
N ARG X 103 -43.70 -18.92 64.96
CA ARG X 103 -44.85 -19.70 64.53
C ARG X 103 -45.03 -20.91 65.43
N VAL X 104 -46.27 -21.36 65.55
CA VAL X 104 -46.61 -22.61 66.20
C VAL X 104 -47.64 -23.32 65.34
N SER X 105 -47.29 -24.49 64.82
CA SER X 105 -48.20 -25.22 63.95
C SER X 105 -49.53 -25.47 64.66
N SER X 106 -50.62 -25.42 63.90
CA SER X 106 -51.95 -25.36 64.51
C SER X 106 -52.22 -26.55 65.43
N ARG X 107 -51.71 -27.72 65.09
CA ARG X 107 -51.94 -28.89 65.94
C ARG X 107 -51.23 -28.74 67.27
N ALA X 108 -49.94 -28.39 67.24
CA ALA X 108 -49.23 -28.15 68.47
C ALA X 108 -49.81 -26.99 69.24
N ARG X 109 -50.54 -26.09 68.58
CA ARG X 109 -51.15 -24.99 69.31
C ARG X 109 -52.26 -25.49 70.24
N SER X 110 -52.98 -26.53 69.84
CA SER X 110 -54.09 -27.05 70.63
C SER X 110 -53.65 -28.05 71.70
N ARG X 111 -52.52 -28.75 71.48
CA ARG X 111 -51.97 -29.59 72.54
C ARG X 111 -51.48 -28.75 73.70
N ILE X 112 -50.95 -27.56 73.41
CA ILE X 112 -50.40 -26.71 74.46
C ILE X 112 -51.50 -26.01 75.25
N LEU X 113 -52.49 -25.44 74.55
CA LEU X 113 -53.56 -24.73 75.26
C LEU X 113 -54.42 -25.69 76.07
N LYS X 114 -54.69 -26.88 75.52
CA LYS X 114 -55.51 -27.85 76.22
C LYS X 114 -54.87 -28.30 77.52
N ALA X 115 -53.54 -28.31 77.58
CA ALA X 115 -52.83 -28.68 78.80
C ALA X 115 -52.70 -27.52 79.78
N GLY X 116 -53.55 -26.49 79.68
CA GLY X 116 -53.45 -25.38 80.59
C GLY X 116 -52.19 -24.56 80.42
N GLY X 117 -51.68 -24.46 79.19
CA GLY X 117 -50.47 -23.71 78.91
C GLY X 117 -50.78 -22.36 78.29
N LYS X 118 -49.71 -21.66 77.94
CA LYS X 118 -49.84 -20.34 77.35
C LYS X 118 -48.76 -20.18 76.29
N ILE X 119 -49.12 -19.57 75.16
CA ILE X 119 -48.18 -19.25 74.10
C ILE X 119 -48.18 -17.75 73.90
N LEU X 120 -46.99 -17.17 73.80
CA LEU X 120 -46.81 -15.75 73.55
C LEU X 120 -46.12 -15.55 72.21
N THR X 121 -45.96 -14.29 71.83
CA THR X 121 -45.15 -13.94 70.67
C THR X 121 -44.00 -13.07 71.13
N PHE X 122 -43.08 -12.82 70.22
CA PHE X 122 -41.87 -12.11 70.63
C PHE X 122 -42.08 -10.65 70.96
N ASP X 123 -43.31 -10.13 70.98
CA ASP X 123 -43.58 -8.79 71.48
C ASP X 123 -44.17 -8.81 72.88
N GLN X 124 -45.00 -9.80 73.20
CA GLN X 124 -45.41 -9.98 74.59
C GLN X 124 -44.25 -10.46 75.45
N LEU X 125 -43.36 -11.28 74.88
CA LEU X 125 -42.13 -11.64 75.58
C LEU X 125 -41.31 -10.40 75.91
N ALA X 126 -41.37 -9.37 75.06
CA ALA X 126 -40.67 -8.12 75.36
C ALA X 126 -41.29 -7.41 76.56
N LEU X 127 -42.57 -7.62 76.80
CA LEU X 127 -43.23 -7.03 77.96
C LEU X 127 -43.21 -7.93 79.18
N ASP X 128 -43.18 -9.25 78.97
CA ASP X 128 -42.99 -10.18 80.09
C ASP X 128 -41.64 -9.94 80.75
N SER X 129 -40.56 -10.15 80.01
CA SER X 129 -39.19 -10.06 80.54
C SER X 129 -38.31 -9.42 79.49
N PRO X 130 -38.28 -8.08 79.44
CA PRO X 130 -37.43 -7.39 78.46
C PRO X 130 -35.97 -7.73 78.60
N LYS X 131 -35.52 -7.98 79.82
CA LYS X 131 -34.16 -8.47 80.03
C LYS X 131 -34.04 -9.95 79.67
N GLY X 132 -35.13 -10.64 79.37
CA GLY X 132 -35.08 -12.07 79.18
C GLY X 132 -35.00 -12.84 80.47
N CYS X 133 -35.49 -12.28 81.57
CA CYS X 133 -35.36 -12.91 82.88
C CYS X 133 -36.29 -14.12 82.98
N GLY X 134 -35.72 -15.25 83.39
CA GLY X 134 -36.50 -16.47 83.60
C GLY X 134 -36.89 -17.13 82.30
N THR X 135 -35.93 -17.28 81.40
CA THR X 135 -36.20 -17.82 80.09
C THR X 135 -35.28 -18.99 79.81
N VAL X 136 -35.58 -19.68 78.72
CA VAL X 136 -34.76 -20.78 78.22
C VAL X 136 -34.73 -20.64 76.71
N LEU X 137 -33.56 -20.38 76.15
CA LEU X 137 -33.41 -20.33 74.71
C LEU X 137 -33.10 -21.72 74.17
N LEU X 138 -33.76 -22.10 73.09
CA LEU X 138 -33.65 -23.43 72.52
C LEU X 138 -33.52 -23.31 71.01
N SER X 139 -33.35 -24.46 70.37
CA SER X 139 -33.41 -24.54 68.91
C SER X 139 -33.53 -26.00 68.52
N GLY X 140 -33.96 -26.20 67.29
CA GLY X 140 -33.98 -27.52 66.73
C GLY X 140 -32.59 -27.91 66.32
N PRO X 141 -32.42 -29.14 65.95
CA PRO X 141 -31.08 -29.59 65.53
C PRO X 141 -30.70 -29.07 64.15
N ARG X 142 -29.71 -28.17 64.10
CA ARG X 142 -29.30 -27.60 62.82
C ARG X 142 -28.59 -28.62 61.94
N LYS X 143 -27.92 -29.60 62.56
CA LYS X 143 -27.50 -30.77 61.81
C LYS X 143 -28.62 -31.80 61.75
N GLY X 144 -29.79 -31.37 61.29
CA GLY X 144 -30.91 -32.28 61.17
C GLY X 144 -31.32 -32.48 59.73
N ARG X 145 -31.12 -31.45 58.91
CA ARG X 145 -31.46 -31.51 57.50
C ARG X 145 -30.82 -32.73 56.83
N GLU X 146 -31.57 -33.39 55.95
CA GLU X 146 -30.99 -34.53 55.24
C GLU X 146 -29.83 -34.12 54.37
N VAL X 147 -29.71 -32.83 54.10
CA VAL X 147 -28.56 -32.32 53.36
C VAL X 147 -27.27 -32.64 54.08
N TYR X 148 -27.25 -32.53 55.40
CA TYR X 148 -26.01 -32.69 56.14
C TYR X 148 -25.44 -34.10 56.06
N ARG X 149 -26.15 -35.04 55.45
CA ARG X 149 -25.59 -36.38 55.30
C ARG X 149 -24.64 -36.45 54.12
N HIS X 150 -24.94 -35.74 53.03
CA HIS X 150 -24.05 -35.74 51.88
C HIS X 150 -22.78 -34.92 52.10
N PHE X 151 -22.63 -34.32 53.28
CA PHE X 151 -21.44 -33.54 53.58
C PHE X 151 -20.43 -34.39 54.31
N GLY X 152 -19.17 -33.99 54.19
CA GLY X 152 -18.11 -34.70 54.87
C GLY X 152 -16.88 -34.90 54.00
N LYS X 153 -16.12 -35.96 54.29
CA LYS X 153 -14.90 -36.21 53.54
C LYS X 153 -15.23 -36.53 52.08
N ALA X 154 -15.81 -37.69 51.85
CA ALA X 154 -16.21 -38.16 50.53
C ALA X 154 -16.78 -39.55 50.72
N PRO X 155 -17.62 -40.01 49.83
CA PRO X 155 -17.92 -41.43 49.82
C PRO X 155 -16.92 -42.15 48.94
N GLY X 156 -16.20 -43.13 49.48
CA GLY X 156 -15.17 -43.79 48.70
C GLY X 156 -13.77 -43.51 49.17
N THR X 157 -13.62 -42.64 50.07
CA THR X 157 -12.37 -42.50 50.80
C THR X 157 -12.41 -43.38 52.05
N PRO X 158 -11.26 -43.80 52.55
CA PRO X 158 -11.22 -44.86 53.57
C PRO X 158 -12.00 -44.51 54.84
N HIS X 159 -12.89 -45.44 55.20
CA HIS X 159 -13.71 -45.42 56.41
C HIS X 159 -14.14 -44.00 56.79
N SER X 160 -14.84 -43.39 55.83
CA SER X 160 -15.48 -42.09 56.01
C SER X 160 -16.84 -42.22 55.35
N HIS X 161 -17.82 -42.64 56.14
CA HIS X 161 -19.15 -42.99 55.63
C HIS X 161 -19.98 -41.75 55.43
N THR X 162 -20.36 -41.51 54.18
CA THR X 162 -21.08 -40.32 53.77
C THR X 162 -22.01 -40.73 52.64
N LYS X 163 -23.25 -40.31 52.70
CA LYS X 163 -24.25 -40.77 51.72
C LYS X 163 -23.98 -40.16 50.35
N PRO X 164 -23.91 -40.96 49.31
CA PRO X 164 -23.73 -40.44 47.96
C PRO X 164 -25.06 -40.10 47.30
N TYR X 165 -25.02 -39.15 46.37
CA TYR X 165 -26.21 -38.80 45.62
C TYR X 165 -26.45 -39.88 44.58
N VAL X 166 -27.57 -40.59 44.67
CA VAL X 166 -27.93 -41.61 43.69
C VAL X 166 -29.36 -41.39 43.25
N ARG X 167 -29.58 -41.45 41.93
CA ARG X 167 -30.89 -41.15 41.36
C ARG X 167 -31.98 -41.98 42.02
N SER X 168 -31.67 -43.22 42.40
CA SER X 168 -32.61 -44.10 43.11
C SER X 168 -31.87 -45.29 43.69
N LYS X 169 -31.99 -45.54 44.98
CA LYS X 169 -31.20 -46.62 45.56
C LYS X 169 -31.80 -47.98 45.22
N GLY X 170 -30.93 -48.96 45.07
CA GLY X 170 -31.38 -50.29 44.74
C GLY X 170 -30.21 -51.26 44.69
N ARG X 171 -30.48 -52.45 44.16
CA ARG X 171 -29.44 -53.48 44.03
C ARG X 171 -28.32 -53.00 43.13
N LYS X 172 -28.65 -52.61 41.91
CA LYS X 172 -27.65 -52.36 40.88
C LYS X 172 -27.16 -50.91 40.88
N PHE X 173 -27.45 -50.15 41.92
CA PHE X 173 -27.07 -48.75 42.00
C PHE X 173 -25.99 -48.55 43.05
N GLU X 174 -24.74 -48.60 42.60
CA GLU X 174 -23.56 -48.33 43.41
C GLU X 174 -23.34 -49.36 44.50
N ARG X 175 -23.16 -50.61 44.07
CA ARG X 175 -22.57 -51.70 44.86
C ARG X 175 -21.68 -52.47 43.89
N ALA X 176 -20.47 -51.98 43.69
CA ALA X 176 -19.58 -52.48 42.64
C ALA X 176 -18.15 -52.05 42.95
N ARG X 177 -17.32 -51.88 41.92
CA ARG X 177 -15.94 -51.42 42.14
C ARG X 177 -15.91 -50.37 43.22
N GLY X 178 -15.33 -50.71 44.38
CA GLY X 178 -15.23 -49.79 45.49
C GLY X 178 -16.11 -50.09 46.70
N ARG X 179 -17.06 -51.02 46.58
CA ARG X 179 -17.95 -51.31 47.71
C ARG X 179 -17.82 -52.72 48.23
N ARG X 180 -17.87 -53.74 47.37
CA ARG X 180 -17.58 -55.11 47.80
C ARG X 180 -16.13 -55.44 47.51
N ALA X 181 -15.46 -56.03 48.49
CA ALA X 181 -14.07 -56.43 48.30
C ALA X 181 -13.92 -57.36 47.11
N SER X 182 -14.96 -58.12 46.77
CA SER X 182 -14.87 -59.06 45.66
C SER X 182 -14.71 -58.37 44.32
N ARG X 183 -15.36 -57.22 44.13
CA ARG X 183 -15.38 -56.52 42.83
C ARG X 183 -14.50 -55.28 42.91
N GLY X 184 -13.21 -55.48 42.64
CA GLY X 184 -12.22 -54.43 42.65
C GLY X 184 -11.55 -54.23 43.99
N TYR X 185 -12.25 -53.60 44.91
CA TYR X 185 -11.68 -53.18 46.18
C TYR X 185 -12.84 -52.71 47.03
N LYS X 186 -12.55 -52.17 48.21
CA LYS X 186 -13.63 -51.52 48.94
C LYS X 186 -13.04 -50.56 49.95
N ASN X 187 -13.82 -49.51 50.24
CA ASN X 187 -13.46 -48.49 51.23
C ASN X 187 -14.61 -48.12 52.18
N SER Y 1 -32.98 15.19 -46.49
CA SER Y 1 -31.75 15.06 -45.73
C SER Y 1 -31.32 13.60 -45.60
N MET Y 2 -32.20 12.78 -45.02
CA MET Y 2 -31.94 11.36 -44.94
C MET Y 2 -32.33 10.72 -46.26
N LEU Y 3 -31.46 9.87 -46.77
CA LEU Y 3 -31.67 9.29 -48.09
C LEU Y 3 -31.31 7.82 -48.18
N ARG Y 4 -30.93 7.17 -47.07
CA ARG Y 4 -30.57 5.77 -47.18
C ARG Y 4 -31.73 4.92 -47.68
N LEU Y 5 -32.97 5.42 -47.60
CA LEU Y 5 -34.09 4.72 -48.22
C LEU Y 5 -34.02 4.79 -49.74
N GLN Y 6 -33.89 5.99 -50.27
CA GLN Y 6 -34.00 6.21 -51.70
C GLN Y 6 -32.83 5.60 -52.44
N LYS Y 7 -31.66 5.56 -51.82
CA LYS Y 7 -30.54 4.90 -52.47
C LYS Y 7 -30.75 3.39 -52.51
N ARG Y 8 -31.19 2.79 -51.40
CA ARG Y 8 -31.46 1.35 -51.42
C ARG Y 8 -32.53 1.01 -52.44
N LEU Y 9 -33.59 1.82 -52.53
CA LEU Y 9 -34.63 1.55 -53.50
C LEU Y 9 -34.13 1.69 -54.92
N ALA Y 10 -33.37 2.76 -55.18
CA ALA Y 10 -32.92 3.03 -56.54
C ALA Y 10 -32.00 1.93 -57.04
N SER Y 11 -31.29 1.26 -56.14
CA SER Y 11 -30.43 0.17 -56.57
C SER Y 11 -31.21 -1.12 -56.76
N SER Y 12 -32.33 -1.29 -56.05
CA SER Y 12 -33.15 -2.47 -56.26
C SER Y 12 -33.95 -2.36 -57.55
N VAL Y 13 -34.21 -1.12 -58.01
CA VAL Y 13 -34.90 -0.95 -59.28
C VAL Y 13 -33.95 -1.16 -60.44
N LEU Y 14 -32.80 -0.49 -60.40
CA LEU Y 14 -31.82 -0.63 -61.46
C LEU Y 14 -31.16 -2.00 -61.46
N ARG Y 15 -31.18 -2.71 -60.33
CA ARG Y 15 -30.44 -3.97 -60.15
C ARG Y 15 -28.94 -3.72 -60.24
N CYS Y 16 -28.49 -2.70 -59.53
CA CYS Y 16 -27.10 -2.33 -59.40
C CYS Y 16 -26.70 -2.48 -57.94
N GLY Y 17 -25.53 -1.95 -57.57
CA GLY Y 17 -25.04 -2.16 -56.23
C GLY Y 17 -25.51 -1.13 -55.22
N LYS Y 18 -25.83 0.08 -55.67
CA LYS Y 18 -25.91 1.33 -54.93
C LYS Y 18 -24.50 1.85 -54.67
N LYS Y 19 -23.45 1.11 -55.02
CA LYS Y 19 -22.19 1.77 -55.35
C LYS Y 19 -22.37 2.60 -56.59
N LYS Y 20 -23.16 2.09 -57.52
CA LYS Y 20 -23.32 2.66 -58.84
C LYS Y 20 -24.44 3.68 -58.91
N VAL Y 21 -25.34 3.71 -57.93
CA VAL Y 21 -26.47 4.59 -58.05
C VAL Y 21 -26.05 6.03 -57.81
N TRP Y 22 -26.84 6.96 -58.33
CA TRP Y 22 -26.69 8.39 -58.12
C TRP Y 22 -27.85 8.92 -57.30
N LEU Y 23 -27.61 10.00 -56.59
CA LEU Y 23 -28.69 10.78 -56.00
C LEU Y 23 -28.24 12.23 -56.16
N ASP Y 24 -28.67 12.84 -57.25
CA ASP Y 24 -28.22 14.15 -57.67
C ASP Y 24 -28.22 15.17 -56.54
N PRO Y 25 -27.05 15.64 -56.11
CA PRO Y 25 -26.97 16.39 -54.85
C PRO Y 25 -27.71 17.71 -54.88
N ASN Y 26 -27.93 18.28 -56.05
CA ASN Y 26 -28.58 19.58 -56.13
C ASN Y 26 -30.05 19.49 -55.81
N GLU Y 27 -30.70 18.41 -56.18
CA GLU Y 27 -32.15 18.30 -56.11
C GLU Y 27 -32.57 17.28 -55.06
N THR Y 28 -31.92 17.29 -53.93
CA THR Y 28 -32.18 16.35 -52.86
C THR Y 28 -33.47 16.63 -52.12
N ASN Y 29 -34.34 17.47 -52.65
CA ASN Y 29 -35.66 17.71 -52.08
C ASN Y 29 -36.80 17.19 -52.95
N GLU Y 30 -36.52 16.75 -54.17
CA GLU Y 30 -37.50 15.94 -54.89
C GLU Y 30 -37.26 14.46 -54.68
N ILE Y 31 -36.01 14.07 -54.53
CA ILE Y 31 -35.69 12.87 -53.79
C ILE Y 31 -35.94 13.21 -52.32
N ALA Y 32 -35.96 12.21 -51.46
CA ALA Y 32 -36.30 12.30 -50.04
C ALA Y 32 -37.79 12.53 -49.80
N ASN Y 33 -38.58 12.69 -50.86
CA ASN Y 33 -40.01 12.50 -50.76
C ASN Y 33 -40.49 11.52 -51.82
N ALA Y 34 -39.59 10.65 -52.28
CA ALA Y 34 -39.91 9.56 -53.18
C ALA Y 34 -39.97 8.24 -52.43
N ASN Y 35 -40.57 8.27 -51.24
CA ASN Y 35 -40.58 7.14 -50.31
C ASN Y 35 -40.81 5.79 -50.98
N SER Y 36 -41.79 5.69 -51.88
CA SER Y 36 -42.16 4.41 -52.48
C SER Y 36 -41.53 4.23 -53.85
N ARG Y 37 -41.10 3.01 -54.16
CA ARG Y 37 -40.65 2.75 -55.52
C ARG Y 37 -41.83 2.86 -56.48
N GLN Y 38 -41.51 3.15 -57.73
CA GLN Y 38 -42.35 3.65 -58.82
C GLN Y 38 -42.60 5.15 -58.67
N GLN Y 39 -42.26 5.76 -57.54
CA GLN Y 39 -41.96 7.17 -57.51
C GLN Y 39 -40.50 7.40 -57.82
N ILE Y 40 -39.68 6.39 -57.54
CA ILE Y 40 -38.28 6.40 -57.92
C ILE Y 40 -38.13 5.98 -59.38
N ARG Y 41 -38.99 5.08 -59.86
CA ARG Y 41 -38.99 4.80 -61.29
C ARG Y 41 -39.40 6.02 -62.11
N LYS Y 42 -39.97 7.03 -61.47
CA LYS Y 42 -40.10 8.34 -62.11
C LYS Y 42 -38.75 9.03 -62.18
N LEU Y 43 -38.15 9.29 -61.03
CA LEU Y 43 -36.90 10.03 -60.96
C LEU Y 43 -35.78 9.35 -61.74
N ILE Y 44 -35.93 8.06 -62.07
CA ILE Y 44 -34.95 7.42 -62.93
C ILE Y 44 -34.94 8.07 -64.29
N LYS Y 45 -36.11 8.28 -64.86
CA LYS Y 45 -36.24 8.73 -66.24
C LYS Y 45 -36.27 10.25 -66.38
N ASP Y 46 -35.71 10.97 -65.42
CA ASP Y 46 -35.50 12.40 -65.60
C ASP Y 46 -34.20 12.87 -64.98
N GLY Y 47 -33.18 12.02 -65.00
CA GLY Y 47 -31.84 12.44 -64.65
C GLY Y 47 -31.67 12.90 -63.23
N LEU Y 48 -32.47 12.37 -62.32
CA LEU Y 48 -32.25 12.66 -60.91
C LEU Y 48 -31.59 11.51 -60.17
N ILE Y 49 -31.82 10.27 -60.59
CA ILE Y 49 -31.02 9.15 -60.14
C ILE Y 49 -30.51 8.44 -61.39
N ILE Y 50 -29.26 8.00 -61.36
CA ILE Y 50 -28.59 7.47 -62.54
C ILE Y 50 -27.68 6.32 -62.12
N ARG Y 51 -27.56 5.31 -62.99
CA ARG Y 51 -26.51 4.32 -62.82
C ARG Y 51 -25.20 4.93 -63.30
N LYS Y 52 -24.26 5.11 -62.39
CA LYS Y 52 -22.91 5.50 -62.79
C LYS Y 52 -22.26 4.35 -63.57
N PRO Y 53 -21.53 4.63 -64.64
CA PRO Y 53 -20.92 3.57 -65.43
C PRO Y 53 -19.89 2.79 -64.62
N VAL Y 54 -19.40 1.72 -65.22
CA VAL Y 54 -18.49 0.79 -64.54
C VAL Y 54 -17.08 1.37 -64.52
N THR Y 55 -16.45 1.38 -63.36
CA THR Y 55 -15.04 1.71 -63.29
C THR Y 55 -14.27 0.78 -64.21
N VAL Y 56 -13.41 1.35 -65.04
CA VAL Y 56 -12.84 0.55 -66.12
C VAL Y 56 -11.80 -0.42 -65.58
N HIS Y 57 -11.65 -1.53 -66.29
CA HIS Y 57 -10.61 -2.53 -66.02
C HIS Y 57 -9.99 -2.91 -67.35
N SER Y 58 -9.00 -2.13 -67.78
CA SER Y 58 -8.40 -2.28 -69.10
C SER Y 58 -7.74 -3.64 -69.26
N ARG Y 59 -8.33 -4.49 -70.08
CA ARG Y 59 -7.67 -5.73 -70.46
C ARG Y 59 -6.49 -5.49 -71.39
N ALA Y 60 -6.27 -4.25 -71.82
CA ALA Y 60 -5.33 -3.99 -72.90
C ALA Y 60 -3.89 -4.23 -72.45
N ARG Y 61 -3.53 -3.70 -71.28
CA ARG Y 61 -2.16 -3.84 -70.81
C ARG Y 61 -1.80 -5.31 -70.63
N CYS Y 62 -2.79 -6.14 -70.29
CA CYS Y 62 -2.54 -7.57 -70.26
C CYS Y 62 -2.48 -8.15 -71.67
N ARG Y 63 -3.31 -7.66 -72.59
CA ARG Y 63 -3.35 -8.23 -73.93
C ARG Y 63 -2.10 -7.90 -74.73
N LYS Y 64 -1.41 -6.81 -74.39
CA LYS Y 64 -0.14 -6.51 -75.02
C LYS Y 64 0.96 -7.44 -74.52
N ASN Y 65 0.91 -7.80 -73.23
CA ASN Y 65 1.89 -8.75 -72.71
C ASN Y 65 1.70 -10.12 -73.35
N THR Y 66 0.46 -10.58 -73.46
CA THR Y 66 0.20 -11.92 -74.00
C THR Y 66 0.59 -12.02 -75.47
N LEU Y 67 0.70 -10.89 -76.17
CA LEU Y 67 1.27 -10.92 -77.51
C LEU Y 67 2.79 -11.08 -77.48
N ALA Y 68 3.43 -10.75 -76.37
CA ALA Y 68 4.85 -11.07 -76.22
C ALA Y 68 5.02 -12.54 -75.90
N ARG Y 69 4.23 -13.05 -74.95
CA ARG Y 69 4.31 -14.47 -74.62
C ARG Y 69 3.97 -15.35 -75.81
N ARG Y 70 3.36 -14.80 -76.86
CA ARG Y 70 3.20 -15.56 -78.09
C ARG Y 70 4.54 -15.81 -78.77
N LYS Y 71 5.37 -14.77 -78.88
CA LYS Y 71 6.69 -14.91 -79.49
C LYS Y 71 7.75 -15.41 -78.53
N GLY Y 72 7.39 -15.68 -77.28
CA GLY Y 72 8.33 -16.24 -76.33
C GLY Y 72 9.13 -15.23 -75.54
N ARG Y 73 8.54 -14.07 -75.24
CA ARG Y 73 9.17 -13.13 -74.33
C ARG Y 73 8.69 -13.42 -72.92
N HIS Y 74 9.51 -13.07 -71.94
CA HIS Y 74 9.21 -13.30 -70.53
C HIS Y 74 9.02 -14.79 -70.25
N MET Y 75 9.56 -15.64 -71.14
CA MET Y 75 9.46 -17.08 -71.04
C MET Y 75 10.78 -17.73 -70.66
N GLY Y 76 11.79 -16.93 -70.33
CA GLY Y 76 13.11 -17.45 -70.06
C GLY Y 76 13.17 -18.21 -68.76
N ILE Y 77 14.36 -18.76 -68.48
CA ILE Y 77 14.59 -19.48 -67.23
C ILE Y 77 14.22 -18.60 -66.05
N GLY Y 78 14.52 -17.31 -66.14
CA GLY Y 78 14.30 -16.40 -65.04
C GLY Y 78 12.86 -16.03 -64.78
N LYS Y 79 11.92 -16.56 -65.55
CA LYS Y 79 10.52 -16.27 -65.31
C LYS Y 79 9.69 -17.53 -65.16
N ARG Y 80 10.32 -18.70 -65.12
CA ARG Y 80 9.62 -19.94 -64.85
C ARG Y 80 9.57 -20.18 -63.35
N LYS Y 81 8.43 -20.67 -62.87
CA LYS Y 81 8.35 -20.91 -61.43
C LYS Y 81 7.92 -22.33 -61.09
N GLY Y 82 7.15 -22.97 -61.96
CA GLY Y 82 6.79 -24.36 -61.75
C GLY Y 82 7.76 -25.31 -62.43
N THR Y 83 7.71 -26.58 -62.05
CA THR Y 83 8.56 -27.57 -62.72
C THR Y 83 8.15 -27.70 -64.19
N ALA Y 84 9.06 -28.25 -65.01
CA ALA Y 84 8.72 -28.48 -66.42
C ALA Y 84 7.49 -29.35 -66.55
N ASN Y 85 7.34 -30.34 -65.66
CA ASN Y 85 6.17 -31.21 -65.70
C ASN Y 85 4.90 -30.48 -65.28
N ALA Y 86 5.03 -29.49 -64.39
CA ALA Y 86 3.87 -28.74 -63.93
C ALA Y 86 3.38 -27.75 -64.99
N ARG Y 87 4.28 -27.28 -65.85
CA ARG Y 87 3.94 -26.36 -66.91
C ARG Y 87 3.43 -27.05 -68.15
N MET Y 88 3.94 -28.24 -68.46
CA MET Y 88 3.41 -29.08 -69.54
C MET Y 88 3.61 -30.53 -69.14
N PRO Y 89 2.54 -31.21 -68.75
CA PRO Y 89 2.69 -32.55 -68.15
C PRO Y 89 3.11 -33.56 -69.21
N GLU Y 90 4.23 -34.24 -68.94
CA GLU Y 90 4.69 -35.29 -69.83
C GLU Y 90 3.61 -36.34 -70.03
N LYS Y 91 2.66 -36.46 -69.10
CA LYS Y 91 1.50 -37.32 -69.29
C LYS Y 91 0.61 -36.80 -70.41
N VAL Y 92 0.58 -35.48 -70.62
CA VAL Y 92 -0.27 -34.95 -71.65
C VAL Y 92 0.37 -35.07 -73.03
N THR Y 93 1.69 -35.14 -73.10
CA THR Y 93 2.35 -35.26 -74.37
C THR Y 93 2.53 -36.72 -74.81
N TRP Y 94 1.84 -37.65 -74.14
CA TRP Y 94 1.45 -38.88 -74.79
C TRP Y 94 0.20 -38.65 -75.60
N MET Y 95 -0.87 -38.31 -74.89
CA MET Y 95 -2.19 -38.17 -75.50
C MET Y 95 -2.15 -37.20 -76.67
N ARG Y 96 -1.34 -36.14 -76.59
CA ARG Y 96 -1.18 -35.29 -77.77
C ARG Y 96 -0.43 -36.05 -78.85
N ARG Y 97 0.65 -36.73 -78.48
CA ARG Y 97 1.48 -37.40 -79.48
C ARG Y 97 0.88 -38.72 -79.93
N MET Y 98 0.69 -39.66 -79.01
CA MET Y 98 0.18 -40.96 -79.41
C MET Y 98 -1.12 -40.84 -80.18
N ARG Y 99 -1.97 -39.87 -79.83
CA ARG Y 99 -3.17 -39.71 -80.63
C ARG Y 99 -2.85 -39.28 -82.05
N ILE Y 100 -1.79 -38.50 -82.23
CA ILE Y 100 -1.47 -37.99 -83.55
C ILE Y 100 -0.93 -39.10 -84.44
N LEU Y 101 -0.01 -39.90 -83.90
CA LEU Y 101 0.55 -40.98 -84.72
C LEU Y 101 -0.49 -42.07 -84.97
N ARG Y 102 -1.31 -42.39 -83.96
CA ARG Y 102 -2.33 -43.40 -84.16
C ARG Y 102 -3.35 -42.94 -85.19
N ARG Y 103 -3.81 -41.69 -85.10
CA ARG Y 103 -4.74 -41.16 -86.10
C ARG Y 103 -4.09 -41.07 -87.46
N LEU Y 104 -2.75 -41.08 -87.52
CA LEU Y 104 -2.09 -41.09 -88.82
C LEU Y 104 -2.13 -42.49 -89.42
N LEU Y 105 -1.65 -43.49 -88.66
CA LEU Y 105 -1.70 -44.88 -89.09
C LEU Y 105 -3.12 -45.36 -89.37
N ARG Y 106 -4.15 -44.73 -88.77
CA ARG Y 106 -5.51 -45.10 -89.11
C ARG Y 106 -5.88 -44.55 -90.49
N ARG Y 107 -5.51 -43.30 -90.77
CA ARG Y 107 -5.76 -42.74 -92.10
C ARG Y 107 -4.87 -43.38 -93.15
N TYR Y 108 -3.69 -43.84 -92.76
CA TYR Y 108 -2.80 -44.51 -93.72
C TYR Y 108 -3.32 -45.89 -94.09
N ARG Y 109 -4.03 -46.56 -93.19
CA ARG Y 109 -4.46 -47.92 -93.48
C ARG Y 109 -5.70 -47.92 -94.35
N GLU Y 110 -6.72 -47.15 -93.97
CA GLU Y 110 -7.93 -47.05 -94.77
C GLU Y 110 -7.68 -46.37 -96.12
N SER Y 111 -6.50 -45.78 -96.30
CA SER Y 111 -6.09 -45.22 -97.58
C SER Y 111 -5.28 -46.21 -98.42
N LYS Y 112 -5.25 -47.48 -98.04
CA LYS Y 112 -4.48 -48.54 -98.73
C LYS Y 112 -3.03 -48.15 -98.93
N LYS Y 113 -2.53 -47.22 -98.09
CA LYS Y 113 -1.11 -46.94 -98.07
C LYS Y 113 -0.34 -48.15 -97.57
N ILE Y 114 -0.56 -48.53 -96.32
CA ILE Y 114 0.08 -49.70 -95.72
C ILE Y 114 -0.98 -50.77 -95.47
N ASP Y 115 -0.54 -52.02 -95.42
CA ASP Y 115 -1.42 -53.16 -95.20
C ASP Y 115 -1.73 -53.33 -93.72
N ARG Y 116 -2.51 -54.37 -93.39
CA ARG Y 116 -2.82 -54.65 -91.99
C ARG Y 116 -1.58 -55.10 -91.24
N HIS Y 117 -0.77 -55.96 -91.84
CA HIS Y 117 0.36 -56.56 -91.14
C HIS Y 117 1.50 -55.56 -90.98
N MET Y 118 1.62 -54.62 -91.92
CA MET Y 118 2.54 -53.51 -91.70
C MET Y 118 2.05 -52.63 -90.56
N TYR Y 119 0.75 -52.34 -90.53
CA TYR Y 119 0.23 -51.41 -89.56
C TYR Y 119 0.26 -51.98 -88.15
N HIS Y 120 -0.14 -53.24 -87.97
CA HIS Y 120 -0.18 -53.77 -86.61
C HIS Y 120 1.21 -53.79 -85.99
N SER Y 121 2.25 -54.09 -86.78
CA SER Y 121 3.59 -54.00 -86.23
C SER Y 121 3.96 -52.54 -85.97
N LEU Y 122 3.50 -51.63 -86.82
CA LEU Y 122 3.83 -50.22 -86.66
C LEU Y 122 3.18 -49.63 -85.43
N TYR Y 123 1.90 -49.94 -85.22
CA TYR Y 123 1.18 -49.51 -84.03
C TYR Y 123 1.94 -49.85 -82.76
N LEU Y 124 2.35 -51.13 -82.63
CA LEU Y 124 3.12 -51.53 -81.45
C LEU Y 124 4.42 -50.76 -81.36
N LYS Y 125 5.03 -50.41 -82.49
CA LYS Y 125 6.26 -49.64 -82.44
C LYS Y 125 6.01 -48.24 -81.93
N VAL Y 126 4.87 -47.64 -82.30
CA VAL Y 126 4.56 -46.30 -81.81
C VAL Y 126 4.39 -46.33 -80.30
N LYS Y 127 3.65 -47.32 -79.81
CA LYS Y 127 3.38 -47.40 -78.37
C LYS Y 127 4.68 -47.44 -77.56
N GLY Y 128 5.71 -48.11 -78.07
CA GLY Y 128 7.05 -48.07 -77.51
C GLY Y 128 7.88 -46.98 -78.16
N ASN Y 129 7.68 -45.72 -77.79
CA ASN Y 129 8.09 -44.59 -78.61
C ASN Y 129 9.51 -44.72 -79.13
N VAL Y 130 9.62 -44.80 -80.47
CA VAL Y 130 10.86 -44.43 -81.15
C VAL Y 130 10.61 -43.54 -82.36
N PHE Y 131 9.38 -43.47 -82.85
CA PHE Y 131 9.00 -42.77 -84.07
C PHE Y 131 8.06 -41.70 -83.55
N LYS Y 132 8.65 -40.56 -83.20
CA LYS Y 132 8.08 -39.71 -82.17
C LYS Y 132 7.59 -38.36 -82.69
N ASN Y 133 7.30 -38.26 -83.98
CA ASN Y 133 6.60 -37.09 -84.51
C ASN Y 133 6.15 -37.41 -85.92
N LYS Y 134 4.95 -36.94 -86.26
CA LYS Y 134 4.30 -37.31 -87.50
C LYS Y 134 5.26 -37.29 -88.70
N ARG Y 135 6.20 -36.35 -88.74
CA ARG Y 135 7.12 -36.29 -89.87
C ARG Y 135 8.05 -37.48 -89.89
N ILE Y 136 8.63 -37.81 -88.74
CA ILE Y 136 9.61 -38.89 -88.71
C ILE Y 136 8.96 -40.26 -88.82
N LEU Y 137 7.66 -40.37 -88.53
CA LEU Y 137 6.96 -41.64 -88.75
C LEU Y 137 6.73 -41.89 -90.24
N MET Y 138 6.39 -40.84 -90.99
CA MET Y 138 6.29 -40.96 -92.43
C MET Y 138 7.60 -41.47 -93.02
N GLU Y 139 8.70 -40.79 -92.72
CA GLU Y 139 10.00 -41.13 -93.30
C GLU Y 139 10.45 -42.53 -92.92
N HIS Y 140 9.79 -43.18 -91.97
CA HIS Y 140 10.01 -44.59 -91.78
C HIS Y 140 9.14 -45.39 -92.73
N ILE Y 141 7.89 -44.95 -92.92
CA ILE Y 141 7.00 -45.63 -93.86
C ILE Y 141 7.44 -45.37 -95.29
N HIS Y 142 7.93 -44.16 -95.59
CA HIS Y 142 8.44 -43.91 -96.93
C HIS Y 142 9.62 -44.81 -97.24
N LYS Y 143 10.31 -45.31 -96.22
CA LYS Y 143 11.46 -46.16 -96.43
C LYS Y 143 11.10 -47.63 -96.35
N LEU Y 144 10.18 -48.02 -95.45
CA LEU Y 144 9.74 -49.41 -95.38
C LEU Y 144 8.99 -49.84 -96.65
N LYS Y 145 8.53 -48.87 -97.46
CA LYS Y 145 7.90 -49.17 -98.73
C LYS Y 145 8.90 -49.18 -99.88
N ALA Y 146 9.83 -48.23 -99.90
CA ALA Y 146 10.91 -48.30 -100.87
C ALA Y 146 11.81 -49.51 -100.63
N ASP Y 147 11.69 -50.15 -99.47
CA ASP Y 147 12.37 -51.42 -99.20
C ASP Y 147 11.55 -52.62 -99.63
N LYS Y 148 10.22 -52.53 -99.62
CA LYS Y 148 9.40 -53.57 -100.25
C LYS Y 148 9.41 -53.44 -101.76
N ALA Y 149 9.51 -52.22 -102.28
CA ALA Y 149 9.55 -52.00 -103.71
C ALA Y 149 10.64 -52.85 -104.36
N ARG Y 150 11.87 -52.71 -103.87
CA ARG Y 150 12.95 -53.52 -104.45
C ARG Y 150 12.85 -54.97 -104.04
N LYS Y 151 12.49 -55.24 -102.78
CA LYS Y 151 12.50 -56.61 -102.28
C LYS Y 151 11.30 -57.42 -102.76
N LYS Y 152 10.11 -56.80 -102.85
CA LYS Y 152 8.95 -57.56 -103.30
C LYS Y 152 8.89 -57.69 -104.81
N LEU Y 153 9.46 -56.73 -105.54
CA LEU Y 153 9.57 -56.88 -107.00
C LEU Y 153 10.57 -57.97 -107.36
N LEU Y 154 11.77 -57.92 -106.76
CA LEU Y 154 12.77 -58.95 -107.00
C LEU Y 154 12.38 -60.29 -106.39
N ALA Y 155 11.46 -60.29 -105.42
CA ALA Y 155 10.86 -61.54 -104.96
C ALA Y 155 9.80 -62.05 -105.93
N ASP Y 156 9.44 -61.26 -106.95
CA ASP Y 156 8.47 -61.65 -107.95
C ASP Y 156 9.05 -61.81 -109.34
N GLN Y 157 10.16 -61.12 -109.65
CA GLN Y 157 10.89 -61.43 -110.86
C GLN Y 157 11.57 -62.79 -110.75
N ALA Y 158 12.03 -63.15 -109.55
CA ALA Y 158 12.57 -64.48 -109.32
C ALA Y 158 11.48 -65.52 -109.14
N GLU Y 159 10.29 -65.10 -108.68
CA GLU Y 159 9.15 -66.02 -108.70
C GLU Y 159 8.55 -66.12 -110.08
N ALA Y 160 8.70 -65.09 -110.90
CA ALA Y 160 8.41 -65.25 -112.33
C ALA Y 160 9.48 -66.09 -113.00
N ARG Y 161 10.74 -65.99 -112.53
CA ARG Y 161 11.79 -66.88 -113.00
C ARG Y 161 11.47 -68.33 -112.64
N ARG Y 162 11.25 -68.60 -111.35
CA ARG Y 162 10.95 -69.95 -110.89
C ARG Y 162 9.57 -70.41 -111.33
N SER Y 163 8.76 -69.53 -111.91
CA SER Y 163 7.55 -69.98 -112.57
C SER Y 163 7.84 -70.42 -114.00
N LYS Y 164 8.60 -69.59 -114.74
CA LYS Y 164 9.00 -69.97 -116.08
C LYS Y 164 9.93 -71.18 -116.09
N THR Y 165 10.55 -71.49 -114.95
CA THR Y 165 11.32 -72.73 -114.83
C THR Y 165 10.41 -73.93 -114.61
N LYS Y 166 9.29 -73.74 -113.91
CA LYS Y 166 8.42 -74.85 -113.54
C LYS Y 166 7.58 -75.34 -114.70
N GLU Y 167 6.73 -74.48 -115.25
CA GLU Y 167 5.84 -74.91 -116.31
C GLU Y 167 6.55 -75.10 -117.64
N ALA Y 168 7.78 -74.63 -117.78
CA ALA Y 168 8.53 -74.92 -119.01
C ALA Y 168 9.04 -76.34 -119.02
N ARG Y 169 9.30 -76.92 -117.85
CA ARG Y 169 9.59 -78.35 -117.80
C ARG Y 169 8.31 -79.18 -117.83
N LYS Y 170 7.20 -78.63 -117.33
CA LYS Y 170 5.90 -79.22 -117.57
C LYS Y 170 5.48 -79.13 -119.05
N ARG Y 171 6.21 -78.35 -119.85
CA ARG Y 171 5.98 -78.34 -121.28
C ARG Y 171 6.49 -79.63 -121.92
N ARG Y 172 7.78 -79.92 -121.75
CA ARG Y 172 8.37 -81.11 -122.38
C ARG Y 172 7.91 -82.39 -121.69
N GLU Y 173 7.74 -82.34 -120.36
CA GLU Y 173 7.34 -83.51 -119.58
C GLU Y 173 5.83 -83.72 -119.57
N GLU Y 174 5.10 -82.92 -120.35
CA GLU Y 174 3.74 -83.25 -120.78
C GLU Y 174 3.71 -83.78 -122.21
N ARG Y 175 4.69 -83.43 -123.04
CA ARG Y 175 4.85 -84.08 -124.34
C ARG Y 175 5.35 -85.51 -124.17
N LEU Y 176 6.34 -85.72 -123.29
CA LEU Y 176 6.95 -87.03 -123.15
C LEU Y 176 6.07 -87.98 -122.33
N GLN Y 177 5.45 -87.50 -121.26
CA GLN Y 177 4.67 -88.33 -120.34
C GLN Y 177 3.17 -88.31 -120.63
N ALA Y 178 2.76 -87.87 -121.82
CA ALA Y 178 1.38 -88.02 -122.25
C ALA Y 178 1.32 -88.58 -123.68
N LYS Y 179 2.38 -88.35 -124.46
CA LYS Y 179 2.48 -88.82 -125.85
C LYS Y 179 3.47 -89.98 -125.97
N LYS Y 180 3.50 -90.85 -124.97
CA LYS Y 180 4.31 -92.07 -124.99
C LYS Y 180 5.79 -91.80 -125.24
N LYS Z 1 33.98 -0.10 56.16
CA LYS Z 1 34.28 1.14 56.87
C LYS Z 1 34.25 2.37 55.93
N ALA Z 2 33.90 3.54 56.46
CA ALA Z 2 33.92 4.75 55.63
C ALA Z 2 34.77 5.81 56.31
N SER Z 3 34.69 7.06 55.85
CA SER Z 3 35.47 8.15 56.42
C SER Z 3 34.64 9.39 56.75
N GLY Z 4 35.34 10.50 56.91
CA GLY Z 4 34.84 11.73 57.47
C GLY Z 4 36.09 12.53 57.72
N THR Z 5 36.28 13.07 58.92
CA THR Z 5 37.61 13.35 59.47
C THR Z 5 37.83 12.37 60.61
N LEU Z 6 38.88 11.55 60.50
CA LEU Z 6 39.09 10.48 61.47
C LEU Z 6 39.48 11.05 62.83
N ARG Z 7 39.25 10.22 63.86
CA ARG Z 7 39.53 10.58 65.24
C ARG Z 7 40.20 9.39 65.90
N GLU Z 8 40.84 9.65 67.04
CA GLU Z 8 41.59 8.62 67.77
C GLU Z 8 40.76 8.09 68.93
N TYR Z 9 39.80 7.24 68.61
CA TYR Z 9 39.01 6.58 69.63
C TYR Z 9 39.76 5.34 70.10
N LYS Z 10 40.39 5.43 71.27
CA LYS Z 10 41.04 4.26 71.83
C LYS Z 10 40.04 3.43 72.63
N VAL Z 11 40.26 2.11 72.63
CA VAL Z 11 39.33 1.16 73.24
C VAL Z 11 40.12 0.12 74.03
N VAL Z 12 39.52 -0.35 75.13
CA VAL Z 12 40.01 -1.51 75.86
C VAL Z 12 38.85 -2.48 76.07
N GLY Z 13 39.19 -3.75 76.26
CA GLY Z 13 38.16 -4.74 76.37
C GLY Z 13 38.71 -6.12 76.71
N ARG Z 14 37.93 -6.89 77.46
CA ARG Z 14 38.30 -8.23 77.89
C ARG Z 14 37.29 -9.25 77.39
N CYS Z 15 37.69 -10.51 77.45
CA CYS Z 15 36.81 -11.63 77.14
C CYS Z 15 36.05 -11.96 78.42
N LEU Z 16 34.74 -11.67 78.46
CA LEU Z 16 33.95 -11.69 79.69
C LEU Z 16 34.17 -12.97 80.49
N PRO Z 17 34.09 -12.92 81.82
CA PRO Z 17 34.67 -13.97 82.66
C PRO Z 17 33.84 -15.25 82.65
N THR Z 18 34.50 -16.38 82.40
CA THR Z 18 33.94 -17.71 82.51
C THR Z 18 34.11 -18.19 83.94
N PRO Z 19 33.58 -19.36 84.32
CA PRO Z 19 33.91 -19.90 85.64
C PRO Z 19 35.37 -20.32 85.79
N LYS Z 20 36.02 -20.77 84.71
CA LYS Z 20 37.39 -21.27 84.85
C LYS Z 20 38.37 -20.14 85.10
N CYS Z 21 38.43 -19.15 84.21
CA CYS Z 21 39.29 -17.99 84.37
C CYS Z 21 38.43 -16.81 84.78
N ARG Z 22 38.69 -16.27 85.98
CA ARG Z 22 37.85 -15.24 86.53
C ARG Z 22 38.38 -13.83 86.28
N THR Z 23 39.63 -13.69 85.89
CA THR Z 23 40.25 -12.38 85.67
C THR Z 23 41.02 -12.41 84.36
N PRO Z 24 40.31 -12.37 83.24
CA PRO Z 24 40.97 -12.39 81.94
C PRO Z 24 41.78 -11.12 81.73
N PRO Z 25 42.70 -11.13 80.77
CA PRO Z 25 43.53 -9.93 80.54
C PRO Z 25 42.74 -8.84 79.84
N LEU Z 26 43.27 -7.62 79.93
CA LEU Z 26 42.70 -6.49 79.22
C LEU Z 26 43.58 -6.14 78.04
N TYR Z 27 42.95 -5.67 76.96
CA TYR Z 27 43.66 -5.29 75.74
C TYR Z 27 43.23 -3.90 75.32
N ARG Z 28 44.18 -2.98 75.21
CA ARG Z 28 43.94 -1.67 74.64
C ARG Z 28 44.46 -1.66 73.21
N MET Z 29 43.62 -1.23 72.27
CA MET Z 29 43.97 -0.97 70.88
C MET Z 29 43.76 0.50 70.57
N ARG Z 30 44.58 1.03 69.67
CA ARG Z 30 44.40 2.41 69.24
C ARG Z 30 43.57 2.42 67.95
N ILE Z 31 42.30 2.08 68.11
CA ILE Z 31 41.41 2.10 66.98
C ILE Z 31 41.19 3.54 66.54
N PHE Z 32 40.76 3.69 65.28
CA PHE Z 32 41.07 4.91 64.57
C PHE Z 32 39.97 5.16 63.53
N ALA Z 33 38.96 5.95 63.89
CA ALA Z 33 37.66 5.82 63.25
C ALA Z 33 36.89 7.14 63.39
N PRO Z 34 35.76 7.29 62.67
CA PRO Z 34 35.05 8.58 62.70
C PRO Z 34 34.06 8.79 63.83
N ASN Z 35 33.72 7.79 64.64
CA ASN Z 35 32.85 8.01 65.80
C ASN Z 35 32.93 6.76 66.70
N HIS Z 36 32.06 6.70 67.71
CA HIS Z 36 32.10 5.55 68.62
C HIS Z 36 31.74 4.28 67.90
N VAL Z 37 30.54 4.25 67.34
CA VAL Z 37 29.92 3.00 66.95
C VAL Z 37 30.79 2.22 65.99
N VAL Z 38 31.56 2.91 65.16
CA VAL Z 38 32.43 2.16 64.27
C VAL Z 38 33.76 1.86 64.94
N ALA Z 39 34.20 2.72 65.87
CA ALA Z 39 35.42 2.43 66.60
C ALA Z 39 35.25 1.23 67.50
N LYS Z 40 34.05 0.99 68.03
CA LYS Z 40 33.80 -0.27 68.69
C LYS Z 40 33.89 -1.42 67.70
N SER Z 41 33.33 -1.24 66.51
CA SER Z 41 33.28 -2.35 65.56
C SER Z 41 34.64 -2.65 64.94
N ARG Z 42 35.49 -1.63 64.75
CA ARG Z 42 36.81 -1.95 64.21
C ARG Z 42 37.65 -2.68 65.23
N PHE Z 43 37.35 -2.49 66.52
CA PHE Z 43 38.02 -3.26 67.55
C PHE Z 43 37.82 -4.75 67.34
N TRP Z 44 36.57 -5.19 67.39
CA TRP Z 44 36.30 -6.61 67.26
C TRP Z 44 36.81 -7.18 65.95
N TYR Z 45 37.06 -6.34 64.94
CA TYR Z 45 37.66 -6.83 63.71
C TYR Z 45 39.13 -7.16 63.92
N PHE Z 46 39.80 -6.40 64.77
CA PHE Z 46 41.21 -6.59 65.01
C PHE Z 46 41.49 -7.53 66.16
N VAL Z 47 40.59 -7.61 67.14
CA VAL Z 47 40.84 -8.58 68.18
C VAL Z 47 40.48 -9.99 67.71
N SER Z 48 39.49 -10.12 66.81
CA SER Z 48 39.20 -11.44 66.27
C SER Z 48 40.31 -11.94 65.38
N GLN Z 49 41.15 -11.05 64.86
CA GLN Z 49 42.28 -11.49 64.07
C GLN Z 49 43.48 -11.86 64.95
N LEU Z 50 43.48 -11.45 66.21
CA LEU Z 50 44.61 -11.71 67.10
C LEU Z 50 44.27 -12.68 68.23
N LYS Z 51 43.20 -12.42 68.96
CA LYS Z 51 42.75 -13.34 70.00
C LYS Z 51 41.55 -14.14 69.53
N LYS Z 52 41.34 -15.28 70.18
CA LYS Z 52 40.13 -16.08 69.98
C LYS Z 52 38.98 -15.45 70.77
N MET Z 53 38.58 -14.28 70.31
CA MET Z 53 37.59 -13.49 71.03
C MET Z 53 36.54 -12.94 70.05
N LYS Z 54 35.30 -12.89 70.49
CA LYS Z 54 34.21 -12.40 69.65
C LYS Z 54 33.38 -11.39 70.42
N LYS Z 55 32.52 -10.69 69.68
CA LYS Z 55 31.64 -9.70 70.31
C LYS Z 55 30.65 -10.35 71.26
N SER Z 56 30.32 -11.62 71.04
CA SER Z 56 29.40 -12.31 71.93
C SER Z 56 30.08 -12.70 73.23
N SER Z 57 31.22 -13.36 73.14
CA SER Z 57 31.95 -13.85 74.30
C SER Z 57 32.81 -12.77 74.95
N GLY Z 58 32.62 -11.50 74.63
CA GLY Z 58 33.42 -10.46 75.23
C GLY Z 58 32.62 -9.25 75.67
N GLU Z 59 33.31 -8.14 75.95
CA GLU Z 59 32.68 -6.89 76.31
C GLU Z 59 33.71 -5.78 76.18
N ILE Z 60 33.26 -4.63 75.72
CA ILE Z 60 34.10 -3.44 75.72
C ILE Z 60 34.01 -2.79 77.09
N VAL Z 61 35.16 -2.46 77.66
CA VAL Z 61 35.20 -1.86 78.98
C VAL Z 61 35.24 -0.35 78.88
N TYR Z 62 36.19 0.19 78.13
CA TYR Z 62 36.35 1.63 77.98
C TYR Z 62 36.46 1.95 76.51
N CYS Z 63 35.58 2.82 76.03
CA CYS Z 63 35.75 3.49 74.76
C CYS Z 63 35.73 4.98 75.02
N GLY Z 64 36.77 5.67 74.58
CA GLY Z 64 36.84 7.10 74.77
C GLY Z 64 37.88 7.69 73.85
N GLN Z 65 37.71 8.97 73.55
CA GLN Z 65 38.64 9.60 72.64
C GLN Z 65 39.95 9.89 73.35
N VAL Z 66 41.05 9.75 72.61
CA VAL Z 66 42.33 10.30 73.01
C VAL Z 66 42.71 11.38 72.00
N PHE Z 67 42.91 12.59 72.50
CA PHE Z 67 42.99 13.76 71.63
C PHE Z 67 44.34 14.45 71.81
N GLU Z 68 44.83 15.02 70.71
CA GLU Z 68 46.25 15.27 70.53
C GLU Z 68 46.83 16.11 71.65
N LYS Z 69 48.00 15.69 72.12
CA LYS Z 69 48.63 16.35 73.25
C LYS Z 69 49.35 17.63 72.85
N SER Z 70 49.62 17.84 71.57
CA SER Z 70 50.36 19.00 71.07
C SER Z 70 49.79 19.42 69.73
N PRO Z 71 48.59 20.03 69.73
CA PRO Z 71 47.90 20.33 68.47
C PRO Z 71 48.34 21.61 67.80
N LEU Z 72 49.22 22.40 68.41
CA LEU Z 72 49.72 23.62 67.81
C LEU Z 72 51.19 23.51 67.45
N ARG Z 73 51.66 22.29 67.19
CA ARG Z 73 53.07 22.03 66.91
C ARG Z 73 53.17 20.99 65.80
N VAL Z 74 53.71 21.39 64.66
CA VAL Z 74 53.78 20.48 63.51
C VAL Z 74 54.72 19.33 63.83
N LYS Z 75 54.32 18.12 63.40
CA LYS Z 75 55.07 16.90 63.71
C LYS Z 75 55.14 16.05 62.46
N ASN Z 76 56.10 15.14 62.44
CA ASN Z 76 56.33 14.25 61.31
C ASN Z 76 55.86 12.86 61.69
N PHE Z 77 54.81 12.39 61.01
CA PHE Z 77 54.22 11.09 61.29
C PHE Z 77 54.63 10.08 60.23
N GLY Z 78 55.34 9.04 60.66
CA GLY Z 78 55.43 7.82 59.89
C GLY Z 78 54.34 6.89 60.36
N ILE Z 79 53.82 6.11 59.43
CA ILE Z 79 52.69 5.25 59.75
C ILE Z 79 52.81 3.97 58.92
N TRP Z 80 52.93 2.85 59.61
CA TRP Z 80 53.05 1.55 58.98
C TRP Z 80 51.67 1.00 58.68
N LEU Z 81 51.59 0.26 57.58
CA LEU Z 81 50.35 0.03 56.85
C LEU Z 81 50.32 -1.42 56.39
N ARG Z 82 49.14 -1.85 55.95
CA ARG Z 82 48.95 -3.12 55.28
C ARG Z 82 47.61 -3.06 54.60
N TYR Z 83 47.58 -3.15 53.27
CA TYR Z 83 46.30 -3.06 52.60
C TYR Z 83 46.08 -4.26 51.71
N ASP Z 84 45.09 -4.19 50.84
CA ASP Z 84 44.78 -5.28 49.94
C ASP Z 84 44.65 -4.71 48.53
N SER Z 85 45.70 -4.88 47.73
CA SER Z 85 45.61 -4.53 46.32
C SER Z 85 44.80 -5.58 45.59
N ARG Z 86 44.61 -5.36 44.29
CA ARG Z 86 43.78 -6.27 43.51
C ARG Z 86 44.40 -7.65 43.38
N SER Z 87 45.72 -7.76 43.57
CA SER Z 87 46.40 -9.04 43.41
C SER Z 87 46.69 -9.72 44.73
N GLY Z 88 47.42 -9.04 45.61
CA GLY Z 88 47.77 -9.59 46.90
C GLY Z 88 47.54 -8.57 47.99
N THR Z 89 48.36 -8.66 49.02
CA THR Z 89 48.31 -7.74 50.15
C THR Z 89 49.73 -7.37 50.53
N HIS Z 90 49.99 -6.08 50.68
CA HIS Z 90 51.34 -5.57 50.80
C HIS Z 90 51.47 -4.68 52.02
N ASN Z 91 52.69 -4.59 52.53
CA ASN Z 91 53.00 -3.75 53.67
C ASN Z 91 53.71 -2.49 53.21
N MET Z 92 53.52 -1.40 53.96
CA MET Z 92 54.05 -0.11 53.58
C MET Z 92 54.50 0.66 54.80
N TYR Z 93 55.31 1.69 54.54
CA TYR Z 93 55.59 2.78 55.46
C TYR Z 93 55.40 4.06 54.66
N ARG Z 94 54.68 5.02 55.22
CA ARG Z 94 54.47 6.28 54.53
C ARG Z 94 54.60 7.42 55.53
N GLU Z 95 54.91 8.62 55.03
CA GLU Z 95 55.16 9.76 55.90
C GLU Z 95 54.25 10.91 55.56
N TYR Z 96 53.65 11.50 56.58
CA TYR Z 96 52.82 12.67 56.39
C TYR Z 96 53.15 13.69 57.46
N ARG Z 97 53.02 14.96 57.11
CA ARG Z 97 53.66 16.01 57.88
C ARG Z 97 52.65 16.94 58.54
N ASP Z 98 51.48 16.44 58.90
CA ASP Z 98 50.47 17.30 59.51
C ASP Z 98 50.67 17.33 61.02
N LEU Z 99 49.84 18.11 61.71
CA LEU Z 99 50.07 18.42 63.12
C LEU Z 99 49.08 17.74 64.07
N THR Z 100 48.50 16.60 63.68
CA THR Z 100 47.64 15.84 64.60
C THR Z 100 47.54 14.41 64.11
N THR Z 101 47.89 13.44 64.96
CA THR Z 101 47.93 12.04 64.54
C THR Z 101 46.67 11.67 63.77
N ALA Z 102 45.51 12.09 64.28
CA ALA Z 102 44.27 11.79 63.59
C ALA Z 102 44.30 12.31 62.15
N GLY Z 103 44.55 13.60 61.98
CA GLY Z 103 44.60 14.16 60.64
C GLY Z 103 45.68 13.54 59.77
N ALA Z 104 46.73 12.99 60.39
CA ALA Z 104 47.85 12.44 59.62
C ALA Z 104 47.47 11.15 58.94
N VAL Z 105 46.54 10.40 59.51
CA VAL Z 105 46.06 9.20 58.86
C VAL Z 105 44.77 9.45 58.11
N THR Z 106 44.05 10.52 58.44
CA THR Z 106 43.06 11.01 57.50
C THR Z 106 43.71 11.30 56.14
N GLN Z 107 44.93 11.86 56.14
CA GLN Z 107 45.65 12.07 54.88
C GLN Z 107 45.99 10.74 54.22
N CYS Z 108 46.49 9.78 55.02
CA CYS Z 108 46.91 8.49 54.47
C CYS Z 108 45.75 7.77 53.81
N TYR Z 109 44.60 7.69 54.50
CA TYR Z 109 43.43 7.08 53.88
C TYR Z 109 43.10 7.76 52.56
N ARG Z 110 43.36 9.07 52.46
CA ARG Z 110 43.11 9.78 51.21
C ARG Z 110 44.10 9.36 50.13
N ASP Z 111 45.30 8.96 50.51
CA ASP Z 111 46.28 8.66 49.49
C ASP Z 111 46.13 7.26 48.92
N MET Z 112 46.03 6.25 49.77
CA MET Z 112 45.79 4.90 49.28
C MET Z 112 44.59 4.88 48.33
N GLY Z 113 43.58 5.69 48.64
CA GLY Z 113 42.54 5.95 47.67
C GLY Z 113 43.07 6.64 46.44
N ALA Z 114 43.93 7.64 46.62
CA ALA Z 114 44.34 8.44 45.46
C ALA Z 114 45.46 7.76 44.67
N ARG Z 115 46.42 7.15 45.36
CA ARG Z 115 47.56 6.60 44.65
C ARG Z 115 47.45 5.11 44.40
N HIS Z 116 46.58 4.41 45.11
CA HIS Z 116 46.48 2.97 44.92
C HIS Z 116 45.04 2.49 44.76
N ARG Z 117 44.07 3.40 44.75
CA ARG Z 117 42.66 3.05 44.60
C ARG Z 117 42.23 2.00 45.62
N ALA Z 118 42.77 2.11 46.83
CA ALA Z 118 42.43 1.18 47.90
C ALA Z 118 41.41 1.82 48.81
N ARG Z 119 40.23 1.20 48.92
CA ARG Z 119 39.18 1.73 49.74
C ARG Z 119 39.46 1.40 51.20
N ALA Z 120 38.73 2.07 52.09
CA ALA Z 120 39.03 1.99 53.52
C ALA Z 120 38.84 0.58 54.05
N HIS Z 121 37.95 -0.20 53.45
CA HIS Z 121 37.73 -1.55 53.96
C HIS Z 121 38.91 -2.48 53.72
N SER Z 122 39.86 -2.09 52.89
CA SER Z 122 41.00 -2.93 52.57
C SER Z 122 42.22 -2.62 53.42
N ILE Z 123 42.28 -1.46 54.00
CA ILE Z 123 43.48 -0.96 54.64
C ILE Z 123 43.47 -1.37 56.11
N GLN Z 124 44.67 -1.60 56.65
CA GLN Z 124 44.87 -1.81 58.07
C GLN Z 124 46.04 -0.97 58.55
N ILE Z 125 45.84 -0.22 59.63
CA ILE Z 125 46.90 0.59 60.20
C ILE Z 125 47.64 -0.24 61.22
N MET Z 126 48.90 -0.56 60.95
CA MET Z 126 49.68 -1.33 61.91
C MET Z 126 49.93 -0.51 63.16
N LYS Z 127 50.64 0.61 62.99
CA LYS Z 127 50.95 1.47 64.12
C LYS Z 127 51.42 2.82 63.62
N VAL Z 128 50.80 3.87 64.10
CA VAL Z 128 51.24 5.23 63.80
C VAL Z 128 52.26 5.65 64.83
N GLU Z 129 53.26 6.39 64.40
CA GLU Z 129 54.31 6.82 65.31
C GLU Z 129 54.89 8.12 64.81
N GLU Z 130 54.95 9.12 65.69
CA GLU Z 130 55.55 10.39 65.34
C GLU Z 130 57.07 10.29 65.42
N ILE Z 131 57.74 10.98 64.50
CA ILE Z 131 59.16 10.83 64.32
C ILE Z 131 59.83 12.18 64.50
N ALA Z 132 61.14 12.12 64.75
CA ALA Z 132 61.98 13.30 64.87
C ALA Z 132 62.36 13.79 63.47
N ALA Z 133 63.25 14.78 63.41
CA ALA Z 133 63.67 15.37 62.13
C ALA Z 133 64.30 14.33 61.22
N SER Z 134 65.38 13.70 61.69
CA SER Z 134 66.01 12.61 60.98
C SER Z 134 65.09 11.39 61.09
N LYS Z 135 65.55 10.24 60.58
CA LYS Z 135 64.77 9.02 60.46
C LYS Z 135 63.62 9.16 59.46
N CYS Z 136 63.58 10.26 58.71
CA CYS Z 136 62.57 10.49 57.69
C CYS Z 136 63.15 10.12 56.33
N ARG Z 137 62.51 9.17 55.67
CA ARG Z 137 63.03 8.68 54.41
C ARG Z 137 62.39 9.34 53.21
N ARG Z 138 61.12 9.72 53.30
CA ARG Z 138 60.42 10.24 52.14
C ARG Z 138 60.82 11.69 51.88
N PRO Z 139 61.49 11.97 50.76
CA PRO Z 139 61.89 13.35 50.46
C PRO Z 139 60.71 14.27 50.15
N ALA Z 140 59.52 13.72 49.92
CA ALA Z 140 58.34 14.58 49.78
C ALA Z 140 58.05 15.33 51.07
N VAL Z 141 58.31 14.69 52.21
CA VAL Z 141 58.21 15.35 53.50
C VAL Z 141 59.55 15.97 53.90
N LYS Z 142 60.64 15.32 53.54
CA LYS Z 142 61.99 15.74 53.91
C LYS Z 142 62.38 17.08 53.32
N GLN Z 143 61.58 17.66 52.45
CA GLN Z 143 62.03 18.88 51.80
C GLN Z 143 61.61 20.13 52.54
N PHE Z 144 60.43 20.15 53.16
CA PHE Z 144 60.06 21.35 53.87
C PHE Z 144 61.08 21.56 54.99
N HIS Z 145 60.99 20.75 56.05
CA HIS Z 145 62.13 20.26 56.81
C HIS Z 145 63.38 21.13 56.81
N ASP Z 146 63.26 22.41 57.16
CA ASP Z 146 64.40 23.32 57.30
C ASP Z 146 63.91 24.60 58.00
N SER Z 147 64.75 25.64 57.98
CA SER Z 147 64.46 26.88 58.69
C SER Z 147 64.05 28.02 57.74
N LYS Z 148 64.91 28.37 56.80
CA LYS Z 148 64.61 29.50 55.91
C LYS Z 148 63.73 29.04 54.76
N ILE Z 149 62.60 28.43 55.10
CA ILE Z 149 61.69 27.93 54.08
C ILE Z 149 61.12 29.13 53.31
N LYS Z 150 60.88 28.94 52.02
CA LYS Z 150 60.58 30.10 51.18
C LYS Z 150 59.93 29.65 49.87
N PHE Z 151 58.68 30.07 49.65
CA PHE Z 151 58.06 29.95 48.34
C PHE Z 151 57.47 31.27 47.92
N PRO Z 152 57.29 31.45 46.63
CA PRO Z 152 56.23 32.32 46.13
C PRO Z 152 55.00 31.48 45.79
N LEU Z 153 53.93 32.18 45.50
CA LEU Z 153 52.73 31.47 45.07
C LEU Z 153 52.50 31.77 43.60
N PRO Z 154 53.17 31.04 42.68
CA PRO Z 154 53.45 31.58 41.34
C PRO Z 154 52.25 31.88 40.44
N HIS Z 155 51.47 30.85 40.13
CA HIS Z 155 50.35 30.96 39.20
C HIS Z 155 49.10 30.89 40.07
N ARG Z 156 48.71 32.05 40.60
CA ARG Z 156 47.66 32.12 41.60
C ARG Z 156 46.34 32.31 40.88
N VAL Z 157 45.68 31.19 40.56
CA VAL Z 157 44.41 31.27 39.84
C VAL Z 157 43.39 31.97 40.71
N LEU Z 158 42.45 32.64 40.07
CA LEU Z 158 41.38 33.25 40.83
C LEU Z 158 40.21 32.27 40.91
N ARG Z 159 39.79 31.97 42.13
CA ARG Z 159 38.44 31.47 42.35
C ARG Z 159 37.55 32.71 42.35
N ARG Z 160 36.31 32.59 42.83
CA ARG Z 160 35.33 33.65 42.66
C ARG Z 160 35.00 33.87 41.19
N GLN Z 161 35.13 32.82 40.37
CA GLN Z 161 34.88 32.98 38.95
C GLN Z 161 33.43 33.09 38.64
N HIS Z 162 32.55 33.15 39.61
CA HIS Z 162 31.16 33.40 39.31
C HIS Z 162 30.56 34.56 40.08
N LYS Z 163 31.21 35.07 41.12
CA LYS Z 163 31.15 36.50 41.31
C LYS Z 163 31.72 37.11 40.04
N PRO Z 164 31.52 38.35 39.82
CA PRO Z 164 30.84 38.75 38.58
C PRO Z 164 31.08 37.79 37.44
N ARG Z 165 30.02 37.13 36.97
CA ARG Z 165 30.16 36.16 35.88
C ARG Z 165 30.50 36.85 34.57
N PHE Z 166 30.18 38.13 34.47
CA PHE Z 166 30.51 38.96 33.33
C PHE Z 166 31.24 40.18 33.85
N THR Z 167 32.41 40.47 33.29
CA THR Z 167 33.21 41.58 33.75
C THR Z 167 33.96 42.15 32.57
N THR Z 168 34.41 43.38 32.74
CA THR Z 168 35.21 43.95 31.65
C THR Z 168 36.68 43.60 31.78
N LYS Z 169 37.27 43.82 32.95
CA LYS Z 169 38.68 43.52 33.12
C LYS Z 169 38.91 42.03 33.03
N ARG Z 170 39.80 41.63 32.14
CA ARG Z 170 40.36 40.30 32.24
C ARG Z 170 41.05 40.16 33.60
N PRO Z 171 41.03 38.97 34.18
CA PRO Z 171 41.52 38.81 35.55
C PRO Z 171 43.01 39.06 35.67
N ASN Z 172 43.55 38.83 36.86
CA ASN Z 172 44.98 38.75 37.03
C ASN Z 172 45.32 37.48 37.79
N THR Z 173 46.55 37.02 37.60
CA THR Z 173 47.01 35.83 38.29
C THR Z 173 48.37 36.04 38.95
N PHE Z 174 48.96 37.21 38.79
CA PHE Z 174 50.21 37.53 39.46
C PHE Z 174 49.93 38.42 40.65
N PHE Z 175 50.42 38.00 41.82
CA PHE Z 175 50.35 38.81 43.02
C PHE Z 175 51.62 38.60 43.84
N THR AA 1 13.27 -38.89 36.62
CA THR AA 1 12.47 -39.26 37.77
C THR AA 1 13.20 -40.22 38.68
N ASN AA 2 12.83 -40.22 39.96
CA ASN AA 2 13.47 -41.06 40.96
C ASN AA 2 12.53 -42.17 41.39
N THR AA 3 13.09 -43.18 42.03
CA THR AA 3 12.34 -44.35 42.43
C THR AA 3 11.67 -44.15 43.77
N LYS AA 4 10.47 -44.68 43.89
CA LYS AA 4 9.67 -44.50 45.10
C LYS AA 4 10.09 -45.42 46.24
N GLY AA 5 11.06 -46.32 46.02
CA GLY AA 5 11.40 -47.37 46.96
C GLY AA 5 11.47 -46.98 48.42
N LYS AA 6 11.02 -47.88 49.30
CA LYS AA 6 10.85 -47.52 50.71
C LYS AA 6 12.16 -47.12 51.38
N ARG AA 7 13.29 -47.68 50.95
CA ARG AA 7 14.56 -47.42 51.60
C ARG AA 7 15.54 -46.76 50.64
N ARG AA 8 15.07 -45.82 49.84
CA ARG AA 8 15.99 -45.12 48.98
C ARG AA 8 16.71 -44.03 49.76
N GLY AA 9 17.98 -43.80 49.41
CA GLY AA 9 18.77 -42.76 50.04
C GLY AA 9 19.07 -42.96 51.50
N THR AA 10 18.56 -44.03 52.11
CA THR AA 10 18.87 -44.29 53.51
C THR AA 10 20.26 -44.88 53.69
N ARG AA 11 21.06 -44.94 52.60
CA ARG AA 11 22.38 -45.54 52.63
C ARG AA 11 23.20 -45.04 53.80
N TYR AA 12 22.91 -43.85 54.24
CA TYR AA 12 23.73 -43.17 55.19
C TYR AA 12 22.98 -42.89 56.47
N MET AA 13 21.68 -43.18 56.51
CA MET AA 13 20.81 -42.83 57.62
C MET AA 13 20.66 -43.98 58.60
N PHE AA 14 20.17 -45.11 58.12
CA PHE AA 14 19.96 -46.28 58.96
C PHE AA 14 21.25 -46.97 59.34
N SER AA 15 22.37 -46.53 58.75
CA SER AA 15 23.66 -47.15 59.03
C SER AA 15 24.06 -46.96 60.49
N ARG AA 16 24.22 -48.08 61.17
CA ARG AA 16 24.84 -48.16 62.49
C ARG AA 16 26.07 -47.24 62.53
N PRO AA 17 26.25 -46.46 63.61
CA PRO AA 17 27.12 -45.27 63.49
C PRO AA 17 28.57 -45.60 63.16
N PHE AA 18 29.26 -46.23 64.11
CA PHE AA 18 30.65 -46.58 63.95
C PHE AA 18 31.08 -47.40 65.15
N ARG AA 19 31.81 -48.48 64.88
CA ARG AA 19 32.30 -49.35 65.94
C ARG AA 19 31.16 -49.74 66.89
N LYS AA 20 29.99 -49.98 66.31
CA LYS AA 20 28.82 -50.40 67.06
C LYS AA 20 28.03 -51.47 66.34
N HIS AA 21 28.47 -51.86 65.17
CA HIS AA 21 27.85 -52.99 64.48
C HIS AA 21 27.86 -54.20 65.39
N GLY AA 22 26.70 -54.64 65.80
CA GLY AA 22 26.61 -55.86 66.55
C GLY AA 22 25.38 -55.86 67.44
N VAL AA 23 25.47 -56.71 68.46
CA VAL AA 23 24.36 -56.93 69.39
C VAL AA 23 23.78 -55.60 69.84
N VAL AA 24 22.47 -55.49 69.76
CA VAL AA 24 21.80 -54.32 70.33
C VAL AA 24 21.94 -54.36 71.85
N PRO AA 25 22.37 -53.27 72.49
CA PRO AA 25 22.45 -53.27 73.95
C PRO AA 25 21.10 -53.57 74.57
N LEU AA 26 21.09 -54.42 75.61
CA LEU AA 26 19.82 -54.94 76.10
C LEU AA 26 19.00 -53.91 76.87
N ALA AA 27 19.61 -52.79 77.27
CA ALA AA 27 18.83 -51.73 77.94
C ALA AA 27 17.74 -51.18 77.02
N THR AA 28 18.04 -51.08 75.72
CA THR AA 28 17.12 -50.41 74.81
C THR AA 28 15.79 -51.14 74.69
N TYR AA 29 15.71 -52.43 74.96
CA TYR AA 29 14.40 -53.08 75.05
C TYR AA 29 14.14 -53.60 76.45
N MET AA 30 14.50 -52.81 77.45
CA MET AA 30 13.99 -53.09 78.78
C MET AA 30 13.69 -51.81 79.55
N ARG AA 31 13.50 -50.70 78.85
CA ARG AA 31 12.84 -49.54 79.42
C ARG AA 31 11.40 -49.52 78.92
N ILE AA 32 10.52 -48.94 79.71
CA ILE AA 32 9.09 -49.10 79.50
C ILE AA 32 8.50 -47.84 78.90
N TYR AA 33 7.45 -48.03 78.08
CA TYR AA 33 6.69 -46.93 77.50
C TYR AA 33 5.22 -47.14 77.85
N LYS AA 34 4.53 -46.05 78.15
CA LYS AA 34 3.11 -46.13 78.46
C LYS AA 34 2.41 -44.97 77.76
N LYS AA 35 1.13 -45.15 77.48
CA LYS AA 35 0.47 -44.20 76.60
C LYS AA 35 0.52 -42.80 77.20
N GLY AA 36 0.75 -41.82 76.34
CA GLY AA 36 1.01 -40.45 76.71
C GLY AA 36 2.47 -40.05 76.59
N ASP AA 37 3.39 -41.00 76.80
CA ASP AA 37 4.82 -40.68 76.82
C ASP AA 37 5.30 -40.24 75.45
N ILE AA 38 6.22 -39.31 75.47
CA ILE AA 38 6.74 -38.69 74.25
C ILE AA 38 8.01 -39.39 73.85
N VAL AA 39 8.17 -39.57 72.54
CA VAL AA 39 9.17 -40.49 71.99
C VAL AA 39 9.69 -39.91 70.69
N ASP AA 40 11.00 -40.04 70.47
CA ASP AA 40 11.63 -39.60 69.23
C ASP AA 40 12.12 -40.79 68.42
N ILE AA 41 11.54 -40.96 67.24
CA ILE AA 41 11.89 -42.10 66.38
C ILE AA 41 13.30 -41.91 65.83
N LYS AA 42 14.07 -42.99 65.83
CA LYS AA 42 15.41 -42.98 65.25
C LYS AA 42 15.66 -44.40 64.74
N GLY AA 43 15.51 -44.59 63.44
CA GLY AA 43 15.72 -45.90 62.84
C GLY AA 43 17.07 -46.49 63.16
N MET AA 44 17.25 -47.74 62.76
CA MET AA 44 18.46 -48.49 63.03
C MET AA 44 18.51 -49.68 62.11
N GLY AA 45 19.71 -49.97 61.57
CA GLY AA 45 19.83 -50.93 60.48
C GLY AA 45 19.70 -52.37 60.92
N THR AA 46 20.22 -52.71 62.10
CA THR AA 46 20.37 -54.11 62.50
C THR AA 46 19.02 -54.81 62.56
N VAL AA 47 18.04 -54.16 63.17
CA VAL AA 47 16.70 -54.70 63.23
C VAL AA 47 15.93 -54.18 62.03
N GLN AA 48 15.47 -55.09 61.18
CA GLN AA 48 14.66 -54.67 60.04
C GLN AA 48 13.17 -54.82 60.27
N LYS AA 49 12.75 -55.80 61.06
CA LYS AA 49 11.34 -55.90 61.37
C LYS AA 49 10.89 -54.67 62.14
N GLY AA 50 9.74 -54.13 61.76
CA GLY AA 50 9.18 -53.00 62.48
C GLY AA 50 9.95 -51.72 62.33
N MET AA 51 10.58 -51.50 61.20
CA MET AA 51 11.27 -50.24 61.04
C MET AA 51 10.28 -49.12 60.75
N PRO AA 52 10.62 -47.90 61.12
CA PRO AA 52 9.86 -46.75 60.65
C PRO AA 52 10.17 -46.47 59.20
N HIS AA 53 9.64 -45.37 58.67
CA HIS AA 53 9.94 -44.96 57.31
C HIS AA 53 10.66 -43.63 57.32
N LYS AA 54 11.58 -43.44 56.37
CA LYS AA 54 12.62 -42.43 56.50
C LYS AA 54 12.09 -41.03 56.78
N CYS AA 55 10.84 -40.74 56.42
CA CYS AA 55 10.33 -39.39 56.67
C CYS AA 55 10.03 -39.13 58.15
N TYR AA 56 9.91 -40.18 58.98
CA TYR AA 56 9.76 -40.01 60.43
C TYR AA 56 11.08 -40.06 61.16
N HIS AA 57 12.15 -40.44 60.49
CA HIS AA 57 13.43 -40.52 61.18
C HIS AA 57 13.82 -39.13 61.68
N GLY AA 58 13.94 -39.00 63.00
CA GLY AA 58 14.26 -37.75 63.65
C GLY AA 58 13.08 -37.02 64.25
N LYS AA 59 11.87 -37.52 64.09
CA LYS AA 59 10.66 -36.87 64.55
C LYS AA 59 10.20 -37.44 65.89
N THR AA 60 9.47 -36.63 66.64
CA THR AA 60 8.93 -37.01 67.93
C THR AA 60 7.42 -37.15 67.86
N GLY AA 61 6.87 -37.88 68.80
CA GLY AA 61 5.44 -38.05 68.87
C GLY AA 61 5.07 -38.79 70.13
N ARG AA 62 3.82 -38.62 70.52
CA ARG AA 62 3.37 -39.28 71.74
C ARG AA 62 2.91 -40.69 71.43
N VAL AA 63 2.81 -41.50 72.48
CA VAL AA 63 2.48 -42.91 72.39
C VAL AA 63 0.99 -43.10 72.62
N TYR AA 64 0.37 -43.97 71.84
CA TYR AA 64 -1.04 -44.24 72.04
C TYR AA 64 -1.38 -45.71 72.16
N ASN AA 65 -0.43 -46.60 71.89
CA ASN AA 65 -0.66 -48.04 71.85
C ASN AA 65 0.62 -48.72 72.26
N VAL AA 66 0.48 -49.91 72.83
CA VAL AA 66 1.66 -50.68 73.25
C VAL AA 66 1.38 -52.16 73.03
N THR AA 67 1.99 -52.73 72.02
CA THR AA 67 1.90 -54.15 71.78
C THR AA 67 3.14 -54.84 72.34
N GLN AA 68 3.30 -56.13 72.01
CA GLN AA 68 4.27 -56.95 72.71
C GLN AA 68 5.70 -56.46 72.51
N HIS AA 69 6.07 -56.13 71.27
CA HIS AA 69 7.39 -55.53 71.09
C HIS AA 69 7.37 -54.34 70.15
N ALA AA 70 6.23 -53.67 69.98
CA ALA AA 70 6.16 -52.45 69.21
C ALA AA 70 5.32 -51.43 69.96
N VAL AA 71 5.30 -50.22 69.44
CA VAL AA 71 4.62 -49.10 70.09
C VAL AA 71 3.94 -48.26 69.02
N GLY AA 72 2.61 -48.15 69.10
CA GLY AA 72 1.91 -47.21 68.25
C GLY AA 72 2.13 -45.78 68.73
N ILE AA 73 2.39 -44.90 67.77
CA ILE AA 73 2.90 -43.57 68.10
C ILE AA 73 2.41 -42.57 67.07
N VAL AA 74 1.88 -41.44 67.54
CA VAL AA 74 1.31 -40.43 66.66
C VAL AA 74 2.32 -39.30 66.49
N VAL AA 75 2.74 -39.08 65.24
CA VAL AA 75 3.61 -37.96 64.90
C VAL AA 75 2.91 -37.09 63.87
N ASN AA 76 3.50 -35.94 63.60
CA ASN AA 76 3.03 -35.04 62.55
C ASN AA 76 3.91 -35.17 61.33
N LYS AA 77 3.31 -35.20 60.16
CA LYS AA 77 4.06 -35.29 58.91
C LYS AA 77 3.51 -34.26 57.94
N GLN AA 78 4.37 -33.31 57.54
CA GLN AA 78 3.93 -32.22 56.69
C GLN AA 78 3.94 -32.68 55.24
N VAL AA 79 2.87 -32.40 54.51
CA VAL AA 79 2.75 -32.80 53.10
C VAL AA 79 2.19 -31.62 52.32
N LYS AA 80 3.03 -30.99 51.50
CA LYS AA 80 2.57 -29.93 50.60
C LYS AA 80 1.64 -28.96 51.30
N GLY AA 81 1.99 -28.54 52.51
CA GLY AA 81 1.02 -27.78 53.28
C GLY AA 81 0.43 -28.56 54.44
N LYS AA 82 -0.83 -29.00 54.31
CA LYS AA 82 -1.57 -29.59 55.44
C LYS AA 82 -0.73 -30.62 56.19
N ILE AA 83 -0.65 -30.42 57.52
CA ILE AA 83 0.05 -31.32 58.42
C ILE AA 83 -0.93 -32.38 58.91
N LEU AA 84 -0.59 -33.65 58.70
CA LEU AA 84 -1.45 -34.77 59.02
C LEU AA 84 -0.91 -35.48 60.25
N ALA AA 85 -1.72 -35.54 61.31
CA ALA AA 85 -1.32 -36.26 62.52
C ALA AA 85 -1.59 -37.74 62.31
N LYS AA 86 -0.54 -38.48 61.91
CA LYS AA 86 -0.66 -39.87 61.50
C LYS AA 86 0.10 -40.79 62.45
N ARG AA 87 -0.46 -41.98 62.62
CA ARG AA 87 -0.03 -42.92 63.64
C ARG AA 87 0.65 -44.12 62.99
N ILE AA 88 1.86 -44.42 63.44
CA ILE AA 88 2.66 -45.47 62.82
C ILE AA 88 2.99 -46.50 63.89
N ASN AA 89 3.37 -47.69 63.43
CA ASN AA 89 3.71 -48.80 64.31
C ASN AA 89 5.20 -49.07 64.21
N VAL AA 90 5.92 -48.84 65.30
CA VAL AA 90 7.37 -48.93 65.29
C VAL AA 90 7.84 -49.83 66.41
N ARG AA 91 8.56 -50.90 66.05
CA ARG AA 91 9.21 -51.75 67.04
C ARG AA 91 10.20 -50.94 67.87
N ILE AA 92 10.48 -51.42 69.08
CA ILE AA 92 11.10 -50.56 70.09
C ILE AA 92 12.53 -50.19 69.74
N GLU AA 93 13.25 -51.05 69.02
CA GLU AA 93 14.65 -50.78 68.72
C GLU AA 93 14.86 -49.44 68.04
N HIS AA 94 13.83 -48.85 67.46
CA HIS AA 94 13.96 -47.58 66.76
C HIS AA 94 13.35 -46.42 67.55
N ILE AA 95 13.51 -46.38 68.87
CA ILE AA 95 12.73 -45.45 69.70
C ILE AA 95 13.54 -45.11 70.95
N LYS AA 96 13.44 -43.87 71.39
CA LYS AA 96 14.04 -43.44 72.65
C LYS AA 96 13.03 -42.64 73.45
N HIS AA 97 13.35 -42.45 74.72
CA HIS AA 97 12.61 -41.49 75.54
C HIS AA 97 13.17 -40.10 75.28
N SER AA 98 12.32 -39.18 74.85
CA SER AA 98 12.79 -37.83 74.56
C SER AA 98 12.82 -37.02 75.83
N LYS AA 99 14.01 -36.59 76.24
CA LYS AA 99 14.13 -35.71 77.40
C LYS AA 99 13.68 -34.30 77.09
N SER AA 100 13.24 -34.06 75.84
CA SER AA 100 12.67 -32.77 75.48
C SER AA 100 11.55 -32.38 76.44
N ARG AA 101 10.76 -33.37 76.86
CA ARG AA 101 9.72 -33.12 77.85
C ARG AA 101 10.32 -32.80 79.21
N ASP AA 102 11.45 -33.42 79.55
CA ASP AA 102 11.87 -33.54 80.94
C ASP AA 102 12.61 -32.34 81.51
N SER AA 103 12.84 -31.28 80.75
CA SER AA 103 13.26 -30.04 81.39
C SER AA 103 12.14 -29.50 82.26
N PHE AA 104 10.95 -29.38 81.69
CA PHE AA 104 9.72 -29.19 82.42
C PHE AA 104 9.26 -30.55 82.91
N LEU AA 105 8.43 -30.57 83.95
CA LEU AA 105 8.24 -31.64 84.95
C LEU AA 105 9.39 -31.63 85.95
N LYS AA 106 10.48 -30.92 85.68
CA LYS AA 106 11.49 -30.57 86.67
C LYS AA 106 11.46 -29.10 87.01
N ARG AA 107 11.08 -28.26 86.04
CA ARG AA 107 10.65 -26.92 86.38
C ARG AA 107 9.26 -26.96 87.02
N VAL AA 108 8.48 -28.00 86.74
CA VAL AA 108 7.15 -28.11 87.35
C VAL AA 108 7.26 -28.59 88.79
N LYS AA 109 7.96 -29.70 89.01
CA LYS AA 109 8.12 -30.21 90.38
C LYS AA 109 8.77 -29.17 91.28
N GLU AA 110 9.57 -28.29 90.71
CA GLU AA 110 10.19 -27.22 91.49
C GLU AA 110 9.25 -26.02 91.65
N ASN AA 111 8.47 -25.69 90.61
CA ASN AA 111 7.51 -24.61 90.72
C ASN AA 111 6.42 -24.94 91.73
N ASP AA 112 5.86 -26.15 91.65
CA ASP AA 112 4.84 -26.57 92.61
C ASP AA 112 5.41 -26.56 94.04
N GLN AA 113 6.68 -26.90 94.17
CA GLN AA 113 7.31 -26.90 95.50
C GLN AA 113 7.55 -25.47 95.98
N LYS AA 114 8.12 -24.62 95.13
CA LYS AA 114 8.40 -23.25 95.54
C LYS AA 114 7.14 -22.41 95.71
N LYS AA 115 5.96 -22.95 95.40
CA LYS AA 115 4.70 -22.25 95.63
C LYS AA 115 4.01 -22.72 96.89
N LYS AA 116 4.04 -24.03 97.17
CA LYS AA 116 3.52 -24.54 98.44
C LYS AA 116 4.29 -23.94 99.61
N GLU AA 117 5.62 -24.01 99.55
CA GLU AA 117 6.42 -23.16 100.42
C GLU AA 117 6.46 -21.75 99.85
N ALA AA 118 6.88 -20.81 100.69
CA ALA AA 118 6.72 -19.37 100.46
C ALA AA 118 5.25 -18.96 100.33
N LYS AA 119 4.33 -19.88 100.56
CA LYS AA 119 2.91 -19.55 100.76
C LYS AA 119 2.59 -19.36 102.24
N GLU AA 120 3.28 -20.08 103.12
CA GLU AA 120 3.25 -19.79 104.55
C GLU AA 120 3.92 -18.46 104.88
N LYS AA 121 4.70 -17.90 103.95
CA LYS AA 121 5.26 -16.56 104.08
C LYS AA 121 4.43 -15.50 103.38
N GLY AA 122 3.92 -15.78 102.19
CA GLY AA 122 3.22 -14.79 101.39
C GLY AA 122 4.11 -13.98 100.48
N THR AA 123 5.39 -14.32 100.37
CA THR AA 123 6.34 -13.61 99.53
C THR AA 123 6.30 -14.18 98.12
N TRP AA 124 6.00 -13.33 97.14
CA TRP AA 124 5.78 -13.79 95.77
C TRP AA 124 7.13 -14.03 95.09
N VAL AA 125 7.31 -15.24 94.59
CA VAL AA 125 8.58 -15.69 94.04
C VAL AA 125 8.48 -15.71 92.53
N GLN AA 126 9.63 -15.50 91.88
CA GLN AA 126 9.70 -15.56 90.41
C GLN AA 126 9.56 -17.01 89.99
N LEU AA 127 8.36 -17.37 89.52
CA LEU AA 127 8.06 -18.72 89.05
C LEU AA 127 8.33 -18.86 87.57
N LYS AA 128 7.95 -17.86 86.78
CA LYS AA 128 8.17 -17.89 85.34
C LYS AA 128 9.66 -17.83 85.02
N ARG AA 129 10.05 -18.54 83.96
CA ARG AA 129 11.35 -18.31 83.36
C ARG AA 129 11.42 -16.87 82.86
N GLN AA 130 12.62 -16.45 82.53
CA GLN AA 130 12.76 -15.10 82.01
C GLN AA 130 14.04 -15.03 81.20
N PRO AA 131 13.99 -14.50 79.98
CA PRO AA 131 15.14 -14.60 79.08
C PRO AA 131 16.34 -13.84 79.61
N ALA AA 132 17.52 -14.14 79.04
CA ALA AA 132 18.79 -13.61 79.49
C ALA AA 132 18.79 -12.08 79.50
N PRO AA 133 18.86 -11.45 80.67
CA PRO AA 133 18.66 -10.01 80.76
C PRO AA 133 19.91 -9.24 80.33
N PRO AA 134 19.84 -7.91 80.27
CA PRO AA 134 21.06 -7.10 80.08
C PRO AA 134 22.06 -7.35 81.20
N ARG AA 135 23.34 -7.26 80.87
CA ARG AA 135 24.37 -7.79 81.75
C ARG AA 135 24.76 -6.87 82.90
N GLU AA 136 23.90 -5.92 83.30
CA GLU AA 136 23.94 -5.45 84.69
C GLU AA 136 25.25 -4.78 85.12
N ALA AA 137 25.41 -3.51 84.77
CA ALA AA 137 26.63 -2.72 85.01
C ALA AA 137 27.44 -3.12 86.23
N HIS AA 138 28.74 -3.28 86.03
CA HIS AA 138 29.67 -3.75 87.05
C HIS AA 138 30.92 -2.89 86.99
N PHE AA 139 31.95 -3.34 87.70
CA PHE AA 139 33.28 -2.77 87.64
C PHE AA 139 34.24 -3.74 86.98
N VAL AA 140 35.28 -3.20 86.36
CA VAL AA 140 36.46 -3.95 85.98
C VAL AA 140 37.64 -3.34 86.72
N ARG AA 141 38.56 -4.19 87.17
CA ARG AA 141 39.73 -3.68 87.90
C ARG AA 141 41.00 -4.27 87.32
N THR AA 142 41.77 -3.45 86.64
CA THR AA 142 43.18 -3.72 86.48
C THR AA 142 43.89 -3.33 87.77
N ASN AA 143 44.83 -4.16 88.19
CA ASN AA 143 45.44 -3.95 89.50
C ASN AA 143 46.66 -3.06 89.42
N GLY AA 144 47.67 -3.49 88.68
CA GLY AA 144 48.88 -2.71 88.59
C GLY AA 144 49.50 -2.77 87.20
N LYS AA 145 48.70 -3.12 86.21
CA LYS AA 145 49.15 -3.17 84.84
C LYS AA 145 48.20 -2.34 83.99
N GLU AA 146 48.76 -1.63 83.03
CA GLU AA 146 47.92 -1.17 81.95
C GLU AA 146 47.60 -2.36 81.05
N PRO AA 147 46.53 -2.26 80.28
CA PRO AA 147 46.22 -3.32 79.32
C PRO AA 147 47.37 -3.56 78.34
N GLU AA 148 47.35 -4.75 77.74
CA GLU AA 148 48.35 -5.15 76.77
C GLU AA 148 48.02 -4.51 75.43
N LEU AA 149 49.01 -3.92 74.78
CA LEU AA 149 48.78 -3.24 73.51
C LEU AA 149 48.76 -4.25 72.38
N LEU AA 150 47.64 -4.28 71.64
CA LEU AA 150 47.52 -5.14 70.48
C LEU AA 150 47.68 -4.33 69.20
N GLU AA 151 48.41 -4.89 68.25
CA GLU AA 151 48.63 -4.29 66.96
C GLU AA 151 48.35 -5.32 65.87
N PRO AA 152 47.64 -4.96 64.81
CA PRO AA 152 47.53 -5.89 63.68
C PRO AA 152 48.91 -6.19 63.13
N ILE AA 153 49.18 -7.47 62.88
CA ILE AA 153 50.53 -7.93 62.57
C ILE AA 153 50.81 -7.81 61.08
N PRO AA 154 52.06 -7.54 60.71
CA PRO AA 154 52.38 -7.32 59.30
C PRO AA 154 52.20 -8.58 58.48
N TYR AA 155 51.53 -8.44 57.34
CA TYR AA 155 51.32 -9.58 56.47
C TYR AA 155 52.66 -10.11 55.96
N GLU AA 156 52.73 -11.43 55.84
CA GLU AA 156 53.79 -12.04 55.04
C GLU AA 156 53.25 -13.33 54.44
N PHE AA 157 53.56 -13.54 53.16
CA PHE AA 157 53.07 -14.69 52.43
C PHE AA 157 53.71 -15.95 53.00
N MET AA 158 52.88 -16.82 53.57
CA MET AA 158 53.42 -18.02 54.22
C MET AA 158 53.70 -19.12 53.21
N ALA AA 159 52.67 -19.59 52.51
CA ALA AA 159 52.76 -20.74 51.61
C ALA AA 159 53.36 -21.95 52.34
N GLN BA 1 -19.96 -5.87 -101.53
CA GLN BA 1 -20.95 -5.22 -100.67
C GLN BA 1 -20.69 -3.73 -100.51
N VAL BA 2 -21.66 -2.93 -100.96
CA VAL BA 2 -21.54 -1.48 -100.95
C VAL BA 2 -22.10 -0.98 -99.62
N LEU BA 3 -21.23 -0.74 -98.66
CA LEU BA 3 -21.65 -0.16 -97.40
C LEU BA 3 -21.72 1.37 -97.54
N LYS BA 4 -22.61 1.98 -96.77
CA LYS BA 4 -22.78 3.43 -96.85
C LYS BA 4 -23.21 3.98 -95.50
N PHE BA 5 -22.35 4.77 -94.89
CA PHE BA 5 -22.65 5.44 -93.63
C PHE BA 5 -22.63 6.93 -93.85
N THR BA 6 -23.64 7.63 -93.34
CA THR BA 6 -23.81 9.04 -93.67
C THR BA 6 -22.96 9.95 -92.81
N LEU BA 7 -23.17 9.95 -91.49
CA LEU BA 7 -22.58 10.95 -90.59
C LEU BA 7 -23.03 12.37 -90.95
N ASP BA 8 -24.34 12.60 -90.78
CA ASP BA 8 -24.89 13.92 -91.04
C ASP BA 8 -24.70 14.85 -89.86
N CYS BA 9 -24.50 16.14 -90.15
CA CYS BA 9 -24.30 17.17 -89.14
C CYS BA 9 -25.10 18.43 -89.47
N THR BA 10 -26.39 18.25 -89.78
CA THR BA 10 -27.23 19.34 -90.26
C THR BA 10 -27.37 20.48 -89.26
N HIS BA 11 -28.05 20.22 -88.14
CA HIS BA 11 -28.44 21.25 -87.18
C HIS BA 11 -27.26 21.91 -86.45
N PRO BA 12 -26.07 21.31 -86.31
CA PRO BA 12 -24.93 22.07 -85.79
C PRO BA 12 -24.26 22.98 -86.81
N VAL BA 13 -24.51 22.80 -88.11
CA VAL BA 13 -24.04 23.76 -89.10
C VAL BA 13 -24.85 25.04 -89.01
N GLU BA 14 -26.12 24.94 -88.60
CA GLU BA 14 -26.98 26.11 -88.46
C GLU BA 14 -26.39 27.13 -87.50
N ASP BA 15 -25.95 26.67 -86.34
CA ASP BA 15 -25.26 27.57 -85.42
C ASP BA 15 -23.94 28.06 -85.98
N GLY BA 16 -23.44 27.45 -87.04
CA GLY BA 16 -22.11 27.79 -87.53
C GLY BA 16 -21.01 27.49 -86.54
N ILE BA 17 -21.31 26.70 -85.50
CA ILE BA 17 -20.29 26.40 -84.50
C ILE BA 17 -19.21 25.53 -85.12
N MET BA 18 -19.60 24.49 -85.85
CA MET BA 18 -18.69 23.70 -86.67
C MET BA 18 -19.17 23.75 -88.11
N ASP BA 19 -18.30 24.22 -89.00
CA ASP BA 19 -18.57 24.15 -90.42
C ASP BA 19 -18.43 22.71 -90.90
N ALA BA 20 -19.36 22.29 -91.76
CA ALA BA 20 -19.30 20.94 -92.32
C ALA BA 20 -18.13 20.77 -93.28
N ALA BA 21 -17.57 21.86 -93.78
CA ALA BA 21 -16.34 21.78 -94.56
C ALA BA 21 -15.17 21.42 -93.66
N ASN BA 22 -14.17 20.79 -94.28
CA ASN BA 22 -12.96 20.32 -93.60
C ASN BA 22 -13.28 19.14 -92.70
N PHE BA 23 -14.56 18.83 -92.54
CA PHE BA 23 -14.92 17.52 -92.02
C PHE BA 23 -14.52 16.45 -93.02
N GLU BA 24 -14.69 16.75 -94.30
CA GLU BA 24 -14.20 15.86 -95.35
C GLU BA 24 -12.69 15.76 -95.30
N GLN BA 25 -12.01 16.86 -94.94
CA GLN BA 25 -10.57 16.85 -94.82
C GLN BA 25 -10.12 15.89 -93.73
N PHE BA 26 -10.56 16.13 -92.49
CA PHE BA 26 -10.23 15.26 -91.37
C PHE BA 26 -10.42 13.79 -91.73
N LEU BA 27 -11.53 13.47 -92.42
CA LEU BA 27 -11.89 12.10 -92.75
C LEU BA 27 -11.10 11.54 -93.94
N GLN BA 28 -10.37 12.37 -94.67
CA GLN BA 28 -9.47 11.83 -95.68
C GLN BA 28 -8.07 11.62 -95.13
N GLU BA 29 -7.64 12.51 -94.24
CA GLU BA 29 -6.33 12.38 -93.64
C GLU BA 29 -6.26 11.18 -92.70
N ARG BA 30 -7.36 10.90 -92.00
CA ARG BA 30 -7.29 10.02 -90.85
C ARG BA 30 -7.90 8.65 -91.06
N ILE BA 31 -8.61 8.41 -92.16
CA ILE BA 31 -9.17 7.08 -92.39
C ILE BA 31 -8.03 6.10 -92.63
N LYS BA 32 -7.94 5.09 -91.77
CA LYS BA 32 -6.86 4.11 -91.81
C LYS BA 32 -7.40 2.87 -92.52
N VAL BA 33 -6.95 2.65 -93.77
CA VAL BA 33 -7.43 1.56 -94.58
C VAL BA 33 -6.38 0.46 -94.58
N ASN BA 34 -6.62 -0.53 -93.74
CA ASN BA 34 -6.00 -1.84 -93.79
C ASN BA 34 -4.54 -1.80 -93.38
N GLY BA 35 -3.90 -0.64 -93.42
CA GLY BA 35 -2.72 -0.48 -92.60
C GLY BA 35 -2.45 0.93 -92.18
N LYS BA 36 -3.10 1.88 -92.83
CA LYS BA 36 -2.53 3.20 -92.90
C LYS BA 36 -3.56 4.22 -93.35
N ALA BA 37 -3.27 5.48 -93.04
CA ALA BA 37 -4.10 6.61 -93.42
C ALA BA 37 -3.53 7.35 -94.62
N GLY BA 38 -2.81 6.65 -95.49
CA GLY BA 38 -2.25 7.26 -96.69
C GLY BA 38 -3.25 7.31 -97.84
N ASN BA 39 -4.34 8.04 -97.65
CA ASN BA 39 -5.36 8.28 -98.67
C ASN BA 39 -6.00 6.98 -99.16
N LEU BA 40 -6.69 6.33 -98.23
CA LEU BA 40 -7.73 5.33 -98.50
C LEU BA 40 -7.23 4.08 -99.19
N GLY BA 41 -5.91 3.89 -99.28
CA GLY BA 41 -5.37 2.77 -100.03
C GLY BA 41 -5.86 2.81 -101.46
N GLY BA 42 -5.76 3.96 -102.08
CA GLY BA 42 -6.32 4.18 -103.41
C GLY BA 42 -7.72 4.77 -103.34
N GLY BA 43 -8.70 4.05 -103.88
CA GLY BA 43 -10.05 4.54 -103.90
C GLY BA 43 -11.05 3.54 -103.35
N VAL BA 44 -10.65 2.80 -102.32
CA VAL BA 44 -11.56 1.83 -101.71
C VAL BA 44 -12.80 2.53 -101.17
N VAL BA 45 -12.60 3.59 -100.38
CA VAL BA 45 -13.69 4.33 -99.78
C VAL BA 45 -13.80 5.69 -100.48
N THR BA 46 -14.95 6.32 -100.29
CA THR BA 46 -15.28 7.56 -101.00
C THR BA 46 -15.98 8.50 -100.03
N ILE BA 47 -15.47 9.71 -99.89
CA ILE BA 47 -15.98 10.69 -98.95
C ILE BA 47 -16.63 11.82 -99.73
N GLU BA 48 -17.95 12.00 -99.54
CA GLU BA 48 -18.72 13.06 -100.16
C GLU BA 48 -19.17 14.07 -99.11
N ARG BA 49 -19.65 15.24 -99.57
CA ARG BA 49 -20.17 16.24 -98.65
C ARG BA 49 -21.33 16.99 -99.31
N SER BA 50 -22.56 16.63 -98.93
CA SER BA 50 -23.77 17.29 -99.41
C SER BA 50 -24.32 18.27 -98.37
N LYS BA 51 -23.48 19.26 -98.05
CA LYS BA 51 -23.79 20.50 -97.34
C LYS BA 51 -24.08 20.33 -95.85
N SER BA 52 -24.48 19.13 -95.43
CA SER BA 52 -24.49 18.76 -94.02
C SER BA 52 -24.17 17.29 -93.91
N LYS BA 53 -24.39 16.58 -95.01
CA LYS BA 53 -24.46 15.13 -95.05
C LYS BA 53 -23.23 14.57 -95.76
N ILE BA 54 -22.28 14.07 -94.99
CA ILE BA 54 -21.15 13.33 -95.52
C ILE BA 54 -21.69 11.97 -95.93
N THR BA 55 -20.92 11.20 -96.69
CA THR BA 55 -21.33 9.86 -97.09
C THR BA 55 -20.08 9.02 -97.33
N VAL BA 56 -19.80 8.08 -96.44
CA VAL BA 56 -18.61 7.26 -96.51
C VAL BA 56 -19.02 5.92 -97.12
N THR BA 57 -18.78 5.75 -98.41
CA THR BA 57 -19.04 4.49 -99.10
C THR BA 57 -17.78 3.65 -99.12
N SER BA 58 -17.93 2.35 -98.87
CA SER BA 58 -16.78 1.45 -98.76
C SER BA 58 -17.06 0.16 -99.51
N GLU BA 59 -15.99 -0.42 -100.07
CA GLU BA 59 -16.09 -1.68 -100.79
C GLU BA 59 -15.48 -2.85 -100.02
N VAL BA 60 -14.84 -2.58 -98.89
CA VAL BA 60 -14.31 -3.62 -98.02
C VAL BA 60 -15.08 -3.55 -96.71
N PRO BA 61 -14.90 -4.49 -95.79
CA PRO BA 61 -15.45 -4.32 -94.44
C PRO BA 61 -15.08 -2.96 -93.87
N PHE BA 62 -16.08 -2.25 -93.35
CA PHE BA 62 -15.87 -0.92 -92.79
C PHE BA 62 -16.75 -0.75 -91.56
N SER BA 63 -16.11 -0.43 -90.42
CA SER BA 63 -16.84 -0.23 -89.17
C SER BA 63 -17.63 1.07 -89.24
N LYS BA 64 -18.93 0.98 -88.92
CA LYS BA 64 -19.72 2.21 -88.83
C LYS BA 64 -19.26 3.05 -87.66
N ARG BA 65 -19.06 2.41 -86.51
CA ARG BA 65 -18.58 3.15 -85.34
C ARG BA 65 -17.12 3.55 -85.47
N TYR BA 66 -16.47 3.24 -86.58
CA TYR BA 66 -15.21 3.90 -86.91
C TYR BA 66 -15.39 5.40 -86.95
N LEU BA 67 -16.47 5.87 -87.57
CA LEU BA 67 -16.66 7.30 -87.74
C LEU BA 67 -16.92 7.98 -86.42
N LYS BA 68 -17.61 7.31 -85.50
CA LYS BA 68 -17.74 7.85 -84.15
C LYS BA 68 -16.37 8.05 -83.52
N TYR BA 69 -15.41 7.19 -83.85
CA TYR BA 69 -14.06 7.35 -83.32
C TYR BA 69 -13.34 8.55 -83.96
N LEU BA 70 -13.70 8.89 -85.20
CA LEU BA 70 -13.07 10.01 -85.88
C LEU BA 70 -13.85 11.30 -85.78
N THR BA 71 -15.19 11.22 -85.70
CA THR BA 71 -15.94 12.44 -85.47
C THR BA 71 -15.81 12.91 -84.02
N LYS BA 72 -15.74 11.97 -83.06
CA LYS BA 72 -15.44 12.39 -81.69
C LYS BA 72 -14.01 12.89 -81.56
N LYS BA 73 -13.15 12.57 -82.53
CA LYS BA 73 -11.82 13.15 -82.55
C LYS BA 73 -11.88 14.62 -82.92
N TYR BA 74 -12.90 15.02 -83.68
CA TYR BA 74 -13.11 16.43 -83.96
C TYR BA 74 -13.44 17.20 -82.70
N LEU BA 75 -14.53 16.79 -82.04
CA LEU BA 75 -15.09 17.56 -80.93
C LEU BA 75 -14.19 17.61 -79.71
N LYS BA 76 -13.07 16.90 -79.71
CA LYS BA 76 -12.03 17.15 -78.74
C LYS BA 76 -10.93 18.05 -79.29
N LYS BA 77 -10.75 18.08 -80.62
CA LYS BA 77 -9.76 18.96 -81.23
C LYS BA 77 -10.27 20.38 -81.43
N ASN BA 78 -11.58 20.53 -81.64
CA ASN BA 78 -12.17 21.84 -81.81
C ASN BA 78 -12.94 22.29 -80.59
N ASN BA 79 -12.80 21.59 -79.46
CA ASN BA 79 -13.44 21.93 -78.19
C ASN BA 79 -14.96 22.01 -78.35
N LEU BA 80 -15.55 20.89 -78.75
CA LEU BA 80 -16.97 20.82 -79.01
C LEU BA 80 -17.71 19.85 -78.10
N ARG BA 81 -17.03 18.92 -77.45
CA ARG BA 81 -17.67 18.13 -76.42
C ARG BA 81 -18.05 19.02 -75.23
N ASP BA 82 -18.75 18.41 -74.28
CA ASP BA 82 -19.30 19.04 -73.08
C ASP BA 82 -20.48 19.94 -73.44
N TRP BA 83 -20.68 20.20 -74.74
CA TRP BA 83 -21.96 20.73 -75.20
C TRP BA 83 -22.34 20.27 -76.60
N LEU BA 84 -21.79 19.18 -77.09
CA LEU BA 84 -22.24 18.59 -78.35
C LEU BA 84 -21.98 17.09 -78.28
N ARG BA 85 -22.95 16.31 -78.80
CA ARG BA 85 -22.99 14.86 -78.66
C ARG BA 85 -23.17 14.23 -80.04
N VAL BA 86 -22.79 12.96 -80.17
CA VAL BA 86 -23.00 12.18 -81.39
C VAL BA 86 -23.97 11.05 -81.07
N VAL BA 87 -24.94 10.84 -81.95
CA VAL BA 87 -25.98 9.84 -81.71
C VAL BA 87 -26.18 9.01 -82.97
N ALA BA 88 -26.33 7.70 -82.78
CA ALA BA 88 -26.76 6.83 -83.86
C ALA BA 88 -28.24 7.10 -84.11
N ASN BA 89 -28.52 7.88 -85.16
CA ASN BA 89 -29.89 8.22 -85.51
C ASN BA 89 -30.69 6.98 -85.89
N SER BA 90 -30.32 6.38 -87.01
CA SER BA 90 -30.83 5.09 -87.44
C SER BA 90 -29.63 4.27 -87.88
N LYS BA 91 -29.86 3.04 -88.32
CA LYS BA 91 -28.74 2.26 -88.81
C LYS BA 91 -28.32 2.77 -90.18
N GLU BA 92 -27.02 2.77 -90.42
CA GLU BA 92 -26.43 3.37 -91.62
C GLU BA 92 -26.64 4.89 -91.63
N SER BA 93 -26.50 5.51 -90.46
CA SER BA 93 -26.58 6.96 -90.32
C SER BA 93 -25.98 7.34 -88.97
N TYR BA 94 -25.54 8.58 -88.88
CA TYR BA 94 -24.91 9.06 -87.65
C TYR BA 94 -25.16 10.55 -87.55
N GLU BA 95 -25.59 11.00 -86.37
CA GLU BA 95 -26.15 12.34 -86.22
C GLU BA 95 -25.41 13.10 -85.13
N LEU BA 96 -25.37 14.42 -85.27
CA LEU BA 96 -24.85 15.31 -84.24
C LEU BA 96 -26.00 16.10 -83.62
N ARG BA 97 -25.93 16.35 -82.31
CA ARG BA 97 -26.98 17.07 -81.61
C ARG BA 97 -26.47 17.50 -80.24
N TYR BA 98 -27.16 18.47 -79.65
CA TYR BA 98 -26.78 19.00 -78.35
C TYR BA 98 -27.40 18.20 -77.23
N PHE BA 99 -26.78 18.24 -76.06
CA PHE BA 99 -27.21 17.49 -74.89
C PHE BA 99 -28.69 17.69 -74.57
N SER CA 1 62.32 5.40 -29.25
CA SER CA 1 62.58 6.80 -29.57
C SER CA 1 61.32 7.58 -29.82
N GLY CA 2 60.68 7.27 -31.11
CA GLY CA 2 59.42 7.81 -31.42
C GLY CA 2 58.33 6.77 -31.20
N ALA CA 3 57.37 7.11 -30.33
CA ALA CA 3 56.38 6.14 -29.88
C ALA CA 3 55.38 5.83 -30.99
N LYS CA 4 54.52 4.87 -30.71
CA LYS CA 4 53.62 4.28 -31.70
C LYS CA 4 52.24 4.82 -31.42
N PHE CA 5 51.71 5.58 -32.36
CA PHE CA 5 50.42 6.24 -32.15
C PHE CA 5 49.28 5.25 -32.07
N ARG CA 6 48.18 5.68 -31.44
CA ARG CA 6 46.99 4.84 -31.39
C ARG CA 6 46.35 4.74 -32.77
N ILE CA 7 45.67 3.61 -33.01
CA ILE CA 7 44.89 3.42 -34.22
C ILE CA 7 43.68 2.56 -33.89
N SER CA 8 42.58 2.78 -34.60
CA SER CA 8 41.36 2.03 -34.34
C SER CA 8 41.61 0.54 -34.55
N LEU CA 9 41.45 -0.25 -33.51
CA LEU CA 9 41.81 -1.66 -33.55
C LEU CA 9 40.58 -2.47 -33.89
N GLY CA 10 40.66 -3.24 -34.96
CA GLY CA 10 39.53 -4.02 -35.38
C GLY CA 10 39.78 -5.50 -35.36
N LEU CA 11 40.60 -5.97 -34.43
CA LEU CA 11 40.93 -7.39 -34.32
C LEU CA 11 40.74 -7.82 -32.88
N PRO CA 12 39.51 -8.08 -32.48
CA PRO CA 12 39.28 -8.61 -31.13
C PRO CA 12 39.64 -10.08 -31.05
N VAL CA 13 39.72 -10.56 -29.80
CA VAL CA 13 39.98 -11.96 -29.56
C VAL CA 13 38.91 -12.81 -30.23
N GLY CA 14 39.36 -13.82 -30.96
CA GLY CA 14 38.48 -14.69 -31.71
C GLY CA 14 38.54 -14.52 -33.21
N ALA CA 15 39.13 -13.42 -33.69
CA ALA CA 15 39.25 -13.15 -35.12
C ALA CA 15 40.34 -13.99 -35.75
N VAL CA 16 40.05 -14.56 -36.92
CA VAL CA 16 41.02 -15.38 -37.65
C VAL CA 16 41.57 -14.55 -38.81
N ILE CA 17 42.86 -14.29 -38.80
CA ILE CA 17 43.50 -13.52 -39.84
C ILE CA 17 44.48 -14.42 -40.56
N ASN CA 18 44.53 -14.29 -41.88
CA ASN CA 18 45.32 -15.21 -42.67
C ASN CA 18 46.78 -14.82 -42.63
N CYS CA 19 47.61 -15.78 -42.24
CA CYS CA 19 49.06 -15.65 -42.22
C CYS CA 19 49.57 -15.24 -43.60
N ALA CA 20 50.68 -14.51 -43.61
CA ALA CA 20 51.22 -13.92 -44.83
C ALA CA 20 52.73 -14.10 -44.89
N ASP CA 21 53.21 -15.31 -44.63
CA ASP CA 21 54.61 -15.66 -44.85
C ASP CA 21 54.68 -17.12 -45.28
N ASN CA 22 55.90 -17.66 -45.28
CA ASN CA 22 56.16 -18.98 -45.84
C ASN CA 22 56.34 -20.05 -44.76
N THR CA 23 55.75 -19.87 -43.59
CA THR CA 23 55.94 -20.84 -42.52
C THR CA 23 55.24 -22.17 -42.77
N GLY CA 24 54.33 -22.24 -43.73
CA GLY CA 24 53.43 -23.35 -43.82
C GLY CA 24 52.12 -23.14 -43.09
N ALA CA 25 51.97 -22.00 -42.43
CA ALA CA 25 50.72 -21.63 -41.81
C ALA CA 25 49.87 -20.86 -42.80
N LYS CA 26 48.55 -21.00 -42.66
CA LYS CA 26 47.59 -20.36 -43.54
C LYS CA 26 46.55 -19.52 -42.82
N ASN CA 27 46.34 -19.73 -41.53
CA ASN CA 27 45.33 -19.00 -40.78
C ASN CA 27 45.81 -18.80 -39.35
N LEU CA 28 45.40 -17.69 -38.76
CA LEU CA 28 45.84 -17.31 -37.41
C LEU CA 28 44.64 -16.91 -36.58
N TYR CA 29 44.16 -17.87 -35.78
CA TYR CA 29 43.12 -17.60 -34.79
C TYR CA 29 43.75 -16.86 -33.61
N ILE CA 30 43.40 -15.58 -33.45
CA ILE CA 30 43.97 -14.71 -32.42
C ILE CA 30 43.40 -15.09 -31.05
N ILE CA 31 44.28 -15.41 -30.10
CA ILE CA 31 43.76 -15.78 -28.80
C ILE CA 31 43.95 -14.70 -27.73
N SER CA 32 44.89 -13.77 -27.92
CA SER CA 32 45.04 -12.67 -26.99
C SER CA 32 46.04 -11.67 -27.56
N VAL CA 33 45.98 -10.46 -27.02
CA VAL CA 33 46.84 -9.36 -27.43
C VAL CA 33 47.78 -9.01 -26.29
N LYS CA 34 49.00 -8.63 -26.65
CA LYS CA 34 49.97 -8.22 -25.64
C LYS CA 34 49.88 -6.73 -25.38
N GLY CA 35 49.93 -6.37 -24.10
CA GLY CA 35 49.86 -4.97 -23.70
C GLY CA 35 48.46 -4.48 -23.39
N ILE CA 36 47.59 -5.33 -22.87
CA ILE CA 36 46.19 -4.98 -22.64
C ILE CA 36 45.86 -5.21 -21.17
N LYS CA 37 45.16 -4.26 -20.57
CA LYS CA 37 44.64 -4.44 -19.22
C LYS CA 37 43.15 -4.78 -19.24
N GLY CA 38 42.33 -3.88 -19.79
CA GLY CA 38 40.93 -4.16 -20.06
C GLY CA 38 40.00 -3.57 -19.01
N ARG CA 39 38.71 -3.80 -19.23
CA ARG CA 39 37.68 -3.50 -18.26
C ARG CA 39 36.74 -4.68 -18.21
N LEU CA 40 35.70 -4.58 -17.39
CA LEU CA 40 34.72 -5.65 -17.31
C LEU CA 40 34.01 -5.82 -18.65
N ASN CA 41 34.02 -7.04 -19.16
CA ASN CA 41 33.28 -7.50 -20.33
C ASN CA 41 33.89 -7.06 -21.66
N ARG CA 42 34.92 -6.21 -21.67
CA ARG CA 42 35.48 -5.76 -22.93
C ARG CA 42 36.41 -6.80 -23.55
N LEU CA 43 36.25 -7.01 -24.85
CA LEU CA 43 37.15 -7.88 -25.58
C LEU CA 43 38.52 -7.22 -25.78
N PRO CA 44 39.61 -7.97 -25.62
CA PRO CA 44 40.93 -7.43 -25.98
C PRO CA 44 41.08 -7.37 -27.49
N ALA CA 45 41.41 -6.18 -27.98
CA ALA CA 45 41.45 -5.90 -29.41
C ALA CA 45 42.86 -5.54 -29.85
N ALA CA 46 43.27 -6.12 -30.98
CA ALA CA 46 44.55 -5.87 -31.61
C ALA CA 46 44.38 -5.01 -32.86
N GLY CA 47 45.39 -4.19 -33.13
CA GLY CA 47 45.39 -3.37 -34.32
C GLY CA 47 46.64 -3.63 -35.14
N VAL CA 48 46.97 -2.72 -36.05
CA VAL CA 48 48.19 -2.88 -36.83
C VAL CA 48 49.41 -2.64 -35.95
N GLY CA 49 50.43 -3.47 -36.12
CA GLY CA 49 51.66 -3.33 -35.34
C GLY CA 49 51.60 -3.93 -33.97
N ASP CA 50 50.50 -4.60 -33.61
CA ASP CA 50 50.31 -5.17 -32.28
C ASP CA 50 50.77 -6.61 -32.25
N MET CA 51 51.44 -6.99 -31.17
CA MET CA 51 51.82 -8.38 -30.97
C MET CA 51 50.65 -9.18 -30.42
N VAL CA 52 50.51 -10.40 -30.91
CA VAL CA 52 49.30 -11.18 -30.69
C VAL CA 52 49.69 -12.63 -30.44
N MET CA 53 49.12 -13.23 -29.40
CA MET CA 53 49.27 -14.66 -29.15
C MET CA 53 48.26 -15.39 -30.02
N ALA CA 54 48.73 -15.92 -31.14
CA ALA CA 54 47.85 -16.55 -32.12
C ALA CA 54 48.00 -18.06 -32.07
N THR CA 55 47.08 -18.72 -32.77
CA THR CA 55 47.13 -20.16 -32.95
C THR CA 55 46.83 -20.45 -34.40
N VAL CA 56 47.63 -21.33 -35.01
CA VAL CA 56 47.41 -21.68 -36.40
C VAL CA 56 46.23 -22.65 -36.50
N LYS CA 57 45.25 -22.30 -37.32
CA LYS CA 57 44.03 -23.10 -37.41
C LYS CA 57 44.01 -24.05 -38.60
N LYS CA 58 44.89 -23.88 -39.59
CA LYS CA 58 44.97 -24.82 -40.71
C LYS CA 58 46.30 -24.64 -41.43
N GLY CA 59 47.15 -25.66 -41.36
CA GLY CA 59 48.45 -25.60 -42.01
C GLY CA 59 49.25 -26.84 -41.69
N LYS CA 60 50.57 -26.68 -41.68
CA LYS CA 60 51.43 -27.80 -41.34
C LYS CA 60 51.20 -28.20 -39.89
N PRO CA 61 51.01 -29.48 -39.59
CA PRO CA 61 50.68 -29.90 -38.22
C PRO CA 61 51.76 -29.60 -37.21
N GLU CA 62 52.96 -29.25 -37.64
CA GLU CA 62 53.99 -28.85 -36.70
C GLU CA 62 53.66 -27.52 -36.04
N LEU CA 63 52.78 -26.72 -36.64
CA LEU CA 63 52.37 -25.47 -36.04
C LEU CA 63 50.99 -25.52 -35.42
N ARG CA 64 50.16 -26.48 -35.83
CA ARG CA 64 48.85 -26.64 -35.23
C ARG CA 64 48.99 -26.95 -33.75
N LYS CA 65 47.99 -26.54 -32.99
CA LYS CA 65 47.86 -26.87 -31.57
C LYS CA 65 49.12 -26.44 -30.80
N LYS CA 66 49.41 -25.15 -30.87
CA LYS CA 66 50.30 -24.52 -29.92
C LYS CA 66 50.19 -23.00 -29.95
N VAL CA 67 50.05 -22.39 -28.78
CA VAL CA 67 50.19 -20.94 -28.70
C VAL CA 67 51.58 -20.57 -29.16
N HIS CA 68 51.67 -19.56 -30.02
CA HIS CA 68 52.99 -18.96 -30.24
C HIS CA 68 52.81 -17.60 -30.89
N PRO CA 69 53.73 -16.66 -30.66
CA PRO CA 69 53.42 -15.24 -30.89
C PRO CA 69 53.36 -14.88 -32.36
N ALA CA 70 52.92 -13.64 -32.59
CA ALA CA 70 52.53 -13.17 -33.91
C ALA CA 70 52.40 -11.65 -33.89
N VAL CA 71 52.42 -11.06 -35.08
CA VAL CA 71 52.34 -9.60 -35.22
C VAL CA 71 51.43 -9.25 -36.37
N VAL CA 72 50.43 -8.39 -36.11
CA VAL CA 72 49.49 -8.00 -37.14
C VAL CA 72 50.15 -7.02 -38.12
N ILE CA 73 49.76 -7.11 -39.39
CA ILE CA 73 50.39 -6.35 -40.47
C ILE CA 73 49.38 -5.48 -41.21
N ARG CA 74 48.26 -6.06 -41.64
CA ARG CA 74 47.19 -5.36 -42.32
C ARG CA 74 45.91 -5.48 -41.50
N GLN CA 75 45.00 -4.51 -41.66
CA GLN CA 75 43.71 -4.67 -41.01
C GLN CA 75 42.63 -3.97 -41.83
N ARG CA 76 41.49 -4.65 -42.02
CA ARG CA 76 40.42 -4.10 -42.83
C ARG CA 76 39.71 -2.95 -42.13
N LYS CA 77 39.80 -2.86 -40.81
CA LYS CA 77 39.28 -1.69 -40.12
C LYS CA 77 40.05 -0.47 -40.55
N SER CA 78 39.32 0.57 -40.92
CA SER CA 78 39.92 1.76 -41.48
C SER CA 78 40.53 2.59 -40.37
N TYR CA 79 41.85 2.66 -40.31
CA TYR CA 79 42.48 3.51 -39.31
C TYR CA 79 42.96 4.80 -39.92
N ARG CA 80 43.16 5.79 -39.06
CA ARG CA 80 43.50 7.15 -39.45
C ARG CA 80 44.96 7.44 -39.10
N ARG CA 81 45.79 7.63 -40.12
CA ARG CA 81 47.13 8.12 -39.87
C ARG CA 81 47.07 9.52 -39.24
N LYS CA 82 48.22 9.98 -38.76
CA LYS CA 82 48.29 11.28 -38.10
C LYS CA 82 48.30 12.47 -39.06
N ASP CA 83 48.52 12.23 -40.34
CA ASP CA 83 48.47 13.30 -41.35
C ASP CA 83 47.10 13.41 -42.02
N GLY CA 84 46.10 12.69 -41.52
CA GLY CA 84 44.74 12.90 -41.98
C GLY CA 84 44.34 12.11 -43.20
N VAL CA 85 44.97 10.97 -43.43
CA VAL CA 85 44.50 10.02 -44.43
C VAL CA 85 43.93 8.82 -43.68
N PHE CA 86 42.86 8.26 -44.21
CA PHE CA 86 42.32 7.04 -43.66
C PHE CA 86 42.80 5.87 -44.50
N LEU CA 87 42.91 4.70 -43.89
CA LEU CA 87 43.57 3.59 -44.54
C LEU CA 87 42.94 2.30 -44.04
N TYR CA 88 42.20 1.63 -44.93
CA TYR CA 88 41.77 0.27 -44.68
C TYR CA 88 42.43 -0.65 -45.69
N PHE CA 89 42.88 -1.79 -45.18
CA PHE CA 89 43.68 -2.75 -45.92
C PHE CA 89 42.80 -3.94 -46.25
N GLU CA 90 42.83 -4.38 -47.51
CA GLU CA 90 41.88 -5.34 -48.02
C GLU CA 90 41.49 -6.49 -47.08
N ASP CA 91 42.45 -7.05 -46.34
CA ASP CA 91 42.17 -8.23 -45.52
C ASP CA 91 43.11 -8.28 -44.33
N ASN CA 92 42.58 -8.70 -43.19
CA ASN CA 92 43.41 -8.78 -42.00
C ASN CA 92 44.42 -9.92 -42.14
N ALA CA 93 45.71 -9.59 -42.04
CA ALA CA 93 46.77 -10.59 -42.19
C ALA CA 93 47.83 -10.38 -41.11
N GLY CA 94 48.66 -11.42 -40.89
CA GLY CA 94 49.72 -11.32 -39.91
C GLY CA 94 50.89 -12.24 -40.21
N VAL CA 95 51.89 -12.19 -39.34
CA VAL CA 95 53.07 -13.06 -39.45
C VAL CA 95 53.30 -13.76 -38.12
N ILE CA 96 54.29 -14.66 -38.11
CA ILE CA 96 54.63 -15.41 -36.90
C ILE CA 96 55.99 -14.94 -36.41
N VAL CA 97 56.08 -14.67 -35.11
CA VAL CA 97 57.25 -14.03 -34.50
C VAL CA 97 57.44 -14.61 -33.10
N ASN CA 98 58.70 -14.74 -32.68
CA ASN CA 98 59.01 -15.10 -31.30
C ASN CA 98 59.35 -13.86 -30.49
N ASN CA 99 58.99 -13.91 -29.20
CA ASN CA 99 58.70 -12.68 -28.47
C ASN CA 99 59.95 -11.86 -28.17
N LYS CA 100 60.70 -11.54 -29.23
CA LYS CA 100 61.54 -10.35 -29.20
C LYS CA 100 61.38 -9.50 -30.45
N GLY CA 101 60.82 -10.03 -31.53
CA GLY CA 101 60.70 -9.29 -32.76
C GLY CA 101 61.28 -10.02 -33.96
N GLU CA 102 61.51 -11.31 -33.84
CA GLU CA 102 62.17 -12.09 -34.88
C GLU CA 102 61.15 -12.92 -35.66
N MET CA 103 61.25 -12.87 -36.99
CA MET CA 103 60.36 -13.65 -37.84
C MET CA 103 60.83 -15.09 -37.94
N LYS CA 104 59.91 -16.03 -37.74
CA LYS CA 104 60.28 -17.42 -37.99
C LYS CA 104 60.12 -17.77 -39.46
N GLY CA 105 59.30 -17.03 -40.19
CA GLY CA 105 59.26 -17.13 -41.63
C GLY CA 105 60.44 -16.40 -42.25
N SER CA 106 60.40 -16.32 -43.58
CA SER CA 106 61.49 -15.70 -44.32
C SER CA 106 61.04 -14.81 -45.46
N ALA CA 107 59.74 -14.62 -45.68
CA ALA CA 107 59.29 -13.86 -46.82
C ALA CA 107 57.84 -13.45 -46.61
N ILE CA 108 57.56 -12.17 -46.77
CA ILE CA 108 56.22 -11.63 -46.51
C ILE CA 108 55.53 -11.41 -47.84
N THR CA 109 54.38 -12.06 -47.99
CA THR CA 109 53.53 -11.88 -49.17
C THR CA 109 52.57 -10.72 -48.94
N GLY CA 110 52.63 -9.71 -49.81
CA GLY CA 110 51.73 -8.59 -49.75
C GLY CA 110 52.36 -7.36 -49.12
N PRO CA 111 51.59 -6.29 -48.98
CA PRO CA 111 52.11 -5.05 -48.42
C PRO CA 111 52.00 -5.02 -46.90
N VAL CA 112 53.00 -4.40 -46.28
CA VAL CA 112 53.09 -4.27 -44.83
C VAL CA 112 52.81 -2.82 -44.47
N ALA CA 113 51.86 -2.60 -43.58
CA ALA CA 113 51.50 -1.24 -43.20
C ALA CA 113 52.65 -0.59 -42.42
N LYS CA 114 52.96 0.66 -42.76
CA LYS CA 114 54.17 1.29 -42.24
C LYS CA 114 54.13 1.49 -40.73
N GLU CA 115 52.95 1.51 -40.13
CA GLU CA 115 52.85 1.53 -38.68
C GLU CA 115 53.43 0.23 -38.10
N CYS CA 116 53.15 -0.89 -38.74
CA CYS CA 116 53.73 -2.16 -38.33
C CYS CA 116 55.23 -2.20 -38.62
N ALA CA 117 55.68 -1.49 -39.66
CA ALA CA 117 57.06 -1.60 -40.14
C ALA CA 117 58.03 -0.78 -39.29
N ASP CA 118 57.65 0.46 -38.95
CA ASP CA 118 58.47 1.27 -38.05
C ASP CA 118 58.76 0.51 -36.78
N LEU CA 119 57.72 -0.06 -36.19
CA LEU CA 119 57.81 -0.60 -34.84
C LEU CA 119 58.55 -1.93 -34.79
N TRP CA 120 58.47 -2.74 -35.84
CA TRP CA 120 59.08 -4.07 -35.88
C TRP CA 120 60.11 -4.12 -36.99
N PRO CA 121 61.37 -3.77 -36.71
CA PRO CA 121 62.35 -3.61 -37.80
C PRO CA 121 62.58 -4.85 -38.63
N ARG CA 122 62.55 -6.04 -38.03
CA ARG CA 122 62.76 -7.25 -38.81
C ARG CA 122 61.60 -7.53 -39.74
N ILE CA 123 60.40 -7.08 -39.40
CA ILE CA 123 59.26 -7.29 -40.28
C ILE CA 123 59.33 -6.34 -41.47
N ALA CA 124 59.85 -5.14 -41.25
CA ALA CA 124 59.98 -4.17 -42.33
C ALA CA 124 61.06 -4.60 -43.31
N SER CA 125 62.14 -5.21 -42.81
CA SER CA 125 63.22 -5.65 -43.68
C SER CA 125 62.81 -6.82 -44.54
N ASN CA 126 62.13 -7.80 -43.94
CA ASN CA 126 61.62 -8.93 -44.70
C ASN CA 126 60.44 -8.54 -45.60
N ALA CA 127 59.96 -7.31 -45.51
CA ALA CA 127 58.74 -6.90 -46.19
C ALA CA 127 58.99 -6.55 -47.65
N GLY CA 128 58.00 -6.79 -48.48
CA GLY CA 128 58.09 -6.37 -49.86
C GLY CA 128 57.78 -4.90 -50.07
N SER CA 129 56.53 -4.50 -49.81
CA SER CA 129 56.08 -3.14 -50.06
C SER CA 129 55.52 -2.57 -48.77
N ILE CA 130 56.07 -1.45 -48.34
CA ILE CA 130 55.65 -0.81 -47.09
C ILE CA 130 54.54 0.18 -47.38
N ALA CA 131 53.42 0.03 -46.66
CA ALA CA 131 52.21 0.83 -46.83
C ALA CA 131 51.69 0.75 -48.26
N MET DA 1 51.71 19.65 -47.92
CA MET DA 1 50.51 18.89 -48.25
C MET DA 1 50.53 18.44 -49.72
N LYS DA 2 50.24 17.16 -49.94
CA LYS DA 2 50.19 16.61 -51.28
C LYS DA 2 48.74 16.59 -51.74
N VAL DA 3 48.47 17.19 -52.88
CA VAL DA 3 47.17 17.09 -53.51
C VAL DA 3 47.19 15.91 -54.46
N GLU DA 4 46.20 15.04 -54.33
CA GLU DA 4 46.18 13.77 -55.04
C GLU DA 4 44.85 13.60 -55.74
N LEU DA 5 44.86 12.82 -56.81
CA LEU DA 5 43.64 12.58 -57.59
C LEU DA 5 42.89 11.35 -57.09
N CYS DA 6 41.56 11.43 -57.13
CA CYS DA 6 40.74 10.28 -56.79
C CYS DA 6 40.94 9.19 -57.82
N SER DA 7 41.12 7.97 -57.33
CA SER DA 7 41.49 6.85 -58.18
C SER DA 7 40.60 6.78 -59.41
N PHE DA 8 39.30 6.67 -59.21
CA PHE DA 8 38.44 6.44 -60.34
C PHE DA 8 37.50 7.59 -60.64
N SER DA 9 37.36 8.58 -59.76
CA SER DA 9 36.54 9.72 -60.15
C SER DA 9 37.36 10.74 -60.95
N GLY DA 10 38.64 10.91 -60.61
CA GLY DA 10 39.48 11.88 -61.26
C GLY DA 10 39.55 13.25 -60.62
N TYR DA 11 38.81 13.49 -59.53
CA TYR DA 11 38.77 14.79 -58.87
C TYR DA 11 40.07 15.05 -58.11
N LYS DA 12 40.11 16.14 -57.34
CA LYS DA 12 41.23 16.44 -56.45
C LYS DA 12 40.85 16.07 -55.02
N ILE DA 13 41.61 15.16 -54.43
CA ILE DA 13 41.44 14.86 -53.02
C ILE DA 13 42.39 15.74 -52.21
N TYR DA 14 41.83 16.44 -51.24
CA TYR DA 14 42.52 17.42 -50.42
C TYR DA 14 42.91 16.83 -49.08
N PRO DA 15 43.87 17.45 -48.37
CA PRO DA 15 44.49 16.79 -47.21
C PRO DA 15 43.50 16.21 -46.21
N GLY DA 16 42.43 16.94 -45.91
CA GLY DA 16 41.58 16.54 -44.81
C GLY DA 16 40.79 15.27 -45.07
N HIS DA 17 40.28 15.12 -46.29
CA HIS DA 17 39.28 14.10 -46.56
C HIS DA 17 39.76 13.10 -47.59
N GLY DA 18 38.90 12.15 -47.89
CA GLY DA 18 39.22 11.00 -48.73
C GLY DA 18 39.52 9.77 -47.89
N ARG DA 19 39.57 8.65 -48.59
CA ARG DA 19 39.91 7.35 -48.03
C ARG DA 19 40.99 6.73 -48.90
N ARG DA 20 41.52 5.59 -48.46
CA ARG DA 20 42.65 5.00 -49.17
C ARG DA 20 42.53 3.49 -49.11
N TYR DA 21 42.47 2.86 -50.29
CA TYR DA 21 42.45 1.42 -50.43
C TYR DA 21 43.84 0.93 -50.81
N ALA DA 22 44.27 -0.19 -50.24
CA ALA DA 22 45.56 -0.77 -50.58
C ALA DA 22 45.39 -2.28 -50.72
N ARG DA 23 45.49 -2.78 -51.94
CA ARG DA 23 45.11 -4.16 -52.22
C ARG DA 23 46.26 -5.11 -51.95
N THR DA 24 45.92 -6.39 -51.77
CA THR DA 24 46.93 -7.38 -51.40
C THR DA 24 47.97 -7.57 -52.49
N ASP DA 25 47.61 -7.28 -53.74
CA ASP DA 25 48.62 -7.27 -54.79
C ASP DA 25 49.71 -6.24 -54.48
N GLY DA 26 49.35 -5.16 -53.79
CA GLY DA 26 50.31 -4.17 -53.35
C GLY DA 26 50.33 -2.88 -54.13
N LYS DA 27 49.17 -2.34 -54.51
CA LYS DA 27 49.14 -0.98 -55.01
C LYS DA 27 47.92 -0.26 -54.46
N VAL DA 28 48.00 1.07 -54.50
CA VAL DA 28 47.18 1.95 -53.68
C VAL DA 28 46.31 2.81 -54.58
N PHE DA 29 45.00 2.79 -54.31
CA PHE DA 29 44.04 3.67 -54.95
C PHE DA 29 43.35 4.50 -53.88
N GLN DA 30 43.06 5.76 -54.21
CA GLN DA 30 42.47 6.71 -53.27
C GLN DA 30 41.11 7.15 -53.74
N PHE DA 31 40.14 7.13 -52.83
CA PHE DA 31 38.77 7.44 -53.15
C PHE DA 31 38.34 8.75 -52.50
N LEU DA 32 37.49 9.48 -53.21
CA LEU DA 32 37.06 10.78 -52.72
C LEU DA 32 35.94 10.65 -51.70
N ASN DA 33 34.91 9.88 -52.01
CA ASN DA 33 33.81 9.63 -51.10
C ASN DA 33 33.58 8.13 -51.02
N ALA DA 34 32.67 7.74 -50.15
CA ALA DA 34 32.18 6.37 -50.24
C ALA DA 34 31.41 6.15 -51.52
N LYS DA 35 31.00 7.21 -52.22
CA LYS DA 35 30.38 7.06 -53.53
C LYS DA 35 31.28 6.25 -54.46
N CYS DA 36 32.57 6.58 -54.46
CA CYS DA 36 33.58 5.90 -55.25
C CYS DA 36 34.09 4.63 -54.59
N GLU DA 37 34.32 4.67 -53.27
CA GLU DA 37 34.63 3.46 -52.54
C GLU DA 37 33.62 2.36 -52.87
N SER DA 38 32.36 2.74 -53.09
CA SER DA 38 31.33 1.78 -53.48
C SER DA 38 31.48 1.40 -54.94
N ALA DA 39 31.54 2.41 -55.82
CA ALA DA 39 31.54 2.16 -57.26
C ALA DA 39 32.85 1.58 -57.76
N PHE DA 40 33.91 1.58 -56.96
CA PHE DA 40 35.11 0.89 -57.38
C PHE DA 40 35.09 -0.55 -56.87
N LEU DA 41 34.81 -0.72 -55.59
CA LEU DA 41 34.74 -2.05 -55.01
C LEU DA 41 33.69 -2.91 -55.71
N SER DA 42 32.59 -2.28 -56.15
CA SER DA 42 31.58 -3.00 -56.91
C SER DA 42 31.96 -3.17 -58.37
N LYS DA 43 33.21 -2.88 -58.73
CA LYS DA 43 33.80 -3.24 -60.00
C LYS DA 43 33.16 -2.55 -61.19
N ARG DA 44 32.40 -1.47 -60.98
CA ARG DA 44 31.91 -0.66 -62.08
C ARG DA 44 33.07 0.04 -62.78
N ASN DA 45 32.91 0.27 -64.07
CA ASN DA 45 33.96 0.89 -64.85
C ASN DA 45 33.85 2.41 -64.79
N PRO DA 46 34.97 3.13 -64.74
CA PRO DA 46 34.88 4.60 -64.71
C PRO DA 46 34.36 5.22 -65.98
N ARG DA 47 34.57 4.60 -67.14
CA ARG DA 47 34.30 5.27 -68.40
C ARG DA 47 32.87 5.11 -68.85
N GLN DA 48 32.00 4.55 -68.02
CA GLN DA 48 30.57 4.59 -68.28
C GLN DA 48 29.83 5.46 -67.28
N ILE DA 49 30.30 5.48 -66.03
CA ILE DA 49 29.79 6.42 -65.05
C ILE DA 49 30.21 7.82 -65.44
N ASN DA 50 29.24 8.75 -65.52
CA ASN DA 50 29.38 9.96 -66.34
C ASN DA 50 29.89 11.20 -65.60
N TRP DA 51 29.90 11.22 -64.28
CA TRP DA 51 30.55 12.34 -63.61
C TRP DA 51 32.06 12.25 -63.68
N THR DA 52 32.60 11.08 -63.99
CA THR DA 52 34.05 10.90 -63.96
C THR DA 52 34.74 11.73 -65.01
N VAL DA 53 35.89 12.30 -64.64
CA VAL DA 53 36.72 12.99 -65.62
C VAL DA 53 37.22 12.03 -66.68
N LEU DA 54 37.33 10.74 -66.34
CA LEU DA 54 37.77 9.75 -67.31
C LEU DA 54 36.76 9.60 -68.44
N TYR DA 55 35.48 9.71 -68.12
CA TYR DA 55 34.40 9.69 -69.11
C TYR DA 55 34.32 11.02 -69.84
N ARG DA 56 34.33 12.12 -69.10
CA ARG DA 56 34.16 13.43 -69.73
C ARG DA 56 35.27 13.68 -70.74
N ARG DA 57 36.45 13.07 -70.57
CA ARG DA 57 37.48 13.15 -71.60
C ARG DA 57 37.32 12.11 -72.70
N LYS DA 58 36.66 11.01 -72.40
CA LYS DA 58 36.43 9.96 -73.40
C LYS DA 58 35.53 10.47 -74.52
N HIS DA 59 34.31 10.89 -74.17
CA HIS DA 59 33.36 11.40 -75.15
C HIS DA 59 33.68 12.83 -75.58
N LYS DA 60 34.82 13.36 -75.14
CA LYS DA 60 35.30 14.68 -75.56
C LYS DA 60 34.35 15.79 -75.11
N LYS DA 61 33.75 15.62 -73.94
CA LYS DA 61 32.85 16.66 -73.45
C LYS DA 61 33.64 17.74 -72.73
N GLY DA 62 32.93 18.78 -72.32
CA GLY DA 62 33.57 19.94 -71.73
C GLY DA 62 34.45 20.65 -72.73
N GLN DA 63 35.15 21.66 -72.23
CA GLN DA 63 36.10 22.45 -73.01
C GLN DA 63 35.45 23.09 -74.24
N LYS EA 1 -65.37 -83.89 -38.57
CA LYS EA 1 -64.29 -84.13 -39.52
C LYS EA 1 -64.10 -82.94 -40.46
N LYS EA 2 -63.64 -81.83 -39.89
CA LYS EA 2 -63.13 -80.69 -40.67
C LYS EA 2 -61.63 -80.71 -40.43
N ILE EA 3 -60.90 -81.28 -41.38
CA ILE EA 3 -59.48 -81.51 -41.15
C ILE EA 3 -58.74 -80.18 -41.04
N ARG EA 4 -57.69 -80.19 -40.21
CA ARG EA 4 -56.87 -79.01 -40.00
C ARG EA 4 -55.72 -79.04 -41.00
N THR EA 5 -55.78 -78.16 -42.00
CA THR EA 5 -54.71 -78.15 -43.00
C THR EA 5 -53.52 -77.33 -42.52
N SER EA 6 -53.77 -76.24 -41.82
CA SER EA 6 -52.58 -75.52 -41.37
C SER EA 6 -52.20 -75.97 -39.96
N PRO EA 7 -50.91 -76.08 -39.66
CA PRO EA 7 -50.48 -76.48 -38.31
C PRO EA 7 -50.64 -75.39 -37.26
N THR EA 8 -51.10 -74.20 -37.63
CA THR EA 8 -51.36 -73.16 -36.64
C THR EA 8 -52.81 -73.19 -36.23
N PHE EA 9 -53.07 -72.73 -35.02
CA PHE EA 9 -54.43 -72.50 -34.57
C PHE EA 9 -54.60 -71.00 -34.42
N ARG EA 10 -55.08 -70.36 -35.48
CA ARG EA 10 -55.56 -68.99 -35.37
C ARG EA 10 -56.91 -68.99 -34.69
N ARG EA 11 -57.11 -68.02 -33.79
CA ARG EA 11 -58.37 -68.00 -33.02
C ARG EA 11 -59.56 -67.87 -33.97
N PRO EA 12 -60.68 -68.52 -33.67
CA PRO EA 12 -61.83 -68.42 -34.56
C PRO EA 12 -62.43 -67.03 -34.53
N LYS EA 13 -62.97 -66.62 -35.68
CA LYS EA 13 -63.54 -65.28 -35.83
C LYS EA 13 -64.95 -65.28 -35.25
N THR EA 14 -65.08 -64.78 -34.03
CA THR EA 14 -66.38 -64.73 -33.37
C THR EA 14 -67.21 -63.57 -33.90
N LEU EA 15 -68.52 -63.68 -33.69
CA LEU EA 15 -69.41 -62.56 -33.94
C LEU EA 15 -69.20 -61.48 -32.89
N ARG EA 16 -69.32 -60.22 -33.29
CA ARG EA 16 -69.42 -59.14 -32.32
C ARG EA 16 -70.39 -58.07 -32.85
N LEU EA 17 -71.27 -57.61 -31.97
CA LEU EA 17 -72.42 -56.78 -32.31
C LEU EA 17 -72.08 -55.30 -32.20
N ARG EA 18 -73.09 -54.44 -32.30
CA ARG EA 18 -72.96 -53.00 -32.22
C ARG EA 18 -73.46 -52.47 -30.89
N ARG EA 19 -73.04 -51.24 -30.56
CA ARG EA 19 -73.49 -50.62 -29.32
C ARG EA 19 -74.96 -50.26 -29.41
N GLN EA 20 -75.75 -50.67 -28.40
CA GLN EA 20 -77.18 -50.37 -28.36
C GLN EA 20 -77.52 -49.67 -27.06
N PRO EA 21 -77.17 -48.39 -26.94
CA PRO EA 21 -77.13 -47.78 -25.61
C PRO EA 21 -78.54 -47.55 -25.07
N LYS EA 22 -78.73 -47.92 -23.79
CA LYS EA 22 -80.00 -47.71 -23.14
C LYS EA 22 -80.24 -46.22 -22.90
N TYR EA 23 -79.18 -45.47 -22.69
CA TYR EA 23 -79.26 -44.03 -22.61
C TYR EA 23 -78.19 -43.40 -23.49
N PRO EA 24 -78.41 -42.18 -23.96
CA PRO EA 24 -77.28 -41.43 -24.53
C PRO EA 24 -76.30 -41.06 -23.43
N ARG EA 25 -75.00 -41.12 -23.76
CA ARG EA 25 -73.99 -40.91 -22.72
C ARG EA 25 -74.00 -39.47 -22.23
N LYS EA 26 -74.12 -38.51 -23.14
CA LYS EA 26 -74.41 -37.12 -22.79
C LYS EA 26 -75.75 -36.73 -23.40
N SER EA 27 -76.45 -35.82 -22.72
CA SER EA 27 -77.86 -35.56 -23.00
C SER EA 27 -78.04 -34.98 -24.41
N ALA EA 28 -77.49 -33.80 -24.65
CA ALA EA 28 -77.70 -33.02 -25.84
C ALA EA 28 -76.40 -32.83 -26.61
N PRO EA 29 -76.46 -32.63 -27.91
CA PRO EA 29 -75.24 -32.41 -28.69
C PRO EA 29 -74.67 -31.02 -28.41
N ARG EA 30 -73.36 -30.97 -28.19
CA ARG EA 30 -72.67 -29.70 -28.01
C ARG EA 30 -72.93 -28.79 -29.20
N ARG EA 31 -73.56 -27.64 -28.93
CA ARG EA 31 -73.86 -26.70 -29.99
C ARG EA 31 -72.57 -26.22 -30.64
N ASN EA 32 -72.57 -26.15 -31.97
CA ASN EA 32 -71.35 -25.83 -32.70
C ASN EA 32 -70.86 -24.43 -32.33
N LYS EA 33 -69.54 -24.28 -32.26
CA LYS EA 33 -68.98 -23.02 -31.80
C LYS EA 33 -68.06 -22.35 -32.81
N LEU EA 34 -67.76 -22.99 -33.94
CA LEU EA 34 -67.08 -22.34 -35.06
C LEU EA 34 -68.14 -21.98 -36.10
N ASP EA 35 -68.90 -20.93 -35.78
CA ASP EA 35 -70.03 -20.54 -36.60
C ASP EA 35 -69.61 -19.49 -37.61
N HIS EA 36 -70.56 -19.11 -38.45
CA HIS EA 36 -70.26 -18.15 -39.49
C HIS EA 36 -70.13 -16.74 -38.95
N TYR EA 37 -70.38 -16.53 -37.66
CA TYR EA 37 -70.14 -15.25 -37.05
C TYR EA 37 -68.98 -15.28 -36.08
N ALA EA 38 -68.49 -16.46 -35.73
CA ALA EA 38 -67.31 -16.59 -34.90
C ALA EA 38 -66.12 -17.09 -35.68
N ILE EA 39 -66.29 -17.36 -36.98
CA ILE EA 39 -65.15 -17.70 -37.82
C ILE EA 39 -64.55 -16.46 -38.47
N ILE EA 40 -65.32 -15.39 -38.58
CA ILE EA 40 -64.84 -14.13 -39.14
C ILE EA 40 -64.85 -13.10 -38.02
N LYS EA 41 -63.66 -12.69 -37.59
CA LYS EA 41 -63.61 -11.70 -36.52
C LYS EA 41 -63.85 -10.30 -37.06
N PHE EA 42 -62.97 -9.83 -37.93
CA PHE EA 42 -63.13 -8.48 -38.49
C PHE EA 42 -62.18 -8.30 -39.67
N PRO EA 43 -62.61 -7.58 -40.71
CA PRO EA 43 -61.73 -7.39 -41.88
C PRO EA 43 -60.69 -6.31 -41.63
N LEU EA 44 -59.48 -6.55 -42.15
CA LEU EA 44 -58.38 -5.61 -41.99
C LEU EA 44 -58.53 -4.44 -42.96
N THR EA 45 -58.20 -3.25 -42.48
CA THR EA 45 -58.28 -2.04 -43.28
C THR EA 45 -56.91 -1.41 -43.45
N THR EA 46 -55.86 -2.23 -43.43
CA THR EA 46 -54.50 -1.70 -43.52
C THR EA 46 -54.24 -1.13 -44.90
N GLU EA 47 -53.38 -0.11 -44.96
CA GLU EA 47 -53.03 0.47 -46.24
C GLU EA 47 -52.48 -0.57 -47.20
N SER EA 48 -51.80 -1.61 -46.67
CA SER EA 48 -51.35 -2.72 -47.49
C SER EA 48 -52.41 -3.80 -47.63
N ALA EA 49 -53.62 -3.54 -47.15
CA ALA EA 49 -54.78 -4.39 -47.38
C ALA EA 49 -55.74 -3.76 -48.37
N MET EA 50 -55.93 -2.44 -48.31
CA MET EA 50 -56.73 -1.76 -49.32
C MET EA 50 -56.04 -1.81 -50.68
N LYS EA 51 -54.73 -1.61 -50.68
CA LYS EA 51 -53.94 -1.81 -51.89
C LYS EA 51 -54.10 -3.23 -52.42
N LYS EA 52 -54.39 -4.19 -51.54
CA LYS EA 52 -54.69 -5.56 -51.95
C LYS EA 52 -56.10 -5.68 -52.49
N ILE EA 53 -57.02 -4.84 -52.02
CA ILE EA 53 -58.43 -4.95 -52.41
C ILE EA 53 -58.63 -4.48 -53.85
N GLU EA 54 -58.34 -3.21 -54.10
CA GLU EA 54 -58.66 -2.62 -55.39
C GLU EA 54 -57.82 -3.20 -56.53
N ASP EA 55 -56.66 -3.77 -56.22
CA ASP EA 55 -55.77 -4.25 -57.26
C ASP EA 55 -55.99 -5.73 -57.56
N ASN EA 56 -55.98 -6.56 -56.51
CA ASN EA 56 -56.01 -8.00 -56.67
C ASN EA 56 -57.40 -8.58 -56.62
N ASN EA 57 -58.42 -7.77 -56.31
CA ASN EA 57 -59.79 -8.24 -56.15
C ASN EA 57 -59.88 -9.25 -55.00
N THR EA 58 -59.20 -8.96 -53.89
CA THR EA 58 -59.27 -9.81 -52.71
C THR EA 58 -59.90 -9.04 -51.54
N LEU EA 59 -59.98 -9.72 -50.41
CA LEU EA 59 -60.40 -9.09 -49.18
C LEU EA 59 -59.52 -9.66 -48.08
N VAL EA 60 -59.08 -8.83 -47.15
CA VAL EA 60 -58.23 -9.30 -46.08
C VAL EA 60 -59.07 -9.44 -44.82
N PHE EA 61 -58.97 -10.59 -44.17
CA PHE EA 61 -59.77 -10.89 -42.99
C PHE EA 61 -58.90 -11.39 -41.86
N ILE EA 62 -59.30 -11.07 -40.64
CA ILE EA 62 -58.82 -11.77 -39.46
C ILE EA 62 -59.87 -12.82 -39.12
N VAL EA 63 -59.41 -14.02 -38.79
CA VAL EA 63 -60.23 -15.21 -38.79
C VAL EA 63 -59.78 -16.10 -37.65
N ASP EA 64 -60.74 -16.80 -37.02
CA ASP EA 64 -60.42 -17.60 -35.84
C ASP EA 64 -59.41 -18.70 -36.18
N VAL EA 65 -58.44 -18.88 -35.30
CA VAL EA 65 -57.26 -19.68 -35.58
C VAL EA 65 -57.58 -21.13 -35.91
N LYS EA 66 -58.77 -21.63 -35.55
CA LYS EA 66 -59.14 -23.02 -35.79
C LYS EA 66 -59.80 -23.25 -37.15
N ALA EA 67 -59.77 -22.27 -38.04
CA ALA EA 67 -60.57 -22.32 -39.26
C ALA EA 67 -59.81 -22.96 -40.42
N ASN EA 68 -60.51 -23.80 -41.19
CA ASN EA 68 -60.02 -24.36 -42.43
C ASN EA 68 -60.14 -23.35 -43.56
N LYS EA 69 -59.48 -23.63 -44.69
CA LYS EA 69 -59.74 -22.82 -45.88
C LYS EA 69 -61.13 -23.12 -46.43
N HIS EA 70 -61.59 -24.36 -46.33
CA HIS EA 70 -62.96 -24.65 -46.73
C HIS EA 70 -63.96 -23.98 -45.80
N GLN EA 71 -63.65 -23.95 -44.50
CA GLN EA 71 -64.55 -23.30 -43.56
C GLN EA 71 -64.63 -21.80 -43.83
N ILE EA 72 -63.50 -21.16 -44.10
CA ILE EA 72 -63.47 -19.73 -44.36
C ILE EA 72 -64.24 -19.39 -45.62
N LYS EA 73 -64.14 -20.25 -46.63
CA LYS EA 73 -64.84 -20.00 -47.88
C LYS EA 73 -66.35 -20.09 -47.69
N GLN EA 74 -66.82 -21.08 -46.93
CA GLN EA 74 -68.25 -21.26 -46.76
C GLN EA 74 -68.87 -20.22 -45.84
N ALA EA 75 -68.07 -19.47 -45.11
CA ALA EA 75 -68.62 -18.42 -44.28
C ALA EA 75 -68.61 -17.08 -44.99
N VAL EA 76 -67.50 -16.72 -45.62
CA VAL EA 76 -67.47 -15.50 -46.43
C VAL EA 76 -68.57 -15.56 -47.48
N LYS EA 77 -68.85 -16.76 -47.99
CA LYS EA 77 -69.94 -16.95 -48.93
C LYS EA 77 -71.31 -16.83 -48.25
N LYS EA 78 -71.38 -17.15 -46.96
CA LYS EA 78 -72.66 -17.16 -46.27
C LYS EA 78 -73.09 -15.77 -45.80
N LEU EA 79 -72.14 -14.91 -45.47
CA LEU EA 79 -72.42 -13.61 -44.88
C LEU EA 79 -72.60 -12.53 -45.94
N TYR EA 80 -71.58 -12.30 -46.76
CA TYR EA 80 -71.60 -11.17 -47.67
C TYR EA 80 -72.18 -11.54 -49.03
N ASP EA 81 -72.90 -12.64 -49.14
CA ASP EA 81 -73.54 -13.07 -50.40
C ASP EA 81 -72.60 -12.92 -51.58
N ILE EA 82 -71.49 -13.63 -51.47
CA ILE EA 82 -70.31 -13.47 -52.27
C ILE EA 82 -69.93 -14.85 -52.81
N ASP EA 83 -68.89 -14.91 -53.65
CA ASP EA 83 -68.39 -16.22 -54.05
C ASP EA 83 -66.88 -16.14 -54.26
N VAL EA 84 -66.19 -17.20 -53.86
CA VAL EA 84 -64.76 -17.15 -53.59
C VAL EA 84 -64.02 -17.98 -54.64
N ALA EA 85 -62.96 -17.40 -55.20
CA ALA EA 85 -62.10 -18.15 -56.12
C ALA EA 85 -61.14 -19.03 -55.34
N LYS EA 86 -60.34 -18.44 -54.46
CA LYS EA 86 -59.43 -19.22 -53.64
C LYS EA 86 -59.10 -18.45 -52.38
N VAL EA 87 -58.73 -19.20 -51.35
CA VAL EA 87 -58.48 -18.65 -50.03
C VAL EA 87 -57.04 -18.89 -49.65
N ASN EA 88 -56.37 -17.84 -49.16
CA ASN EA 88 -54.97 -17.88 -48.78
C ASN EA 88 -54.88 -17.47 -47.31
N THR EA 89 -54.45 -18.39 -46.46
CA THR EA 89 -54.36 -18.12 -45.03
C THR EA 89 -52.92 -17.94 -44.60
N LEU EA 90 -52.72 -17.16 -43.55
CA LEU EA 90 -51.45 -17.17 -42.85
C LEU EA 90 -51.74 -17.04 -41.37
N ILE EA 91 -50.70 -17.02 -40.55
CA ILE EA 91 -50.83 -16.75 -39.13
C ILE EA 91 -49.86 -15.62 -38.78
N ARG EA 92 -50.39 -14.42 -38.56
CA ARG EA 92 -49.57 -13.31 -38.12
C ARG EA 92 -48.83 -13.71 -36.86
N PRO EA 93 -47.61 -13.22 -36.65
CA PRO EA 93 -47.14 -13.05 -35.27
C PRO EA 93 -48.23 -12.30 -34.52
N ASP EA 94 -48.41 -12.61 -33.24
CA ASP EA 94 -49.57 -12.34 -32.39
C ASP EA 94 -50.68 -13.39 -32.56
N GLY EA 95 -50.55 -14.31 -33.51
CA GLY EA 95 -51.36 -15.51 -33.53
C GLY EA 95 -52.75 -15.40 -34.13
N GLU EA 96 -53.15 -14.24 -34.64
CA GLU EA 96 -54.43 -14.11 -35.32
C GLU EA 96 -54.26 -14.49 -36.78
N LYS EA 97 -55.15 -15.35 -37.26
CA LYS EA 97 -55.01 -15.92 -38.60
C LYS EA 97 -55.61 -14.99 -39.64
N LYS EA 98 -54.74 -14.35 -40.44
CA LYS EA 98 -55.19 -13.61 -41.61
C LYS EA 98 -55.66 -14.56 -42.70
N ALA EA 99 -56.51 -14.04 -43.59
CA ALA EA 99 -57.05 -14.86 -44.68
C ALA EA 99 -57.38 -13.94 -45.86
N TYR EA 100 -56.50 -13.96 -46.86
CA TYR EA 100 -56.73 -13.21 -48.09
C TYR EA 100 -57.70 -14.02 -48.94
N VAL EA 101 -58.87 -13.46 -49.21
CA VAL EA 101 -59.95 -14.16 -49.90
C VAL EA 101 -60.08 -13.55 -51.28
N ARG EA 102 -59.80 -14.34 -52.30
CA ARG EA 102 -59.85 -13.91 -53.69
C ARG EA 102 -61.25 -14.14 -54.24
N LEU EA 103 -61.94 -13.06 -54.62
CA LEU EA 103 -63.30 -13.17 -55.14
C LEU EA 103 -63.28 -13.45 -56.62
N ALA EA 104 -64.28 -14.19 -57.09
CA ALA EA 104 -64.44 -14.58 -58.48
C ALA EA 104 -64.36 -13.39 -59.43
N PRO EA 105 -64.08 -13.60 -60.72
CA PRO EA 105 -63.89 -12.44 -61.62
C PRO EA 105 -65.14 -11.61 -61.83
N ASP EA 106 -66.33 -12.22 -61.77
CA ASP EA 106 -67.57 -11.47 -61.94
C ASP EA 106 -67.89 -10.58 -60.75
N TYR EA 107 -67.24 -10.80 -59.60
CA TYR EA 107 -67.55 -10.10 -58.37
C TYR EA 107 -66.49 -9.05 -58.08
N ASP EA 108 -66.93 -7.87 -57.64
CA ASP EA 108 -66.03 -6.75 -57.40
C ASP EA 108 -65.80 -6.55 -55.91
N ALA EA 109 -64.53 -6.45 -55.52
CA ALA EA 109 -64.17 -6.28 -54.11
C ALA EA 109 -64.24 -4.82 -53.66
N LEU EA 110 -64.02 -3.87 -54.57
CA LEU EA 110 -64.14 -2.48 -54.17
C LEU EA 110 -65.58 -2.09 -53.84
N ASP EA 111 -66.54 -2.94 -54.18
CA ASP EA 111 -67.95 -2.72 -53.89
C ASP EA 111 -68.42 -3.42 -52.63
N VAL EA 112 -68.21 -4.73 -52.54
CA VAL EA 112 -68.55 -5.44 -51.33
C VAL EA 112 -67.76 -4.91 -50.13
N ALA EA 113 -66.65 -4.19 -50.36
CA ALA EA 113 -65.94 -3.57 -49.24
C ALA EA 113 -66.78 -2.46 -48.61
N ASN EA 114 -67.54 -1.74 -49.43
CA ASN EA 114 -68.37 -0.65 -48.92
C ASN EA 114 -69.55 -1.20 -48.12
N LYS EA 115 -70.14 -2.31 -48.56
CA LYS EA 115 -71.23 -2.94 -47.82
C LYS EA 115 -70.78 -3.32 -46.43
N ILE EA 116 -69.66 -4.02 -46.32
CA ILE EA 116 -69.15 -4.39 -45.00
C ILE EA 116 -68.58 -3.20 -44.26
N GLY EA 117 -68.63 -1.99 -44.82
CA GLY EA 117 -68.24 -0.79 -44.10
C GLY EA 117 -66.77 -0.41 -44.13
N ILE EA 118 -65.89 -1.26 -44.66
CA ILE EA 118 -64.46 -0.96 -44.74
C ILE EA 118 -64.16 -0.19 -46.02
N ILE EA 119 -63.16 0.68 -45.91
CA ILE EA 119 -62.58 1.44 -47.02
C ILE EA 119 -61.55 2.40 -46.41
N MET FA 1 -68.89 -2.89 26.68
CA MET FA 1 -68.04 -3.97 26.18
C MET FA 1 -68.79 -4.91 25.24
N LYS FA 2 -68.14 -5.30 24.14
CA LYS FA 2 -68.74 -6.31 23.26
C LYS FA 2 -68.62 -7.70 23.87
N PHE FA 3 -69.62 -8.53 23.63
CA PHE FA 3 -69.61 -9.86 24.24
C PHE FA 3 -69.56 -10.98 23.20
N ASN FA 4 -70.42 -10.92 22.19
CA ASN FA 4 -70.56 -11.90 21.13
C ASN FA 4 -69.22 -12.28 20.52
N PRO FA 5 -68.72 -13.48 20.78
CA PRO FA 5 -67.67 -14.03 19.93
C PRO FA 5 -68.30 -14.45 18.62
N PHE FA 6 -67.53 -14.34 17.53
CA PHE FA 6 -68.02 -14.14 16.17
C PHE FA 6 -68.26 -12.67 15.84
N VAL FA 7 -67.67 -11.75 16.62
CA VAL FA 7 -67.42 -10.39 16.17
C VAL FA 7 -65.97 -10.05 16.52
N THR FA 8 -65.39 -9.13 15.77
CA THR FA 8 -63.93 -9.07 15.78
C THR FA 8 -63.35 -8.07 16.78
N SER FA 9 -63.66 -6.78 16.63
CA SER FA 9 -63.08 -5.75 17.49
C SER FA 9 -61.55 -5.75 17.44
N ASP FA 10 -60.97 -5.87 16.24
CA ASP FA 10 -59.52 -6.03 16.10
C ASP FA 10 -58.97 -4.91 15.23
N ARG FA 11 -58.13 -4.05 15.83
CA ARG FA 11 -57.71 -2.78 15.24
C ARG FA 11 -57.49 -2.84 13.74
N SER FA 12 -56.73 -3.84 13.28
CA SER FA 12 -56.43 -3.95 11.86
C SER FA 12 -57.44 -4.81 11.11
N LYS FA 13 -58.26 -5.60 11.80
CA LYS FA 13 -59.15 -6.47 11.03
C LYS FA 13 -60.34 -5.73 10.48
N ASN FA 14 -60.95 -4.81 11.22
CA ASN FA 14 -62.05 -4.04 10.66
C ASN FA 14 -61.62 -2.67 10.16
N ARG FA 15 -60.32 -2.36 10.18
CA ARG FA 15 -59.84 -1.44 9.18
C ARG FA 15 -59.79 -2.10 7.83
N LYS FA 16 -59.52 -3.41 7.80
CA LYS FA 16 -59.50 -4.17 6.56
C LYS FA 16 -60.90 -4.42 6.04
N ARG FA 17 -61.87 -4.57 6.94
CA ARG FA 17 -63.28 -4.71 6.58
C ARG FA 17 -63.87 -3.44 6.05
N HIS FA 18 -63.05 -2.42 5.91
CA HIS FA 18 -63.50 -1.12 5.47
C HIS FA 18 -63.05 -0.79 4.05
N PHE FA 19 -61.75 -0.81 3.83
CA PHE FA 19 -61.18 -0.38 2.58
C PHE FA 19 -61.08 -1.52 1.60
N ASN FA 20 -61.61 -2.67 1.98
CA ASN FA 20 -61.94 -3.73 1.05
C ASN FA 20 -63.43 -3.98 1.02
N ALA FA 21 -64.22 -3.10 1.62
CA ALA FA 21 -65.65 -3.36 1.76
C ALA FA 21 -66.34 -3.16 0.41
N PRO FA 22 -67.23 -4.09 0.01
CA PRO FA 22 -67.85 -3.97 -1.31
C PRO FA 22 -68.87 -2.82 -1.35
N SER FA 23 -69.25 -2.45 -2.57
CA SER FA 23 -70.13 -1.29 -2.77
C SER FA 23 -71.48 -1.50 -2.12
N HIS FA 24 -71.95 -2.74 -2.06
CA HIS FA 24 -73.22 -3.05 -1.43
C HIS FA 24 -73.23 -2.71 0.05
N ILE FA 25 -72.12 -3.00 0.75
CA ILE FA 25 -72.01 -2.61 2.16
C ILE FA 25 -71.84 -1.10 2.27
N ARG FA 26 -71.00 -0.52 1.43
CA ARG FA 26 -70.60 0.87 1.58
C ARG FA 26 -71.78 1.84 1.53
N ARG FA 27 -72.97 1.37 1.20
CA ARG FA 27 -74.15 2.23 1.32
C ARG FA 27 -74.42 2.55 2.79
N LYS FA 28 -74.57 1.50 3.62
CA LYS FA 28 -74.85 1.72 5.03
C LYS FA 28 -73.75 2.56 5.69
N ILE FA 29 -72.50 2.31 5.34
CA ILE FA 29 -71.44 3.07 5.99
C ILE FA 29 -71.53 4.53 5.60
N MET FA 30 -71.84 4.82 4.34
CA MET FA 30 -72.02 6.21 3.91
C MET FA 30 -73.45 6.66 4.22
N SER FA 31 -73.72 6.73 5.50
CA SER FA 31 -75.00 7.22 6.00
C SER FA 31 -74.77 8.50 6.80
N SER FA 32 -75.74 9.41 6.70
CA SER FA 32 -75.62 10.70 7.35
C SER FA 32 -76.90 11.02 8.12
N PRO FA 33 -76.79 11.70 9.25
CA PRO FA 33 -77.99 11.97 10.07
C PRO FA 33 -78.99 12.83 9.32
N LEU FA 34 -80.19 12.88 9.88
CA LEU FA 34 -81.26 13.73 9.37
C LEU FA 34 -81.40 14.94 10.28
N SER FA 35 -81.88 16.03 9.71
CA SER FA 35 -82.04 17.27 10.47
C SER FA 35 -83.08 17.08 11.57
N LYS FA 36 -83.02 17.96 12.58
CA LYS FA 36 -83.93 17.85 13.72
C LYS FA 36 -85.38 17.84 13.26
N GLU FA 37 -85.69 18.51 12.15
CA GLU FA 37 -87.07 18.57 11.70
C GLU FA 37 -87.56 17.23 11.19
N LEU FA 38 -86.79 16.60 10.30
CA LEU FA 38 -87.18 15.29 9.81
C LEU FA 38 -87.08 14.25 10.92
N ARG FA 39 -85.99 14.30 11.70
CA ARG FA 39 -85.79 13.36 12.80
C ARG FA 39 -86.98 13.33 13.75
N GLN FA 40 -87.81 14.38 13.73
CA GLN FA 40 -89.05 14.36 14.47
C GLN FA 40 -90.16 13.67 13.68
N LYS FA 41 -90.26 13.95 12.38
CA LYS FA 41 -91.42 13.54 11.60
C LYS FA 41 -91.42 12.05 11.31
N TYR FA 42 -90.25 11.49 11.03
CA TYR FA 42 -90.17 10.08 10.67
C TYR FA 42 -89.75 9.18 11.81
N ASN FA 43 -89.16 9.76 12.87
CA ASN FA 43 -88.57 9.01 13.96
C ASN FA 43 -87.39 8.15 13.49
N VAL FA 44 -86.67 8.62 12.49
CA VAL FA 44 -85.49 7.94 11.94
C VAL FA 44 -84.27 8.80 12.24
N ARG FA 45 -83.27 8.20 12.90
CA ARG FA 45 -82.08 8.97 13.27
C ARG FA 45 -81.24 9.29 12.05
N SER FA 46 -80.88 8.28 11.26
CA SER FA 46 -79.92 8.43 10.18
C SER FA 46 -80.39 7.67 8.95
N MET FA 47 -79.78 8.03 7.82
CA MET FA 47 -80.10 7.48 6.52
C MET FA 47 -78.86 7.36 5.67
N PRO FA 48 -78.77 6.30 4.87
CA PRO FA 48 -77.83 6.29 3.75
C PRO FA 48 -78.10 7.48 2.83
N ILE FA 49 -77.04 8.22 2.50
CA ILE FA 49 -77.20 9.36 1.63
C ILE FA 49 -77.43 8.88 0.21
N ARG FA 50 -78.17 9.67 -0.55
CA ARG FA 50 -78.54 9.33 -1.92
C ARG FA 50 -77.99 10.39 -2.87
N LYS FA 51 -78.28 10.21 -4.16
CA LYS FA 51 -77.66 11.03 -5.19
C LYS FA 51 -78.16 12.47 -5.17
N ASP FA 52 -79.46 12.69 -4.91
CA ASP FA 52 -80.04 14.02 -5.06
C ASP FA 52 -80.73 14.50 -3.79
N ASP FA 53 -80.26 14.03 -2.63
CA ASP FA 53 -80.71 14.57 -1.36
C ASP FA 53 -80.18 16.00 -1.19
N GLU FA 54 -80.84 16.75 -0.32
CA GLU FA 54 -80.37 18.05 0.09
C GLU FA 54 -79.61 17.91 1.40
N VAL FA 55 -78.65 18.81 1.63
CA VAL FA 55 -77.64 18.56 2.62
C VAL FA 55 -77.08 19.89 3.11
N GLN FA 56 -76.68 19.92 4.38
CA GLN FA 56 -75.94 21.02 4.97
C GLN FA 56 -74.61 20.50 5.48
N VAL FA 57 -73.56 21.26 5.22
CA VAL FA 57 -72.24 20.91 5.74
C VAL FA 57 -72.13 21.42 7.17
N VAL FA 58 -71.60 20.58 8.05
CA VAL FA 58 -71.60 20.87 9.47
C VAL FA 58 -70.19 21.08 10.01
N ARG FA 59 -69.23 20.33 9.53
CA ARG FA 59 -67.86 20.53 9.91
C ARG FA 59 -67.06 20.92 8.68
N GLY FA 60 -65.75 20.96 8.83
CA GLY FA 60 -64.90 21.29 7.72
C GLY FA 60 -64.77 22.79 7.53
N HIS FA 61 -63.83 23.16 6.66
CA HIS FA 61 -63.50 24.57 6.43
C HIS FA 61 -64.72 25.37 6.06
N TYR FA 62 -65.55 24.82 5.20
CA TYR FA 62 -66.70 25.57 4.74
C TYR FA 62 -67.96 24.82 5.11
N LYS FA 63 -68.03 24.43 6.38
CA LYS FA 63 -69.32 24.28 7.02
C LYS FA 63 -70.08 25.60 6.95
N GLY FA 64 -71.38 25.51 6.80
CA GLY FA 64 -72.22 26.70 6.69
C GLY FA 64 -73.68 26.41 6.96
N GLN FA 65 -74.54 27.22 6.34
CA GLN FA 65 -75.99 27.06 6.47
C GLN FA 65 -76.70 26.94 5.14
N GLN FA 66 -75.99 26.99 4.02
CA GLN FA 66 -76.62 26.91 2.70
C GLN FA 66 -76.91 25.46 2.36
N ILE FA 67 -78.09 25.22 1.81
CA ILE FA 67 -78.56 23.87 1.50
C ILE FA 67 -78.27 23.58 0.04
N GLY FA 68 -77.28 22.72 -0.20
CA GLY FA 68 -77.02 22.23 -1.53
C GLY FA 68 -77.63 20.85 -1.73
N LYS FA 69 -77.67 20.43 -2.99
CA LYS FA 69 -78.11 19.10 -3.34
C LYS FA 69 -76.90 18.26 -3.71
N VAL FA 70 -76.88 17.00 -3.25
CA VAL FA 70 -75.79 16.10 -3.59
C VAL FA 70 -75.76 15.90 -5.10
N VAL FA 71 -74.58 15.69 -5.66
CA VAL FA 71 -74.42 15.50 -7.09
C VAL FA 71 -74.07 14.05 -7.44
N GLN FA 72 -73.09 13.48 -6.74
CA GLN FA 72 -72.72 12.08 -6.96
C GLN FA 72 -72.18 11.51 -5.66
N VAL FA 73 -71.79 10.24 -5.72
CA VAL FA 73 -71.25 9.53 -4.56
C VAL FA 73 -70.05 8.71 -5.00
N TYR FA 74 -68.86 9.18 -4.67
CA TYR FA 74 -67.62 8.42 -4.88
C TYR FA 74 -67.60 7.30 -3.87
N ARG FA 75 -68.36 6.25 -4.13
CA ARG FA 75 -68.26 5.15 -3.21
C ARG FA 75 -66.88 4.52 -3.25
N LYS FA 76 -66.13 4.67 -4.34
CA LYS FA 76 -64.77 4.15 -4.34
C LYS FA 76 -63.86 5.07 -3.53
N LYS FA 77 -63.94 6.38 -3.75
CA LYS FA 77 -63.27 7.32 -2.87
C LYS FA 77 -64.00 7.52 -1.56
N TYR FA 78 -65.19 6.94 -1.42
CA TYR FA 78 -65.79 6.72 -0.11
C TYR FA 78 -66.16 8.05 0.56
N VAL FA 79 -66.68 8.97 -0.25
CA VAL FA 79 -66.89 10.38 0.09
C VAL FA 79 -67.81 11.00 -0.96
N ILE FA 80 -68.67 11.97 -0.59
CA ILE FA 80 -69.64 12.51 -1.55
C ILE FA 80 -69.24 13.90 -2.04
N TYR FA 81 -69.86 14.30 -3.15
CA TYR FA 81 -69.74 15.62 -3.75
C TYR FA 81 -71.06 16.35 -3.61
N ILE FA 82 -70.99 17.66 -3.37
CA ILE FA 82 -72.19 18.45 -3.08
C ILE FA 82 -72.25 19.58 -4.11
N GLU FA 83 -73.22 20.47 -3.95
CA GLU FA 83 -73.63 21.38 -5.03
C GLU FA 83 -72.68 22.56 -5.20
N ARG FA 84 -72.60 23.44 -4.20
CA ARG FA 84 -71.70 24.58 -4.26
C ARG FA 84 -70.45 24.36 -3.41
N VAL FA 85 -70.31 23.16 -2.85
CA VAL FA 85 -69.08 22.73 -2.23
C VAL FA 85 -68.07 22.51 -3.34
N GLN FA 86 -67.24 23.51 -3.60
CA GLN FA 86 -66.27 23.42 -4.68
C GLN FA 86 -65.22 24.51 -4.54
N ARG FA 87 -64.02 24.20 -5.01
CA ARG FA 87 -62.91 25.11 -5.02
C ARG FA 87 -62.53 25.38 -6.48
N GLU FA 88 -61.69 26.39 -6.66
CA GLU FA 88 -61.19 26.75 -7.97
C GLU FA 88 -59.78 26.19 -8.13
N LYS FA 89 -59.54 25.50 -9.24
CA LYS FA 89 -58.22 24.94 -9.51
C LYS FA 89 -57.31 26.04 -10.06
N ALA FA 90 -56.12 25.65 -10.52
CA ALA FA 90 -55.15 26.64 -11.01
C ALA FA 90 -55.59 27.29 -12.32
N ASN FA 91 -56.30 26.55 -13.18
CA ASN FA 91 -56.77 27.06 -14.46
C ASN FA 91 -58.15 27.66 -14.40
N GLY FA 92 -58.66 27.95 -13.20
CA GLY FA 92 -60.03 28.39 -13.03
C GLY FA 92 -61.07 27.30 -13.14
N THR FA 93 -60.72 26.15 -13.71
CA THR FA 93 -61.65 25.04 -13.83
C THR FA 93 -62.00 24.52 -12.43
N THR FA 94 -63.26 24.69 -12.02
CA THR FA 94 -63.65 24.31 -10.67
C THR FA 94 -63.87 22.80 -10.55
N VAL FA 95 -63.59 22.28 -9.36
CA VAL FA 95 -63.78 20.88 -9.01
C VAL FA 95 -64.63 20.83 -7.75
N HIS FA 96 -65.36 19.74 -7.57
CA HIS FA 96 -65.98 19.51 -6.28
C HIS FA 96 -64.96 19.03 -5.27
N VAL FA 97 -65.25 19.24 -4.01
CA VAL FA 97 -64.44 18.70 -2.92
C VAL FA 97 -65.28 17.69 -2.17
N GLY FA 98 -64.67 16.55 -1.90
CA GLY FA 98 -65.38 15.49 -1.22
C GLY FA 98 -65.77 15.88 0.19
N ILE FA 99 -66.91 15.38 0.61
CA ILE FA 99 -67.36 15.54 1.98
C ILE FA 99 -67.84 14.21 2.50
N HIS FA 100 -67.42 13.87 3.70
CA HIS FA 100 -67.85 12.61 4.28
C HIS FA 100 -69.29 12.73 4.75
N PRO FA 101 -70.14 11.72 4.47
CA PRO FA 101 -71.54 11.84 4.92
C PRO FA 101 -71.66 12.01 6.42
N SER FA 102 -70.79 11.35 7.18
CA SER FA 102 -70.86 11.52 8.63
C SER FA 102 -70.70 12.96 9.05
N LYS FA 103 -70.12 13.82 8.22
CA LYS FA 103 -69.92 15.22 8.58
C LYS FA 103 -70.92 16.14 7.89
N VAL FA 104 -72.14 15.64 7.67
CA VAL FA 104 -73.13 16.36 6.88
C VAL FA 104 -74.51 15.97 7.37
N VAL FA 105 -75.47 16.87 7.26
CA VAL FA 105 -76.82 16.61 7.74
C VAL FA 105 -77.80 16.73 6.58
N ILE FA 106 -78.71 15.75 6.50
CA ILE FA 106 -79.71 15.73 5.45
C ILE FA 106 -80.87 16.63 5.85
N THR FA 107 -81.31 17.47 4.91
CA THR FA 107 -82.40 18.39 5.19
C THR FA 107 -83.68 18.11 4.43
N ARG FA 108 -83.62 17.36 3.33
CA ARG FA 108 -84.84 17.00 2.61
C ARG FA 108 -84.59 15.71 1.83
N LEU FA 109 -85.07 14.60 2.37
CA LEU FA 109 -84.88 13.31 1.71
C LEU FA 109 -85.46 13.33 0.31
N LYS FA 110 -84.89 12.51 -0.56
CA LYS FA 110 -85.45 12.25 -1.88
C LYS FA 110 -86.25 10.95 -1.79
N LEU FA 111 -87.57 11.07 -1.79
CA LEU FA 111 -88.42 9.94 -1.48
C LEU FA 111 -88.65 9.04 -2.69
N ASP FA 112 -89.02 7.80 -2.41
CA ASP FA 112 -89.09 6.74 -3.41
C ASP FA 112 -89.93 5.59 -2.84
N LYS FA 113 -90.28 4.66 -3.73
CA LYS FA 113 -90.87 3.42 -3.26
C LYS FA 113 -89.89 2.68 -2.35
N ASP FA 114 -88.62 2.60 -2.76
CA ASP FA 114 -87.62 1.93 -1.94
C ASP FA 114 -87.36 2.67 -0.64
N ARG FA 115 -87.20 4.00 -0.71
CA ARG FA 115 -86.80 4.73 0.49
C ARG FA 115 -87.89 4.73 1.54
N LYS FA 116 -89.16 4.71 1.13
CA LYS FA 116 -90.26 4.78 2.08
C LYS FA 116 -90.35 3.51 2.91
N LYS FA 117 -90.25 2.34 2.28
CA LYS FA 117 -90.24 1.13 3.08
C LYS FA 117 -89.02 1.08 3.99
N ILE FA 118 -87.96 1.80 3.66
CA ILE FA 118 -86.82 1.88 4.56
C ILE FA 118 -87.15 2.75 5.76
N LEU FA 119 -87.77 3.91 5.52
CA LEU FA 119 -88.11 4.80 6.62
C LEU FA 119 -89.16 4.20 7.54
N GLU FA 120 -90.12 3.47 6.99
CA GLU FA 120 -91.09 2.79 7.84
C GLU FA 120 -90.41 1.74 8.70
N ARG FA 121 -89.73 0.79 8.06
CA ARG FA 121 -89.14 -0.31 8.80
C ARG FA 121 -87.99 0.14 9.70
N LYS FA 122 -87.43 1.31 9.46
CA LYS FA 122 -86.53 1.90 10.45
C LYS FA 122 -87.30 2.40 11.66
N ALA FA 123 -88.41 3.10 11.41
CA ALA FA 123 -89.20 3.64 12.53
C ALA FA 123 -89.92 2.54 13.29
N LYS FA 124 -90.48 1.56 12.56
CA LYS FA 124 -91.16 0.47 13.22
C LYS FA 124 -90.22 -0.30 14.13
N SER FA 125 -88.95 -0.41 13.73
CA SER FA 125 -87.97 -1.09 14.58
C SER FA 125 -87.60 -0.25 15.80
N ARG FA 126 -87.59 1.07 15.65
CA ARG FA 126 -87.19 1.94 16.76
C ARG FA 126 -88.23 1.91 17.88
N GLN FA 127 -89.52 1.86 17.53
CA GLN FA 127 -90.56 1.82 18.55
C GLN FA 127 -90.91 0.40 18.97
N VAL FA 128 -90.41 -0.62 18.29
CA VAL FA 128 -90.57 -1.99 18.76
C VAL FA 128 -89.71 -2.23 19.99
N GLY FA 129 -88.46 -1.79 19.94
CA GLY FA 129 -87.59 -1.91 21.10
C GLY FA 129 -88.03 -1.04 22.27
N LYS FA 130 -88.58 0.14 21.98
CA LYS FA 130 -89.11 0.99 23.05
C LYS FA 130 -90.37 0.39 23.64
N GLU FA 131 -91.12 -0.39 22.86
CA GLU FA 131 -92.22 -1.16 23.39
C GLU FA 131 -91.76 -2.43 24.09
N LYS FA 132 -90.60 -2.97 23.71
CA LYS FA 132 -90.09 -4.16 24.38
C LYS FA 132 -89.56 -3.83 25.77
N GLY FA 133 -88.82 -2.72 25.90
CA GLY FA 133 -88.38 -2.28 27.21
C GLY FA 133 -89.51 -1.78 28.09
N LYS FA 134 -90.63 -1.39 27.50
CA LYS FA 134 -91.78 -0.90 28.25
C LYS FA 134 -92.54 -2.04 28.91
N GLY GA 1 -28.06 -86.95 -92.02
CA GLY GA 1 -28.48 -86.20 -93.20
C GLY GA 1 -29.06 -84.85 -92.85
N LYS GA 2 -30.01 -84.36 -93.66
CA LYS GA 2 -30.65 -83.08 -93.42
C LYS GA 2 -32.01 -83.30 -92.77
N PHE GA 3 -32.33 -82.44 -91.79
CA PHE GA 3 -33.49 -82.63 -90.92
C PHE GA 3 -34.23 -81.32 -90.67
N MET GA 4 -34.33 -80.47 -91.69
CA MET GA 4 -35.09 -79.23 -91.57
C MET GA 4 -36.20 -79.24 -92.61
N LYS GA 5 -36.88 -80.38 -92.71
CA LYS GA 5 -37.86 -80.75 -93.72
C LYS GA 5 -39.27 -80.38 -93.30
N PRO GA 6 -40.15 -80.16 -94.26
CA PRO GA 6 -41.55 -79.83 -93.94
C PRO GA 6 -42.22 -80.97 -93.19
N GLY GA 7 -42.83 -80.64 -92.05
CA GLY GA 7 -43.42 -81.61 -91.17
C GLY GA 7 -42.72 -81.76 -89.84
N LYS GA 8 -41.84 -80.82 -89.48
CA LYS GA 8 -41.14 -80.83 -88.20
C LYS GA 8 -41.80 -79.85 -87.25
N VAL GA 9 -41.87 -80.23 -85.98
CA VAL GA 9 -42.22 -79.29 -84.93
C VAL GA 9 -40.97 -78.51 -84.55
N VAL GA 10 -41.14 -77.22 -84.31
CA VAL GA 10 -40.02 -76.32 -84.11
C VAL GA 10 -40.33 -75.41 -82.92
N LEU GA 11 -39.41 -75.38 -81.95
CA LEU GA 11 -39.48 -74.38 -80.90
C LEU GA 11 -38.94 -73.08 -81.47
N VAL GA 12 -39.81 -72.07 -81.57
CA VAL GA 12 -39.33 -70.77 -81.98
C VAL GA 12 -38.47 -70.20 -80.84
N LEU GA 13 -37.23 -69.84 -81.16
CA LEU GA 13 -36.25 -69.53 -80.15
C LEU GA 13 -36.04 -68.04 -79.95
N ALA GA 14 -36.75 -67.19 -80.67
CA ALA GA 14 -36.57 -65.75 -80.56
C ALA GA 14 -37.87 -65.06 -80.97
N GLY GA 15 -37.80 -63.74 -81.15
CA GLY GA 15 -38.93 -63.00 -81.67
C GLY GA 15 -40.08 -62.94 -80.68
N ARG GA 16 -41.21 -62.42 -81.17
CA ARG GA 16 -42.35 -62.23 -80.30
C ARG GA 16 -42.90 -63.56 -79.77
N TYR GA 17 -42.79 -64.62 -80.55
CA TYR GA 17 -43.32 -65.92 -80.19
C TYR GA 17 -42.26 -66.85 -79.62
N SER GA 18 -41.23 -66.29 -79.01
CA SER GA 18 -40.22 -67.13 -78.39
C SER GA 18 -40.88 -68.05 -77.39
N GLY GA 19 -40.58 -69.34 -77.49
CA GLY GA 19 -41.14 -70.35 -76.62
C GLY GA 19 -42.38 -71.04 -77.13
N ARG GA 20 -42.87 -70.69 -78.31
CA ARG GA 20 -44.05 -71.30 -78.88
C ARG GA 20 -43.66 -72.39 -79.88
N LYS GA 21 -44.53 -73.38 -80.00
CA LYS GA 21 -44.31 -74.51 -80.91
C LYS GA 21 -44.94 -74.22 -82.26
N ALA GA 22 -44.28 -74.70 -83.32
CA ALA GA 22 -44.65 -74.33 -84.67
C ALA GA 22 -44.19 -75.40 -85.63
N VAL GA 23 -44.89 -75.52 -86.76
CA VAL GA 23 -44.62 -76.55 -87.76
C VAL GA 23 -43.95 -75.91 -88.96
N ILE GA 24 -42.89 -76.55 -89.45
CA ILE GA 24 -42.30 -76.12 -90.70
C ILE GA 24 -43.23 -76.51 -91.84
N VAL GA 25 -43.62 -75.51 -92.63
CA VAL GA 25 -44.37 -75.76 -93.86
C VAL GA 25 -43.48 -75.73 -95.10
N LYS GA 26 -42.31 -75.12 -95.01
CA LYS GA 26 -41.50 -74.86 -96.20
C LYS GA 26 -40.07 -74.57 -95.78
N ASN GA 27 -39.12 -75.30 -96.36
CA ASN GA 27 -37.72 -74.95 -96.21
C ASN GA 27 -37.24 -74.18 -97.44
N ILE GA 28 -36.31 -73.25 -97.20
CA ILE GA 28 -35.59 -72.55 -98.25
C ILE GA 28 -34.10 -72.85 -98.18
N ASP GA 29 -33.53 -72.74 -96.98
CA ASP GA 29 -32.30 -73.39 -96.52
C ASP GA 29 -31.04 -72.86 -97.17
N ASP GA 30 -31.14 -72.10 -98.26
CA ASP GA 30 -29.90 -71.48 -98.67
C ASP GA 30 -29.98 -69.99 -98.93
N GLY GA 31 -30.80 -69.59 -99.91
CA GLY GA 31 -30.56 -68.31 -100.53
C GLY GA 31 -31.70 -67.31 -100.52
N THR GA 32 -32.28 -67.13 -101.70
CA THR GA 32 -33.32 -66.19 -102.11
C THR GA 32 -32.79 -64.76 -102.29
N SER GA 33 -31.57 -64.45 -101.85
CA SER GA 33 -30.90 -63.18 -102.15
C SER GA 33 -31.65 -61.98 -101.59
N ASP GA 34 -32.83 -62.20 -101.02
CA ASP GA 34 -33.63 -61.19 -100.33
C ASP GA 34 -33.46 -61.30 -98.83
N ARG GA 35 -33.67 -62.49 -98.30
CA ARG GA 35 -32.96 -62.86 -97.10
C ARG GA 35 -31.85 -63.79 -97.55
N PRO GA 36 -30.69 -63.26 -97.97
CA PRO GA 36 -29.61 -64.13 -98.46
C PRO GA 36 -29.17 -65.17 -97.45
N TYR GA 37 -29.60 -65.04 -96.21
CA TYR GA 37 -29.28 -65.99 -95.17
C TYR GA 37 -30.33 -67.10 -95.16
N SER GA 38 -29.94 -68.28 -94.71
CA SER GA 38 -30.80 -69.46 -94.84
C SER GA 38 -31.99 -69.39 -93.88
N HIS GA 39 -33.19 -69.64 -94.42
CA HIS GA 39 -34.41 -69.45 -93.64
C HIS GA 39 -35.47 -70.46 -94.05
N ALA GA 40 -36.57 -70.45 -93.30
CA ALA GA 40 -37.68 -71.37 -93.49
C ALA GA 40 -38.99 -70.71 -93.09
N LEU GA 41 -40.08 -71.24 -93.64
CA LEU GA 41 -41.43 -70.78 -93.37
C LEU GA 41 -42.11 -71.73 -92.38
N VAL GA 42 -42.65 -71.17 -91.30
CA VAL GA 42 -43.35 -71.98 -90.29
C VAL GA 42 -44.78 -71.48 -90.15
N ALA GA 43 -45.61 -72.34 -89.55
CA ALA GA 43 -46.94 -71.93 -89.10
C ALA GA 43 -47.19 -72.57 -87.74
N GLY GA 44 -47.43 -71.73 -86.75
CA GLY GA 44 -47.49 -72.22 -85.39
C GLY GA 44 -48.71 -71.76 -84.64
N ILE GA 45 -48.66 -71.81 -83.32
CA ILE GA 45 -49.83 -71.50 -82.51
C ILE GA 45 -49.45 -70.42 -81.51
N ASP GA 46 -50.32 -69.41 -81.39
CA ASP GA 46 -50.10 -68.36 -80.41
C ASP GA 46 -50.77 -68.67 -79.08
N ARG GA 47 -52.05 -68.99 -79.13
CA ARG GA 47 -52.86 -69.21 -77.93
C ARG GA 47 -53.13 -70.71 -77.86
N TYR GA 48 -52.29 -71.43 -77.13
CA TYR GA 48 -52.55 -72.84 -76.89
C TYR GA 48 -53.93 -73.00 -76.25
N PRO GA 49 -54.64 -74.08 -76.52
CA PRO GA 49 -55.99 -74.24 -75.98
C PRO GA 49 -55.96 -74.80 -74.56
N ARG GA 50 -56.80 -74.23 -73.71
CA ARG GA 50 -56.70 -74.48 -72.28
C ARG GA 50 -57.10 -75.91 -71.93
N LYS GA 51 -56.79 -76.29 -70.69
CA LYS GA 51 -57.19 -77.58 -70.15
C LYS GA 51 -58.69 -77.73 -70.21
N VAL GA 52 -59.16 -78.98 -70.25
CA VAL GA 52 -60.56 -79.24 -70.55
C VAL GA 52 -61.27 -80.01 -69.45
N THR GA 53 -60.52 -80.84 -68.73
CA THR GA 53 -60.90 -81.42 -67.43
C THR GA 53 -62.25 -82.15 -67.37
N ALA GA 54 -62.89 -82.47 -68.50
CA ALA GA 54 -63.97 -83.46 -68.53
C ALA GA 54 -65.20 -83.10 -67.72
N ALA GA 55 -65.22 -81.95 -67.05
CA ALA GA 55 -66.38 -81.55 -66.27
C ALA GA 55 -66.82 -80.15 -66.62
N MET GA 56 -66.29 -79.59 -67.70
CA MET GA 56 -66.66 -78.23 -68.10
C MET GA 56 -68.08 -78.18 -68.66
N GLY GA 57 -68.52 -79.24 -69.33
CA GLY GA 57 -69.75 -79.22 -70.08
C GLY GA 57 -69.48 -79.37 -71.57
N LYS GA 58 -70.31 -78.74 -72.37
CA LYS GA 58 -70.14 -78.76 -73.82
C LYS GA 58 -69.79 -77.40 -74.39
N LYS GA 59 -70.40 -76.35 -73.85
CA LYS GA 59 -70.10 -75.02 -74.34
C LYS GA 59 -68.78 -74.51 -73.79
N LYS GA 60 -68.48 -74.80 -72.52
CA LYS GA 60 -67.20 -74.37 -71.97
C LYS GA 60 -66.03 -75.07 -72.62
N ILE GA 61 -66.28 -76.17 -73.34
CA ILE GA 61 -65.22 -76.86 -74.04
C ILE GA 61 -64.91 -76.19 -75.37
N ALA GA 62 -65.95 -75.77 -76.10
CA ALA GA 62 -65.74 -75.08 -77.36
C ALA GA 62 -64.89 -73.83 -77.16
N LYS GA 63 -65.10 -73.10 -76.07
CA LYS GA 63 -64.27 -71.93 -75.81
C LYS GA 63 -62.82 -72.34 -75.54
N ARG GA 64 -62.61 -73.27 -74.60
CA ARG GA 64 -61.26 -73.60 -74.17
C ARG GA 64 -60.49 -74.32 -75.26
N SER GA 65 -61.18 -75.10 -76.10
CA SER GA 65 -60.56 -75.80 -77.22
C SER GA 65 -60.67 -74.91 -78.44
N LYS GA 66 -59.76 -73.93 -78.50
CA LYS GA 66 -59.86 -72.87 -79.50
C LYS GA 66 -58.45 -72.33 -79.75
N ILE GA 67 -57.88 -72.71 -80.87
CA ILE GA 67 -56.50 -72.31 -81.15
C ILE GA 67 -56.47 -70.90 -81.73
N LYS GA 68 -55.30 -70.27 -81.66
CA LYS GA 68 -55.03 -69.03 -82.41
C LYS GA 68 -53.63 -69.13 -83.00
N SER GA 69 -53.54 -69.11 -84.32
CA SER GA 69 -52.32 -69.50 -84.99
C SER GA 69 -51.46 -68.29 -85.33
N PHE GA 70 -50.33 -68.57 -85.97
CA PHE GA 70 -49.52 -67.54 -86.62
C PHE GA 70 -48.74 -68.16 -87.76
N VAL GA 71 -48.23 -67.30 -88.63
CA VAL GA 71 -47.41 -67.71 -89.77
C VAL GA 71 -46.30 -66.68 -89.94
N LYS GA 72 -45.07 -67.15 -89.99
CA LYS GA 72 -43.89 -66.30 -89.98
C LYS GA 72 -42.77 -67.03 -90.71
N VAL GA 73 -41.75 -66.28 -91.09
CA VAL GA 73 -40.54 -66.82 -91.67
C VAL GA 73 -39.39 -66.55 -90.70
N TYR GA 74 -38.56 -67.57 -90.46
CA TYR GA 74 -37.52 -67.47 -89.45
C TYR GA 74 -36.16 -67.86 -89.99
N ASN GA 75 -35.13 -67.43 -89.26
CA ASN GA 75 -33.81 -68.04 -89.41
C ASN GA 75 -33.87 -69.46 -88.85
N TYR GA 76 -32.77 -70.18 -88.98
CA TYR GA 76 -32.70 -71.42 -88.25
C TYR GA 76 -32.01 -71.27 -86.91
N ASN GA 77 -31.22 -70.22 -86.73
CA ASN GA 77 -30.70 -69.91 -85.42
C ASN GA 77 -31.74 -69.26 -84.52
N HIS GA 78 -32.87 -68.85 -85.08
CA HIS GA 78 -34.00 -68.45 -84.27
C HIS GA 78 -35.01 -69.57 -84.12
N LEU GA 79 -34.71 -70.75 -84.64
CA LEU GA 79 -35.50 -71.95 -84.43
C LEU GA 79 -34.71 -72.99 -83.66
N MET GA 80 -35.43 -73.96 -83.11
CA MET GA 80 -34.80 -75.19 -82.66
C MET GA 80 -35.71 -76.37 -82.95
N PRO GA 81 -35.32 -77.24 -83.85
CA PRO GA 81 -36.20 -78.34 -84.25
C PRO GA 81 -36.23 -79.43 -83.20
N THR GA 82 -37.07 -80.44 -83.46
CA THR GA 82 -37.23 -81.53 -82.51
C THR GA 82 -37.61 -82.80 -83.28
N ARG GA 83 -37.46 -83.94 -82.59
CA ARG GA 83 -37.80 -85.24 -83.17
C ARG GA 83 -39.27 -85.34 -83.50
N TYR GA 84 -40.12 -84.79 -82.65
CA TYR GA 84 -41.55 -84.81 -82.87
C TYR GA 84 -41.88 -84.20 -84.23
N SER GA 85 -42.95 -84.71 -84.84
CA SER GA 85 -43.34 -84.28 -86.17
C SER GA 85 -44.86 -84.34 -86.29
N VAL GA 86 -45.45 -83.27 -86.82
CA VAL GA 86 -46.88 -83.20 -87.09
C VAL GA 86 -47.09 -83.35 -88.58
N ASP GA 87 -47.88 -84.36 -88.96
CA ASP GA 87 -48.20 -84.65 -90.36
C ASP GA 87 -49.58 -84.07 -90.65
N ILE GA 88 -49.60 -82.76 -90.91
CA ILE GA 88 -50.84 -82.03 -91.11
C ILE GA 88 -50.80 -81.47 -92.52
N PRO GA 89 -51.93 -81.45 -93.24
CA PRO GA 89 -51.89 -81.01 -94.65
C PRO GA 89 -51.37 -79.59 -94.80
N LEU GA 90 -52.03 -78.61 -94.19
CA LEU GA 90 -51.61 -77.21 -94.25
C LEU GA 90 -51.26 -76.80 -95.68
N ASP GA 91 -52.30 -76.81 -96.53
CA ASP GA 91 -52.16 -76.63 -97.97
C ASP GA 91 -51.24 -75.46 -98.31
N LYS GA 92 -50.56 -75.58 -99.45
CA LYS GA 92 -49.45 -74.72 -99.80
C LYS GA 92 -49.82 -73.52 -100.68
N THR GA 93 -51.06 -73.46 -101.19
CA THR GA 93 -51.46 -72.26 -101.94
C THR GA 93 -51.75 -71.09 -101.00
N VAL GA 94 -52.48 -71.35 -99.92
CA VAL GA 94 -52.75 -70.28 -98.95
C VAL GA 94 -51.47 -69.93 -98.22
N VAL GA 95 -50.88 -70.90 -97.51
CA VAL GA 95 -49.65 -70.65 -96.77
C VAL GA 95 -48.49 -70.65 -97.75
N ASN GA 96 -47.72 -69.57 -97.76
CA ASN GA 96 -46.87 -69.28 -98.90
C ASN GA 96 -45.94 -68.14 -98.54
N LYS GA 97 -44.88 -67.96 -99.35
CA LYS GA 97 -43.89 -66.93 -99.06
C LYS GA 97 -44.49 -65.53 -99.21
N ASP GA 98 -45.05 -65.22 -100.38
CA ASP GA 98 -45.60 -63.89 -100.66
C ASP GA 98 -46.88 -63.62 -99.94
N VAL GA 99 -47.29 -64.50 -99.03
CA VAL GA 99 -48.34 -64.17 -98.08
C VAL GA 99 -47.97 -62.89 -97.33
N PHE GA 100 -46.68 -62.73 -97.03
CA PHE GA 100 -46.22 -61.48 -96.47
C PHE GA 100 -46.34 -60.38 -97.52
N ARG GA 101 -46.24 -59.14 -97.06
CA ARG GA 101 -46.34 -57.95 -97.89
C ARG GA 101 -47.75 -57.69 -98.40
N ASP GA 102 -48.76 -58.35 -97.81
CA ASP GA 102 -50.15 -58.00 -98.08
C ASP GA 102 -51.06 -58.39 -96.92
N PRO GA 103 -51.71 -57.42 -96.25
CA PRO GA 103 -52.49 -57.76 -95.04
C PRO GA 103 -53.65 -58.70 -95.30
N ALA GA 104 -54.22 -58.71 -96.51
CA ALA GA 104 -55.38 -59.57 -96.76
C ALA GA 104 -54.99 -61.03 -96.78
N LEU GA 105 -53.79 -61.35 -97.23
CA LEU GA 105 -53.39 -62.74 -97.37
C LEU GA 105 -52.91 -63.31 -96.05
N LYS GA 106 -52.04 -62.57 -95.35
CA LYS GA 106 -51.57 -63.04 -94.05
C LYS GA 106 -52.73 -63.26 -93.08
N ARG GA 107 -53.86 -62.58 -93.30
CA ARG GA 107 -55.07 -62.89 -92.55
C ARG GA 107 -55.70 -64.18 -93.04
N LYS GA 108 -55.51 -64.52 -94.30
CA LYS GA 108 -56.04 -65.78 -94.83
C LYS GA 108 -55.23 -66.97 -94.36
N ALA GA 109 -53.90 -66.85 -94.37
CA ALA GA 109 -53.06 -67.92 -93.87
C ALA GA 109 -53.34 -68.17 -92.40
N ARG GA 110 -53.29 -67.12 -91.57
CA ARG GA 110 -53.64 -67.27 -90.16
C ARG GA 110 -55.06 -67.78 -89.96
N ARG GA 111 -55.90 -67.70 -91.00
CA ARG GA 111 -57.21 -68.35 -90.96
C ARG GA 111 -57.09 -69.83 -91.29
N GLU GA 112 -56.25 -70.16 -92.27
CA GLU GA 112 -56.19 -71.54 -92.72
C GLU GA 112 -55.42 -72.41 -91.75
N ALA GA 113 -54.47 -71.85 -91.00
CA ALA GA 113 -53.80 -72.62 -89.96
C ALA GA 113 -54.76 -72.92 -88.81
N LYS GA 114 -55.43 -71.89 -88.28
CA LYS GA 114 -56.34 -72.05 -87.15
C LYS GA 114 -57.36 -73.16 -87.40
N VAL GA 115 -57.87 -73.25 -88.63
CA VAL GA 115 -58.86 -74.27 -88.94
C VAL GA 115 -58.29 -75.65 -88.71
N LYS GA 116 -57.22 -75.98 -89.44
CA LYS GA 116 -56.73 -77.34 -89.43
C LYS GA 116 -55.92 -77.67 -88.20
N PHE GA 117 -55.41 -76.66 -87.49
CA PHE GA 117 -54.84 -76.96 -86.18
C PHE GA 117 -55.92 -77.25 -85.15
N GLU GA 118 -57.17 -76.86 -85.40
CA GLU GA 118 -58.25 -77.06 -84.43
C GLU GA 118 -58.84 -78.46 -84.58
N GLU GA 119 -59.19 -78.86 -85.79
CA GLU GA 119 -59.67 -80.22 -86.02
C GLU GA 119 -58.61 -81.26 -85.70
N ARG GA 120 -57.33 -80.88 -85.69
CA ARG GA 120 -56.28 -81.80 -85.30
C ARG GA 120 -56.06 -81.83 -83.79
N TYR GA 121 -56.44 -80.75 -83.08
CA TYR GA 121 -56.46 -80.82 -81.63
C TYR GA 121 -57.46 -81.87 -81.17
N LYS GA 122 -58.71 -81.73 -81.60
CA LYS GA 122 -59.65 -82.84 -81.46
C LYS GA 122 -59.06 -84.05 -82.17
N THR GA 123 -59.38 -85.23 -81.64
CA THR GA 123 -58.76 -86.54 -81.87
C THR GA 123 -57.51 -86.73 -81.01
N GLY GA 124 -57.10 -85.75 -80.22
CA GLY GA 124 -56.07 -85.94 -79.20
C GLY GA 124 -54.74 -86.49 -79.67
N LYS GA 125 -54.40 -86.24 -80.93
CA LYS GA 125 -53.16 -86.71 -81.54
C LYS GA 125 -52.17 -85.56 -81.68
N ASN GA 126 -50.91 -85.89 -81.52
CA ASN GA 126 -49.84 -84.89 -81.43
C ASN GA 126 -50.14 -83.92 -80.27
N LYS GA 127 -50.56 -84.49 -79.13
CA LYS GA 127 -50.92 -83.66 -78.00
C LYS GA 127 -49.70 -83.06 -77.31
N TRP GA 128 -48.50 -83.62 -77.53
CA TRP GA 128 -47.29 -82.92 -77.09
C TRP GA 128 -47.15 -81.60 -77.81
N PHE GA 129 -47.69 -81.51 -79.02
CA PHE GA 129 -47.62 -80.28 -79.79
C PHE GA 129 -48.53 -79.19 -79.22
N PHE GA 130 -49.46 -79.53 -78.35
CA PHE GA 130 -50.47 -78.58 -77.89
C PHE GA 130 -50.40 -78.35 -76.40
N GLN GA 131 -49.18 -78.20 -75.86
CA GLN GA 131 -49.01 -77.94 -74.44
C GLN GA 131 -47.95 -76.86 -74.29
N LYS GA 132 -48.30 -75.77 -73.62
CA LYS GA 132 -47.38 -74.64 -73.51
C LYS GA 132 -46.07 -75.07 -72.88
N LEU GA 133 -45.00 -75.02 -73.66
CA LEU GA 133 -43.68 -75.33 -73.15
C LEU GA 133 -43.42 -74.54 -71.90
N ARG GA 134 -43.02 -75.22 -70.83
CA ARG GA 134 -42.96 -74.64 -69.51
C ARG GA 134 -41.56 -74.12 -69.24
N PHE GA 135 -41.43 -72.81 -69.04
CA PHE GA 135 -40.13 -72.19 -68.83
C PHE GA 135 -40.22 -70.78 -68.24
N PRO HA 1 -35.98 -14.41 36.29
CA PRO HA 1 -35.96 -13.46 35.17
C PRO HA 1 -34.59 -13.24 34.55
N SER HA 2 -34.60 -12.75 33.30
CA SER HA 2 -33.37 -12.32 32.68
C SER HA 2 -32.75 -11.13 33.38
N ARG HA 3 -33.54 -10.42 34.18
CA ARG HA 3 -33.11 -9.18 34.78
C ARG HA 3 -32.03 -9.40 35.83
N LEU HA 4 -32.23 -10.38 36.70
CA LEU HA 4 -31.24 -10.69 37.73
C LEU HA 4 -30.32 -11.81 37.28
N ARG HA 5 -29.68 -11.71 36.13
CA ARG HA 5 -28.83 -12.78 35.65
C ARG HA 5 -27.41 -12.29 35.52
N LYS HA 6 -26.44 -13.12 35.90
CA LYS HA 6 -25.07 -12.66 35.80
C LYS HA 6 -24.67 -12.37 34.36
N THR HA 7 -25.47 -12.81 33.38
CA THR HA 7 -25.14 -12.48 32.01
C THR HA 7 -25.35 -10.99 31.70
N ARG HA 8 -26.13 -10.27 32.51
CA ARG HA 8 -26.19 -8.82 32.30
C ARG HA 8 -24.89 -8.18 32.71
N LYS HA 9 -24.44 -8.46 33.93
CA LYS HA 9 -23.23 -7.89 34.46
C LYS HA 9 -21.98 -8.33 33.72
N LEU HA 10 -22.10 -9.22 32.75
CA LEU HA 10 -20.94 -9.60 31.95
C LEU HA 10 -20.93 -8.93 30.60
N ARG HA 11 -21.56 -7.76 30.49
CA ARG HA 11 -21.48 -6.98 29.27
C ARG HA 11 -20.25 -6.08 29.34
N GLY HA 12 -19.59 -5.90 28.20
CA GLY HA 12 -18.33 -5.21 28.15
C GLY HA 12 -17.18 -5.97 28.74
N HIS HA 13 -17.44 -7.13 29.33
CA HIS HA 13 -16.40 -8.05 29.78
C HIS HA 13 -16.16 -9.02 28.65
N VAL HA 14 -14.95 -8.96 28.09
CA VAL HA 14 -14.65 -9.62 26.83
C VAL HA 14 -14.98 -11.09 26.90
N SER HA 15 -14.31 -11.80 27.81
CA SER HA 15 -14.35 -13.25 27.80
C SER HA 15 -15.67 -13.80 28.34
N HIS HA 16 -16.49 -12.96 28.96
CA HIS HA 16 -17.82 -13.38 29.42
C HIS HA 16 -17.69 -14.52 30.43
N GLY HA 17 -16.89 -14.28 31.45
CA GLY HA 17 -16.81 -15.18 32.59
C GLY HA 17 -16.21 -16.53 32.31
N HIS HA 18 -15.60 -16.72 31.15
CA HIS HA 18 -15.08 -18.02 30.77
C HIS HA 18 -13.60 -18.03 30.53
N GLY HA 19 -12.92 -16.92 30.74
CA GLY HA 19 -11.47 -16.88 30.74
C GLY HA 19 -10.87 -16.84 29.35
N ARG HA 20 -9.91 -15.97 29.12
CA ARG HA 20 -9.44 -15.85 27.75
C ARG HA 20 -8.28 -16.80 27.45
N ILE HA 21 -7.70 -17.45 28.44
CA ILE HA 21 -6.64 -18.40 28.14
C ILE HA 21 -7.25 -19.62 27.49
N GLY HA 22 -8.08 -20.33 28.23
CA GLY HA 22 -8.76 -21.49 27.70
C GLY HA 22 -10.21 -21.13 27.51
N LYS HA 23 -10.60 -20.89 26.26
CA LYS HA 23 -11.90 -20.32 25.98
C LYS HA 23 -13.00 -21.31 26.35
N HIS HA 24 -14.27 -20.90 26.17
CA HIS HA 24 -15.38 -21.84 26.31
C HIS HA 24 -15.61 -22.54 24.97
N ARG HA 25 -14.74 -23.50 24.69
CA ARG HA 25 -14.95 -24.42 23.59
C ARG HA 25 -16.17 -25.29 23.89
N LYS HA 26 -16.62 -26.02 22.87
CA LYS HA 26 -17.87 -26.75 22.96
C LYS HA 26 -17.91 -27.83 24.05
N HIS HA 27 -17.11 -28.88 23.88
CA HIS HA 27 -17.21 -30.07 24.74
C HIS HA 27 -15.82 -30.58 25.05
N PRO HA 28 -15.18 -30.04 26.09
CA PRO HA 28 -13.79 -30.43 26.34
C PRO HA 28 -13.66 -31.77 27.04
N GLY HA 29 -14.51 -32.05 28.04
CA GLY HA 29 -14.34 -33.31 28.74
C GLY HA 29 -14.75 -34.48 27.87
N GLY HA 30 -16.02 -34.49 27.53
CA GLY HA 30 -16.60 -35.51 26.70
C GLY HA 30 -18.02 -35.09 26.51
N ARG HA 31 -18.93 -36.05 26.32
CA ARG HA 31 -20.34 -35.72 26.29
C ARG HA 31 -21.04 -36.61 27.28
N GLY HA 32 -21.62 -35.99 28.31
CA GLY HA 32 -22.27 -36.75 29.34
C GLY HA 32 -21.25 -37.49 30.20
N ASN HA 33 -21.75 -38.48 30.93
CA ASN HA 33 -20.92 -39.30 31.80
C ASN HA 33 -20.10 -40.23 30.91
N ALA HA 34 -19.01 -39.71 30.39
CA ALA HA 34 -18.26 -40.42 29.36
C ALA HA 34 -16.79 -40.42 29.74
N GLY HA 35 -16.27 -41.59 30.06
CA GLY HA 35 -14.91 -41.67 30.52
C GLY HA 35 -14.81 -42.00 31.98
N GLY HA 36 -15.81 -42.69 32.53
CA GLY HA 36 -15.72 -43.17 33.89
C GLY HA 36 -14.46 -44.00 34.13
N MET HA 37 -14.13 -44.89 33.21
CA MET HA 37 -12.89 -45.63 33.35
C MET HA 37 -11.69 -44.76 33.03
N HIS HA 38 -11.76 -44.01 31.93
CA HIS HA 38 -10.63 -43.28 31.37
C HIS HA 38 -10.75 -41.81 31.66
N HIS HA 39 -9.75 -41.26 32.32
CA HIS HA 39 -9.55 -39.82 32.46
C HIS HA 39 -10.62 -39.09 33.24
N HIS HA 40 -11.71 -39.75 33.61
CA HIS HA 40 -12.59 -39.21 34.63
C HIS HA 40 -12.64 -40.11 35.85
N ARG HA 41 -11.65 -40.99 35.98
CA ARG HA 41 -11.74 -42.03 37.00
C ARG HA 41 -11.73 -41.42 38.39
N ILE HA 42 -10.92 -40.38 38.58
CA ILE HA 42 -10.78 -39.87 39.94
C ILE HA 42 -12.11 -39.40 40.48
N ASN HA 43 -12.97 -38.88 39.62
CA ASN HA 43 -14.30 -38.47 40.08
C ASN HA 43 -15.16 -39.68 40.40
N PHE HA 44 -15.41 -40.53 39.40
CA PHE HA 44 -16.33 -41.63 39.60
C PHE HA 44 -15.91 -42.53 40.75
N ASP HA 45 -14.61 -42.64 40.98
CA ASP HA 45 -14.16 -43.57 42.01
C ASP HA 45 -14.16 -42.95 43.39
N LYS HA 46 -14.01 -41.62 43.49
CA LYS HA 46 -13.92 -40.96 44.79
C LYS HA 46 -15.23 -40.31 45.23
N TYR HA 47 -16.18 -40.12 44.30
CA TYR HA 47 -17.49 -39.58 44.64
C TYR HA 47 -18.64 -40.54 44.42
N HIS HA 48 -18.51 -41.49 43.51
CA HIS HA 48 -19.55 -42.49 43.26
C HIS HA 48 -18.96 -43.88 43.42
N PRO HA 49 -18.52 -44.23 44.62
CA PRO HA 49 -17.91 -45.54 44.81
C PRO HA 49 -18.92 -46.64 44.57
N GLY HA 50 -18.54 -47.61 43.78
CA GLY HA 50 -19.41 -48.71 43.47
C GLY HA 50 -20.23 -48.52 42.22
N TYR HA 51 -19.90 -47.54 41.39
CA TYR HA 51 -20.67 -47.37 40.17
C TYR HA 51 -20.50 -48.58 39.25
N PHE HA 52 -19.26 -48.84 38.84
CA PHE HA 52 -19.00 -49.72 37.71
C PHE HA 52 -18.98 -51.18 38.14
N GLY HA 53 -19.85 -51.98 37.54
CA GLY HA 53 -19.79 -53.42 37.71
C GLY HA 53 -21.11 -54.04 38.14
N LYS HA 54 -21.27 -55.34 37.84
CA LYS HA 54 -22.45 -56.09 38.20
C LYS HA 54 -22.42 -56.52 39.65
N VAL HA 55 -23.59 -56.87 40.18
CA VAL HA 55 -23.70 -57.43 41.52
C VAL HA 55 -25.07 -58.02 41.71
N GLY HA 56 -25.14 -59.06 42.54
CA GLY HA 56 -26.42 -59.58 42.93
C GLY HA 56 -26.97 -60.57 41.92
N MET HA 57 -28.29 -60.63 41.87
CA MET HA 57 -29.03 -61.68 41.21
C MET HA 57 -30.18 -61.07 40.44
N ARG HA 58 -30.36 -61.48 39.19
CA ARG HA 58 -31.43 -60.96 38.36
C ARG HA 58 -32.78 -61.55 38.76
N HIS HA 59 -33.81 -60.72 38.73
CA HIS HA 59 -35.17 -61.16 39.04
C HIS HA 59 -36.04 -60.53 37.96
N TYR HA 60 -36.18 -61.20 36.83
CA TYR HA 60 -36.80 -60.58 35.65
C TYR HA 60 -38.32 -60.58 35.73
N HIS HA 61 -38.90 -59.44 35.39
CA HIS HA 61 -40.32 -59.13 35.62
C HIS HA 61 -40.63 -59.09 37.12
N LEU HA 62 -40.03 -58.13 37.78
CA LEU HA 62 -40.39 -57.84 39.15
C LEU HA 62 -41.66 -56.99 39.15
N LYS HA 63 -42.48 -57.19 40.16
CA LYS HA 63 -43.66 -56.36 40.35
C LYS HA 63 -43.74 -55.97 41.81
N ARG HA 64 -43.95 -54.68 42.06
CA ARG HA 64 -43.86 -54.16 43.41
C ARG HA 64 -45.04 -54.61 44.26
N ASN HA 65 -46.21 -54.78 43.65
CA ASN HA 65 -47.41 -55.10 44.42
C ASN HA 65 -47.26 -56.44 45.15
N GLN HA 66 -46.46 -57.36 44.60
CA GLN HA 66 -46.22 -58.61 45.30
C GLN HA 66 -45.65 -58.35 46.70
N SER HA 67 -44.61 -57.53 46.76
CA SER HA 67 -43.83 -57.31 47.98
C SER HA 67 -44.17 -55.99 48.63
N PHE HA 68 -45.43 -55.61 48.60
CA PHE HA 68 -45.86 -54.35 49.19
C PHE HA 68 -46.12 -54.54 50.67
N CYS HA 69 -45.47 -53.73 51.49
CA CYS HA 69 -45.56 -53.93 52.92
C CYS HA 69 -45.14 -52.67 53.67
N PRO HA 70 -46.07 -51.76 53.94
CA PRO HA 70 -45.77 -50.58 54.77
C PRO HA 70 -45.62 -50.97 56.22
N THR HA 71 -45.10 -50.03 57.01
CA THR HA 71 -44.75 -50.35 58.37
C THR HA 71 -45.19 -49.25 59.33
N VAL HA 72 -45.60 -49.66 60.52
CA VAL HA 72 -45.79 -48.75 61.63
C VAL HA 72 -44.78 -49.09 62.71
N ASN HA 73 -44.33 -48.06 63.40
CA ASN HA 73 -43.66 -48.28 64.66
C ASN HA 73 -44.65 -48.07 65.80
N LEU HA 74 -44.42 -48.76 66.91
CA LEU HA 74 -45.25 -48.53 68.09
C LEU HA 74 -45.15 -47.10 68.59
N ASP HA 75 -44.08 -46.38 68.21
CA ASP HA 75 -43.98 -44.94 68.41
C ASP HA 75 -45.32 -44.26 68.16
N LYS HA 76 -45.89 -44.46 66.99
CA LYS HA 76 -47.17 -43.84 66.61
C LYS HA 76 -48.14 -44.95 66.24
N LEU HA 77 -48.73 -45.56 67.27
CA LEU HA 77 -49.84 -46.48 67.09
C LEU HA 77 -51.15 -45.83 67.50
N TRP HA 78 -51.15 -45.22 68.68
CA TRP HA 78 -52.28 -44.46 69.15
C TRP HA 78 -52.55 -43.21 68.35
N THR HA 79 -51.80 -43.00 67.28
CA THR HA 79 -52.14 -41.92 66.37
C THR HA 79 -53.12 -42.39 65.31
N LEU HA 80 -53.01 -43.65 64.89
CA LEU HA 80 -53.95 -44.19 63.92
C LEU HA 80 -55.38 -44.10 64.43
N VAL HA 81 -55.57 -44.25 65.74
CA VAL HA 81 -56.87 -44.15 66.37
C VAL HA 81 -57.07 -42.71 66.85
N SER HA 82 -58.33 -42.27 66.88
CA SER HA 82 -58.65 -40.99 67.50
C SER HA 82 -58.25 -41.01 68.97
N GLU HA 83 -57.54 -39.97 69.39
CA GLU HA 83 -56.94 -39.97 70.72
C GLU HA 83 -57.98 -40.14 71.83
N GLN HA 84 -59.26 -39.90 71.56
CA GLN HA 84 -60.28 -40.05 72.60
C GLN HA 84 -60.52 -41.50 72.97
N THR HA 85 -60.35 -42.42 72.02
CA THR HA 85 -60.41 -43.84 72.36
C THR HA 85 -59.27 -44.25 73.26
N ARG HA 86 -58.18 -43.47 73.29
CA ARG HA 86 -57.14 -43.69 74.28
C ARG HA 86 -57.53 -43.07 75.60
N ILE HA 87 -58.20 -41.93 75.57
CA ILE HA 87 -58.66 -41.31 76.81
C ILE HA 87 -59.87 -42.06 77.36
N ASN HA 88 -60.66 -42.71 76.50
CA ASN HA 88 -61.68 -43.64 76.96
C ASN HA 88 -61.05 -45.00 77.24
N ALA HA 89 -59.97 -44.95 77.98
CA ALA HA 89 -59.14 -46.07 78.41
C ALA HA 89 -58.11 -45.42 79.33
N ALA HA 90 -57.18 -46.22 79.84
CA ALA HA 90 -56.44 -45.82 81.04
C ALA HA 90 -57.44 -45.39 82.10
N LYS HA 91 -58.63 -45.98 82.02
CA LYS HA 91 -59.87 -45.61 82.68
C LYS HA 91 -60.82 -46.76 82.37
N ASN HA 92 -62.10 -46.61 82.74
CA ASN HA 92 -63.16 -47.55 82.34
C ASN HA 92 -63.08 -48.86 83.11
N LYS HA 93 -61.98 -49.07 83.82
CA LYS HA 93 -61.88 -50.05 84.89
C LYS HA 93 -62.21 -51.48 84.44
N THR HA 94 -62.20 -51.76 83.13
CA THR HA 94 -62.60 -53.08 82.66
C THR HA 94 -61.55 -53.82 81.84
N GLY HA 95 -60.40 -53.20 81.56
CA GLY HA 95 -59.47 -53.79 80.62
C GLY HA 95 -60.05 -53.77 79.22
N ALA HA 96 -60.38 -52.58 78.74
CA ALA HA 96 -61.06 -52.43 77.45
C ALA HA 96 -60.16 -52.81 76.29
N ALA HA 97 -58.94 -52.28 76.28
CA ALA HA 97 -57.94 -52.59 75.24
C ALA HA 97 -58.54 -52.44 73.85
N PRO HA 98 -58.84 -51.23 73.42
CA PRO HA 98 -59.49 -51.05 72.12
C PRO HA 98 -58.70 -51.69 70.99
N ILE HA 99 -59.39 -52.02 69.94
CA ILE HA 99 -58.77 -52.71 68.82
C ILE HA 99 -58.23 -51.69 67.84
N ILE HA 100 -57.02 -51.93 67.36
CA ILE HA 100 -56.37 -51.07 66.38
C ILE HA 100 -56.18 -51.92 65.12
N ASP HA 101 -56.91 -51.60 64.06
CA ASP HA 101 -56.77 -52.35 62.81
C ASP HA 101 -55.74 -51.64 61.94
N VAL HA 102 -54.48 -52.04 62.12
CA VAL HA 102 -53.40 -51.48 61.35
C VAL HA 102 -53.61 -51.72 59.86
N VAL HA 103 -54.45 -52.69 59.50
CA VAL HA 103 -54.78 -52.92 58.11
C VAL HA 103 -55.63 -51.77 57.56
N ARG HA 104 -56.54 -51.25 58.38
CA ARG HA 104 -57.44 -50.20 57.90
C ARG HA 104 -56.71 -48.90 57.64
N SER HA 105 -55.65 -48.61 58.38
CA SER HA 105 -54.90 -47.39 58.17
C SER HA 105 -53.80 -47.57 57.13
N GLY HA 106 -53.70 -48.74 56.50
CA GLY HA 106 -52.77 -48.92 55.41
C GLY HA 106 -51.37 -49.29 55.85
N TYR HA 107 -51.25 -50.34 56.66
CA TYR HA 107 -49.92 -50.86 57.03
C TYR HA 107 -50.01 -52.36 57.22
N TYR HA 108 -49.21 -53.11 56.47
CA TYR HA 108 -49.22 -54.56 56.59
C TYR HA 108 -48.18 -55.08 57.58
N LYS HA 109 -47.69 -54.25 58.49
CA LYS HA 109 -46.64 -54.70 59.39
C LYS HA 109 -46.48 -53.70 60.52
N VAL HA 110 -46.19 -54.21 61.71
CA VAL HA 110 -45.95 -53.39 62.89
C VAL HA 110 -44.55 -53.68 63.38
N LEU HA 111 -43.72 -52.65 63.47
CA LEU HA 111 -42.35 -52.81 63.94
C LEU HA 111 -42.18 -52.18 65.31
N GLY HA 112 -41.24 -52.73 66.08
CA GLY HA 112 -41.11 -52.31 67.45
C GLY HA 112 -40.15 -51.16 67.67
N LYS HA 113 -40.50 -49.95 67.26
CA LYS HA 113 -39.69 -48.80 67.63
C LYS HA 113 -40.39 -48.00 68.71
N GLY HA 114 -39.61 -47.51 69.66
CA GLY HA 114 -40.06 -46.51 70.59
C GLY HA 114 -40.79 -47.07 71.80
N LYS HA 115 -41.04 -46.17 72.74
CA LYS HA 115 -41.82 -46.46 73.93
C LYS HA 115 -43.28 -46.72 73.55
N LEU HA 116 -43.96 -47.50 74.39
CA LEU HA 116 -45.39 -47.70 74.24
C LEU HA 116 -46.08 -47.32 75.55
N PRO HA 117 -47.20 -46.58 75.49
CA PRO HA 117 -47.89 -46.21 76.72
C PRO HA 117 -48.40 -47.43 77.47
N LYS HA 118 -48.31 -47.35 78.80
CA LYS HA 118 -48.74 -48.43 79.69
C LYS HA 118 -50.26 -48.53 79.64
N GLN HA 119 -50.75 -49.39 78.75
CA GLN HA 119 -52.13 -49.40 78.28
C GLN HA 119 -52.43 -50.71 77.56
N PRO HA 120 -53.52 -51.40 77.88
CA PRO HA 120 -53.82 -52.64 77.15
C PRO HA 120 -54.34 -52.36 75.75
N VAL HA 121 -53.92 -53.20 74.79
CA VAL HA 121 -54.28 -53.03 73.38
C VAL HA 121 -54.51 -54.38 72.72
N ILE HA 122 -55.27 -54.34 71.62
CA ILE HA 122 -55.31 -55.44 70.66
C ILE HA 122 -54.91 -54.86 69.32
N VAL HA 123 -53.81 -55.36 68.76
CA VAL HA 123 -53.28 -54.82 67.52
C VAL HA 123 -53.49 -55.87 66.44
N LYS HA 124 -54.32 -55.56 65.45
CA LYS HA 124 -54.54 -56.46 64.32
C LYS HA 124 -53.67 -55.99 63.16
N ALA HA 125 -52.71 -56.83 62.75
CA ALA HA 125 -51.85 -56.52 61.62
C ALA HA 125 -51.61 -57.80 60.84
N LYS HA 126 -50.69 -57.73 59.88
CA LYS HA 126 -50.36 -58.90 59.08
C LYS HA 126 -49.09 -59.56 59.56
N PHE HA 127 -48.00 -58.82 59.62
CA PHE HA 127 -46.72 -59.32 60.05
C PHE HA 127 -46.24 -58.47 61.22
N PHE HA 128 -45.78 -59.13 62.26
CA PHE HA 128 -45.25 -58.48 63.44
C PHE HA 128 -43.73 -58.64 63.52
N SER HA 129 -43.08 -57.72 64.21
CA SER HA 129 -41.71 -57.91 64.63
C SER HA 129 -41.68 -58.66 65.97
N ARG HA 130 -40.53 -59.24 66.29
CA ARG HA 130 -40.42 -59.90 67.58
C ARG HA 130 -40.46 -58.89 68.71
N ARG HA 131 -39.65 -57.83 68.61
CA ARG HA 131 -39.64 -56.86 69.69
C ARG HA 131 -40.97 -56.13 69.79
N ALA HA 132 -41.66 -55.93 68.66
CA ALA HA 132 -43.00 -55.35 68.69
C ALA HA 132 -43.99 -56.29 69.36
N GLU HA 133 -43.73 -57.60 69.29
CA GLU HA 133 -44.50 -58.54 70.10
C GLU HA 133 -44.26 -58.31 71.58
N GLU HA 134 -43.00 -58.31 72.00
CA GLU HA 134 -42.68 -58.21 73.42
C GLU HA 134 -43.08 -56.86 73.99
N LYS HA 135 -43.03 -55.79 73.19
CA LYS HA 135 -43.43 -54.49 73.73
C LYS HA 135 -44.92 -54.43 74.00
N ILE HA 136 -45.73 -55.05 73.14
CA ILE HA 136 -47.16 -55.07 73.36
C ILE HA 136 -47.52 -56.06 74.46
N LYS HA 137 -46.96 -57.27 74.39
CA LYS HA 137 -47.20 -58.27 75.43
C LYS HA 137 -46.89 -57.73 76.81
N GLY HA 138 -45.65 -57.24 76.98
CA GLY HA 138 -45.18 -56.78 78.26
C GLY HA 138 -45.94 -55.58 78.80
N VAL HA 139 -46.57 -54.80 77.91
CA VAL HA 139 -47.48 -53.76 78.37
C VAL HA 139 -48.82 -54.34 78.76
N GLY HA 140 -49.11 -55.57 78.37
CA GLY HA 140 -50.37 -56.18 78.66
C GLY HA 140 -51.25 -55.96 77.46
N GLY HA 141 -51.47 -57.02 76.70
CA GLY HA 141 -52.17 -56.88 75.43
C GLY HA 141 -51.80 -57.99 74.47
N ALA HA 142 -52.58 -58.08 73.41
CA ALA HA 142 -52.53 -59.20 72.49
C ALA HA 142 -52.07 -58.76 71.11
N CYS HA 143 -51.49 -59.72 70.39
CA CYS HA 143 -51.10 -59.55 69.00
C CYS HA 143 -51.92 -60.51 68.16
N VAL HA 144 -52.82 -59.95 67.35
CA VAL HA 144 -53.79 -60.73 66.60
C VAL HA 144 -53.45 -60.63 65.12
N LEU HA 145 -53.36 -61.78 64.47
CA LEU HA 145 -52.97 -61.85 63.07
C LEU HA 145 -54.18 -61.80 62.16
N VAL HA 146 -53.98 -61.20 60.99
CA VAL HA 146 -55.03 -61.00 59.99
C VAL HA 146 -54.48 -61.45 58.65
N ALA HA 147 -55.33 -62.06 57.83
CA ALA HA 147 -54.94 -62.50 56.49
C ALA HA 147 -55.38 -61.49 55.41
N ALA IA 1 7.51 -29.61 20.98
CA ALA IA 1 6.52 -29.46 22.04
C ALA IA 1 7.08 -30.01 23.36
N LYS IA 2 8.30 -29.58 23.71
CA LYS IA 2 8.83 -29.86 25.03
C LYS IA 2 8.31 -28.84 26.04
N SER IA 3 8.27 -29.25 27.30
CA SER IA 3 7.66 -28.45 28.35
C SER IA 3 8.48 -28.59 29.62
N LYS IA 4 8.22 -27.68 30.56
CA LYS IA 4 8.78 -27.83 31.89
C LYS IA 4 8.36 -29.18 32.47
N ASN IA 5 9.21 -29.77 33.32
CA ASN IA 5 8.97 -31.11 33.81
C ASN IA 5 8.57 -31.18 35.27
N HIS IA 6 8.84 -30.14 36.03
CA HIS IA 6 8.48 -30.13 37.43
C HIS IA 6 8.80 -28.75 37.97
N THR IA 7 8.20 -28.42 39.11
CA THR IA 7 8.77 -27.40 39.97
C THR IA 7 8.03 -27.28 41.30
N THR IA 8 8.75 -26.92 42.35
CA THR IA 8 8.14 -26.43 43.58
C THR IA 8 8.56 -24.97 43.65
N HIS IA 9 7.88 -24.12 42.88
CA HIS IA 9 8.41 -22.77 42.75
C HIS IA 9 7.75 -21.78 43.72
N ASN IA 10 6.46 -21.53 43.52
CA ASN IA 10 5.76 -20.70 44.48
C ASN IA 10 4.82 -21.53 45.34
N GLN IA 11 5.10 -22.83 45.45
CA GLN IA 11 4.23 -23.68 46.24
C GLN IA 11 4.25 -23.29 47.71
N SER IA 12 5.41 -22.92 48.23
CA SER IA 12 5.46 -22.49 49.63
C SER IA 12 4.46 -21.36 49.86
N ARG IA 13 4.36 -20.41 48.91
CA ARG IA 13 3.38 -19.34 49.04
C ARG IA 13 1.98 -19.90 49.15
N LYS IA 14 1.60 -20.76 48.20
CA LYS IA 14 0.23 -21.25 48.16
C LYS IA 14 -0.14 -21.92 49.47
N TRP IA 15 0.55 -22.99 49.84
CA TRP IA 15 0.05 -23.69 51.01
C TRP IA 15 0.36 -22.97 52.32
N HIS IA 16 0.97 -21.79 52.29
CA HIS IA 16 1.08 -20.95 53.47
C HIS IA 16 0.21 -19.70 53.40
N ARG IA 17 -0.64 -19.60 52.38
CA ARG IA 17 -1.57 -18.48 52.31
C ARG IA 17 -2.71 -18.65 53.30
N ASN IA 18 -3.18 -19.88 53.48
CA ASN IA 18 -4.10 -20.19 54.56
C ASN IA 18 -3.39 -20.79 55.75
N GLY IA 19 -2.06 -20.68 55.77
CA GLY IA 19 -1.34 -20.76 57.01
C GLY IA 19 -1.24 -22.12 57.66
N ILE IA 20 -0.34 -23.00 57.19
CA ILE IA 20 -0.36 -24.41 57.55
C ILE IA 20 -0.79 -24.68 58.99
N LYS IA 21 -1.81 -25.50 59.16
CA LYS IA 21 -2.50 -25.66 60.44
C LYS IA 21 -2.05 -26.96 61.09
N LYS IA 22 -1.42 -26.86 62.25
CA LYS IA 22 -1.19 -28.04 63.05
C LYS IA 22 -2.54 -28.64 63.43
N PRO IA 23 -2.71 -29.96 63.30
CA PRO IA 23 -4.06 -30.54 63.37
C PRO IA 23 -4.70 -30.32 64.73
N ARG IA 24 -5.89 -29.73 64.73
CA ARG IA 24 -6.52 -29.36 65.99
C ARG IA 24 -6.85 -30.61 66.82
N SER IA 25 -6.20 -30.74 67.97
CA SER IA 25 -6.30 -31.92 68.82
C SER IA 25 -7.23 -31.65 69.98
N GLN IA 26 -8.22 -32.52 70.17
CA GLN IA 26 -9.11 -32.48 71.31
C GLN IA 26 -8.62 -33.43 72.40
N ARG IA 27 -9.13 -33.24 73.60
CA ARG IA 27 -9.05 -34.31 74.57
C ARG IA 27 -9.94 -35.46 74.12
N TYR IA 28 -9.69 -36.65 74.65
CA TYR IA 28 -10.49 -37.82 74.33
C TYR IA 28 -10.40 -38.17 72.84
N GLU IA 29 -9.21 -38.57 72.40
CA GLU IA 29 -9.13 -38.97 70.99
C GLU IA 29 -9.60 -40.43 70.83
N SER IA 30 -9.79 -40.84 69.58
CA SER IA 30 -10.43 -42.12 69.30
C SER IA 30 -9.55 -43.30 69.69
N LEU IA 31 -10.19 -44.35 70.20
CA LEU IA 31 -9.52 -45.59 70.54
C LEU IA 31 -9.33 -46.51 69.35
N LYS IA 32 -9.78 -46.12 68.17
CA LYS IA 32 -9.60 -46.95 66.99
C LYS IA 32 -8.11 -47.05 66.65
N GLY IA 33 -7.61 -48.29 66.58
CA GLY IA 33 -6.21 -48.55 66.38
C GLY IA 33 -5.53 -49.22 67.55
N VAL IA 34 -6.16 -49.20 68.72
CA VAL IA 34 -5.60 -49.89 69.89
C VAL IA 34 -5.88 -51.38 69.77
N ASP IA 35 -4.98 -52.19 70.32
CA ASP IA 35 -5.05 -53.64 70.13
C ASP IA 35 -6.33 -54.20 70.74
N PRO IA 36 -6.97 -55.15 70.08
CA PRO IA 36 -8.30 -55.58 70.53
C PRO IA 36 -8.30 -56.13 71.94
N LYS IA 37 -7.24 -56.84 72.35
CA LYS IA 37 -7.26 -57.44 73.68
C LYS IA 37 -7.25 -56.39 74.77
N PHE IA 38 -6.80 -55.17 74.48
CA PHE IA 38 -7.01 -54.07 75.40
C PHE IA 38 -8.48 -53.73 75.49
N LEU IA 39 -9.08 -53.33 74.36
CA LEU IA 39 -10.48 -52.93 74.36
C LEU IA 39 -11.38 -54.06 74.83
N ARG IA 40 -11.22 -55.26 74.25
CA ARG IA 40 -12.04 -56.40 74.65
C ARG IA 40 -12.03 -56.61 76.14
N ASN IA 41 -11.05 -56.07 76.85
CA ASN IA 41 -11.03 -56.04 78.29
C ASN IA 41 -11.54 -54.72 78.86
N MET IA 42 -10.98 -53.60 78.42
CA MET IA 42 -11.37 -52.32 79.01
C MET IA 42 -12.85 -52.03 78.79
N ARG IA 43 -13.51 -52.68 77.83
CA ARG IA 43 -14.95 -52.52 77.72
C ARG IA 43 -15.67 -53.28 78.82
N PHE IA 44 -15.11 -54.41 79.26
CA PHE IA 44 -15.69 -55.07 80.42
C PHE IA 44 -15.42 -54.29 81.69
N ALA IA 45 -14.29 -53.61 81.76
CA ALA IA 45 -14.05 -52.74 82.90
C ALA IA 45 -15.05 -51.60 82.94
N LYS IA 46 -15.37 -51.04 81.77
CA LYS IA 46 -16.29 -49.91 81.72
C LYS IA 46 -17.74 -50.37 81.87
N LYS IA 47 -18.06 -51.58 81.42
CA LYS IA 47 -19.44 -52.06 81.43
C LYS IA 47 -19.92 -52.39 82.84
N HIS IA 48 -19.01 -52.72 83.74
CA HIS IA 48 -19.38 -53.12 85.09
C HIS IA 48 -18.80 -52.18 86.13
N ASN IA 49 -18.70 -50.90 85.79
CA ASN IA 49 -18.39 -49.90 86.79
C ASN IA 49 -19.52 -49.76 87.79
N LYS IA 50 -20.75 -49.93 87.31
CA LYS IA 50 -21.91 -49.68 88.15
C LYS IA 50 -22.05 -50.74 89.24
N LYS IA 51 -21.81 -52.01 88.90
CA LYS IA 51 -21.83 -53.05 89.90
C LYS IA 51 -20.68 -52.79 90.86
N GLY IA 52 -20.98 -52.23 92.01
CA GLY IA 52 -19.97 -51.65 92.87
C GLY IA 52 -20.08 -50.14 93.00
N LEU IA 53 -21.24 -49.57 92.68
CA LEU IA 53 -21.49 -48.16 92.89
C LEU IA 53 -21.89 -47.86 94.33
N LYS IA 54 -22.47 -48.84 95.03
CA LYS IA 54 -22.82 -48.65 96.43
C LYS IA 54 -21.58 -48.42 97.28
N LYS IA 55 -20.56 -49.26 97.09
CA LYS IA 55 -19.28 -49.04 97.76
C LYS IA 55 -18.76 -47.64 97.46
N MET IA 56 -18.83 -47.23 96.19
CA MET IA 56 -18.27 -45.95 95.78
C MET IA 56 -19.01 -44.79 96.42
N GLN IA 57 -20.34 -44.90 96.51
CA GLN IA 57 -21.14 -43.78 96.99
C GLN IA 57 -20.99 -43.59 98.50
N ALA IA 58 -21.07 -44.68 99.26
CA ALA IA 58 -20.89 -44.60 100.70
C ALA IA 58 -19.47 -44.21 101.07
N ASN IA 59 -18.47 -44.82 100.40
CA ASN IA 59 -17.08 -44.45 100.65
C ASN IA 59 -16.78 -43.03 100.22
N ASN IA 60 -17.59 -42.44 99.33
CA ASN IA 60 -17.45 -41.03 98.99
C ASN IA 60 -17.93 -40.14 100.14
N ALA IA 61 -19.09 -40.48 100.72
CA ALA IA 61 -19.59 -39.73 101.88
C ALA IA 61 -18.67 -39.90 103.09
N LYS IA 62 -17.97 -41.03 103.19
CA LYS IA 62 -17.01 -41.22 104.28
C LYS IA 62 -15.90 -40.18 104.21
N ALA IA 63 -15.25 -40.07 103.05
CA ALA IA 63 -14.21 -39.05 102.90
C ALA IA 63 -14.80 -37.65 102.80
N MET IA 64 -16.05 -37.54 102.34
CA MET IA 64 -16.67 -36.23 102.25
C MET IA 64 -17.04 -35.69 103.63
N SER IA 65 -17.41 -36.58 104.55
CA SER IA 65 -17.65 -36.19 105.93
C SER IA 65 -16.39 -36.19 106.78
N ALA IA 66 -15.35 -36.94 106.38
CA ALA IA 66 -14.08 -36.87 107.08
C ALA IA 66 -13.29 -35.63 106.71
N ARG IA 67 -13.48 -35.11 105.50
CA ARG IA 67 -12.87 -33.85 105.08
C ARG IA 67 -13.80 -32.65 105.27
N ALA IA 68 -15.10 -32.89 105.50
CA ALA IA 68 -15.91 -31.86 106.13
C ALA IA 68 -15.60 -31.75 107.61
N GLU IA 69 -15.06 -32.81 108.21
CA GLU IA 69 -14.51 -32.76 109.56
C GLU IA 69 -13.08 -32.20 109.58
N ALA IA 70 -12.31 -32.45 108.52
CA ALA IA 70 -10.95 -31.94 108.46
C ALA IA 70 -10.94 -30.43 108.24
N ILE IA 71 -11.87 -29.91 107.45
CA ILE IA 71 -11.97 -28.46 107.23
C ILE IA 71 -12.68 -27.76 108.39
N LYS IA 72 -13.49 -28.49 109.16
CA LYS IA 72 -14.11 -27.93 110.36
C LYS IA 72 -13.21 -28.00 111.59
N ALA IA 73 -12.36 -29.04 111.67
CA ALA IA 73 -11.37 -29.08 112.73
C ALA IA 73 -10.32 -27.97 112.57
N LEU IA 74 -10.04 -27.59 111.32
CA LEU IA 74 -9.21 -26.40 111.09
C LEU IA 74 -9.93 -25.14 111.56
N VAL IA 75 -11.25 -25.10 111.42
CA VAL IA 75 -12.04 -23.97 111.90
C VAL IA 75 -12.23 -24.04 113.41
N SER JA 1 -4.71 -92.06 -78.89
CA SER JA 1 -5.60 -90.95 -78.59
C SER JA 1 -5.90 -90.14 -79.85
N ILE JA 2 -6.53 -88.97 -79.65
CA ILE JA 2 -7.00 -88.15 -80.74
C ILE JA 2 -6.20 -86.84 -80.83
N ASN JA 3 -5.06 -86.79 -80.17
CA ASN JA 3 -4.15 -85.69 -80.47
C ASN JA 3 -3.40 -85.93 -81.75
N SER JA 4 -3.31 -87.19 -82.18
CA SER JA 4 -2.62 -87.56 -83.40
C SER JA 4 -3.54 -87.47 -84.61
N ARG JA 5 -4.72 -88.09 -84.53
CA ARG JA 5 -5.61 -88.11 -85.69
C ARG JA 5 -6.12 -86.72 -86.02
N LEU JA 6 -6.52 -85.95 -85.01
CA LEU JA 6 -6.97 -84.58 -85.26
C LEU JA 6 -5.88 -83.74 -85.90
N GLN JA 7 -4.63 -83.90 -85.42
CA GLN JA 7 -3.51 -83.18 -86.01
C GLN JA 7 -3.41 -83.43 -87.51
N LEU JA 8 -3.82 -84.62 -87.95
CA LEU JA 8 -3.80 -84.94 -89.38
C LEU JA 8 -4.98 -84.32 -90.12
N VAL JA 9 -6.15 -84.22 -89.48
CA VAL JA 9 -7.33 -83.70 -90.15
C VAL JA 9 -7.13 -82.23 -90.52
N MET JA 10 -6.69 -81.42 -89.55
CA MET JA 10 -6.49 -80.01 -89.79
C MET JA 10 -5.58 -79.78 -90.99
N LYS JA 11 -4.58 -80.64 -91.15
CA LYS JA 11 -3.60 -80.46 -92.21
C LYS JA 11 -4.14 -80.91 -93.57
N SER JA 12 -4.91 -81.99 -93.59
CA SER JA 12 -5.32 -82.59 -94.85
C SER JA 12 -6.80 -82.39 -95.16
N GLY JA 13 -7.70 -82.61 -94.20
CA GLY JA 13 -9.12 -82.56 -94.44
C GLY JA 13 -9.72 -81.17 -94.26
N LYS JA 14 -11.06 -81.13 -94.25
CA LYS JA 14 -11.84 -79.94 -93.98
C LYS JA 14 -12.39 -79.97 -92.57
N TYR JA 15 -12.67 -78.80 -92.03
CA TYR JA 15 -13.10 -78.74 -90.65
C TYR JA 15 -13.72 -77.38 -90.39
N VAL JA 16 -14.50 -77.32 -89.32
CA VAL JA 16 -15.13 -76.08 -88.89
C VAL JA 16 -14.92 -75.96 -87.39
N LEU JA 17 -14.50 -74.79 -86.94
CA LEU JA 17 -14.18 -74.57 -85.54
C LEU JA 17 -15.26 -73.73 -84.89
N GLY JA 18 -15.87 -74.27 -83.85
CA GLY JA 18 -16.65 -73.46 -82.94
C GLY JA 18 -18.09 -73.86 -82.75
N TYR JA 19 -18.98 -72.98 -83.16
CA TYR JA 19 -20.39 -73.07 -82.82
C TYR JA 19 -21.04 -71.97 -83.62
N LYS JA 20 -22.25 -72.22 -84.08
CA LYS JA 20 -22.94 -71.31 -84.98
C LYS JA 20 -22.27 -71.39 -86.36
N GLN JA 21 -21.13 -72.08 -86.44
CA GLN JA 21 -20.59 -72.59 -87.69
C GLN JA 21 -20.57 -74.11 -87.70
N THR JA 22 -20.27 -74.70 -86.55
CA THR JA 22 -20.49 -76.13 -86.37
C THR JA 22 -21.97 -76.46 -86.41
N LEU JA 23 -22.78 -75.66 -85.72
CA LEU JA 23 -24.20 -75.92 -85.72
C LEU JA 23 -24.79 -75.74 -87.11
N LYS JA 24 -24.23 -74.85 -87.92
CA LYS JA 24 -24.74 -74.70 -89.27
C LYS JA 24 -24.33 -75.84 -90.19
N MET JA 25 -23.32 -76.63 -89.83
CA MET JA 25 -22.94 -77.75 -90.67
C MET JA 25 -23.59 -79.06 -90.26
N ILE JA 26 -24.07 -79.14 -89.02
CA ILE JA 26 -24.99 -80.21 -88.67
C ILE JA 26 -26.37 -79.92 -89.21
N ARG JA 27 -26.72 -78.64 -89.29
CA ARG JA 27 -27.95 -78.22 -89.94
C ARG JA 27 -27.97 -78.67 -91.40
N GLN JA 28 -26.93 -78.30 -92.16
CA GLN JA 28 -26.81 -78.75 -93.54
C GLN JA 28 -26.71 -80.26 -93.63
N GLY JA 29 -26.09 -80.89 -92.65
CA GLY JA 29 -25.90 -82.32 -92.64
C GLY JA 29 -24.56 -82.79 -93.17
N LYS JA 30 -23.71 -81.89 -93.62
CA LYS JA 30 -22.47 -82.29 -94.25
C LYS JA 30 -21.34 -82.50 -93.25
N ALA JA 31 -21.65 -82.69 -91.97
CA ALA JA 31 -20.64 -82.91 -90.95
C ALA JA 31 -20.91 -84.22 -90.25
N LYS JA 32 -19.84 -84.95 -89.90
CA LYS JA 32 -20.07 -86.27 -89.32
C LYS JA 32 -19.19 -86.58 -88.12
N LEU JA 33 -18.60 -85.59 -87.47
CA LEU JA 33 -18.04 -85.83 -86.15
C LEU JA 33 -17.92 -84.49 -85.46
N VAL JA 34 -18.67 -84.30 -84.38
CA VAL JA 34 -18.59 -83.09 -83.59
C VAL JA 34 -17.78 -83.40 -82.35
N ILE JA 35 -16.64 -82.73 -82.19
CA ILE JA 35 -15.76 -82.97 -81.05
C ILE JA 35 -16.03 -81.86 -80.04
N LEU JA 36 -16.94 -82.11 -79.11
CA LEU JA 36 -17.02 -81.26 -77.94
C LEU JA 36 -15.80 -81.45 -77.07
N ALA JA 37 -15.56 -80.48 -76.20
CA ALA JA 37 -14.65 -80.68 -75.07
C ALA JA 37 -15.43 -80.60 -73.77
N ASN JA 38 -14.77 -80.94 -72.66
CA ASN JA 38 -15.33 -80.59 -71.36
C ASN JA 38 -15.21 -79.07 -71.26
N ASN JA 39 -15.77 -78.47 -70.22
CA ASN JA 39 -15.73 -77.03 -70.09
C ASN JA 39 -16.65 -76.38 -71.11
N CYS JA 40 -17.28 -77.16 -71.96
CA CYS JA 40 -18.38 -76.56 -72.71
C CYS JA 40 -19.60 -76.54 -71.82
N PRO JA 41 -20.31 -75.42 -71.72
CA PRO JA 41 -21.41 -75.32 -70.75
C PRO JA 41 -22.45 -76.38 -71.07
N ALA JA 42 -22.73 -77.23 -70.09
CA ALA JA 42 -23.45 -78.47 -70.33
C ALA JA 42 -24.75 -78.25 -71.09
N LEU JA 43 -25.19 -76.99 -71.21
CA LEU JA 43 -26.32 -76.70 -72.08
C LEU JA 43 -25.94 -76.83 -73.55
N ARG JA 44 -24.84 -76.19 -73.95
CA ARG JA 44 -24.37 -76.33 -75.33
C ARG JA 44 -23.90 -77.74 -75.64
N LYS JA 45 -23.44 -78.49 -74.62
CA LYS JA 45 -23.16 -79.90 -74.83
C LYS JA 45 -24.43 -80.64 -75.17
N SER JA 46 -25.38 -80.66 -74.22
CA SER JA 46 -26.60 -81.45 -74.41
C SER JA 46 -27.41 -80.99 -75.60
N GLU JA 47 -27.26 -79.74 -76.03
CA GLU JA 47 -28.05 -79.30 -77.17
C GLU JA 47 -27.37 -79.63 -78.48
N ILE JA 48 -26.05 -79.75 -78.51
CA ILE JA 48 -25.38 -80.24 -79.71
C ILE JA 48 -25.44 -81.75 -79.76
N GLU JA 49 -25.30 -82.38 -78.60
CA GLU JA 49 -25.38 -83.84 -78.50
C GLU JA 49 -26.71 -84.36 -79.03
N TYR JA 50 -27.78 -83.58 -78.87
CA TYR JA 50 -29.11 -83.93 -79.35
C TYR JA 50 -29.36 -83.43 -80.75
N TYR JA 51 -28.90 -82.21 -81.04
CA TYR JA 51 -29.04 -81.67 -82.38
C TYR JA 51 -28.28 -82.49 -83.40
N ALA JA 52 -27.25 -83.21 -82.95
CA ALA JA 52 -26.47 -84.08 -83.82
C ALA JA 52 -27.04 -85.49 -83.90
N MET JA 53 -27.54 -86.02 -82.78
CA MET JA 53 -28.22 -87.31 -82.80
C MET JA 53 -29.34 -87.31 -83.82
N LEU JA 54 -30.04 -86.19 -83.95
CA LEU JA 54 -31.15 -86.12 -84.90
C LEU JA 54 -30.65 -86.23 -86.34
N ALA JA 55 -29.43 -85.79 -86.61
CA ALA JA 55 -28.84 -85.88 -87.94
C ALA JA 55 -27.95 -87.10 -88.12
N LYS JA 56 -27.85 -87.95 -87.11
CA LYS JA 56 -27.05 -89.18 -87.14
C LYS JA 56 -25.55 -88.89 -87.33
N THR JA 57 -25.00 -88.16 -86.37
CA THR JA 57 -23.61 -87.76 -86.37
C THR JA 57 -22.94 -88.21 -85.08
N GLY JA 58 -21.72 -88.72 -85.19
CA GLY JA 58 -20.97 -89.12 -84.01
C GLY JA 58 -20.56 -87.91 -83.21
N VAL JA 59 -20.74 -88.00 -81.89
CA VAL JA 59 -20.28 -86.99 -80.96
C VAL JA 59 -19.09 -87.57 -80.22
N HIS JA 60 -18.17 -86.70 -79.82
CA HIS JA 60 -16.97 -87.14 -79.14
C HIS JA 60 -16.70 -86.22 -77.96
N HIS JA 61 -16.56 -86.79 -76.78
CA HIS JA 61 -16.24 -85.98 -75.61
C HIS JA 61 -14.73 -86.08 -75.34
N TYR JA 62 -13.99 -85.37 -76.19
CA TYR JA 62 -12.55 -85.17 -76.02
C TYR JA 62 -12.24 -84.76 -74.58
N SER JA 63 -11.35 -85.52 -73.93
CA SER JA 63 -10.94 -85.18 -72.57
C SER JA 63 -9.97 -84.01 -72.62
N GLY JA 64 -10.50 -82.84 -72.97
CA GLY JA 64 -9.67 -81.66 -73.18
C GLY JA 64 -9.90 -80.55 -72.19
N ASN JA 65 -9.82 -79.32 -72.67
CA ASN JA 65 -10.06 -78.17 -71.83
C ASN JA 65 -10.90 -77.11 -72.51
N ASN JA 66 -11.05 -77.17 -73.83
CA ASN JA 66 -11.36 -76.05 -74.72
C ASN JA 66 -10.08 -75.25 -74.94
N ILE JA 67 -9.02 -75.59 -74.22
CA ILE JA 67 -7.68 -75.16 -74.54
C ILE JA 67 -6.84 -76.32 -75.05
N GLU JA 68 -6.87 -77.46 -74.33
CA GLU JA 68 -6.23 -78.63 -74.90
C GLU JA 68 -7.16 -79.27 -75.93
N LEU JA 69 -7.73 -78.45 -76.74
CA LEU JA 69 -8.34 -78.79 -78.01
C LEU JA 69 -7.83 -77.87 -79.10
N GLY JA 70 -7.66 -76.59 -78.80
CA GLY JA 70 -6.99 -75.70 -79.73
C GLY JA 70 -5.53 -76.04 -79.86
N THR JA 71 -4.89 -76.36 -78.73
CA THR JA 71 -3.53 -76.88 -78.81
C THR JA 71 -3.49 -78.16 -79.62
N ALA JA 72 -4.56 -78.96 -79.57
CA ALA JA 72 -4.59 -80.18 -80.37
C ALA JA 72 -4.92 -79.90 -81.83
N CYS JA 73 -5.68 -78.85 -82.11
CA CYS JA 73 -6.09 -78.52 -83.46
C CYS JA 73 -5.11 -77.65 -84.20
N GLY JA 74 -3.87 -77.54 -83.71
CA GLY JA 74 -2.86 -76.77 -84.39
C GLY JA 74 -3.21 -75.32 -84.43
N LYS JA 75 -4.21 -74.94 -83.64
CA LYS JA 75 -4.61 -73.55 -83.55
C LYS JA 75 -3.99 -72.91 -82.32
N TYR JA 76 -3.94 -71.59 -82.33
CA TYR JA 76 -3.29 -70.86 -81.27
C TYR JA 76 -4.26 -70.30 -80.24
N TYR JA 77 -5.45 -70.89 -80.15
CA TYR JA 77 -6.48 -70.18 -79.43
C TYR JA 77 -7.56 -71.13 -78.93
N ARG JA 78 -8.68 -70.55 -78.57
CA ARG JA 78 -9.72 -71.19 -77.76
C ARG JA 78 -10.75 -71.82 -78.70
N VAL JA 79 -10.87 -73.14 -78.68
CA VAL JA 79 -11.94 -73.81 -79.43
C VAL JA 79 -12.73 -74.69 -78.49
N CYS JA 80 -13.99 -74.36 -78.27
CA CYS JA 80 -14.78 -75.19 -77.36
C CYS JA 80 -15.30 -76.41 -78.10
N THR JA 81 -15.88 -76.20 -79.27
CA THR JA 81 -16.48 -77.24 -80.08
C THR JA 81 -15.82 -77.22 -81.45
N LEU JA 82 -16.10 -78.27 -82.24
CA LEU JA 82 -15.58 -78.38 -83.59
C LEU JA 82 -16.30 -79.51 -84.30
N ALA JA 83 -16.42 -79.36 -85.61
CA ALA JA 83 -17.14 -80.33 -86.44
C ALA JA 83 -16.29 -80.64 -87.66
N ILE JA 84 -15.98 -81.93 -87.84
CA ILE JA 84 -15.18 -82.41 -88.95
C ILE JA 84 -16.09 -82.68 -90.14
N ILE JA 85 -15.85 -81.95 -91.23
CA ILE JA 85 -16.64 -82.10 -92.44
C ILE JA 85 -16.12 -83.28 -93.28
N ASP JA 86 -14.84 -83.27 -93.62
CA ASP JA 86 -14.22 -84.29 -94.46
C ASP JA 86 -12.87 -84.71 -93.91
N PRO JA 87 -12.61 -86.00 -93.80
CA PRO JA 87 -11.29 -86.45 -93.40
C PRO JA 87 -10.33 -86.54 -94.56
N GLY JA 88 -9.05 -86.43 -94.25
CA GLY JA 88 -8.00 -86.73 -95.20
C GLY JA 88 -7.65 -88.20 -95.11
N ASP JA 89 -6.34 -88.51 -95.00
CA ASP JA 89 -5.96 -89.88 -94.72
C ASP JA 89 -6.34 -90.30 -93.31
N SER JA 90 -6.69 -89.36 -92.45
CA SER JA 90 -6.97 -89.66 -91.06
C SER JA 90 -8.22 -90.52 -90.93
N ASP JA 91 -8.08 -91.68 -90.30
CA ASP JA 91 -9.24 -92.43 -89.86
C ASP JA 91 -9.69 -91.94 -88.48
N ILE JA 92 -9.91 -90.63 -88.40
CA ILE JA 92 -10.60 -90.10 -87.24
C ILE JA 92 -12.05 -90.56 -87.24
N ILE JA 93 -12.59 -90.86 -88.42
CA ILE JA 93 -13.95 -91.37 -88.56
C ILE JA 93 -13.93 -92.90 -88.47
N ARG JA 94 -14.74 -93.45 -87.59
CA ARG JA 94 -14.79 -94.90 -87.40
C ARG JA 94 -15.77 -95.54 -88.38
N ASN KA 1 -12.07 47.56 -51.07
CA ASN KA 1 -10.67 47.64 -50.65
C ASN KA 1 -10.19 46.28 -50.21
N GLU KA 2 -11.09 45.51 -49.60
CA GLU KA 2 -10.72 44.21 -49.06
C GLU KA 2 -11.60 43.13 -49.65
N VAL KA 3 -11.67 43.09 -50.97
CA VAL KA 3 -12.33 41.99 -51.66
C VAL KA 3 -11.40 41.47 -52.74
N VAL KA 4 -10.09 41.53 -52.48
CA VAL KA 4 -9.05 41.31 -53.47
C VAL KA 4 -8.74 39.82 -53.63
N THR KA 5 -7.96 39.50 -54.66
CA THR KA 5 -7.51 38.14 -54.93
C THR KA 5 -6.03 38.17 -55.27
N ARG KA 6 -5.40 37.00 -55.30
CA ARG KA 6 -3.97 36.92 -55.59
C ARG KA 6 -3.56 35.47 -55.82
N GLU KA 7 -2.37 35.28 -56.42
CA GLU KA 7 -1.82 33.94 -56.70
C GLU KA 7 -0.71 33.62 -55.73
N TYR KA 8 -1.07 33.15 -54.55
CA TYR KA 8 -0.07 32.82 -53.56
C TYR KA 8 0.34 31.36 -53.76
N THR KA 9 1.54 31.16 -54.28
CA THR KA 9 2.05 29.80 -54.48
C THR KA 9 2.60 29.27 -53.17
N ILE KA 10 2.00 28.20 -52.66
CA ILE KA 10 2.38 27.65 -51.37
C ILE KA 10 3.39 26.53 -51.57
N ASN KA 11 4.57 26.69 -51.00
CA ASN KA 11 5.54 25.60 -50.92
C ASN KA 11 5.01 24.61 -49.89
N ILE KA 12 4.47 23.49 -50.36
CA ILE KA 12 3.92 22.46 -49.48
C ILE KA 12 5.01 21.48 -49.05
N HIS KA 13 5.99 21.22 -49.91
CA HIS KA 13 7.11 20.36 -49.57
C HIS KA 13 7.89 20.84 -48.36
N LYS KA 14 7.79 22.12 -47.99
CA LYS KA 14 8.48 22.62 -46.83
C LYS KA 14 7.56 22.83 -45.64
N ARG KA 15 6.25 22.96 -45.85
CA ARG KA 15 5.33 23.00 -44.72
C ARG KA 15 5.06 21.59 -44.21
N ILE KA 16 5.05 20.61 -45.11
CA ILE KA 16 5.01 19.21 -44.77
C ILE KA 16 6.43 18.73 -44.62
N HIS KA 17 6.81 18.30 -43.41
CA HIS KA 17 8.12 17.69 -43.29
C HIS KA 17 8.18 16.83 -42.04
N GLY KA 18 8.76 15.65 -42.18
CA GLY KA 18 8.87 14.73 -41.05
C GLY KA 18 7.53 14.39 -40.45
N VAL KA 19 6.55 14.11 -41.30
CA VAL KA 19 5.15 13.97 -40.87
C VAL KA 19 4.52 12.82 -41.64
N GLY KA 20 3.87 11.91 -40.91
CA GLY KA 20 2.85 11.04 -41.44
C GLY KA 20 3.24 9.85 -42.28
N PHE KA 21 3.11 10.00 -43.61
CA PHE KA 21 2.85 8.97 -44.60
C PHE KA 21 1.37 8.61 -44.55
N LYS KA 22 0.72 9.06 -43.50
CA LYS KA 22 -0.71 8.88 -43.32
C LYS KA 22 -1.36 10.15 -42.87
N LYS KA 23 -0.58 11.16 -42.50
CA LYS KA 23 -1.12 12.48 -42.18
C LYS KA 23 -0.50 13.55 -43.07
N ARG KA 24 0.10 13.16 -44.19
CA ARG KA 24 0.77 14.15 -45.04
C ARG KA 24 -0.22 14.95 -45.85
N ALA KA 25 -0.93 14.30 -46.78
CA ALA KA 25 -1.95 15.00 -47.54
C ALA KA 25 -3.04 15.59 -46.66
N PRO KA 26 -3.47 14.98 -45.53
CA PRO KA 26 -4.37 15.70 -44.63
C PRO KA 26 -3.76 16.99 -44.10
N ARG KA 27 -2.58 16.90 -43.47
CA ARG KA 27 -1.91 18.10 -42.95
C ARG KA 27 -1.42 19.02 -44.06
N ALA KA 28 -1.66 18.67 -45.32
CA ALA KA 28 -1.44 19.64 -46.38
C ALA KA 28 -2.51 20.73 -46.33
N LEU KA 29 -3.76 20.33 -46.10
CA LEU KA 29 -4.86 21.29 -46.03
C LEU KA 29 -4.96 21.98 -44.68
N LYS KA 30 -4.46 21.37 -43.61
CA LYS KA 30 -4.33 22.12 -42.37
C LYS KA 30 -3.34 23.27 -42.52
N GLU KA 31 -2.39 23.14 -43.42
CA GLU KA 31 -1.39 24.17 -43.63
C GLU KA 31 -1.61 24.98 -44.90
N ILE KA 32 -2.54 24.57 -45.77
CA ILE KA 32 -3.08 25.54 -46.72
C ILE KA 32 -4.04 26.48 -46.01
N ARG KA 33 -4.85 25.92 -45.11
CA ARG KA 33 -5.81 26.74 -44.39
C ARG KA 33 -5.12 27.64 -43.37
N LYS KA 34 -4.13 27.12 -42.63
CA LYS KA 34 -3.36 27.99 -41.74
C LYS KA 34 -2.59 29.06 -42.50
N PHE KA 35 -2.45 28.91 -43.81
CA PHE KA 35 -1.75 29.89 -44.64
C PHE KA 35 -2.66 30.98 -45.16
N ALA KA 36 -3.91 30.64 -45.42
CA ALA KA 36 -4.86 31.67 -45.81
C ALA KA 36 -5.35 32.47 -44.61
N MET KA 37 -4.90 32.17 -43.39
CA MET KA 37 -5.22 33.03 -42.25
C MET KA 37 -4.19 34.14 -42.09
N LYS KA 38 -2.93 33.83 -42.39
CA LYS KA 38 -1.90 34.87 -42.38
C LYS KA 38 -2.09 35.83 -43.54
N GLU KA 39 -2.21 35.29 -44.76
CA GLU KA 39 -2.30 36.13 -45.94
C GLU KA 39 -3.53 37.04 -45.88
N MET KA 40 -4.68 36.49 -45.49
CA MET KA 40 -5.91 37.26 -45.31
C MET KA 40 -6.28 37.23 -43.85
N GLY KA 41 -6.55 38.40 -43.28
CA GLY KA 41 -6.89 38.45 -41.88
C GLY KA 41 -8.28 37.95 -41.58
N THR KA 42 -8.58 36.71 -41.95
CA THR KA 42 -9.89 36.11 -41.74
C THR KA 42 -9.71 34.74 -41.10
N PRO KA 43 -10.60 34.37 -40.18
CA PRO KA 43 -10.55 33.03 -39.60
C PRO KA 43 -11.37 32.01 -40.36
N ASP KA 44 -12.18 32.45 -41.32
CA ASP KA 44 -13.04 31.58 -42.10
C ASP KA 44 -12.39 31.34 -43.45
N VAL KA 45 -11.87 30.13 -43.65
CA VAL KA 45 -11.23 29.76 -44.90
C VAL KA 45 -12.03 28.62 -45.52
N ARG KA 46 -12.43 28.78 -46.76
CA ARG KA 46 -13.21 27.76 -47.45
C ARG KA 46 -12.40 27.27 -48.66
N ILE KA 47 -11.80 26.10 -48.50
CA ILE KA 47 -10.97 25.52 -49.54
C ILE KA 47 -11.84 24.75 -50.51
N ASP KA 48 -11.66 25.03 -51.79
CA ASP KA 48 -12.57 24.54 -52.79
C ASP KA 48 -12.27 23.09 -53.16
N THR KA 49 -13.31 22.43 -53.66
CA THR KA 49 -13.25 21.00 -53.95
C THR KA 49 -12.20 20.67 -54.99
N ARG KA 50 -12.08 21.49 -56.03
CA ARG KA 50 -11.07 21.20 -57.03
C ARG KA 50 -9.67 21.32 -56.43
N LEU KA 51 -9.47 22.25 -55.50
CA LEU KA 51 -8.19 22.34 -54.82
C LEU KA 51 -7.93 21.08 -54.02
N ASN KA 52 -8.84 20.77 -53.09
CA ASN KA 52 -8.75 19.54 -52.32
C ASN KA 52 -8.54 18.32 -53.21
N LYS KA 53 -8.95 18.40 -54.48
CA LYS KA 53 -8.75 17.29 -55.38
C LYS KA 53 -7.28 17.11 -55.71
N ALA KA 54 -6.60 18.19 -56.09
CA ALA KA 54 -5.23 18.04 -56.57
C ALA KA 54 -4.21 18.20 -55.47
N VAL KA 55 -4.64 18.52 -54.24
CA VAL KA 55 -3.78 18.25 -53.11
C VAL KA 55 -3.83 16.77 -52.74
N TRP KA 56 -4.88 16.06 -53.13
CA TRP KA 56 -5.01 14.63 -52.90
C TRP KA 56 -4.73 13.80 -54.13
N ALA KA 57 -4.07 14.37 -55.15
CA ALA KA 57 -3.98 13.75 -56.46
C ALA KA 57 -2.96 12.64 -56.55
N LYS KA 58 -2.16 12.44 -55.52
CA LYS KA 58 -1.19 11.36 -55.51
C LYS KA 58 -1.25 10.64 -54.17
N GLY KA 59 -2.47 10.34 -53.73
CA GLY KA 59 -2.68 9.59 -52.52
C GLY KA 59 -2.19 10.35 -51.31
N ILE KA 60 -1.93 9.61 -50.24
CA ILE KA 60 -1.47 10.26 -49.03
C ILE KA 60 0.01 10.58 -49.12
N ARG KA 61 0.84 9.56 -49.38
CA ARG KA 61 2.27 9.69 -49.11
C ARG KA 61 2.88 10.89 -49.85
N ASN KA 62 2.84 10.86 -51.18
CA ASN KA 62 3.53 11.89 -51.96
C ASN KA 62 2.53 12.99 -52.30
N VAL KA 63 2.62 14.10 -51.58
CA VAL KA 63 1.82 15.28 -51.89
C VAL KA 63 2.58 16.05 -52.97
N PRO KA 64 1.93 16.87 -53.79
CA PRO KA 64 2.67 17.76 -54.68
C PRO KA 64 3.56 18.73 -53.90
N TYR KA 65 4.71 19.05 -54.50
CA TYR KA 65 5.70 19.88 -53.79
C TYR KA 65 5.22 21.32 -53.66
N ARG KA 66 4.85 21.94 -54.77
CA ARG KA 66 4.29 23.28 -54.77
C ARG KA 66 2.92 23.28 -55.43
N ILE KA 67 2.13 24.28 -55.08
CA ILE KA 67 0.75 24.42 -55.54
C ILE KA 67 0.45 25.90 -55.66
N ARG KA 68 -0.07 26.33 -56.80
CA ARG KA 68 -0.44 27.72 -56.98
C ARG KA 68 -1.93 27.87 -56.74
N VAL KA 69 -2.31 28.95 -56.07
CA VAL KA 69 -3.61 29.04 -55.41
C VAL KA 69 -4.21 30.42 -55.58
N ARG KA 70 -5.55 30.50 -55.67
CA ARG KA 70 -6.25 31.78 -55.84
C ARG KA 70 -6.81 32.22 -54.50
N LEU KA 71 -5.96 32.88 -53.72
CA LEU KA 71 -6.42 33.37 -52.42
C LEU KA 71 -7.37 34.53 -52.67
N SER KA 72 -8.67 34.25 -52.60
CA SER KA 72 -9.70 35.25 -52.89
C SER KA 72 -10.48 35.56 -51.62
N ARG KA 73 -10.70 36.84 -51.37
CA ARG KA 73 -11.45 37.30 -50.22
C ARG KA 73 -12.78 37.87 -50.68
N LYS KA 74 -13.85 37.46 -50.01
CA LYS KA 74 -15.19 37.84 -50.45
C LYS KA 74 -16.02 38.43 -49.32
N ARG KA 75 -17.33 38.53 -49.56
CA ARG KA 75 -18.22 39.34 -48.73
C ARG KA 75 -18.82 38.58 -47.55
N ASN KA 76 -18.99 37.26 -47.66
CA ASN KA 76 -19.90 36.51 -46.78
C ASN KA 76 -21.32 37.05 -46.92
N GLU KA 77 -21.85 36.86 -48.13
CA GLU KA 77 -23.17 37.34 -48.50
C GLU KA 77 -24.24 36.97 -47.46
N ASP KA 78 -24.43 35.67 -47.25
CA ASP KA 78 -25.64 35.19 -46.58
C ASP KA 78 -25.53 35.27 -45.06
N GLU KA 79 -24.47 34.70 -44.50
CA GLU KA 79 -24.46 34.35 -43.09
C GLU KA 79 -24.63 35.57 -42.20
N ASP KA 80 -25.39 35.40 -41.13
CA ASP KA 80 -25.44 36.33 -40.03
C ASP KA 80 -24.39 36.00 -38.97
N SER KA 81 -23.53 35.03 -39.24
CA SER KA 81 -22.42 34.60 -38.40
C SER KA 81 -21.54 35.79 -38.02
N PRO KA 82 -20.85 35.75 -36.87
CA PRO KA 82 -19.95 36.85 -36.52
C PRO KA 82 -18.91 37.17 -37.58
N ASN KA 83 -18.54 36.19 -38.40
CA ASN KA 83 -17.51 36.35 -39.42
C ASN KA 83 -18.15 36.80 -40.72
N LYS KA 84 -17.93 38.06 -41.10
CA LYS KA 84 -18.04 38.48 -42.48
C LYS KA 84 -16.74 38.09 -43.17
N LEU KA 85 -16.51 38.55 -44.39
CA LEU KA 85 -15.19 38.39 -44.99
C LEU KA 85 -14.74 36.93 -45.14
N TYR KA 86 -15.31 36.23 -46.13
CA TYR KA 86 -14.87 34.90 -46.54
C TYR KA 86 -13.38 34.84 -46.82
N THR KA 87 -12.88 33.65 -47.11
CA THR KA 87 -11.63 33.50 -47.84
C THR KA 87 -11.72 32.20 -48.62
N LEU KA 88 -11.88 32.31 -49.93
CA LEU KA 88 -12.04 31.16 -50.78
C LEU KA 88 -10.71 30.85 -51.47
N VAL KA 89 -10.32 29.58 -51.48
CA VAL KA 89 -9.04 29.17 -52.03
C VAL KA 89 -9.33 28.29 -53.25
N THR KA 90 -8.77 28.66 -54.39
CA THR KA 90 -9.09 27.94 -55.62
C THR KA 90 -7.79 27.51 -56.30
N TYR KA 91 -7.92 26.90 -57.47
CA TYR KA 91 -6.79 26.31 -58.16
C TYR KA 91 -6.36 27.14 -59.35
N VAL KA 92 -5.10 26.94 -59.72
CA VAL KA 92 -4.65 27.24 -61.07
C VAL KA 92 -3.76 26.09 -61.51
N PRO KA 93 -4.19 25.31 -62.49
CA PRO KA 93 -3.25 24.37 -63.13
C PRO KA 93 -2.13 25.14 -63.79
N VAL KA 94 -0.90 24.88 -63.34
CA VAL KA 94 0.30 25.53 -63.85
C VAL KA 94 1.27 24.49 -64.34
N THR KA 95 1.98 24.82 -65.41
CA THR KA 95 2.97 23.90 -65.97
C THR KA 95 4.23 23.88 -65.11
N THR KA 96 4.89 25.02 -64.99
CA THR KA 96 6.11 25.11 -64.20
C THR KA 96 5.96 26.22 -63.17
N PHE KA 97 6.60 26.02 -62.03
CA PHE KA 97 6.61 27.02 -60.98
C PHE KA 97 7.85 27.90 -61.03
N LYS KA 98 8.73 27.71 -62.00
CA LYS KA 98 10.00 28.42 -61.99
C LYS KA 98 9.79 29.91 -62.29
N ASN KA 99 10.43 30.75 -61.47
CA ASN KA 99 10.44 32.22 -61.59
C ASN KA 99 9.04 32.82 -61.62
N LEU KA 100 8.09 32.18 -60.95
CA LEU KA 100 6.75 32.72 -60.75
C LEU KA 100 6.78 33.87 -59.75
N GLN KA 101 5.62 34.38 -59.37
CA GLN KA 101 5.56 35.53 -58.48
C GLN KA 101 4.28 35.46 -57.66
N THR KA 102 3.91 36.57 -57.02
CA THR KA 102 2.76 36.63 -56.13
C THR KA 102 1.80 37.74 -56.55
N VAL KA 103 1.44 37.72 -57.83
CA VAL KA 103 0.58 38.73 -58.43
C VAL KA 103 -0.78 38.81 -57.73
N ASN KA 104 -1.41 39.99 -57.85
CA ASN KA 104 -2.82 40.17 -57.50
C ASN KA 104 -3.65 40.17 -58.78
N VAL KA 105 -4.66 39.29 -58.83
CA VAL KA 105 -5.54 39.23 -60.00
C VAL KA 105 -6.46 40.44 -60.01
N ASP KA 106 -6.80 40.88 -61.22
CA ASP KA 106 -7.88 41.83 -61.45
C ASP KA 106 -9.09 41.06 -61.97
N GLU KA 107 -10.27 41.51 -61.55
CA GLU KA 107 -11.50 40.83 -61.93
C GLU KA 107 -11.82 41.06 -63.41
N ALA LA 1 -31.61 39.61 41.97
CA ALA LA 1 -31.95 39.64 43.38
C ALA LA 1 -33.21 38.82 43.65
N ALA LA 2 -33.16 37.54 43.32
CA ALA LA 2 -34.32 36.67 43.47
C ALA LA 2 -33.94 35.50 44.37
N LEU LA 3 -34.60 35.42 45.53
CA LEU LA 3 -34.67 34.19 46.32
C LEU LA 3 -33.29 33.64 46.66
N ARG LA 4 -32.60 34.36 47.54
CA ARG LA 4 -31.34 33.88 48.08
C ARG LA 4 -31.49 32.46 48.61
N PRO LA 5 -30.42 31.68 48.66
CA PRO LA 5 -30.47 30.37 49.30
C PRO LA 5 -30.32 30.49 50.80
N LEU LA 6 -30.64 29.40 51.49
CA LEU LA 6 -30.47 29.36 52.94
C LEU LA 6 -28.99 29.44 53.30
N VAL LA 7 -28.17 28.60 52.68
CA VAL LA 7 -26.73 28.56 52.93
C VAL LA 7 -26.02 28.44 51.59
N LYS LA 8 -25.10 29.37 51.32
CA LYS LA 8 -24.35 29.42 50.07
C LYS LA 8 -22.89 29.10 50.38
N PRO LA 9 -22.51 27.84 50.37
CA PRO LA 9 -21.13 27.47 50.72
C PRO LA 9 -20.19 27.76 49.57
N LYS LA 10 -18.93 27.36 49.76
CA LYS LA 10 -17.92 27.38 48.72
C LYS LA 10 -17.96 26.04 48.01
N ILE LA 11 -18.43 26.04 46.77
CA ILE LA 11 -18.53 24.81 46.00
C ILE LA 11 -17.20 24.57 45.30
N VAL LA 12 -16.58 23.44 45.61
CA VAL LA 12 -15.33 23.04 45.00
C VAL LA 12 -15.58 21.75 44.22
N LYS LA 13 -14.98 21.64 43.05
CA LYS LA 13 -15.20 20.47 42.20
C LYS LA 13 -13.84 19.92 41.80
N LYS LA 14 -13.55 18.68 42.26
CA LYS LA 14 -12.19 18.16 42.16
C LYS LA 14 -11.71 18.11 40.72
N ARG LA 15 -12.57 17.70 39.80
CA ARG LA 15 -12.28 17.78 38.38
C ARG LA 15 -13.49 18.39 37.72
N THR LA 16 -13.27 19.35 36.85
CA THR LA 16 -14.40 19.93 36.16
C THR LA 16 -14.56 19.43 34.74
N LYS LA 17 -13.52 18.83 34.18
CA LYS LA 17 -13.57 18.36 32.80
C LYS LA 17 -14.31 17.03 32.72
N LYS LA 18 -14.85 16.76 31.53
CA LYS LA 18 -15.51 15.50 31.25
C LYS LA 18 -14.51 14.36 31.28
N PHE LA 19 -15.01 13.15 31.05
CA PHE LA 19 -14.16 11.95 30.96
C PHE LA 19 -14.44 11.29 29.62
N ILE LA 20 -13.73 11.70 28.59
CA ILE LA 20 -13.99 11.12 27.27
C ILE LA 20 -13.45 9.70 27.20
N ARG LA 21 -14.02 8.90 26.30
CA ARG LA 21 -13.57 7.54 26.14
C ARG LA 21 -12.27 7.48 25.34
N HIS LA 22 -11.46 6.46 25.63
CA HIS LA 22 -10.20 6.31 24.91
C HIS LA 22 -10.46 6.18 23.41
N GLN LA 23 -9.75 6.97 22.63
CA GLN LA 23 -9.83 7.01 21.18
C GLN LA 23 -11.16 7.53 20.66
N SER LA 24 -11.93 8.25 21.48
CA SER LA 24 -13.16 8.85 20.98
C SER LA 24 -12.94 10.02 20.06
N ASP LA 25 -11.69 10.40 19.86
CA ASP LA 25 -11.28 11.50 18.99
C ASP LA 25 -10.91 11.04 17.61
N ARG LA 26 -10.18 9.93 17.51
CA ARG LA 26 -9.73 9.48 16.21
C ARG LA 26 -10.90 8.97 15.38
N TYR LA 27 -11.78 8.21 16.00
CA TYR LA 27 -12.89 7.58 15.30
C TYR LA 27 -14.18 8.33 15.62
N VAL LA 28 -15.08 8.37 14.64
CA VAL LA 28 -16.40 8.93 14.87
C VAL LA 28 -17.39 7.89 15.37
N LYS LA 29 -17.12 6.61 15.11
CA LYS LA 29 -17.97 5.53 15.58
C LYS LA 29 -18.00 5.44 17.09
N ILE LA 30 -17.17 6.21 17.78
CA ILE LA 30 -17.03 6.11 19.22
C ILE LA 30 -17.52 7.41 19.84
N LYS LA 31 -18.48 7.29 20.75
CA LYS LA 31 -19.01 8.44 21.47
C LYS LA 31 -18.06 8.84 22.59
N ARG LA 32 -18.31 10.02 23.15
CA ARG LA 32 -17.52 10.49 24.27
C ARG LA 32 -17.91 9.84 25.60
N ASN LA 33 -18.96 9.01 25.61
CA ASN LA 33 -19.37 8.35 26.84
C ASN LA 33 -18.29 7.39 27.32
N TRP LA 34 -18.07 7.39 28.63
CA TRP LA 34 -17.00 6.61 29.21
C TRP LA 34 -17.28 5.12 29.08
N ARG LA 35 -16.28 4.36 28.66
CA ARG LA 35 -16.32 2.91 28.73
C ARG LA 35 -14.98 2.47 29.29
N LYS LA 36 -15.02 1.65 30.33
CA LYS LA 36 -13.80 1.27 31.00
C LYS LA 36 -12.97 0.37 30.10
N PRO LA 37 -11.82 0.82 29.61
CA PRO LA 37 -11.07 0.01 28.65
C PRO LA 37 -10.63 -1.32 29.24
N ARG LA 38 -10.77 -2.38 28.48
CA ARG LA 38 -10.42 -3.70 28.98
C ARG LA 38 -9.49 -4.43 28.01
N GLY LA 39 -8.50 -3.72 27.49
CA GLY LA 39 -7.49 -4.37 26.67
C GLY LA 39 -6.38 -4.95 27.50
N ILE LA 40 -5.81 -6.06 27.01
CA ILE LA 40 -4.68 -6.66 27.71
C ILE LA 40 -3.51 -5.68 27.73
N ASP LA 41 -3.07 -5.23 26.54
CA ASP LA 41 -1.98 -4.27 26.40
C ASP LA 41 -2.48 -2.82 26.31
N ASN LA 42 -3.73 -2.57 26.70
CA ASN LA 42 -4.27 -1.21 26.65
C ASN LA 42 -3.54 -0.31 27.65
N ARG LA 43 -3.20 0.89 27.19
CA ARG LA 43 -2.32 1.76 27.96
C ARG LA 43 -3.05 2.72 28.87
N VAL LA 44 -4.37 2.81 28.76
CA VAL LA 44 -5.09 3.63 29.73
C VAL LA 44 -5.50 2.80 30.93
N ARG LA 45 -5.96 1.57 30.70
CA ARG LA 45 -6.49 0.78 31.81
C ARG LA 45 -5.39 0.44 32.81
N ARG LA 46 -4.17 0.18 32.33
CA ARG LA 46 -3.00 0.27 33.19
C ARG LA 46 -2.57 1.73 33.19
N ARG LA 47 -2.76 2.42 34.32
CA ARG LA 47 -2.85 3.87 34.30
C ARG LA 47 -1.47 4.45 34.01
N PHE LA 48 -1.17 4.55 32.72
CA PHE LA 48 0.13 4.98 32.25
C PHE LA 48 0.28 6.47 32.44
N LYS LA 49 1.41 7.00 32.01
CA LYS LA 49 1.73 8.40 32.23
C LYS LA 49 1.21 9.25 31.09
N GLY LA 50 0.68 10.42 31.44
CA GLY LA 50 0.19 11.34 30.44
C GLY LA 50 -0.90 10.79 29.55
N GLN LA 51 -1.74 9.91 30.09
CA GLN LA 51 -2.86 9.34 29.37
C GLN LA 51 -4.17 9.83 29.98
N ILE LA 52 -5.25 9.67 29.21
CA ILE LA 52 -6.55 10.15 29.68
C ILE LA 52 -6.90 9.46 30.98
N LEU LA 53 -7.63 10.17 31.84
CA LEU LA 53 -7.81 9.72 33.20
C LEU LA 53 -9.04 8.85 33.34
N MET LA 54 -8.92 7.83 34.14
CA MET LA 54 -10.03 6.93 34.41
C MET LA 54 -10.81 7.42 35.62
N PRO LA 55 -12.14 7.55 35.52
CA PRO LA 55 -12.91 8.04 36.66
C PRO LA 55 -12.99 6.97 37.74
N ASN LA 56 -12.75 7.37 38.97
CA ASN LA 56 -12.93 6.49 40.10
C ASN LA 56 -13.59 7.28 41.21
N ILE LA 57 -13.81 6.63 42.34
CA ILE LA 57 -14.75 7.19 43.29
C ILE LA 57 -14.15 8.35 44.08
N GLY LA 58 -12.86 8.26 44.41
CA GLY LA 58 -12.24 9.24 45.29
C GLY LA 58 -12.05 10.54 44.57
N TYR LA 59 -12.80 10.65 43.49
CA TYR LA 59 -12.73 11.74 42.53
C TYR LA 59 -13.99 12.58 42.61
N GLY LA 60 -14.81 12.35 43.63
CA GLY LA 60 -16.20 12.71 43.60
C GLY LA 60 -16.54 13.85 44.55
N SER LA 61 -17.74 14.39 44.37
CA SER LA 61 -18.04 15.69 44.91
C SER LA 61 -18.30 15.63 46.42
N ASN LA 62 -18.17 16.79 47.04
CA ASN LA 62 -18.42 16.94 48.47
C ASN LA 62 -19.85 16.56 48.82
N LYS LA 63 -20.04 15.94 49.99
CA LYS LA 63 -21.36 15.43 50.35
C LYS LA 63 -22.33 16.55 50.63
N LYS LA 64 -21.83 17.70 51.07
CA LYS LA 64 -22.69 18.84 51.36
C LYS LA 64 -23.14 19.53 50.09
N THR LA 65 -22.23 19.78 49.17
CA THR LA 65 -22.54 20.54 47.96
C THR LA 65 -22.86 19.64 46.78
N LYS LA 66 -23.19 18.39 47.01
CA LYS LA 66 -23.44 17.50 45.89
C LYS LA 66 -24.79 17.81 45.26
N HIS LA 67 -24.87 17.61 43.95
CA HIS LA 67 -26.07 17.90 43.15
C HIS LA 67 -26.51 19.35 43.25
N MET LA 68 -25.60 20.24 43.61
CA MET LA 68 -25.96 21.62 43.93
C MET LA 68 -25.75 22.50 42.71
N LEU LA 69 -26.75 23.32 42.37
CA LEU LA 69 -26.58 24.26 41.28
C LEU LA 69 -25.59 25.35 41.68
N PRO LA 70 -25.09 26.13 40.71
CA PRO LA 70 -24.16 27.21 41.06
C PRO LA 70 -24.80 28.30 41.90
N SER LA 71 -26.13 28.39 41.91
CA SER LA 71 -26.81 29.34 42.79
C SER LA 71 -26.99 28.78 44.20
N GLY LA 72 -27.23 27.48 44.34
CA GLY LA 72 -27.32 26.90 45.66
C GLY LA 72 -28.41 25.87 45.79
N PHE LA 73 -29.45 26.01 44.99
CA PHE LA 73 -30.60 25.15 45.10
C PHE LA 73 -30.41 23.90 44.25
N ARG LA 74 -30.88 22.78 44.77
CA ARG LA 74 -31.01 21.58 43.96
C ARG LA 74 -32.23 21.72 43.06
N LYS LA 75 -32.16 21.17 41.84
CA LYS LA 75 -33.32 21.24 40.96
C LYS LA 75 -34.40 20.27 41.41
N PHE LA 76 -35.64 20.63 41.14
CA PHE LA 76 -36.76 19.71 41.22
C PHE LA 76 -37.52 19.84 39.92
N LEU LA 77 -37.64 18.73 39.20
CA LEU LA 77 -38.36 18.68 37.93
C LEU LA 77 -39.85 18.73 38.22
N VAL LA 78 -40.37 19.95 38.35
CA VAL LA 78 -41.80 20.17 38.53
C VAL LA 78 -42.52 19.97 37.20
N HIS LA 79 -43.59 19.19 37.22
CA HIS LA 79 -44.19 18.73 35.99
C HIS LA 79 -45.50 19.45 35.66
N ASN LA 80 -46.25 19.86 36.68
CA ASN LA 80 -47.48 20.64 36.55
C ASN LA 80 -47.59 21.53 37.79
N VAL LA 81 -48.78 22.03 38.09
CA VAL LA 81 -48.90 22.97 39.20
C VAL LA 81 -48.92 22.24 40.54
N LYS LA 82 -49.80 21.25 40.69
CA LYS LA 82 -49.94 20.58 41.98
C LYS LA 82 -48.60 20.04 42.49
N GLU LA 83 -47.69 19.67 41.59
CA GLU LA 83 -46.36 19.21 42.00
C GLU LA 83 -45.43 20.35 42.40
N LEU LA 84 -45.94 21.57 42.51
CA LEU LA 84 -45.15 22.69 43.00
C LEU LA 84 -45.32 22.89 44.50
N GLU LA 85 -46.52 22.68 45.01
CA GLU LA 85 -46.75 22.87 46.44
C GLU LA 85 -46.04 21.81 47.26
N VAL LA 86 -45.44 20.81 46.61
CA VAL LA 86 -44.52 19.92 47.30
C VAL LA 86 -43.34 20.72 47.84
N LEU LA 87 -42.82 21.66 47.05
CA LEU LA 87 -41.68 22.48 47.42
C LEU LA 87 -42.04 23.66 48.31
N LEU LA 88 -43.30 23.81 48.70
CA LEU LA 88 -43.72 24.97 49.48
C LEU LA 88 -42.87 25.16 50.73
N MET LA 89 -42.38 24.07 51.32
CA MET LA 89 -41.55 24.15 52.51
C MET LA 89 -40.07 23.99 52.21
N CYS LA 90 -39.71 23.03 51.36
CA CYS LA 90 -38.29 22.80 51.09
C CYS LA 90 -37.81 23.78 50.03
N ASN LA 91 -38.09 25.07 50.23
CA ASN LA 91 -37.96 26.07 49.19
C ASN LA 91 -36.69 26.88 49.28
N LYS LA 92 -36.24 27.19 50.49
CA LYS LA 92 -34.99 27.90 50.58
C LYS LA 92 -33.79 26.99 50.38
N SER LA 93 -34.01 25.67 50.36
CA SER LA 93 -32.90 24.79 50.06
C SER LA 93 -32.85 24.43 48.58
N TYR LA 94 -34.00 24.12 47.97
CA TYR LA 94 -33.98 23.77 46.56
C TYR LA 94 -35.24 24.24 45.87
N CYS LA 95 -35.14 24.32 44.55
CA CYS LA 95 -35.97 25.13 43.68
C CYS LA 95 -36.70 24.26 42.65
N ALA LA 96 -37.40 24.91 41.73
CA ALA LA 96 -38.29 24.28 40.75
C ALA LA 96 -37.76 24.42 39.33
N GLU LA 97 -37.87 23.34 38.56
CA GLU LA 97 -37.45 23.28 37.16
C GLU LA 97 -38.61 22.73 36.35
N ILE LA 98 -39.16 23.55 35.48
CA ILE LA 98 -40.34 23.18 34.71
C ILE LA 98 -39.95 22.20 33.60
N ALA LA 99 -40.77 21.18 33.41
CA ALA LA 99 -40.43 20.12 32.46
C ALA LA 99 -40.44 20.64 31.03
N HIS LA 100 -39.57 20.07 30.20
CA HIS LA 100 -39.46 20.52 28.81
C HIS LA 100 -40.81 20.54 28.14
N ASN LA 101 -41.47 19.39 28.12
CA ASN LA 101 -42.68 19.27 27.33
C ASN LA 101 -43.91 19.68 28.13
N VAL LA 102 -43.89 20.90 28.64
CA VAL LA 102 -45.09 21.55 29.20
C VAL LA 102 -45.55 22.59 28.20
N SER LA 103 -46.86 22.61 27.93
CA SER LA 103 -47.38 23.57 26.97
C SER LA 103 -47.13 24.99 27.44
N SER LA 104 -47.13 25.93 26.50
CA SER LA 104 -46.78 27.30 26.84
C SER LA 104 -47.83 28.00 27.70
N LYS LA 105 -49.08 27.52 27.69
CA LYS LA 105 -50.12 28.21 28.48
C LYS LA 105 -49.96 27.94 29.97
N ASN LA 106 -49.99 26.68 30.38
CA ASN LA 106 -49.78 26.40 31.79
C ASN LA 106 -48.32 26.54 32.19
N ARG LA 107 -47.39 26.55 31.23
CA ARG LA 107 -46.01 26.88 31.60
C ARG LA 107 -45.95 28.26 32.20
N LYS LA 108 -46.90 29.12 31.86
CA LYS LA 108 -47.01 30.38 32.57
C LYS LA 108 -47.60 30.18 33.95
N ALA LA 109 -48.76 29.51 34.02
CA ALA LA 109 -49.45 29.32 35.29
C ALA LA 109 -48.55 28.72 36.36
N ILE LA 110 -47.57 27.91 35.96
CA ILE LA 110 -46.63 27.40 36.95
C ILE LA 110 -45.72 28.51 37.43
N VAL LA 111 -45.43 29.49 36.58
CA VAL LA 111 -44.42 30.49 36.94
C VAL LA 111 -44.94 31.42 38.01
N GLU LA 112 -46.10 32.03 37.80
CA GLU LA 112 -46.53 33.04 38.75
C GLU LA 112 -47.16 32.42 40.00
N ARG LA 113 -47.56 31.15 39.96
CA ARG LA 113 -47.91 30.52 41.23
C ARG LA 113 -46.69 30.30 42.10
N ALA LA 114 -45.52 30.10 41.48
CA ALA LA 114 -44.29 29.95 42.25
C ALA LA 114 -43.87 31.29 42.83
N ALA LA 115 -43.85 32.33 42.00
CA ALA LA 115 -43.53 33.68 42.48
C ALA LA 115 -44.50 34.14 43.57
N GLN LA 116 -45.67 33.53 43.65
CA GLN LA 116 -46.57 33.78 44.78
C GLN LA 116 -45.92 33.35 46.08
N LEU LA 117 -45.57 32.05 46.19
CA LEU LA 117 -45.03 31.50 47.42
C LEU LA 117 -43.50 31.34 47.38
N ALA LA 118 -42.82 32.13 46.56
CA ALA LA 118 -41.37 32.29 46.61
C ALA LA 118 -40.65 30.95 46.41
N ILE LA 119 -40.82 30.40 45.23
CA ILE LA 119 -40.07 29.24 44.79
C ILE LA 119 -39.30 29.67 43.54
N ARG LA 120 -38.00 29.86 43.68
CA ARG LA 120 -37.22 30.29 42.52
C ARG LA 120 -37.33 29.23 41.43
N VAL LA 121 -37.50 29.69 40.19
CA VAL LA 121 -37.60 28.80 39.05
C VAL LA 121 -36.40 29.06 38.14
N THR LA 122 -35.71 27.99 37.76
CA THR LA 122 -34.48 28.18 37.01
C THR LA 122 -34.74 28.53 35.54
N ASN LA 123 -35.89 28.13 34.99
CA ASN LA 123 -36.24 28.40 33.60
C ASN LA 123 -37.54 29.21 33.54
N PRO LA 124 -37.59 30.37 34.21
CA PRO LA 124 -38.88 31.02 34.44
C PRO LA 124 -39.30 31.87 33.26
N ASN LA 125 -38.33 32.35 32.52
CA ASN LA 125 -38.57 33.17 31.36
C ASN LA 125 -38.18 32.28 30.20
N ALA LA 126 -39.07 31.36 29.83
CA ALA LA 126 -38.65 30.33 28.88
C ALA LA 126 -39.44 30.38 27.57
N ARG LA 127 -40.73 30.07 27.58
CA ARG LA 127 -41.40 29.78 26.31
C ARG LA 127 -41.94 31.06 25.67
N LEU LA 128 -42.83 31.75 26.38
CA LEU LA 128 -43.31 33.06 25.97
C LEU LA 128 -43.90 33.07 24.57
N SER MA 1 9.43 57.27 40.65
CA SER MA 1 9.24 57.18 39.20
C SER MA 1 10.31 56.27 38.60
N GLY MA 2 10.45 55.09 39.18
CA GLY MA 2 11.45 54.12 38.74
C GLY MA 2 10.97 52.73 38.97
N ARG MA 3 11.86 51.84 39.41
CA ARG MA 3 11.45 50.44 39.51
C ARG MA 3 10.31 50.32 40.50
N LEU MA 4 10.61 50.47 41.79
CA LEU MA 4 9.68 50.10 42.86
C LEU MA 4 9.34 48.61 42.71
N TRP MA 5 9.84 47.99 41.65
CA TRP MA 5 9.73 46.55 41.43
C TRP MA 5 11.10 46.08 40.98
N SER MA 6 11.78 45.36 41.85
CA SER MA 6 13.07 44.81 41.47
C SER MA 6 12.88 43.82 40.33
N LYS MA 7 13.78 43.85 39.35
CA LYS MA 7 13.62 43.03 38.16
C LYS MA 7 13.76 41.54 38.48
N ALA MA 8 13.07 40.71 37.70
CA ALA MA 8 13.18 39.26 37.81
C ALA MA 8 12.68 38.61 36.52
N ILE MA 9 13.19 37.42 36.24
CA ILE MA 9 12.84 36.67 35.05
C ILE MA 9 12.19 35.35 35.46
N PHE MA 10 11.14 34.97 34.76
CA PHE MA 10 10.43 33.73 35.05
C PHE MA 10 11.10 32.60 34.26
N ALA MA 11 11.82 31.74 34.97
CA ALA MA 11 12.68 30.75 34.33
C ALA MA 11 11.96 29.44 34.04
N GLY MA 12 11.03 29.04 34.89
CA GLY MA 12 10.35 27.78 34.65
C GLY MA 12 9.56 27.44 35.88
N TYR MA 13 8.81 26.35 35.76
CA TYR MA 13 8.10 25.89 36.94
C TYR MA 13 8.88 24.78 37.62
N LYS MA 14 8.69 24.68 38.93
CA LYS MA 14 9.24 23.60 39.71
C LYS MA 14 8.98 22.25 39.04
N ARG MA 15 10.06 21.51 38.77
CA ARG MA 15 9.94 20.28 38.01
C ARG MA 15 10.99 19.27 38.42
N GLY MA 16 10.70 18.00 38.11
CA GLY MA 16 11.73 16.99 37.95
C GLY MA 16 12.17 16.98 36.51
N LEU MA 17 12.73 15.87 36.06
CA LEU MA 17 13.14 15.86 34.66
C LEU MA 17 11.97 15.57 33.75
N ARG MA 18 11.34 14.41 33.92
CA ARG MA 18 10.22 14.00 33.09
C ARG MA 18 8.87 14.22 33.79
N ASN MA 19 8.86 14.99 34.87
CA ASN MA 19 7.64 15.53 35.43
C ASN MA 19 7.67 17.04 35.30
N GLN MA 20 6.60 17.67 35.77
CA GLN MA 20 6.52 19.13 35.83
C GLN MA 20 5.34 19.52 36.69
N ARG MA 21 5.56 20.39 37.66
CA ARG MA 21 4.53 20.84 38.58
C ARG MA 21 4.28 22.32 38.34
N GLU MA 22 3.07 22.65 37.91
CA GLU MA 22 2.84 24.00 37.39
C GLU MA 22 2.38 24.99 38.44
N HIS MA 23 2.06 24.58 39.66
CA HIS MA 23 1.64 25.58 40.64
C HIS MA 23 2.80 26.50 41.00
N THR MA 24 3.94 25.92 41.36
CA THR MA 24 5.09 26.71 41.76
C THR MA 24 5.86 27.18 40.53
N ALA MA 25 6.32 28.43 40.56
CA ALA MA 25 7.17 28.98 39.51
C ALA MA 25 8.55 29.33 40.06
N LEU MA 26 9.54 29.30 39.18
CA LEU MA 26 10.93 29.62 39.54
C LEU MA 26 11.31 30.98 38.99
N LEU MA 27 11.53 31.92 39.89
CA LEU MA 27 11.95 33.27 39.53
C LEU MA 27 13.45 33.38 39.72
N LYS MA 28 14.11 34.06 38.80
CA LYS MA 28 15.54 34.34 38.94
C LYS MA 28 15.67 35.84 39.16
N ILE MA 29 15.63 36.26 40.42
CA ILE MA 29 15.76 37.67 40.72
C ILE MA 29 17.16 38.13 40.34
N GLU MA 30 17.26 39.35 39.82
CA GLU MA 30 18.52 39.83 39.29
C GLU MA 30 19.38 40.46 40.39
N GLY MA 31 20.66 40.11 40.40
CA GLY MA 31 21.58 40.63 41.38
C GLY MA 31 21.59 39.90 42.70
N VAL MA 32 21.19 38.63 42.73
CA VAL MA 32 21.18 37.84 43.95
C VAL MA 32 21.51 36.41 43.58
N TYR MA 33 22.66 35.91 44.06
CA TYR MA 33 23.18 34.63 43.60
C TYR MA 33 23.72 33.82 44.78
N ALA MA 34 22.97 33.77 45.87
CA ALA MA 34 23.32 32.92 47.00
C ALA MA 34 22.06 32.67 47.81
N ARG MA 35 21.89 31.42 48.26
CA ARG MA 35 20.69 31.17 49.05
C ARG MA 35 20.71 31.91 50.38
N ASP MA 36 21.87 32.45 50.79
CA ASP MA 36 21.93 33.35 51.94
C ASP MA 36 21.47 34.75 51.58
N GLU MA 37 21.58 35.11 50.31
CA GLU MA 37 21.33 36.47 49.83
C GLU MA 37 19.85 36.79 49.73
N THR MA 38 19.02 35.75 49.64
CA THR MA 38 17.66 35.89 49.14
C THR MA 38 16.63 35.96 50.25
N GLU MA 39 17.04 35.97 51.51
CA GLU MA 39 16.06 36.03 52.59
C GLU MA 39 15.38 37.38 52.69
N PHE MA 40 15.74 38.32 51.82
CA PHE MA 40 15.03 39.59 51.75
C PHE MA 40 13.75 39.47 50.95
N TYR MA 41 13.77 38.68 49.90
CA TYR MA 41 12.62 38.64 49.01
C TYR MA 41 11.56 37.67 49.45
N LEU MA 42 11.77 36.92 50.53
CA LEU MA 42 10.72 36.03 51.02
C LEU MA 42 9.50 36.86 51.40
N GLY MA 43 8.36 36.49 50.86
CA GLY MA 43 7.12 37.14 51.20
C GLY MA 43 6.69 38.24 50.26
N LYS MA 44 7.56 38.69 49.36
CA LYS MA 44 7.24 39.81 48.51
C LYS MA 44 6.16 39.42 47.48
N ARG MA 45 5.45 40.43 47.01
CA ARG MA 45 4.49 40.27 45.92
C ARG MA 45 5.19 40.39 44.58
N CYS MA 46 4.77 39.57 43.62
CA CYS MA 46 5.27 39.65 42.25
C CYS MA 46 4.10 39.83 41.30
N ALA MA 47 4.44 40.03 40.03
CA ALA MA 47 3.43 40.51 39.10
C ALA MA 47 3.89 40.16 37.69
N TYR MA 48 3.33 39.11 37.12
CA TYR MA 48 3.42 39.00 35.68
C TYR MA 48 2.53 40.09 35.10
N VAL MA 49 3.10 40.92 34.22
CA VAL MA 49 2.36 42.04 33.63
C VAL MA 49 2.43 41.93 32.12
N TYR MA 50 1.27 42.00 31.48
CA TYR MA 50 1.17 41.73 30.06
C TYR MA 50 -0.09 42.39 29.54
N LYS MA 51 -0.16 42.53 28.21
CA LYS MA 51 -1.28 43.21 27.59
C LYS MA 51 -1.81 42.41 26.40
N ALA MA 52 -3.14 42.37 26.26
CA ALA MA 52 -3.70 41.59 25.14
C ALA MA 52 -5.05 42.18 24.70
N LYS MA 53 -5.00 43.11 23.74
CA LYS MA 53 -5.97 43.25 22.65
C LYS MA 53 -7.41 43.57 23.07
N ASN MA 54 -7.72 43.54 24.36
CA ASN MA 54 -9.05 43.89 24.85
C ASN MA 54 -8.91 44.75 26.08
N ASN MA 55 -9.83 45.69 26.26
CA ASN MA 55 -9.71 46.62 27.38
C ASN MA 55 -10.18 46.01 28.67
N THR MA 56 -9.40 46.26 29.73
CA THR MA 56 -9.61 45.67 31.04
C THR MA 56 -9.48 46.75 32.09
N VAL MA 57 -10.41 46.76 33.06
CA VAL MA 57 -10.51 47.85 34.02
C VAL MA 57 -9.22 47.95 34.83
N THR MA 58 -9.09 49.05 35.57
CA THR MA 58 -7.84 49.35 36.24
C THR MA 58 -8.09 50.19 37.49
N PRO MA 59 -7.80 49.68 38.68
CA PRO MA 59 -7.95 50.49 39.90
C PRO MA 59 -7.18 51.79 39.79
N GLY MA 60 -7.88 52.89 40.04
CA GLY MA 60 -7.29 54.21 39.91
C GLY MA 60 -6.93 54.53 38.47
N GLY MA 61 -7.88 54.37 37.56
CA GLY MA 61 -7.61 54.63 36.16
C GLY MA 61 -8.74 54.13 35.31
N LYS MA 62 -8.61 54.40 34.02
CA LYS MA 62 -9.60 54.02 33.02
C LYS MA 62 -9.30 52.63 32.50
N PRO MA 63 -10.19 52.06 31.68
CA PRO MA 63 -9.88 50.76 31.06
C PRO MA 63 -8.64 50.84 30.19
N ASN MA 64 -7.62 50.08 30.60
CA ASN MA 64 -6.34 50.00 29.93
C ASN MA 64 -6.34 48.84 28.95
N LYS MA 65 -5.15 48.46 28.50
CA LYS MA 65 -4.97 47.22 27.79
C LYS MA 65 -4.16 46.21 28.60
N THR MA 66 -3.85 46.54 29.86
CA THR MA 66 -2.93 45.75 30.70
C THR MA 66 -3.68 44.90 31.72
N ARG MA 67 -3.22 43.67 31.86
CA ARG MA 67 -3.71 42.74 32.87
C ARG MA 67 -2.51 42.17 33.60
N VAL MA 68 -2.77 41.54 34.75
CA VAL MA 68 -1.72 40.85 35.50
C VAL MA 68 -2.25 39.56 36.08
N ILE MA 69 -1.43 38.56 36.03
CA ILE MA 69 -1.47 37.53 37.04
C ILE MA 69 -0.64 38.02 38.22
N TRP MA 70 -1.00 37.57 39.41
CA TRP MA 70 -0.75 38.33 40.63
C TRP MA 70 -0.24 37.36 41.68
N GLY MA 71 1.05 37.41 42.00
CA GLY MA 71 1.64 36.36 42.82
C GLY MA 71 2.35 36.76 44.09
N LYS MA 72 3.06 35.81 44.71
CA LYS MA 72 3.73 36.03 45.98
C LYS MA 72 4.86 35.03 46.15
N VAL MA 73 6.02 35.51 46.59
CA VAL MA 73 7.20 34.66 46.73
C VAL MA 73 7.08 33.80 47.97
N THR MA 74 7.39 32.51 47.86
CA THR MA 74 7.31 31.62 49.01
C THR MA 74 8.65 31.41 49.71
N ARG MA 75 9.62 30.85 48.99
CA ARG MA 75 10.90 30.52 49.61
C ARG MA 75 11.97 30.43 48.55
N ALA MA 76 13.21 30.32 49.03
CA ALA MA 76 14.37 30.23 48.17
C ALA MA 76 14.36 28.92 47.39
N HIS MA 77 15.31 28.79 46.46
CA HIS MA 77 15.37 27.58 45.63
C HIS MA 77 16.81 27.33 45.22
N GLY MA 78 17.43 26.32 45.85
CA GLY MA 78 18.79 25.95 45.50
C GLY MA 78 19.82 26.98 45.93
N ASN MA 79 21.10 26.60 45.88
CA ASN MA 79 22.15 27.47 46.39
C ASN MA 79 22.30 28.75 45.60
N SER MA 80 21.84 28.79 44.36
CA SER MA 80 22.24 29.83 43.43
C SER MA 80 21.39 31.10 43.54
N GLY MA 81 20.52 31.23 44.53
CA GLY MA 81 19.77 32.46 44.64
C GLY MA 81 18.54 32.52 43.76
N MET MA 82 18.06 31.37 43.29
CA MET MA 82 16.74 31.33 42.69
C MET MA 82 15.67 31.43 43.76
N VAL MA 83 14.43 31.56 43.31
CA VAL MA 83 13.31 31.82 44.21
C VAL MA 83 12.06 31.12 43.71
N ARG MA 84 11.38 30.40 44.60
CA ARG MA 84 10.14 29.71 44.29
C ARG MA 84 8.97 30.61 44.64
N ALA MA 85 8.09 30.88 43.68
CA ALA MA 85 6.94 31.73 43.90
C ALA MA 85 5.73 31.13 43.23
N LYS MA 86 4.58 31.21 43.89
CA LYS MA 86 3.34 30.72 43.30
C LYS MA 86 2.35 31.87 43.17
N PHE MA 87 1.93 32.12 41.93
CA PHE MA 87 0.93 33.14 41.60
C PHE MA 87 -0.46 32.59 41.78
N ARG MA 88 -1.44 33.51 41.85
CA ARG MA 88 -2.80 33.11 42.18
C ARG MA 88 -3.40 32.23 41.09
N SER MA 89 -3.26 32.63 39.83
CA SER MA 89 -3.44 31.72 38.73
C SER MA 89 -2.08 31.15 38.33
N ASN MA 90 -2.07 30.10 37.52
CA ASN MA 90 -0.80 29.55 37.07
C ASN MA 90 -0.30 30.31 35.84
N LEU MA 91 1.02 30.51 35.78
CA LEU MA 91 1.62 31.28 34.70
C LEU MA 91 1.49 30.53 33.37
N PRO MA 92 1.42 31.27 32.27
CA PRO MA 92 0.94 30.71 31.00
C PRO MA 92 1.98 30.08 30.08
N ALA MA 93 3.23 29.90 30.51
CA ALA MA 93 4.30 29.29 29.72
C ALA MA 93 4.69 30.18 28.55
N LYS MA 94 3.93 31.25 28.32
CA LYS MA 94 4.34 32.26 27.38
C LYS MA 94 5.38 33.16 28.00
N ALA MA 95 5.24 33.38 29.30
CA ALA MA 95 6.15 34.24 30.04
C ALA MA 95 7.49 33.55 30.35
N ILE MA 96 7.70 32.30 29.93
CA ILE MA 96 9.00 31.68 30.12
C ILE MA 96 10.05 32.53 29.42
N GLY MA 97 10.99 33.06 30.18
CA GLY MA 97 11.99 33.95 29.60
C GLY MA 97 11.46 35.35 29.34
N HIS MA 98 10.82 35.93 30.34
CA HIS MA 98 10.25 37.26 30.24
C HIS MA 98 10.32 37.92 31.61
N ARG MA 99 9.72 39.09 31.72
CA ARG MA 99 9.76 39.87 32.95
C ARG MA 99 8.59 39.50 33.86
N ILE MA 100 8.89 39.28 35.12
CA ILE MA 100 7.91 39.51 36.18
C ILE MA 100 8.57 40.48 37.15
N ARG MA 101 7.75 41.10 37.96
CA ARG MA 101 8.15 42.24 38.78
C ARG MA 101 7.94 41.87 40.24
N VAL MA 102 8.98 41.50 40.96
CA VAL MA 102 8.81 41.39 42.40
C VAL MA 102 8.84 42.79 42.98
N MET MA 103 7.82 43.10 43.75
CA MET MA 103 7.69 44.43 44.33
C MET MA 103 8.38 44.46 45.69
N LEU MA 104 8.11 45.50 46.46
CA LEU MA 104 8.63 45.61 47.80
C LEU MA 104 7.56 45.65 48.88
N TYR MA 105 6.28 45.86 48.52
CA TYR MA 105 5.38 46.44 49.51
C TYR MA 105 4.94 45.54 50.66
N PRO MA 106 4.88 44.20 50.57
CA PRO MA 106 4.60 43.43 51.79
C PRO MA 106 5.85 43.32 52.67
N SER MA 107 6.50 44.46 52.91
CA SER MA 107 7.87 44.48 53.38
C SER MA 107 7.96 44.02 54.83
N ARG MA 108 9.12 43.44 55.17
CA ARG MA 108 9.42 42.85 56.47
C ARG MA 108 10.77 43.33 56.98
N ILE MA 109 11.06 44.61 56.77
CA ILE MA 109 12.31 45.20 57.25
C ILE MA 109 12.14 45.73 58.66
N VAL NA 1 -18.38 -11.80 -63.47
CA VAL NA 1 -19.25 -12.95 -63.25
C VAL NA 1 -20.25 -12.63 -62.17
N GLN NA 2 -21.51 -12.99 -62.40
CA GLN NA 2 -22.48 -13.02 -61.33
C GLN NA 2 -22.51 -14.45 -60.79
N ARG NA 3 -22.46 -14.56 -59.46
CA ARG NA 3 -22.60 -15.85 -58.82
C ARG NA 3 -24.02 -15.96 -58.27
N LEU NA 4 -24.47 -17.20 -58.11
CA LEU NA 4 -25.86 -17.47 -57.79
C LEU NA 4 -26.00 -18.11 -56.41
N THR NA 5 -27.22 -18.53 -56.08
CA THR NA 5 -27.57 -19.03 -54.77
C THR NA 5 -28.53 -20.20 -54.92
N TYR NA 6 -28.61 -21.01 -53.87
CA TYR NA 6 -29.65 -22.02 -53.76
C TYR NA 6 -31.03 -21.37 -53.77
N ARG NA 7 -32.06 -22.18 -53.95
CA ARG NA 7 -33.41 -21.66 -54.02
C ARG NA 7 -34.35 -22.18 -52.95
N ARG NA 8 -34.16 -23.39 -52.47
CA ARG NA 8 -34.99 -23.90 -51.40
C ARG NA 8 -34.25 -23.75 -50.09
N ARG NA 9 -34.98 -23.89 -48.99
CA ARG NA 9 -34.40 -23.61 -47.69
C ARG NA 9 -33.29 -24.60 -47.35
N LEU NA 10 -33.02 -25.55 -48.23
CA LEU NA 10 -31.92 -26.50 -48.03
C LEU NA 10 -30.63 -25.94 -48.62
N SER NA 11 -29.54 -26.00 -47.86
CA SER NA 11 -28.29 -25.41 -48.35
C SER NA 11 -27.12 -26.37 -48.28
N TYR NA 12 -27.36 -27.65 -48.11
CA TYR NA 12 -26.31 -28.66 -48.07
C TYR NA 12 -26.37 -29.43 -49.37
N ASN NA 13 -25.28 -29.38 -50.14
CA ASN NA 13 -25.22 -30.18 -51.34
C ASN NA 13 -25.35 -31.65 -50.97
N THR NA 14 -26.39 -32.30 -51.50
CA THR NA 14 -26.72 -33.67 -51.16
C THR NA 14 -27.15 -34.39 -52.44
N ALA NA 15 -27.64 -35.63 -52.31
CA ALA NA 15 -28.33 -36.25 -53.42
C ALA NA 15 -29.66 -35.57 -53.68
N SER NA 16 -30.16 -34.79 -52.72
CA SER NA 16 -31.44 -34.10 -52.87
C SER NA 16 -31.26 -32.78 -53.63
N ASN NA 17 -30.47 -31.85 -53.07
CA ASN NA 17 -30.14 -30.62 -53.79
C ASN NA 17 -29.05 -30.91 -54.81
N LYS NA 18 -29.46 -31.50 -55.91
CA LYS NA 18 -28.59 -31.56 -57.08
C LYS NA 18 -29.16 -30.59 -58.11
N THR NA 19 -28.29 -29.75 -58.64
CA THR NA 19 -28.71 -28.54 -59.35
C THR NA 19 -28.27 -28.62 -60.81
N ARG NA 20 -28.49 -27.53 -61.54
CA ARG NA 20 -27.89 -27.29 -62.84
C ARG NA 20 -28.15 -25.84 -63.23
N LEU NA 21 -27.27 -25.29 -64.08
CA LEU NA 21 -27.45 -23.91 -64.52
C LEU NA 21 -28.41 -23.85 -65.69
N SER NA 22 -29.19 -22.77 -65.75
CA SER NA 22 -30.11 -22.50 -66.84
C SER NA 22 -30.13 -21.01 -67.11
N ARG NA 23 -30.31 -20.64 -68.37
CA ARG NA 23 -30.38 -19.23 -68.75
C ARG NA 23 -31.82 -18.89 -69.12
N THR NA 24 -32.48 -18.16 -68.24
CA THR NA 24 -33.86 -17.78 -68.45
C THR NA 24 -33.94 -16.64 -69.46
N PRO NA 25 -35.14 -16.30 -69.92
CA PRO NA 25 -35.29 -15.13 -70.80
C PRO NA 25 -35.08 -13.80 -70.12
N GLY NA 26 -34.73 -13.76 -68.84
CA GLY NA 26 -34.37 -12.49 -68.24
C GLY NA 26 -32.87 -12.31 -68.14
N ASN NA 27 -32.11 -13.11 -68.90
CA ASN NA 27 -30.65 -13.09 -68.88
C ASN NA 27 -30.12 -13.36 -67.48
N ARG NA 28 -30.75 -14.29 -66.78
CA ARG NA 28 -30.44 -14.52 -65.38
C ARG NA 28 -30.10 -15.99 -65.22
N ILE NA 29 -28.80 -16.31 -65.12
CA ILE NA 29 -28.43 -17.68 -64.82
C ILE NA 29 -29.01 -18.05 -63.47
N VAL NA 30 -29.75 -19.14 -63.43
CA VAL NA 30 -30.45 -19.54 -62.22
C VAL NA 30 -30.32 -21.03 -62.02
N TYR NA 31 -30.34 -21.46 -60.77
CA TYR NA 31 -30.27 -22.88 -60.46
C TYR NA 31 -31.61 -23.54 -60.79
N LEU NA 32 -31.53 -24.69 -61.45
CA LEU NA 32 -32.67 -25.56 -61.69
C LEU NA 32 -32.42 -26.91 -61.06
N TYR NA 33 -33.38 -27.39 -60.28
CA TYR NA 33 -33.20 -28.59 -59.48
C TYR NA 33 -33.58 -29.82 -60.31
N THR NA 34 -32.58 -30.62 -60.64
CA THR NA 34 -32.70 -31.78 -61.51
C THR NA 34 -33.31 -32.96 -60.74
N LYS NA 35 -33.58 -34.04 -61.47
CA LYS NA 35 -34.08 -35.27 -60.89
C LYS NA 35 -32.99 -36.33 -60.88
N LYS NA 36 -33.03 -37.20 -59.86
CA LYS NA 36 -32.07 -38.30 -59.80
C LYS NA 36 -32.13 -39.13 -61.07
N VAL NA 37 -30.96 -39.59 -61.52
CA VAL NA 37 -30.86 -40.37 -62.74
C VAL NA 37 -31.39 -41.78 -62.47
N GLY NA 38 -32.50 -42.13 -63.12
CA GLY NA 38 -33.06 -43.45 -62.96
C GLY NA 38 -32.30 -44.51 -63.76
N LYS NA 39 -32.34 -45.74 -63.25
CA LYS NA 39 -31.66 -46.86 -63.89
C LYS NA 39 -32.67 -47.84 -64.48
N ALA NA 40 -32.33 -48.39 -65.65
CA ALA NA 40 -33.16 -49.37 -66.34
C ALA NA 40 -33.12 -50.71 -65.60
N PRO NA 41 -34.14 -51.57 -65.79
CA PRO NA 41 -34.20 -52.80 -65.00
C PRO NA 41 -33.10 -53.79 -65.37
N LYS NA 42 -32.58 -54.47 -64.34
CA LYS NA 42 -31.60 -55.52 -64.56
C LYS NA 42 -32.30 -56.86 -64.73
N SER NA 43 -31.62 -57.79 -65.38
CA SER NA 43 -32.23 -59.06 -65.73
C SER NA 43 -32.54 -59.90 -64.50
N ALA NA 44 -33.62 -60.67 -64.57
CA ALA NA 44 -33.99 -61.52 -63.46
C ALA NA 44 -33.21 -62.83 -63.42
N CYS NA 45 -32.56 -63.20 -64.53
CA CYS NA 45 -31.69 -64.37 -64.52
C CYS NA 45 -30.58 -64.23 -63.49
N GLY NA 46 -30.08 -63.01 -63.29
CA GLY NA 46 -29.05 -62.74 -62.30
C GLY NA 46 -27.63 -62.95 -62.75
N VAL NA 47 -27.38 -63.10 -64.06
CA VAL NA 47 -26.06 -63.39 -64.58
C VAL NA 47 -25.59 -62.31 -65.55
N CYS NA 48 -26.48 -61.83 -66.43
CA CYS NA 48 -26.11 -60.76 -67.36
C CYS NA 48 -26.08 -59.42 -66.63
N PRO NA 49 -24.98 -58.68 -66.70
CA PRO NA 49 -24.87 -57.47 -65.88
C PRO NA 49 -25.65 -56.30 -66.45
N GLY NA 50 -25.72 -56.23 -67.78
CA GLY NA 50 -26.28 -55.05 -68.42
C GLY NA 50 -27.74 -54.88 -68.08
N ARG NA 51 -28.14 -53.63 -67.90
CA ARG NA 51 -29.56 -53.34 -67.81
C ARG NA 51 -30.23 -53.65 -69.15
N LEU NA 52 -31.54 -53.87 -69.10
CA LEU NA 52 -32.28 -54.38 -70.25
C LEU NA 52 -32.33 -53.35 -71.37
N ARG NA 53 -32.99 -53.72 -72.46
CA ARG NA 53 -33.31 -52.79 -73.53
C ARG NA 53 -34.81 -52.53 -73.56
N GLY NA 54 -35.19 -51.53 -74.35
CA GLY NA 54 -36.60 -51.29 -74.59
C GLY NA 54 -37.41 -50.81 -73.41
N VAL NA 55 -36.75 -50.28 -72.38
CA VAL NA 55 -37.45 -49.79 -71.20
C VAL NA 55 -36.87 -48.42 -70.84
N ARG NA 56 -37.73 -47.49 -70.47
CA ARG NA 56 -37.25 -46.19 -70.03
C ARG NA 56 -36.59 -46.31 -68.67
N ALA NA 57 -35.35 -45.84 -68.55
CA ALA NA 57 -34.64 -45.79 -67.28
C ALA NA 57 -35.06 -44.54 -66.55
N VAL NA 58 -35.85 -44.70 -65.49
CA VAL NA 58 -36.45 -43.56 -64.81
C VAL NA 58 -36.89 -44.01 -63.44
N ARG NA 59 -36.80 -43.10 -62.48
CA ARG NA 59 -37.13 -43.25 -61.07
C ARG NA 59 -38.42 -44.04 -60.92
N PRO NA 60 -38.54 -44.90 -59.90
CA PRO NA 60 -39.60 -45.93 -59.94
C PRO NA 60 -41.01 -45.40 -59.84
N LYS NA 61 -41.28 -44.40 -59.00
CA LYS NA 61 -42.66 -43.93 -58.90
C LYS NA 61 -43.13 -43.24 -60.17
N VAL NA 62 -42.25 -43.05 -61.16
CA VAL NA 62 -42.63 -42.48 -62.44
C VAL NA 62 -43.27 -43.51 -63.33
N LEU NA 63 -42.94 -44.79 -63.12
CA LEU NA 63 -43.51 -45.87 -63.92
C LEU NA 63 -45.01 -45.95 -63.79
N MET NA 64 -45.61 -45.17 -62.89
CA MET NA 64 -47.06 -45.12 -62.79
C MET NA 64 -47.66 -44.28 -63.91
N ARG NA 65 -47.02 -43.18 -64.28
CA ARG NA 65 -47.49 -42.32 -65.37
C ARG NA 65 -47.33 -43.01 -66.72
N LEU NA 66 -46.19 -43.67 -66.93
CA LEU NA 66 -45.85 -44.20 -68.24
C LEU NA 66 -46.87 -45.23 -68.70
N SER NA 67 -46.77 -45.55 -69.98
CA SER NA 67 -47.64 -46.47 -70.68
C SER NA 67 -47.11 -47.90 -70.62
N LYS NA 68 -47.96 -48.85 -71.00
CA LYS NA 68 -47.59 -50.26 -70.90
C LYS NA 68 -46.40 -50.60 -71.79
N THR NA 69 -46.36 -50.06 -73.00
CA THR NA 69 -45.30 -50.45 -73.90
C THR NA 69 -43.96 -49.83 -73.53
N LYS NA 70 -43.97 -48.70 -72.81
CA LYS NA 70 -42.72 -48.11 -72.36
C LYS NA 70 -42.06 -48.96 -71.29
N LYS NA 71 -42.83 -49.80 -70.60
CA LYS NA 71 -42.31 -50.54 -69.46
C LYS NA 71 -41.89 -51.96 -69.80
N HIS NA 72 -42.33 -52.52 -70.92
CA HIS NA 72 -41.96 -53.88 -71.29
C HIS NA 72 -41.53 -53.94 -72.75
N VAL NA 73 -41.28 -55.15 -73.20
CA VAL NA 73 -41.02 -55.44 -74.60
C VAL NA 73 -41.74 -56.73 -74.95
N SER NA 74 -42.36 -56.75 -76.11
CA SER NA 74 -43.35 -57.79 -76.40
C SER NA 74 -42.69 -59.11 -76.75
N ARG NA 75 -42.37 -59.90 -75.72
CA ARG NA 75 -41.92 -61.28 -75.87
C ARG NA 75 -42.34 -62.09 -74.67
N ALA NA 76 -41.99 -63.37 -74.70
CA ALA NA 76 -42.00 -64.13 -73.46
C ALA NA 76 -41.02 -63.50 -72.49
N TYR NA 77 -41.42 -63.44 -71.22
CA TYR NA 77 -40.58 -62.90 -70.16
C TYR NA 77 -40.09 -61.49 -70.47
N GLY NA 78 -40.82 -60.78 -71.32
CA GLY NA 78 -40.34 -59.48 -71.79
C GLY NA 78 -40.39 -58.44 -70.68
N GLY NA 79 -39.37 -57.59 -70.66
CA GLY NA 79 -39.26 -56.60 -69.62
C GLY NA 79 -38.76 -57.13 -68.28
N SER NA 80 -38.47 -58.41 -68.18
CA SER NA 80 -37.89 -58.97 -66.96
C SER NA 80 -36.70 -59.87 -67.22
N MET NA 81 -36.55 -60.41 -68.43
CA MET NA 81 -35.39 -61.25 -68.74
C MET NA 81 -34.83 -60.86 -70.10
N CYS NA 82 -33.56 -61.19 -70.30
CA CYS NA 82 -32.71 -60.49 -71.25
C CYS NA 82 -32.67 -61.10 -72.64
N ALA NA 83 -33.41 -62.18 -72.89
CA ALA NA 83 -33.55 -62.78 -74.22
C ALA NA 83 -32.30 -63.54 -74.67
N LYS NA 84 -31.19 -63.33 -73.98
CA LYS NA 84 -30.10 -64.27 -74.12
C LYS NA 84 -30.24 -65.35 -73.07
N CYS NA 85 -30.88 -65.02 -71.95
CA CYS NA 85 -31.24 -66.02 -70.97
C CYS NA 85 -32.67 -66.49 -71.14
N VAL NA 86 -33.42 -65.91 -72.07
CA VAL NA 86 -34.71 -66.50 -72.41
C VAL NA 86 -34.52 -67.63 -73.41
N ARG NA 87 -33.81 -67.35 -74.50
CA ARG NA 87 -33.58 -68.38 -75.50
C ARG NA 87 -32.79 -69.55 -74.92
N ASP NA 88 -32.13 -69.39 -73.78
CA ASP NA 88 -31.58 -70.55 -73.09
C ASP NA 88 -32.65 -71.26 -72.27
N ARG NA 89 -33.47 -70.51 -71.53
CA ARG NA 89 -34.52 -71.12 -70.74
C ARG NA 89 -35.57 -71.81 -71.59
N ILE NA 90 -35.51 -71.65 -72.91
CA ILE NA 90 -36.38 -72.41 -73.78
C ILE NA 90 -35.68 -73.73 -74.10
N LYS NA 91 -34.51 -73.65 -74.68
CA LYS NA 91 -33.82 -74.86 -75.06
C LYS NA 91 -33.09 -75.52 -73.89
N ARG NA 92 -33.26 -75.01 -72.67
CA ARG NA 92 -32.92 -75.80 -71.49
C ARG NA 92 -34.13 -76.54 -70.94
N ALA NA 93 -35.31 -75.90 -70.95
CA ALA NA 93 -36.59 -76.55 -70.62
C ALA NA 93 -37.02 -77.54 -71.68
N PHE NA 94 -36.25 -77.64 -72.76
CA PHE NA 94 -36.52 -78.68 -73.73
C PHE NA 94 -35.87 -79.98 -73.30
N LEU NA 95 -34.55 -79.98 -73.23
CA LEU NA 95 -33.82 -81.21 -73.07
C LEU NA 95 -33.89 -81.74 -71.64
N ILE NA 96 -34.30 -80.93 -70.68
CA ILE NA 96 -34.61 -81.46 -69.37
C ILE NA 96 -35.79 -82.42 -69.47
N GLU NA 97 -36.82 -82.03 -70.23
CA GLU NA 97 -37.96 -82.91 -70.42
C GLU NA 97 -37.61 -84.09 -71.32
N GLU NA 98 -36.82 -83.85 -72.37
CA GLU NA 98 -36.53 -84.92 -73.32
C GLU NA 98 -35.72 -86.04 -72.69
N GLN NA 99 -34.71 -85.70 -71.90
CA GLN NA 99 -33.96 -86.73 -71.22
C GLN NA 99 -34.65 -87.21 -69.95
N LYS NA 100 -35.82 -86.65 -69.63
CA LYS NA 100 -36.71 -87.31 -68.68
C LYS NA 100 -37.55 -88.37 -69.37
N ILE NA 101 -37.86 -88.16 -70.65
CA ILE NA 101 -38.47 -89.20 -71.46
C ILE NA 101 -37.47 -90.33 -71.71
N VAL NA 102 -36.21 -89.98 -71.95
CA VAL NA 102 -35.20 -90.99 -72.23
C VAL NA 102 -34.94 -91.86 -71.01
N VAL NA 103 -34.88 -91.25 -69.82
CA VAL NA 103 -34.72 -92.06 -68.62
C VAL NA 103 -36.01 -92.81 -68.32
N LYS NA 104 -37.16 -92.30 -68.78
CA LYS NA 104 -38.43 -92.99 -68.56
C LYS NA 104 -38.48 -94.31 -69.34
N VAL NA 105 -37.94 -94.32 -70.56
CA VAL NA 105 -37.96 -95.54 -71.34
C VAL NA 105 -36.76 -96.43 -70.99
N LEU NA 106 -35.64 -95.84 -70.58
CA LEU NA 106 -34.52 -96.66 -70.07
C LEU NA 106 -34.89 -97.30 -68.74
N LYS NA 107 -35.73 -96.62 -67.95
CA LYS NA 107 -36.27 -97.25 -66.74
C LYS NA 107 -37.35 -98.26 -67.07
N ALA NA 108 -38.13 -98.04 -68.14
CA ALA NA 108 -39.12 -99.01 -68.57
C ALA NA 108 -38.51 -100.22 -69.27
N GLN NA 109 -37.29 -100.10 -69.82
CA GLN NA 109 -36.56 -101.22 -70.39
C GLN NA 109 -35.70 -101.94 -69.35
N ALA NA 110 -35.28 -101.25 -68.29
CA ALA NA 110 -34.55 -101.90 -67.21
C ALA NA 110 -35.48 -102.78 -66.37
N GLN NA 111 -36.75 -102.40 -66.23
CA GLN NA 111 -37.74 -103.25 -65.58
C GLN NA 111 -38.37 -104.25 -66.54
N SER NA 112 -38.37 -103.96 -67.84
CA SER NA 112 -38.80 -104.95 -68.83
C SER NA 112 -37.77 -106.07 -68.98
N GLN NA 113 -36.50 -105.76 -68.79
CA GLN NA 113 -35.45 -106.78 -68.83
C GLN NA 113 -35.41 -107.60 -67.54
N LYS NA 114 -35.58 -106.94 -66.40
CA LYS NA 114 -35.54 -107.60 -65.10
C LYS NA 114 -36.96 -107.99 -64.66
N ALA OA 1 -83.76 -0.86 -23.51
CA ALA OA 1 -83.93 -1.77 -24.63
C ALA OA 1 -83.23 -3.10 -24.37
N LYS OA 2 -82.80 -3.30 -23.12
CA LYS OA 2 -82.15 -4.55 -22.74
C LYS OA 2 -83.09 -5.71 -22.99
N ILE OA 3 -82.58 -6.75 -23.63
CA ILE OA 3 -83.40 -7.90 -23.96
C ILE OA 3 -83.46 -8.80 -22.73
N LYS OA 4 -84.37 -8.49 -21.81
CA LYS OA 4 -84.36 -9.15 -20.51
C LYS OA 4 -84.74 -10.63 -20.64
N ALA OA 5 -84.37 -11.40 -19.62
CA ALA OA 5 -84.80 -12.80 -19.55
C ALA OA 5 -86.28 -12.93 -19.20
N ARG OA 6 -86.97 -11.82 -18.96
CA ARG OA 6 -88.41 -11.87 -18.75
C ARG OA 6 -89.11 -12.33 -20.03
N ASP OA 7 -88.96 -11.55 -21.10
CA ASP OA 7 -89.75 -11.78 -22.31
C ASP OA 7 -89.37 -13.08 -23.00
N LEU OA 8 -88.13 -13.52 -22.86
CA LEU OA 8 -87.69 -14.69 -23.63
C LEU OA 8 -88.10 -16.00 -22.98
N ARG OA 9 -88.24 -16.02 -21.64
CA ARG OA 9 -88.51 -17.28 -20.93
C ARG OA 9 -89.72 -17.98 -21.52
N GLY OA 10 -90.82 -17.24 -21.70
CA GLY OA 10 -91.96 -17.75 -22.41
C GLY OA 10 -91.99 -17.43 -23.90
N LYS OA 11 -91.08 -18.03 -24.68
CA LYS OA 11 -91.12 -17.88 -26.14
C LYS OA 11 -90.73 -19.19 -26.81
N LYS OA 12 -90.81 -19.19 -28.13
CA LYS OA 12 -90.56 -20.39 -28.92
C LYS OA 12 -89.07 -20.62 -29.16
N LYS OA 13 -88.67 -21.89 -29.20
CA LYS OA 13 -87.26 -22.23 -29.35
C LYS OA 13 -86.69 -21.69 -30.66
N GLU OA 14 -87.42 -21.90 -31.76
CA GLU OA 14 -86.92 -21.43 -33.04
C GLU OA 14 -86.92 -19.91 -33.15
N GLU OA 15 -87.78 -19.24 -32.37
CA GLU OA 15 -87.87 -17.78 -32.47
C GLU OA 15 -86.64 -17.11 -31.88
N LEU OA 16 -86.20 -17.55 -30.70
CA LEU OA 16 -84.98 -17.00 -30.12
C LEU OA 16 -83.82 -17.12 -31.09
N LEU OA 17 -83.74 -18.23 -31.82
CA LEU OA 17 -82.60 -18.46 -32.71
C LEU OA 17 -82.50 -17.40 -33.81
N LYS OA 18 -83.59 -16.70 -34.12
CA LYS OA 18 -83.51 -15.57 -35.04
C LYS OA 18 -82.95 -14.34 -34.35
N GLN OA 19 -83.53 -13.97 -33.22
CA GLN OA 19 -83.02 -12.83 -32.48
C GLN OA 19 -81.56 -13.05 -32.10
N LEU OA 20 -81.18 -14.30 -31.78
CA LEU OA 20 -79.76 -14.60 -31.53
C LEU OA 20 -78.93 -14.34 -32.78
N GLU OA 21 -79.34 -14.93 -33.90
CA GLU OA 21 -78.66 -14.67 -35.16
C GLU OA 21 -78.76 -13.21 -35.57
N ASP OA 22 -79.76 -12.49 -35.06
CA ASP OA 22 -79.83 -11.07 -35.33
C ASP OA 22 -78.73 -10.32 -34.61
N LEU OA 23 -78.57 -10.58 -33.32
CA LEU OA 23 -77.48 -9.97 -32.57
C LEU OA 23 -76.13 -10.43 -33.11
N LYS OA 24 -76.00 -11.74 -33.39
CA LYS OA 24 -74.73 -12.25 -33.92
C LYS OA 24 -74.29 -11.45 -35.15
N VAL OA 25 -75.25 -10.93 -35.91
CA VAL OA 25 -74.91 -10.11 -37.07
C VAL OA 25 -74.48 -8.71 -36.64
N GLU OA 26 -75.28 -8.09 -35.78
CA GLU OA 26 -74.96 -6.74 -35.31
C GLU OA 26 -73.59 -6.69 -34.66
N LEU OA 27 -73.25 -7.70 -33.86
CA LEU OA 27 -71.95 -7.74 -33.21
C LEU OA 27 -70.83 -7.76 -34.24
N SER OA 28 -71.08 -8.35 -35.41
CA SER OA 28 -70.03 -8.45 -36.40
C SER OA 28 -69.71 -7.10 -37.02
N GLN OA 29 -70.71 -6.23 -37.21
CA GLN OA 29 -70.42 -4.92 -37.81
C GLN OA 29 -69.93 -3.91 -36.79
N LEU OA 30 -70.26 -4.09 -35.51
CA LEU OA 30 -69.66 -3.27 -34.47
C LEU OA 30 -68.18 -3.59 -34.33
N ARG OA 31 -67.80 -4.85 -34.49
CA ARG OA 31 -66.38 -5.16 -34.57
C ARG OA 31 -65.75 -4.45 -35.76
N VAL OA 32 -66.52 -4.23 -36.83
CA VAL OA 32 -65.99 -3.50 -37.99
C VAL OA 32 -65.83 -2.03 -37.66
N ALA OA 33 -66.83 -1.44 -37.01
CA ALA OA 33 -66.74 -0.04 -36.60
C ALA OA 33 -65.57 0.19 -35.65
N LYS OA 34 -65.21 -0.82 -34.85
CA LYS OA 34 -64.06 -0.66 -33.98
C LYS OA 34 -62.78 -0.48 -34.78
N VAL OA 35 -62.69 -1.11 -35.95
CA VAL OA 35 -61.50 -0.99 -36.78
C VAL OA 35 -61.46 0.34 -37.50
N THR OA 36 -62.58 0.74 -38.10
CA THR OA 36 -62.70 1.93 -38.95
C THR OA 36 -63.11 3.18 -38.17
N GLY OA 37 -62.44 3.43 -37.05
CA GLY OA 37 -62.69 4.59 -36.23
C GLY OA 37 -63.96 4.46 -35.42
N GLY OA 38 -65.10 4.48 -36.12
CA GLY OA 38 -66.38 4.31 -35.46
C GLY OA 38 -66.76 5.52 -34.64
N ALA OA 39 -67.36 5.26 -33.48
CA ALA OA 39 -67.74 6.31 -32.55
C ALA OA 39 -67.72 5.73 -31.14
N ALA OA 40 -67.53 6.60 -30.16
CA ALA OA 40 -67.59 6.15 -28.78
C ALA OA 40 -68.98 5.64 -28.41
N SER OA 41 -70.02 6.07 -29.11
CA SER OA 41 -71.34 5.49 -28.91
C SER OA 41 -71.37 4.04 -29.36
N LYS OA 42 -70.86 3.76 -30.56
CA LYS OA 42 -70.86 2.39 -31.07
C LYS OA 42 -70.02 1.49 -30.19
N LEU OA 43 -68.78 1.89 -29.92
CA LEU OA 43 -67.85 1.04 -29.17
C LEU OA 43 -68.36 0.65 -27.79
N SER OA 44 -69.46 1.23 -27.31
CA SER OA 44 -70.05 0.71 -26.10
C SER OA 44 -71.05 -0.39 -26.38
N LYS OA 45 -71.72 -0.34 -27.53
CA LYS OA 45 -72.72 -1.36 -27.84
C LYS OA 45 -72.09 -2.74 -27.98
N ILE OA 46 -70.81 -2.80 -28.35
CA ILE OA 46 -70.14 -4.09 -28.51
C ILE OA 46 -70.12 -4.84 -27.18
N ARG OA 47 -70.14 -4.13 -26.06
CA ARG OA 47 -70.27 -4.79 -24.76
C ARG OA 47 -71.72 -5.09 -24.42
N VAL OA 48 -72.65 -4.27 -24.91
CA VAL OA 48 -74.05 -4.55 -24.67
C VAL OA 48 -74.49 -5.77 -25.44
N VAL OA 49 -74.13 -5.82 -26.71
CA VAL OA 49 -74.54 -6.93 -27.54
C VAL OA 49 -73.88 -8.22 -27.10
N ARG OA 50 -72.57 -8.17 -26.83
CA ARG OA 50 -71.90 -9.36 -26.31
C ARG OA 50 -72.67 -9.96 -25.15
N LYS OA 51 -73.14 -9.10 -24.23
CA LYS OA 51 -73.91 -9.60 -23.11
C LYS OA 51 -75.33 -9.97 -23.55
N SER OA 52 -75.94 -9.20 -24.44
CA SER OA 52 -77.32 -9.51 -24.81
C SER OA 52 -77.40 -10.81 -25.60
N ILE OA 53 -76.30 -11.25 -26.20
CA ILE OA 53 -76.31 -12.55 -26.87
C ILE OA 53 -76.37 -13.66 -25.84
N ALA OA 54 -75.50 -13.60 -24.83
CA ALA OA 54 -75.58 -14.56 -23.75
C ALA OA 54 -76.93 -14.47 -23.04
N ARG OA 55 -77.58 -13.30 -23.03
CA ARG OA 55 -78.91 -13.23 -22.44
C ARG OA 55 -79.87 -14.15 -23.18
N VAL OA 56 -79.71 -14.25 -24.50
CA VAL OA 56 -80.59 -15.11 -25.27
C VAL OA 56 -80.14 -16.56 -25.20
N LEU OA 57 -78.90 -16.81 -25.58
CA LEU OA 57 -78.37 -18.17 -25.59
C LEU OA 57 -78.58 -18.86 -24.25
N THR OA 58 -78.65 -18.08 -23.17
CA THR OA 58 -78.96 -18.70 -21.88
C THR OA 58 -80.34 -19.32 -21.90
N VAL OA 59 -81.33 -18.57 -22.39
CA VAL OA 59 -82.69 -19.07 -22.36
C VAL OA 59 -82.84 -20.32 -23.21
N ILE OA 60 -82.06 -20.43 -24.28
CA ILE OA 60 -82.15 -21.62 -25.11
C ILE OA 60 -81.69 -22.85 -24.34
N ASN OA 61 -80.49 -22.79 -23.78
CA ASN OA 61 -79.99 -23.93 -23.03
C ASN OA 61 -80.86 -24.23 -21.83
N GLN OA 62 -81.37 -23.19 -21.15
CA GLN OA 62 -82.22 -23.41 -19.99
C GLN OA 62 -83.51 -24.14 -20.38
N THR OA 63 -84.23 -23.60 -21.37
CA THR OA 63 -85.46 -24.26 -21.79
C THR OA 63 -85.19 -25.64 -22.36
N GLN OA 64 -84.03 -25.84 -23.00
CA GLN OA 64 -83.73 -27.15 -23.54
C GLN OA 64 -83.49 -28.16 -22.42
N LYS OA 65 -82.53 -27.90 -21.53
CA LYS OA 65 -82.25 -28.84 -20.47
C LYS OA 65 -83.38 -28.93 -19.45
N GLU OA 66 -84.24 -27.92 -19.35
CA GLU OA 66 -85.44 -28.06 -18.53
C GLU OA 66 -86.48 -28.92 -19.22
N ASN OA 67 -86.41 -29.03 -20.54
CA ASN OA 67 -87.26 -29.97 -21.27
C ASN OA 67 -86.67 -31.36 -21.28
N LEU OA 68 -85.37 -31.46 -21.51
CA LEU OA 68 -84.71 -32.76 -21.59
C LEU OA 68 -84.78 -33.49 -20.26
N ARG OA 69 -84.70 -32.77 -19.14
CA ARG OA 69 -84.87 -33.39 -17.84
C ARG OA 69 -86.35 -33.43 -17.42
N LYS OA 70 -87.25 -33.37 -18.39
CA LYS OA 70 -88.63 -33.80 -18.23
C LYS OA 70 -88.88 -35.15 -18.88
N PHE OA 71 -88.19 -35.44 -19.98
CA PHE OA 71 -88.22 -36.75 -20.64
C PHE OA 71 -87.85 -37.86 -19.69
N TYR OA 72 -86.61 -37.82 -19.23
CA TYR OA 72 -86.04 -38.91 -18.48
C TYR OA 72 -86.48 -38.89 -17.03
N LYS OA 73 -87.38 -37.97 -16.68
CA LYS OA 73 -88.00 -37.96 -15.36
C LYS OA 73 -88.95 -39.15 -15.26
N GLY OA 74 -88.52 -40.17 -14.54
CA GLY OA 74 -89.29 -41.39 -14.41
C GLY OA 74 -88.55 -42.62 -14.90
N LYS OA 75 -87.82 -42.48 -16.00
CA LYS OA 75 -87.06 -43.60 -16.53
C LYS OA 75 -85.84 -43.87 -15.66
N LYS OA 76 -85.46 -45.15 -15.57
CA LYS OA 76 -84.37 -45.53 -14.68
C LYS OA 76 -83.02 -45.07 -15.21
N TYR OA 77 -82.83 -45.14 -16.52
CA TYR OA 77 -81.52 -44.96 -17.12
C TYR OA 77 -81.50 -43.63 -17.87
N LYS OA 78 -80.82 -42.63 -17.28
CA LYS OA 78 -80.75 -41.28 -17.81
C LYS OA 78 -79.31 -40.80 -17.88
N PRO OA 79 -79.00 -39.85 -18.77
CA PRO OA 79 -77.61 -39.63 -19.17
C PRO OA 79 -76.79 -38.94 -18.08
N LEU OA 80 -75.48 -38.96 -18.30
CA LEU OA 80 -74.57 -38.44 -17.29
C LEU OA 80 -74.72 -36.93 -17.09
N ASP OA 81 -75.31 -36.21 -18.04
CA ASP OA 81 -75.46 -34.77 -17.87
C ASP OA 81 -76.56 -34.41 -16.87
N LEU OA 82 -77.51 -35.32 -16.62
CA LEU OA 82 -78.66 -35.03 -15.77
C LEU OA 82 -78.66 -35.77 -14.44
N ARG OA 83 -77.85 -36.80 -14.30
CA ARG OA 83 -77.71 -37.45 -13.00
C ARG OA 83 -77.11 -36.43 -12.02
N PRO OA 84 -77.53 -36.46 -10.75
CA PRO OA 84 -77.05 -35.45 -9.79
C PRO OA 84 -75.54 -35.55 -9.61
N LYS OA 85 -74.88 -34.40 -9.63
CA LYS OA 85 -73.42 -34.32 -9.58
C LYS OA 85 -73.01 -33.67 -8.26
N LYS OA 86 -72.87 -34.51 -7.23
CA LYS OA 86 -72.48 -34.03 -5.91
C LYS OA 86 -70.98 -34.17 -5.64
N THR OA 87 -70.49 -35.39 -5.56
CA THR OA 87 -69.08 -35.64 -5.29
C THR OA 87 -68.80 -37.11 -5.55
N ARG OA 88 -67.66 -37.41 -6.19
CA ARG OA 88 -67.36 -38.80 -6.49
C ARG OA 88 -67.50 -39.68 -5.26
N ALA OA 89 -67.09 -39.17 -4.09
CA ALA OA 89 -67.34 -39.91 -2.86
C ALA OA 89 -68.83 -40.01 -2.58
N MET OA 90 -69.56 -38.94 -2.87
CA MET OA 90 -70.92 -38.79 -2.41
C MET OA 90 -71.90 -39.60 -3.22
N ARG OA 91 -71.61 -39.81 -4.50
CA ARG OA 91 -72.50 -40.59 -5.34
C ARG OA 91 -72.27 -42.07 -5.18
N ARG OA 92 -71.13 -42.46 -4.63
CA ARG OA 92 -70.87 -43.84 -4.34
C ARG OA 92 -71.23 -44.22 -2.92
N ARG OA 93 -71.68 -43.26 -2.11
CA ARG OA 93 -72.18 -43.58 -0.77
C ARG OA 93 -73.32 -44.58 -0.87
N LEU OA 94 -73.64 -45.20 0.26
CA LEU OA 94 -74.76 -46.11 0.29
C LEU OA 94 -76.05 -45.36 -0.05
N ASN OA 95 -77.09 -46.14 -0.32
CA ASN OA 95 -78.23 -45.72 -1.10
C ASN OA 95 -79.27 -44.94 -0.32
N LYS OA 96 -79.16 -44.86 1.00
CA LYS OA 96 -80.20 -44.37 1.91
C LYS OA 96 -81.24 -45.46 2.09
N HIS OA 97 -81.14 -46.52 1.30
CA HIS OA 97 -81.86 -47.73 1.66
C HIS OA 97 -80.93 -48.80 2.19
N GLU OA 98 -79.66 -48.75 1.81
CA GLU OA 98 -78.71 -49.82 2.11
C GLU OA 98 -77.78 -49.45 3.28
N GLU OA 99 -78.25 -48.62 4.21
CA GLU OA 99 -77.65 -48.53 5.54
C GLU OA 99 -78.67 -48.55 6.66
N ASN OA 100 -79.93 -48.23 6.35
CA ASN OA 100 -81.02 -48.42 7.28
C ASN OA 100 -81.66 -49.80 7.19
N LEU OA 101 -81.30 -50.58 6.18
CA LEU OA 101 -81.68 -51.98 6.16
C LEU OA 101 -81.11 -52.71 7.37
N LYS OA 102 -81.95 -53.50 8.03
CA LYS OA 102 -81.53 -54.25 9.21
C LYS OA 102 -81.62 -55.74 8.95
N THR OA 103 -80.57 -56.46 9.32
CA THR OA 103 -80.60 -57.92 9.28
C THR OA 103 -81.78 -58.43 10.10
N LYS OA 104 -82.42 -59.49 9.63
CA LYS OA 104 -83.64 -59.93 10.30
C LYS OA 104 -83.36 -60.41 11.71
N LYS OA 105 -82.17 -60.98 11.95
CA LYS OA 105 -81.78 -61.29 13.32
C LYS OA 105 -81.70 -60.03 14.17
N GLN OA 106 -81.37 -58.89 13.55
CA GLN OA 106 -81.25 -57.64 14.29
C GLN OA 106 -82.61 -57.07 14.65
N GLN OA 107 -83.59 -57.18 13.76
CA GLN OA 107 -84.91 -56.64 14.02
C GLN OA 107 -85.64 -57.46 15.08
N ARG OA 108 -85.51 -58.78 15.00
CA ARG OA 108 -86.09 -59.62 16.04
C ARG OA 108 -85.51 -59.28 17.40
N LYS OA 109 -84.21 -58.93 17.47
CA LYS OA 109 -83.64 -58.51 18.74
C LYS OA 109 -84.11 -57.11 19.12
N GLU OA 110 -84.28 -56.23 18.14
CA GLU OA 110 -84.76 -54.89 18.42
C GLU OA 110 -86.21 -54.86 18.87
N ARG OA 111 -86.91 -55.99 18.81
CA ARG OA 111 -88.28 -56.02 19.29
C ARG OA 111 -88.37 -56.45 20.74
N LEU OA 112 -87.75 -57.58 21.08
CA LEU OA 112 -87.90 -58.13 22.43
C LEU OA 112 -87.17 -57.29 23.47
N TYR OA 113 -86.10 -56.61 23.08
CA TYR OA 113 -85.25 -55.87 24.01
C TYR OA 113 -85.03 -54.45 23.51
N PRO OA 114 -86.05 -53.61 23.52
CA PRO OA 114 -85.86 -52.19 23.20
C PRO OA 114 -85.40 -51.43 24.43
N LEU OA 115 -84.89 -50.22 24.20
CA LEU OA 115 -84.40 -49.42 25.31
C LEU OA 115 -85.56 -48.76 26.03
N ARG OA 116 -85.65 -49.00 27.33
CA ARG OA 116 -86.69 -48.35 28.13
C ARG OA 116 -86.38 -46.86 28.29
N LYS OA 117 -87.37 -46.16 28.81
CA LYS OA 117 -87.13 -44.88 29.46
C LYS OA 117 -87.22 -45.12 30.95
N PHE OA 118 -86.29 -44.58 31.74
CA PHE OA 118 -86.34 -44.85 33.18
C PHE OA 118 -85.44 -43.95 34.02
N ALA OA 119 -85.98 -43.33 35.05
CA ALA OA 119 -85.12 -42.67 36.02
C ALA OA 119 -85.17 -43.44 37.34
N VAL OA 120 -84.26 -43.10 38.25
CA VAL OA 120 -84.01 -43.93 39.42
C VAL OA 120 -83.92 -43.06 40.67
N LYS OA 121 -83.63 -43.72 41.80
CA LYS OA 121 -83.58 -43.12 43.13
C LYS OA 121 -84.87 -42.35 43.42
N ALA OA 122 -85.96 -43.08 43.40
CA ALA OA 122 -87.27 -42.54 43.73
C ALA OA 122 -88.25 -43.68 43.94
N ALA PA 1 -55.49 -74.34 68.49
CA ALA PA 1 -55.76 -73.34 69.52
C ALA PA 1 -55.34 -71.96 69.05
N LEU PA 2 -56.31 -71.15 68.63
CA LEU PA 2 -56.06 -69.78 68.17
C LEU PA 2 -55.11 -69.75 66.98
N ARG PA 3 -55.58 -70.35 65.88
CA ARG PA 3 -54.85 -70.33 64.61
C ARG PA 3 -55.51 -69.29 63.72
N TYR PA 4 -55.13 -68.03 63.96
CA TYR PA 4 -55.66 -66.95 63.15
C TYR PA 4 -55.27 -67.18 61.69
N PRO PA 5 -56.06 -66.68 60.74
CA PRO PA 5 -55.65 -66.75 59.33
C PRO PA 5 -54.51 -65.79 59.06
N MET PA 6 -53.45 -66.32 58.42
CA MET PA 6 -52.24 -65.57 58.14
C MET PA 6 -52.05 -65.39 56.64
N ALA PA 7 -51.39 -64.29 56.29
CA ALA PA 7 -51.09 -64.01 54.90
C ALA PA 7 -49.87 -64.75 54.39
N VAL PA 8 -49.38 -65.74 55.13
CA VAL PA 8 -48.21 -66.48 54.72
C VAL PA 8 -48.25 -67.82 55.43
N GLY PA 9 -47.74 -68.84 54.78
CA GLY PA 9 -47.86 -70.19 55.28
C GLY PA 9 -48.44 -71.07 54.20
N LEU PA 10 -48.70 -72.32 54.57
CA LEU PA 10 -49.18 -73.29 53.59
C LEU PA 10 -50.58 -72.92 53.12
N ASN PA 11 -51.53 -72.94 54.04
CA ASN PA 11 -52.88 -72.50 53.75
C ASN PA 11 -52.98 -71.06 54.25
N LYS PA 12 -52.94 -70.12 53.33
CA LYS PA 12 -52.88 -68.71 53.64
C LYS PA 12 -54.03 -67.98 52.98
N GLY PA 13 -54.03 -66.67 53.07
CA GLY PA 13 -55.07 -65.89 52.43
C GLY PA 13 -56.30 -65.71 53.29
N HIS PA 14 -56.99 -64.60 53.06
CA HIS PA 14 -58.23 -64.28 53.77
C HIS PA 14 -59.23 -65.41 53.63
N LYS PA 15 -59.68 -65.95 54.76
CA LYS PA 15 -60.58 -67.08 54.71
C LYS PA 15 -61.94 -66.63 54.20
N VAL PA 16 -62.44 -67.35 53.18
CA VAL PA 16 -63.65 -66.95 52.47
C VAL PA 16 -64.32 -68.21 51.93
N THR PA 17 -65.61 -68.37 52.20
CA THR PA 17 -66.32 -69.56 51.73
C THR PA 17 -66.43 -69.54 50.22
N LYS PA 18 -66.41 -70.74 49.64
CA LYS PA 18 -66.27 -70.94 48.21
C LYS PA 18 -67.53 -71.56 47.63
N ASN PA 19 -68.21 -70.82 46.74
CA ASN PA 19 -69.30 -71.40 45.97
C ASN PA 19 -68.74 -72.23 44.82
N VAL PA 20 -69.58 -73.12 44.31
CA VAL PA 20 -69.22 -74.02 43.23
C VAL PA 20 -70.17 -73.77 42.08
N SER PA 21 -69.62 -73.35 40.95
CA SER PA 21 -70.41 -73.04 39.78
C SER PA 21 -70.11 -74.06 38.68
N LYS PA 22 -71.11 -74.31 37.84
CA LYS PA 22 -70.95 -75.17 36.68
C LYS PA 22 -69.95 -74.55 35.71
N PRO PA 23 -68.86 -75.22 35.37
CA PRO PA 23 -67.81 -74.57 34.57
C PRO PA 23 -68.35 -73.99 33.28
N ARG PA 24 -67.86 -72.80 32.93
CA ARG PA 24 -68.33 -72.13 31.72
C ARG PA 24 -68.20 -73.05 30.54
N HIS PA 25 -68.99 -72.81 29.52
CA HIS PA 25 -68.97 -73.77 28.42
C HIS PA 25 -67.64 -73.78 27.67
N SER PA 26 -66.88 -72.69 27.70
CA SER PA 26 -65.59 -72.66 27.02
C SER PA 26 -64.68 -73.78 27.49
N ARG PA 27 -64.67 -74.05 28.80
CA ARG PA 27 -63.70 -74.95 29.41
C ARG PA 27 -63.69 -76.31 28.75
N ARG PA 28 -64.79 -76.74 28.13
CA ARG PA 28 -64.77 -77.91 27.28
C ARG PA 28 -64.53 -77.44 25.84
N ARG PA 29 -63.42 -77.87 25.27
CA ARG PA 29 -63.10 -77.53 23.90
C ARG PA 29 -62.11 -78.54 23.38
N GLY PA 30 -62.40 -79.12 22.24
CA GLY PA 30 -61.60 -80.24 21.79
C GLY PA 30 -61.71 -81.40 22.74
N ARG PA 31 -62.89 -81.64 23.29
CA ARG PA 31 -63.17 -82.89 24.00
C ARG PA 31 -63.95 -83.79 23.06
N LEU PA 32 -63.47 -85.02 22.91
CA LEU PA 32 -63.81 -85.89 21.78
C LEU PA 32 -65.26 -86.34 21.88
N THR PA 33 -66.15 -85.68 21.13
CA THR PA 33 -67.52 -86.14 21.07
C THR PA 33 -67.64 -87.32 20.11
N LYS PA 34 -68.82 -87.94 20.13
CA LYS PA 34 -69.00 -89.21 19.44
C LYS PA 34 -68.90 -89.06 17.93
N HIS PA 35 -69.61 -88.09 17.38
CA HIS PA 35 -69.62 -87.92 15.94
C HIS PA 35 -68.24 -87.55 15.42
N THR PA 36 -67.60 -86.55 16.03
CA THR PA 36 -66.28 -86.14 15.58
C THR PA 36 -65.23 -87.23 15.79
N LYS PA 37 -65.52 -88.24 16.60
CA LYS PA 37 -64.65 -89.41 16.62
C LYS PA 37 -64.83 -90.24 15.36
N PHE PA 38 -66.10 -90.47 14.98
CA PHE PA 38 -66.37 -91.30 13.81
C PHE PA 38 -65.75 -90.69 12.56
N VAL PA 39 -65.72 -89.36 12.46
CA VAL PA 39 -65.15 -88.71 11.29
C VAL PA 39 -63.66 -88.98 11.20
N ARG PA 40 -62.95 -88.87 12.32
CA ARG PA 40 -61.50 -88.90 12.27
C ARG PA 40 -60.98 -90.23 11.76
N ASP PA 41 -61.52 -91.36 12.22
CA ASP PA 41 -60.98 -92.65 11.80
C ASP PA 41 -61.35 -92.98 10.37
N MET PA 42 -62.45 -92.43 9.86
CA MET PA 42 -62.72 -92.51 8.43
C MET PA 42 -61.50 -92.06 7.63
N ILE PA 43 -60.97 -90.89 7.97
CA ILE PA 43 -59.88 -90.34 7.20
C ILE PA 43 -58.54 -90.92 7.65
N ARG PA 44 -58.45 -91.50 8.84
CA ARG PA 44 -57.27 -92.27 9.21
C ARG PA 44 -57.27 -93.66 8.57
N GLU PA 45 -58.23 -93.93 7.69
CA GLU PA 45 -58.22 -95.15 6.88
C GLU PA 45 -58.58 -94.92 5.42
N VAL PA 46 -59.13 -93.76 5.05
CA VAL PA 46 -59.21 -93.42 3.63
C VAL PA 46 -57.87 -92.93 3.13
N CYS PA 47 -57.08 -92.29 4.00
CA CYS PA 47 -55.74 -91.82 3.66
C CYS PA 47 -54.65 -92.76 4.14
N GLY PA 48 -54.76 -93.24 5.38
CA GLY PA 48 -53.76 -94.12 5.92
C GLY PA 48 -52.82 -93.41 6.87
N PHE PA 49 -51.52 -93.43 6.56
CA PHE PA 49 -50.51 -92.89 7.44
C PHE PA 49 -49.60 -91.93 6.69
N ALA PA 50 -48.92 -91.08 7.45
CA ALA PA 50 -47.85 -90.29 6.90
C ALA PA 50 -46.57 -91.11 6.85
N PRO PA 51 -45.64 -90.76 5.97
CA PRO PA 51 -44.39 -91.53 5.87
C PRO PA 51 -43.64 -91.70 7.18
N TYR PA 52 -43.47 -90.63 7.95
CA TYR PA 52 -42.78 -90.78 9.23
C TYR PA 52 -43.57 -91.67 10.17
N GLU PA 53 -44.90 -91.59 10.14
CA GLU PA 53 -45.70 -92.45 11.01
C GLU PA 53 -45.43 -93.91 10.73
N ARG PA 54 -45.24 -94.27 9.45
CA ARG PA 54 -44.97 -95.66 9.10
C ARG PA 54 -43.58 -96.07 9.53
N ARG PA 55 -42.58 -95.21 9.26
CA ARG PA 55 -41.22 -95.53 9.68
C ARG PA 55 -41.09 -95.61 11.19
N ALA PA 56 -42.04 -95.03 11.94
CA ALA PA 56 -42.06 -95.18 13.39
C ALA PA 56 -42.83 -96.41 13.84
N MET PA 57 -43.81 -96.88 13.06
CA MET PA 57 -44.37 -98.20 13.32
C MET PA 57 -43.26 -99.26 13.31
N GLU PA 58 -42.46 -99.26 12.25
CA GLU PA 58 -41.40 -100.25 12.12
C GLU PA 58 -40.34 -100.10 13.20
N LEU PA 59 -40.28 -98.94 13.86
CA LEU PA 59 -39.44 -98.85 15.05
C LEU PA 59 -40.13 -99.43 16.27
N LEU PA 60 -41.43 -99.71 16.19
CA LEU PA 60 -42.18 -100.27 17.31
C LEU PA 60 -42.48 -101.75 17.16
N LYS PA 61 -42.58 -102.26 15.93
CA LYS PA 61 -42.71 -103.70 15.76
C LYS PA 61 -41.45 -104.43 16.23
N VAL PA 62 -40.30 -103.76 16.17
CA VAL PA 62 -39.02 -104.35 16.57
C VAL PA 62 -38.72 -103.94 18.00
N SER PA 63 -39.74 -103.39 18.65
CA SER PA 63 -39.69 -103.06 20.08
C SER PA 63 -38.42 -102.27 20.40
N LYS PA 64 -38.20 -101.20 19.65
CA LYS PA 64 -37.04 -100.35 19.82
C LYS PA 64 -37.46 -98.96 20.29
N ASP PA 65 -38.34 -98.92 21.29
CA ASP PA 65 -39.18 -97.75 21.56
C ASP PA 65 -38.43 -96.53 22.08
N LYS PA 66 -37.13 -96.62 22.28
CA LYS PA 66 -36.39 -95.39 22.57
C LYS PA 66 -36.03 -94.67 21.28
N ARG PA 67 -35.64 -95.40 20.23
CA ARG PA 67 -35.55 -94.81 18.90
C ARG PA 67 -36.89 -94.20 18.49
N ALA PA 68 -37.99 -94.86 18.87
CA ALA PA 68 -39.32 -94.46 18.43
C ALA PA 68 -39.62 -93.02 18.80
N LEU PA 69 -39.61 -92.70 20.10
CA LEU PA 69 -39.95 -91.34 20.46
C LEU PA 69 -38.79 -90.37 20.26
N LYS PA 70 -37.55 -90.86 20.18
CA LYS PA 70 -36.48 -89.97 19.75
C LYS PA 70 -36.61 -89.63 18.27
N PHE PA 71 -37.16 -90.56 17.48
CA PHE PA 71 -37.55 -90.23 16.11
C PHE PA 71 -38.63 -89.17 16.12
N ILE PA 72 -39.71 -89.44 16.86
CA ILE PA 72 -40.89 -88.58 16.81
C ILE PA 72 -40.65 -87.25 17.51
N LYS PA 73 -39.79 -87.23 18.53
CA LYS PA 73 -39.44 -85.94 19.14
C LYS PA 73 -38.75 -85.04 18.12
N LYS PA 74 -37.80 -85.58 17.36
CA LYS PA 74 -37.16 -84.82 16.30
C LYS PA 74 -38.13 -84.51 15.16
N ARG PA 75 -39.15 -85.32 15.02
CA ARG PA 75 -40.08 -85.10 13.92
C ARG PA 75 -41.24 -84.18 14.29
N VAL PA 76 -41.78 -84.28 15.51
CA VAL PA 76 -42.97 -83.52 15.87
C VAL PA 76 -42.64 -82.32 16.77
N GLY PA 77 -41.69 -82.50 17.69
CA GLY PA 77 -41.04 -81.32 18.23
C GLY PA 77 -40.97 -81.18 19.73
N THR PA 78 -42.01 -81.58 20.44
CA THR PA 78 -41.96 -81.53 21.89
C THR PA 78 -42.00 -82.93 22.46
N HIS PA 79 -41.70 -83.04 23.73
CA HIS PA 79 -41.71 -84.35 24.33
C HIS PA 79 -43.08 -84.79 24.83
N ILE PA 80 -44.03 -83.86 24.97
CA ILE PA 80 -45.35 -84.28 25.39
C ILE PA 80 -46.18 -84.70 24.19
N ARG PA 81 -46.03 -83.98 23.08
CA ARG PA 81 -46.69 -84.40 21.84
C ARG PA 81 -46.13 -85.72 21.34
N ALA PA 82 -44.81 -85.88 21.39
CA ALA PA 82 -44.22 -87.11 20.87
C ALA PA 82 -44.61 -88.32 21.70
N LYS PA 83 -44.73 -88.15 23.02
CA LYS PA 83 -45.20 -89.26 23.85
C LYS PA 83 -46.65 -89.58 23.56
N ARG PA 84 -47.44 -88.58 23.17
CA ARG PA 84 -48.82 -88.85 22.82
C ARG PA 84 -48.92 -89.53 21.46
N LYS PA 85 -48.15 -89.06 20.47
CA LYS PA 85 -48.19 -89.67 19.14
C LYS PA 85 -47.68 -91.10 19.17
N ARG PA 86 -46.77 -91.41 20.10
CA ARG PA 86 -46.27 -92.76 20.22
C ARG PA 86 -47.33 -93.69 20.80
N GLU PA 87 -48.07 -93.23 21.81
CA GLU PA 87 -49.11 -94.07 22.40
C GLU PA 87 -50.34 -94.18 21.51
N GLU PA 88 -50.49 -93.27 20.54
CA GLU PA 88 -51.52 -93.39 19.53
C GLU PA 88 -51.14 -94.46 18.51
N LEU PA 89 -49.90 -94.42 18.03
CA LEU PA 89 -49.44 -95.43 17.09
C LEU PA 89 -49.36 -96.79 17.75
N SER PA 90 -48.89 -96.85 18.99
CA SER PA 90 -48.80 -98.14 19.67
C SER PA 90 -50.16 -98.82 19.77
N ASN PA 91 -51.23 -98.04 19.83
CA ASN PA 91 -52.56 -98.64 19.86
C ASN PA 91 -52.97 -99.15 18.49
N VAL PA 92 -52.67 -98.39 17.43
CA VAL PA 92 -52.94 -98.85 16.08
C VAL PA 92 -52.17 -100.12 15.80
N LEU PA 93 -50.93 -100.21 16.30
CA LEU PA 93 -50.13 -101.41 16.10
C LEU PA 93 -50.66 -102.58 16.91
N ALA PA 94 -51.25 -102.32 18.08
CA ALA PA 94 -51.89 -103.40 18.83
C ALA PA 94 -53.20 -103.80 18.19
N ALA PA 95 -53.96 -102.84 17.67
CA ALA PA 95 -55.23 -103.15 17.02
C ALA PA 95 -55.01 -103.87 15.69
N MET PA 96 -53.96 -103.48 14.95
CA MET PA 96 -53.58 -104.25 13.77
C MET PA 96 -53.21 -105.67 14.16
N ARG PA 97 -52.53 -105.84 15.30
CA ARG PA 97 -52.10 -107.16 15.74
C ARG PA 97 -53.29 -108.04 16.11
N LYS PA 98 -54.32 -107.44 16.71
CA LYS PA 98 -55.49 -108.20 17.13
C LYS PA 98 -56.38 -108.57 15.95
N ALA PA 99 -56.68 -107.60 15.08
CA ALA PA 99 -57.56 -107.86 13.95
C ALA PA 99 -56.93 -108.80 12.93
N ALA PA 100 -55.61 -108.72 12.75
CA ALA PA 100 -54.93 -109.56 11.77
C ALA PA 100 -54.56 -110.93 12.30
N ALA PA 101 -54.53 -111.13 13.61
CA ALA PA 101 -54.32 -112.45 14.20
C ALA PA 101 -55.67 -113.10 14.53
N LYS PA 102 -56.49 -113.23 13.50
CA LYS PA 102 -57.84 -113.75 13.66
C LYS PA 102 -57.97 -115.10 12.97
N THR QA 1 -9.31 -24.23 -23.45
CA THR QA 1 -10.41 -23.98 -24.37
C THR QA 1 -11.70 -24.54 -23.78
N LYS QA 2 -11.69 -24.84 -22.49
CA LYS QA 2 -12.90 -25.37 -21.88
C LYS QA 2 -13.86 -24.28 -21.46
N GLY QA 3 -13.54 -23.04 -21.80
CA GLY QA 3 -14.43 -21.95 -21.52
C GLY QA 3 -14.22 -20.81 -22.48
N THR QA 4 -15.32 -20.15 -22.83
CA THR QA 4 -15.35 -18.97 -23.69
C THR QA 4 -15.02 -19.42 -25.09
N SER QA 5 -14.64 -20.65 -25.20
CA SER QA 5 -14.37 -21.20 -26.50
C SER QA 5 -15.26 -22.38 -26.77
N SER QA 6 -15.55 -23.14 -25.73
CA SER QA 6 -16.53 -24.19 -25.81
C SER QA 6 -17.90 -23.68 -25.50
N PHE QA 7 -17.99 -22.49 -24.92
CA PHE QA 7 -19.31 -21.96 -24.69
C PHE QA 7 -19.83 -21.38 -25.98
N GLY QA 8 -19.31 -21.86 -27.09
CA GLY QA 8 -19.69 -21.29 -28.35
C GLY QA 8 -20.44 -22.25 -29.21
N LYS QA 9 -20.11 -23.53 -29.10
CA LYS QA 9 -20.71 -24.53 -29.97
C LYS QA 9 -21.90 -25.18 -29.26
N ARG QA 10 -22.83 -24.31 -28.86
CA ARG QA 10 -23.94 -24.69 -28.01
C ARG QA 10 -25.26 -24.45 -28.71
N ARG QA 11 -25.41 -24.92 -29.94
CA ARG QA 11 -26.61 -24.56 -30.67
C ARG QA 11 -27.81 -25.42 -30.24
N ASN QA 12 -27.66 -26.74 -30.13
CA ASN QA 12 -28.82 -27.61 -30.00
C ASN QA 12 -29.24 -27.81 -28.54
N LYS QA 13 -30.54 -28.07 -28.34
CA LYS QA 13 -31.18 -28.03 -27.03
C LYS QA 13 -31.49 -29.42 -26.49
N THR QA 14 -31.31 -29.60 -25.18
CA THR QA 14 -31.69 -30.88 -24.59
C THR QA 14 -33.15 -30.91 -24.17
N HIS QA 15 -33.60 -29.85 -23.52
CA HIS QA 15 -34.94 -29.76 -22.97
C HIS QA 15 -35.82 -28.91 -23.85
N THR QA 16 -37.12 -29.06 -23.66
CA THR QA 16 -38.15 -28.23 -24.31
C THR QA 16 -39.32 -28.09 -23.36
N LEU QA 17 -40.47 -27.68 -23.89
CA LEU QA 17 -41.65 -27.44 -23.07
C LEU QA 17 -42.43 -28.73 -22.88
N CYS QA 18 -42.67 -29.07 -21.62
CA CYS QA 18 -43.42 -30.28 -21.28
C CYS QA 18 -44.91 -30.01 -21.46
N ARG QA 19 -45.63 -31.01 -21.95
CA ARG QA 19 -47.06 -30.78 -22.20
C ARG QA 19 -47.91 -30.91 -20.94
N ARG QA 20 -47.35 -31.37 -19.84
CA ARG QA 20 -48.07 -31.51 -18.59
C ARG QA 20 -47.59 -30.51 -17.55
N CYS QA 21 -46.27 -30.38 -17.41
CA CYS QA 21 -45.67 -29.39 -16.52
C CYS QA 21 -45.99 -27.98 -16.99
N GLY QA 22 -45.68 -27.69 -18.25
CA GLY QA 22 -45.53 -26.34 -18.71
C GLY QA 22 -44.14 -25.78 -18.54
N SER QA 23 -43.25 -26.53 -17.90
CA SER QA 23 -41.89 -26.07 -17.69
C SER QA 23 -40.99 -26.49 -18.83
N LYS QA 24 -39.91 -25.73 -19.01
CA LYS QA 24 -38.90 -26.04 -20.02
C LYS QA 24 -38.01 -27.16 -19.46
N ALA QA 25 -38.60 -28.34 -19.34
CA ALA QA 25 -37.91 -29.44 -18.67
C ALA QA 25 -37.89 -30.75 -19.46
N TYR QA 26 -38.69 -30.88 -20.50
CA TYR QA 26 -38.84 -32.17 -21.16
C TYR QA 26 -37.55 -32.58 -21.85
N HIS QA 27 -37.01 -33.75 -21.48
CA HIS QA 27 -35.80 -34.26 -22.11
C HIS QA 27 -36.15 -34.96 -23.42
N LEU QA 28 -35.60 -34.46 -24.54
CA LEU QA 28 -35.97 -34.97 -25.86
C LEU QA 28 -35.37 -36.33 -26.14
N GLN QA 29 -34.09 -36.53 -25.84
CA GLN QA 29 -33.51 -37.85 -26.04
C GLN QA 29 -34.17 -38.87 -25.11
N LYS QA 30 -34.30 -38.53 -23.83
CA LYS QA 30 -34.83 -39.49 -22.85
C LYS QA 30 -36.34 -39.61 -22.87
N SER QA 31 -37.04 -38.61 -23.42
CA SER QA 31 -38.50 -38.62 -23.60
C SER QA 31 -39.25 -38.77 -22.28
N THR QA 32 -38.64 -38.31 -21.19
CA THR QA 32 -39.29 -38.13 -19.90
C THR QA 32 -39.15 -36.67 -19.49
N CYS QA 33 -40.07 -36.19 -18.66
CA CYS QA 33 -40.02 -34.76 -18.33
C CYS QA 33 -38.86 -34.41 -17.42
N GLY QA 34 -38.88 -34.91 -16.19
CA GLY QA 34 -37.83 -34.59 -15.26
C GLY QA 34 -38.13 -33.47 -14.29
N LYS QA 35 -39.31 -32.86 -14.35
CA LYS QA 35 -39.80 -32.08 -13.21
C LYS QA 35 -41.07 -32.67 -12.62
N CYS QA 36 -41.97 -33.18 -13.43
CA CYS QA 36 -43.07 -34.03 -12.98
C CYS QA 36 -42.88 -35.48 -13.40
N GLY QA 37 -42.29 -35.72 -14.56
CA GLY QA 37 -41.99 -37.05 -15.08
C GLY QA 37 -43.09 -37.42 -16.03
N TYR QA 38 -42.91 -37.19 -17.32
CA TYR QA 38 -44.19 -37.02 -17.98
C TYR QA 38 -44.85 -38.34 -18.32
N PRO QA 39 -44.23 -39.19 -19.13
CA PRO QA 39 -44.92 -40.41 -19.52
C PRO QA 39 -45.27 -41.26 -18.32
N ALA QA 40 -44.58 -41.11 -17.19
CA ALA QA 40 -45.07 -41.75 -15.97
C ALA QA 40 -46.43 -41.19 -15.60
N LYS QA 41 -47.27 -42.06 -15.03
CA LYS QA 41 -48.64 -41.66 -14.74
C LYS QA 41 -48.75 -40.77 -13.51
N ARG QA 42 -47.83 -40.89 -12.56
CA ARG QA 42 -47.88 -40.11 -11.33
C ARG QA 42 -46.92 -38.93 -11.40
N LYS QA 43 -47.29 -37.84 -10.73
CA LYS QA 43 -46.44 -36.66 -10.69
C LYS QA 43 -45.22 -36.91 -9.79
N ARG QA 44 -44.06 -36.35 -10.18
CA ARG QA 44 -42.86 -36.44 -9.35
C ARG QA 44 -42.84 -35.32 -8.31
N LYS QA 45 -43.67 -35.49 -7.29
CA LYS QA 45 -43.46 -34.66 -6.11
C LYS QA 45 -42.44 -35.33 -5.20
N TYR QA 46 -41.89 -34.57 -4.25
CA TYR QA 46 -40.95 -35.13 -3.29
C TYR QA 46 -41.14 -34.53 -1.91
N ASN QA 47 -41.01 -35.38 -0.90
CA ASN QA 47 -40.99 -34.98 0.51
C ASN QA 47 -39.64 -34.47 0.93
N TRP QA 48 -38.85 -34.09 -0.06
CA TRP QA 48 -37.41 -34.16 -0.02
C TRP QA 48 -36.78 -32.87 -0.49
N SER QA 49 -37.59 -31.98 -1.06
CA SER QA 49 -37.35 -30.54 -1.16
C SER QA 49 -38.74 -29.90 -0.96
N ALA QA 50 -39.07 -29.60 0.30
CA ALA QA 50 -40.36 -29.00 0.59
C ALA QA 50 -40.54 -27.65 -0.09
N LYS QA 51 -39.45 -26.95 -0.40
CA LYS QA 51 -39.56 -25.67 -1.09
C LYS QA 51 -40.03 -25.84 -2.53
N ALA QA 52 -39.57 -26.91 -3.18
CA ALA QA 52 -40.08 -27.21 -4.51
C ALA QA 52 -41.49 -27.74 -4.46
N LYS QA 53 -41.84 -28.42 -3.37
CA LYS QA 53 -43.20 -28.94 -3.25
C LYS QA 53 -44.22 -27.81 -3.23
N ARG QA 54 -43.99 -26.79 -2.39
CA ARG QA 54 -44.95 -25.71 -2.29
C ARG QA 54 -44.93 -24.78 -3.50
N ARG QA 55 -44.10 -25.03 -4.51
CA ARG QA 55 -44.14 -24.21 -5.70
C ARG QA 55 -45.33 -24.54 -6.59
N ASN QA 56 -45.76 -25.81 -6.62
CA ASN QA 56 -46.97 -26.22 -7.37
C ASN QA 56 -47.69 -27.32 -6.60
N THR QA 57 -48.62 -26.90 -5.76
CA THR QA 57 -49.61 -27.75 -5.10
C THR QA 57 -50.96 -27.07 -5.21
N THR QA 58 -51.98 -27.75 -4.69
CA THR QA 58 -53.33 -27.18 -4.68
C THR QA 58 -53.32 -25.79 -4.07
N GLY QA 59 -53.93 -24.84 -4.78
CA GLY QA 59 -54.02 -23.47 -4.36
C GLY QA 59 -53.10 -22.55 -5.13
N THR QA 60 -52.01 -23.08 -5.68
CA THR QA 60 -51.06 -22.28 -6.44
C THR QA 60 -51.53 -22.00 -7.86
N GLY QA 61 -52.55 -22.71 -8.34
CA GLY QA 61 -53.06 -22.50 -9.68
C GLY QA 61 -54.29 -21.63 -9.70
N ARG QA 62 -55.36 -22.11 -10.34
CA ARG QA 62 -56.64 -21.42 -10.30
C ARG QA 62 -57.65 -22.09 -9.39
N MET QA 63 -57.53 -23.40 -9.19
CA MET QA 63 -58.54 -24.18 -8.48
C MET QA 63 -59.93 -23.94 -9.08
N ARG QA 64 -59.98 -23.84 -10.40
CA ARG QA 64 -61.21 -23.40 -11.05
C ARG QA 64 -62.34 -24.40 -10.97
N HIS QA 65 -62.18 -25.51 -10.26
CA HIS QA 65 -63.31 -26.33 -9.87
C HIS QA 65 -63.38 -26.49 -8.37
N LEU QA 66 -62.24 -26.77 -7.75
CA LEU QA 66 -62.19 -26.96 -6.31
C LEU QA 66 -62.67 -25.72 -5.58
N LYS QA 67 -62.44 -24.52 -6.14
CA LYS QA 67 -62.78 -23.28 -5.44
C LYS QA 67 -64.27 -23.09 -5.30
N ILE QA 68 -65.07 -23.77 -6.13
CA ILE QA 68 -66.52 -23.74 -5.98
C ILE QA 68 -67.05 -24.97 -5.28
N VAL QA 69 -66.22 -26.00 -5.11
CA VAL QA 69 -66.60 -27.12 -4.25
C VAL QA 69 -66.59 -26.68 -2.80
N TYR QA 70 -65.62 -25.86 -2.41
CA TYR QA 70 -65.68 -25.29 -1.07
C TYR QA 70 -66.88 -24.37 -0.92
N ARG QA 71 -67.36 -23.80 -2.02
CA ARG QA 71 -68.51 -22.90 -1.93
C ARG QA 71 -69.79 -23.68 -1.70
N ARG QA 72 -70.00 -24.76 -2.45
CA ARG QA 72 -71.23 -25.55 -2.33
C ARG QA 72 -71.37 -26.15 -0.93
N PHE QA 73 -70.33 -26.83 -0.47
CA PHE QA 73 -70.37 -27.49 0.84
C PHE QA 73 -70.80 -26.52 1.92
N ARG QA 74 -70.20 -25.32 1.94
CA ARG QA 74 -70.45 -24.30 2.95
C ARG QA 74 -71.93 -24.03 3.10
N HIS QA 75 -72.67 -24.28 2.04
CA HIS QA 75 -74.08 -23.97 1.99
C HIS QA 75 -74.95 -25.20 2.06
N GLY QA 76 -74.46 -26.38 1.68
CA GLY QA 76 -75.24 -27.58 1.90
C GLY QA 76 -75.23 -28.66 0.84
N PHE QA 77 -74.53 -28.41 -0.27
CA PHE QA 77 -74.36 -29.36 -1.38
C PHE QA 77 -75.65 -29.67 -2.12
N ARG QA 78 -76.68 -28.86 -1.92
CA ARG QA 78 -77.93 -29.08 -2.63
C ARG QA 78 -77.75 -28.83 -4.12
N GLU QA 79 -78.68 -29.37 -4.88
CA GLU QA 79 -78.71 -29.15 -6.32
C GLU QA 79 -80.12 -29.40 -6.82
N GLY QA 80 -80.34 -29.06 -8.08
CA GLY QA 80 -81.65 -29.26 -8.68
C GLY QA 80 -82.75 -28.50 -8.00
N ILE QA 81 -82.44 -27.35 -7.43
CA ILE QA 81 -83.46 -26.51 -6.80
C ILE QA 81 -83.09 -25.06 -7.04
N THR QA 82 -84.10 -24.21 -7.16
CA THR QA 82 -83.90 -22.79 -7.39
C THR QA 82 -84.57 -21.98 -6.29
N PRO QA 83 -83.94 -20.88 -5.83
CA PRO QA 83 -84.57 -20.04 -4.81
C PRO QA 83 -85.97 -19.57 -5.20
N LYS QA 84 -86.78 -19.22 -4.19
CA LYS QA 84 -88.19 -18.92 -4.42
C LYS QA 84 -88.34 -17.68 -5.30
N PRO QA 85 -89.13 -17.77 -6.37
CA PRO QA 85 -89.22 -16.66 -7.34
C PRO QA 85 -89.97 -15.44 -6.83
N LYS QA 86 -90.04 -14.40 -7.65
CA LYS QA 86 -90.70 -13.16 -7.27
C LYS QA 86 -92.08 -13.02 -7.92
N PRO RA 1 -47.56 -26.33 -74.32
CA PRO RA 1 -48.06 -25.92 -75.63
C PRO RA 1 -47.76 -26.97 -76.64
N ARG RA 2 -48.65 -27.12 -77.62
CA ARG RA 2 -48.50 -28.09 -78.69
C ARG RA 2 -48.59 -27.37 -80.03
N LYS RA 3 -47.62 -27.65 -80.91
CA LYS RA 3 -47.66 -27.17 -82.27
C LYS RA 3 -48.49 -28.12 -83.11
N ILE RA 4 -49.58 -27.62 -83.64
CA ILE RA 4 -50.39 -28.34 -84.61
C ILE RA 4 -49.83 -28.08 -86.00
N GLU RA 5 -49.66 -29.15 -86.78
CA GLU RA 5 -49.00 -29.05 -88.08
C GLU RA 5 -49.97 -28.95 -89.25
N GLU RA 6 -51.24 -29.26 -89.05
CA GLU RA 6 -52.21 -29.29 -90.12
C GLU RA 6 -53.26 -28.19 -89.94
N ILE RA 7 -53.67 -27.59 -91.06
CA ILE RA 7 -54.63 -26.50 -91.01
C ILE RA 7 -56.00 -26.99 -90.55
N LYS RA 8 -56.37 -28.19 -90.98
CA LYS RA 8 -57.67 -28.76 -90.62
C LYS RA 8 -57.73 -29.18 -89.15
N ASP RA 9 -56.58 -29.50 -88.54
CA ASP RA 9 -56.59 -30.12 -87.22
C ASP RA 9 -57.12 -29.16 -86.16
N PHE RA 10 -56.54 -27.96 -86.06
CA PHE RA 10 -57.05 -27.07 -85.02
C PHE RA 10 -58.39 -26.46 -85.37
N LEU RA 11 -58.83 -26.56 -86.63
CA LEU RA 11 -60.21 -26.25 -86.93
C LEU RA 11 -61.17 -27.16 -86.19
N LEU RA 12 -60.70 -28.32 -85.75
CA LEU RA 12 -61.45 -29.18 -84.85
C LEU RA 12 -61.23 -28.81 -83.39
N THR RA 13 -59.97 -28.57 -83.02
CA THR RA 13 -59.64 -28.17 -81.66
C THR RA 13 -60.21 -26.79 -81.31
N ALA RA 14 -60.44 -25.92 -82.32
CA ALA RA 14 -61.08 -24.63 -82.08
C ALA RA 14 -62.60 -24.73 -82.05
N ARG RA 15 -63.15 -25.93 -82.17
CA ARG RA 15 -64.59 -26.13 -82.07
C ARG RA 15 -64.98 -26.83 -80.78
N ARG RA 16 -64.04 -26.99 -79.85
CA ARG RA 16 -64.34 -27.69 -78.61
C ARG RA 16 -65.25 -26.86 -77.72
N LYS RA 17 -65.82 -27.53 -76.72
CA LYS RA 17 -66.52 -26.82 -75.66
C LYS RA 17 -65.55 -26.00 -74.81
N ASP RA 18 -64.35 -26.55 -74.54
CA ASP RA 18 -63.42 -25.88 -73.65
C ASP RA 18 -62.66 -24.75 -74.33
N ALA RA 19 -62.64 -24.73 -75.65
CA ALA RA 19 -61.85 -23.75 -76.37
C ALA RA 19 -62.37 -22.34 -76.09
N LYS RA 20 -61.46 -21.38 -76.19
CA LYS RA 20 -61.77 -19.97 -75.98
C LYS RA 20 -60.54 -19.15 -76.33
N SER RA 21 -60.75 -17.89 -76.74
CA SER RA 21 -59.68 -16.90 -76.89
C SER RA 21 -58.64 -17.37 -77.90
N VAL RA 22 -59.05 -17.46 -79.16
CA VAL RA 22 -58.10 -17.75 -80.23
C VAL RA 22 -57.29 -16.49 -80.51
N LYS RA 23 -56.01 -16.51 -80.15
CA LYS RA 23 -55.14 -15.35 -80.24
C LYS RA 23 -54.35 -15.44 -81.55
N ILE RA 24 -54.16 -14.29 -82.20
CA ILE RA 24 -53.52 -14.21 -83.52
C ILE RA 24 -52.38 -13.20 -83.45
N LYS RA 25 -51.16 -13.68 -83.34
CA LYS RA 25 -49.98 -12.84 -83.48
C LYS RA 25 -49.54 -12.85 -84.93
N LYS RA 26 -49.03 -11.72 -85.39
CA LYS RA 26 -48.52 -11.60 -86.76
C LYS RA 26 -47.02 -11.39 -86.64
N ASN RA 27 -46.25 -12.43 -86.94
CA ASN RA 27 -44.82 -12.47 -86.62
C ASN RA 27 -43.94 -12.16 -87.82
N LYS RA 28 -44.43 -11.42 -88.82
CA LYS RA 28 -43.61 -11.19 -90.01
C LYS RA 28 -43.26 -12.52 -90.67
N ASP RA 29 -44.25 -13.12 -91.34
CA ASP RA 29 -44.29 -14.40 -92.10
C ASP RA 29 -44.56 -15.64 -91.25
N ASN RA 30 -44.84 -15.52 -89.97
CA ASN RA 30 -45.08 -16.69 -89.14
C ASN RA 30 -46.48 -16.71 -88.55
N VAL RA 31 -47.45 -16.07 -89.19
CA VAL RA 31 -48.69 -15.68 -88.50
C VAL RA 31 -49.32 -16.84 -87.75
N LYS RA 32 -49.36 -16.73 -86.43
CA LYS RA 32 -49.67 -17.83 -85.53
C LYS RA 32 -51.09 -17.72 -84.99
N PHE RA 33 -51.70 -18.89 -84.73
CA PHE RA 33 -53.09 -19.00 -84.28
C PHE RA 33 -53.12 -19.81 -82.99
N LYS RA 34 -52.99 -19.13 -81.86
CA LYS RA 34 -52.93 -19.80 -80.58
C LYS RA 34 -54.34 -19.90 -80.02
N VAL RA 35 -54.84 -21.12 -79.84
CA VAL RA 35 -56.18 -21.36 -79.30
C VAL RA 35 -56.02 -21.93 -77.90
N ARG RA 36 -56.44 -21.16 -76.91
CA ARG RA 36 -56.31 -21.63 -75.54
C ARG RA 36 -57.35 -22.71 -75.26
N CYS RA 37 -56.92 -23.80 -74.64
CA CYS RA 37 -57.82 -24.84 -74.18
C CYS RA 37 -57.55 -25.11 -72.71
N SER RA 38 -58.38 -25.98 -72.13
CA SER RA 38 -58.20 -26.32 -70.73
C SER RA 38 -56.81 -26.86 -70.47
N ARG RA 39 -56.41 -27.89 -71.21
CA ARG RA 39 -55.10 -28.48 -70.92
C ARG RA 39 -53.99 -27.72 -71.64
N TYR RA 40 -54.02 -27.70 -72.96
CA TYR RA 40 -52.90 -27.24 -73.74
C TYR RA 40 -53.23 -25.92 -74.44
N LEU RA 41 -52.25 -25.39 -75.17
CA LEU RA 41 -52.42 -24.21 -76.01
C LEU RA 41 -51.91 -24.58 -77.40
N TYR RA 42 -52.82 -24.99 -78.29
CA TYR RA 42 -52.43 -25.43 -79.62
C TYR RA 42 -52.24 -24.23 -80.54
N THR RA 43 -51.08 -24.15 -81.19
CA THR RA 43 -50.77 -23.08 -82.13
C THR RA 43 -50.39 -23.66 -83.48
N LEU RA 44 -50.83 -22.99 -84.53
CA LEU RA 44 -50.42 -23.33 -85.89
C LEU RA 44 -49.56 -22.21 -86.45
N VAL RA 45 -48.41 -22.57 -87.01
CA VAL RA 45 -47.50 -21.61 -87.61
C VAL RA 45 -47.71 -21.67 -89.12
N ILE RA 46 -48.40 -20.66 -89.66
CA ILE RA 46 -48.65 -20.52 -91.08
C ILE RA 46 -47.48 -19.78 -91.73
N THR RA 47 -47.00 -20.31 -92.85
CA THR RA 47 -45.89 -19.67 -93.57
C THR RA 47 -46.33 -18.76 -94.71
N ASP RA 48 -47.49 -19.02 -95.30
CA ASP RA 48 -48.01 -18.22 -96.41
C ASP RA 48 -48.98 -17.17 -95.87
N LYS RA 49 -48.63 -15.89 -96.03
CA LYS RA 49 -49.41 -14.82 -95.40
C LYS RA 49 -50.81 -14.67 -96.00
N GLU RA 50 -51.10 -15.33 -97.12
CA GLU RA 50 -52.44 -15.28 -97.69
C GLU RA 50 -53.35 -16.32 -97.04
N LYS RA 51 -52.91 -17.57 -96.99
CA LYS RA 51 -53.65 -18.62 -96.30
C LYS RA 51 -54.04 -18.23 -94.89
N ALA RA 52 -53.30 -17.30 -94.27
CA ALA RA 52 -53.60 -16.89 -92.90
C ALA RA 52 -54.84 -16.01 -92.84
N GLU RA 53 -54.90 -14.99 -93.70
CA GLU RA 53 -56.08 -14.11 -93.68
C GLU RA 53 -57.32 -14.85 -94.15
N LYS RA 54 -57.15 -15.88 -94.98
CA LYS RA 54 -58.27 -16.75 -95.31
C LYS RA 54 -58.76 -17.51 -94.10
N LEU RA 55 -57.82 -18.00 -93.27
CA LEU RA 55 -58.18 -18.73 -92.06
C LEU RA 55 -58.87 -17.84 -91.03
N LYS RA 56 -58.53 -16.54 -91.03
CA LYS RA 56 -59.17 -15.60 -90.11
C LYS RA 56 -60.69 -15.69 -90.19
N GLN RA 57 -61.21 -15.91 -91.38
CA GLN RA 57 -62.63 -16.09 -91.61
C GLN RA 57 -63.01 -17.56 -91.56
N SER RA 58 -62.63 -18.24 -90.48
CA SER RA 58 -63.09 -19.60 -90.25
C SER RA 58 -63.43 -19.91 -88.80
N LEU RA 59 -63.05 -19.07 -87.84
CA LEU RA 59 -63.35 -19.32 -86.43
C LEU RA 59 -64.86 -19.35 -86.26
N PRO RA 60 -65.44 -20.52 -86.00
CA PRO RA 60 -66.86 -20.75 -86.33
C PRO RA 60 -67.83 -19.88 -85.54
N PRO RA 61 -67.86 -19.95 -84.21
CA PRO RA 61 -69.07 -19.51 -83.50
C PRO RA 61 -69.08 -18.08 -83.04
N GLY RA 62 -67.99 -17.35 -83.17
CA GLY RA 62 -67.84 -16.13 -82.42
C GLY RA 62 -66.93 -16.29 -81.21
N LEU RA 63 -65.79 -16.97 -81.41
CA LEU RA 63 -64.79 -17.08 -80.36
C LEU RA 63 -64.24 -15.70 -80.06
N ALA RA 64 -63.32 -15.61 -79.10
CA ALA RA 64 -62.92 -14.34 -78.49
C ALA RA 64 -61.74 -13.70 -79.20
N VAL RA 65 -61.70 -13.82 -80.54
CA VAL RA 65 -60.53 -13.54 -81.35
C VAL RA 65 -59.93 -12.19 -80.95
N LYS RA 66 -58.71 -12.23 -80.45
CA LYS RA 66 -58.02 -11.07 -79.92
C LYS RA 66 -56.74 -10.92 -80.73
N GLU RA 67 -56.76 -10.04 -81.72
CA GLU RA 67 -55.62 -9.88 -82.62
C GLU RA 67 -54.47 -9.27 -81.84
N LEU RA 68 -53.49 -10.11 -81.49
CA LEU RA 68 -52.47 -9.73 -80.52
C LEU RA 68 -51.51 -8.71 -81.11
N LYS RA 69 -51.30 -7.63 -80.37
CA LYS RA 69 -50.27 -6.65 -80.68
C LYS RA 69 -49.95 -5.83 -79.44
N SER SA 1 -36.26 -19.09 -35.42
CA SER SA 1 -35.74 -20.33 -35.95
C SER SA 1 -36.03 -20.43 -37.46
N SER SA 2 -37.19 -19.89 -37.85
CA SER SA 2 -37.71 -19.87 -39.22
C SER SA 2 -38.24 -21.23 -39.66
N HIS SA 3 -38.04 -22.24 -38.83
CA HIS SA 3 -38.69 -23.54 -39.02
C HIS SA 3 -39.33 -23.83 -37.68
N LYS SA 4 -40.52 -23.28 -37.47
CA LYS SA 4 -41.12 -23.30 -36.14
C LYS SA 4 -42.22 -24.32 -36.07
N THR SA 5 -42.42 -24.86 -34.87
CA THR SA 5 -43.61 -25.63 -34.56
C THR SA 5 -44.78 -24.67 -34.37
N PHE SA 6 -45.96 -25.22 -34.14
CA PHE SA 6 -47.07 -24.32 -33.83
C PHE SA 6 -47.08 -23.92 -32.36
N ARG SA 7 -46.77 -24.86 -31.47
CA ARG SA 7 -46.70 -24.50 -30.06
C ARG SA 7 -45.62 -23.46 -29.82
N ILE SA 8 -44.51 -23.56 -30.55
CA ILE SA 8 -43.43 -22.59 -30.36
C ILE SA 8 -43.86 -21.22 -30.87
N LYS SA 9 -44.59 -21.18 -31.98
CA LYS SA 9 -45.03 -19.89 -32.50
C LYS SA 9 -46.05 -19.23 -31.58
N ARG SA 10 -46.96 -20.00 -31.01
CA ARG SA 10 -47.91 -19.43 -30.05
C ARG SA 10 -47.17 -18.82 -28.86
N PHE SA 11 -46.17 -19.53 -28.33
CA PHE SA 11 -45.42 -19.01 -27.18
C PHE SA 11 -44.83 -17.64 -27.47
N LEU SA 12 -44.28 -17.44 -28.67
CA LEU SA 12 -43.73 -16.14 -29.02
C LEU SA 12 -44.82 -15.12 -29.25
N ALA SA 13 -45.99 -15.55 -29.71
CA ALA SA 13 -47.13 -14.65 -29.88
C ALA SA 13 -47.55 -14.02 -28.56
N LYS SA 14 -47.57 -14.81 -27.48
CA LYS SA 14 -47.96 -14.27 -26.20
C LYS SA 14 -46.87 -13.41 -25.59
N LYS SA 15 -45.60 -13.84 -25.67
CA LYS SA 15 -44.51 -13.05 -25.12
C LYS SA 15 -44.29 -11.76 -25.89
N GLN SA 16 -44.77 -11.67 -27.13
CA GLN SA 16 -44.60 -10.47 -27.94
C GLN SA 16 -45.68 -9.42 -27.69
N LYS SA 17 -46.81 -9.81 -27.10
CA LYS SA 17 -47.86 -8.87 -26.72
C LYS SA 17 -47.76 -8.41 -25.26
N GLN SA 18 -47.11 -9.17 -24.39
CA GLN SA 18 -46.86 -8.68 -23.05
C GLN SA 18 -45.85 -7.55 -23.01
N ASN SA 19 -45.21 -7.21 -24.14
CA ASN SA 19 -44.03 -6.34 -24.08
C ASN SA 19 -44.38 -4.86 -23.98
N ARG SA 20 -45.53 -4.45 -24.51
CA ARG SA 20 -45.86 -3.04 -24.66
C ARG SA 20 -45.92 -2.32 -23.31
N PRO SA 21 -45.85 -0.97 -23.30
CA PRO SA 21 -45.84 -0.24 -22.02
C PRO SA 21 -47.21 -0.15 -21.40
N ILE SA 22 -47.31 0.60 -20.31
CA ILE SA 22 -48.55 0.72 -19.57
C ILE SA 22 -49.38 1.84 -20.20
N PRO SA 23 -50.70 1.67 -20.33
CA PRO SA 23 -51.54 2.78 -20.82
C PRO SA 23 -51.52 3.94 -19.83
N GLN SA 24 -51.45 5.16 -20.38
CA GLN SA 24 -51.13 6.31 -19.54
C GLN SA 24 -52.28 6.70 -18.61
N TRP SA 25 -53.49 6.25 -18.87
CA TRP SA 25 -54.59 6.56 -17.97
C TRP SA 25 -54.62 5.65 -16.75
N ILE SA 26 -53.98 4.49 -16.81
CA ILE SA 26 -53.86 3.64 -15.63
C ILE SA 26 -53.27 4.43 -14.48
N ARG SA 27 -52.32 5.32 -14.78
CA ARG SA 27 -51.65 6.14 -13.77
C ARG SA 27 -52.63 7.09 -13.10
N MET SA 28 -53.87 7.12 -13.60
CA MET SA 28 -54.88 8.01 -13.05
C MET SA 28 -55.88 7.33 -12.12
N LYS SA 29 -55.99 5.99 -12.16
CA LYS SA 29 -56.96 5.32 -11.31
C LYS SA 29 -56.71 5.63 -9.84
N THR SA 30 -57.70 5.34 -9.01
CA THR SA 30 -57.70 5.79 -7.62
C THR SA 30 -56.53 5.23 -6.82
N GLY SA 31 -56.54 3.92 -6.55
CA GLY SA 31 -55.54 3.33 -5.68
C GLY SA 31 -54.34 2.74 -6.38
N ASN SA 32 -53.55 3.58 -7.03
CA ASN SA 32 -52.45 3.09 -7.85
C ASN SA 32 -51.14 3.01 -7.07
N LYS SA 33 -50.31 2.03 -7.45
CA LYS SA 33 -48.92 1.94 -7.03
C LYS SA 33 -48.02 1.63 -8.21
N ILE SA 34 -48.53 1.74 -9.44
CA ILE SA 34 -47.83 1.30 -10.63
C ILE SA 34 -47.40 2.52 -11.42
N ARG SA 35 -46.12 2.55 -11.82
CA ARG SA 35 -45.64 3.62 -12.66
C ARG SA 35 -45.13 3.14 -14.01
N TYR SA 36 -44.21 2.17 -14.01
CA TYR SA 36 -43.63 1.63 -15.23
C TYR SA 36 -43.78 0.13 -15.20
N ASN SA 37 -43.74 -0.49 -16.39
CA ASN SA 37 -44.19 -1.86 -16.54
C ASN SA 37 -43.34 -2.85 -15.74
N SER SA 38 -42.02 -2.70 -15.77
CA SER SA 38 -41.16 -3.48 -14.89
C SER SA 38 -41.16 -4.97 -15.21
N LYS SA 39 -41.98 -5.38 -16.18
CA LYS SA 39 -42.05 -6.76 -16.63
C LYS SA 39 -41.82 -6.82 -18.13
N ARG SA 40 -40.93 -5.96 -18.63
CA ARG SA 40 -40.62 -5.89 -20.05
C ARG SA 40 -39.37 -6.69 -20.36
N ARG SA 41 -39.25 -7.05 -21.62
CA ARG SA 41 -38.15 -7.87 -22.07
C ARG SA 41 -37.55 -7.26 -23.33
N HIS SA 42 -36.28 -7.53 -23.57
CA HIS SA 42 -35.55 -6.97 -24.71
C HIS SA 42 -34.62 -8.03 -25.26
N TRP SA 43 -34.84 -8.43 -26.50
CA TRP SA 43 -34.26 -9.67 -27.00
C TRP SA 43 -32.75 -9.79 -26.85
N ARG SA 44 -32.04 -8.70 -26.58
CA ARG SA 44 -30.60 -8.80 -26.45
C ARG SA 44 -30.19 -9.27 -25.06
N ARG SA 45 -30.91 -8.82 -24.03
CA ARG SA 45 -30.65 -9.20 -22.66
C ARG SA 45 -31.90 -9.83 -22.07
N THR SA 46 -31.72 -10.89 -21.29
CA THR SA 46 -32.83 -11.77 -20.92
C THR SA 46 -33.50 -12.34 -22.18
N LYS SA 47 -32.74 -13.22 -22.82
CA LYS SA 47 -33.30 -14.17 -23.76
C LYS SA 47 -34.56 -14.81 -23.19
N LEU SA 48 -35.42 -15.27 -24.08
CA LEU SA 48 -36.67 -15.95 -23.71
C LEU SA 48 -36.44 -17.13 -22.78
N GLY SA 49 -37.51 -17.55 -22.10
CA GLY SA 49 -37.49 -18.79 -21.36
C GLY SA 49 -37.36 -20.01 -22.25
N LEU SA 50 -36.33 -19.99 -23.09
CA LEU SA 50 -35.99 -21.06 -24.03
C LEU SA 50 -34.48 -21.06 -24.24
N ILE TA 1 89.18 3.41 -3.31
CA ILE TA 1 87.77 3.39 -3.66
C ILE TA 1 87.00 4.35 -2.75
N ILE TA 2 87.04 4.07 -1.44
CA ILE TA 2 86.49 4.96 -0.43
C ILE TA 2 87.41 4.91 0.79
N GLU TA 3 87.90 6.08 1.18
CA GLU TA 3 88.96 6.16 2.18
C GLU TA 3 88.45 5.69 3.55
N PRO TA 4 89.30 5.00 4.36
CA PRO TA 4 88.82 4.41 5.62
C PRO TA 4 88.10 5.34 6.60
N SER TA 5 88.74 6.43 7.03
CA SER TA 5 88.09 7.32 8.01
C SER TA 5 86.83 7.94 7.44
N LEU TA 6 86.85 8.27 6.15
CA LEU TA 6 85.63 8.72 5.48
C LEU TA 6 84.56 7.64 5.51
N ARG TA 7 84.94 6.38 5.28
CA ARG TA 7 83.97 5.30 5.32
C ARG TA 7 83.34 5.19 6.69
N GLN TA 8 84.16 4.98 7.72
CA GLN TA 8 83.59 4.83 9.07
C GLN TA 8 82.95 6.12 9.59
N LEU TA 9 82.94 7.19 8.79
CA LEU TA 9 82.03 8.30 9.05
C LEU TA 9 80.61 7.93 8.64
N ALA TA 10 80.41 7.64 7.35
CA ALA TA 10 79.09 7.25 6.87
C ALA TA 10 78.57 6.01 7.57
N GLN TA 11 79.47 5.09 7.95
CA GLN TA 11 79.05 3.96 8.78
C GLN TA 11 78.39 4.46 10.05
N LYS TA 12 78.93 5.53 10.65
CA LYS TA 12 78.37 6.09 11.86
C LYS TA 12 76.96 6.61 11.64
N TYR TA 13 76.61 6.96 10.42
CA TYR TA 13 75.28 7.45 10.13
C TYR TA 13 74.36 6.40 9.55
N ASN TA 14 74.89 5.31 8.99
CA ASN TA 14 74.04 4.33 8.34
C ASN TA 14 74.11 2.94 8.93
N CYS TA 15 75.14 2.61 9.70
CA CYS TA 15 75.40 1.22 10.03
C CYS TA 15 75.28 0.88 11.51
N ASP TA 16 76.03 1.53 12.41
CA ASP TA 16 76.01 1.11 13.81
C ASP TA 16 74.77 1.67 14.49
N LYS TA 17 73.73 0.86 14.59
CA LYS TA 17 72.41 1.30 15.03
C LYS TA 17 71.69 0.12 15.64
N MET TA 18 70.95 0.37 16.72
CA MET TA 18 70.03 -0.64 17.20
C MET TA 18 68.71 -0.51 16.45
N ILE TA 19 67.97 -1.61 16.42
CA ILE TA 19 66.72 -1.66 15.67
C ILE TA 19 65.67 -2.37 16.50
N CYS TA 20 64.46 -1.83 16.51
CA CYS TA 20 63.39 -2.42 17.30
C CYS TA 20 62.96 -3.75 16.70
N ARG TA 21 63.06 -4.82 17.49
CA ARG TA 21 62.58 -6.12 17.00
C ARG TA 21 61.08 -6.08 16.76
N LYS TA 22 60.37 -5.21 17.48
CA LYS TA 22 58.93 -5.09 17.30
C LYS TA 22 58.59 -4.36 16.00
N CYS TA 23 59.00 -3.09 15.88
CA CYS TA 23 58.53 -2.22 14.81
C CYS TA 23 59.61 -1.79 13.82
N TYR TA 24 60.77 -2.44 13.81
CA TYR TA 24 61.81 -2.23 12.80
C TYR TA 24 62.35 -0.80 12.74
N ALA TA 25 62.01 0.05 13.70
CA ALA TA 25 62.52 1.42 13.69
C ALA TA 25 64.02 1.42 13.97
N ARG TA 26 64.69 2.45 13.47
CA ARG TA 26 66.15 2.54 13.56
C ARG TA 26 66.56 3.52 14.66
N LEU TA 27 67.40 3.05 15.58
CA LEU TA 27 67.81 3.81 16.77
C LEU TA 27 69.33 3.90 16.85
N HIS TA 28 69.81 4.78 17.72
CA HIS TA 28 71.23 4.98 17.95
C HIS TA 28 71.82 3.82 18.76
N PRO TA 29 73.15 3.71 18.83
CA PRO TA 29 73.75 2.50 19.43
C PRO TA 29 73.60 2.39 20.94
N ARG TA 30 73.24 3.45 21.66
CA ARG TA 30 73.09 3.33 23.09
C ARG TA 30 71.67 2.97 23.51
N ALA TA 31 70.78 2.73 22.57
CA ALA TA 31 69.37 2.57 22.90
C ALA TA 31 69.13 1.32 23.73
N VAL TA 32 68.37 1.48 24.80
CA VAL TA 32 67.79 0.33 25.48
C VAL TA 32 66.29 0.26 25.30
N ASN TA 33 65.64 1.37 25.01
CA ASN TA 33 64.22 1.40 24.71
C ASN TA 33 64.02 1.96 23.31
N CYS TA 34 62.87 1.66 22.73
CA CYS TA 34 62.57 2.23 21.44
C CYS TA 34 62.01 3.64 21.59
N ARG TA 35 61.74 4.28 20.46
CA ARG TA 35 61.11 5.60 20.41
C ARG TA 35 59.62 5.52 20.22
N LYS TA 36 59.14 4.56 19.43
CA LYS TA 36 57.82 4.64 18.86
C LYS TA 36 56.74 4.35 19.90
N LYS TA 37 55.62 5.07 19.79
CA LYS TA 37 54.47 4.71 20.59
C LYS TA 37 53.78 3.47 20.07
N LYS TA 38 54.01 3.12 18.80
CA LYS TA 38 53.26 2.02 18.19
C LYS TA 38 53.69 0.66 18.73
N CYS TA 39 54.99 0.48 19.02
CA CYS TA 39 55.47 -0.79 19.56
C CYS TA 39 55.36 -0.85 21.07
N GLY TA 40 55.50 0.30 21.74
CA GLY TA 40 55.37 0.37 23.17
C GLY TA 40 56.69 0.39 23.90
N HIS TA 41 57.68 1.07 23.31
CA HIS TA 41 59.01 1.26 23.90
C HIS TA 41 59.59 -0.06 24.37
N THR TA 42 59.84 -0.95 23.42
CA THR TA 42 59.80 -2.38 23.70
C THR TA 42 60.98 -2.85 24.54
N ASN TA 43 62.19 -2.47 24.16
CA ASN TA 43 63.50 -2.91 24.65
C ASN TA 43 63.91 -4.27 24.08
N ASN TA 44 63.07 -4.89 23.24
CA ASN TA 44 63.50 -6.02 22.40
C ASN TA 44 64.33 -5.45 21.26
N LEU TA 45 65.58 -5.11 21.56
CA LEU TA 45 66.45 -4.45 20.59
C LEU TA 45 67.54 -5.39 20.09
N ARG TA 46 68.08 -5.05 18.93
CA ARG TA 46 69.09 -5.88 18.30
C ARG TA 46 69.89 -5.00 17.35
N PRO TA 47 71.19 -5.25 17.19
CA PRO TA 47 72.00 -4.40 16.31
C PRO TA 47 71.53 -4.47 14.88
N LYS TA 48 71.85 -3.43 14.13
CA LYS TA 48 71.67 -3.49 12.68
C LYS TA 48 72.68 -4.44 12.09
N LYS TA 49 72.21 -5.29 11.18
CA LYS TA 49 73.07 -6.33 10.62
C LYS TA 49 74.22 -5.70 9.83
N LYS TA 50 75.45 -6.03 10.22
CA LYS TA 50 76.64 -5.53 9.52
C LYS TA 50 76.79 -6.25 8.19
N VAL TA 51 76.91 -5.47 7.11
CA VAL TA 51 76.98 -6.07 5.78
C VAL TA 51 78.23 -6.94 5.68
N LYS TA 52 78.09 -8.09 5.03
CA LYS TA 52 79.19 -9.03 4.87
C LYS TA 52 79.99 -8.73 3.60
N ARG UA 1 43.59 -81.33 -34.58
CA ARG UA 1 42.67 -81.80 -35.59
C ARG UA 1 42.41 -80.63 -36.52
N ALA UA 2 41.78 -80.93 -37.66
CA ALA UA 2 41.47 -79.90 -38.64
C ALA UA 2 40.05 -79.37 -38.47
N LYS UA 3 39.06 -80.27 -38.39
CA LYS UA 3 37.67 -79.85 -38.21
C LYS UA 3 37.53 -78.93 -37.00
N TRP UA 4 38.38 -79.10 -36.00
CA TRP UA 4 38.33 -78.26 -34.80
C TRP UA 4 39.28 -77.09 -34.87
N ARG UA 5 39.82 -76.79 -36.03
CA ARG UA 5 40.46 -75.50 -36.25
C ARG UA 5 39.80 -74.72 -37.36
N LYS UA 6 39.31 -75.40 -38.40
CA LYS UA 6 38.35 -74.80 -39.32
C LYS UA 6 37.16 -74.22 -38.54
N LYS UA 7 36.86 -74.79 -37.38
CA LYS UA 7 35.85 -74.22 -36.49
C LYS UA 7 36.41 -73.12 -35.61
N ARG UA 8 37.71 -73.16 -35.33
CA ARG UA 8 38.35 -72.09 -34.57
C ARG UA 8 38.27 -70.76 -35.31
N MET UA 9 38.69 -70.77 -36.57
CA MET UA 9 38.66 -69.54 -37.36
C MET UA 9 37.23 -69.07 -37.58
N ARG UA 10 36.32 -69.99 -37.90
CA ARG UA 10 34.94 -69.60 -38.18
C ARG UA 10 34.21 -69.10 -36.94
N ARG UA 11 34.80 -69.22 -35.75
CA ARG UA 11 34.36 -68.47 -34.58
C ARG UA 11 35.20 -67.23 -34.33
N LEU UA 12 36.46 -67.26 -34.75
CA LEU UA 12 37.32 -66.10 -34.59
C LEU UA 12 37.00 -65.02 -35.62
N LYS UA 13 36.77 -65.41 -36.88
CA LYS UA 13 36.37 -64.43 -37.88
C LYS UA 13 35.07 -63.75 -37.48
N ARG UA 14 34.14 -64.49 -36.90
CA ARG UA 14 32.85 -63.93 -36.51
C ARG UA 14 33.01 -62.86 -35.43
N LYS UA 15 34.07 -62.91 -34.64
CA LYS UA 15 34.32 -61.86 -33.66
C LYS UA 15 34.98 -60.64 -34.26
N ARG UA 16 35.58 -60.77 -35.45
CA ARG UA 16 36.12 -59.58 -36.11
C ARG UA 16 35.03 -58.79 -36.81
N ARG UA 17 34.11 -59.47 -37.50
CA ARG UA 17 32.95 -58.78 -38.06
C ARG UA 17 32.22 -57.99 -36.99
N LYS UA 18 31.87 -58.65 -35.88
CA LYS UA 18 31.24 -57.96 -34.77
C LYS UA 18 32.09 -56.80 -34.30
N MET UA 19 33.41 -57.00 -34.21
CA MET UA 19 34.30 -55.92 -33.77
C MET UA 19 34.35 -54.81 -34.81
N ARG UA 20 34.34 -55.17 -36.09
CA ARG UA 20 34.48 -54.19 -37.16
C ARG UA 20 33.18 -53.43 -37.40
N GLN UA 21 32.06 -54.13 -37.41
CA GLN UA 21 30.78 -53.48 -37.66
C GLN UA 21 30.46 -52.43 -36.59
N ARG UA 22 31.06 -52.54 -35.40
CA ARG UA 22 30.90 -51.48 -34.41
C ARG UA 22 31.33 -50.13 -34.96
N SER UA 23 32.21 -50.13 -35.95
CA SER UA 23 32.77 -48.90 -36.47
C SER UA 23 32.85 -48.91 -37.99
N VAL VA 1 9.97 -74.36 40.01
CA VAL VA 1 10.14 -74.72 41.41
C VAL VA 1 9.77 -76.17 41.59
N ASN VA 2 9.72 -76.59 42.85
CA ASN VA 2 9.40 -77.96 43.20
C ASN VA 2 8.57 -77.95 44.48
N VAL VA 3 7.54 -78.79 44.52
CA VAL VA 3 6.69 -78.93 45.71
C VAL VA 3 6.53 -80.42 46.00
N PRO VA 4 6.27 -80.79 47.25
CA PRO VA 4 6.01 -82.20 47.56
C PRO VA 4 4.57 -82.58 47.28
N LYS VA 5 4.36 -83.88 47.12
CA LYS VA 5 3.05 -84.38 46.70
C LYS VA 5 2.02 -84.30 47.81
N THR VA 6 2.46 -84.31 49.06
CA THR VA 6 1.58 -84.18 50.21
C THR VA 6 2.07 -83.03 51.09
N ARG VA 7 1.16 -82.50 51.89
CA ARG VA 7 1.52 -81.54 52.92
C ARG VA 7 0.42 -81.53 53.96
N ARG VA 8 0.79 -81.23 55.20
CA ARG VA 8 -0.16 -81.07 56.29
C ARG VA 8 -0.43 -79.60 56.50
N THR VA 9 -1.69 -79.19 56.36
CA THR VA 9 -2.07 -77.81 56.57
C THR VA 9 -3.54 -77.78 56.97
N PHE VA 10 -4.02 -76.58 57.29
CA PHE VA 10 -5.39 -76.42 57.77
C PHE VA 10 -6.38 -76.89 56.72
N CYS VA 11 -7.27 -77.80 57.11
CA CYS VA 11 -8.42 -78.17 56.32
C CYS VA 11 -9.62 -77.40 56.85
N LYS VA 12 -10.22 -76.56 56.00
CA LYS VA 12 -11.22 -75.59 56.46
C LYS VA 12 -12.35 -76.26 57.23
N LYS VA 13 -12.77 -77.44 56.81
CA LYS VA 13 -13.98 -78.02 57.40
C LYS VA 13 -13.71 -78.61 58.78
N CYS VA 14 -12.63 -79.40 58.90
CA CYS VA 14 -12.34 -80.06 60.17
C CYS VA 14 -11.96 -79.06 61.25
N GLY VA 15 -11.39 -77.92 60.89
CA GLY VA 15 -10.87 -77.00 61.87
C GLY VA 15 -9.55 -77.42 62.45
N LYS VA 16 -8.76 -78.21 61.72
CA LYS VA 16 -7.51 -78.72 62.23
C LYS VA 16 -6.52 -78.84 61.08
N HIS VA 17 -5.25 -78.99 61.43
CA HIS VA 17 -4.27 -79.39 60.43
C HIS VA 17 -4.50 -80.86 60.11
N GLN VA 18 -4.47 -81.18 58.81
CA GLN VA 18 -4.73 -82.53 58.35
C GLN VA 18 -3.93 -82.78 57.09
N PRO VA 19 -3.61 -84.04 56.79
CA PRO VA 19 -2.83 -84.33 55.59
C PRO VA 19 -3.64 -84.08 54.33
N HIS VA 20 -2.99 -83.50 53.32
CA HIS VA 20 -3.66 -83.20 52.07
C HIS VA 20 -2.94 -83.88 50.91
N LYS VA 21 -3.59 -83.90 49.76
CA LYS VA 21 -3.03 -84.49 48.55
C LYS VA 21 -2.89 -83.39 47.51
N VAL VA 22 -1.65 -83.00 47.23
CA VAL VA 22 -1.39 -81.83 46.38
C VAL VA 22 -1.43 -82.23 44.91
N THR VA 23 -2.04 -81.39 44.08
CA THR VA 23 -2.01 -81.57 42.64
C THR VA 23 -2.24 -80.22 41.99
N GLN VA 24 -1.64 -80.01 40.81
CA GLN VA 24 -1.78 -78.71 40.18
C GLN VA 24 -3.06 -78.67 39.36
N TYR VA 25 -3.53 -77.44 39.14
CA TYR VA 25 -4.87 -77.19 38.62
C TYR VA 25 -4.81 -76.90 37.13
N LYS VA 26 -5.76 -77.51 36.40
CA LYS VA 26 -6.01 -77.21 35.00
C LYS VA 26 -7.46 -76.75 34.84
N LYS VA 27 -7.68 -75.74 34.00
CA LYS VA 27 -9.00 -75.16 33.80
C LYS VA 27 -10.01 -76.23 33.37
N GLY VA 28 -11.29 -75.90 33.54
CA GLY VA 28 -12.35 -76.77 33.07
C GLY VA 28 -12.79 -76.46 31.66
N LYS VA 29 -13.47 -77.42 31.04
CA LYS VA 29 -14.07 -77.18 29.73
C LYS VA 29 -15.19 -76.15 29.86
N ASP VA 30 -15.15 -75.12 29.04
CA ASP VA 30 -16.11 -74.03 29.13
C ASP VA 30 -17.51 -74.52 28.76
N SER VA 31 -18.50 -73.98 29.44
CA SER VA 31 -19.79 -74.65 29.54
C SER VA 31 -20.51 -74.73 28.20
N LEU VA 32 -20.56 -73.63 27.46
CA LEU VA 32 -21.44 -73.34 26.32
C LEU VA 32 -22.83 -72.95 26.79
N TYR VA 33 -23.09 -73.00 28.10
CA TYR VA 33 -24.40 -72.60 28.59
C TYR VA 33 -24.31 -71.71 29.82
N ALA VA 34 -23.11 -71.29 30.21
CA ALA VA 34 -22.97 -70.20 31.17
C ALA VA 34 -23.54 -68.94 30.55
N GLN VA 35 -24.03 -68.04 31.41
CA GLN VA 35 -24.69 -66.84 30.92
C GLN VA 35 -23.80 -66.07 29.96
N GLY VA 36 -22.51 -65.96 30.28
CA GLY VA 36 -21.61 -65.19 29.45
C GLY VA 36 -21.51 -65.73 28.05
N LYS VA 37 -21.34 -67.05 27.92
CA LYS VA 37 -21.25 -67.64 26.60
C LYS VA 37 -22.57 -67.52 25.85
N ARG VA 38 -23.69 -67.84 26.51
CA ARG VA 38 -25.00 -67.73 25.85
C ARG VA 38 -25.23 -66.33 25.33
N ARG VA 39 -24.91 -65.32 26.14
CA ARG VA 39 -25.02 -63.95 25.66
C ARG VA 39 -24.07 -63.71 24.51
N TYR VA 40 -22.78 -63.99 24.71
CA TYR VA 40 -21.80 -63.77 23.64
C TYR VA 40 -22.12 -64.57 22.40
N ASP VA 41 -22.82 -65.69 22.54
CA ASP VA 41 -23.24 -66.43 21.35
C ASP VA 41 -24.17 -65.58 20.51
N ARG VA 42 -25.32 -65.21 21.06
CA ARG VA 42 -26.31 -64.53 20.24
C ARG VA 42 -26.21 -63.02 20.33
N LYS VA 43 -25.00 -62.51 20.51
CA LYS VA 43 -24.64 -61.19 20.02
C LYS VA 43 -23.61 -61.29 18.91
N GLN VA 44 -22.67 -62.23 19.04
CA GLN VA 44 -21.78 -62.62 17.95
C GLN VA 44 -22.55 -63.60 17.06
N SER VA 45 -23.75 -63.21 16.67
CA SER VA 45 -24.61 -64.05 15.87
C SER VA 45 -25.53 -63.15 15.07
N GLY VA 46 -25.45 -63.26 13.76
CA GLY VA 46 -26.08 -62.33 12.86
C GLY VA 46 -25.06 -61.62 12.00
N TYR VA 47 -25.58 -60.78 11.11
CA TYR VA 47 -24.76 -60.03 10.16
C TYR VA 47 -24.16 -58.79 10.83
N GLY VA 48 -23.24 -59.02 11.74
CA GLY VA 48 -22.64 -57.89 12.42
C GLY VA 48 -21.14 -57.75 12.38
N GLY VA 49 -20.40 -58.84 12.20
CA GLY VA 49 -18.96 -58.81 12.45
C GLY VA 49 -18.63 -59.19 13.87
N GLN VA 50 -17.36 -59.07 14.23
CA GLN VA 50 -16.91 -59.38 15.58
C GLN VA 50 -17.35 -58.31 16.57
N THR VA 51 -17.80 -58.72 17.75
CA THR VA 51 -18.43 -57.80 18.70
C THR VA 51 -17.56 -57.48 19.90
N LYS VA 52 -17.13 -58.49 20.65
CA LYS VA 52 -16.32 -58.25 21.83
C LYS VA 52 -14.85 -58.23 21.48
N PRO VA 53 -14.05 -57.57 22.32
CA PRO VA 53 -12.60 -57.49 22.08
C PRO VA 53 -11.95 -58.86 22.06
N ILE VA 54 -10.72 -58.90 21.57
CA ILE VA 54 -9.94 -60.12 21.54
C ILE VA 54 -8.46 -59.75 21.66
N PHE VA 55 -7.71 -60.54 22.43
CA PHE VA 55 -6.33 -60.20 22.70
C PHE VA 55 -5.42 -60.55 21.52
N ARG VA 56 -4.58 -59.59 21.13
CA ARG VA 56 -3.43 -59.89 20.30
C ARG VA 56 -2.18 -59.19 20.85
N LYS VA 57 -2.17 -58.90 22.15
CA LYS VA 57 -1.03 -58.27 22.81
C LYS VA 57 -0.84 -59.04 24.10
N LYS VA 58 0.04 -60.04 24.05
CA LYS VA 58 0.42 -60.84 25.21
C LYS VA 58 1.72 -60.29 25.79
N ALA VA 59 1.82 -60.25 27.11
CA ALA VA 59 2.98 -59.64 27.75
C ALA VA 59 3.82 -60.66 28.51
N LYS VA 60 3.24 -61.36 29.48
CA LYS VA 60 4.02 -62.19 30.39
C LYS VA 60 4.08 -63.63 29.93
N THR VA 61 5.17 -64.28 30.34
CA THR VA 61 5.56 -65.59 29.84
C THR VA 61 5.31 -66.70 30.87
N THR VA 62 4.45 -66.45 31.87
CA THR VA 62 4.18 -67.44 32.89
C THR VA 62 2.90 -67.08 33.63
N LYS VA 63 2.23 -68.09 34.15
CA LYS VA 63 1.05 -67.90 34.99
C LYS VA 63 1.33 -68.42 36.39
N LYS VA 64 0.70 -67.78 37.38
CA LYS VA 64 0.76 -68.27 38.74
C LYS VA 64 0.32 -69.73 38.80
N ILE VA 65 1.16 -70.58 39.38
CA ILE VA 65 0.77 -71.98 39.52
C ILE VA 65 -0.17 -72.11 40.71
N VAL VA 66 -1.21 -72.94 40.56
CA VAL VA 66 -2.20 -73.10 41.61
C VAL VA 66 -2.24 -74.56 42.03
N LEU VA 67 -2.02 -74.80 43.32
CA LEU VA 67 -2.15 -76.13 43.88
C LEU VA 67 -3.59 -76.39 44.28
N ARG VA 68 -4.06 -77.60 44.01
CA ARG VA 68 -5.42 -78.01 44.33
C ARG VA 68 -5.33 -79.06 45.44
N LEU VA 69 -5.29 -78.58 46.68
CA LEU VA 69 -5.20 -79.45 47.84
C LEU VA 69 -6.55 -80.10 48.13
N GLU VA 70 -6.53 -81.28 48.71
CA GLU VA 70 -7.76 -81.95 49.12
C GLU VA 70 -7.49 -82.82 50.34
N CYS VA 71 -8.50 -82.93 51.20
CA CYS VA 71 -8.33 -83.63 52.47
C CYS VA 71 -8.18 -85.12 52.23
N VAL VA 72 -7.21 -85.73 52.94
CA VAL VA 72 -6.93 -87.15 52.75
C VAL VA 72 -7.87 -88.01 53.58
N GLU VA 73 -8.17 -87.57 54.80
CA GLU VA 73 -9.17 -88.26 55.60
C GLU VA 73 -10.49 -88.29 54.84
N PRO VA 74 -11.20 -89.42 54.84
CA PRO VA 74 -12.49 -89.48 54.15
C PRO VA 74 -13.53 -88.64 54.88
N ASN VA 75 -14.65 -88.44 54.19
CA ASN VA 75 -15.80 -87.66 54.65
C ASN VA 75 -15.48 -86.17 54.66
N CYS VA 76 -14.22 -85.79 54.48
CA CYS VA 76 -13.97 -84.37 54.39
C CYS VA 76 -13.74 -83.98 52.95
N ARG VA 77 -12.68 -84.53 52.35
CA ARG VA 77 -12.37 -84.44 50.93
C ARG VA 77 -12.60 -83.04 50.38
N SER VA 78 -12.56 -82.01 51.24
CA SER VA 78 -12.96 -80.66 50.84
C SER VA 78 -11.77 -79.97 50.19
N LYS VA 79 -11.80 -79.91 48.87
CA LYS VA 79 -10.67 -79.37 48.13
C LYS VA 79 -10.57 -77.86 48.35
N ARG VA 80 -9.34 -77.35 48.28
CA ARG VA 80 -9.08 -75.94 48.50
C ARG VA 80 -7.98 -75.50 47.57
N MET VA 81 -8.00 -74.22 47.22
CA MET VA 81 -7.05 -73.64 46.29
C MET VA 81 -5.81 -73.14 47.02
N LEU VA 82 -4.72 -73.01 46.26
CA LEU VA 82 -3.51 -72.40 46.83
C LEU VA 82 -2.67 -71.88 45.68
N ALA VA 83 -2.56 -70.56 45.58
CA ALA VA 83 -1.71 -69.95 44.58
C ALA VA 83 -0.30 -69.78 45.10
N ILE VA 84 0.66 -69.82 44.18
CA ILE VA 84 2.08 -69.67 44.46
C ILE VA 84 2.66 -68.71 43.45
N LYS VA 85 3.72 -68.00 43.84
CA LYS VA 85 4.40 -67.09 42.94
C LYS VA 85 4.78 -67.81 41.63
N ARG VA 86 4.91 -67.03 40.56
CA ARG VA 86 5.07 -67.59 39.23
C ARG VA 86 6.38 -68.35 39.09
N CYS VA 87 6.48 -69.12 38.01
CA CYS VA 87 7.68 -69.89 37.67
C CYS VA 87 7.50 -70.43 36.26
N LYS VA 88 8.56 -70.37 35.45
CA LYS VA 88 8.50 -71.00 34.14
C LYS VA 88 9.06 -72.42 34.16
N HIS VA 89 8.91 -73.10 35.28
CA HIS VA 89 9.34 -74.50 35.41
C HIS VA 89 8.76 -75.03 36.71
N PHE VA 90 8.13 -76.22 36.68
CA PHE VA 90 7.39 -76.66 37.86
C PHE VA 90 7.22 -78.17 37.86
N GLU VA 91 7.36 -78.79 39.03
CA GLU VA 91 7.29 -80.24 39.18
C GLU VA 91 6.56 -80.60 40.47
N LEU VA 92 6.40 -81.91 40.69
CA LEU VA 92 5.88 -82.46 41.93
C LEU VA 92 6.64 -83.73 42.29
N GLY VA 93 6.99 -83.87 43.57
CA GLY VA 93 7.71 -85.04 44.05
C GLY VA 93 9.11 -85.23 43.51
N GLY VA 94 9.78 -84.15 43.13
CA GLY VA 94 11.08 -84.21 42.48
C GLY VA 94 12.38 -84.17 43.26
N ASP VA 95 12.85 -85.27 43.87
CA ASP VA 95 14.29 -85.37 44.13
C ASP VA 95 14.90 -84.35 45.08
N LYS VA 96 14.83 -84.62 46.39
CA LYS VA 96 15.05 -83.67 47.49
C LYS VA 96 16.35 -82.86 47.49
N LYS VA 97 17.16 -82.94 46.44
CA LYS VA 97 18.25 -82.03 46.03
C LYS VA 97 19.60 -82.23 46.73
N ARG VA 98 19.71 -83.13 47.71
CA ARG VA 98 20.97 -83.85 47.96
C ARG VA 98 22.18 -82.94 48.23
N LYS VA 99 22.19 -82.27 49.39
CA LYS VA 99 23.35 -81.46 49.80
C LYS VA 99 24.63 -82.30 49.84
N GLY VA 100 25.75 -81.68 49.45
CA GLY VA 100 27.07 -82.23 49.68
C GLY VA 100 27.48 -83.44 48.87
N GLN VA 101 27.12 -83.48 47.59
CA GLN VA 101 27.38 -84.63 46.73
C GLN VA 101 28.27 -84.23 45.54
N VAL VA 102 28.56 -85.21 44.70
CA VAL VA 102 29.41 -85.00 43.53
C VAL VA 102 28.53 -84.67 42.33
N ILE VA 103 28.86 -83.58 41.65
CA ILE VA 103 28.09 -83.11 40.50
C ILE VA 103 28.76 -83.68 39.26
N GLN VA 104 28.28 -84.85 38.81
CA GLN VA 104 28.88 -85.52 37.66
C GLN VA 104 28.33 -85.00 36.33
N ALA WA 1 14.64 -57.34 -63.18
CA ALA WA 1 15.44 -56.55 -62.25
C ALA WA 1 15.50 -55.08 -62.68
N LYS WA 2 14.60 -54.70 -63.59
CA LYS WA 2 14.46 -53.30 -64.02
C LYS WA 2 13.49 -52.55 -63.11
N ARG WA 3 13.83 -51.30 -62.83
CA ARG WA 3 13.22 -50.34 -61.91
C ARG WA 3 13.48 -50.69 -60.44
N THR WA 4 13.97 -51.90 -60.14
CA THR WA 4 14.25 -52.36 -58.77
C THR WA 4 14.94 -53.72 -58.82
N LYS WA 5 15.70 -54.09 -57.80
CA LYS WA 5 16.22 -55.46 -57.82
C LYS WA 5 15.22 -56.45 -57.25
N LYS WA 6 14.89 -56.34 -55.97
CA LYS WA 6 14.22 -57.43 -55.28
C LYS WA 6 13.13 -56.96 -54.31
N VAL WA 7 12.28 -56.02 -54.74
CA VAL WA 7 11.09 -55.69 -53.98
C VAL WA 7 9.82 -55.90 -54.79
N GLY WA 8 9.83 -55.51 -56.05
CA GLY WA 8 8.70 -55.79 -56.91
C GLY WA 8 7.46 -55.11 -56.40
N ILE WA 9 6.44 -55.92 -56.09
CA ILE WA 9 5.13 -55.38 -55.77
C ILE WA 9 5.18 -54.55 -54.49
N VAL WA 10 5.96 -55.00 -53.50
CA VAL WA 10 5.93 -54.39 -52.18
C VAL WA 10 6.89 -53.23 -52.10
N GLY WA 11 7.37 -52.75 -53.25
CA GLY WA 11 8.01 -51.46 -53.26
C GLY WA 11 7.08 -50.38 -52.76
N LYS WA 12 5.78 -50.58 -52.92
CA LYS WA 12 4.81 -49.59 -52.52
C LYS WA 12 4.80 -49.39 -51.01
N TYR WA 13 5.37 -50.31 -50.25
CA TYR WA 13 5.42 -50.13 -48.81
C TYR WA 13 6.66 -49.39 -48.36
N GLY WA 14 7.56 -49.04 -49.30
CA GLY WA 14 8.71 -48.20 -49.07
C GLY WA 14 9.65 -48.76 -48.03
N THR WA 15 10.29 -47.85 -47.28
CA THR WA 15 11.28 -48.25 -46.29
C THR WA 15 10.69 -48.96 -45.09
N ARG WA 16 9.37 -48.96 -44.97
CA ARG WA 16 8.71 -49.30 -43.71
C ARG WA 16 8.64 -50.82 -43.50
N TYR WA 17 8.14 -51.19 -42.31
CA TYR WA 17 7.65 -52.49 -41.91
C TYR WA 17 8.73 -53.57 -41.77
N GLY WA 18 9.98 -53.27 -42.10
CA GLY WA 18 11.02 -54.26 -41.95
C GLY WA 18 11.14 -55.16 -43.16
N ALA WA 19 12.35 -55.68 -43.41
CA ALA WA 19 12.55 -56.46 -44.64
C ALA WA 19 11.81 -57.78 -44.57
N SER WA 20 11.97 -58.52 -43.49
CA SER WA 20 11.44 -59.87 -43.46
C SER WA 20 9.92 -59.88 -43.53
N LEU WA 21 9.25 -58.79 -43.18
CA LEU WA 21 7.80 -58.75 -43.32
C LEU WA 21 7.37 -58.31 -44.71
N ARG WA 22 8.00 -57.24 -45.24
CA ARG WA 22 7.73 -56.86 -46.63
C ARG WA 22 8.03 -58.02 -47.57
N LYS WA 23 9.04 -58.84 -47.25
CA LYS WA 23 9.41 -59.95 -48.12
C LYS WA 23 8.34 -61.03 -48.08
N MET WA 24 7.89 -61.36 -46.88
CA MET WA 24 6.88 -62.40 -46.71
C MET WA 24 5.56 -62.01 -47.36
N VAL WA 25 5.19 -60.74 -47.25
CA VAL WA 25 3.96 -60.24 -47.86
C VAL WA 25 4.05 -60.30 -49.37
N LYS WA 26 5.25 -60.26 -49.94
CA LYS WA 26 5.38 -60.22 -51.40
C LYS WA 26 4.68 -61.39 -52.04
N LYS WA 27 5.07 -62.60 -51.68
CA LYS WA 27 4.48 -63.78 -52.30
C LYS WA 27 2.97 -63.77 -52.19
N ILE WA 28 2.44 -63.29 -51.06
CA ILE WA 28 1.00 -63.20 -50.90
C ILE WA 28 0.43 -62.11 -51.80
N GLU WA 29 0.95 -60.88 -51.67
CA GLU WA 29 0.47 -59.75 -52.46
C GLU WA 29 0.59 -59.99 -53.96
N ILE WA 30 1.33 -61.01 -54.38
CA ILE WA 30 1.38 -61.37 -55.80
C ILE WA 30 0.25 -62.33 -56.16
N SER WA 31 -0.01 -63.30 -55.30
CA SER WA 31 -1.01 -64.31 -55.59
C SER WA 31 -2.45 -63.83 -55.38
N GLN WA 32 -2.67 -62.61 -54.91
CA GLN WA 32 -4.04 -62.11 -54.80
C GLN WA 32 -4.37 -61.05 -55.84
N HIS WA 33 -3.43 -60.21 -56.20
CA HIS WA 33 -3.62 -59.34 -57.35
C HIS WA 33 -3.28 -60.04 -58.65
N ALA WA 34 -3.13 -61.36 -58.61
CA ALA WA 34 -2.95 -62.16 -59.80
C ALA WA 34 -4.30 -62.52 -60.40
N LYS WA 35 -4.32 -62.63 -61.74
CA LYS WA 35 -5.53 -63.01 -62.48
C LYS WA 35 -5.34 -64.42 -63.00
N TYR WA 36 -6.15 -65.35 -62.48
CA TYR WA 36 -6.02 -66.75 -62.85
C TYR WA 36 -6.94 -67.08 -64.02
N THR WA 37 -6.77 -68.29 -64.55
CA THR WA 37 -7.57 -68.76 -65.67
C THR WA 37 -8.78 -69.55 -65.16
N CYS WA 38 -9.96 -69.09 -65.55
CA CYS WA 38 -11.21 -69.74 -65.21
C CYS WA 38 -11.21 -71.18 -65.72
N SER WA 39 -11.56 -72.12 -64.85
CA SER WA 39 -11.64 -73.51 -65.27
C SER WA 39 -13.01 -73.87 -65.80
N PHE WA 40 -13.77 -72.88 -66.25
CA PHE WA 40 -15.04 -73.13 -66.92
C PHE WA 40 -15.00 -72.63 -68.34
N CYS WA 41 -14.62 -71.38 -68.54
CA CYS WA 41 -14.54 -70.76 -69.84
C CYS WA 41 -13.12 -70.70 -70.38
N GLY WA 42 -12.12 -71.10 -69.60
CA GLY WA 42 -10.75 -71.06 -70.05
C GLY WA 42 -10.11 -69.70 -70.10
N LYS WA 43 -10.88 -68.61 -70.03
CA LYS WA 43 -10.32 -67.27 -70.19
C LYS WA 43 -9.70 -66.76 -68.91
N THR WA 44 -8.57 -66.07 -69.05
CA THR WA 44 -7.77 -65.60 -67.91
C THR WA 44 -8.47 -64.39 -67.29
N LYS WA 45 -9.52 -64.68 -66.53
CA LYS WA 45 -10.34 -63.63 -65.95
C LYS WA 45 -10.70 -63.87 -64.50
N MET WA 46 -10.25 -64.95 -63.87
CA MET WA 46 -10.49 -65.14 -62.45
C MET WA 46 -9.78 -64.06 -61.67
N LYS WA 47 -10.54 -63.24 -60.93
CA LYS WA 47 -9.98 -62.18 -60.11
C LYS WA 47 -10.52 -62.31 -58.69
N ARG WA 48 -9.75 -61.81 -57.73
CA ARG WA 48 -10.17 -61.85 -56.34
C ARG WA 48 -11.15 -60.72 -56.05
N ARG WA 49 -12.33 -61.06 -55.53
CA ARG WA 49 -13.35 -60.05 -55.23
C ARG WA 49 -13.27 -59.59 -53.78
N ALA WA 50 -13.29 -60.54 -52.85
CA ALA WA 50 -12.97 -60.30 -51.47
C ALA WA 50 -12.34 -61.58 -50.92
N VAL WA 51 -12.26 -61.71 -49.60
CA VAL WA 51 -11.55 -62.85 -49.03
C VAL WA 51 -12.29 -64.13 -49.34
N GLY WA 52 -11.58 -65.09 -49.94
CA GLY WA 52 -12.16 -66.38 -50.22
C GLY WA 52 -13.25 -66.43 -51.26
N ILE WA 53 -13.47 -65.35 -52.02
CA ILE WA 53 -14.50 -65.32 -53.04
C ILE WA 53 -13.90 -64.80 -54.33
N TRP WA 54 -13.97 -65.61 -55.38
CA TRP WA 54 -13.29 -65.39 -56.64
C TRP WA 54 -14.30 -65.34 -57.76
N HIS WA 55 -14.23 -64.28 -58.55
CA HIS WA 55 -15.21 -63.99 -59.57
C HIS WA 55 -14.57 -64.06 -60.94
N CYS WA 56 -15.29 -64.60 -61.92
CA CYS WA 56 -14.81 -64.62 -63.30
C CYS WA 56 -15.46 -63.46 -64.05
N GLY WA 57 -14.64 -62.65 -64.72
CA GLY WA 57 -15.18 -61.53 -65.47
C GLY WA 57 -16.08 -61.97 -66.62
N SER WA 58 -15.59 -62.90 -67.44
CA SER WA 58 -16.33 -63.29 -68.63
C SER WA 58 -17.66 -63.97 -68.33
N CYS WA 59 -17.60 -65.16 -67.73
CA CYS WA 59 -18.77 -66.02 -67.63
C CYS WA 59 -19.59 -65.75 -66.39
N MET WA 60 -19.22 -64.73 -65.60
CA MET WA 60 -19.96 -64.30 -64.42
C MET WA 60 -20.15 -65.43 -63.40
N LYS WA 61 -19.17 -66.32 -63.28
CA LYS WA 61 -19.15 -67.30 -62.21
C LYS WA 61 -18.48 -66.69 -60.97
N THR WA 62 -19.00 -67.03 -59.80
CA THR WA 62 -18.38 -66.67 -58.54
C THR WA 62 -18.02 -67.95 -57.82
N VAL WA 63 -16.82 -68.02 -57.28
CA VAL WA 63 -16.31 -69.27 -56.75
C VAL WA 63 -15.74 -69.05 -55.35
N ALA WA 64 -16.03 -69.95 -54.43
CA ALA WA 64 -15.50 -69.84 -53.07
C ALA WA 64 -14.16 -70.55 -53.01
N GLY WA 65 -13.08 -69.78 -53.13
CA GLY WA 65 -11.75 -70.30 -53.06
C GLY WA 65 -11.03 -69.92 -51.79
N GLY WA 66 -9.70 -69.95 -51.86
CA GLY WA 66 -8.87 -69.65 -50.72
C GLY WA 66 -8.78 -68.17 -50.45
N ALA WA 67 -8.11 -67.84 -49.35
CA ALA WA 67 -8.05 -66.46 -48.90
C ALA WA 67 -7.36 -65.59 -49.94
N TRP WA 68 -6.17 -65.99 -50.39
CA TRP WA 68 -5.51 -65.21 -51.44
C TRP WA 68 -4.87 -66.08 -52.50
N THR WA 69 -5.33 -67.31 -52.63
CA THR WA 69 -5.08 -68.07 -53.85
C THR WA 69 -6.36 -68.76 -54.22
N TYR WA 70 -6.45 -69.14 -55.48
CA TYR WA 70 -7.66 -69.80 -55.95
C TYR WA 70 -7.93 -71.07 -55.14
N ASN WA 71 -6.89 -71.86 -54.86
CA ASN WA 71 -7.06 -73.11 -54.15
C ASN WA 71 -6.06 -73.24 -53.03
N THR WA 72 -6.54 -73.33 -51.80
CA THR WA 72 -5.69 -73.80 -50.73
C THR WA 72 -5.30 -75.25 -51.02
N THR WA 73 -4.07 -75.60 -50.64
CA THR WA 73 -3.66 -76.99 -50.76
C THR WA 73 -4.53 -77.90 -49.90
N SER WA 74 -4.97 -77.40 -48.73
CA SER WA 74 -5.81 -78.22 -47.88
C SER WA 74 -7.11 -78.59 -48.57
N ALA WA 75 -7.67 -77.67 -49.34
CA ALA WA 75 -8.94 -77.96 -50.00
C ALA WA 75 -8.75 -78.91 -51.17
N VAL WA 76 -7.59 -78.88 -51.83
CA VAL WA 76 -7.38 -79.75 -52.99
C VAL WA 76 -7.16 -81.18 -52.53
N THR WA 77 -6.35 -81.37 -51.48
CA THR WA 77 -6.15 -82.70 -50.93
C THR WA 77 -7.41 -83.23 -50.24
N VAL WA 78 -8.33 -82.36 -49.83
CA VAL WA 78 -9.61 -82.84 -49.32
C VAL WA 78 -10.50 -83.28 -50.48
N LYS WA 79 -10.52 -82.50 -51.56
CA LYS WA 79 -11.39 -82.83 -52.68
C LYS WA 79 -11.01 -84.16 -53.30
N SER WA 80 -9.73 -84.47 -53.35
CA SER WA 80 -9.32 -85.79 -53.82
C SER WA 80 -9.72 -86.87 -52.82
N ALA WA 81 -9.61 -86.58 -51.53
CA ALA WA 81 -9.92 -87.60 -50.52
C ALA WA 81 -11.42 -87.80 -50.37
N ILE WA 82 -12.19 -86.71 -50.36
CA ILE WA 82 -13.64 -86.83 -50.29
C ILE WA 82 -14.16 -87.61 -51.50
N ARG WA 83 -13.54 -87.42 -52.66
CA ARG WA 83 -13.98 -88.12 -53.86
C ARG WA 83 -13.66 -89.60 -53.80
N ARG WA 84 -12.59 -89.98 -53.12
CA ARG WA 84 -12.27 -91.38 -53.00
C ARG WA 84 -13.07 -92.05 -51.89
N LEU WA 85 -13.51 -91.29 -50.89
CA LEU WA 85 -14.29 -91.88 -49.82
C LEU WA 85 -15.70 -92.26 -50.27
N LYS WA 86 -16.25 -91.57 -51.27
CA LYS WA 86 -17.57 -91.93 -51.76
C LYS WA 86 -17.51 -93.03 -52.82
N GLU WA 87 -16.38 -93.15 -53.53
CA GLU WA 87 -16.20 -94.26 -54.45
C GLU WA 87 -15.84 -95.54 -53.71
N LEU WA 88 -15.26 -95.40 -52.51
CA LEU WA 88 -15.00 -96.57 -51.69
C LEU WA 88 -16.29 -97.08 -51.03
N LYS WA 89 -17.17 -96.15 -50.63
CA LYS WA 89 -18.41 -96.54 -49.99
C LYS WA 89 -19.40 -97.17 -50.97
N ASP WA 90 -19.78 -96.42 -52.00
CA ASP WA 90 -20.83 -96.86 -52.91
C ASP WA 90 -20.31 -97.63 -54.11
N GLN WA 91 -19.03 -97.47 -54.46
CA GLN WA 91 -18.42 -98.16 -55.60
C GLN WA 91 -19.09 -97.83 -56.94
N ASP XA 1 -78.61 70.67 -14.97
CA ASP XA 1 -77.53 70.47 -15.93
C ASP XA 1 -76.50 71.60 -15.92
N ARG XA 2 -76.79 72.67 -15.17
CA ARG XA 2 -75.86 73.79 -15.01
C ARG XA 2 -74.95 73.58 -13.79
N PHE XA 3 -74.33 72.41 -13.75
CA PHE XA 3 -73.40 72.03 -12.69
C PHE XA 3 -71.97 72.18 -13.18
N ILE XA 4 -71.10 72.70 -12.30
CA ILE XA 4 -69.70 72.92 -12.65
C ILE XA 4 -68.97 71.57 -12.76
N CYS XA 5 -67.88 71.57 -13.53
CA CYS XA 5 -67.08 70.37 -13.80
C CYS XA 5 -65.78 70.41 -12.99
N ILE XA 6 -65.43 69.27 -12.37
CA ILE XA 6 -64.20 69.09 -11.61
C ILE XA 6 -63.59 67.75 -12.00
N TYR XA 7 -62.36 67.79 -12.64
CA TYR XA 7 -61.54 66.66 -13.03
C TYR XA 7 -60.52 66.33 -11.92
N PRO XA 8 -60.13 65.05 -11.81
CA PRO XA 8 -59.06 64.68 -10.86
C PRO XA 8 -57.69 65.29 -11.18
N ALA XA 9 -57.48 65.86 -12.38
CA ALA XA 9 -56.23 66.55 -12.71
C ALA XA 9 -56.15 67.97 -12.11
N TYR XA 10 -57.29 68.54 -11.68
CA TYR XA 10 -57.34 69.84 -11.03
C TYR XA 10 -56.67 69.83 -9.65
N LEU XA 11 -56.68 68.68 -8.97
CA LEU XA 11 -56.13 68.52 -7.64
C LEU XA 11 -54.85 67.67 -7.62
N ASN XA 12 -54.32 67.30 -8.79
CA ASN XA 12 -53.17 66.40 -8.88
C ASN XA 12 -51.89 67.23 -8.79
N ASN XA 13 -51.14 67.03 -7.68
CA ASN XA 13 -49.88 67.73 -7.42
C ASN XA 13 -48.73 67.22 -8.28
N LYS XA 14 -48.86 66.02 -8.87
CA LYS XA 14 -47.92 65.44 -9.84
C LYS XA 14 -48.19 65.92 -11.28
N LYS XA 15 -49.05 66.94 -11.42
CA LYS XA 15 -49.33 67.59 -12.69
C LYS XA 15 -49.00 69.07 -12.58
N THR XA 16 -48.39 69.61 -13.64
CA THR XA 16 -48.07 71.04 -13.73
C THR XA 16 -49.37 71.83 -13.95
N ILE XA 17 -49.24 73.16 -14.05
CA ILE XA 17 -50.40 74.04 -14.29
C ILE XA 17 -50.89 73.88 -15.74
N ALA XA 18 -49.99 73.55 -16.68
CA ALA XA 18 -50.33 73.28 -18.08
C ALA XA 18 -50.87 71.86 -18.31
N GLU XA 19 -50.75 70.95 -17.32
CA GLU XA 19 -51.29 69.58 -17.37
C GLU XA 19 -52.69 69.47 -16.77
N GLY XA 20 -53.26 70.54 -16.23
CA GLY XA 20 -54.63 70.53 -15.77
C GLY XA 20 -54.81 71.08 -14.37
N ARG XA 21 -53.72 71.18 -13.61
CA ARG XA 21 -53.83 71.52 -12.20
C ARG XA 21 -54.30 72.96 -12.03
N ARG XA 22 -55.24 73.14 -11.09
CA ARG XA 22 -55.93 74.39 -10.80
C ARG XA 22 -55.59 75.00 -9.43
N ILE XA 23 -55.08 74.21 -8.49
CA ILE XA 23 -54.72 74.70 -7.16
C ILE XA 23 -53.21 74.53 -7.02
N PRO XA 24 -52.57 75.29 -6.11
CA PRO XA 24 -51.11 75.14 -5.93
C PRO XA 24 -50.73 73.72 -5.51
N ILE XA 25 -49.44 73.39 -5.67
CA ILE XA 25 -48.92 72.07 -5.28
C ILE XA 25 -48.86 71.93 -3.75
N SER XA 26 -48.92 73.06 -3.01
CA SER XA 26 -48.90 73.05 -1.55
C SER XA 26 -50.22 72.56 -0.95
N LYS XA 27 -51.34 72.80 -1.64
CA LYS XA 27 -52.69 72.43 -1.18
C LYS XA 27 -53.32 71.32 -2.05
N ALA XA 28 -52.55 70.74 -2.97
CA ALA XA 28 -53.02 69.66 -3.83
C ALA XA 28 -52.61 68.29 -3.27
N VAL XA 29 -53.24 67.24 -3.82
CA VAL XA 29 -53.08 65.87 -3.34
C VAL XA 29 -52.39 65.05 -4.45
N GLU XA 30 -51.78 63.93 -4.06
CA GLU XA 30 -51.17 63.02 -5.03
C GLU XA 30 -52.22 62.05 -5.53
N ASN XA 31 -52.41 62.01 -6.86
CA ASN XA 31 -53.33 61.17 -7.63
C ASN XA 31 -54.69 61.05 -6.93
N PRO XA 32 -55.49 62.13 -6.89
CA PRO XA 32 -56.89 61.96 -6.48
C PRO XA 32 -57.71 61.41 -7.64
N THR XA 33 -58.57 60.45 -7.34
CA THR XA 33 -59.48 59.87 -8.33
C THR XA 33 -60.82 60.61 -8.29
N ALA XA 34 -61.68 60.33 -9.28
CA ALA XA 34 -63.01 60.95 -9.34
C ALA XA 34 -64.01 60.35 -8.35
N THR XA 35 -63.64 59.28 -7.64
CA THR XA 35 -64.44 58.73 -6.53
C THR XA 35 -64.05 59.33 -5.18
N GLU XA 36 -62.76 59.63 -4.95
CA GLU XA 36 -62.34 60.36 -3.74
C GLU XA 36 -62.82 61.81 -3.74
N ILE XA 37 -62.99 62.41 -4.93
CA ILE XA 37 -63.50 63.79 -5.04
C ILE XA 37 -65.00 63.82 -4.75
N GLN XA 38 -65.75 62.83 -5.24
CA GLN XA 38 -67.20 62.81 -5.01
C GLN XA 38 -67.54 62.43 -3.56
N ASP XA 39 -66.72 61.59 -2.91
CA ASP XA 39 -67.04 61.08 -1.56
C ASP XA 39 -66.81 62.14 -0.48
N VAL XA 40 -65.72 62.93 -0.61
CA VAL XA 40 -65.39 63.99 0.36
C VAL XA 40 -66.13 65.30 0.07
N CYS XA 41 -66.68 65.46 -1.14
CA CYS XA 41 -67.62 66.56 -1.45
C CYS XA 41 -69.04 66.21 -1.00
N SER XA 42 -69.50 64.96 -1.22
CA SER XA 42 -70.83 64.54 -0.76
C SER XA 42 -70.90 64.32 0.76
N ALA XA 43 -69.74 64.21 1.44
CA ALA XA 43 -69.66 64.06 2.89
C ALA XA 43 -69.71 65.38 3.67
N VAL XA 44 -69.63 66.53 2.98
CA VAL XA 44 -69.83 67.84 3.60
C VAL XA 44 -71.22 68.41 3.35
N GLY XA 45 -72.01 67.80 2.48
CA GLY XA 45 -73.34 68.27 2.17
C GLY XA 45 -73.54 68.83 0.76
N LEU XA 46 -72.65 68.55 -0.17
CA LEU XA 46 -72.74 69.05 -1.54
C LEU XA 46 -73.48 68.06 -2.43
N ASN XA 47 -74.13 68.59 -3.48
CA ASN XA 47 -74.79 67.77 -4.49
C ASN XA 47 -73.77 67.44 -5.58
N VAL XA 48 -73.22 66.23 -5.51
CA VAL XA 48 -72.21 65.75 -6.45
C VAL XA 48 -72.68 64.43 -7.05
N PHE XA 49 -72.45 64.25 -8.36
CA PHE XA 49 -72.67 62.98 -9.03
C PHE XA 49 -71.46 62.66 -9.90
N LEU XA 50 -71.17 61.37 -10.02
CA LEU XA 50 -69.95 60.88 -10.68
C LEU XA 50 -70.26 60.41 -12.10
N GLU XA 51 -69.49 60.93 -13.05
CA GLU XA 51 -69.46 60.46 -14.43
C GLU XA 51 -68.17 59.67 -14.59
N LYS XA 52 -68.26 58.35 -14.44
CA LYS XA 52 -67.09 57.49 -14.33
C LYS XA 52 -66.29 57.35 -15.63
N ASN XA 53 -66.92 57.58 -16.78
CA ASN XA 53 -66.28 57.43 -18.09
C ASN XA 53 -66.13 58.77 -18.83
N LYS XA 54 -66.02 59.86 -18.06
CA LYS XA 54 -65.70 61.17 -18.60
C LYS XA 54 -64.24 61.50 -18.30
N MET XA 55 -63.42 61.59 -19.34
CA MET XA 55 -61.99 61.80 -19.22
C MET XA 55 -61.65 63.27 -19.49
N TYR XA 56 -60.40 63.63 -19.22
CA TYR XA 56 -59.90 64.98 -19.44
C TYR XA 56 -59.26 65.08 -20.82
N SER XA 57 -59.38 66.26 -21.44
CA SER XA 57 -58.78 66.48 -22.76
C SER XA 57 -57.26 66.54 -22.67
N ARG XA 58 -56.72 67.16 -21.61
CA ARG XA 58 -55.27 67.19 -21.37
C ARG XA 58 -54.72 65.90 -20.76
N GLU XA 59 -55.58 65.06 -20.17
CA GLU XA 59 -55.16 63.75 -19.65
C GLU XA 59 -54.90 62.78 -20.79
N TRP XA 60 -53.80 62.02 -20.66
CA TRP XA 60 -53.38 61.03 -21.65
C TRP XA 60 -53.48 59.59 -21.14
N ASN XA 61 -53.45 59.38 -19.82
CA ASN XA 61 -53.43 58.04 -19.23
C ASN XA 61 -54.76 57.34 -19.52
N ARG XA 62 -54.71 56.35 -20.43
CA ARG XA 62 -55.87 55.58 -20.86
C ARG XA 62 -56.42 54.64 -19.78
N ASP XA 63 -55.71 54.49 -18.66
CA ASP XA 63 -56.11 53.55 -17.61
C ASP XA 63 -57.14 54.20 -16.67
N VAL XA 64 -57.67 53.37 -15.75
CA VAL XA 64 -58.88 53.69 -14.99
C VAL XA 64 -58.64 54.66 -13.80
N GLN XA 65 -57.42 54.74 -13.26
CA GLN XA 65 -57.17 55.58 -12.09
C GLN XA 65 -57.25 57.08 -12.41
N TYR XA 66 -57.11 57.48 -13.70
CA TYR XA 66 -57.05 58.88 -14.12
C TYR XA 66 -58.30 59.34 -14.89
N ARG XA 67 -59.26 58.46 -15.15
CA ARG XA 67 -60.53 58.86 -15.76
C ARG XA 67 -61.53 59.28 -14.67
N GLY XA 68 -62.66 59.83 -15.11
CA GLY XA 68 -63.69 60.25 -14.20
C GLY XA 68 -63.80 61.77 -14.13
N ARG XA 69 -65.03 62.24 -13.90
CA ARG XA 69 -65.32 63.66 -13.72
C ARG XA 69 -66.46 63.79 -12.74
N VAL XA 70 -66.29 64.65 -11.73
CA VAL XA 70 -67.31 64.91 -10.73
C VAL XA 70 -68.01 66.22 -11.09
N ARG XA 71 -69.33 66.22 -11.00
CA ARG XA 71 -70.14 67.41 -11.30
C ARG XA 71 -70.86 67.86 -10.04
N VAL XA 72 -70.52 69.05 -9.56
CA VAL XA 72 -70.96 69.56 -8.27
C VAL XA 72 -72.00 70.65 -8.49
N GLN XA 73 -73.01 70.70 -7.60
CA GLN XA 73 -74.04 71.72 -7.66
C GLN XA 73 -73.64 72.90 -6.76
N LEU XA 74 -73.58 74.10 -7.35
CA LEU XA 74 -73.31 75.33 -6.60
C LEU XA 74 -74.55 76.19 -6.38
N LYS XA 75 -75.53 76.16 -7.30
CA LYS XA 75 -76.75 76.95 -7.18
C LYS XA 75 -77.98 76.06 -7.30
N GLN XA 76 -79.04 76.46 -6.60
CA GLN XA 76 -80.32 75.76 -6.58
C GLN XA 76 -81.20 76.08 -7.80
N GLU XA 77 -80.62 76.67 -8.87
CA GLU XA 77 -81.28 77.11 -10.10
C GLU XA 77 -82.11 78.37 -9.91
N ASP XA 78 -82.10 78.99 -8.72
CA ASP XA 78 -82.67 80.31 -8.51
C ASP XA 78 -81.58 81.38 -8.38
N GLY XA 79 -80.33 81.06 -8.73
CA GLY XA 79 -79.20 81.96 -8.63
C GLY XA 79 -78.49 81.93 -7.29
N SER XA 80 -79.17 81.48 -6.23
CA SER XA 80 -78.59 81.43 -4.90
C SER XA 80 -77.72 80.19 -4.71
N LEU XA 81 -76.70 80.32 -3.87
CA LEU XA 81 -75.78 79.23 -3.61
C LEU XA 81 -76.45 78.13 -2.79
N CYS XA 82 -76.05 76.88 -3.05
CA CYS XA 82 -76.53 75.75 -2.26
C CYS XA 82 -75.97 75.78 -0.83
N LEU XA 83 -74.67 76.02 -0.69
CA LEU XA 83 -74.04 76.33 0.59
C LEU XA 83 -73.30 77.66 0.44
N VAL XA 84 -73.30 78.45 1.53
CA VAL XA 84 -72.54 79.71 1.53
C VAL XA 84 -71.05 79.50 1.71
N GLN XA 85 -70.62 78.28 2.07
CA GLN XA 85 -69.21 77.92 2.22
C GLN XA 85 -68.53 77.62 0.88
N PHE XA 86 -69.30 77.21 -0.15
CA PHE XA 86 -68.81 76.93 -1.51
C PHE XA 86 -69.45 77.90 -2.51
N PRO XA 87 -68.96 79.18 -2.58
CA PRO XA 87 -69.49 80.12 -3.59
C PRO XA 87 -68.87 79.92 -4.97
N SER XA 88 -67.59 79.51 -5.02
CA SER XA 88 -66.83 79.37 -6.26
C SER XA 88 -66.36 77.91 -6.43
N ARG XA 89 -65.87 77.61 -7.66
CA ARG XA 89 -65.28 76.29 -7.93
C ARG XA 89 -63.95 76.10 -7.21
N LYS XA 90 -63.25 77.20 -6.89
CA LYS XA 90 -61.95 77.12 -6.24
C LYS XA 90 -62.08 76.79 -4.75
N SER XA 91 -63.21 77.12 -4.11
CA SER XA 91 -63.50 76.69 -2.75
C SER XA 91 -63.99 75.25 -2.68
N VAL XA 92 -64.45 74.67 -3.80
CA VAL XA 92 -64.77 73.24 -3.88
C VAL XA 92 -63.49 72.40 -4.13
N MET XA 93 -62.49 72.98 -4.82
CA MET XA 93 -61.24 72.28 -5.14
C MET XA 93 -60.19 72.37 -4.00
N LEU XA 94 -60.26 73.41 -3.15
CA LEU XA 94 -59.39 73.54 -1.97
C LEU XA 94 -59.91 72.74 -0.77
N TYR XA 95 -61.20 72.38 -0.75
CA TYR XA 95 -61.79 71.54 0.28
C TYR XA 95 -61.61 70.05 0.00
N ALA XA 96 -61.79 69.62 -1.25
CA ALA XA 96 -61.65 68.20 -1.58
C ALA XA 96 -60.19 67.73 -1.46
N ALA XA 97 -59.22 68.58 -1.84
CA ALA XA 97 -57.82 68.26 -1.64
C ALA XA 97 -57.37 68.34 -0.18
N GLU XA 98 -58.22 68.86 0.71
CA GLU XA 98 -57.95 68.92 2.15
C GLU XA 98 -58.51 67.73 2.92
N MET XA 99 -59.60 67.12 2.41
CA MET XA 99 -60.29 66.00 3.02
C MET XA 99 -59.98 64.65 2.36
N ILE XA 100 -59.41 64.65 1.14
CA ILE XA 100 -59.05 63.38 0.47
C ILE XA 100 -57.98 62.61 1.24
N PRO XA 101 -56.90 63.21 1.75
CA PRO XA 101 -55.91 62.41 2.53
C PRO XA 101 -56.45 61.83 3.84
N LYS XA 102 -57.53 62.38 4.42
CA LYS XA 102 -58.10 61.84 5.64
C LYS XA 102 -58.81 60.50 5.43
N LEU XA 103 -59.07 60.14 4.17
CA LEU XA 103 -59.79 58.91 3.84
C LEU XA 103 -58.89 57.67 3.98
N LYS XA 104 -57.80 57.61 3.20
CA LYS XA 104 -56.90 56.45 3.20
C LYS XA 104 -55.73 56.59 4.19
N THR XA 105 -55.33 57.82 4.53
CA THR XA 105 -54.26 58.06 5.48
C THR XA 105 -54.74 58.89 6.67
N SER YA 10 79.66 108.44 -62.72
CA SER YA 10 78.62 109.45 -62.64
C SER YA 10 77.38 108.90 -61.91
N VAL YA 11 77.18 109.35 -60.66
CA VAL YA 11 75.99 109.00 -59.87
C VAL YA 11 74.75 109.69 -60.45
N PRO YA 12 74.84 110.89 -61.04
CA PRO YA 12 73.67 111.40 -61.80
C PRO YA 12 73.25 110.53 -62.98
N ALA YA 13 74.16 109.72 -63.56
CA ALA YA 13 73.81 108.77 -64.62
C ALA YA 13 73.29 107.43 -64.08
N LEU YA 14 73.66 107.06 -62.84
CA LEU YA 14 73.04 105.95 -62.14
C LEU YA 14 71.67 106.31 -61.55
N TRP YA 15 71.39 107.60 -61.37
CA TRP YA 15 70.09 108.08 -60.90
C TRP YA 15 69.11 108.40 -62.04
N SER YA 16 69.61 108.61 -63.27
CA SER YA 16 68.78 108.56 -64.46
C SER YA 16 68.52 107.13 -64.93
N GLU YA 17 69.18 106.14 -64.31
CA GLU YA 17 68.99 104.72 -64.55
C GLU YA 17 68.10 104.06 -63.49
N VAL YA 18 68.21 104.48 -62.22
CA VAL YA 18 67.21 104.09 -61.21
C VAL YA 18 65.88 104.77 -61.51
N ASN YA 19 65.91 105.99 -62.06
CA ASN YA 19 64.67 106.69 -62.44
C ASN YA 19 64.01 106.04 -63.66
N ARG YA 20 64.82 105.56 -64.61
CA ARG YA 20 64.27 104.92 -65.81
C ARG YA 20 63.82 103.48 -65.58
N TYR YA 21 64.28 102.83 -64.49
CA TYR YA 21 63.86 101.49 -64.13
C TYR YA 21 62.68 101.47 -63.16
N GLY YA 22 62.55 102.50 -62.29
CA GLY YA 22 61.38 102.64 -61.45
C GLY YA 22 60.16 103.16 -62.19
N GLN YA 23 60.34 103.78 -63.35
CA GLN YA 23 59.23 104.23 -64.20
C GLN YA 23 58.68 103.08 -65.05
N ASN YA 24 59.55 102.20 -65.56
CA ASN YA 24 59.16 101.07 -66.39
C ASN YA 24 58.67 99.87 -65.58
N GLY YA 25 58.56 100.00 -64.25
CA GLY YA 25 58.19 98.90 -63.39
C GLY YA 25 59.31 97.89 -63.14
N ASP YA 26 60.52 98.17 -63.61
CA ASP YA 26 61.65 97.24 -63.51
C ASP YA 26 62.40 97.51 -62.20
N PHE YA 27 61.83 96.98 -61.11
CA PHE YA 27 62.42 97.04 -59.77
C PHE YA 27 63.47 95.96 -59.54
N THR YA 28 63.69 95.06 -60.50
CA THR YA 28 64.81 94.11 -60.45
C THR YA 28 66.10 94.78 -60.90
N ARG YA 29 66.04 95.68 -61.89
CA ARG YA 29 67.20 96.41 -62.39
C ARG YA 29 67.39 97.79 -61.75
N ALA YA 30 66.33 98.40 -61.23
CA ALA YA 30 66.50 99.57 -60.36
C ALA YA 30 67.13 99.21 -59.03
N LEU YA 31 67.03 97.94 -58.61
CA LEU YA 31 67.63 97.44 -57.39
C LEU YA 31 69.10 97.03 -57.57
N LYS YA 32 69.51 96.71 -58.80
CA LYS YA 32 70.93 96.52 -59.13
C LYS YA 32 71.65 97.84 -59.34
N THR YA 33 70.92 98.87 -59.80
CA THR YA 33 71.46 100.22 -59.98
C THR YA 33 71.37 101.08 -58.70
N VAL YA 34 70.53 100.69 -57.72
CA VAL YA 34 70.52 101.33 -56.39
C VAL YA 34 71.65 100.80 -55.51
N ASN YA 35 72.00 99.50 -55.62
CA ASN YA 35 73.14 98.90 -54.94
C ASN YA 35 74.49 99.33 -55.53
N LYS YA 36 74.50 99.98 -56.71
CA LYS YA 36 75.68 100.64 -57.27
C LYS YA 36 75.85 102.08 -56.77
N ILE YA 37 74.76 102.71 -56.33
CA ILE YA 37 74.84 104.02 -55.67
C ILE YA 37 75.05 103.89 -54.16
N LEU YA 38 74.66 102.75 -53.54
CA LEU YA 38 74.95 102.47 -52.13
C LEU YA 38 76.35 101.90 -51.91
N GLN YA 39 77.13 101.67 -52.97
CA GLN YA 39 78.56 101.35 -52.87
C GLN YA 39 79.44 102.59 -52.88
N ILE YA 40 79.03 103.65 -53.58
CA ILE YA 40 79.72 104.94 -53.56
C ILE YA 40 79.18 105.84 -52.45
N ASN YA 41 77.84 105.97 -52.37
CA ASN YA 41 77.13 106.72 -51.32
C ASN YA 41 76.41 105.72 -50.40
N LYS YA 42 77.07 105.35 -49.29
CA LYS YA 42 76.53 104.30 -48.41
C LYS YA 42 75.31 104.77 -47.63
N ASP YA 43 75.28 106.04 -47.23
CA ASP YA 43 74.19 106.63 -46.44
C ASP YA 43 73.31 107.56 -47.29
N ASP YA 44 73.15 107.22 -48.56
CA ASP YA 44 72.18 107.90 -49.43
C ASP YA 44 70.77 107.53 -48.98
N VAL YA 45 70.06 108.48 -48.34
CA VAL YA 45 68.71 108.23 -47.85
C VAL YA 45 67.71 108.04 -49.00
N THR YA 46 68.01 108.57 -50.20
CA THR YA 46 67.17 108.34 -51.39
C THR YA 46 67.44 106.98 -52.04
N ALA YA 47 68.65 106.43 -51.89
CA ALA YA 47 68.98 105.07 -52.35
C ALA YA 47 68.63 103.98 -51.35
N LEU YA 48 68.44 104.31 -50.06
CA LEU YA 48 67.88 103.41 -49.05
C LEU YA 48 66.36 103.41 -49.02
N HIS YA 49 65.73 104.36 -49.72
CA HIS YA 49 64.29 104.38 -49.97
C HIS YA 49 63.94 103.74 -51.32
N CYS YA 50 64.81 103.90 -52.33
CA CYS YA 50 64.61 103.24 -53.62
C CYS YA 50 64.88 101.74 -53.54
N LYS YA 51 65.76 101.30 -52.62
CA LYS YA 51 65.98 99.87 -52.40
C LYS YA 51 64.85 99.22 -51.60
N VAL YA 52 64.30 99.91 -50.59
CA VAL YA 52 63.18 99.36 -49.83
C VAL YA 52 61.92 99.26 -50.71
N VAL YA 53 61.79 100.14 -51.72
CA VAL YA 53 60.66 100.04 -52.65
C VAL YA 53 60.87 98.90 -53.64
N CYS YA 54 62.10 98.73 -54.13
CA CYS YA 54 62.40 97.61 -55.04
C CYS YA 54 62.31 96.24 -54.36
N LEU YA 55 62.40 96.19 -53.02
CA LEU YA 55 62.20 94.95 -52.26
C LEU YA 55 60.75 94.76 -51.81
N ILE YA 56 59.99 95.85 -51.59
CA ILE YA 56 58.55 95.73 -51.36
C ILE YA 56 57.82 95.37 -52.66
N GLN YA 57 58.32 95.86 -53.80
CA GLN YA 57 57.72 95.54 -55.10
C GLN YA 57 58.17 94.18 -55.65
N ASN YA 58 59.34 93.69 -55.24
CA ASN YA 58 59.79 92.34 -55.59
C ASN YA 58 59.48 91.32 -54.49
N GLY YA 59 58.62 91.67 -53.53
CA GLY YA 59 58.16 90.70 -52.55
C GLY YA 59 59.16 90.27 -51.50
N SER YA 60 60.14 91.12 -51.20
CA SER YA 60 61.06 90.94 -50.08
C SER YA 60 60.69 92.01 -49.02
N PHE YA 61 59.70 91.68 -48.17
CA PHE YA 61 59.26 92.55 -47.08
C PHE YA 61 60.15 92.43 -45.83
N LYS YA 62 60.82 91.28 -45.64
CA LYS YA 62 61.82 91.12 -44.58
C LYS YA 62 63.20 91.57 -45.02
N GLU YA 63 63.50 91.57 -46.31
CA GLU YA 63 64.73 92.19 -46.80
C GLU YA 63 64.61 93.70 -46.93
N ALA YA 64 63.38 94.21 -47.17
CA ALA YA 64 63.11 95.65 -47.14
C ALA YA 64 62.98 96.20 -45.72
N LEU YA 65 62.66 95.35 -44.74
CA LEU YA 65 62.65 95.70 -43.32
C LEU YA 65 64.02 95.52 -42.66
N ASN YA 66 64.97 94.83 -43.31
CA ASN YA 66 66.38 94.79 -42.91
C ASN YA 66 67.20 95.94 -43.50
N VAL YA 67 66.70 96.59 -44.55
CA VAL YA 67 67.29 97.83 -45.05
C VAL YA 67 66.82 99.03 -44.20
N ILE YA 68 65.64 98.93 -43.56
CA ILE YA 68 65.13 100.00 -42.70
C ILE YA 68 65.73 99.91 -41.29
N ASN YA 69 65.95 98.69 -40.78
CA ASN YA 69 66.46 98.46 -39.43
C ASN YA 69 68.00 98.50 -39.34
N THR YA 70 68.72 98.33 -40.46
CA THR YA 70 70.17 98.46 -40.48
C THR YA 70 70.63 99.93 -40.55
N HIS YA 71 69.76 100.84 -41.02
CA HIS YA 71 70.04 102.27 -41.20
C HIS YA 71 69.02 103.11 -40.43
N THR YA 72 68.81 102.80 -39.14
CA THR YA 72 67.81 103.51 -38.33
C THR YA 72 68.19 104.97 -38.09
N LYS YA 73 69.49 105.27 -37.97
CA LYS YA 73 69.93 106.66 -37.76
C LYS YA 73 70.03 107.45 -39.06
N VAL YA 74 70.39 106.80 -40.17
CA VAL YA 74 70.53 107.48 -41.46
C VAL YA 74 69.16 107.87 -42.03
N LEU YA 75 68.17 106.97 -41.91
CA LEU YA 75 66.79 107.21 -42.34
C LEU YA 75 65.94 107.84 -41.23
N ALA YA 76 66.55 108.53 -40.27
CA ALA YA 76 65.83 109.11 -39.14
C ALA YA 76 65.26 110.48 -39.49
N ASN YA 77 63.93 110.63 -39.29
CA ASN YA 77 63.15 111.84 -39.57
C ASN YA 77 63.03 112.14 -41.07
N ASN YA 78 63.71 111.34 -41.90
CA ASN YA 78 63.50 111.29 -43.35
C ASN YA 78 63.03 109.88 -43.64
N SER YA 79 62.07 109.42 -42.84
CA SER YA 79 61.88 108.01 -42.51
C SER YA 79 61.06 107.28 -43.56
N LEU YA 80 61.02 105.95 -43.39
CA LEU YA 80 60.22 105.02 -44.18
C LEU YA 80 59.14 104.41 -43.28
N SER YA 81 58.47 105.24 -42.47
CA SER YA 81 57.47 104.77 -41.50
C SER YA 81 56.27 104.07 -42.16
N PHE YA 82 56.02 104.34 -43.45
CA PHE YA 82 55.02 103.60 -44.23
C PHE YA 82 55.58 102.28 -44.77
N GLU YA 83 56.75 102.32 -45.42
CA GLU YA 83 57.43 101.10 -45.91
C GLU YA 83 57.93 100.22 -44.77
N LYS YA 84 57.99 100.73 -43.53
CA LYS YA 84 58.31 99.95 -42.34
C LYS YA 84 57.07 99.40 -41.66
N ALA YA 85 55.99 100.18 -41.62
CA ALA YA 85 54.69 99.69 -41.15
C ALA YA 85 53.94 98.86 -42.21
N TYR YA 86 54.46 98.80 -43.45
CA TYR YA 86 53.91 97.97 -44.52
C TYR YA 86 54.62 96.61 -44.62
N CYS YA 87 55.94 96.58 -44.49
CA CYS YA 87 56.66 95.31 -44.40
C CYS YA 87 56.24 94.52 -43.16
N GLU YA 88 56.04 95.20 -42.03
CA GLU YA 88 55.52 94.55 -40.83
C GLU YA 88 54.04 94.20 -40.99
N TYR YA 89 53.28 95.01 -41.71
CA TYR YA 89 51.89 94.66 -42.02
C TYR YA 89 51.80 93.39 -42.86
N ARG YA 90 52.87 93.07 -43.61
CA ARG YA 90 52.90 91.92 -44.51
C ARG YA 90 53.60 90.68 -43.93
N LEU YA 91 54.39 90.84 -42.86
CA LEU YA 91 55.08 89.74 -42.19
C LEU YA 91 54.32 89.26 -40.93
N ASN YA 92 53.00 89.47 -40.89
CA ASN YA 92 52.11 89.06 -39.80
C ASN YA 92 52.35 89.84 -38.51
N ARG YA 93 52.88 91.06 -38.60
CA ARG YA 93 53.08 91.94 -37.45
C ARG YA 93 52.09 93.10 -37.59
N ILE YA 94 50.87 92.90 -37.07
CA ILE YA 94 49.86 93.98 -37.04
C ILE YA 94 49.92 94.79 -35.76
N GLU YA 95 50.70 94.35 -34.76
CA GLU YA 95 51.00 95.14 -33.56
C GLU YA 95 52.22 96.04 -33.76
N ASN YA 96 53.17 95.62 -34.61
CA ASN YA 96 54.31 96.45 -35.02
C ASN YA 96 53.97 97.37 -36.20
N ALA YA 97 53.03 96.97 -37.07
CA ALA YA 97 52.53 97.85 -38.13
C ALA YA 97 51.60 98.92 -37.59
N LEU YA 98 50.98 98.70 -36.43
CA LEU YA 98 50.14 99.71 -35.79
C LEU YA 98 50.97 100.70 -34.97
N LYS YA 99 52.11 100.26 -34.41
CA LYS YA 99 53.00 101.14 -33.65
C LYS YA 99 53.87 102.03 -34.54
N THR YA 100 54.14 101.62 -35.79
CA THR YA 100 54.94 102.40 -36.73
C THR YA 100 54.12 103.44 -37.50
N ILE YA 101 52.80 103.25 -37.65
CA ILE YA 101 51.93 104.27 -38.23
C ILE YA 101 51.65 105.39 -37.22
N GLU YA 102 51.51 105.04 -35.93
CA GLU YA 102 51.23 106.02 -34.89
C GLU YA 102 52.48 106.78 -34.42
N SER YA 103 53.65 106.13 -34.49
CA SER YA 103 54.93 106.76 -34.14
C SER YA 103 55.62 107.42 -35.34
N ALA YA 104 54.92 107.57 -36.46
CA ALA YA 104 55.46 108.23 -37.64
C ALA YA 104 55.52 109.74 -37.42
N ASN YA 105 56.66 110.35 -37.78
CA ASN YA 105 56.87 111.77 -37.52
C ASN YA 105 55.98 112.64 -38.40
N GLN YA 106 55.68 112.19 -39.62
CA GLN YA 106 54.83 112.92 -40.55
C GLN YA 106 53.80 111.97 -41.14
N GLN YA 107 52.52 112.28 -40.93
CA GLN YA 107 51.43 111.47 -41.42
C GLN YA 107 51.04 111.90 -42.84
N THR YA 108 50.81 110.92 -43.71
CA THR YA 108 50.53 111.18 -45.12
C THR YA 108 49.22 110.47 -45.50
N ASP YA 109 48.92 110.41 -46.80
CA ASP YA 109 47.84 109.60 -47.35
C ASP YA 109 48.29 108.18 -47.70
N LYS YA 110 49.58 107.88 -47.53
CA LYS YA 110 50.13 106.53 -47.60
C LYS YA 110 49.99 105.79 -46.28
N LEU YA 111 50.23 106.48 -45.15
CA LEU YA 111 50.01 105.96 -43.79
C LEU YA 111 48.54 106.00 -43.36
N LYS YA 112 47.69 106.74 -44.08
CA LYS YA 112 46.24 106.72 -43.87
C LYS YA 112 45.54 105.58 -44.61
N GLU YA 113 46.10 105.17 -45.76
CA GLU YA 113 45.57 104.03 -46.50
C GLU YA 113 45.95 102.70 -45.84
N LEU YA 114 47.19 102.60 -45.35
CA LEU YA 114 47.62 101.42 -44.60
C LEU YA 114 46.98 101.35 -43.22
N TYR YA 115 46.56 102.49 -42.64
CA TYR YA 115 45.90 102.53 -41.33
C TYR YA 115 44.41 102.17 -41.40
N GLY YA 116 43.77 102.33 -42.57
CA GLY YA 116 42.45 101.77 -42.75
C GLY YA 116 42.44 100.26 -42.89
N GLN YA 117 43.57 99.68 -43.34
CA GLN YA 117 43.73 98.23 -43.45
C GLN YA 117 44.31 97.59 -42.19
N VAL YA 118 44.96 98.37 -41.32
CA VAL YA 118 45.41 97.89 -40.00
C VAL YA 118 44.25 97.88 -39.00
N LEU YA 119 43.37 98.90 -39.03
CA LEU YA 119 42.20 98.91 -38.17
C LEU YA 119 41.21 97.80 -38.53
N TYR YA 120 41.13 97.44 -39.81
CA TYR YA 120 40.27 96.35 -40.25
C TYR YA 120 40.84 94.99 -39.83
N ARG YA 121 42.17 94.88 -39.71
CA ARG YA 121 42.81 93.63 -39.28
C ARG YA 121 42.73 93.44 -37.77
N LEU YA 122 42.78 94.52 -37.00
CA LEU YA 122 42.58 94.49 -35.55
C LEU YA 122 41.09 94.50 -35.16
N GLU YA 123 40.19 94.39 -36.14
CA GLU YA 123 38.73 94.35 -35.93
C GLU YA 123 38.24 95.60 -35.20
N ARG YA 124 38.84 96.75 -35.52
CA ARG YA 124 38.40 98.06 -35.05
C ARG YA 124 37.61 98.73 -36.18
N TYR YA 125 36.34 98.31 -36.31
CA TYR YA 125 35.48 98.67 -37.43
C TYR YA 125 34.73 99.99 -37.26
N ASP YA 126 34.73 100.56 -36.05
CA ASP YA 126 34.15 101.89 -35.84
C ASP YA 126 35.16 103.00 -36.16
N GLU YA 127 36.45 102.73 -35.97
CA GLU YA 127 37.53 103.61 -36.40
C GLU YA 127 37.97 103.35 -37.84
N CYS YA 128 37.82 102.11 -38.34
CA CYS YA 128 38.10 101.78 -39.73
C CYS YA 128 37.03 102.32 -40.68
N LEU YA 129 35.82 102.59 -40.18
CA LEU YA 129 34.76 103.18 -41.01
C LEU YA 129 34.94 104.69 -41.15
N ALA YA 130 35.42 105.37 -40.11
CA ALA YA 130 35.74 106.80 -40.18
C ALA YA 130 37.08 107.09 -40.88
N VAL YA 131 37.99 106.10 -40.94
CA VAL YA 131 39.20 106.21 -41.76
C VAL YA 131 38.87 105.99 -43.24
N TYR YA 132 37.97 105.03 -43.55
CA TYR YA 132 37.58 104.73 -44.93
C TYR YA 132 36.47 105.63 -45.44
N ARG YA 133 35.77 106.36 -44.57
CA ARG YA 133 34.88 107.43 -45.03
C ARG YA 133 35.68 108.63 -45.53
N ASP YA 134 36.76 109.00 -44.80
CA ASP YA 134 37.64 110.09 -45.21
C ASP YA 134 38.59 109.70 -46.34
N LEU YA 135 38.87 108.40 -46.52
CA LEU YA 135 39.73 107.94 -47.61
C LEU YA 135 38.99 107.92 -48.95
N VAL YA 136 37.68 107.65 -48.96
CA VAL YA 136 36.90 107.67 -50.20
C VAL YA 136 36.60 109.11 -50.65
N ARG YA 137 36.57 110.07 -49.72
CA ARG YA 137 36.27 111.46 -50.05
C ARG YA 137 37.48 112.20 -50.63
N ASN YA 138 38.65 112.10 -49.97
CA ASN YA 138 39.83 112.89 -50.31
C ASN YA 138 40.77 112.22 -51.33
N SER YA 139 40.57 110.94 -51.63
CA SER YA 139 41.41 110.21 -52.58
C SER YA 139 40.86 110.31 -54.00
N GLN YA 140 41.68 110.82 -54.92
CA GLN YA 140 41.35 110.95 -56.34
C GLN YA 140 42.39 110.12 -57.09
N ASP YA 141 42.14 108.82 -57.21
CA ASP YA 141 43.03 107.90 -57.89
C ASP YA 141 42.19 106.84 -58.61
N ASP YA 142 42.86 105.87 -59.23
CA ASP YA 142 42.22 104.79 -59.98
C ASP YA 142 41.62 103.72 -59.08
N TYR YA 143 41.71 103.86 -57.75
CA TYR YA 143 41.25 102.84 -56.81
C TYR YA 143 40.11 103.35 -55.93
N ASP YA 144 39.13 104.03 -56.52
CA ASP YA 144 37.96 104.45 -55.78
C ASP YA 144 36.83 103.41 -55.78
N GLU YA 145 36.83 102.48 -56.75
CA GLU YA 145 35.95 101.31 -56.71
C GLU YA 145 36.50 100.21 -55.79
N GLU YA 146 37.81 100.22 -55.51
CA GLU YA 146 38.46 99.33 -54.56
C GLU YA 146 38.49 99.88 -53.14
N ARG YA 147 38.14 101.15 -52.93
CA ARG YA 147 38.03 101.77 -51.60
C ARG YA 147 36.58 101.91 -51.13
N LYS YA 148 35.61 101.74 -52.04
CA LYS YA 148 34.20 101.54 -51.70
C LYS YA 148 33.84 100.07 -51.54
N THR YA 149 34.72 99.16 -51.96
CA THR YA 149 34.65 97.75 -51.58
C THR YA 149 35.36 97.46 -50.26
N ASN YA 150 36.30 98.34 -49.84
CA ASN YA 150 36.94 98.26 -48.52
C ASN YA 150 36.05 98.85 -47.43
N LEU YA 151 35.36 99.97 -47.72
CA LEU YA 151 34.40 100.55 -46.77
C LEU YA 151 33.12 99.70 -46.69
N SER YA 152 32.77 98.98 -47.76
CA SER YA 152 31.62 98.08 -47.76
C SER YA 152 31.92 96.73 -47.10
N ALA YA 153 33.19 96.46 -46.75
CA ALA YA 153 33.57 95.35 -45.89
C ALA YA 153 33.73 95.75 -44.42
N VAL YA 154 33.83 97.06 -44.13
CA VAL YA 154 33.80 97.56 -42.75
C VAL YA 154 32.38 97.82 -42.25
N VAL YA 155 31.44 98.14 -43.15
CA VAL YA 155 30.01 98.23 -42.81
C VAL YA 155 29.41 96.83 -42.66
N ALA YA 156 29.86 95.85 -43.46
CA ALA YA 156 29.45 94.46 -43.34
C ALA YA 156 30.12 93.73 -42.17
N ALA YA 157 31.02 94.40 -41.44
CA ALA YA 157 31.70 93.85 -40.27
C ALA YA 157 31.17 94.39 -38.94
N GLN YA 158 30.61 95.61 -38.92
CA GLN YA 158 29.88 96.09 -37.76
C GLN YA 158 28.50 95.44 -37.62
N SER YA 159 27.94 94.93 -38.72
CA SER YA 159 26.63 94.27 -38.74
C SER YA 159 26.72 92.78 -39.06
N LYS YA 557 45.52 66.35 -49.94
CA LYS YA 557 46.54 65.40 -50.35
C LYS YA 557 47.03 64.58 -49.16
N LYS YA 558 46.41 64.80 -47.99
CA LYS YA 558 46.78 64.08 -46.78
C LYS YA 558 46.60 62.57 -46.96
N LYS YA 559 45.37 62.14 -47.28
CA LYS YA 559 45.03 60.78 -47.68
C LYS YA 559 45.10 59.77 -46.54
N GLY YA 560 45.37 60.20 -45.31
CA GLY YA 560 45.60 59.24 -44.24
C GLY YA 560 47.01 58.68 -44.31
N LYS YA 561 47.46 58.40 -45.54
CA LYS YA 561 48.84 58.08 -45.90
C LYS YA 561 48.98 58.16 -47.41
N LEU YA 562 50.11 58.68 -47.88
CA LEU YA 562 50.43 58.74 -49.30
C LEU YA 562 51.05 57.45 -49.85
N PRO YA 563 51.95 56.76 -49.14
CA PRO YA 563 52.52 55.52 -49.71
C PRO YA 563 51.48 54.45 -49.95
N LYS YA 564 50.46 54.39 -49.09
CA LYS YA 564 49.32 53.48 -49.22
C LYS YA 564 48.33 53.95 -50.28
N ASN YA 565 48.72 54.88 -51.16
CA ASN YA 565 47.92 55.31 -52.30
C ASN YA 565 48.19 54.47 -53.54
N TYR YA 566 49.46 54.31 -53.90
CA TYR YA 566 49.85 53.49 -55.04
C TYR YA 566 50.09 52.03 -54.66
N ASP YA 567 49.84 51.64 -53.40
CA ASP YA 567 49.97 50.23 -53.01
C ASP YA 567 48.71 49.40 -53.31
N PRO YA 568 47.55 49.68 -52.65
CA PRO YA 568 46.37 48.82 -52.85
C PRO YA 568 45.55 49.25 -54.05
N LYS YA 569 45.60 48.44 -55.12
CA LYS YA 569 44.72 48.72 -56.25
C LYS YA 569 44.87 50.16 -56.76
N VAL YA 570 45.88 50.44 -57.59
CA VAL YA 570 46.57 51.74 -57.74
C VAL YA 570 45.75 52.95 -57.25
N THR YA 571 44.45 52.99 -57.49
CA THR YA 571 43.61 54.05 -56.93
C THR YA 571 42.43 53.45 -56.20
N PRO YA 572 41.83 54.17 -55.22
CA PRO YA 572 40.57 53.70 -54.63
C PRO YA 572 39.53 53.39 -55.71
N ASP YA 573 38.43 52.70 -55.34
CA ASP YA 573 37.42 52.17 -56.26
C ASP YA 573 37.15 53.19 -57.35
N PRO YA 574 37.07 52.81 -58.63
CA PRO YA 574 37.01 53.82 -59.71
C PRO YA 574 35.95 54.89 -59.52
N GLU YA 575 34.80 54.54 -58.93
CA GLU YA 575 33.78 55.53 -58.61
C GLU YA 575 34.31 56.56 -57.60
N ARG YA 576 34.73 56.10 -56.43
CA ARG YA 576 35.72 56.67 -55.51
C ARG YA 576 35.25 57.88 -54.70
N TRP YA 577 34.27 58.63 -55.19
CA TRP YA 577 33.36 59.39 -54.36
C TRP YA 577 32.24 59.92 -55.25
N LEU YA 578 31.02 59.66 -54.84
CA LEU YA 578 29.83 59.87 -55.65
C LEU YA 578 28.68 59.64 -54.68
N PRO YA 579 27.42 59.76 -55.08
CA PRO YA 579 26.36 59.30 -54.17
C PRO YA 579 26.68 57.90 -53.66
N MET YA 580 26.58 57.73 -52.33
CA MET YA 580 26.83 56.44 -51.71
C MET YA 580 25.92 55.35 -52.27
N ARG YA 581 24.73 55.71 -52.74
CA ARG YA 581 23.77 54.76 -53.31
C ARG YA 581 24.07 54.46 -54.78
N UNK YA 582 25.05 55.16 -55.36
CA UNK YA 582 25.46 54.97 -56.76
C UNK YA 582 26.68 54.06 -56.88
N UNK YA 583 27.49 54.02 -55.82
CA UNK YA 583 28.67 53.17 -55.78
C UNK YA 583 28.29 51.69 -55.88
N UNK YA 584 29.19 50.87 -56.43
CA UNK YA 584 28.97 49.44 -56.58
C UNK YA 584 28.74 48.77 -55.23
N UNK YA 585 29.20 49.41 -54.16
CA UNK YA 585 29.03 48.91 -52.81
C UNK YA 585 27.61 49.10 -52.27
N UNK YA 586 26.95 50.16 -52.76
CA UNK YA 586 25.60 50.57 -52.33
C UNK YA 586 25.62 51.06 -50.87
N UNK YA 587 25.71 50.13 -49.90
CA UNK YA 587 25.81 50.47 -48.48
C UNK YA 587 24.79 51.54 -48.03
N UNK YA 588 23.50 51.21 -48.11
CA UNK YA 588 22.46 52.14 -47.71
C UNK YA 588 21.36 51.41 -46.94
N UNK YA 589 21.52 50.10 -46.78
CA UNK YA 589 20.61 49.25 -46.00
C UNK YA 589 19.18 49.36 -46.57
N UNK YA 590 19.11 49.61 -47.88
CA UNK YA 590 17.86 49.87 -48.58
C UNK YA 590 16.97 48.63 -48.64
N UNK YA 591 15.75 48.79 -48.13
CA UNK YA 591 14.78 47.70 -48.08
C UNK YA 591 14.04 47.56 -49.41
N UNK YA 592 13.92 48.68 -50.14
CA UNK YA 592 13.20 48.74 -51.41
C UNK YA 592 13.28 50.13 -52.06
N UNK YA 593 12.80 50.22 -53.31
CA UNK YA 593 12.72 51.49 -54.02
C UNK YA 593 11.34 52.15 -53.88
N UNK YA 594 11.34 53.46 -53.62
CA UNK YA 594 10.11 54.25 -53.49
C UNK YA 594 10.24 55.57 -54.27
N UNK YA 595 9.10 56.10 -54.70
CA UNK YA 595 9.04 57.30 -55.54
C UNK YA 595 8.86 58.55 -54.67
N UNK YA 596 9.97 59.24 -54.43
CA UNK YA 596 9.95 60.50 -53.71
C UNK YA 596 10.43 61.63 -54.64
N UNK YA 597 11.69 61.54 -55.08
CA UNK YA 597 12.34 62.62 -55.84
C UNK YA 597 12.50 62.27 -57.31
N UNK YA 598 13.11 63.22 -58.04
CA UNK YA 598 13.48 62.99 -59.43
C UNK YA 598 14.72 62.08 -59.57
N UNK YA 599 14.65 61.16 -60.53
CA UNK YA 599 15.77 60.28 -60.85
C UNK YA 599 15.86 60.08 -62.37
N UNK YA 600 15.46 58.88 -62.81
CA UNK YA 600 15.41 58.42 -64.23
C UNK YA 600 16.79 58.28 -64.94
N UNK YA 601 17.88 58.55 -64.21
CA UNK YA 601 19.27 58.40 -64.67
C UNK YA 601 19.58 58.60 -66.16
N LEU ZA 1 -55.46 28.16 -49.19
CA LEU ZA 1 -55.47 29.38 -48.38
C LEU ZA 1 -56.86 29.66 -47.80
N LEU ZA 2 -57.87 29.70 -48.67
CA LEU ZA 2 -59.24 29.94 -48.22
C LEU ZA 2 -59.78 28.81 -47.34
N LEU ZA 3 -59.18 27.62 -47.41
CA LEU ZA 3 -59.66 26.51 -46.60
C LEU ZA 3 -59.20 26.64 -45.15
N LEU ZA 4 -57.88 26.65 -44.92
CA LEU ZA 4 -57.34 26.74 -43.56
C LEU ZA 4 -57.62 28.10 -42.94
N LEU ZA 5 -57.34 29.19 -43.67
CA LEU ZA 5 -57.48 30.53 -43.09
C LEU ZA 5 -58.91 30.80 -42.63
N LEU ZA 6 -59.92 30.30 -43.37
CA LEU ZA 6 -61.31 30.57 -42.99
C LEU ZA 6 -61.81 29.60 -41.92
N LEU ZA 7 -61.43 28.31 -42.00
CA LEU ZA 7 -61.84 27.35 -40.97
C LEU ZA 7 -61.17 27.61 -39.62
N LEU ZA 8 -59.97 28.21 -39.62
CA LEU ZA 8 -59.28 28.60 -38.39
C LEU ZA 8 -59.87 29.87 -37.77
N LEU ZA 9 -60.54 30.70 -38.57
CA LEU ZA 9 -61.25 31.87 -38.05
C LEU ZA 9 -62.65 31.54 -37.51
N LEU ZA 10 -63.27 30.46 -38.00
CA LEU ZA 10 -64.57 29.98 -37.50
C LEU ZA 10 -64.41 29.04 -36.30
N LEU ZA 11 -63.38 28.18 -36.30
CA LEU ZA 11 -63.07 27.30 -35.16
C LEU ZA 11 -62.55 28.11 -33.97
N LEU AB 1 23.18 89.73 -28.63
CA LEU AB 1 23.32 91.19 -28.53
C LEU AB 1 22.23 91.93 -29.31
N SER AB 2 22.37 91.96 -30.64
CA SER AB 2 21.61 92.85 -31.51
C SER AB 2 20.31 92.19 -32.01
N LEU AB 3 19.37 93.04 -32.41
CA LEU AB 3 18.14 92.60 -33.09
C LEU AB 3 17.59 93.77 -33.88
N GLU AB 4 17.57 93.65 -35.20
CA GLU AB 4 16.95 94.63 -36.10
C GLU AB 4 15.48 94.26 -36.25
N ILE AB 5 14.66 94.74 -35.31
CA ILE AB 5 13.25 94.34 -35.24
C ILE AB 5 12.47 94.90 -36.44
N LEU AB 6 12.77 96.14 -36.85
CA LEU AB 6 12.06 96.75 -37.98
C LEU AB 6 12.39 96.04 -39.28
N GLN AB 7 13.66 95.69 -39.50
CA GLN AB 7 14.02 94.91 -40.69
C GLN AB 7 13.43 93.50 -40.63
N ILE AB 8 13.25 92.94 -39.43
CA ILE AB 8 12.67 91.60 -39.29
C ILE AB 8 11.21 91.59 -39.76
N ILE AB 9 10.42 92.57 -39.31
CA ILE AB 9 8.99 92.57 -39.60
C ILE AB 9 8.71 92.97 -41.05
N LYS AB 10 9.53 93.85 -41.62
CA LYS AB 10 9.25 94.38 -42.97
C LYS AB 10 9.56 93.35 -44.06
N GLU AB 11 10.62 92.55 -43.90
CA GLU AB 11 11.00 91.56 -44.89
C GLU AB 11 10.27 90.23 -44.73
N SER AB 12 9.64 90.00 -43.57
CA SER AB 12 8.78 88.85 -43.35
C SER AB 12 7.35 89.09 -43.82
N GLN AB 13 6.91 90.35 -43.91
CA GLN AB 13 5.58 90.68 -44.41
C GLN AB 13 5.54 90.75 -45.94
N GLN AB 14 6.57 91.34 -46.55
CA GLN AB 14 6.64 91.41 -48.02
C GLN AB 14 6.87 90.05 -48.65
N GLN AB 15 7.51 89.13 -47.90
CA GLN AB 15 7.78 87.78 -48.38
C GLN AB 15 6.66 86.80 -48.09
N HIS AB 16 5.79 87.08 -47.12
CA HIS AB 16 4.75 86.15 -46.69
C HIS AB 16 3.37 86.81 -46.70
N GLY AB 17 3.06 87.56 -47.75
CA GLY AB 17 1.70 88.00 -47.95
C GLY AB 17 1.40 89.49 -47.98
N LEU AB 18 1.99 90.27 -47.07
CA LEU AB 18 1.54 91.66 -46.88
C LEU AB 18 1.89 92.58 -48.04
N ARG AB 19 2.65 92.11 -49.03
CA ARG AB 19 2.86 92.90 -50.24
C ARG AB 19 1.58 92.98 -51.07
N HIS AB 20 0.73 91.94 -51.01
CA HIS AB 20 -0.57 91.91 -51.68
C HIS AB 20 -1.74 91.98 -50.69
N GLY AB 21 -1.46 92.22 -49.41
CA GLY AB 21 -2.50 92.44 -48.41
C GLY AB 21 -3.11 91.18 -47.81
N ASP AB 22 -2.29 90.17 -47.50
CA ASP AB 22 -2.74 88.89 -46.94
C ASP AB 22 -2.29 88.83 -45.47
N PHE AB 23 -3.12 89.39 -44.58
CA PHE AB 23 -2.87 89.31 -43.14
C PHE AB 23 -3.20 87.91 -42.59
N GLN AB 24 -4.11 87.19 -43.25
CA GLN AB 24 -4.42 85.82 -42.85
C GLN AB 24 -3.25 84.88 -43.13
N ARG AB 25 -2.53 85.11 -44.23
CA ARG AB 25 -1.34 84.33 -44.57
C ARG AB 25 -0.13 84.74 -43.73
N TYR AB 26 -0.01 86.05 -43.44
CA TYR AB 26 1.11 86.52 -42.62
C TYR AB 26 0.99 86.01 -41.19
N ARG AB 27 -0.23 85.95 -40.63
CA ARG AB 27 -0.41 85.42 -39.28
C ARG AB 27 -0.12 83.93 -39.23
N GLY AB 28 -0.50 83.18 -40.27
CA GLY AB 28 -0.21 81.76 -40.31
C GLY AB 28 1.26 81.45 -40.47
N TYR AB 29 2.00 82.31 -41.19
CA TYR AB 29 3.45 82.22 -41.19
C TYR AB 29 4.03 82.59 -39.83
N CYS AB 30 3.35 83.48 -39.08
CA CYS AB 30 3.81 83.86 -37.74
C CYS AB 30 3.59 82.74 -36.73
N SER AB 31 2.50 81.97 -36.87
CA SER AB 31 2.20 80.89 -35.95
C SER AB 31 3.09 79.67 -36.21
N ARG AB 32 3.32 79.34 -37.50
CA ARG AB 32 4.29 78.29 -37.82
C ARG AB 32 5.72 78.73 -37.57
N ARG AB 33 6.01 80.03 -37.64
CA ARG AB 33 7.33 80.52 -37.25
C ARG AB 33 7.62 80.25 -35.78
N GLN AB 34 6.62 80.48 -34.93
CA GLN AB 34 6.79 80.33 -33.49
C GLN AB 34 6.77 78.86 -33.06
N ARG AB 35 5.94 78.03 -33.69
CA ARG AB 35 5.92 76.61 -33.37
C ARG AB 35 7.28 75.95 -33.63
N ARG AB 36 7.96 76.36 -34.69
CA ARG AB 36 9.23 75.74 -35.07
C ARG AB 36 10.41 76.35 -34.34
N LEU AB 37 10.28 77.60 -33.86
CA LEU AB 37 11.21 78.15 -32.89
C LEU AB 37 11.04 77.48 -31.52
N ARG AB 38 9.84 77.00 -31.22
CA ARG AB 38 9.57 76.33 -29.95
C ARG AB 38 9.98 74.87 -29.97
N LYS AB 39 9.88 74.22 -31.13
CA LYS AB 39 10.21 72.79 -31.23
C LYS AB 39 11.70 72.57 -31.42
N THR AB 40 12.39 73.53 -32.02
CA THR AB 40 13.84 73.45 -32.20
C THR AB 40 14.59 73.67 -30.87
N LEU AB 41 14.30 74.79 -30.21
CA LEU AB 41 14.96 75.20 -28.97
C LEU AB 41 14.40 74.51 -27.73
N ASN AB 42 13.50 73.54 -27.92
CA ASN AB 42 12.91 72.77 -26.82
C ASN AB 42 12.29 73.70 -25.78
N PHE AB 43 11.41 74.59 -26.24
CA PHE AB 43 10.81 75.58 -25.37
C PHE AB 43 9.29 75.47 -25.44
N LYS AB 44 8.78 74.25 -25.35
CA LYS AB 44 7.34 74.03 -25.43
C LYS AB 44 6.63 74.57 -24.19
N MET AB 45 5.47 75.20 -24.42
CA MET AB 45 4.65 75.72 -23.33
C MET AB 45 3.93 74.59 -22.58
N GLY AB 46 3.12 73.82 -23.30
CA GLY AB 46 2.41 72.71 -22.68
C GLY AB 46 2.92 71.35 -23.11
N ASN AB 47 2.62 70.32 -22.33
CA ASN AB 47 2.83 68.93 -22.74
C ASN AB 47 1.46 68.32 -23.03
N ARG AB 48 1.45 67.07 -23.47
CA ARG AB 48 0.17 66.41 -23.69
C ARG AB 48 -0.63 66.33 -22.40
N HIS AB 49 -1.88 66.82 -22.45
CA HIS AB 49 -2.91 66.78 -21.39
C HIS AB 49 -2.73 67.82 -20.29
N LYS AB 50 -1.74 68.72 -20.40
CA LYS AB 50 -1.53 69.78 -19.42
C LYS AB 50 -0.93 71.01 -20.13
N PHE AB 51 -1.10 72.18 -19.51
CA PHE AB 51 -0.51 73.41 -20.02
C PHE AB 51 0.29 74.11 -18.92
N THR AB 52 1.43 74.69 -19.31
CA THR AB 52 2.29 75.45 -18.42
C THR AB 52 2.66 76.78 -19.09
N GLY AB 53 2.58 77.86 -18.32
CA GLY AB 53 2.83 79.18 -18.86
C GLY AB 53 4.25 79.38 -19.34
N LYS AB 54 4.40 79.81 -20.59
CA LYS AB 54 5.70 80.17 -21.14
C LYS AB 54 6.14 81.51 -20.55
N LYS AB 55 7.26 81.52 -19.83
CA LYS AB 55 7.82 82.73 -19.23
C LYS AB 55 9.27 82.86 -19.73
N VAL AB 56 9.49 83.72 -20.73
CA VAL AB 56 10.84 83.97 -21.26
C VAL AB 56 11.56 84.79 -20.21
N THR AB 57 12.41 84.14 -19.41
CA THR AB 57 13.11 84.77 -18.31
C THR AB 57 14.37 85.45 -18.85
N GLU AB 58 15.22 85.96 -17.96
CA GLU AB 58 16.38 86.75 -18.38
C GLU AB 58 17.59 85.88 -18.71
N ASP AB 59 17.69 84.68 -18.12
CA ASP AB 59 18.86 83.84 -18.32
C ASP AB 59 18.98 83.36 -19.77
N LEU AB 60 17.86 83.00 -20.40
CA LEU AB 60 17.86 82.48 -21.77
C LEU AB 60 17.90 83.58 -22.83
N LEU AB 61 18.10 84.85 -22.44
CA LEU AB 61 18.20 85.98 -23.37
C LEU AB 61 19.61 86.16 -23.93
N THR AB 62 20.59 85.34 -23.52
CA THR AB 62 21.92 85.40 -24.11
C THR AB 62 21.94 84.86 -25.54
N ASP AB 63 21.01 83.95 -25.86
CA ASP AB 63 20.97 83.34 -27.20
C ASP AB 63 20.78 84.36 -28.31
N ASN AB 64 20.26 85.56 -28.01
CA ASN AB 64 19.90 86.58 -29.00
C ASN AB 64 18.86 86.08 -29.99
N ARG AB 65 18.02 85.14 -29.53
CA ARG AB 65 17.16 84.33 -30.36
C ARG AB 65 15.78 84.10 -29.79
N TYR AB 66 15.60 84.28 -28.48
CA TYR AB 66 14.32 84.13 -27.80
C TYR AB 66 13.50 85.41 -27.77
N LEU AB 67 14.09 86.54 -28.15
CA LEU AB 67 13.32 87.76 -28.36
C LEU AB 67 12.41 87.63 -29.58
N LEU AB 68 12.82 86.83 -30.58
CA LEU AB 68 12.00 86.59 -31.75
C LEU AB 68 10.79 85.71 -31.46
N LEU AB 69 10.80 84.99 -30.33
CA LEU AB 69 9.65 84.19 -29.92
C LEU AB 69 8.50 85.08 -29.44
N VAL AB 70 8.80 86.04 -28.55
CA VAL AB 70 7.78 86.96 -28.04
C VAL AB 70 7.35 87.96 -29.12
N LEU AB 71 8.27 88.34 -30.02
CA LEU AB 71 7.92 89.23 -31.14
C LEU AB 71 6.97 88.55 -32.12
N MET AB 72 7.08 87.23 -32.30
CA MET AB 72 6.15 86.46 -33.12
C MET AB 72 4.81 86.23 -32.44
N ASP AB 73 4.73 86.50 -31.12
CA ASP AB 73 3.45 86.63 -30.43
C ASP AB 73 2.85 88.03 -30.60
N ALA AB 74 3.70 89.06 -30.69
CA ALA AB 74 3.23 90.42 -30.92
C ALA AB 74 2.77 90.62 -32.36
N GLU AB 75 3.48 90.03 -33.33
CA GLU AB 75 3.15 90.13 -34.74
C GLU AB 75 2.00 89.20 -35.16
N ARG AB 76 1.75 88.13 -34.40
CA ARG AB 76 0.60 87.27 -34.68
C ARG AB 76 -0.71 87.94 -34.29
N ALA AB 77 -0.78 88.54 -33.09
CA ALA AB 77 -1.99 89.22 -32.64
C ALA AB 77 -2.22 90.55 -33.35
N TRP AB 78 -1.14 91.18 -33.83
CA TRP AB 78 -1.24 92.37 -34.67
C TRP AB 78 -1.79 92.02 -36.06
N SER AB 79 -1.29 90.92 -36.65
CA SER AB 79 -1.74 90.53 -37.98
C SER AB 79 -3.20 90.05 -37.98
N TYR AB 80 -3.65 89.46 -36.87
CA TYR AB 80 -5.05 89.04 -36.75
C TYR AB 80 -5.99 90.23 -36.67
N ALA AB 81 -5.57 91.31 -36.00
CA ALA AB 81 -6.43 92.49 -35.84
C ALA AB 81 -6.58 93.27 -37.15
N MET AB 82 -5.53 93.30 -37.98
CA MET AB 82 -5.60 93.98 -39.27
C MET AB 82 -6.46 93.19 -40.27
N GLN AB 83 -6.48 91.87 -40.13
CA GLN AB 83 -7.40 91.05 -40.91
C GLN AB 83 -8.84 91.23 -40.44
N LEU AB 84 -9.05 91.41 -39.13
CA LEU AB 84 -10.38 91.67 -38.59
C LEU AB 84 -10.88 93.09 -38.86
N LYS AB 85 -9.99 93.99 -39.31
CA LYS AB 85 -10.41 95.32 -39.74
C LYS AB 85 -10.97 95.30 -41.16
N GLN AB 86 -10.54 94.33 -41.98
CA GLN AB 86 -11.10 94.14 -43.31
C GLN AB 86 -12.41 93.35 -43.28
N GLU AB 87 -12.56 92.43 -42.32
CA GLU AB 87 -13.79 91.68 -42.14
C GLU AB 87 -14.83 92.42 -41.29
N ALA AB 88 -14.45 93.51 -40.61
CA ALA AB 88 -15.38 94.35 -39.86
C ALA AB 88 -16.06 95.40 -40.72
N ASN AB 89 -15.66 95.56 -41.98
CA ASN AB 89 -16.37 96.43 -42.91
C ASN AB 89 -17.71 95.83 -43.35
N THR AB 90 -17.89 94.51 -43.24
CA THR AB 90 -19.16 93.84 -43.51
C THR AB 90 -19.72 93.11 -42.31
N GLU AB 91 -18.93 92.92 -41.24
CA GLU AB 91 -19.37 92.33 -39.97
C GLU AB 91 -18.89 93.25 -38.84
N PRO AB 92 -19.64 94.33 -38.56
CA PRO AB 92 -19.15 95.33 -37.59
C PRO AB 92 -18.95 94.80 -36.16
N ARG AB 93 -19.40 93.57 -35.84
CA ARG AB 93 -19.08 92.98 -34.54
C ARG AB 93 -17.63 92.48 -34.46
N LYS AB 94 -17.00 92.19 -35.61
CA LYS AB 94 -15.59 91.78 -35.66
C LYS AB 94 -14.66 92.82 -35.04
N ARG AB 95 -15.10 94.07 -34.90
CA ARG AB 95 -14.27 95.12 -34.31
C ARG AB 95 -14.00 94.89 -32.83
N PHE AB 96 -14.94 94.28 -32.09
CA PHE AB 96 -14.69 93.95 -30.69
C PHE AB 96 -13.58 92.91 -30.56
N HIS AB 97 -13.53 91.95 -31.50
CA HIS AB 97 -12.47 90.96 -31.54
C HIS AB 97 -11.16 91.53 -32.08
N LEU AB 98 -11.24 92.58 -32.90
CA LEU AB 98 -10.04 93.29 -33.37
C LEU AB 98 -9.32 93.96 -32.21
N LEU AB 99 -10.07 94.64 -31.33
CA LEU AB 99 -9.46 95.45 -30.26
C LEU AB 99 -8.93 94.60 -29.10
N SER AB 100 -9.32 93.32 -29.00
CA SER AB 100 -8.76 92.40 -28.02
C SER AB 100 -7.41 91.81 -28.45
N ARG AB 101 -7.12 91.80 -29.75
CA ARG AB 101 -5.83 91.38 -30.29
C ARG AB 101 -4.78 92.48 -30.32
N LEU AB 102 -5.21 93.76 -30.34
CA LEU AB 102 -4.28 94.88 -30.30
C LEU AB 102 -3.88 95.26 -28.87
N ARG AB 103 -4.72 94.96 -27.86
CA ARG AB 103 -4.34 95.19 -26.46
C ARG AB 103 -3.37 94.13 -25.95
N LYS AB 104 -3.35 92.95 -26.57
CA LYS AB 104 -2.42 91.89 -26.25
C LYS AB 104 -1.20 91.88 -27.18
N ALA AB 105 -1.21 92.70 -28.23
CA ALA AB 105 -0.01 92.93 -29.05
C ALA AB 105 0.90 94.02 -28.45
N VAL AB 106 0.32 95.00 -27.74
CA VAL AB 106 1.13 95.94 -26.94
C VAL AB 106 1.59 95.28 -25.64
N LYS AB 107 0.80 94.36 -25.07
CA LYS AB 107 1.17 93.66 -23.84
C LYS AB 107 2.33 92.69 -24.04
N HIS AB 108 2.38 92.05 -25.22
CA HIS AB 108 3.56 91.27 -25.59
C HIS AB 108 4.75 92.17 -25.88
N ALA AB 109 4.52 93.33 -26.52
CA ALA AB 109 5.60 94.28 -26.82
C ALA AB 109 6.02 95.10 -25.60
N GLU AB 110 5.16 95.19 -24.57
CA GLU AB 110 5.56 95.79 -23.29
C GLU AB 110 6.25 94.77 -22.38
N GLU AB 111 5.92 93.49 -22.52
CA GLU AB 111 6.68 92.43 -21.88
C GLU AB 111 7.97 92.09 -22.63
N LEU AB 112 8.03 92.38 -23.95
CA LEU AB 112 9.26 92.24 -24.73
C LEU AB 112 10.20 93.44 -24.58
N GLU AB 113 9.66 94.63 -24.25
CA GLU AB 113 10.50 95.78 -23.93
C GLU AB 113 11.10 95.68 -22.53
N ARG AB 114 10.39 95.04 -21.58
CA ARG AB 114 10.94 94.80 -20.25
C ARG AB 114 12.03 93.73 -20.25
N LEU AB 115 11.90 92.73 -21.13
CA LEU AB 115 12.96 91.73 -21.30
C LEU AB 115 14.23 92.35 -21.89
N CYS AB 116 14.08 93.29 -22.83
CA CYS AB 116 15.24 93.96 -23.42
C CYS AB 116 15.93 94.92 -22.45
N GLU AB 117 15.23 95.36 -21.39
CA GLU AB 117 15.83 96.13 -20.31
C GLU AB 117 16.93 95.36 -19.56
N SER AB 118 17.15 94.09 -19.88
CA SER AB 118 18.30 93.34 -19.36
C SER AB 118 19.61 93.96 -19.85
N ASN AB 119 20.67 93.77 -19.05
CA ASN AB 119 22.00 94.27 -19.40
C ASN AB 119 22.74 93.37 -20.39
N ARG AB 120 22.19 92.20 -20.71
CA ARG AB 120 22.76 91.30 -21.72
C ARG AB 120 22.39 91.70 -23.14
N VAL AB 121 21.57 92.73 -23.32
CA VAL AB 121 21.15 93.22 -24.63
C VAL AB 121 21.74 94.61 -24.82
N ASP AB 122 22.21 94.90 -26.04
CA ASP AB 122 22.86 96.17 -26.35
C ASP AB 122 21.84 97.33 -26.31
N ALA AB 123 22.32 98.56 -26.57
CA ALA AB 123 21.50 99.77 -26.55
C ALA AB 123 20.64 99.95 -27.82
N LYS AB 124 20.47 98.89 -28.62
CA LYS AB 124 19.71 98.93 -29.88
C LYS AB 124 18.37 98.21 -29.79
N THR AB 125 18.30 97.10 -29.05
CA THR AB 125 17.07 96.33 -28.91
C THR AB 125 16.24 96.76 -27.70
N LYS AB 126 16.84 97.39 -26.68
CA LYS AB 126 16.02 98.00 -25.63
C LYS AB 126 15.11 99.07 -26.22
N LEU AB 127 15.61 99.81 -27.21
CA LEU AB 127 14.98 101.01 -27.77
C LEU AB 127 14.15 100.74 -29.02
N GLU AB 128 14.48 99.69 -29.77
CA GLU AB 128 13.56 99.18 -30.79
C GLU AB 128 12.30 98.58 -30.15
N ALA AB 129 12.43 98.01 -28.95
CA ALA AB 129 11.30 97.44 -28.23
C ALA AB 129 10.50 98.50 -27.46
N GLN AB 130 11.17 99.56 -26.98
CA GLN AB 130 10.48 100.64 -26.29
C GLN AB 130 9.53 101.39 -27.21
N ALA AB 131 9.95 101.60 -28.47
CA ALA AB 131 9.18 102.41 -29.40
C ALA AB 131 8.37 101.57 -30.38
N TYR AB 132 8.54 100.24 -30.40
CA TYR AB 132 7.56 99.33 -30.99
C TYR AB 132 6.34 99.18 -30.09
N THR AB 133 6.53 99.36 -28.76
CA THR AB 133 5.40 99.46 -27.84
C THR AB 133 4.63 100.76 -28.03
N ALA AB 134 5.35 101.89 -28.13
CA ALA AB 134 4.74 103.19 -28.31
C ALA AB 134 4.08 103.36 -29.69
N TYR AB 135 4.44 102.51 -30.66
CA TYR AB 135 3.76 102.51 -31.96
C TYR AB 135 2.45 101.73 -31.92
N LEU AB 136 2.42 100.59 -31.19
CA LEU AB 136 1.19 99.81 -31.02
C LEU AB 136 0.22 100.46 -30.03
N SER AB 137 0.72 101.29 -29.11
CA SER AB 137 -0.15 102.07 -28.22
C SER AB 137 -0.74 103.29 -28.92
N GLY AB 138 -0.10 103.82 -29.97
CA GLY AB 138 -0.70 104.87 -30.77
C GLY AB 138 -1.68 104.38 -31.81
N MET AB 139 -1.56 103.12 -32.24
CA MET AB 139 -2.50 102.50 -33.17
C MET AB 139 -3.73 101.93 -32.47
N LEU AB 140 -3.59 101.54 -31.19
CA LEU AB 140 -4.76 101.14 -30.39
C LEU AB 140 -5.57 102.35 -29.96
N ARG AB 141 -4.89 103.44 -29.57
CA ARG AB 141 -5.56 104.68 -29.22
C ARG AB 141 -5.86 105.56 -30.44
N PHE AB 142 -5.55 105.07 -31.65
CA PHE AB 142 -6.10 105.60 -32.90
C PHE AB 142 -7.37 104.84 -33.30
N GLU AB 143 -7.41 103.54 -33.00
CA GLU AB 143 -8.59 102.69 -33.16
C GLU AB 143 -9.58 102.81 -32.00
N HIS AB 144 -9.16 103.43 -30.89
CA HIS AB 144 -10.10 103.95 -29.90
C HIS AB 144 -11.00 105.04 -30.48
N GLN AB 145 -10.66 105.55 -31.68
CA GLN AB 145 -11.38 106.59 -32.41
C GLN AB 145 -11.34 107.94 -31.69
N GLU AB 146 -10.37 108.11 -30.79
CA GLU AB 146 -10.02 109.40 -30.21
C GLU AB 146 -8.77 109.92 -30.92
N TRP AB 147 -8.90 111.09 -31.56
CA TRP AB 147 -7.82 111.64 -32.38
C TRP AB 147 -6.69 112.24 -31.54
N LYS AB 148 -6.95 112.51 -30.25
CA LYS AB 148 -5.96 113.12 -29.36
C LYS AB 148 -5.05 112.10 -28.70
N ALA AB 149 -5.62 111.02 -28.15
CA ALA AB 149 -4.81 109.92 -27.63
C ALA AB 149 -4.05 109.19 -28.74
N ALA AB 150 -4.35 109.47 -30.01
CA ALA AB 150 -3.65 108.87 -31.15
C ALA AB 150 -2.35 109.61 -31.48
N ILE AB 151 -2.38 110.96 -31.47
CA ILE AB 151 -1.18 111.78 -31.70
C ILE AB 151 -0.28 111.87 -30.46
N GLU AB 152 -0.75 111.41 -29.30
CA GLU AB 152 0.04 111.44 -28.07
C GLU AB 152 1.05 110.30 -28.00
N ALA AB 153 0.66 109.10 -28.44
CA ALA AB 153 1.58 107.95 -28.53
C ALA AB 153 2.23 107.80 -29.91
N PHE AB 154 1.84 108.61 -30.90
CA PHE AB 154 2.56 108.71 -32.18
C PHE AB 154 3.67 109.75 -32.14
N ASN AB 155 3.43 110.90 -31.48
CA ASN AB 155 4.48 111.87 -31.21
C ASN AB 155 5.42 111.39 -30.10
N LYS AB 156 4.93 110.48 -29.24
CA LYS AB 156 5.83 109.79 -28.32
C LYS AB 156 6.68 108.75 -29.05
N CYS AB 157 6.07 107.96 -29.96
CA CYS AB 157 6.83 107.01 -30.78
C CYS AB 157 7.78 107.72 -31.75
N LYS AB 158 7.39 108.90 -32.24
CA LYS AB 158 8.27 109.67 -33.12
C LYS AB 158 9.44 110.28 -32.36
N THR AB 159 9.19 110.80 -31.14
CA THR AB 159 10.26 111.39 -30.34
C THR AB 159 11.20 110.33 -29.75
N ILE AB 160 10.68 109.13 -29.42
CA ILE AB 160 11.55 108.03 -29.01
C ILE AB 160 12.42 107.60 -30.19
N TYR AB 161 11.80 107.26 -31.33
CA TYR AB 161 12.55 106.76 -32.50
C TYR AB 161 13.50 107.80 -33.09
N GLU AB 162 13.27 109.09 -32.85
CA GLU AB 162 14.22 110.12 -33.27
C GLU AB 162 15.34 110.34 -32.26
N LYS AB 163 15.08 110.12 -30.96
CA LYS AB 163 16.14 110.15 -29.95
C LYS AB 163 17.14 109.01 -30.16
N LEU AB 164 16.70 107.90 -30.76
CA LEU AB 164 17.57 106.77 -31.05
C LEU AB 164 18.44 107.03 -32.28
N ALA AB 165 17.95 107.85 -33.23
CA ALA AB 165 18.71 108.13 -34.44
C ALA AB 165 19.90 109.05 -34.16
N SER AB 166 19.69 110.05 -33.32
CA SER AB 166 20.72 111.07 -33.10
C SER AB 166 21.91 110.52 -32.32
N ALA AB 167 21.72 109.41 -31.59
CA ALA AB 167 22.71 108.97 -30.62
C ALA AB 167 23.84 108.15 -31.24
N PHE AB 168 23.65 107.66 -32.47
CA PHE AB 168 24.63 106.77 -33.08
C PHE AB 168 25.06 107.30 -34.45
N THR AB 169 25.85 106.52 -35.19
CA THR AB 169 26.28 106.93 -36.51
C THR AB 169 25.06 107.20 -37.39
N GLU AB 170 25.21 108.19 -38.29
CA GLU AB 170 24.13 108.51 -39.21
C GLU AB 170 23.84 107.38 -40.20
N GLU AB 171 24.70 106.36 -40.27
CA GLU AB 171 24.41 105.16 -41.06
C GLU AB 171 23.50 104.19 -40.29
N GLN AB 172 23.75 104.01 -38.99
CA GLN AB 172 22.84 103.28 -38.11
C GLN AB 172 21.64 104.12 -37.68
N ALA AB 173 21.76 105.44 -37.74
CA ALA AB 173 20.60 106.32 -37.57
C ALA AB 173 19.57 106.14 -38.67
N VAL AB 174 19.94 105.53 -39.80
CA VAL AB 174 19.01 105.37 -40.91
C VAL AB 174 17.82 104.48 -40.49
N LEU AB 175 18.08 103.45 -39.68
CA LEU AB 175 17.00 102.55 -39.26
C LEU AB 175 16.00 103.24 -38.34
N TYR AB 176 16.49 104.10 -37.44
CA TYR AB 176 15.64 104.84 -36.52
C TYR AB 176 14.98 106.04 -37.18
N ASN AB 177 15.65 106.67 -38.16
CA ASN AB 177 15.04 107.74 -38.95
C ASN AB 177 14.08 107.19 -40.02
N GLN AB 178 14.29 105.96 -40.49
CA GLN AB 178 13.31 105.29 -41.37
C GLN AB 178 12.00 105.01 -40.65
N ARG AB 179 12.03 104.91 -39.32
CA ARG AB 179 10.85 104.61 -38.52
C ARG AB 179 10.18 105.86 -37.97
N VAL AB 180 10.89 106.98 -37.87
CA VAL AB 180 10.24 108.27 -37.62
C VAL AB 180 9.47 108.72 -38.87
N GLU AB 181 10.09 108.56 -40.05
CA GLU AB 181 9.42 108.77 -41.33
C GLU AB 181 8.34 107.73 -41.59
N GLU AB 182 8.44 106.55 -40.97
CA GLU AB 182 7.46 105.48 -41.18
C GLU AB 182 6.14 105.79 -40.47
N ILE AB 183 6.19 106.47 -39.33
CA ILE AB 183 5.00 106.80 -38.54
C ILE AB 183 4.64 108.28 -38.63
N SER AB 184 5.30 109.05 -39.52
CA SER AB 184 5.07 110.48 -39.71
C SER AB 184 3.78 110.83 -40.47
N PRO AB 185 3.33 110.04 -41.47
CA PRO AB 185 2.01 110.34 -42.07
C PRO AB 185 0.84 110.24 -41.10
N ASN AB 186 0.86 109.29 -40.15
CA ASN AB 186 -0.20 109.15 -39.16
C ASN AB 186 -0.27 110.33 -38.19
N ILE AB 187 0.84 111.05 -37.99
CA ILE AB 187 0.88 112.21 -37.10
C ILE AB 187 0.26 113.44 -37.76
N ARG AB 188 0.31 113.53 -39.10
CA ARG AB 188 -0.35 114.63 -39.80
C ARG AB 188 -1.87 114.48 -39.86
N TYR AB 189 -2.40 113.27 -39.63
CA TYR AB 189 -3.86 113.06 -39.63
C TYR AB 189 -4.50 113.32 -38.27
N CYS AB 190 -3.81 112.96 -37.19
CA CYS AB 190 -4.34 113.24 -35.86
C CYS AB 190 -4.13 114.70 -35.44
N ALA AB 191 -3.25 115.44 -36.14
CA ALA AB 191 -3.13 116.89 -35.91
C ALA AB 191 -4.16 117.69 -36.71
N TYR AB 192 -4.80 117.05 -37.70
CA TYR AB 192 -5.89 117.61 -38.50
C TYR AB 192 -7.25 117.47 -37.82
N ASN AB 193 -7.34 116.69 -36.73
CA ASN AB 193 -8.63 116.43 -36.07
C ASN AB 193 -8.63 116.76 -34.58
N ILE AB 194 -7.54 117.31 -34.03
CA ILE AB 194 -7.58 117.81 -32.65
C ILE AB 194 -8.08 119.25 -32.62
N GLY AB 195 -7.42 120.13 -33.39
CA GLY AB 195 -7.81 121.52 -33.47
C GLY AB 195 -9.01 121.78 -34.36
N ASP AB 196 -9.82 120.74 -34.59
CA ASP AB 196 -11.06 120.89 -35.36
C ASP AB 196 -12.15 121.60 -34.56
N GLN AB 197 -12.20 121.38 -33.24
CA GLN AB 197 -13.17 122.05 -32.38
C GLN AB 197 -12.82 123.52 -32.16
N LYS AB 528 35.09 85.80 -45.74
CA LYS AB 528 35.94 86.97 -45.92
C LYS AB 528 35.46 87.88 -47.07
N PRO AB 529 34.98 89.08 -46.75
CA PRO AB 529 34.59 90.01 -47.82
C PRO AB 529 35.79 90.42 -48.66
N LEU AB 530 35.50 91.04 -49.80
CA LEU AB 530 36.55 91.51 -50.71
C LEU AB 530 37.17 92.77 -50.14
N PHE AB 531 38.42 92.66 -49.69
CA PHE AB 531 39.17 93.78 -49.15
C PHE AB 531 40.47 93.92 -49.95
N PHE AB 532 40.72 95.13 -50.47
CA PHE AB 532 41.86 95.42 -51.34
C PHE AB 532 43.00 96.02 -50.54
N ASP AB 533 44.23 95.56 -50.83
CA ASP AB 533 45.45 96.09 -50.22
C ASP AB 533 45.91 97.29 -51.05
N LEU AB 534 45.21 98.41 -50.86
CA LEU AB 534 45.49 99.66 -51.58
C LEU AB 534 46.75 100.36 -51.09
N ALA AB 535 47.40 99.86 -50.03
CA ALA AB 535 48.67 100.39 -49.54
C ALA AB 535 49.89 99.75 -50.22
N LEU AB 536 49.67 98.88 -51.21
CA LEU AB 536 50.75 98.42 -52.09
C LEU AB 536 50.89 99.30 -53.34
N ASN AB 537 49.83 100.01 -53.73
CA ASN AB 537 49.91 101.01 -54.79
C ASN AB 537 50.64 102.27 -54.35
N HIS AB 538 50.72 102.52 -53.03
CA HIS AB 538 51.43 103.66 -52.45
C HIS AB 538 52.95 103.46 -52.37
N VAL AB 539 53.44 102.23 -52.57
CA VAL AB 539 54.88 101.95 -52.53
C VAL AB 539 55.48 102.36 -53.89
N ALA AB 540 56.19 103.50 -53.90
CA ALA AB 540 56.79 104.05 -55.10
C ALA AB 540 58.06 104.80 -54.73
N PHE AB 541 58.87 105.10 -55.75
CA PHE AB 541 60.16 105.77 -55.56
C PHE AB 541 59.96 107.21 -55.07
N PRO AB 542 60.92 107.74 -54.32
CA PRO AB 542 60.91 109.17 -54.01
C PRO AB 542 61.21 109.98 -55.26
N PRO AB 543 60.86 111.27 -55.28
CA PRO AB 543 61.21 112.10 -56.45
C PRO AB 543 62.72 112.13 -56.70
N LEU AB 544 63.13 111.62 -57.87
CA LEU AB 544 64.54 111.51 -58.26
C LEU AB 544 64.99 112.65 -59.16
N GLU AB 545 64.43 113.85 -58.98
CA GLU AB 545 64.85 115.02 -59.75
C GLU AB 545 66.10 115.68 -59.16
N ASP AB 546 66.20 115.71 -57.82
CA ASP AB 546 67.37 116.28 -57.14
C ASP AB 546 68.60 115.39 -57.23
N LYS AB 547 68.43 114.12 -57.60
CA LYS AB 547 69.51 113.12 -57.61
C LYS AB 547 70.29 113.07 -58.93
N LEU AB 548 69.79 113.70 -59.99
CA LEU AB 548 70.50 113.76 -61.27
C LEU AB 548 71.45 114.97 -61.31
N ARG BB 7 -2.84 124.28 -89.93
CA ARG BB 7 -3.37 123.02 -89.41
C ARG BB 7 -2.82 122.73 -88.01
N ALA BB 8 -2.80 121.45 -87.62
CA ALA BB 8 -2.43 121.04 -86.27
C ALA BB 8 -0.92 120.85 -86.12
N VAL BB 9 -0.39 121.23 -84.95
CA VAL BB 9 1.01 121.02 -84.58
C VAL BB 9 1.01 120.15 -83.32
N LEU BB 10 1.27 118.85 -83.48
CA LEU BB 10 1.20 117.91 -82.37
C LEU BB 10 2.47 117.99 -81.52
N LEU BB 11 2.28 118.01 -80.19
CA LEU BB 11 3.39 118.05 -79.23
C LEU BB 11 3.58 116.65 -78.66
N LEU BB 12 4.73 116.05 -78.95
CA LEU BB 12 5.03 114.67 -78.61
C LEU BB 12 6.33 114.58 -77.81
N GLY BB 13 6.58 113.41 -77.27
CA GLY BB 13 7.74 113.17 -76.43
C GLY BB 13 7.39 112.21 -75.31
N LEU BB 14 8.41 111.92 -74.50
CA LEU BB 14 8.23 111.07 -73.33
C LEU BB 14 7.47 111.84 -72.24
N CYS BB 15 7.21 111.16 -71.11
CA CYS BB 15 6.62 111.82 -69.95
C CYS BB 15 7.60 112.83 -69.35
N ASP BB 16 7.06 113.96 -68.88
CA ASP BB 16 7.80 115.02 -68.18
C ASP BB 16 8.89 115.65 -69.06
N SER BB 17 8.67 115.67 -70.38
CA SER BB 17 9.60 116.34 -71.28
C SER BB 17 9.34 117.84 -71.35
N GLY BB 18 8.10 118.27 -71.07
CA GLY BB 18 7.73 119.67 -71.08
C GLY BB 18 6.73 120.03 -72.16
N LYS BB 19 5.91 119.05 -72.57
CA LYS BB 19 4.93 119.27 -73.63
C LYS BB 19 3.80 120.19 -73.17
N THR BB 20 3.24 119.94 -71.97
CA THR BB 20 2.10 120.73 -71.46
C THR BB 20 2.52 122.11 -70.91
N LEU BB 21 3.79 122.31 -70.53
CA LEU BB 21 4.27 123.63 -70.09
C LEU BB 21 4.77 124.50 -71.24
N LEU BB 22 5.20 123.91 -72.36
CA LEU BB 22 5.39 124.67 -73.60
C LEU BB 22 4.05 124.97 -74.28
N PHE BB 23 3.08 124.04 -74.16
CA PHE BB 23 1.71 124.28 -74.60
C PHE BB 23 1.04 125.41 -73.81
N VAL BB 24 1.40 125.57 -72.52
CA VAL BB 24 0.91 126.68 -71.70
C VAL BB 24 1.66 127.98 -72.01
N ARG BB 25 2.99 127.91 -72.25
CA ARG BB 25 3.82 129.10 -72.48
C ARG BB 25 3.57 129.76 -73.83
N LEU BB 26 3.07 129.02 -74.83
CA LEU BB 26 2.73 129.57 -76.13
C LEU BB 26 1.33 130.16 -76.18
N LEU BB 27 0.40 129.64 -75.38
CA LEU BB 27 -1.00 130.09 -75.36
C LEU BB 27 -1.24 131.24 -74.39
N THR BB 28 -0.72 131.15 -73.15
CA THR BB 28 -0.87 132.19 -72.15
C THR BB 28 0.39 133.01 -71.91
N GLY BB 29 1.58 132.49 -72.24
CA GLY BB 29 2.84 133.14 -71.92
C GLY BB 29 3.25 133.02 -70.46
N HIS BB 30 2.54 132.19 -69.69
CA HIS BB 30 2.69 132.07 -68.24
C HIS BB 30 3.09 130.64 -67.86
N TYR BB 31 3.35 130.46 -66.57
CA TYR BB 31 3.68 129.17 -65.97
C TYR BB 31 2.45 128.63 -65.26
N ARG BB 32 2.03 127.40 -65.63
CA ARG BB 32 0.91 126.71 -64.99
C ARG BB 32 1.39 125.38 -64.41
N ASP BB 33 0.97 125.10 -63.18
CA ASP BB 33 1.24 123.80 -62.57
C ASP BB 33 0.51 122.71 -63.37
N THR BB 34 1.27 121.70 -63.79
CA THR BB 34 0.79 120.64 -64.66
C THR BB 34 0.98 119.29 -63.98
N GLN BB 35 0.18 118.31 -64.41
CA GLN BB 35 0.27 116.91 -63.99
C GLN BB 35 0.45 116.06 -65.25
N THR BB 36 0.44 114.73 -65.06
CA THR BB 36 0.52 113.79 -66.17
C THR BB 36 -0.78 113.82 -66.96
N SER BB 37 -0.68 114.12 -68.25
CA SER BB 37 -1.81 114.16 -69.17
C SER BB 37 -2.19 112.74 -69.60
N ILE BB 38 -3.48 112.42 -69.47
CA ILE BB 38 -4.03 111.14 -69.91
C ILE BB 38 -4.87 111.27 -71.19
N THR BB 39 -5.27 112.49 -71.57
CA THR BB 39 -5.93 112.77 -72.84
C THR BB 39 -5.23 113.95 -73.51
N ASP BB 40 -5.57 114.18 -74.77
CA ASP BB 40 -5.02 115.29 -75.53
C ASP BB 40 -5.75 116.59 -75.18
N SER BB 41 -5.12 117.71 -75.54
CA SER BB 41 -5.68 119.04 -75.34
C SER BB 41 -5.34 119.89 -76.56
N SER BB 42 -6.34 120.62 -77.08
CA SER BB 42 -6.19 121.42 -78.29
C SER BB 42 -6.62 122.86 -78.04
N ALA BB 43 -5.87 123.80 -78.62
CA ALA BB 43 -6.17 125.23 -78.54
C ALA BB 43 -5.48 125.94 -79.69
N THR BB 44 -6.09 127.04 -80.15
CA THR BB 44 -5.57 127.78 -81.29
C THR BB 44 -4.45 128.72 -80.86
N TYR BB 45 -3.52 128.97 -81.79
CA TYR BB 45 -2.32 129.75 -81.54
C TYR BB 45 -2.19 130.75 -82.69
N ARG BB 46 -2.35 132.04 -82.40
CA ARG BB 46 -2.18 133.08 -83.42
C ARG BB 46 -0.70 133.37 -83.61
N VAL BB 47 -0.20 133.05 -84.81
CA VAL BB 47 1.24 133.02 -85.07
C VAL BB 47 1.79 134.45 -85.15
N ASN BB 48 3.07 134.58 -84.78
CA ASN BB 48 3.73 135.87 -84.54
C ASN BB 48 3.97 136.69 -85.81
N ASN BB 49 3.83 136.11 -87.01
CA ASN BB 49 4.17 136.82 -88.24
C ASN BB 49 3.08 137.85 -88.58
N ASN BB 50 3.25 138.52 -89.73
CA ASN BB 50 2.38 139.63 -90.11
C ASN BB 50 0.95 139.15 -90.35
N ARG BB 51 0.77 138.09 -91.15
CA ARG BB 51 -0.56 137.58 -91.46
C ARG BB 51 -1.26 137.02 -90.22
N GLY BB 52 -0.51 136.62 -89.19
CA GLY BB 52 -1.07 136.12 -87.96
C GLY BB 52 -1.84 134.82 -88.14
N ASN BB 53 -1.22 133.85 -88.80
CA ASN BB 53 -1.86 132.57 -89.07
C ASN BB 53 -2.24 131.87 -87.76
N SER BB 54 -3.28 131.06 -87.81
CA SER BB 54 -3.79 130.36 -86.64
C SER BB 54 -3.47 128.87 -86.75
N LEU BB 55 -2.66 128.36 -85.83
CA LEU BB 55 -2.33 126.94 -85.73
C LEU BB 55 -3.05 126.34 -84.51
N THR BB 56 -3.50 125.08 -84.66
CA THR BB 56 -4.18 124.34 -83.58
C THR BB 56 -3.13 123.47 -82.88
N LEU BB 57 -2.58 123.99 -81.78
CA LEU BB 57 -1.63 123.24 -80.97
C LEU BB 57 -2.34 122.05 -80.31
N ILE BB 58 -1.84 120.84 -80.55
CA ILE BB 58 -2.40 119.62 -79.97
C ILE BB 58 -1.32 119.02 -79.05
N ASP BB 59 -1.57 119.05 -77.75
CA ASP BB 59 -0.68 118.45 -76.76
C ASP BB 59 -1.16 117.04 -76.46
N LEU BB 60 -0.39 116.04 -76.91
CA LEU BB 60 -0.69 114.61 -76.79
C LEU BB 60 -0.03 114.03 -75.55
N PRO BB 61 -0.69 113.09 -74.87
CA PRO BB 61 -0.08 112.48 -73.68
C PRO BB 61 1.25 111.82 -74.01
N GLY BB 62 2.20 111.94 -73.09
CA GLY BB 62 3.47 111.26 -73.20
C GLY BB 62 3.53 109.86 -72.64
N HIS BB 63 2.47 109.41 -71.96
CA HIS BB 63 2.43 108.06 -71.41
C HIS BB 63 2.34 107.03 -72.55
N GLU BB 64 2.93 105.86 -72.32
CA GLU BB 64 3.15 104.85 -73.36
C GLU BB 64 2.03 103.82 -73.48
N SER BB 65 0.95 103.98 -72.70
CA SER BB 65 -0.34 103.38 -73.03
C SER BB 65 -1.17 104.30 -73.93
N LEU BB 66 -0.70 105.53 -74.17
CA LEU BB 66 -1.46 106.56 -74.86
C LEU BB 66 -0.63 107.38 -75.83
N ARG BB 67 0.65 107.04 -76.05
CA ARG BB 67 1.50 107.87 -76.91
C ARG BB 67 1.22 107.64 -78.39
N LEU BB 68 1.06 106.38 -78.80
CA LEU BB 68 0.81 106.01 -80.20
C LEU BB 68 -0.67 105.85 -80.53
N GLN BB 69 -1.53 105.73 -79.51
CA GLN BB 69 -2.97 105.67 -79.76
C GLN BB 69 -3.52 107.01 -80.23
N PHE BB 70 -3.03 108.12 -79.64
CA PHE BB 70 -3.38 109.49 -80.05
C PHE BB 70 -2.52 110.02 -81.19
N LEU BB 71 -1.28 109.53 -81.32
CA LEU BB 71 -0.44 109.90 -82.45
C LEU BB 71 -1.04 109.42 -83.77
N GLU BB 72 -1.55 108.18 -83.81
CA GLU BB 72 -2.19 107.66 -85.01
C GLU BB 72 -3.53 108.33 -85.30
N ARG BB 73 -4.18 108.89 -84.28
CA ARG BB 73 -5.46 109.58 -84.48
C ARG BB 73 -5.27 110.94 -85.16
N PHE BB 74 -4.24 111.69 -84.77
CA PHE BB 74 -4.01 113.08 -85.21
C PHE BB 74 -2.86 113.25 -86.20
N LYS BB 75 -2.10 112.19 -86.53
CA LYS BB 75 -0.96 112.36 -87.44
C LYS BB 75 -1.42 112.72 -88.85
N THR BB 76 -2.65 112.34 -89.22
CA THR BB 76 -3.22 112.70 -90.52
C THR BB 76 -3.63 114.19 -90.58
N SER BB 77 -3.78 114.85 -89.43
CA SER BB 77 -4.15 116.26 -89.31
C SER BB 77 -2.96 117.17 -88.97
N ALA BB 78 -1.74 116.61 -88.91
CA ALA BB 78 -0.56 117.32 -88.46
C ALA BB 78 0.13 118.05 -89.62
N ARG BB 79 0.20 119.39 -89.51
CA ARG BB 79 1.02 120.23 -90.39
C ARG BB 79 2.48 120.23 -89.97
N ALA BB 80 2.73 120.18 -88.66
CA ALA BB 80 4.08 120.06 -88.11
C ALA BB 80 4.00 119.25 -86.82
N VAL BB 81 5.12 118.66 -86.42
CA VAL BB 81 5.24 117.88 -85.19
C VAL BB 81 6.45 118.40 -84.41
N VAL BB 82 6.26 118.71 -83.13
CA VAL BB 82 7.34 119.15 -82.23
C VAL BB 82 7.61 118.00 -81.26
N PHE BB 83 8.77 117.34 -81.41
CA PHE BB 83 9.18 116.28 -80.49
C PHE BB 83 9.92 116.93 -79.32
N VAL BB 84 9.25 117.03 -78.17
CA VAL BB 84 9.81 117.72 -77.01
C VAL BB 84 10.71 116.75 -76.24
N VAL BB 85 11.95 117.17 -76.01
CA VAL BB 85 13.00 116.37 -75.36
C VAL BB 85 13.32 117.00 -74.01
N ASP BB 86 13.51 116.16 -73.00
CA ASP BB 86 14.04 116.57 -71.70
C ASP BB 86 15.56 116.56 -71.82
N SER BB 87 16.16 117.74 -72.02
CA SER BB 87 17.59 117.84 -72.27
C SER BB 87 18.40 117.55 -71.01
N ALA BB 88 17.91 117.96 -69.84
CA ALA BB 88 18.62 117.70 -68.59
C ALA BB 88 18.73 116.20 -68.33
N ALA BB 89 17.62 115.48 -68.44
CA ALA BB 89 17.56 114.03 -68.26
C ALA BB 89 17.70 113.28 -69.58
N PHE BB 90 18.48 113.81 -70.54
CA PHE BB 90 18.65 113.14 -71.82
C PHE BB 90 19.55 111.92 -71.70
N GLN BB 91 20.62 112.00 -70.90
CA GLN BB 91 21.68 111.00 -70.90
C GLN BB 91 21.22 109.64 -70.34
N ARG BB 92 20.23 109.64 -69.44
CA ARG BB 92 19.61 108.40 -68.96
C ARG BB 92 18.39 107.98 -69.76
N GLU BB 93 17.83 108.87 -70.61
CA GLU BB 93 16.68 108.56 -71.45
C GLU BB 93 17.04 108.49 -72.94
N VAL BB 94 18.32 108.23 -73.29
CA VAL BB 94 18.71 108.17 -74.70
C VAL BB 94 18.01 107.01 -75.41
N LYS BB 95 17.62 105.97 -74.65
CA LYS BB 95 17.04 104.75 -75.19
C LYS BB 95 15.53 104.84 -75.45
N ASP BB 96 14.81 105.63 -74.65
CA ASP BB 96 13.37 105.86 -74.82
C ASP BB 96 13.05 107.05 -75.73
N VAL BB 97 13.93 108.06 -75.78
CA VAL BB 97 13.77 109.17 -76.71
C VAL BB 97 13.97 108.70 -78.16
N ALA BB 98 15.08 107.99 -78.42
CA ALA BB 98 15.38 107.50 -79.78
C ALA BB 98 14.44 106.38 -80.22
N GLU BB 99 13.83 105.65 -79.27
CA GLU BB 99 12.86 104.61 -79.62
C GLU BB 99 11.49 105.18 -79.96
N PHE BB 100 11.01 106.15 -79.17
CA PHE BB 100 9.78 106.87 -79.51
C PHE BB 100 9.94 107.66 -80.80
N LEU BB 101 11.10 108.31 -80.98
CA LEU BB 101 11.37 109.14 -82.15
C LEU BB 101 11.48 108.29 -83.43
N TYR BB 102 11.85 107.00 -83.29
CA TYR BB 102 11.89 106.09 -84.43
C TYR BB 102 10.49 105.84 -84.97
N GLN BB 103 9.49 105.75 -84.09
CA GLN BB 103 8.09 105.58 -84.50
C GLN BB 103 7.52 106.87 -85.12
N VAL BB 104 7.82 108.02 -84.51
CA VAL BB 104 7.41 109.31 -85.07
C VAL BB 104 8.07 109.52 -86.44
N LEU BB 105 9.23 108.91 -86.69
CA LEU BB 105 9.91 109.04 -87.99
C LEU BB 105 9.28 108.19 -89.08
N ILE BB 106 8.74 107.01 -88.76
CA ILE BB 106 8.12 106.16 -89.78
C ILE BB 106 6.62 106.48 -89.98
N ASP BB 107 5.90 106.90 -88.92
CA ASP BB 107 4.55 107.47 -89.04
C ASP BB 107 4.53 108.77 -89.85
N SER BB 108 5.70 109.38 -90.06
CA SER BB 108 5.92 110.67 -90.71
C SER BB 108 6.12 110.54 -92.22
N MET BB 109 7.08 109.72 -92.65
CA MET BB 109 7.36 109.50 -94.06
C MET BB 109 6.26 108.68 -94.74
N SER BB 110 5.50 107.88 -93.99
CA SER BB 110 4.37 107.11 -94.49
C SER BB 110 3.11 107.96 -94.72
N LEU BB 111 3.13 109.24 -94.36
CA LEU BB 111 2.03 110.16 -94.66
C LEU BB 111 2.17 110.73 -96.07
N LYS BB 112 1.02 111.08 -96.66
CA LYS BB 112 1.00 111.66 -98.01
C LYS BB 112 1.79 112.96 -98.05
N ASN BB 113 1.32 113.97 -97.29
CA ASN BB 113 2.03 115.24 -97.11
C ASN BB 113 2.79 115.16 -95.79
N THR BB 114 4.07 114.81 -95.86
CA THR BB 114 4.92 114.64 -94.68
C THR BB 114 5.03 115.98 -93.94
N PRO BB 115 4.57 116.07 -92.66
CA PRO BB 115 4.62 117.37 -91.95
C PRO BB 115 6.05 117.86 -91.69
N SER BB 116 6.22 119.04 -91.08
CA SER BB 116 7.53 119.58 -90.73
C SER BB 116 7.88 119.19 -89.29
N PHE BB 117 9.15 118.85 -89.05
CA PHE BB 117 9.55 118.21 -87.79
C PHE BB 117 10.62 119.01 -87.06
N LEU BB 118 10.44 119.08 -85.74
CA LEU BB 118 11.31 119.81 -84.83
C LEU BB 118 11.62 118.90 -83.65
N ILE BB 119 12.80 119.09 -83.07
CA ILE BB 119 13.20 118.41 -81.84
C ILE BB 119 13.49 119.53 -80.84
N ALA BB 120 12.46 119.95 -80.12
CA ALA BB 120 12.54 121.05 -79.16
C ALA BB 120 13.24 120.55 -77.91
N CYS BB 121 14.55 120.79 -77.83
CA CYS BB 121 15.36 120.35 -76.69
C CYS BB 121 15.03 121.25 -75.50
N ASN BB 122 13.95 120.89 -74.80
CA ASN BB 122 13.40 121.64 -73.68
C ASN BB 122 14.37 121.59 -72.48
N LYS BB 123 13.98 122.27 -71.40
CA LYS BB 123 14.67 122.20 -70.10
C LYS BB 123 16.14 122.60 -70.20
N GLN BB 124 16.43 123.62 -71.01
CA GLN BB 124 17.75 124.21 -71.11
C GLN BB 124 18.07 125.17 -69.97
N ASP BB 125 17.05 125.60 -69.19
CA ASP BB 125 17.28 126.40 -67.99
C ASP BB 125 17.97 125.62 -66.87
N ILE BB 126 17.92 124.27 -66.90
CA ILE BB 126 18.66 123.44 -65.96
C ILE BB 126 20.13 123.38 -66.39
N ALA BB 127 21.04 123.47 -65.42
CA ALA BB 127 22.47 123.57 -65.72
C ALA BB 127 23.02 122.30 -66.39
N MET BB 128 22.35 121.16 -66.21
CA MET BB 128 22.75 119.89 -66.79
C MET BB 128 22.06 119.59 -68.13
N ALA BB 129 21.47 120.59 -68.76
CA ALA BB 129 20.81 120.40 -70.04
C ALA BB 129 21.82 120.20 -71.16
N LYS BB 130 21.72 119.07 -71.87
CA LYS BB 130 22.54 118.84 -73.05
C LYS BB 130 22.11 119.77 -74.18
N SER BB 131 23.05 120.14 -75.05
CA SER BB 131 22.74 121.03 -76.16
C SER BB 131 21.99 120.27 -77.26
N ALA BB 132 21.28 121.04 -78.11
CA ALA BB 132 20.60 120.47 -79.27
C ALA BB 132 21.57 119.93 -80.32
N LYS BB 133 22.88 120.21 -80.18
CA LYS BB 133 23.93 119.65 -81.02
C LYS BB 133 24.46 118.32 -80.49
N LEU BB 134 24.53 118.17 -79.16
CA LEU BB 134 24.82 116.88 -78.55
C LEU BB 134 23.61 115.94 -78.57
N ILE BB 135 22.39 116.49 -78.52
CA ILE BB 135 21.17 115.67 -78.58
C ILE BB 135 20.89 115.18 -80.01
N GLN BB 136 21.32 115.93 -81.05
CA GLN BB 136 21.21 115.45 -82.43
C GLN BB 136 22.26 114.41 -82.78
N GLN BB 137 23.47 114.54 -82.21
CA GLN BB 137 24.54 113.57 -82.45
C GLN BB 137 24.22 112.20 -81.82
N GLN BB 138 23.74 112.20 -80.57
CA GLN BB 138 23.47 110.97 -79.82
C GLN BB 138 22.19 110.25 -80.28
N LEU BB 139 21.27 110.94 -80.97
CA LEU BB 139 20.10 110.33 -81.59
C LEU BB 139 20.36 109.83 -83.02
N GLU BB 140 21.29 110.45 -83.75
CA GLU BB 140 21.75 109.89 -85.02
C GLU BB 140 22.59 108.62 -84.81
N LYS BB 141 23.35 108.57 -83.71
CA LYS BB 141 24.06 107.36 -83.31
C LYS BB 141 23.10 106.28 -82.79
N GLU BB 142 21.97 106.68 -82.20
CA GLU BB 142 20.99 105.76 -81.60
C GLU BB 142 19.94 105.25 -82.59
N LEU BB 143 19.50 106.08 -83.54
CA LEU BB 143 18.61 105.65 -84.62
C LEU BB 143 19.37 104.93 -85.74
N ASN BB 144 20.71 104.92 -85.70
CA ASN BB 144 21.51 104.09 -86.61
C ASN BB 144 21.60 102.65 -86.12
N THR BB 145 21.66 102.44 -84.79
CA THR BB 145 21.58 101.10 -84.20
C THR BB 145 20.14 100.59 -84.16
N LEU BB 146 19.15 101.49 -84.10
CA LEU BB 146 17.76 101.08 -83.95
C LEU BB 146 17.19 100.50 -85.24
N ARG BB 147 17.49 101.12 -86.40
CA ARG BB 147 16.97 100.61 -87.67
C ARG BB 147 17.52 99.23 -88.03
N VAL BB 148 18.62 98.79 -87.38
CA VAL BB 148 19.18 97.44 -87.55
C VAL BB 148 18.64 96.48 -86.46
N THR BB 149 18.59 96.96 -85.21
CA THR BB 149 18.12 96.22 -84.03
C THR BB 149 16.60 96.20 -83.88
N ARG BB 150 15.85 96.90 -84.73
CA ARG BB 150 14.39 96.99 -84.61
C ARG BB 150 13.73 95.63 -84.84
N SER BB 151 12.90 95.21 -83.88
CA SER BB 151 12.15 93.94 -83.97
C SER BB 151 10.71 94.20 -84.44
N PRO BB 164 8.14 98.23 -96.80
CA PRO BB 164 8.73 98.57 -95.49
C PRO BB 164 9.55 99.89 -95.51
N ALA BB 165 9.20 100.82 -94.61
CA ALA BB 165 9.86 102.11 -94.51
C ALA BB 165 11.06 102.06 -93.58
N GLN BB 166 12.22 102.50 -94.07
CA GLN BB 166 13.48 102.51 -93.34
C GLN BB 166 14.02 103.93 -93.24
N LEU BB 167 15.05 104.10 -92.39
CA LEU BB 167 15.64 105.41 -92.10
C LEU BB 167 16.89 105.61 -92.95
N GLY BB 168 16.82 106.53 -93.90
CA GLY BB 168 17.98 106.85 -94.72
C GLY BB 168 18.45 105.68 -95.56
N LYS BB 169 19.78 105.52 -95.65
CA LYS BB 169 20.42 104.45 -96.41
C LYS BB 169 21.02 103.42 -95.45
N LYS BB 170 20.89 102.13 -95.85
CA LYS BB 170 21.38 101.03 -95.02
C LYS BB 170 22.90 100.95 -95.00
N GLY BB 171 23.56 101.32 -96.11
CA GLY BB 171 25.00 101.29 -96.24
C GLY BB 171 25.76 102.46 -95.64
N LYS BB 172 25.07 103.44 -95.07
CA LYS BB 172 25.70 104.61 -94.49
C LYS BB 172 25.20 104.82 -93.06
N GLU BB 173 26.00 105.55 -92.28
CA GLU BB 173 25.61 105.91 -90.91
C GLU BB 173 24.44 106.89 -90.92
N PHE BB 174 23.45 106.64 -90.06
CA PHE BB 174 22.20 107.40 -90.11
C PHE BB 174 22.39 108.85 -89.65
N GLU BB 175 21.76 109.78 -90.37
CA GLU BB 175 21.70 111.19 -90.04
C GLU BB 175 20.31 111.72 -90.38
N PHE BB 176 19.93 112.85 -89.75
CA PHE BB 176 18.62 113.47 -89.97
C PHE BB 176 18.52 114.18 -91.32
N SER BB 177 19.64 114.34 -92.05
CA SER BB 177 19.65 114.92 -93.38
C SER BB 177 19.31 113.91 -94.48
N GLN BB 178 19.49 112.61 -94.22
CA GLN BB 178 19.19 111.53 -95.16
C GLN BB 178 17.69 111.26 -95.32
N LEU BB 179 16.82 111.82 -94.39
CA LEU BB 179 15.38 111.67 -94.37
C LEU BB 179 14.71 112.63 -95.38
N PRO BB 180 13.53 112.14 -95.98
CA PRO BB 180 12.65 113.01 -96.78
C PRO BB 180 11.68 113.83 -95.93
N LEU BB 181 12.19 114.39 -94.83
CA LEU BB 181 11.42 115.20 -93.88
C LEU BB 181 12.17 116.50 -93.59
N LYS BB 182 11.41 117.51 -93.16
CA LYS BB 182 11.96 118.79 -92.70
C LYS BB 182 12.24 118.67 -91.20
N VAL BB 183 13.45 118.22 -90.85
CA VAL BB 183 13.84 117.93 -89.47
C VAL BB 183 14.72 119.07 -88.97
N GLU BB 184 14.31 119.70 -87.86
CA GLU BB 184 15.06 120.77 -87.22
C GLU BB 184 15.30 120.47 -85.75
N PHE BB 185 16.30 121.15 -85.20
CA PHE BB 185 16.68 121.06 -83.79
C PHE BB 185 16.77 122.48 -83.22
N LEU BB 186 16.12 122.72 -82.09
CA LEU BB 186 16.23 124.00 -81.40
C LEU BB 186 16.28 123.77 -79.90
N GLU BB 187 16.66 124.83 -79.19
CA GLU BB 187 16.75 124.83 -77.72
C GLU BB 187 15.73 125.82 -77.17
N CYS BB 188 14.99 125.37 -76.15
CA CYS BB 188 13.93 126.17 -75.53
C CYS BB 188 13.92 125.89 -74.03
N SER BB 189 13.06 126.61 -73.31
CA SER BB 189 12.86 126.47 -71.87
C SER BB 189 11.44 126.92 -71.56
N ALA BB 190 10.70 126.13 -70.77
CA ALA BB 190 9.33 126.43 -70.39
C ALA BB 190 9.20 127.07 -69.01
N LYS BB 191 10.33 127.39 -68.35
CA LYS BB 191 10.35 128.13 -67.08
C LYS BB 191 11.25 129.38 -67.13
N SER BB 199 9.16 134.82 -67.06
CA SER BB 199 8.98 134.44 -68.47
C SER BB 199 9.86 133.25 -68.85
N ALA BB 200 9.74 132.80 -70.09
CA ALA BB 200 10.44 131.63 -70.60
C ALA BB 200 11.23 131.97 -71.85
N ASP BB 201 12.01 131.00 -72.32
CA ASP BB 201 12.83 131.10 -73.51
C ASP BB 201 12.23 130.18 -74.58
N ILE BB 202 11.23 130.70 -75.29
CA ILE BB 202 10.52 129.96 -76.32
C ILE BB 202 10.62 130.74 -77.64
N GLN BB 203 11.69 131.54 -77.78
CA GLN BB 203 11.81 132.45 -78.92
C GLN BB 203 12.04 131.69 -80.22
N ASP BB 204 12.92 130.66 -80.19
CA ASP BB 204 13.16 129.83 -81.38
C ASP BB 204 11.95 128.96 -81.71
N LEU BB 205 11.12 128.65 -80.70
CA LEU BB 205 9.92 127.84 -80.92
C LEU BB 205 8.83 128.65 -81.62
N GLU BB 206 8.64 129.93 -81.23
CA GLU BB 206 7.65 130.79 -81.87
C GLU BB 206 8.11 131.34 -83.23
N LYS BB 207 9.41 131.28 -83.52
CA LYS BB 207 9.96 131.65 -84.82
C LYS BB 207 9.82 130.51 -85.83
N TRP BB 208 9.95 129.26 -85.37
CA TRP BB 208 9.65 128.11 -86.22
C TRP BB 208 8.15 127.89 -86.36
N LEU BB 209 7.36 128.21 -85.32
CA LEU BB 209 5.90 128.13 -85.41
C LEU BB 209 5.32 129.21 -86.31
N ALA BB 210 6.02 130.34 -86.45
CA ALA BB 210 5.65 131.38 -87.43
C ALA BB 210 6.17 131.07 -88.84
N LYS BB 211 7.26 130.30 -88.95
CA LYS BB 211 7.85 129.95 -90.24
C LYS BB 211 7.10 128.82 -90.94
N ILE BB 212 6.59 127.82 -90.18
CA ILE BB 212 5.82 126.71 -90.74
C ILE BB 212 4.31 127.01 -90.82
N ALA BB 213 3.85 128.16 -90.29
CA ALA BB 213 2.42 128.52 -90.25
C ALA BB 213 1.80 128.70 -91.64
N ALA CB 1 102.20 3.57 -51.79
CA ALA CB 1 102.09 2.38 -50.97
C ALA CB 1 100.63 2.02 -50.71
N GLN CB 2 99.86 2.99 -50.21
CA GLN CB 2 98.43 2.80 -49.92
C GLN CB 2 97.61 3.36 -51.07
N TYR CB 3 97.38 2.52 -52.09
CA TYR CB 3 96.60 2.90 -53.28
C TYR CB 3 95.12 2.87 -52.91
N GLN CB 4 94.70 3.93 -52.22
CA GLN CB 4 93.31 4.03 -51.77
C GLN CB 4 92.41 4.52 -52.92
N THR CB 5 92.44 3.73 -53.99
CA THR CB 5 91.55 3.82 -55.14
C THR CB 5 91.42 2.41 -55.70
N TRP CB 6 90.94 2.27 -56.93
CA TRP CB 6 90.78 0.94 -57.48
C TRP CB 6 91.34 0.84 -58.88
N GLU CB 7 91.67 -0.40 -59.26
CA GLU CB 7 92.22 -0.83 -60.54
C GLU CB 7 93.65 -0.34 -60.69
N GLU CB 8 94.12 0.43 -59.74
CA GLU CB 8 95.54 0.76 -59.66
C GLU CB 8 96.26 -0.04 -58.60
N PHE CB 9 95.56 -0.36 -57.51
CA PHE CB 9 96.09 -1.31 -56.54
C PHE CB 9 96.09 -2.73 -57.11
N SER CB 10 95.09 -3.07 -57.93
CA SER CB 10 95.01 -4.42 -58.45
C SER CB 10 96.09 -4.70 -59.48
N ARG CB 11 96.33 -3.77 -60.40
CA ARG CB 11 97.34 -3.98 -61.44
C ARG CB 11 98.76 -3.93 -60.88
N ALA CB 12 98.98 -3.16 -59.81
CA ALA CB 12 100.30 -3.12 -59.19
C ALA CB 12 100.57 -4.35 -58.33
N ALA CB 13 99.56 -4.81 -57.58
CA ALA CB 13 99.75 -6.00 -56.77
C ALA CB 13 99.90 -7.25 -57.62
N GLU CB 14 99.17 -7.32 -58.75
CA GLU CB 14 99.35 -8.45 -59.66
C GLU CB 14 100.73 -8.44 -60.30
N LYS CB 15 101.30 -7.26 -60.55
CA LYS CB 15 102.65 -7.18 -61.09
C LYS CB 15 103.69 -7.52 -60.03
N LEU CB 16 103.39 -7.25 -58.75
CA LEU CB 16 104.25 -7.72 -57.68
C LEU CB 16 104.31 -9.24 -57.67
N TYR CB 17 103.19 -9.90 -57.98
CA TYR CB 17 103.16 -11.36 -57.97
C TYR CB 17 103.96 -11.92 -59.13
N LEU CB 18 103.72 -11.42 -60.35
CA LEU CB 18 104.43 -11.94 -61.52
C LEU CB 18 105.92 -11.65 -61.47
N ALA CB 19 106.37 -10.73 -60.62
CA ALA CB 19 107.80 -10.47 -60.47
C ALA CB 19 108.49 -11.64 -59.77
N ASP CB 20 108.09 -11.93 -58.54
CA ASP CB 20 108.61 -13.09 -57.80
C ASP CB 20 107.42 -13.79 -57.14
N PRO CB 21 106.98 -14.92 -57.69
CA PRO CB 21 105.79 -15.60 -57.14
C PRO CB 21 106.05 -16.33 -55.84
N MET CB 22 107.30 -16.70 -55.55
CA MET CB 22 107.58 -17.51 -54.36
C MET CB 22 107.57 -16.70 -53.07
N LYS CB 23 108.01 -15.43 -53.12
CA LYS CB 23 108.12 -14.61 -51.91
C LYS CB 23 106.85 -13.82 -51.60
N ALA CB 24 106.02 -13.53 -52.61
CA ALA CB 24 104.87 -12.66 -52.42
C ALA CB 24 103.81 -13.32 -51.53
N ARG CB 25 103.13 -12.48 -50.75
CA ARG CB 25 102.07 -12.93 -49.86
C ARG CB 25 100.98 -11.85 -49.82
N VAL CB 26 99.75 -12.28 -49.54
CA VAL CB 26 98.60 -11.38 -49.50
C VAL CB 26 97.80 -11.68 -48.23
N VAL CB 27 97.62 -10.67 -47.39
CA VAL CB 27 96.84 -10.82 -46.17
C VAL CB 27 95.48 -10.19 -46.38
N LEU CB 28 94.51 -10.61 -45.57
CA LEU CB 28 93.13 -10.14 -45.67
C LEU CB 28 92.59 -9.99 -44.25
N LYS CB 29 92.62 -8.76 -43.73
CA LYS CB 29 92.22 -8.48 -42.36
C LYS CB 29 90.78 -7.98 -42.33
N TYR CB 30 89.94 -8.64 -41.54
CA TYR CB 30 88.56 -8.21 -41.33
C TYR CB 30 88.36 -7.76 -39.90
N ARG CB 31 87.66 -6.64 -39.72
CA ARG CB 31 87.36 -6.09 -38.41
C ARG CB 31 85.87 -5.76 -38.40
N HIS CB 32 85.06 -6.66 -37.85
CA HIS CB 32 83.62 -6.47 -37.89
C HIS CB 32 83.14 -5.48 -36.84
N SER CB 33 83.83 -5.40 -35.70
CA SER CB 33 83.41 -4.49 -34.63
C SER CB 33 83.33 -3.05 -35.13
N ASP CB 34 84.41 -2.55 -35.74
CA ASP CB 34 84.43 -1.21 -36.31
C ASP CB 34 83.86 -1.17 -37.73
N GLY CB 35 83.83 -2.31 -38.42
CA GLY CB 35 83.19 -2.40 -39.73
C GLY CB 35 84.08 -2.04 -40.90
N SER CB 36 85.32 -2.54 -40.91
CA SER CB 36 86.27 -2.23 -41.98
C SER CB 36 86.96 -3.50 -42.45
N LEU CB 37 87.60 -3.38 -43.62
CA LEU CB 37 88.35 -4.46 -44.25
C LEU CB 37 89.74 -3.94 -44.60
N CYS CB 38 90.66 -4.86 -44.85
CA CYS CB 38 92.03 -4.48 -45.17
C CYS CB 38 92.69 -5.57 -45.99
N ILE CB 39 93.09 -5.23 -47.22
CA ILE CB 39 93.90 -6.10 -48.06
C ILE CB 39 95.32 -5.56 -48.06
N LYS CB 40 96.30 -6.47 -48.14
CA LYS CB 40 97.69 -6.08 -48.31
C LYS CB 40 98.40 -7.13 -49.15
N VAL CB 41 99.16 -6.67 -50.15
CA VAL CB 41 100.01 -7.54 -50.97
C VAL CB 41 101.45 -7.01 -50.82
N THR CB 42 102.25 -7.72 -50.03
CA THR CB 42 103.66 -7.40 -49.83
C THR CB 42 104.52 -8.45 -50.53
N ASP CB 43 105.70 -8.00 -51.00
CA ASP CB 43 106.48 -8.76 -51.97
C ASP CB 43 107.93 -8.95 -51.55
N ASP CB 44 108.23 -8.71 -50.27
CA ASP CB 44 109.59 -8.79 -49.72
C ASP CB 44 110.48 -7.70 -50.31
N LEU CB 45 109.92 -6.82 -51.14
CA LEU CB 45 110.70 -5.75 -51.74
C LEU CB 45 109.90 -4.45 -51.70
N VAL CB 46 108.58 -4.57 -51.74
CA VAL CB 46 107.65 -3.45 -51.69
C VAL CB 46 106.46 -3.84 -50.82
N CYS CB 47 105.50 -2.93 -50.72
CA CYS CB 47 104.35 -3.10 -49.84
C CYS CB 47 103.18 -2.28 -50.34
N LEU CB 48 102.05 -2.93 -50.58
CA LEU CB 48 100.81 -2.28 -51.02
C LEU CB 48 99.67 -2.73 -50.11
N VAL CB 49 98.86 -1.78 -49.65
CA VAL CB 49 97.72 -2.07 -48.78
C VAL CB 49 96.49 -1.39 -49.36
N TYR CB 50 95.32 -1.81 -48.86
CA TYR CB 50 94.06 -1.24 -49.32
C TYR CB 50 93.03 -1.33 -48.20
N ARG CB 51 92.63 -0.17 -47.70
CA ARG CB 51 91.57 0.01 -46.71
C ARG CB 51 90.23 0.29 -47.37
N THR CB 52 89.35 1.00 -46.65
CA THR CB 52 88.08 1.45 -47.22
C THR CB 52 87.14 0.27 -47.43
N ASP CB 53 86.52 -0.14 -46.32
CA ASP CB 53 85.51 -1.19 -46.30
C ASP CB 53 84.51 -1.08 -47.44
N GLN CB 54 83.64 -0.04 -47.39
CA GLN CB 54 82.75 0.33 -48.49
C GLN CB 54 82.17 -0.87 -49.23
N ALA CB 55 81.22 -1.57 -48.59
CA ALA CB 55 80.86 -2.95 -48.90
C ALA CB 55 80.69 -3.25 -50.38
N GLN CB 56 80.42 -2.24 -51.22
CA GLN CB 56 80.49 -2.40 -52.67
C GLN CB 56 81.86 -2.87 -53.15
N ASP CB 57 82.88 -2.84 -52.28
CA ASP CB 57 84.20 -3.39 -52.57
C ASP CB 57 84.36 -4.82 -52.06
N VAL CB 58 83.42 -5.34 -51.25
CA VAL CB 58 83.57 -6.68 -50.68
C VAL CB 58 83.66 -7.73 -51.79
N LYS CB 59 82.85 -7.57 -52.85
CA LYS CB 59 82.86 -8.57 -53.92
C LYS CB 59 84.12 -8.50 -54.75
N LYS CB 60 84.52 -7.30 -55.18
CA LYS CB 60 85.73 -7.14 -55.98
C LYS CB 60 87.00 -7.38 -55.18
N ILE CB 61 86.92 -7.44 -53.85
CA ILE CB 61 88.09 -7.67 -53.02
C ILE CB 61 88.39 -9.16 -52.88
N GLU CB 62 87.36 -9.98 -52.70
CA GLU CB 62 87.55 -11.42 -52.54
C GLU CB 62 87.72 -12.13 -53.87
N LYS CB 63 87.15 -11.59 -54.96
CA LYS CB 63 87.47 -12.11 -56.28
C LYS CB 63 88.94 -11.89 -56.60
N PHE CB 64 89.46 -10.71 -56.26
CA PHE CB 64 90.89 -10.47 -56.33
C PHE CB 64 91.64 -11.45 -55.42
N HIS CB 65 91.07 -11.78 -54.27
CA HIS CB 65 91.67 -12.76 -53.38
C HIS CB 65 91.61 -14.16 -53.98
N SER CB 66 90.44 -14.55 -54.53
CA SER CB 66 90.29 -15.87 -55.13
C SER CB 66 90.95 -15.97 -56.50
N GLN CB 67 91.25 -14.84 -57.15
CA GLN CB 67 91.96 -14.91 -58.44
C GLN CB 67 93.43 -15.22 -58.25
N LEU CB 68 94.08 -14.58 -57.26
CA LEU CB 68 95.47 -14.90 -56.96
C LEU CB 68 95.63 -16.37 -56.58
N MET CB 69 94.59 -16.98 -56.01
CA MET CB 69 94.66 -18.37 -55.59
C MET CB 69 94.80 -19.33 -56.77
N ARG CB 70 94.22 -18.98 -57.92
CA ARG CB 70 94.36 -19.82 -59.11
C ARG CB 70 95.72 -19.65 -59.78
N LEU CB 71 96.43 -18.55 -59.52
CA LEU CB 71 97.76 -18.37 -60.06
C LEU CB 71 98.83 -19.09 -59.24
N MET CB 72 98.57 -19.30 -57.95
CA MET CB 72 99.48 -20.08 -57.12
C MET CB 72 99.45 -21.56 -57.47
N VAL CB 73 98.42 -22.03 -58.16
CA VAL CB 73 98.14 -23.45 -58.29
C VAL CB 73 98.29 -23.98 -59.71
N ALA CB 74 98.23 -23.11 -60.72
CA ALA CB 74 98.28 -23.52 -62.13
C ALA CB 74 99.47 -24.42 -62.47
N ASN DB 24 -39.16 86.03 -56.27
CA ASN DB 24 -38.48 84.75 -56.20
C ASN DB 24 -37.79 84.40 -57.52
N GLU DB 25 -38.21 85.07 -58.60
CA GLU DB 25 -37.55 84.92 -59.90
C GLU DB 25 -36.21 85.62 -59.94
N GLU DB 26 -35.97 86.57 -59.03
CA GLU DB 26 -34.68 87.26 -58.91
C GLU DB 26 -33.70 86.50 -58.02
N VAL DB 27 -34.18 85.65 -57.12
CA VAL DB 27 -33.32 84.83 -56.28
C VAL DB 27 -32.85 83.56 -56.98
N LEU DB 28 -33.54 83.16 -58.07
CA LEU DB 28 -33.05 82.08 -58.93
C LEU DB 28 -31.95 82.55 -59.87
N ASN DB 29 -32.10 83.76 -60.44
CA ASN DB 29 -31.17 84.26 -61.46
C ASN DB 29 -29.89 84.86 -60.88
N ALA DB 30 -29.97 85.48 -59.68
CA ALA DB 30 -28.75 85.95 -59.03
C ALA DB 30 -27.88 84.79 -58.56
N MET DB 31 -28.50 83.67 -58.13
CA MET DB 31 -27.79 82.46 -57.74
C MET DB 31 -27.42 81.58 -58.92
N LEU DB 32 -28.03 81.78 -60.09
CA LEU DB 32 -27.74 81.00 -61.29
C LEU DB 32 -26.61 81.58 -62.13
N LYS DB 33 -26.52 82.90 -62.23
CA LYS DB 33 -25.40 83.54 -62.91
C LYS DB 33 -24.15 83.60 -62.04
N GLU DB 34 -24.25 83.23 -60.77
CA GLU DB 34 -23.09 83.05 -59.90
C GLU DB 34 -22.43 81.68 -60.11
N VAL DB 35 -23.21 80.68 -60.54
CA VAL DB 35 -22.67 79.36 -60.90
C VAL DB 35 -22.23 79.31 -62.37
N CYS DB 36 -22.85 80.13 -63.24
CA CYS DB 36 -22.39 80.26 -64.62
C CYS DB 36 -21.03 80.97 -64.68
N THR DB 37 -20.75 81.88 -63.74
CA THR DB 37 -19.41 82.44 -63.57
C THR DB 37 -18.46 81.42 -62.93
N ALA DB 38 -18.98 80.59 -62.01
CA ALA DB 38 -18.15 79.55 -61.38
C ALA DB 38 -17.66 78.55 -62.41
N LEU DB 39 -18.47 78.23 -63.42
CA LEU DB 39 -18.06 77.30 -64.48
C LEU DB 39 -17.25 77.99 -65.57
N LEU DB 40 -17.55 79.26 -65.89
CA LEU DB 40 -16.75 79.99 -66.87
C LEU DB 40 -15.34 80.26 -66.36
N GLU DB 41 -15.16 80.40 -65.04
CA GLU DB 41 -13.83 80.48 -64.45
C GLU DB 41 -13.14 79.12 -64.36
N ALA DB 42 -13.90 78.02 -64.36
CA ALA DB 42 -13.38 76.67 -64.35
C ALA DB 42 -13.06 76.13 -65.74
N ASP DB 43 -12.93 77.03 -66.74
CA ASP DB 43 -12.60 76.72 -68.14
C ASP DB 43 -13.70 75.93 -68.86
N VAL DB 44 -14.93 75.91 -68.34
CA VAL DB 44 -16.03 75.20 -69.00
C VAL DB 44 -16.46 75.98 -70.22
N ASN DB 45 -16.76 75.25 -71.31
CA ASN DB 45 -17.12 75.88 -72.58
C ASN DB 45 -18.33 76.80 -72.38
N ILE DB 46 -18.25 78.00 -72.97
CA ILE DB 46 -19.32 78.98 -72.87
C ILE DB 46 -20.60 78.49 -73.56
N LYS DB 47 -20.48 77.51 -74.48
CA LYS DB 47 -21.66 76.91 -75.09
C LYS DB 47 -22.41 76.02 -74.10
N LEU DB 48 -21.67 75.31 -73.24
CA LEU DB 48 -22.25 74.41 -72.25
C LEU DB 48 -22.70 75.13 -70.98
N VAL DB 49 -22.14 76.32 -70.69
CA VAL DB 49 -22.58 77.11 -69.54
C VAL DB 49 -23.87 77.86 -69.86
N LYS DB 50 -24.02 78.35 -71.10
CA LYS DB 50 -25.28 78.94 -71.54
C LYS DB 50 -26.37 77.88 -71.72
N GLN DB 51 -26.00 76.66 -72.12
CA GLN DB 51 -26.95 75.56 -72.27
C GLN DB 51 -27.33 74.95 -70.92
N LEU DB 52 -26.36 74.78 -70.01
CA LEU DB 52 -26.67 74.29 -68.67
C LEU DB 52 -27.52 75.28 -67.89
N ARG DB 53 -27.35 76.59 -68.14
CA ARG DB 53 -28.12 77.59 -67.41
C ARG DB 53 -29.62 77.48 -67.71
N GLU DB 54 -29.98 77.29 -68.98
CA GLU DB 54 -31.37 77.15 -69.38
C GLU DB 54 -31.86 75.70 -69.32
N ASN DB 55 -30.99 74.74 -69.00
CA ASN DB 55 -31.41 73.37 -68.69
C ASN DB 55 -31.81 73.22 -67.23
N VAL DB 56 -31.04 73.85 -66.32
CA VAL DB 56 -31.39 73.89 -64.89
C VAL DB 56 -32.47 74.93 -64.59
N LYS DB 57 -32.83 75.75 -65.56
CA LYS DB 57 -33.94 76.69 -65.42
C LYS DB 57 -35.26 76.10 -65.91
N SER DB 58 -35.21 75.22 -66.93
CA SER DB 58 -36.42 74.57 -67.45
C SER DB 58 -36.78 73.31 -66.66
N ALA DB 59 -35.78 72.60 -66.14
CA ALA DB 59 -35.97 71.39 -65.33
C ALA DB 59 -36.16 71.68 -63.84
N ILE DB 60 -36.11 72.95 -63.43
CA ILE DB 60 -36.40 73.35 -62.04
C ILE DB 60 -37.83 73.87 -61.87
N ASP DB 61 -38.61 73.92 -62.96
CA ASP DB 61 -40.00 74.38 -62.91
C ASP DB 61 -40.96 73.22 -63.22
N ASN DB 70 -30.80 75.75 -45.21
CA ASN DB 70 -31.50 74.71 -45.96
C ASN DB 70 -31.90 75.17 -47.37
N LYS DB 71 -31.69 76.47 -47.66
CA LYS DB 71 -32.02 77.04 -48.98
C LYS DB 71 -30.88 76.92 -49.97
N ARG DB 72 -29.63 76.81 -49.51
CA ARG DB 72 -28.50 76.52 -50.38
C ARG DB 72 -28.38 75.05 -50.73
N LYS DB 73 -29.22 74.18 -50.15
CA LYS DB 73 -29.23 72.77 -50.48
C LYS DB 73 -30.33 72.39 -51.46
N MET DB 74 -31.48 73.06 -51.39
CA MET DB 74 -32.52 72.88 -52.41
C MET DB 74 -32.08 73.43 -53.76
N ILE DB 75 -31.10 74.33 -53.78
CA ILE DB 75 -30.56 74.91 -55.01
C ILE DB 75 -29.35 74.10 -55.51
N GLN DB 76 -28.38 73.83 -54.63
CA GLN DB 76 -27.16 73.13 -55.04
C GLN DB 76 -27.40 71.66 -55.36
N HIS DB 77 -28.50 71.07 -54.89
CA HIS DB 77 -28.84 69.71 -55.28
C HIS DB 77 -29.41 69.65 -56.69
N ALA DB 78 -30.20 70.66 -57.08
CA ALA DB 78 -30.65 70.78 -58.46
C ALA DB 78 -29.49 71.07 -59.41
N VAL DB 79 -28.48 71.83 -58.95
CA VAL DB 79 -27.29 72.11 -59.75
C VAL DB 79 -26.41 70.87 -59.87
N PHE DB 80 -26.35 70.05 -58.81
CA PHE DB 80 -25.52 68.84 -58.83
C PHE DB 80 -26.08 67.80 -59.81
N LYS DB 81 -27.40 67.59 -59.82
CA LYS DB 81 -28.00 66.59 -60.71
C LYS DB 81 -27.96 67.03 -62.18
N GLU DB 82 -27.90 68.34 -62.43
CA GLU DB 82 -27.75 68.84 -63.80
C GLU DB 82 -26.33 68.67 -64.32
N LEU DB 83 -25.34 68.68 -63.42
CA LEU DB 83 -23.95 68.44 -63.81
C LEU DB 83 -23.71 66.96 -64.10
N VAL DB 84 -24.21 66.08 -63.24
CA VAL DB 84 -24.12 64.63 -63.46
C VAL DB 84 -24.73 64.23 -64.80
N LYS DB 85 -25.72 65.00 -65.26
CA LYS DB 85 -26.31 64.76 -66.59
C LYS DB 85 -25.30 65.05 -67.71
N LEU DB 86 -24.40 66.03 -67.50
CA LEU DB 86 -23.44 66.45 -68.53
C LEU DB 86 -22.18 65.58 -68.56
N VAL DB 87 -21.62 65.22 -67.39
CA VAL DB 87 -20.42 64.39 -67.38
C VAL DB 87 -20.72 62.96 -67.84
N ASP DB 88 -21.98 62.52 -67.81
CA ASP DB 88 -22.38 61.21 -68.30
C ASP DB 88 -22.29 61.16 -69.82
N PRO DB 89 -21.37 60.38 -70.42
CA PRO DB 89 -21.39 60.19 -71.88
C PRO DB 89 -22.24 59.00 -72.33
N GLY DB 90 -22.75 58.20 -71.40
CA GLY DB 90 -23.54 57.01 -71.70
C GLY DB 90 -22.73 55.81 -72.15
N VAL DB 91 -21.41 55.95 -72.30
CA VAL DB 91 -20.55 54.90 -72.83
C VAL DB 91 -19.67 54.39 -71.69
N LYS DB 92 -19.65 53.07 -71.50
CA LYS DB 92 -18.76 52.45 -70.53
C LYS DB 92 -17.34 52.34 -71.10
N ALA DB 93 -16.36 52.31 -70.20
CA ALA DB 93 -14.96 52.43 -70.58
C ALA DB 93 -14.41 51.11 -71.10
N TRP DB 94 -13.50 51.21 -72.07
CA TRP DB 94 -12.78 50.05 -72.58
C TRP DB 94 -11.84 49.53 -71.51
N THR DB 95 -11.98 48.24 -71.18
CA THR DB 95 -11.10 47.60 -70.20
C THR DB 95 -10.45 46.37 -70.83
N PRO DB 96 -9.15 46.19 -70.62
CA PRO DB 96 -8.43 45.10 -71.33
C PRO DB 96 -8.86 43.72 -70.85
N THR DB 97 -8.43 42.72 -71.61
CA THR DB 97 -8.66 41.31 -71.30
C THR DB 97 -7.32 40.66 -70.95
N LYS DB 98 -7.25 40.05 -69.77
CA LYS DB 98 -6.08 39.25 -69.40
C LYS DB 98 -5.99 38.02 -70.30
N GLY DB 99 -4.77 37.70 -70.72
CA GLY DB 99 -4.55 36.60 -71.64
C GLY DB 99 -4.66 36.94 -73.11
N LYS DB 100 -4.93 38.20 -73.45
CA LYS DB 100 -5.01 38.64 -74.84
C LYS DB 100 -4.15 39.88 -75.02
N GLN DB 101 -3.87 40.21 -76.28
CA GLN DB 101 -3.03 41.35 -76.63
C GLN DB 101 -3.90 42.59 -76.76
N ASN DB 102 -3.71 43.55 -75.84
CA ASN DB 102 -4.41 44.84 -75.82
C ASN DB 102 -3.44 45.94 -76.25
N VAL DB 103 -3.68 46.52 -77.42
CA VAL DB 103 -2.92 47.67 -77.91
C VAL DB 103 -3.67 48.94 -77.52
N ILE DB 104 -2.97 49.89 -76.89
CA ILE DB 104 -3.53 51.17 -76.49
C ILE DB 104 -2.68 52.27 -77.14
N MET DB 105 -3.33 53.19 -77.83
CA MET DB 105 -2.68 54.23 -78.62
C MET DB 105 -3.03 55.60 -78.02
N PHE DB 106 -1.99 56.39 -77.73
CA PHE DB 106 -2.15 57.68 -77.05
C PHE DB 106 -2.14 58.81 -78.08
N VAL DB 107 -3.16 59.68 -78.00
CA VAL DB 107 -3.30 60.84 -78.87
C VAL DB 107 -3.61 62.05 -78.01
N GLY DB 108 -3.36 63.23 -78.57
CA GLY DB 108 -3.52 64.48 -77.85
C GLY DB 108 -2.67 65.57 -78.48
N LEU DB 109 -2.82 66.78 -77.95
CA LEU DB 109 -2.13 67.96 -78.46
C LEU DB 109 -0.65 67.95 -78.03
N GLN DB 110 0.07 69.02 -78.40
CA GLN DB 110 1.50 69.13 -78.09
C GLN DB 110 1.69 69.56 -76.63
N GLY DB 111 2.39 68.74 -75.86
CA GLY DB 111 2.70 69.04 -74.46
C GLY DB 111 1.63 68.68 -73.44
N SER DB 112 0.59 67.92 -73.84
CA SER DB 112 -0.55 67.60 -72.96
C SER DB 112 -0.20 66.57 -71.89
N GLY DB 113 0.89 65.82 -72.06
CA GLY DB 113 1.28 64.82 -71.09
C GLY DB 113 1.13 63.39 -71.57
N LYS DB 114 1.26 63.16 -72.88
CA LYS DB 114 1.14 61.82 -73.43
C LYS DB 114 2.27 60.91 -72.93
N THR DB 115 3.54 61.31 -73.14
CA THR DB 115 4.68 60.48 -72.74
C THR DB 115 4.78 60.33 -71.22
N THR DB 116 4.26 61.29 -70.45
CA THR DB 116 4.20 61.15 -68.99
C THR DB 116 3.09 60.20 -68.56
N THR DB 117 1.91 60.31 -69.18
CA THR DB 117 0.80 59.40 -68.87
C THR DB 117 0.97 58.03 -69.52
N CYS DB 118 1.88 57.88 -70.49
CA CYS DB 118 2.19 56.56 -71.05
C CYS DB 118 2.84 55.66 -70.00
N SER DB 119 3.83 56.19 -69.27
CA SER DB 119 4.49 55.47 -68.18
C SER DB 119 3.65 55.43 -66.90
N LYS DB 120 2.74 56.39 -66.71
CA LYS DB 120 1.80 56.31 -65.58
C LYS DB 120 0.87 55.12 -65.73
N LEU DB 121 0.44 54.83 -66.95
CA LEU DB 121 -0.54 53.77 -67.22
C LEU DB 121 0.12 52.40 -67.32
N ALA DB 122 1.29 52.31 -67.96
CA ALA DB 122 2.04 51.05 -68.03
C ALA DB 122 2.55 50.62 -66.65
N TYR DB 123 2.76 51.59 -65.75
CA TYR DB 123 3.11 51.32 -64.36
C TYR DB 123 1.87 50.95 -63.54
N TYR DB 124 0.70 51.48 -63.91
CA TYR DB 124 -0.55 51.12 -63.24
C TYR DB 124 -0.89 49.65 -63.46
N TYR DB 125 -0.94 49.20 -64.73
CA TYR DB 125 -1.32 47.82 -65.03
C TYR DB 125 -0.23 46.84 -64.65
N GLN DB 126 1.04 47.23 -64.80
CA GLN DB 126 2.15 46.36 -64.41
C GLN DB 126 2.13 46.07 -62.91
N ARG DB 127 1.64 47.01 -62.09
CA ARG DB 127 1.43 46.77 -60.67
C ARG DB 127 0.15 45.98 -60.39
N LYS DB 128 -0.79 45.95 -61.33
CA LYS DB 128 -1.98 45.11 -61.24
C LYS DB 128 -1.73 43.69 -61.76
N GLY DB 129 -0.57 43.43 -62.34
CA GLY DB 129 -0.20 42.09 -62.76
C GLY DB 129 -0.13 41.85 -64.25
N TRP DB 130 -0.14 42.90 -65.06
CA TRP DB 130 -0.15 42.78 -66.50
C TRP DB 130 1.26 42.85 -67.05
N LYS DB 131 1.52 42.08 -68.10
CA LYS DB 131 2.79 42.15 -68.83
C LYS DB 131 2.70 43.37 -69.75
N THR DB 132 3.04 44.53 -69.19
CA THR DB 132 2.94 45.81 -69.88
C THR DB 132 4.27 46.19 -70.52
N CYS DB 133 4.17 46.92 -71.64
CA CYS DB 133 5.32 47.39 -72.39
C CYS DB 133 4.97 48.69 -73.10
N LEU DB 134 6.00 49.49 -73.36
CA LEU DB 134 5.85 50.80 -73.98
C LEU DB 134 6.55 50.79 -75.34
N ILE DB 135 6.03 51.61 -76.26
CA ILE DB 135 6.66 51.84 -77.56
C ILE DB 135 6.67 53.36 -77.79
N CYS DB 136 7.81 53.89 -78.26
CA CYS DB 136 7.97 55.32 -78.54
C CYS DB 136 7.90 55.53 -80.05
N ALA DB 137 6.69 55.87 -80.54
CA ALA DB 137 6.44 56.16 -81.94
C ALA DB 137 6.46 57.67 -82.22
N ASP DB 138 7.30 58.43 -81.49
CA ASP DB 138 7.53 59.85 -81.73
C ASP DB 138 8.86 60.00 -82.47
N THR DB 139 8.80 60.44 -83.73
CA THR DB 139 9.98 60.63 -84.57
C THR DB 139 10.32 62.10 -84.79
N PHE DB 140 9.65 63.01 -84.08
CA PHE DB 140 9.82 64.44 -84.28
C PHE DB 140 10.39 65.17 -83.07
N ARG DB 141 9.76 65.03 -81.89
CA ARG DB 141 10.21 65.77 -80.72
C ARG DB 141 11.63 65.39 -80.31
N ALA DB 142 12.44 66.40 -79.98
CA ALA DB 142 13.81 66.15 -79.55
C ALA DB 142 13.84 65.59 -78.14
N GLY DB 143 14.66 64.56 -77.94
CA GLY DB 143 14.71 63.86 -76.65
C GLY DB 143 13.40 63.20 -76.26
N ALA DB 144 12.69 62.59 -77.22
CA ALA DB 144 11.42 61.91 -77.02
C ALA DB 144 11.55 60.41 -76.80
N PHE DB 145 12.49 59.75 -77.47
CA PHE DB 145 12.81 58.36 -77.14
C PHE DB 145 13.70 58.29 -75.90
N ASP DB 146 14.55 59.29 -75.68
CA ASP DB 146 15.31 59.40 -74.43
C ASP DB 146 14.39 59.68 -73.23
N GLN DB 147 13.27 60.36 -73.47
CA GLN DB 147 12.31 60.61 -72.39
C GLN DB 147 11.61 59.33 -71.97
N LEU DB 148 10.96 58.64 -72.93
CA LEU DB 148 10.24 57.41 -72.60
C LEU DB 148 11.19 56.29 -72.20
N LYS DB 149 12.45 56.34 -72.64
CA LYS DB 149 13.43 55.34 -72.23
C LYS DB 149 13.75 55.47 -70.73
N GLN DB 150 13.85 56.69 -70.22
CA GLN DB 150 14.21 56.95 -68.83
C GLN DB 150 13.01 56.82 -67.87
N ASN DB 151 11.78 57.00 -68.39
CA ASN DB 151 10.58 56.70 -67.60
C ASN DB 151 10.35 55.20 -67.50
N ALA DB 152 10.64 54.46 -68.58
CA ALA DB 152 10.50 53.00 -68.58
C ALA DB 152 11.67 52.30 -67.89
N THR DB 153 12.90 52.83 -68.00
CA THR DB 153 14.04 52.32 -67.23
C THR DB 153 13.80 52.42 -65.72
N LYS DB 154 13.13 53.49 -65.28
CA LYS DB 154 12.88 53.72 -63.85
C LYS DB 154 11.78 52.81 -63.29
N ALA DB 155 10.66 52.68 -64.01
CA ALA DB 155 9.53 51.90 -63.53
C ALA DB 155 9.65 50.40 -63.81
N ARG DB 156 10.76 49.95 -64.42
CA ARG DB 156 11.01 48.54 -64.69
C ARG DB 156 10.01 47.97 -65.72
N ILE DB 157 9.78 48.72 -66.81
CA ILE DB 157 8.85 48.30 -67.87
C ILE DB 157 9.60 48.15 -69.19
N PRO DB 158 9.34 47.10 -69.99
CA PRO DB 158 9.98 47.00 -71.31
C PRO DB 158 9.55 48.16 -72.20
N PHE DB 159 10.45 48.57 -73.11
CA PHE DB 159 10.19 49.69 -74.00
C PHE DB 159 10.74 49.37 -75.39
N TYR DB 160 10.16 50.05 -76.39
CA TYR DB 160 10.59 49.96 -77.78
C TYR DB 160 10.61 51.37 -78.37
N GLY DB 161 11.46 51.56 -79.37
CA GLY DB 161 11.62 52.85 -80.01
C GLY DB 161 12.93 52.87 -80.78
N SER DB 162 13.22 54.02 -81.38
CA SER DB 162 14.44 54.15 -82.16
C SER DB 162 14.92 55.61 -82.12
N TYR DB 163 16.24 55.79 -82.09
CA TYR DB 163 16.85 57.09 -82.34
C TYR DB 163 16.92 57.38 -83.84
N THR DB 164 17.00 56.33 -84.67
CA THR DB 164 17.30 56.45 -86.10
C THR DB 164 16.07 56.39 -86.99
N GLU DB 165 15.03 55.64 -86.61
CA GLU DB 165 13.85 55.51 -87.44
C GLU DB 165 13.03 56.80 -87.41
N MET DB 166 12.71 57.31 -88.59
CA MET DB 166 11.97 58.56 -88.77
C MET DB 166 10.49 58.34 -89.10
N ASP DB 167 10.07 57.09 -89.38
CA ASP DB 167 8.68 56.79 -89.65
C ASP DB 167 8.03 56.22 -88.39
N PRO DB 168 7.01 56.88 -87.82
CA PRO DB 168 6.32 56.31 -86.64
C PRO DB 168 5.42 55.13 -86.98
N VAL DB 169 4.96 55.01 -88.23
CA VAL DB 169 4.26 53.81 -88.69
C VAL DB 169 5.20 52.60 -88.65
N ILE DB 170 6.51 52.83 -88.85
CA ILE DB 170 7.51 51.75 -88.82
C ILE DB 170 7.96 51.42 -87.39
N ILE DB 171 8.04 52.42 -86.49
CA ILE DB 171 8.37 52.14 -85.09
C ILE DB 171 7.22 51.42 -84.38
N ALA DB 172 5.97 51.80 -84.70
CA ALA DB 172 4.80 51.24 -84.02
C ALA DB 172 4.41 49.86 -84.55
N SER DB 173 4.61 49.60 -85.85
CA SER DB 173 4.32 48.28 -86.41
C SER DB 173 5.37 47.25 -85.97
N GLU DB 174 6.66 47.62 -86.06
CA GLU DB 174 7.77 46.74 -85.69
C GLU DB 174 7.97 46.60 -84.18
N GLY DB 175 7.25 47.40 -83.38
CA GLY DB 175 7.26 47.28 -81.94
C GLY DB 175 6.12 46.45 -81.37
N VAL DB 176 4.89 46.66 -81.88
CA VAL DB 176 3.74 45.82 -81.53
C VAL DB 176 3.95 44.40 -82.07
N GLU DB 177 4.64 44.27 -83.23
CA GLU DB 177 5.01 42.94 -83.74
C GLU DB 177 6.02 42.23 -82.86
N LYS DB 178 6.95 42.99 -82.26
CA LYS DB 178 7.95 42.37 -81.39
C LYS DB 178 7.35 41.96 -80.04
N PHE DB 179 6.50 42.82 -79.45
CA PHE DB 179 5.84 42.54 -78.18
C PHE DB 179 4.62 41.63 -78.32
N LYS DB 180 4.14 41.40 -79.55
CA LYS DB 180 3.15 40.35 -79.79
C LYS DB 180 3.80 38.97 -79.74
N ASN DB 181 4.94 38.81 -80.44
CA ASN DB 181 5.70 37.56 -80.45
C ASN DB 181 6.38 37.28 -79.12
N GLU DB 182 6.32 38.22 -78.17
CA GLU DB 182 6.74 38.01 -76.80
C GLU DB 182 5.56 37.91 -75.84
N ASN DB 183 4.32 38.02 -76.36
CA ASN DB 183 3.09 37.72 -75.63
C ASN DB 183 2.84 38.69 -74.47
N PHE DB 184 2.93 39.99 -74.77
CA PHE DB 184 2.53 41.02 -73.82
C PHE DB 184 1.03 41.28 -73.92
N GLU DB 185 0.43 41.62 -72.78
CA GLU DB 185 -1.00 41.86 -72.69
C GLU DB 185 -1.40 43.33 -72.79
N ILE DB 186 -0.53 44.25 -72.36
CA ILE DB 186 -0.78 45.69 -72.45
C ILE DB 186 0.37 46.32 -73.25
N ILE DB 187 0.10 46.70 -74.50
CA ILE DB 187 1.09 47.36 -75.36
C ILE DB 187 0.61 48.80 -75.57
N ILE DB 188 1.31 49.76 -74.96
CA ILE DB 188 0.93 51.17 -75.02
C ILE DB 188 1.88 51.89 -75.98
N VAL DB 189 1.32 52.41 -77.08
CA VAL DB 189 2.08 53.11 -78.11
C VAL DB 189 1.97 54.61 -77.85
N ASP DB 190 3.13 55.27 -77.70
CA ASP DB 190 3.20 56.72 -77.54
C ASP DB 190 3.41 57.38 -78.89
N THR DB 191 2.63 58.43 -79.16
CA THR DB 191 2.70 59.19 -80.39
C THR DB 191 3.09 60.64 -80.09
N SER DB 192 3.44 61.38 -81.14
CA SER DB 192 3.84 62.77 -81.04
C SER DB 192 2.61 63.66 -80.84
N GLY DB 193 2.87 64.90 -80.43
CA GLY DB 193 1.81 65.89 -80.31
C GLY DB 193 1.46 66.50 -81.65
N ARG DB 194 0.15 66.66 -81.88
CA ARG DB 194 -0.38 67.15 -83.14
C ARG DB 194 -1.60 68.03 -82.89
N HIS DB 195 -1.81 69.00 -83.77
CA HIS DB 195 -2.98 69.85 -83.77
C HIS DB 195 -3.70 69.68 -85.11
N LYS DB 196 -4.97 70.13 -85.15
CA LYS DB 196 -5.87 69.84 -86.27
C LYS DB 196 -5.51 70.61 -87.54
N GLN DB 197 -5.00 71.85 -87.41
CA GLN DB 197 -4.61 72.68 -88.56
C GLN DB 197 -3.42 72.10 -89.31
N GLU DB 198 -2.66 71.18 -88.70
CA GLU DB 198 -1.65 70.39 -89.39
C GLU DB 198 -2.33 69.12 -89.91
N ASP DB 199 -2.69 69.12 -91.19
CA ASP DB 199 -3.27 67.94 -91.84
C ASP DB 199 -2.22 66.86 -92.10
N SER DB 200 -0.93 67.23 -92.08
CA SER DB 200 0.16 66.27 -92.32
C SER DB 200 0.36 65.34 -91.11
N LEU DB 201 0.26 65.88 -89.89
CA LEU DB 201 0.34 65.09 -88.66
C LEU DB 201 -0.98 64.38 -88.33
N PHE DB 202 -2.11 64.86 -88.85
CA PHE DB 202 -3.39 64.18 -88.67
C PHE DB 202 -3.55 62.99 -89.60
N GLU DB 203 -2.92 63.04 -90.79
CA GLU DB 203 -2.87 61.88 -91.66
C GLU DB 203 -1.90 60.82 -91.14
N GLU DB 204 -0.74 61.27 -90.64
CA GLU DB 204 0.24 60.34 -90.06
C GLU DB 204 -0.30 59.65 -88.81
N MET DB 205 -1.14 60.33 -88.02
CA MET DB 205 -1.78 59.71 -86.87
C MET DB 205 -2.78 58.64 -87.31
N LEU DB 206 -3.55 58.91 -88.37
CA LEU DB 206 -4.48 57.95 -88.91
C LEU DB 206 -3.76 56.73 -89.50
N GLN DB 207 -2.55 56.90 -90.03
CA GLN DB 207 -1.77 55.80 -90.61
C GLN DB 207 -1.03 54.99 -89.55
N VAL DB 208 -0.65 55.61 -88.43
CA VAL DB 208 -0.13 54.87 -87.28
C VAL DB 208 -1.25 54.05 -86.63
N ALA DB 209 -2.48 54.59 -86.59
CA ALA DB 209 -3.61 53.84 -86.03
C ALA DB 209 -4.05 52.69 -86.94
N ASN DB 210 -3.91 52.85 -88.26
CA ASN DB 210 -4.24 51.79 -89.21
C ASN DB 210 -3.16 50.70 -89.30
N ALA DB 211 -1.91 51.00 -88.94
CA ALA DB 211 -0.83 50.02 -89.01
C ALA DB 211 -0.88 49.05 -87.83
N ILE DB 212 -1.04 49.58 -86.61
CA ILE DB 212 -1.06 48.77 -85.39
C ILE DB 212 -2.47 48.35 -84.96
N GLN DB 213 -3.51 49.03 -85.45
CA GLN DB 213 -4.91 48.73 -85.16
C GLN DB 213 -5.15 48.63 -83.65
N PRO DB 214 -5.18 49.77 -82.94
CA PRO DB 214 -5.26 49.72 -81.48
C PRO DB 214 -6.65 49.40 -80.95
N ASP DB 215 -6.68 48.56 -79.91
CA ASP DB 215 -7.94 48.19 -79.26
C ASP DB 215 -8.62 49.38 -78.61
N ASN DB 216 -7.83 50.36 -78.15
CA ASN DB 216 -8.34 51.58 -77.53
C ASN DB 216 -7.42 52.74 -77.87
N ILE DB 217 -8.02 53.90 -78.15
CA ILE DB 217 -7.29 55.14 -78.39
C ILE DB 217 -7.65 56.13 -77.28
N VAL DB 218 -6.64 56.62 -76.58
CA VAL DB 218 -6.80 57.51 -75.42
C VAL DB 218 -6.46 58.93 -75.84
N TYR DB 219 -7.36 59.88 -75.55
CA TYR DB 219 -7.15 61.30 -75.81
C TYR DB 219 -6.74 61.96 -74.49
N VAL DB 220 -5.43 62.19 -74.33
CA VAL DB 220 -4.88 62.87 -73.15
C VAL DB 220 -4.95 64.36 -73.38
N MET DB 221 -5.61 65.08 -72.47
CA MET DB 221 -5.75 66.53 -72.55
C MET DB 221 -5.24 67.18 -71.27
N ASP DB 222 -4.63 68.35 -71.42
CA ASP DB 222 -4.25 69.16 -70.27
C ASP DB 222 -5.50 69.72 -69.59
N ALA DB 223 -5.45 69.84 -68.27
CA ALA DB 223 -6.58 70.34 -67.49
C ALA DB 223 -6.67 71.87 -67.44
N SER DB 224 -5.66 72.59 -67.96
CA SER DB 224 -5.68 74.05 -68.02
C SER DB 224 -6.12 74.59 -69.39
N ILE DB 225 -6.66 73.72 -70.28
CA ILE DB 225 -7.05 74.13 -71.62
C ILE DB 225 -8.32 74.97 -71.56
N GLY DB 226 -8.42 75.97 -72.44
CA GLY DB 226 -9.52 76.92 -72.40
C GLY DB 226 -10.68 76.55 -73.32
N GLN DB 227 -11.03 77.47 -74.21
CA GLN DB 227 -12.15 77.33 -75.13
C GLN DB 227 -11.78 76.60 -76.41
N ALA DB 228 -10.47 76.53 -76.76
CA ALA DB 228 -9.92 75.83 -77.94
C ALA DB 228 -10.01 74.27 -77.83
N CYS DB 229 -10.64 73.77 -76.76
CA CYS DB 229 -10.64 72.33 -76.47
C CYS DB 229 -11.65 71.58 -77.34
N GLU DB 230 -12.86 72.12 -77.49
CA GLU DB 230 -13.91 71.36 -78.18
C GLU DB 230 -13.61 71.19 -79.67
N ALA DB 231 -12.84 72.12 -80.26
CA ALA DB 231 -12.53 72.06 -81.69
C ALA DB 231 -11.42 71.06 -82.00
N GLN DB 232 -10.36 71.04 -81.19
CA GLN DB 232 -9.30 70.05 -81.36
C GLN DB 232 -9.79 68.65 -80.98
N ALA DB 233 -10.49 68.54 -79.84
CA ALA DB 233 -11.00 67.24 -79.39
C ALA DB 233 -12.00 66.63 -80.37
N LYS DB 234 -12.74 67.47 -81.09
CA LYS DB 234 -13.67 66.96 -82.09
C LYS DB 234 -12.94 66.52 -83.37
N ALA DB 235 -11.91 67.27 -83.79
CA ALA DB 235 -11.14 66.90 -84.98
C ALA DB 235 -10.26 65.67 -84.76
N PHE DB 236 -9.93 65.37 -83.49
CA PHE DB 236 -9.27 64.10 -83.17
C PHE DB 236 -10.24 62.93 -83.27
N LYS DB 237 -11.49 63.12 -82.82
CA LYS DB 237 -12.51 62.07 -82.93
C LYS DB 237 -12.89 61.80 -84.39
N ASP DB 238 -12.74 62.79 -85.26
CA ASP DB 238 -13.14 62.65 -86.67
C ASP DB 238 -12.09 61.90 -87.48
N LYS DB 239 -10.81 62.27 -87.34
CA LYS DB 239 -9.73 61.58 -88.07
C LYS DB 239 -9.49 60.17 -87.51
N VAL DB 240 -9.44 60.03 -86.18
CA VAL DB 240 -9.13 58.78 -85.52
C VAL DB 240 -10.25 58.47 -84.53
N ASP DB 241 -10.41 57.18 -84.22
CA ASP DB 241 -11.50 56.72 -83.34
C ASP DB 241 -11.00 56.78 -81.89
N VAL DB 242 -11.35 57.88 -81.20
CA VAL DB 242 -11.04 58.06 -79.77
C VAL DB 242 -12.13 57.40 -78.94
N ALA DB 243 -11.73 56.56 -77.96
CA ALA DB 243 -12.66 55.81 -77.12
C ALA DB 243 -12.49 56.05 -75.62
N SER DB 244 -11.38 56.67 -75.19
CA SER DB 244 -11.18 57.04 -73.78
C SER DB 244 -10.43 58.36 -73.71
N VAL DB 245 -10.67 59.11 -72.62
CA VAL DB 245 -10.06 60.43 -72.41
C VAL DB 245 -9.38 60.43 -71.04
N ILE DB 246 -8.17 61.01 -70.97
CA ILE DB 246 -7.41 61.15 -69.73
C ILE DB 246 -7.10 62.63 -69.53
N VAL DB 247 -7.29 63.13 -68.31
CA VAL DB 247 -7.12 64.55 -67.98
C VAL DB 247 -5.94 64.68 -67.02
N THR DB 248 -4.81 65.22 -67.51
CA THR DB 248 -3.58 65.38 -66.75
C THR DB 248 -3.48 66.80 -66.18
N LYS DB 249 -2.47 67.01 -65.33
CA LYS DB 249 -2.16 68.33 -64.74
C LYS DB 249 -3.32 68.87 -63.91
N LEU DB 250 -4.02 67.96 -63.24
CA LEU DB 250 -5.14 68.26 -62.35
C LEU DB 250 -4.71 68.42 -60.90
N ASP DB 251 -3.42 68.27 -60.59
CA ASP DB 251 -2.88 68.44 -59.25
C ASP DB 251 -2.72 69.90 -58.84
N GLY DB 252 -2.94 70.84 -59.75
CA GLY DB 252 -2.75 72.24 -59.44
C GLY DB 252 -4.04 73.03 -59.26
N HIS DB 253 -4.05 74.23 -59.82
CA HIS DB 253 -5.18 75.14 -59.71
C HIS DB 253 -6.27 74.85 -60.73
N ALA DB 254 -5.95 74.21 -61.84
CA ALA DB 254 -6.92 73.95 -62.89
C ALA DB 254 -7.94 72.91 -62.43
N LYS DB 255 -9.24 73.26 -62.55
CA LYS DB 255 -10.32 72.36 -62.18
C LYS DB 255 -10.64 71.35 -63.28
N GLY DB 256 -10.29 71.66 -64.52
CA GLY DB 256 -10.46 70.77 -65.65
C GLY DB 256 -11.82 70.85 -66.32
N GLY DB 257 -12.38 72.06 -66.46
CA GLY DB 257 -13.68 72.21 -67.09
C GLY DB 257 -13.67 71.99 -68.59
N GLY DB 258 -12.49 72.03 -69.21
CA GLY DB 258 -12.33 71.67 -70.61
C GLY DB 258 -12.63 70.20 -70.92
N ALA DB 259 -12.75 69.34 -69.89
CA ALA DB 259 -13.03 67.92 -70.10
C ALA DB 259 -14.49 67.66 -70.48
N LEU DB 260 -15.41 68.56 -70.13
CA LEU DB 260 -16.79 68.43 -70.56
C LEU DB 260 -16.92 68.53 -72.08
N SER DB 261 -16.03 69.30 -72.71
CA SER DB 261 -16.02 69.56 -74.15
C SER DB 261 -15.25 68.49 -74.95
N ALA DB 262 -14.38 67.71 -74.29
CA ALA DB 262 -13.74 66.55 -74.92
C ALA DB 262 -14.51 65.24 -74.68
N VAL DB 263 -15.41 65.19 -73.68
CA VAL DB 263 -16.34 64.08 -73.52
C VAL DB 263 -17.51 64.21 -74.50
N ALA DB 264 -17.97 65.44 -74.74
CA ALA DB 264 -19.03 65.68 -75.71
C ALA DB 264 -18.53 65.55 -77.15
N ALA DB 265 -17.26 65.86 -77.41
CA ALA DB 265 -16.67 65.81 -78.75
C ALA DB 265 -16.17 64.42 -79.14
N THR DB 266 -15.50 63.71 -78.22
CA THR DB 266 -14.99 62.36 -78.49
C THR DB 266 -15.97 61.25 -78.11
N LYS DB 267 -17.10 61.59 -77.46
CA LYS DB 267 -18.13 60.65 -77.00
C LYS DB 267 -17.60 59.63 -75.99
N SER DB 268 -16.43 59.90 -75.40
CA SER DB 268 -15.64 58.97 -74.60
C SER DB 268 -15.60 59.41 -73.14
N PRO DB 269 -15.67 58.46 -72.20
CA PRO DB 269 -15.58 58.82 -70.78
C PRO DB 269 -14.13 59.04 -70.36
N ILE DB 270 -13.97 59.68 -69.19
CA ILE DB 270 -12.66 59.85 -68.57
C ILE DB 270 -12.43 58.65 -67.65
N ILE DB 271 -11.27 57.99 -67.84
CA ILE DB 271 -10.95 56.71 -67.20
C ILE DB 271 -9.91 56.94 -66.12
N PHE DB 272 -9.01 57.90 -66.36
CA PHE DB 272 -7.93 58.23 -65.44
C PHE DB 272 -7.70 59.74 -65.43
N ILE DB 273 -7.05 60.20 -64.37
CA ILE DB 273 -6.59 61.58 -64.24
C ILE DB 273 -5.12 61.55 -63.81
N GLY DB 274 -4.38 62.59 -64.20
CA GLY DB 274 -3.00 62.77 -63.77
C GLY DB 274 -2.94 63.87 -62.73
N THR DB 275 -2.19 63.60 -61.65
CA THR DB 275 -2.12 64.45 -60.47
C THR DB 275 -0.66 64.67 -60.03
N GLY DB 276 0.21 64.95 -60.99
CA GLY DB 276 1.61 65.24 -60.68
C GLY DB 276 2.59 64.69 -61.70
N GLU DB 277 3.86 65.05 -61.57
CA GLU DB 277 4.86 64.73 -62.59
C GLU DB 277 5.45 63.32 -62.44
N HIS DB 278 5.27 62.69 -61.28
CA HIS DB 278 5.85 61.38 -61.02
C HIS DB 278 4.99 60.27 -61.63
N ILE DB 279 5.51 59.03 -61.57
CA ILE DB 279 4.86 57.92 -62.26
C ILE DB 279 3.65 57.40 -61.49
N ASP DB 280 3.62 57.61 -60.17
CA ASP DB 280 2.54 57.16 -59.29
C ASP DB 280 1.52 58.25 -58.99
N ASP DB 281 1.60 59.38 -59.69
CA ASP DB 281 0.64 60.47 -59.57
C ASP DB 281 -0.43 60.28 -60.64
N PHE DB 282 -1.28 59.27 -60.40
CA PHE DB 282 -2.13 58.69 -61.43
C PHE DB 282 -3.20 57.85 -60.74
N GLU DB 283 -4.46 58.07 -61.10
CA GLU DB 283 -5.55 57.39 -60.41
C GLU DB 283 -6.78 57.40 -61.30
N PRO DB 284 -7.70 56.45 -61.13
CA PRO DB 284 -8.89 56.40 -61.98
C PRO DB 284 -9.84 57.57 -61.74
N PHE DB 285 -10.57 57.92 -62.80
CA PHE DB 285 -11.53 59.02 -62.74
C PHE DB 285 -12.79 58.62 -61.98
N LYS DB 286 -13.13 59.42 -60.97
CA LYS DB 286 -14.38 59.31 -60.25
C LYS DB 286 -15.17 60.59 -60.48
N THR DB 287 -16.45 60.44 -60.88
CA THR DB 287 -17.21 61.59 -61.37
C THR DB 287 -17.63 62.54 -60.25
N GLN DB 288 -17.91 62.02 -59.04
CA GLN DB 288 -18.43 62.84 -57.95
C GLN DB 288 -17.40 63.80 -57.34
N PRO DB 289 -16.15 63.39 -57.08
CA PRO DB 289 -15.16 64.37 -56.57
C PRO DB 289 -14.67 65.37 -57.61
N PHE DB 290 -14.78 65.04 -58.91
CA PHE DB 290 -14.38 65.98 -59.97
C PHE DB 290 -15.46 67.02 -60.25
N ILE DB 291 -16.74 66.68 -60.03
CA ILE DB 291 -17.84 67.62 -60.17
C ILE DB 291 -17.96 68.52 -58.92
N SER DB 292 -17.57 68.00 -57.74
CA SER DB 292 -17.57 68.82 -56.52
C SER DB 292 -16.45 69.86 -56.54
N LYS DB 293 -15.28 69.50 -57.09
CA LYS DB 293 -14.19 70.46 -57.30
C LYS DB 293 -14.52 71.44 -58.40
N LEU DB 294 -15.06 70.95 -59.53
CA LEU DB 294 -15.45 71.80 -60.65
C LEU DB 294 -16.51 72.81 -60.25
N LEU DB 295 -17.36 72.46 -59.26
CA LEU DB 295 -18.40 73.34 -58.74
C LEU DB 295 -17.94 74.17 -57.55
N GLY DB 296 -17.13 73.57 -56.67
CA GLY DB 296 -16.65 74.27 -55.49
C GLY DB 296 -17.21 73.76 -54.17
N GLN DB 326 -41.30 33.12 -41.78
CA GLN DB 326 -41.34 33.99 -40.61
C GLN DB 326 -42.59 34.86 -40.61
N PHE DB 327 -43.36 34.77 -39.52
CA PHE DB 327 -44.60 35.50 -39.38
C PHE DB 327 -44.53 36.40 -38.15
N THR DB 328 -44.85 37.67 -38.36
CA THR DB 328 -44.73 38.71 -37.35
C THR DB 328 -46.11 39.35 -37.12
N LEU DB 329 -46.15 40.35 -36.23
CA LEU DB 329 -47.35 41.16 -36.00
C LEU DB 329 -47.61 42.12 -37.15
N ARG DB 330 -46.58 42.39 -37.97
CA ARG DB 330 -46.71 43.17 -39.18
C ARG DB 330 -47.25 42.35 -40.35
N ASP DB 331 -46.87 41.06 -40.44
CA ASP DB 331 -47.43 40.17 -41.44
C ASP DB 331 -48.83 39.69 -41.04
N MET DB 332 -49.05 39.41 -39.74
CA MET DB 332 -50.40 39.23 -39.22
C MET DB 332 -51.28 40.42 -39.55
N TYR DB 333 -50.66 41.61 -39.65
CA TYR DB 333 -51.39 42.83 -39.94
C TYR DB 333 -51.83 42.91 -41.41
N GLU DB 334 -50.88 42.73 -42.33
CA GLU DB 334 -51.16 42.90 -43.76
C GLU DB 334 -52.03 41.78 -44.33
N GLN DB 335 -51.90 40.55 -43.80
CA GLN DB 335 -52.83 39.48 -44.17
C GLN DB 335 -54.25 39.82 -43.72
N PHE DB 336 -54.40 40.41 -42.52
CA PHE DB 336 -55.67 40.97 -42.08
C PHE DB 336 -56.15 42.07 -43.03
N GLN DB 337 -55.29 43.06 -43.30
CA GLN DB 337 -55.67 44.22 -44.08
C GLN DB 337 -56.26 43.83 -45.45
N ASN DB 338 -55.70 42.77 -46.07
CA ASN DB 338 -56.22 42.23 -47.34
C ASN DB 338 -57.47 41.36 -47.16
N ILE DB 339 -57.70 40.84 -45.94
CA ILE DB 339 -58.91 40.07 -45.61
C ILE DB 339 -60.05 40.99 -45.17
N MET DB 340 -59.78 42.28 -44.91
CA MET DB 340 -60.84 43.30 -44.79
C MET DB 340 -61.00 44.16 -46.05
N LYS DB 341 -59.94 44.28 -46.88
CA LYS DB 341 -60.13 44.76 -48.25
C LYS DB 341 -61.01 43.78 -49.04
N MET DB 342 -60.65 42.50 -48.99
CA MET DB 342 -61.54 41.37 -49.31
C MET DB 342 -62.38 40.93 -48.10
N GLY DB 343 -62.96 41.91 -47.40
CA GLY DB 343 -63.77 41.70 -46.22
C GLY DB 343 -65.27 41.93 -46.42
N PRO DB 344 -65.69 42.95 -47.26
CA PRO DB 344 -67.09 42.93 -47.75
C PRO DB 344 -67.35 41.76 -48.71
N PHE DB 345 -66.29 41.03 -49.01
CA PHE DB 345 -66.28 39.86 -49.88
C PHE DB 345 -66.36 38.56 -49.08
N SER DB 346 -66.70 38.63 -47.78
CA SER DB 346 -66.80 37.42 -46.95
C SER DB 346 -67.98 36.55 -47.37
N GLN DB 347 -69.02 37.14 -47.96
CA GLN DB 347 -70.17 36.37 -48.43
C GLN DB 347 -69.82 35.53 -49.67
N ILE DB 348 -68.82 35.97 -50.45
CA ILE DB 348 -68.28 35.18 -51.57
C ILE DB 348 -67.48 33.98 -51.04
N LEU DB 349 -66.93 34.08 -49.82
CA LEU DB 349 -66.13 33.03 -49.20
C LEU DB 349 -66.97 31.99 -48.47
N GLY DB 350 -68.27 32.25 -48.26
CA GLY DB 350 -69.23 31.24 -47.84
C GLY DB 350 -70.02 30.62 -48.98
N MET DB 351 -69.62 30.86 -50.24
CA MET DB 351 -70.36 30.35 -51.39
C MET DB 351 -70.19 28.84 -51.56
N ILE DB 352 -68.94 28.36 -51.50
CA ILE DB 352 -68.51 27.03 -51.97
C ILE DB 352 -69.48 25.94 -51.49
N PRO DB 353 -69.91 25.04 -52.39
CA PRO DB 353 -70.88 24.00 -51.99
C PRO DB 353 -70.21 22.91 -51.17
N GLY DB 354 -70.82 22.58 -50.03
CA GLY DB 354 -70.26 21.63 -49.08
C GLY DB 354 -69.23 22.21 -48.12
N PHE DB 355 -68.80 23.46 -48.31
CA PHE DB 355 -67.75 24.09 -47.53
C PHE DB 355 -68.27 25.03 -46.45
N GLY DB 356 -69.52 25.50 -46.55
CA GLY DB 356 -70.04 26.45 -45.59
C GLY DB 356 -70.30 25.86 -44.22
N THR DB 357 -69.23 25.49 -43.50
CA THR DB 357 -69.35 24.97 -42.14
C THR DB 357 -70.12 25.93 -41.25
N ASP DB 358 -69.77 27.22 -41.30
CA ASP DB 358 -70.49 28.27 -40.60
C ASP DB 358 -70.34 29.56 -41.41
N PHE DB 359 -71.00 30.62 -40.95
CA PHE DB 359 -70.84 31.95 -41.56
C PHE DB 359 -71.12 33.00 -40.50
N MET DB 360 -70.13 33.88 -40.27
CA MET DB 360 -70.19 34.96 -39.28
C MET DB 360 -70.65 34.44 -37.92
N SER DB 361 -69.91 33.46 -37.42
CA SER DB 361 -70.23 32.82 -36.15
C SER DB 361 -70.05 33.80 -35.00
N LYS DB 362 -71.06 33.87 -34.11
CA LYS DB 362 -71.11 34.74 -32.93
C LYS DB 362 -71.13 36.23 -33.29
N GLY DB 363 -71.35 36.58 -34.56
CA GLY DB 363 -71.28 37.95 -35.01
C GLY DB 363 -69.89 38.57 -34.98
N ASN DB 364 -68.86 37.84 -34.56
CA ASN DB 364 -67.47 38.30 -34.43
C ASN DB 364 -66.77 38.49 -35.80
N GLU DB 365 -67.42 38.10 -36.91
CA GLU DB 365 -66.91 38.44 -38.24
C GLU DB 365 -67.14 39.91 -38.60
N GLN DB 366 -68.03 40.61 -37.88
CA GLN DB 366 -68.33 42.01 -38.17
C GLN DB 366 -67.25 42.96 -37.60
N GLU DB 367 -66.68 42.63 -36.41
CA GLU DB 367 -65.58 43.41 -35.83
C GLU DB 367 -64.20 43.01 -36.35
N SER DB 368 -64.06 41.81 -36.93
CA SER DB 368 -62.87 41.50 -37.74
C SER DB 368 -62.80 42.37 -38.99
N MET DB 369 -63.94 42.93 -39.43
CA MET DB 369 -64.06 43.97 -40.44
C MET DB 369 -64.20 45.38 -39.82
N ALA DB 370 -63.79 45.54 -38.54
CA ALA DB 370 -63.71 46.83 -37.84
C ALA DB 370 -62.41 47.06 -37.05
N ARG DB 371 -61.63 46.01 -36.73
CA ARG DB 371 -60.40 46.17 -35.93
C ARG DB 371 -59.21 46.72 -36.70
N LEU DB 372 -59.27 46.68 -38.03
CA LEU DB 372 -58.09 46.93 -38.86
C LEU DB 372 -57.83 48.41 -39.15
N LYS DB 373 -58.83 49.27 -39.01
CA LYS DB 373 -58.57 50.71 -39.02
C LYS DB 373 -58.08 51.22 -37.66
N LYS DB 374 -58.48 50.55 -36.56
CA LYS DB 374 -57.96 50.88 -35.23
C LYS DB 374 -56.53 50.37 -35.07
N LEU DB 375 -56.24 49.22 -35.66
CA LEU DB 375 -54.89 48.71 -35.82
C LEU DB 375 -54.08 49.52 -36.84
N MET DB 376 -54.74 50.29 -37.71
CA MET DB 376 -54.07 51.19 -38.66
C MET DB 376 -53.64 52.51 -38.03
N THR DB 377 -54.40 53.00 -37.03
CA THR DB 377 -53.93 54.13 -36.24
C THR DB 377 -52.64 53.79 -35.48
N ILE DB 378 -52.40 52.49 -35.21
CA ILE DB 378 -51.12 52.02 -34.67
C ILE DB 378 -50.03 52.07 -35.74
N MET DB 379 -50.37 51.68 -36.99
CA MET DB 379 -49.42 51.78 -38.10
C MET DB 379 -49.25 53.24 -38.56
N ASP DB 380 -50.34 54.02 -38.61
CA ASP DB 380 -50.26 55.47 -38.78
C ASP DB 380 -49.32 56.09 -37.75
N SER DB 381 -49.42 55.63 -36.49
CA SER DB 381 -48.56 56.05 -35.39
C SER DB 381 -47.15 55.46 -35.46
N MET DB 382 -46.88 54.50 -36.35
CA MET DB 382 -45.54 53.94 -36.50
C MET DB 382 -44.72 54.71 -37.53
N ASN DB 383 -43.40 54.73 -37.31
CA ASN DB 383 -42.44 55.32 -38.22
C ASN DB 383 -41.91 54.23 -39.17
N ASP DB 384 -40.92 54.57 -40.02
CA ASP DB 384 -40.44 53.68 -41.07
C ASP DB 384 -39.52 52.57 -40.56
N GLN DB 385 -38.96 52.69 -39.35
CA GLN DB 385 -38.13 51.62 -38.78
C GLN DB 385 -38.98 50.47 -38.22
N GLU DB 386 -40.11 50.78 -37.59
CA GLU DB 386 -41.04 49.77 -37.12
C GLU DB 386 -41.86 49.16 -38.27
N LEU DB 387 -42.24 50.00 -39.25
CA LEU DB 387 -43.08 49.60 -40.39
C LEU DB 387 -42.34 48.79 -41.46
N ASP DB 388 -41.04 49.05 -41.66
CA ASP DB 388 -40.19 48.31 -42.60
C ASP DB 388 -39.29 47.29 -41.89
N SER DB 389 -39.61 46.93 -40.65
CA SER DB 389 -38.87 45.91 -39.92
C SER DB 389 -39.30 44.51 -40.37
N THR DB 390 -38.31 43.60 -40.43
CA THR DB 390 -38.59 42.19 -40.75
C THR DB 390 -39.58 41.58 -39.75
N ASP DB 391 -39.34 41.81 -38.45
CA ASP DB 391 -40.28 41.51 -37.37
C ASP DB 391 -40.77 42.85 -36.82
N GLY DB 392 -41.99 43.24 -37.23
CA GLY DB 392 -42.65 44.41 -36.67
C GLY DB 392 -43.01 44.29 -35.20
N ALA DB 393 -43.13 43.05 -34.69
CA ALA DB 393 -43.44 42.73 -33.29
C ALA DB 393 -42.22 42.66 -32.37
N LYS DB 394 -41.01 42.52 -32.93
CA LYS DB 394 -39.79 42.47 -32.11
C LYS DB 394 -39.25 43.87 -31.79
N VAL DB 395 -39.55 44.89 -32.61
CA VAL DB 395 -39.13 46.27 -32.35
C VAL DB 395 -39.83 46.83 -31.09
N PHE DB 396 -41.08 46.41 -30.84
CA PHE DB 396 -41.91 46.88 -29.71
C PHE DB 396 -41.84 45.96 -28.48
N SER DB 397 -41.44 44.70 -28.65
CA SER DB 397 -41.26 43.81 -27.51
C SER DB 397 -39.97 44.15 -26.75
N LYS DB 398 -38.92 44.57 -27.49
CA LYS DB 398 -37.67 45.01 -26.85
C LYS DB 398 -37.84 46.37 -26.17
N GLN DB 399 -38.53 47.31 -26.82
CA GLN DB 399 -38.86 48.63 -26.26
C GLN DB 399 -40.37 48.76 -26.14
N PRO DB 400 -40.96 48.28 -25.04
CA PRO DB 400 -42.39 48.57 -24.79
C PRO DB 400 -42.68 50.05 -24.51
N GLY DB 401 -41.67 50.94 -24.61
CA GLY DB 401 -41.82 52.39 -24.63
C GLY DB 401 -42.37 52.96 -25.92
N ARG DB 402 -42.30 52.17 -27.01
CA ARG DB 402 -43.02 52.45 -28.25
C ARG DB 402 -44.50 52.07 -28.19
N ILE DB 403 -44.91 51.21 -27.24
CA ILE DB 403 -46.31 50.83 -27.06
C ILE DB 403 -47.12 51.94 -26.37
N GLN DB 404 -46.47 52.94 -25.76
CA GLN DB 404 -47.13 54.09 -25.16
C GLN DB 404 -47.37 55.25 -26.14
N ARG DB 405 -46.41 55.56 -27.04
CA ARG DB 405 -46.61 56.62 -28.04
C ARG DB 405 -47.62 56.20 -29.12
N VAL DB 406 -47.56 54.95 -29.57
CA VAL DB 406 -48.57 54.40 -30.47
C VAL DB 406 -49.97 54.53 -29.85
N ALA DB 407 -50.07 54.45 -28.52
CA ALA DB 407 -51.34 54.59 -27.80
C ALA DB 407 -51.80 56.04 -27.64
N ARG DB 408 -50.86 57.00 -27.61
CA ARG DB 408 -51.21 58.39 -27.30
C ARG DB 408 -51.95 59.08 -28.45
N GLY DB 409 -51.26 59.30 -29.57
CA GLY DB 409 -51.81 60.06 -30.69
C GLY DB 409 -52.77 59.29 -31.59
N SER DB 410 -52.86 57.97 -31.44
CA SER DB 410 -53.81 57.15 -32.21
C SER DB 410 -55.08 56.80 -31.42
N GLY DB 411 -55.17 57.18 -30.14
CA GLY DB 411 -56.38 57.01 -29.35
C GLY DB 411 -56.68 55.60 -28.87
N VAL DB 412 -55.96 54.58 -29.35
CA VAL DB 412 -56.04 53.22 -28.77
C VAL DB 412 -55.24 53.21 -27.47
N SER DB 413 -55.59 52.31 -26.55
CA SER DB 413 -54.86 52.18 -25.29
C SER DB 413 -53.75 51.11 -25.42
N THR DB 414 -52.93 51.00 -24.37
CA THR DB 414 -51.93 49.93 -24.25
C THR DB 414 -52.55 48.61 -23.81
N ARG DB 415 -53.77 48.65 -23.24
CA ARG DB 415 -54.49 47.44 -22.84
C ARG DB 415 -55.07 46.68 -24.04
N ASP DB 416 -55.60 47.40 -25.04
CA ASP DB 416 -56.21 46.75 -26.21
C ASP DB 416 -55.25 45.80 -26.92
N VAL DB 417 -53.94 46.06 -26.83
CA VAL DB 417 -52.93 45.25 -27.51
C VAL DB 417 -52.73 43.89 -26.82
N GLN DB 418 -52.94 43.80 -25.49
CA GLN DB 418 -52.77 42.52 -24.79
C GLN DB 418 -53.70 41.45 -25.35
N GLU DB 419 -54.97 41.80 -25.58
CA GLU DB 419 -55.89 40.90 -26.29
C GLU DB 419 -55.46 40.72 -27.74
N LEU DB 420 -54.90 41.77 -28.36
CA LEU DB 420 -54.37 41.69 -29.72
C LEU DB 420 -53.08 40.88 -29.76
N LEU DB 421 -52.25 40.97 -28.71
CA LEU DB 421 -50.99 40.21 -28.65
C LEU DB 421 -51.25 38.72 -28.53
N THR DB 422 -52.31 38.34 -27.81
CA THR DB 422 -52.74 36.94 -27.77
C THR DB 422 -53.29 36.51 -29.14
N GLN DB 423 -54.17 37.32 -29.73
CA GLN DB 423 -54.63 37.06 -31.09
C GLN DB 423 -53.48 37.04 -32.08
N TYR DB 424 -52.45 37.87 -31.83
CA TYR DB 424 -51.25 37.84 -32.66
C TYR DB 424 -50.51 36.51 -32.50
N THR DB 425 -50.27 36.10 -31.26
CA THR DB 425 -49.46 34.90 -31.01
C THR DB 425 -50.11 33.66 -31.63
N LYS DB 426 -51.45 33.60 -31.65
CA LYS DB 426 -52.14 32.47 -32.27
C LYS DB 426 -52.06 32.54 -33.80
N PHE DB 427 -52.14 33.77 -34.36
CA PHE DB 427 -52.02 33.96 -35.81
C PHE DB 427 -50.59 33.68 -36.27
N ALA DB 428 -49.58 34.13 -35.50
CA ALA DB 428 -48.18 33.87 -35.84
C ALA DB 428 -47.80 32.39 -35.73
N GLN DB 429 -48.55 31.61 -34.93
CA GLN DB 429 -48.32 30.16 -34.84
C GLN DB 429 -48.80 29.43 -36.08
N MET DB 430 -50.01 29.77 -36.55
CA MET DB 430 -50.63 29.04 -37.65
C MET DB 430 -50.09 29.41 -39.02
N VAL DB 431 -49.14 30.35 -39.12
CA VAL DB 431 -48.55 30.71 -40.39
C VAL DB 431 -47.10 30.23 -40.52
N LYS DB 432 -46.38 30.07 -39.41
CA LYS DB 432 -45.18 29.24 -39.44
C LYS DB 432 -45.53 27.75 -39.50
N LYS DB 433 -46.79 27.40 -39.17
CA LYS DB 433 -47.39 26.11 -39.46
C LYS DB 433 -47.91 26.02 -40.90
N MET DB 434 -48.18 27.16 -41.54
CA MET DB 434 -48.61 27.24 -42.94
C MET DB 434 -47.46 26.94 -43.91
N LEU EB 22 -9.66 114.19 -44.48
CA LEU EB 22 -9.13 114.61 -45.78
C LEU EB 22 -7.96 115.61 -45.62
N ASP EB 23 -6.73 115.10 -45.67
CA ASP EB 23 -5.56 115.97 -45.61
C ASP EB 23 -5.24 116.60 -46.96
N PHE EB 24 -5.74 116.03 -48.06
CA PHE EB 24 -5.36 116.45 -49.40
C PHE EB 24 -6.57 116.37 -50.33
N PHE EB 25 -6.60 117.24 -51.35
CA PHE EB 25 -7.59 117.19 -52.41
C PHE EB 25 -7.09 118.02 -53.60
N THR EB 26 -6.88 117.37 -54.76
CA THR EB 26 -6.56 118.04 -56.02
C THR EB 26 -7.59 117.69 -57.08
N ILE EB 27 -8.00 118.69 -57.86
CA ILE EB 27 -8.89 118.52 -59.01
C ILE EB 27 -8.16 119.09 -60.22
N PHE EB 28 -7.74 118.22 -61.14
CA PHE EB 28 -7.15 118.63 -62.41
C PHE EB 28 -7.96 118.00 -63.54
N SER EB 29 -7.70 118.46 -64.76
CA SER EB 29 -8.35 117.88 -65.93
C SER EB 29 -7.60 116.63 -66.36
N LYS EB 30 -8.13 115.95 -67.40
CA LYS EB 30 -7.44 114.79 -67.94
C LYS EB 30 -6.29 115.17 -68.88
N GLY EB 31 -6.23 116.42 -69.34
CA GLY EB 31 -5.11 116.91 -70.13
C GLY EB 31 -3.89 117.26 -69.31
N GLY EB 32 -3.94 116.94 -68.01
CA GLY EB 32 -2.83 117.14 -67.10
C GLY EB 32 -2.65 118.57 -66.62
N LEU EB 33 -3.74 119.23 -66.22
CA LEU EB 33 -3.76 120.65 -65.88
C LEU EB 33 -4.43 120.84 -64.52
N VAL EB 34 -3.64 121.24 -63.51
CA VAL EB 34 -4.19 121.41 -62.15
C VAL EB 34 -5.13 122.60 -62.14
N LEU EB 35 -6.40 122.35 -61.82
CA LEU EB 35 -7.44 123.36 -61.74
C LEU EB 35 -7.56 123.95 -60.33
N TRP EB 36 -7.52 123.09 -59.30
CA TRP EB 36 -7.67 123.50 -57.92
C TRP EB 36 -7.05 122.42 -57.03
N CYS EB 37 -6.39 122.84 -55.94
CA CYS EB 37 -5.77 121.89 -55.01
C CYS EB 37 -5.90 122.40 -53.58
N PHE EB 38 -6.02 121.45 -52.64
CA PHE EB 38 -6.20 121.69 -51.22
C PHE EB 38 -5.16 120.87 -50.45
N GLN EB 39 -4.45 121.52 -49.51
CA GLN EB 39 -3.56 120.80 -48.61
C GLN EB 39 -3.59 121.37 -47.18
N GLY EB 40 -4.61 122.12 -46.82
CA GLY EB 40 -4.67 122.59 -45.45
C GLY EB 40 -3.94 123.91 -45.26
N VAL EB 41 -4.41 124.69 -44.27
CA VAL EB 41 -3.82 125.99 -43.97
C VAL EB 41 -2.42 125.82 -43.36
N SER EB 42 -2.09 124.62 -42.86
CA SER EB 42 -0.86 124.41 -42.10
C SER EB 42 0.39 124.72 -42.93
N ASP EB 43 0.71 123.93 -43.97
CA ASP EB 43 1.83 124.39 -44.80
C ASP EB 43 1.41 124.73 -46.23
N SER EB 44 1.27 123.71 -47.10
CA SER EB 44 0.52 123.70 -48.35
C SER EB 44 0.96 122.50 -49.18
N CYS EB 45 0.24 122.25 -50.29
CA CYS EB 45 0.71 121.61 -51.53
C CYS EB 45 1.78 120.53 -51.33
N THR EB 46 1.44 119.48 -50.57
CA THR EB 46 2.32 118.32 -50.36
C THR EB 46 1.70 117.09 -51.03
N GLY EB 47 2.50 116.44 -51.89
CA GLY EB 47 2.11 115.24 -52.60
C GLY EB 47 0.92 115.34 -53.56
N PRO EB 48 0.96 116.33 -54.53
CA PRO EB 48 -0.08 116.35 -55.58
C PRO EB 48 0.26 115.51 -56.81
N VAL EB 49 1.55 115.18 -56.95
CA VAL EB 49 2.08 114.41 -58.08
C VAL EB 49 1.94 112.90 -57.85
N ASN EB 50 2.32 112.41 -56.65
CA ASN EB 50 2.06 111.01 -56.30
C ASN EB 50 0.57 110.72 -56.23
N ALA EB 51 -0.23 111.77 -55.96
CA ALA EB 51 -1.68 111.64 -55.97
C ALA EB 51 -2.20 111.41 -57.38
N LEU EB 52 -1.71 112.20 -58.35
CA LEU EB 52 -2.06 111.99 -59.76
C LEU EB 52 -1.60 110.62 -60.25
N ILE EB 53 -0.43 110.16 -59.80
CA ILE EB 53 0.19 108.97 -60.37
C ILE EB 53 -0.62 107.71 -60.02
N ARG EB 54 -0.98 107.55 -58.75
CA ARG EB 54 -1.78 106.39 -58.33
C ARG EB 54 -3.21 106.43 -58.88
N SER EB 55 -3.70 107.61 -59.23
CA SER EB 55 -5.12 107.86 -59.45
C SER EB 55 -5.54 107.97 -60.91
N VAL EB 56 -4.65 108.42 -61.79
CA VAL EB 56 -4.96 108.55 -63.21
C VAL EB 56 -3.95 107.79 -64.07
N LEU EB 57 -2.65 107.94 -63.75
CA LEU EB 57 -1.60 107.29 -64.53
C LEU EB 57 -1.69 105.77 -64.42
N LEU EB 58 -1.82 105.26 -63.19
CA LEU EB 58 -1.83 103.82 -62.89
C LEU EB 58 -3.22 103.20 -62.96
N GLN EB 59 -4.20 103.89 -63.56
CA GLN EB 59 -5.58 103.41 -63.63
C GLN EB 59 -6.07 103.37 -65.08
N GLU EB 60 -5.14 103.20 -66.03
CA GLU EB 60 -5.46 103.05 -67.45
C GLU EB 60 -4.32 102.41 -68.25
N LEU EB 72 -0.97 107.16 -46.03
CA LEU EB 72 -2.03 107.91 -46.70
C LEU EB 72 -2.65 107.16 -47.90
N THR EB 73 -3.95 106.86 -47.83
CA THR EB 73 -4.68 106.26 -48.94
C THR EB 73 -4.92 107.32 -50.01
N LEU EB 74 -4.52 107.02 -51.25
CA LEU EB 74 -4.62 107.94 -52.39
C LEU EB 74 -5.56 107.31 -53.42
N LYS EB 75 -6.81 107.77 -53.42
CA LYS EB 75 -7.85 107.29 -54.33
C LYS EB 75 -8.31 108.46 -55.21
N TYR EB 76 -9.33 108.20 -56.03
CA TYR EB 76 -9.75 109.17 -57.04
C TYR EB 76 -11.23 109.01 -57.36
N LYS EB 77 -11.76 110.01 -58.08
CA LYS EB 77 -13.08 109.98 -58.71
C LYS EB 77 -12.97 110.66 -60.06
N LEU EB 78 -13.46 110.01 -61.11
CA LEU EB 78 -13.34 110.49 -62.48
C LEU EB 78 -14.65 111.14 -62.94
N ASP EB 79 -14.57 112.38 -63.41
CA ASP EB 79 -15.62 112.99 -64.23
C ASP EB 79 -15.19 112.75 -65.68
N ASN EB 80 -15.79 111.73 -66.31
CA ASN EB 80 -15.48 111.37 -67.69
C ASN EB 80 -16.20 112.26 -68.70
N GLN EB 81 -17.33 112.85 -68.30
CA GLN EB 81 -18.07 113.77 -69.16
C GLN EB 81 -17.20 114.96 -69.61
N PHE EB 82 -16.63 115.68 -68.63
CA PHE EB 82 -15.85 116.89 -68.87
C PHE EB 82 -14.35 116.68 -68.71
N GLU EB 83 -13.89 115.43 -68.57
CA GLU EB 83 -12.48 115.09 -68.41
C GLU EB 83 -11.87 115.76 -67.17
N LEU EB 84 -12.37 115.33 -66.00
CA LEU EB 84 -11.89 115.75 -64.69
C LEU EB 84 -11.50 114.54 -63.86
N VAL EB 85 -10.60 114.75 -62.90
CA VAL EB 85 -10.14 113.74 -61.95
C VAL EB 85 -10.07 114.40 -60.57
N PHE EB 86 -10.61 113.72 -59.54
CA PHE EB 86 -10.78 114.23 -58.18
C PHE EB 86 -10.00 113.32 -57.22
N VAL EB 87 -8.70 113.64 -57.03
CA VAL EB 87 -7.78 112.83 -56.23
C VAL EB 87 -7.76 113.35 -54.81
N VAL EB 88 -7.80 112.43 -53.83
CA VAL EB 88 -7.93 112.77 -52.42
C VAL EB 88 -6.93 111.94 -51.62
N GLY EB 89 -6.41 112.53 -50.52
CA GLY EB 89 -5.50 111.84 -49.63
C GLY EB 89 -5.96 111.82 -48.17
N PHE EB 90 -6.23 110.63 -47.62
CA PHE EB 90 -6.79 110.44 -46.29
C PHE EB 90 -6.22 109.18 -45.68
N GLN EB 91 -6.44 109.01 -44.37
CA GLN EB 91 -6.08 107.79 -43.64
C GLN EB 91 -7.34 107.22 -43.00
N LYS EB 92 -7.18 106.17 -42.19
CA LYS EB 92 -8.31 105.50 -41.55
C LYS EB 92 -9.36 105.08 -42.58
N ILE EB 93 -8.96 104.12 -43.43
CA ILE EB 93 -9.75 103.58 -44.55
C ILE EB 93 -11.21 103.30 -44.18
N LEU EB 94 -11.53 103.20 -42.89
CA LEU EB 94 -12.92 103.00 -42.47
C LEU EB 94 -13.78 104.26 -42.63
N THR EB 95 -13.16 105.45 -42.73
CA THR EB 95 -13.84 106.69 -43.06
C THR EB 95 -13.99 106.90 -44.57
N LEU EB 96 -13.92 105.82 -45.37
CA LEU EB 96 -14.05 105.91 -46.82
C LEU EB 96 -15.48 106.21 -47.27
N THR EB 97 -16.49 105.95 -46.42
CA THR EB 97 -17.88 106.23 -46.80
C THR EB 97 -18.19 107.74 -46.76
N TYR EB 98 -17.58 108.48 -45.83
CA TYR EB 98 -17.72 109.93 -45.74
C TYR EB 98 -16.75 110.69 -46.64
N VAL EB 99 -15.62 110.07 -47.01
CA VAL EB 99 -14.69 110.64 -48.00
C VAL EB 99 -15.29 110.53 -49.41
N ASP EB 100 -16.08 109.47 -49.69
CA ASP EB 100 -16.75 109.32 -50.99
C ASP EB 100 -17.94 110.26 -51.13
N LYS EB 101 -18.65 110.56 -50.03
CA LYS EB 101 -19.74 111.52 -50.04
C LYS EB 101 -19.23 112.95 -50.16
N LEU EB 102 -17.99 113.21 -49.71
CA LEU EB 102 -17.37 114.52 -49.87
C LEU EB 102 -16.80 114.70 -51.28
N ILE EB 103 -16.32 113.64 -51.95
CA ILE EB 103 -15.91 113.77 -53.35
C ILE EB 103 -17.14 113.93 -54.27
N ASP EB 104 -18.30 113.38 -53.87
CA ASP EB 104 -19.50 113.46 -54.71
C ASP EB 104 -20.14 114.85 -54.68
N ASP EB 105 -20.18 115.50 -53.50
CA ASP EB 105 -20.70 116.86 -53.39
C ASP EB 105 -19.72 117.91 -53.94
N VAL EB 106 -18.41 117.70 -53.75
CA VAL EB 106 -17.39 118.56 -54.38
C VAL EB 106 -17.40 118.38 -55.90
N HIS EB 107 -17.63 117.15 -56.39
CA HIS EB 107 -17.76 116.91 -57.82
C HIS EB 107 -19.04 117.53 -58.39
N ARG EB 108 -20.13 117.55 -57.60
CA ARG EB 108 -21.38 118.14 -58.06
C ARG EB 108 -21.37 119.67 -58.02
N LEU EB 109 -20.68 120.27 -57.04
CA LEU EB 109 -20.56 121.73 -56.98
C LEU EB 109 -19.49 122.26 -57.94
N PHE EB 110 -18.47 121.46 -58.26
CA PHE EB 110 -17.41 121.91 -59.18
C PHE EB 110 -17.91 121.92 -60.63
N ARG EB 111 -18.56 120.83 -61.06
CA ARG EB 111 -19.03 120.71 -62.45
C ARG EB 111 -20.26 121.57 -62.75
N ASP EB 112 -20.96 122.08 -61.71
CA ASP EB 112 -22.08 123.01 -61.85
C ASP EB 112 -21.63 124.47 -61.80
N LYS EB 113 -20.79 124.83 -60.82
CA LYS EB 113 -20.28 126.20 -60.67
C LYS EB 113 -19.35 126.60 -61.82
N TYR EB 114 -18.56 125.65 -62.33
CA TYR EB 114 -17.66 125.89 -63.45
C TYR EB 114 -18.04 125.03 -64.65
N ARG EB 115 -19.33 125.00 -65.00
CA ARG EB 115 -19.75 124.21 -66.16
C ARG EB 115 -19.33 124.87 -67.48
N THR EB 116 -19.22 126.21 -67.49
CA THR EB 116 -18.84 126.91 -68.72
C THR EB 116 -17.37 126.70 -69.07
N GLU EB 117 -16.48 126.69 -68.06
CA GLU EB 117 -15.04 126.54 -68.32
C GLU EB 117 -14.66 125.10 -68.71
N ILE EB 118 -15.34 124.10 -68.14
CA ILE EB 118 -14.98 122.68 -68.30
C ILE EB 118 -15.73 121.97 -69.44
N GLN EB 119 -16.78 122.58 -70.01
CA GLN EB 119 -17.56 121.96 -71.10
C GLN EB 119 -17.05 122.30 -72.49
N GLN EB 120 -16.15 123.28 -72.61
CA GLN EB 120 -15.60 123.68 -73.90
C GLN EB 120 -14.43 122.79 -74.30
N GLN EB 121 -14.26 122.62 -75.63
CA GLN EB 121 -13.18 121.78 -76.16
C GLN EB 121 -11.81 122.43 -75.96
N SER EB 122 -11.74 123.75 -76.11
CA SER EB 122 -10.46 124.45 -76.03
C SER EB 122 -9.86 124.30 -74.63
N ALA EB 123 -8.57 123.95 -74.58
CA ALA EB 123 -7.82 123.98 -73.32
C ALA EB 123 -7.56 125.40 -72.83
N LEU EB 124 -7.97 126.42 -73.61
CA LEU EB 124 -7.95 127.83 -73.21
C LEU EB 124 -9.22 128.25 -72.47
N SER EB 125 -10.19 127.35 -72.28
CA SER EB 125 -11.30 127.62 -71.37
C SER EB 125 -10.93 127.32 -69.92
N LEU EB 126 -10.05 126.32 -69.70
CA LEU EB 126 -9.51 125.97 -68.39
C LEU EB 126 -8.26 126.79 -68.02
N LEU EB 127 -7.44 127.16 -69.02
CA LEU EB 127 -6.31 128.06 -68.79
C LEU EB 127 -6.76 129.47 -68.41
N ASN EB 128 -7.93 129.90 -68.91
CA ASN EB 128 -8.48 131.24 -68.69
C ASN EB 128 -9.59 131.28 -67.64
N GLY EB 129 -10.09 130.12 -67.18
CA GLY EB 129 -11.04 130.09 -66.10
C GLY EB 129 -10.36 130.17 -64.74
N THR EB 130 -11.07 130.79 -63.78
CA THR EB 130 -10.58 131.01 -62.41
C THR EB 130 -11.35 130.10 -61.46
N PHE EB 131 -10.68 129.05 -60.96
CA PHE EB 131 -11.29 128.00 -60.15
C PHE EB 131 -11.00 128.26 -58.66
N ASP EB 132 -11.69 129.28 -58.14
CA ASP EB 132 -11.61 129.67 -56.74
C ASP EB 132 -12.64 128.87 -55.95
N PHE EB 133 -12.29 127.60 -55.72
CA PHE EB 133 -13.14 126.63 -55.05
C PHE EB 133 -12.70 126.39 -53.59
N GLN EB 134 -11.89 127.29 -53.02
CA GLN EB 134 -11.38 127.08 -51.66
C GLN EB 134 -12.46 127.30 -50.60
N ASN EB 135 -13.24 128.38 -50.74
CA ASN EB 135 -14.31 128.66 -49.78
C ASN EB 135 -15.50 127.71 -49.95
N ASP EB 136 -15.71 127.19 -51.17
CA ASP EB 136 -16.75 126.19 -51.40
C ASP EB 136 -16.35 124.82 -50.85
N PHE EB 137 -15.05 124.50 -50.84
CA PHE EB 137 -14.59 123.22 -50.31
C PHE EB 137 -14.50 123.23 -48.78
N LEU EB 138 -13.99 124.33 -48.20
CA LEU EB 138 -13.97 124.45 -46.74
C LEU EB 138 -15.37 124.36 -46.15
N ARG EB 139 -16.39 124.77 -46.92
CA ARG EB 139 -17.79 124.64 -46.49
C ARG EB 139 -18.31 123.22 -46.69
N LEU EB 140 -17.91 122.55 -47.78
CA LEU EB 140 -18.28 121.15 -48.02
C LEU EB 140 -17.48 120.18 -47.16
N LEU EB 141 -16.29 120.58 -46.68
CA LEU EB 141 -15.48 119.75 -45.78
C LEU EB 141 -15.95 119.89 -44.32
N ARG EB 142 -16.15 121.13 -43.86
CA ARG EB 142 -16.62 121.36 -42.50
C ARG EB 142 -18.06 120.84 -42.31
N GLU EB 143 -18.85 120.82 -43.39
CA GLU EB 143 -20.22 120.31 -43.32
C GLU EB 143 -20.30 118.78 -43.47
N ALA EB 144 -19.33 118.16 -44.16
CA ALA EB 144 -19.23 116.70 -44.21
C ALA EB 144 -18.51 116.11 -42.99
N GLU EB 145 -17.93 116.96 -42.13
CA GLU EB 145 -17.41 116.55 -40.83
C GLU EB 145 -18.44 116.65 -39.71
N GLU EB 146 -19.70 116.98 -40.05
CA GLU EB 146 -20.85 116.93 -39.15
C GLU EB 146 -21.83 115.80 -39.47
N SER EB 147 -21.87 115.35 -40.73
CA SER EB 147 -22.61 114.13 -41.07
C SER EB 147 -21.92 112.90 -40.49
N SER EB 148 -20.59 112.95 -40.33
CA SER EB 148 -19.84 111.86 -39.71
C SER EB 148 -20.04 111.79 -38.21
N LYS EB 149 -20.50 112.87 -37.58
CA LYS EB 149 -20.79 112.91 -36.15
C LYS EB 149 -22.29 113.01 -35.88
N SER EB 351 -26.77 111.77 -73.86
CA SER EB 351 -25.67 111.23 -73.07
C SER EB 351 -25.73 109.70 -72.97
N LEU EB 352 -24.84 109.12 -72.15
CA LEU EB 352 -24.70 107.67 -71.98
C LEU EB 352 -24.71 107.33 -70.50
N SER EB 353 -25.77 106.68 -70.04
CA SER EB 353 -25.81 106.08 -68.71
C SER EB 353 -25.33 104.63 -68.79
N ARG EB 354 -25.23 103.97 -67.63
CA ARG EB 354 -24.83 102.57 -67.59
C ARG EB 354 -25.99 101.61 -67.85
N GLU EB 355 -27.24 102.10 -67.86
CA GLU EB 355 -28.40 101.28 -68.18
C GLU EB 355 -28.50 101.03 -69.68
N ASP EB 356 -28.19 102.05 -70.50
CA ASP EB 356 -28.10 101.86 -71.95
C ASP EB 356 -26.99 100.88 -72.30
N MET EB 357 -25.76 101.21 -71.91
CA MET EB 357 -24.55 100.43 -72.18
C MET EB 357 -24.59 99.07 -71.48
N GLU EB 358 -25.68 98.76 -70.76
CA GLU EB 358 -25.78 97.52 -70.01
C GLU EB 358 -25.74 96.29 -70.92
N SER EB 359 -26.58 96.29 -71.97
CA SER EB 359 -26.76 95.09 -72.80
C SER EB 359 -25.57 94.82 -73.72
N VAL EB 360 -24.92 95.87 -74.23
CA VAL EB 360 -23.78 95.71 -75.14
C VAL EB 360 -22.49 95.37 -74.38
N LEU EB 361 -22.35 95.84 -73.13
CA LEU EB 361 -21.24 95.41 -72.28
C LEU EB 361 -21.36 93.93 -71.89
N ASP EB 362 -22.56 93.36 -71.98
CA ASP EB 362 -22.77 91.93 -71.72
C ASP EB 362 -22.52 91.07 -72.95
N LYS EB 363 -22.85 91.59 -74.15
CA LYS EB 363 -22.52 90.90 -75.40
C LYS EB 363 -21.03 90.99 -75.73
N MET EB 364 -20.34 92.06 -75.29
CA MET EB 364 -18.90 92.18 -75.47
C MET EB 364 -18.12 91.35 -74.45
N ARG EB 365 -18.62 91.23 -73.20
CA ARG EB 365 -17.99 90.37 -72.20
C ARG EB 365 -18.14 88.89 -72.54
N ASP EB 366 -19.26 88.50 -73.15
CA ASP EB 366 -19.46 87.12 -73.62
C ASP EB 366 -18.71 86.83 -74.93
N HIS EB 367 -18.29 87.87 -75.67
CA HIS EB 367 -17.44 87.70 -76.84
C HIS EB 367 -15.96 87.57 -76.47
N LEU EB 368 -15.50 88.38 -75.50
CA LEU EB 368 -14.12 88.26 -75.02
C LEU EB 368 -13.87 86.89 -74.37
N ILE EB 369 -14.83 86.42 -73.56
CA ILE EB 369 -14.69 85.14 -72.85
C ILE EB 369 -14.66 83.97 -73.84
N ALA EB 370 -15.51 84.01 -74.87
CA ALA EB 370 -15.52 82.95 -75.87
C ALA EB 370 -14.31 83.03 -76.80
N LYS EB 371 -13.76 84.23 -77.01
CA LYS EB 371 -12.50 84.41 -77.73
C LYS EB 371 -11.27 84.27 -76.82
N ASN EB 372 -11.44 83.62 -75.66
CA ASN EB 372 -10.38 83.16 -74.77
C ASN EB 372 -9.75 84.27 -73.92
N VAL EB 373 -10.41 85.43 -73.75
CA VAL EB 373 -10.03 86.38 -72.70
C VAL EB 373 -10.54 85.83 -71.36
N ALA EB 374 -9.70 85.90 -70.33
CA ALA EB 374 -10.07 85.41 -69.02
C ALA EB 374 -11.42 85.97 -68.59
N ALA EB 375 -12.17 85.16 -67.83
CA ALA EB 375 -13.56 85.51 -67.53
C ALA EB 375 -13.65 86.81 -66.75
N ASP EB 376 -12.72 87.05 -65.82
CA ASP EB 376 -12.71 88.28 -65.03
C ASP EB 376 -11.94 89.42 -65.72
N ILE EB 377 -10.98 89.11 -66.59
CA ILE EB 377 -10.34 90.15 -67.41
C ILE EB 377 -11.36 90.81 -68.33
N ALA EB 378 -12.31 90.02 -68.86
CA ALA EB 378 -13.42 90.50 -69.68
C ALA EB 378 -14.52 91.18 -68.87
N VAL EB 379 -14.47 91.11 -67.53
CA VAL EB 379 -15.40 91.82 -66.65
C VAL EB 379 -14.84 93.19 -66.20
N GLN EB 380 -13.54 93.25 -65.87
CA GLN EB 380 -12.89 94.53 -65.58
C GLN EB 380 -12.73 95.37 -66.85
N LEU EB 381 -12.44 94.71 -67.98
CA LEU EB 381 -12.37 95.40 -69.27
C LEU EB 381 -13.68 96.11 -69.57
N CYS EB 382 -14.81 95.42 -69.37
CA CYS EB 382 -16.12 95.98 -69.70
C CYS EB 382 -16.53 97.10 -68.74
N GLU EB 383 -16.10 97.04 -67.48
CA GLU EB 383 -16.42 98.09 -66.51
C GLU EB 383 -15.51 99.32 -66.63
N SER EB 384 -14.31 99.17 -67.20
CA SER EB 384 -13.44 100.28 -67.58
C SER EB 384 -14.04 101.13 -68.71
N VAL EB 385 -15.13 100.67 -69.31
CA VAL EB 385 -15.72 101.32 -70.47
C VAL EB 385 -17.10 101.93 -70.18
N ALA EB 386 -17.85 101.37 -69.23
CA ALA EB 386 -19.04 102.07 -68.74
C ALA EB 386 -18.65 103.26 -67.86
N ASN EB 387 -17.45 103.21 -67.25
CA ASN EB 387 -16.89 104.36 -66.55
C ASN EB 387 -16.44 105.44 -67.53
N LYS EB 388 -15.68 105.05 -68.56
CA LYS EB 388 -15.06 105.98 -69.50
C LYS EB 388 -16.09 106.79 -70.30
N LEU EB 389 -17.23 106.18 -70.63
CA LEU EB 389 -18.22 106.83 -71.50
C LEU EB 389 -19.45 107.33 -70.76
N GLU EB 390 -19.57 107.09 -69.46
CA GLU EB 390 -20.72 107.58 -68.71
C GLU EB 390 -20.68 109.10 -68.59
N GLY EB 391 -21.77 109.73 -69.03
CA GLY EB 391 -21.90 111.18 -69.16
C GLY EB 391 -21.56 111.71 -70.54
N LYS EB 392 -20.60 111.07 -71.21
CA LYS EB 392 -20.14 111.55 -72.51
C LYS EB 392 -21.26 111.48 -73.54
N VAL EB 393 -21.28 112.46 -74.44
CA VAL EB 393 -22.22 112.53 -75.55
C VAL EB 393 -21.63 111.75 -76.73
N MET EB 394 -22.50 111.10 -77.51
CA MET EB 394 -22.07 110.28 -78.63
C MET EB 394 -21.92 111.12 -79.90
N GLY EB 395 -21.25 110.56 -80.90
CA GLY EB 395 -21.02 111.24 -82.16
C GLY EB 395 -22.31 111.49 -82.94
N THR EB 396 -22.15 112.11 -84.12
CA THR EB 396 -23.30 112.41 -84.96
C THR EB 396 -24.04 111.14 -85.37
N PHE EB 397 -23.30 110.06 -85.65
CA PHE EB 397 -23.84 108.75 -86.01
C PHE EB 397 -23.27 107.72 -85.03
N SER EB 398 -23.95 107.53 -83.89
CA SER EB 398 -23.54 106.55 -82.90
C SER EB 398 -24.77 105.97 -82.23
N THR EB 399 -24.62 104.75 -81.68
CA THR EB 399 -25.62 104.05 -80.89
C THR EB 399 -25.04 103.73 -79.51
N VAL EB 400 -25.88 103.18 -78.63
CA VAL EB 400 -25.41 102.68 -77.34
C VAL EB 400 -24.43 101.54 -77.55
N THR EB 401 -24.70 100.67 -78.53
CA THR EB 401 -23.89 99.47 -78.75
C THR EB 401 -22.47 99.82 -79.21
N SER EB 402 -22.35 100.72 -80.20
CA SER EB 402 -21.07 101.03 -80.85
C SER EB 402 -20.15 101.92 -80.01
N THR EB 403 -20.63 102.52 -78.91
CA THR EB 403 -19.79 103.37 -78.07
C THR EB 403 -19.01 102.55 -77.02
N VAL EB 404 -19.69 101.71 -76.24
CA VAL EB 404 -19.04 100.80 -75.29
C VAL EB 404 -18.22 99.73 -76.01
N LYS EB 405 -18.59 99.41 -77.25
CA LYS EB 405 -17.83 98.51 -78.11
C LYS EB 405 -16.54 99.14 -78.61
N GLN EB 406 -16.47 100.48 -78.68
CA GLN EB 406 -15.31 101.18 -79.19
C GLN EB 406 -14.33 101.59 -78.08
N ALA EB 407 -14.82 102.21 -77.01
CA ALA EB 407 -13.96 102.55 -75.87
C ALA EB 407 -13.46 101.32 -75.11
N LEU EB 408 -14.03 100.14 -75.38
CA LEU EB 408 -13.48 98.88 -74.88
C LEU EB 408 -12.30 98.41 -75.72
N GLN EB 409 -12.26 98.78 -77.01
CA GLN EB 409 -11.10 98.52 -77.85
C GLN EB 409 -9.93 99.43 -77.50
N GLU EB 410 -10.21 100.66 -77.05
CA GLU EB 410 -9.17 101.61 -76.71
C GLU EB 410 -8.57 101.34 -75.33
N SER EB 411 -9.38 100.88 -74.36
CA SER EB 411 -8.90 100.41 -73.06
C SER EB 411 -8.25 99.04 -73.13
N LEU EB 412 -8.40 98.33 -74.26
CA LEU EB 412 -7.80 97.03 -74.50
C LEU EB 412 -6.47 97.10 -75.26
N VAL EB 413 -6.31 98.07 -76.18
CA VAL EB 413 -5.03 98.30 -76.86
C VAL EB 413 -4.03 98.99 -75.91
N GLN EB 414 -4.50 99.87 -75.01
CA GLN EB 414 -3.63 100.55 -74.06
C GLN EB 414 -3.17 99.67 -72.89
N ILE EB 415 -3.90 98.59 -72.59
CA ILE EB 415 -3.47 97.61 -71.59
C ILE EB 415 -2.63 96.50 -72.22
N LEU EB 416 -2.93 96.10 -73.48
CA LEU EB 416 -2.06 95.27 -74.33
C LEU EB 416 -0.81 96.08 -74.87
N GLN EB 417 -0.65 97.33 -74.41
CA GLN EB 417 0.54 98.15 -74.61
C GLN EB 417 1.23 98.35 -73.26
N PRO EB 418 1.95 97.33 -72.78
CA PRO EB 418 2.64 97.45 -71.50
C PRO EB 418 3.70 98.54 -71.52
N GLN EB 419 4.11 98.93 -70.32
CA GLN EB 419 5.04 100.04 -70.13
C GLN EB 419 6.48 99.57 -70.28
N ARG EB 420 6.78 98.82 -71.34
CA ARG EB 420 8.10 98.22 -71.51
C ARG EB 420 8.48 98.21 -72.98
N ARG EB 421 9.79 98.13 -73.23
CA ARG EB 421 10.38 98.07 -74.57
C ARG EB 421 11.51 97.03 -74.54
N VAL EB 422 12.09 96.77 -75.72
CA VAL EB 422 13.18 95.80 -75.89
C VAL EB 422 14.10 96.27 -77.01
N ASP EB 423 15.23 95.59 -77.17
CA ASP EB 423 16.24 95.95 -78.18
C ASP EB 423 16.95 94.66 -78.61
N MET EB 424 18.14 94.83 -79.20
CA MET EB 424 18.95 93.79 -79.83
C MET EB 424 20.42 94.18 -79.58
N LEU EB 425 21.35 93.84 -80.49
CA LEU EB 425 22.80 94.06 -80.34
C LEU EB 425 23.17 95.31 -79.54
N ARG EB 426 22.36 96.37 -79.70
CA ARG EB 426 22.42 97.53 -78.80
C ARG EB 426 22.36 97.14 -77.32
N ASP EB 427 21.52 96.15 -76.96
CA ASP EB 427 21.35 95.75 -75.56
C ASP EB 427 22.48 94.85 -75.04
N ILE EB 428 23.17 94.12 -75.91
CA ILE EB 428 24.35 93.34 -75.51
C ILE EB 428 25.62 94.20 -75.52
N MET EB 429 25.60 95.35 -76.20
CA MET EB 429 26.66 96.35 -76.02
C MET EB 429 26.58 97.01 -74.65
N ASP EB 430 25.36 97.10 -74.09
CA ASP EB 430 25.14 97.59 -72.72
C ASP EB 430 25.41 96.52 -71.66
N ALA EB 431 25.17 95.23 -72.00
CA ALA EB 431 25.60 94.11 -71.17
C ALA EB 431 27.12 93.91 -71.20
N GLN EB 432 27.82 94.53 -72.18
CA GLN EB 432 29.28 94.55 -72.25
C GLN EB 432 29.91 95.77 -71.59
N ARG EB 433 29.10 96.62 -70.94
CA ARG EB 433 29.64 97.72 -70.15
C ARG EB 433 30.39 97.23 -68.90
N ARG EB 434 30.17 95.97 -68.51
CA ARG EB 434 30.97 95.31 -67.47
C ARG EB 434 31.68 94.07 -67.99
N GLN EB 435 31.68 93.85 -69.32
CA GLN EB 435 32.32 92.71 -69.98
C GLN EB 435 31.77 91.37 -69.45
N ARG EB 436 30.49 91.15 -69.68
CA ARG EB 436 29.77 89.97 -69.20
C ARG EB 436 28.77 89.56 -70.26
N PRO EB 437 28.34 88.26 -70.26
CA PRO EB 437 27.32 87.83 -71.23
C PRO EB 437 25.92 88.35 -70.90
N TYR EB 438 24.92 87.90 -71.67
CA TYR EB 438 23.52 88.28 -71.50
C TYR EB 438 22.71 87.03 -71.19
N VAL EB 439 22.23 86.92 -69.94
CA VAL EB 439 21.60 85.70 -69.43
C VAL EB 439 20.08 85.93 -69.36
N VAL EB 440 19.34 85.15 -70.16
CA VAL EB 440 17.88 85.16 -70.18
C VAL EB 440 17.40 83.90 -69.45
N THR EB 441 16.36 84.04 -68.61
CA THR EB 441 15.78 82.92 -67.88
C THR EB 441 14.39 82.61 -68.43
N PHE EB 442 14.20 81.37 -68.93
CA PHE EB 442 12.93 80.88 -69.46
C PHE EB 442 12.23 80.05 -68.39
N CYS EB 443 11.12 80.58 -67.86
CA CYS EB 443 10.31 79.95 -66.82
C CYS EB 443 8.88 79.77 -67.32
N GLY EB 444 8.16 78.86 -66.69
CA GLY EB 444 6.79 78.61 -67.05
C GLY EB 444 6.33 77.25 -66.58
N VAL EB 445 5.03 77.00 -66.84
CA VAL EB 445 4.35 75.78 -66.43
C VAL EB 445 4.63 74.65 -67.43
N ASN EB 446 4.22 73.44 -67.09
CA ASN EB 446 4.58 72.23 -67.86
C ASN EB 446 4.02 72.27 -69.28
N GLY EB 447 4.89 72.08 -70.27
CA GLY EB 447 4.50 71.79 -71.65
C GLY EB 447 4.19 72.97 -72.54
N VAL EB 448 4.55 74.18 -72.13
CA VAL EB 448 4.14 75.37 -72.89
C VAL EB 448 5.03 75.62 -74.11
N GLY EB 449 6.28 75.17 -74.10
CA GLY EB 449 7.23 75.48 -75.16
C GLY EB 449 8.43 76.30 -74.71
N LYS EB 450 8.91 76.09 -73.47
CA LYS EB 450 10.10 76.80 -73.01
C LYS EB 450 11.36 76.37 -73.77
N SER EB 451 11.54 75.04 -73.92
CA SER EB 451 12.75 74.48 -74.56
C SER EB 451 12.75 74.66 -76.09
N THR EB 452 11.57 74.56 -76.73
CA THR EB 452 11.48 74.65 -78.20
C THR EB 452 11.61 76.10 -78.69
N ASN EB 453 10.99 77.07 -77.99
CA ASN EB 453 11.14 78.49 -78.32
C ASN EB 453 12.46 79.07 -77.83
N LEU EB 454 13.07 78.48 -76.79
CA LEU EB 454 14.45 78.79 -76.45
C LEU EB 454 15.39 78.46 -77.62
N ALA EB 455 15.04 77.43 -78.41
CA ALA EB 455 15.83 77.06 -79.59
C ALA EB 455 15.50 77.92 -80.82
N LYS EB 456 14.27 78.47 -80.89
CA LYS EB 456 13.95 79.46 -81.92
C LYS EB 456 14.66 80.78 -81.69
N ILE EB 457 14.89 81.14 -80.41
CA ILE EB 457 15.62 82.36 -80.05
C ILE EB 457 17.14 82.14 -80.13
N SER EB 458 17.61 80.90 -79.96
CA SER EB 458 19.02 80.58 -80.21
C SER EB 458 19.36 80.67 -81.70
N PHE EB 459 18.42 80.26 -82.57
CA PHE EB 459 18.58 80.43 -84.01
C PHE EB 459 18.44 81.89 -84.43
N TRP EB 460 17.62 82.67 -83.71
CA TRP EB 460 17.42 84.10 -83.97
C TRP EB 460 18.60 84.95 -83.48
N LEU EB 461 19.30 84.52 -82.43
CA LEU EB 461 20.51 85.19 -81.97
C LEU EB 461 21.71 84.88 -82.88
N LEU EB 462 21.86 83.62 -83.29
CA LEU EB 462 22.91 83.25 -84.23
C LEU EB 462 22.74 83.94 -85.57
N GLU EB 463 21.48 84.12 -86.00
CA GLU EB 463 21.19 84.81 -87.25
C GLU EB 463 21.67 86.27 -87.21
N ASN EB 464 21.69 86.87 -86.03
CA ASN EB 464 22.23 88.22 -85.80
C ASN EB 464 23.73 88.22 -85.52
N GLY EB 465 24.38 87.06 -85.61
CA GLY EB 465 25.82 86.97 -85.36
C GLY EB 465 26.23 86.77 -83.93
N PHE EB 466 25.35 86.24 -83.08
CA PHE EB 466 25.60 86.07 -81.65
C PHE EB 466 25.88 84.61 -81.32
N SER EB 467 26.86 84.39 -80.44
CA SER EB 467 27.16 83.07 -79.88
C SER EB 467 26.33 82.84 -78.62
N VAL EB 468 25.65 81.69 -78.55
CA VAL EB 468 24.70 81.38 -77.48
C VAL EB 468 25.13 80.07 -76.80
N LEU EB 469 25.23 80.11 -75.46
CA LEU EB 469 25.52 78.94 -74.63
C LEU EB 469 24.24 78.52 -73.91
N ILE EB 470 23.69 77.36 -74.28
CA ILE EB 470 22.45 76.83 -73.71
C ILE EB 470 22.80 76.17 -72.37
N ALA EB 471 22.35 76.78 -71.27
CA ALA EB 471 22.49 76.20 -69.94
C ALA EB 471 21.31 75.25 -69.69
N ALA EB 472 21.61 73.97 -69.48
CA ALA EB 472 20.60 72.93 -69.28
C ALA EB 472 20.41 72.71 -67.78
N CYS EB 473 19.49 73.49 -67.20
CA CYS EB 473 19.11 73.42 -65.79
C CYS EB 473 17.80 72.68 -65.56
N ASP EB 474 17.37 71.87 -66.55
CA ASP EB 474 16.18 71.01 -66.44
C ASP EB 474 16.66 69.62 -66.00
N THR EB 475 16.71 69.42 -64.68
CA THR EB 475 17.13 68.17 -64.05
C THR EB 475 15.97 67.47 -63.34
N PHE EB 476 14.72 67.77 -63.73
CA PHE EB 476 13.53 67.15 -63.15
C PHE EB 476 12.73 66.36 -64.20
N ARG EB 477 13.40 65.81 -65.21
CA ARG EB 477 12.64 65.08 -66.22
C ARG EB 477 13.56 64.15 -66.98
N ALA EB 478 12.95 63.35 -67.84
CA ALA EB 478 13.64 62.40 -68.70
C ALA EB 478 13.79 63.01 -70.09
N GLY EB 479 15.02 62.98 -70.62
CA GLY EB 479 15.27 63.54 -71.94
C GLY EB 479 15.15 65.05 -72.02
N ALA EB 480 15.41 65.77 -70.93
CA ALA EB 480 15.44 67.23 -70.89
C ALA EB 480 16.79 67.80 -71.30
N VAL EB 481 17.85 67.00 -71.23
CA VAL EB 481 19.18 67.39 -71.71
C VAL EB 481 19.43 66.92 -73.14
N GLU EB 482 18.92 65.73 -73.52
CA GLU EB 482 19.02 65.26 -74.90
C GLU EB 482 18.10 66.04 -75.84
N GLN EB 483 17.00 66.59 -75.31
CA GLN EB 483 16.19 67.53 -76.08
C GLN EB 483 16.98 68.79 -76.43
N LEU EB 484 17.69 69.34 -75.44
CA LEU EB 484 18.54 70.51 -75.65
C LEU EB 484 19.83 70.19 -76.38
N ARG EB 485 20.27 68.93 -76.35
CA ARG EB 485 21.46 68.53 -77.10
C ARG EB 485 21.15 68.26 -78.57
N THR EB 486 19.90 67.92 -78.90
CA THR EB 486 19.46 67.85 -80.29
C THR EB 486 19.26 69.25 -80.89
N HIS EB 487 18.84 70.22 -80.06
CA HIS EB 487 18.77 71.63 -80.48
C HIS EB 487 20.15 72.23 -80.72
N THR EB 488 21.14 71.85 -79.89
CA THR EB 488 22.53 72.31 -80.06
C THR EB 488 23.25 71.63 -81.23
N ARG EB 489 22.89 70.37 -81.53
CA ARG EB 489 23.43 69.69 -82.71
C ARG EB 489 22.82 70.24 -83.99
N ARG EB 490 21.52 70.57 -83.97
CA ARG EB 490 20.82 71.12 -85.13
C ARG EB 490 21.20 72.58 -85.41
N LEU EB 491 21.56 73.34 -84.36
CA LEU EB 491 21.96 74.74 -84.47
C LEU EB 491 23.46 74.93 -84.75
N SER EB 492 24.31 74.04 -84.23
CA SER EB 492 25.73 74.01 -84.58
C SER EB 492 25.99 73.34 -85.94
N ALA EB 493 24.93 72.88 -86.62
CA ALA EB 493 24.97 72.50 -88.03
C ALA EB 493 24.66 73.68 -88.95
N LEU EB 494 23.60 74.47 -88.63
CA LEU EB 494 23.27 75.66 -89.41
C LEU EB 494 24.31 76.77 -89.26
N HIS EB 495 24.91 76.87 -88.07
CA HIS EB 495 25.86 77.94 -87.74
C HIS EB 495 27.17 77.32 -87.22
N PRO EB 496 27.94 76.67 -88.09
CA PRO EB 496 29.18 76.00 -87.65
C PRO EB 496 30.32 77.00 -87.50
N PRO EB 497 31.48 76.56 -86.98
CA PRO EB 497 32.64 77.48 -86.94
C PRO EB 497 33.16 77.91 -88.32
N GLU EB 498 33.04 77.04 -89.35
CA GLU EB 498 33.53 77.38 -90.69
C GLU EB 498 32.73 78.54 -91.29
N LYS EB 499 31.41 78.52 -91.13
CA LYS EB 499 30.51 79.56 -91.63
C LYS EB 499 30.26 80.68 -90.60
N HIS EB 500 31.12 80.79 -89.57
CA HIS EB 500 31.00 81.84 -88.56
C HIS EB 500 32.31 82.56 -88.26
N GLY EB 501 33.45 82.03 -88.70
CA GLY EB 501 34.73 82.68 -88.45
C GLY EB 501 35.76 81.73 -87.86
N GLY EB 502 35.31 80.56 -87.43
CA GLY EB 502 36.19 79.56 -86.85
C GLY EB 502 35.94 79.25 -85.39
N ARG EB 503 35.00 79.92 -84.72
CA ARG EB 503 34.75 79.74 -83.30
C ARG EB 503 33.37 79.10 -83.06
N THR EB 504 33.25 78.41 -81.93
CA THR EB 504 31.98 77.80 -81.51
C THR EB 504 30.97 78.88 -81.14
N MET EB 505 29.77 78.76 -81.69
CA MET EB 505 28.71 79.74 -81.50
C MET EB 505 27.49 79.20 -80.75
N VAL EB 506 27.20 77.90 -80.87
CA VAL EB 506 26.14 77.26 -80.08
C VAL EB 506 26.75 76.08 -79.32
N GLN EB 507 26.68 76.14 -77.99
CA GLN EB 507 27.27 75.14 -77.12
C GLN EB 507 26.36 74.88 -75.92
N LEU EB 508 26.18 73.60 -75.58
CA LEU EB 508 25.32 73.19 -74.47
C LEU EB 508 26.14 73.04 -73.21
N PHE EB 509 25.71 73.70 -72.13
CA PHE EB 509 26.27 73.51 -70.79
C PHE EB 509 25.32 72.62 -70.01
N GLU EB 510 25.74 71.39 -69.73
CA GLU EB 510 24.92 70.40 -69.05
C GLU EB 510 25.74 69.76 -67.93
N LYS EB 511 25.05 69.43 -66.83
CA LYS EB 511 25.69 68.74 -65.70
C LYS EB 511 24.96 67.44 -65.34
N GLY EB 512 24.15 66.90 -66.26
CA GLY EB 512 23.34 65.73 -65.96
C GLY EB 512 21.98 66.09 -65.38
N TYR EB 513 21.29 65.05 -64.89
CA TYR EB 513 20.01 65.19 -64.20
C TYR EB 513 20.21 65.07 -62.69
N GLY EB 514 19.21 65.53 -61.94
CA GLY EB 514 19.24 65.50 -60.49
C GLY EB 514 20.05 66.60 -59.84
N LYS EB 515 20.85 67.34 -60.61
CA LYS EB 515 21.68 68.41 -60.08
C LYS EB 515 20.82 69.64 -59.76
N ASP EB 516 21.40 70.58 -59.01
CA ASP EB 516 20.72 71.84 -58.69
C ASP EB 516 20.67 72.73 -59.94
N ALA EB 517 19.48 73.34 -60.19
CA ALA EB 517 19.27 74.19 -61.37
C ALA EB 517 19.82 75.61 -61.21
N ALA EB 518 20.09 76.06 -59.97
CA ALA EB 518 20.77 77.33 -59.70
C ALA EB 518 22.30 77.18 -59.66
N GLY EB 519 22.81 75.95 -59.50
CA GLY EB 519 24.23 75.67 -59.59
C GLY EB 519 24.75 75.39 -60.99
N ILE EB 520 23.95 74.73 -61.84
CA ILE EB 520 24.27 74.59 -63.27
C ILE EB 520 24.13 75.95 -63.97
N ALA EB 521 23.22 76.81 -63.51
CA ALA EB 521 23.01 78.13 -64.12
C ALA EB 521 24.16 79.10 -63.79
N MET EB 522 24.63 79.07 -62.54
CA MET EB 522 25.75 79.94 -62.14
C MET EB 522 27.08 79.45 -62.73
N GLU EB 523 27.22 78.13 -62.95
CA GLU EB 523 28.41 77.60 -63.62
C GLU EB 523 28.44 77.95 -65.11
N ALA EB 524 27.27 78.08 -65.75
CA ALA EB 524 27.18 78.41 -67.18
C ALA EB 524 27.32 79.91 -67.48
N ILE EB 525 27.04 80.78 -66.49
CA ILE EB 525 27.32 82.21 -66.62
C ILE EB 525 28.82 82.48 -66.47
N ALA EB 526 29.47 81.79 -65.53
CA ALA EB 526 30.92 81.85 -65.37
C ALA EB 526 31.66 81.14 -66.50
N PHE EB 527 31.01 80.17 -67.17
CA PHE EB 527 31.62 79.45 -68.29
C PHE EB 527 31.49 80.23 -69.60
N ALA EB 528 30.36 80.90 -69.82
CA ALA EB 528 30.18 81.75 -71.00
C ALA EB 528 31.01 83.03 -70.92
N ARG EB 529 31.28 83.53 -69.70
CA ARG EB 529 32.19 84.65 -69.53
C ARG EB 529 33.62 84.27 -69.94
N ASN EB 530 34.06 83.08 -69.52
CA ASN EB 530 35.44 82.63 -69.74
C ASN EB 530 35.67 82.13 -71.18
N GLN EB 531 34.64 81.56 -71.81
CA GLN EB 531 34.74 81.05 -73.17
C GLN EB 531 34.15 81.99 -74.22
N GLY EB 532 33.71 83.18 -73.81
CA GLY EB 532 33.26 84.21 -74.73
C GLY EB 532 31.97 83.90 -75.47
N PHE EB 533 30.89 83.66 -74.72
CA PHE EB 533 29.56 83.50 -75.29
C PHE EB 533 28.74 84.75 -74.94
N ASP EB 534 28.26 85.45 -75.98
CA ASP EB 534 27.52 86.69 -75.80
C ASP EB 534 26.20 86.48 -75.06
N VAL EB 535 25.58 85.30 -75.20
CA VAL EB 535 24.28 85.00 -74.63
C VAL EB 535 24.36 83.69 -73.84
N VAL EB 536 23.66 83.63 -72.70
CA VAL EB 536 23.34 82.39 -71.97
C VAL EB 536 21.82 82.30 -71.92
N LEU EB 537 21.26 81.21 -72.44
CA LEU EB 537 19.82 80.98 -72.43
C LEU EB 537 19.52 79.85 -71.45
N VAL EB 538 19.05 80.23 -70.25
CA VAL EB 538 18.86 79.31 -69.13
C VAL EB 538 17.49 78.65 -69.26
N ASP EB 539 17.48 77.33 -69.46
CA ASP EB 539 16.27 76.54 -69.54
C ASP EB 539 16.00 75.93 -68.16
N THR EB 540 14.81 76.18 -67.61
CA THR EB 540 14.38 75.64 -66.34
C THR EB 540 13.27 74.62 -66.55
N ALA EB 541 13.02 73.81 -65.53
CA ALA EB 541 11.99 72.78 -65.60
C ALA EB 541 10.60 73.39 -65.46
N GLY EB 542 9.62 72.76 -66.12
CA GLY EB 542 8.25 73.19 -65.97
C GLY EB 542 7.68 72.75 -64.63
N ARG EB 543 6.90 73.65 -64.01
CA ARG EB 543 6.35 73.41 -62.69
C ARG EB 543 4.97 74.05 -62.60
N MET EB 544 4.25 73.67 -61.54
CA MET EB 544 2.93 74.24 -61.28
C MET EB 544 3.11 75.62 -60.61
N GLN EB 545 2.00 76.20 -60.16
CA GLN EB 545 1.97 77.55 -59.61
C GLN EB 545 1.72 77.58 -58.11
N ASP EB 546 1.57 76.42 -57.47
CA ASP EB 546 1.12 76.29 -56.09
C ASP EB 546 2.03 75.34 -55.32
N ASN EB 547 3.35 75.52 -55.47
CA ASN EB 547 4.35 74.62 -54.91
C ASN EB 547 5.29 75.44 -54.01
N ALA EB 548 4.98 75.51 -52.72
CA ALA EB 548 5.75 76.37 -51.83
C ALA EB 548 7.21 75.96 -51.68
N PRO EB 549 7.60 74.68 -51.57
CA PRO EB 549 9.03 74.34 -51.51
C PRO EB 549 9.79 74.40 -52.85
N LEU EB 550 9.10 74.64 -53.98
CA LEU EB 550 9.69 74.63 -55.33
C LEU EB 550 9.55 75.95 -56.09
N MET EB 551 8.47 76.70 -55.89
CA MET EB 551 8.46 78.10 -56.32
C MET EB 551 9.33 78.95 -55.41
N THR EB 552 9.70 78.44 -54.23
CA THR EB 552 10.74 79.05 -53.41
C THR EB 552 12.11 78.90 -54.07
N ALA EB 553 12.45 77.68 -54.52
CA ALA EB 553 13.73 77.44 -55.16
C ALA EB 553 13.84 78.11 -56.53
N LEU EB 554 12.72 78.30 -57.23
CA LEU EB 554 12.72 79.04 -58.48
C LEU EB 554 12.79 80.55 -58.26
N ALA EB 555 12.03 81.08 -57.29
CA ALA EB 555 12.08 82.51 -57.01
C ALA EB 555 13.43 82.91 -56.43
N LYS EB 556 14.05 82.03 -55.62
CA LYS EB 556 15.40 82.26 -55.12
C LYS EB 556 16.44 82.15 -56.24
N LEU EB 557 16.21 81.30 -57.23
CA LEU EB 557 17.10 81.22 -58.38
C LEU EB 557 17.11 82.54 -59.16
N ILE EB 558 15.93 83.06 -59.50
CA ILE EB 558 15.83 84.27 -60.34
C ILE EB 558 16.20 85.53 -59.55
N THR EB 559 15.92 85.54 -58.23
CA THR EB 559 16.36 86.65 -57.38
C THR EB 559 17.88 86.73 -57.32
N VAL EB 560 18.55 85.60 -57.05
CA VAL EB 560 19.98 85.56 -56.81
C VAL EB 560 20.77 85.59 -58.12
N ASN EB 561 20.38 84.79 -59.12
CA ASN EB 561 21.11 84.74 -60.39
C ASN EB 561 21.09 86.08 -61.13
N THR EB 562 20.10 86.95 -60.83
CA THR EB 562 19.88 88.25 -61.46
C THR EB 562 19.93 88.15 -62.99
N PRO EB 563 18.97 87.45 -63.62
CA PRO EB 563 19.02 87.33 -65.08
C PRO EB 563 18.66 88.64 -65.76
N ASP EB 564 19.17 88.81 -66.99
CA ASP EB 564 18.94 90.06 -67.71
C ASP EB 564 17.47 90.20 -68.10
N LEU EB 565 16.82 89.11 -68.51
CA LEU EB 565 15.41 89.17 -68.91
C LEU EB 565 14.74 87.86 -68.48
N VAL EB 566 13.82 87.93 -67.51
CA VAL EB 566 13.02 86.78 -67.10
C VAL EB 566 11.85 86.66 -68.09
N LEU EB 567 11.85 85.57 -68.87
CA LEU EB 567 10.85 85.36 -69.92
C LEU EB 567 9.88 84.26 -69.49
N PHE EB 568 8.68 84.68 -69.04
CA PHE EB 568 7.61 83.71 -68.78
C PHE EB 568 7.10 83.16 -70.11
N VAL EB 569 7.01 81.83 -70.20
CA VAL EB 569 6.55 81.14 -71.41
C VAL EB 569 5.15 80.59 -71.13
N GLY EB 570 4.16 81.15 -71.80
CA GLY EB 570 2.79 80.70 -71.65
C GLY EB 570 2.14 80.47 -73.00
N GLU EB 571 1.43 79.35 -73.11
CA GLU EB 571 0.77 78.99 -74.37
C GLU EB 571 -0.46 79.86 -74.62
N ALA EB 572 -0.78 80.05 -75.90
CA ALA EB 572 -2.00 80.73 -76.33
C ALA EB 572 -3.26 79.85 -76.19
N LEU EB 573 -3.11 78.58 -75.78
CA LEU EB 573 -4.22 77.65 -75.57
C LEU EB 573 -4.81 77.68 -74.16
N VAL EB 574 -4.05 78.15 -73.16
CA VAL EB 574 -4.54 78.18 -71.78
C VAL EB 574 -5.62 79.24 -71.63
N GLY EB 575 -6.59 78.98 -70.75
CA GLY EB 575 -7.76 79.83 -70.63
C GLY EB 575 -7.69 80.85 -69.51
N ASN EB 576 -8.40 80.56 -68.40
CA ASN EB 576 -8.37 81.39 -67.19
C ASN EB 576 -7.08 81.23 -66.39
N GLU EB 577 -6.27 80.20 -66.70
CA GLU EB 577 -5.03 79.94 -65.97
C GLU EB 577 -3.89 80.91 -66.34
N ALA EB 578 -4.00 81.63 -67.45
CA ALA EB 578 -3.00 82.63 -67.81
C ALA EB 578 -2.87 83.73 -66.75
N VAL EB 579 -3.98 84.03 -66.05
CA VAL EB 579 -3.96 85.00 -64.95
C VAL EB 579 -3.33 84.39 -63.69
N ASP EB 580 -3.71 83.16 -63.34
CA ASP EB 580 -3.20 82.55 -62.12
C ASP EB 580 -1.73 82.13 -62.23
N GLN EB 581 -1.27 81.80 -63.45
CA GLN EB 581 0.14 81.42 -63.63
C GLN EB 581 1.07 82.60 -63.40
N LEU EB 582 0.79 83.73 -64.06
CA LEU EB 582 1.66 84.91 -63.96
C LEU EB 582 1.54 85.63 -62.61
N VAL EB 583 0.39 85.55 -61.94
CA VAL EB 583 0.22 86.20 -60.64
C VAL EB 583 0.98 85.45 -59.56
N LYS EB 584 0.94 84.11 -59.60
CA LYS EB 584 1.71 83.29 -58.68
C LYS EB 584 3.19 83.22 -59.06
N PHE EB 585 3.50 83.31 -60.36
CA PHE EB 585 4.90 83.35 -60.80
C PHE EB 585 5.57 84.68 -60.44
N ASN EB 586 4.80 85.78 -60.46
CA ASN EB 586 5.32 87.09 -60.07
C ASN EB 586 5.26 87.32 -58.56
N ARG EB 587 4.27 86.72 -57.88
CA ARG EB 587 4.21 86.80 -56.43
C ARG EB 587 5.33 85.99 -55.79
N ALA EB 588 5.67 84.85 -56.37
CA ALA EB 588 6.80 84.06 -55.86
C ALA EB 588 8.13 84.80 -56.06
N LEU EB 589 8.36 85.33 -57.27
CA LEU EB 589 9.63 86.01 -57.59
C LEU EB 589 9.90 87.20 -56.69
N ALA EB 590 8.86 87.77 -56.08
CA ALA EB 590 9.01 88.92 -55.19
C ALA EB 590 8.92 88.56 -53.72
N ASP EB 591 8.19 87.49 -53.37
CA ASP EB 591 8.17 87.00 -52.00
C ASP EB 591 9.54 86.43 -51.58
N HIS EB 592 9.95 85.30 -52.21
CA HIS EB 592 11.23 84.58 -51.93
C HIS EB 592 12.47 85.35 -52.45
N SER EB 593 12.24 86.58 -52.92
CA SER EB 593 13.28 87.56 -53.16
C SER EB 593 13.60 88.29 -51.85
N MET EB 594 14.88 88.63 -51.68
CA MET EB 594 15.31 89.36 -50.50
C MET EB 594 15.96 90.69 -50.90
N ALA EB 595 15.32 91.40 -51.81
CA ALA EB 595 15.73 92.72 -52.24
C ALA EB 595 14.68 93.76 -51.85
N GLN EB 596 15.02 95.03 -52.07
CA GLN EB 596 14.06 96.11 -51.89
C GLN EB 596 13.06 96.15 -53.04
N THR EB 597 13.57 96.19 -54.27
CA THR EB 597 12.76 96.04 -55.47
C THR EB 597 13.10 94.71 -56.13
N PRO EB 598 12.21 93.72 -56.10
CA PRO EB 598 12.59 92.36 -56.53
C PRO EB 598 12.55 92.19 -58.05
N ARG EB 599 13.38 91.25 -58.52
CA ARG EB 599 13.45 90.89 -59.93
C ARG EB 599 12.20 90.10 -60.33
N LEU EB 600 11.29 90.75 -61.07
CA LEU EB 600 10.05 90.13 -61.50
C LEU EB 600 10.15 89.67 -62.96
N ILE EB 601 9.12 88.96 -63.44
CA ILE EB 601 9.04 88.55 -64.83
C ILE EB 601 9.08 89.80 -65.72
N ASP EB 602 9.98 89.79 -66.70
CA ASP EB 602 10.25 90.94 -67.55
C ASP EB 602 9.57 90.84 -68.93
N GLY EB 603 8.96 89.71 -69.25
CA GLY EB 603 8.30 89.55 -70.53
C GLY EB 603 7.48 88.28 -70.59
N ILE EB 604 6.85 88.07 -71.75
CA ILE EB 604 6.00 86.91 -72.02
C ILE EB 604 6.36 86.37 -73.40
N VAL EB 605 6.47 85.05 -73.53
CA VAL EB 605 6.58 84.36 -74.82
C VAL EB 605 5.27 83.59 -75.02
N LEU EB 606 4.45 84.04 -75.97
CA LEU EB 606 3.13 83.46 -76.23
C LEU EB 606 3.27 82.37 -77.29
N THR EB 607 3.30 81.10 -76.86
CA THR EB 607 3.50 79.95 -77.75
C THR EB 607 2.16 79.33 -78.16
N LYS EB 608 2.23 78.37 -79.10
CA LYS EB 608 1.05 77.69 -79.65
C LYS EB 608 0.02 78.69 -80.18
N PHE EB 609 0.51 79.70 -80.91
CA PHE EB 609 -0.38 80.71 -81.48
C PHE EB 609 -1.10 80.20 -82.72
N ASP EB 610 -0.50 79.21 -83.42
CA ASP EB 610 -1.06 78.60 -84.63
C ASP EB 610 -2.19 77.60 -84.33
N THR EB 611 -2.68 77.55 -83.08
CA THR EB 611 -3.61 76.51 -82.61
C THR EB 611 -4.99 77.05 -82.19
N ILE EB 612 -5.13 78.36 -81.97
CA ILE EB 612 -6.36 78.99 -81.47
C ILE EB 612 -7.19 79.53 -82.64
N ASP EB 613 -6.48 80.07 -83.63
CA ASP EB 613 -6.90 80.49 -84.99
C ASP EB 613 -7.70 81.79 -85.04
N ASP EB 614 -8.41 82.16 -83.96
CA ASP EB 614 -8.70 83.55 -83.60
C ASP EB 614 -9.01 83.68 -82.11
N LYS EB 615 -9.01 82.57 -81.38
CA LYS EB 615 -9.32 82.57 -79.94
C LYS EB 615 -8.09 83.10 -79.22
N VAL EB 616 -7.87 84.41 -79.36
CA VAL EB 616 -6.59 85.05 -79.10
C VAL EB 616 -6.54 85.72 -77.73
N GLY EB 617 -7.59 85.59 -76.92
CA GLY EB 617 -7.68 86.30 -75.66
C GLY EB 617 -6.67 85.92 -74.60
N ALA EB 618 -5.80 84.96 -74.91
CA ALA EB 618 -4.70 84.61 -74.01
C ALA EB 618 -3.57 85.64 -74.05
N ALA EB 619 -3.45 86.43 -75.13
CA ALA EB 619 -2.51 87.55 -75.17
C ALA EB 619 -2.99 88.75 -74.35
N ILE EB 620 -4.31 88.93 -74.20
CA ILE EB 620 -4.88 90.00 -73.38
C ILE EB 620 -4.82 89.66 -71.90
N SER EB 621 -5.19 88.42 -71.53
CA SER EB 621 -5.14 88.01 -70.14
C SER EB 621 -3.74 88.13 -69.54
N MET EB 622 -2.69 87.99 -70.38
CA MET EB 622 -1.30 87.98 -69.90
C MET EB 622 -0.73 89.39 -69.72
N THR EB 623 -0.87 90.26 -70.73
CA THR EB 623 -0.41 91.65 -70.64
C THR EB 623 -1.40 92.56 -69.91
N TYR EB 624 -2.51 92.00 -69.40
CA TYR EB 624 -3.44 92.74 -68.54
C TYR EB 624 -2.93 92.79 -67.10
N ILE EB 625 -2.87 91.61 -66.46
CA ILE EB 625 -2.40 91.52 -65.07
C ILE EB 625 -0.94 91.98 -64.98
N THR EB 626 -0.05 91.32 -65.73
CA THR EB 626 1.32 91.78 -65.86
C THR EB 626 1.40 92.95 -66.84
N SER EB 627 2.13 93.98 -66.46
CA SER EB 627 2.35 95.12 -67.35
C SER EB 627 3.63 94.94 -68.15
N LYS EB 628 3.93 93.67 -68.52
CA LYS EB 628 5.09 93.16 -69.25
C LYS EB 628 4.71 92.80 -70.69
N PRO EB 629 5.63 92.99 -71.64
CA PRO EB 629 5.28 92.78 -73.06
C PRO EB 629 5.38 91.32 -73.48
N ILE EB 630 4.66 90.99 -74.56
CA ILE EB 630 4.80 89.67 -75.18
C ILE EB 630 6.03 89.73 -76.08
N VAL EB 631 7.19 89.32 -75.53
CA VAL EB 631 8.47 89.47 -76.22
C VAL EB 631 8.47 88.70 -77.54
N PHE EB 632 8.03 87.44 -77.51
CA PHE EB 632 7.90 86.66 -78.74
C PHE EB 632 6.58 85.91 -78.77
N VAL EB 633 6.15 85.56 -79.99
CA VAL EB 633 4.94 84.78 -80.22
C VAL EB 633 5.37 83.60 -81.09
N GLY EB 634 5.42 82.40 -80.49
CA GLY EB 634 5.73 81.20 -81.24
C GLY EB 634 4.55 80.77 -82.08
N THR EB 635 4.80 80.43 -83.35
CA THR EB 635 3.76 80.10 -84.30
C THR EB 635 4.02 78.75 -84.97
N GLY EB 636 4.66 77.83 -84.27
CA GLY EB 636 4.94 76.52 -84.81
C GLY EB 636 6.06 75.83 -84.04
N GLN EB 637 6.56 74.75 -84.64
CA GLN EB 637 7.53 73.87 -83.97
C GLN EB 637 8.97 74.03 -84.46
N THR EB 638 9.19 74.65 -85.64
CA THR EB 638 10.52 74.85 -86.19
C THR EB 638 11.11 76.17 -85.67
N TYR EB 639 12.36 76.46 -86.06
CA TYR EB 639 13.06 77.65 -85.57
C TYR EB 639 12.59 78.95 -86.23
N CYS EB 640 11.94 78.84 -87.39
CA CYS EB 640 11.46 79.98 -88.18
C CYS EB 640 10.08 80.47 -87.74
N ASP EB 641 9.40 79.74 -86.85
CA ASP EB 641 8.04 80.09 -86.40
C ASP EB 641 8.09 80.89 -85.09
N LEU EB 642 8.82 82.01 -85.17
CA LEU EB 642 8.96 82.95 -84.06
C LEU EB 642 8.62 84.34 -84.60
N ARG EB 643 7.58 84.96 -84.04
CA ARG EB 643 7.04 86.22 -84.54
C ARG EB 643 7.13 87.30 -83.47
N SER EB 644 7.07 88.55 -83.92
CA SER EB 644 6.71 89.67 -83.06
C SER EB 644 5.19 89.75 -82.94
N LEU EB 645 4.71 90.45 -81.91
CA LEU EB 645 3.28 90.52 -81.62
C LEU EB 645 2.63 91.64 -82.42
N ASN EB 646 1.53 91.31 -83.11
CA ASN EB 646 0.68 92.30 -83.78
C ASN EB 646 -0.48 92.61 -82.84
N ALA EB 647 -0.19 93.43 -81.81
CA ALA EB 647 -1.16 93.70 -80.74
C ALA EB 647 -2.31 94.58 -81.18
N LYS EB 648 -2.20 95.25 -82.34
CA LYS EB 648 -3.29 96.08 -82.85
C LYS EB 648 -4.39 95.23 -83.48
N ALA EB 649 -4.03 94.23 -84.30
CA ALA EB 649 -4.99 93.34 -84.93
C ALA EB 649 -5.53 92.25 -84.01
N VAL EB 650 -4.88 92.03 -82.86
CA VAL EB 650 -5.38 91.09 -81.85
C VAL EB 650 -6.55 91.70 -81.05
N VAL EB 651 -6.50 93.02 -80.78
CA VAL EB 651 -7.63 93.71 -80.17
C VAL EB 651 -8.72 94.02 -81.22
N ALA EB 652 -8.35 94.17 -82.50
CA ALA EB 652 -9.35 94.39 -83.55
C ALA EB 652 -10.15 93.11 -83.84
N ALA EB 653 -9.49 91.95 -83.76
CA ALA EB 653 -10.20 90.67 -83.88
C ALA EB 653 -11.06 90.37 -82.66
N LEU EB 654 -10.61 90.80 -81.46
CA LEU EB 654 -11.29 90.51 -80.20
C LEU EB 654 -12.46 91.46 -79.90
N MET EB 655 -12.49 92.63 -80.54
CA MET EB 655 -13.48 93.67 -80.24
C MET EB 655 -14.40 93.97 -81.42
N LYS EB 656 -14.59 93.01 -82.34
CA LYS EB 656 -15.34 93.24 -83.56
C LYS EB 656 -16.73 92.61 -83.57
N ALA EB 657 -17.02 91.67 -82.69
CA ALA EB 657 -18.27 90.87 -82.70
C ALA EB 657 -19.53 91.62 -83.17
N VAL FB 2 97.62 -24.88 -36.65
CA VAL FB 2 96.79 -26.08 -36.83
C VAL FB 2 96.51 -26.32 -38.31
N LEU FB 3 97.26 -27.25 -38.92
CA LEU FB 3 97.04 -27.62 -40.31
C LEU FB 3 95.90 -28.62 -40.39
N LEU FB 4 94.79 -28.22 -41.02
CA LEU FB 4 93.57 -29.01 -41.09
C LEU FB 4 93.34 -29.49 -42.53
N GLU FB 5 92.24 -30.22 -42.69
CA GLU FB 5 91.74 -30.58 -44.01
C GLU FB 5 91.01 -29.37 -44.61
N SER FB 6 90.80 -29.42 -45.93
CA SER FB 6 90.13 -28.32 -46.61
C SER FB 6 88.68 -28.16 -46.18
N GLU FB 7 88.09 -29.16 -45.53
CA GLU FB 7 86.73 -29.04 -45.01
C GLU FB 7 86.71 -28.49 -43.58
N GLN FB 8 87.51 -29.09 -42.69
CA GLN FB 8 87.59 -28.59 -41.32
C GLN FB 8 88.06 -27.14 -41.28
N PHE FB 9 88.87 -26.73 -42.25
CA PHE FB 9 89.33 -25.34 -42.32
C PHE FB 9 88.16 -24.38 -42.45
N LEU FB 10 87.15 -24.75 -43.25
CA LEU FB 10 86.04 -23.83 -43.49
C LEU FB 10 85.12 -23.69 -42.29
N THR FB 11 84.97 -24.75 -41.49
CA THR FB 11 84.11 -24.64 -40.30
C THR FB 11 84.80 -23.86 -39.19
N GLU FB 12 86.12 -23.95 -39.09
CA GLU FB 12 86.85 -23.16 -38.10
C GLU FB 12 86.99 -21.71 -38.53
N LEU FB 13 87.13 -21.46 -39.84
CA LEU FB 13 87.10 -20.10 -40.35
C LEU FB 13 85.72 -19.46 -40.19
N THR FB 14 84.67 -20.27 -40.10
CA THR FB 14 83.34 -19.74 -39.84
C THR FB 14 83.24 -19.19 -38.42
N ARG FB 15 83.86 -19.87 -37.46
CA ARG FB 15 83.79 -19.44 -36.06
C ARG FB 15 84.68 -18.25 -35.77
N LEU FB 16 85.76 -18.07 -36.54
CA LEU FB 16 86.59 -16.88 -36.34
C LEU FB 16 85.84 -15.61 -36.70
N PHE FB 17 84.92 -15.68 -37.66
CA PHE FB 17 84.07 -14.54 -38.03
C PHE FB 17 82.90 -14.35 -37.05
N GLN FB 18 82.53 -15.39 -36.31
CA GLN FB 18 81.51 -15.29 -35.26
C GLN FB 18 82.11 -14.94 -33.90
N LYS FB 19 83.33 -15.41 -33.61
CA LYS FB 19 83.98 -15.10 -32.34
C LYS FB 19 84.31 -13.61 -32.25
N CYS FB 20 84.85 -13.03 -33.31
CA CYS FB 20 85.16 -11.61 -33.37
C CYS FB 20 84.01 -10.79 -33.95
N ARG FB 21 82.78 -11.32 -33.90
CA ARG FB 21 81.63 -10.56 -34.37
C ARG FB 21 81.33 -9.37 -33.47
N LEU FB 22 81.74 -9.43 -32.20
CA LEU FB 22 81.63 -8.33 -31.25
C LEU FB 22 82.90 -7.48 -31.17
N SER FB 23 84.07 -8.10 -31.20
CA SER FB 23 85.32 -7.36 -31.15
C SER FB 23 86.45 -8.29 -31.58
N GLY FB 24 87.32 -7.81 -32.46
CA GLY FB 24 88.46 -8.60 -32.89
C GLY FB 24 88.69 -8.62 -34.39
N SER FB 25 89.93 -8.87 -34.80
CA SER FB 25 90.31 -8.97 -36.20
C SER FB 25 90.62 -10.42 -36.56
N VAL FB 26 90.28 -10.77 -37.80
CA VAL FB 26 90.51 -12.11 -38.33
C VAL FB 26 91.41 -11.97 -39.55
N PHE FB 27 92.64 -12.45 -39.44
CA PHE FB 27 93.61 -12.37 -40.52
C PHE FB 27 93.51 -13.59 -41.40
N ILE FB 28 93.87 -13.42 -42.67
CA ILE FB 28 93.88 -14.51 -43.64
C ILE FB 28 95.09 -14.27 -44.55
N THR FB 29 96.11 -15.10 -44.41
CA THR FB 29 97.36 -14.95 -45.15
C THR FB 29 97.48 -16.08 -46.18
N LEU FB 30 97.47 -15.71 -47.46
CA LEU FB 30 97.58 -16.66 -48.56
C LEU FB 30 98.93 -16.50 -49.24
N LYS FB 31 99.60 -17.62 -49.52
CA LYS FB 31 100.98 -17.54 -49.99
C LYS FB 31 101.34 -18.80 -50.77
N LYS FB 32 102.28 -18.64 -51.70
CA LYS FB 32 102.82 -19.77 -52.44
C LYS FB 32 103.62 -20.69 -51.51
N TYR FB 33 103.64 -21.98 -51.84
CA TYR FB 33 104.29 -22.97 -50.97
C TYR FB 33 104.54 -24.31 -51.66
N ASP FB 34 105.77 -24.82 -51.56
CA ASP FB 34 106.06 -26.20 -51.96
C ASP FB 34 106.65 -27.04 -50.83
N GLY FB 35 107.67 -26.52 -50.13
CA GLY FB 35 108.41 -27.29 -49.15
C GLY FB 35 107.96 -27.16 -47.71
N ASN FB 54 100.82 -27.61 -58.58
CA ASN FB 54 101.44 -26.86 -57.50
C ASN FB 54 100.43 -26.59 -56.38
N LYS FB 55 100.91 -26.08 -55.25
CA LYS FB 55 100.07 -25.87 -54.08
C LYS FB 55 100.14 -24.41 -53.63
N CYS FB 56 99.26 -24.08 -52.69
CA CYS FB 56 99.23 -22.77 -52.06
C CYS FB 56 98.85 -22.95 -50.59
N LEU FB 57 99.39 -22.08 -49.74
CA LEU FB 57 99.19 -22.15 -48.30
C LEU FB 57 98.22 -21.07 -47.87
N LEU FB 58 97.21 -21.45 -47.09
CA LEU FB 58 96.23 -20.52 -46.56
C LEU FB 58 96.19 -20.64 -45.04
N ARG FB 59 96.24 -19.50 -44.35
CA ARG FB 59 96.28 -19.46 -42.89
C ARG FB 59 95.35 -18.37 -42.40
N ALA FB 60 94.76 -18.62 -41.23
CA ALA FB 60 93.82 -17.67 -40.62
C ALA FB 60 94.07 -17.63 -39.11
N THR FB 61 94.14 -16.43 -38.55
CA THR FB 61 94.43 -16.25 -37.13
C THR FB 61 93.73 -15.00 -36.63
N ASP FB 62 92.80 -15.18 -35.68
CA ASP FB 62 92.19 -14.04 -35.01
C ASP FB 62 93.09 -13.42 -33.95
N GLY FB 63 94.24 -14.05 -33.65
CA GLY FB 63 95.14 -13.62 -32.60
C GLY FB 63 95.27 -14.63 -31.48
N LYS FB 64 94.21 -15.39 -31.20
CA LYS FB 64 94.17 -16.39 -30.15
C LYS FB 64 94.43 -17.81 -30.68
N LYS FB 65 93.76 -18.19 -31.77
CA LYS FB 65 93.81 -19.54 -32.31
C LYS FB 65 94.19 -19.48 -33.77
N LYS FB 66 95.15 -20.33 -34.18
CA LYS FB 66 95.61 -20.40 -35.56
C LYS FB 66 95.06 -21.64 -36.24
N ILE FB 67 94.65 -21.49 -37.51
CA ILE FB 67 94.26 -22.59 -38.37
C ILE FB 67 94.90 -22.38 -39.73
N SER FB 68 95.10 -23.49 -40.45
CA SER FB 68 95.77 -23.44 -41.75
C SER FB 68 95.42 -24.68 -42.55
N THR FB 69 95.64 -24.58 -43.87
CA THR FB 69 95.42 -25.69 -44.79
C THR FB 69 96.31 -25.47 -46.00
N VAL FB 70 96.47 -26.53 -46.79
CA VAL FB 70 97.21 -26.49 -48.05
C VAL FB 70 96.24 -26.87 -49.16
N VAL FB 71 96.10 -25.99 -50.14
CA VAL FB 71 95.15 -26.16 -51.24
C VAL FB 71 95.94 -26.38 -52.52
N SER FB 72 95.77 -27.57 -53.13
CA SER FB 72 96.45 -27.95 -54.36
C SER FB 72 95.52 -27.77 -55.56
N SER FB 73 96.10 -27.94 -56.75
CA SER FB 73 95.32 -27.88 -57.99
C SER FB 73 94.23 -28.94 -58.03
N LYS FB 74 94.34 -29.97 -57.18
CA LYS FB 74 93.34 -31.03 -57.13
C LYS FB 74 92.05 -30.60 -56.45
N GLU FB 75 92.08 -29.53 -55.63
CA GLU FB 75 90.87 -29.12 -54.91
C GLU FB 75 90.71 -27.61 -54.87
N VAL FB 76 91.21 -26.90 -55.87
CA VAL FB 76 91.04 -25.45 -55.90
C VAL FB 76 89.64 -25.07 -56.35
N ASN FB 77 89.11 -25.77 -57.36
CA ASN FB 77 87.75 -25.51 -57.82
C ASN FB 77 86.73 -25.76 -56.71
N LYS FB 78 86.92 -26.85 -55.97
CA LYS FB 78 86.05 -27.16 -54.85
C LYS FB 78 86.20 -26.17 -53.71
N PHE FB 79 87.34 -25.46 -53.64
CA PHE FB 79 87.59 -24.58 -52.51
C PHE FB 79 86.98 -23.20 -52.72
N GLN FB 80 87.37 -22.50 -53.79
CA GLN FB 80 86.91 -21.12 -54.00
C GLN FB 80 85.40 -20.98 -53.90
N MET FB 81 84.66 -22.02 -54.27
CA MET FB 81 83.20 -21.94 -54.27
C MET FB 81 82.66 -21.80 -52.85
N ALA FB 82 82.99 -22.75 -51.97
CA ALA FB 82 82.59 -22.65 -50.57
C ALA FB 82 83.36 -21.55 -49.86
N TYR FB 83 84.56 -21.22 -50.35
CA TYR FB 83 85.38 -20.18 -49.74
C TYR FB 83 84.90 -18.79 -50.10
N SER FB 84 84.45 -18.59 -51.35
CA SER FB 84 83.91 -17.29 -51.73
C SER FB 84 82.53 -17.05 -51.10
N ASN FB 85 81.79 -18.12 -50.81
CA ASN FB 85 80.49 -17.96 -50.16
C ASN FB 85 80.65 -17.60 -48.70
N LEU FB 86 81.62 -18.24 -48.02
CA LEU FB 86 81.88 -17.94 -46.62
C LEU FB 86 82.37 -16.51 -46.42
N LEU FB 87 83.22 -16.04 -47.34
CA LEU FB 87 83.79 -14.70 -47.19
C LEU FB 87 82.75 -13.60 -47.39
N ARG FB 88 82.02 -13.64 -48.50
CA ARG FB 88 81.03 -12.60 -48.76
C ARG FB 88 79.93 -12.58 -47.70
N ALA FB 89 79.61 -13.75 -47.13
CA ALA FB 89 78.52 -13.81 -46.15
C ALA FB 89 78.93 -13.22 -44.82
N ASN FB 90 80.12 -13.56 -44.32
CA ASN FB 90 80.58 -13.13 -43.01
C ASN FB 90 81.37 -11.83 -43.05
N MET FB 91 81.27 -11.06 -44.14
CA MET FB 91 81.91 -9.75 -44.26
C MET FB 91 80.84 -8.73 -44.65
N ASP FB 92 80.42 -7.92 -43.69
CA ASP FB 92 79.39 -6.89 -43.90
C ASP FB 92 79.83 -5.62 -43.20
N GLY FB 93 80.25 -4.62 -43.98
CA GLY FB 93 80.83 -3.42 -43.42
C GLY FB 93 80.00 -2.15 -43.60
N LEU FB 94 80.41 -1.31 -44.55
CA LEU FB 94 79.86 0.03 -44.72
C LEU FB 94 78.79 0.06 -45.80
N LYS FB 95 77.91 1.05 -45.70
CA LYS FB 95 76.94 1.31 -46.74
C LYS FB 95 77.20 2.69 -47.35
#